data_8V3X
#
_entry.id   8V3X
#
_cell.length_a   1.00
_cell.length_b   1.00
_cell.length_c   1.00
_cell.angle_alpha   90.00
_cell.angle_beta   90.00
_cell.angle_gamma   90.00
#
_symmetry.space_group_name_H-M   'P 1'
#
loop_
_entity.id
_entity.type
_entity.pdbx_description
1 polymer 'Sheath (CD1363)'
2 polymer 'Tube (CD1364)'
#
loop_
_entity_poly.entity_id
_entity_poly.type
_entity_poly.pdbx_seq_one_letter_code
_entity_poly.pdbx_strand_id
1 'polypeptide(L)'
;MAIGLPSINISFKELATTVKERSARGIIAMVLKDAKALGLNEIHEKEDIPVDLSAENKEYINLALMGNVNTPNKLLVYVI
EGEADIQTALDFLETKEFNYLCMPKAVEADKTAIKNWIIKLRDIDKVKVKAVLGKVVGNHEGIINFTTEDVLVGEKKYSV
DEFTSRVAGLIAGTPLSQSVTYTKLSDVVDIPKMTKVDAESRVNKGELILIKEAGAIRIARGVNSLTELTAEKGEMFQKI
KIVDTLDIIHSDIRKVIIDDYIGKVTNSYDNKCLLIVAIKSYLEELEKSALIESDSTVEIDFEAQKSYLKSKGVDLSYMT
LQEIKEANTGSKVFLKAKIKVLDAMEDIDLSIEI
;
g,d,V,S,W,T,F,E,X,U,Q,P,z,q,r,e,s,n
2 'polypeptide(L)'
;MANMEARNVMSGTWGELWLDGNKVAEVKKFQAKMEFTKEDIIIAGQMGTDTKYMGYKGKGSITLYHVSSRMHKLIGEKIK
RGSEPRFVAISKLNDPDSYGAERIAVKNIAFDDLTLADWEVGVKGEIEAPFTFTEYDFLDII
;
i,A,B,Y,H,K,Z,I,L,G,C,D,a,J,M,R,N,O,b,j,k,c,l,m
#
# COMPACT_ATOMS: atom_id res chain seq x y z
N ILE A 3 58.80 29.96 -23.81
CA ILE A 3 57.35 29.95 -23.93
C ILE A 3 56.83 31.38 -23.91
N GLY A 4 57.68 32.30 -23.48
CA GLY A 4 57.35 33.71 -23.46
C GLY A 4 56.62 34.15 -22.20
N LEU A 5 56.27 35.43 -22.18
CA LEU A 5 55.49 36.01 -21.09
C LEU A 5 54.02 35.62 -21.23
N PRO A 6 53.26 35.64 -20.14
CA PRO A 6 51.81 35.40 -20.25
C PRO A 6 51.16 36.46 -21.13
N SER A 7 50.18 36.03 -21.92
CA SER A 7 49.54 36.88 -22.92
C SER A 7 48.07 37.05 -22.58
N ILE A 8 47.66 38.29 -22.34
CA ILE A 8 46.25 38.66 -22.23
C ILE A 8 45.99 39.64 -23.36
N ASN A 9 45.56 39.13 -24.50
CA ASN A 9 45.42 39.92 -25.71
C ASN A 9 43.93 40.19 -25.95
N ILE A 10 43.51 41.42 -25.67
CA ILE A 10 42.13 41.85 -25.86
C ILE A 10 42.12 42.87 -26.99
N SER A 11 41.45 42.53 -28.09
CA SER A 11 41.46 43.35 -29.30
C SER A 11 40.04 43.72 -29.72
N PHE A 12 39.94 44.76 -30.55
CA PHE A 12 38.67 45.31 -31.00
C PHE A 12 38.64 45.39 -32.52
N LYS A 13 37.45 45.17 -33.10
CA LYS A 13 37.26 45.16 -34.55
C LYS A 13 35.76 45.31 -34.83
N GLU A 14 35.43 45.57 -36.09
CA GLU A 14 34.02 45.66 -36.45
C GLU A 14 33.46 44.29 -36.86
N LEU A 15 32.16 44.27 -37.14
CA LEU A 15 31.48 43.01 -37.43
C LEU A 15 32.00 42.38 -38.71
N ALA A 16 32.05 41.05 -38.71
CA ALA A 16 32.49 40.27 -39.86
C ALA A 16 31.30 39.58 -40.50
N THR A 17 31.36 39.43 -41.82
CA THR A 17 30.27 38.80 -42.55
C THR A 17 30.17 37.31 -42.22
N THR A 18 28.94 36.84 -42.07
CA THR A 18 28.66 35.47 -41.69
C THR A 18 28.88 34.54 -42.87
N VAL A 19 29.26 33.30 -42.60
CA VAL A 19 29.43 32.29 -43.63
C VAL A 19 28.31 31.26 -43.53
N LYS A 20 27.79 30.84 -44.68
CA LYS A 20 26.76 29.80 -44.72
C LYS A 20 27.33 28.47 -44.24
N GLU A 21 26.46 27.66 -43.64
CA GLU A 21 26.88 26.44 -42.98
C GLU A 21 27.25 25.35 -43.98
N ARG A 22 28.14 24.44 -43.55
CA ARG A 22 28.61 23.36 -44.40
C ARG A 22 27.66 22.16 -44.36
N SER A 23 27.53 21.49 -45.50
CA SER A 23 26.75 20.27 -45.62
C SER A 23 27.65 19.06 -45.43
N ALA A 24 27.15 18.06 -44.70
CA ALA A 24 27.89 16.81 -44.56
C ALA A 24 27.87 16.00 -45.85
N ARG A 25 26.93 16.31 -46.74
CA ARG A 25 26.74 15.58 -47.99
C ARG A 25 27.15 16.45 -49.18
N GLY A 26 27.48 15.79 -50.29
CA GLY A 26 27.64 16.46 -51.55
C GLY A 26 29.09 16.80 -51.89
N ILE A 27 29.69 16.02 -52.78
CA ILE A 27 31.08 16.19 -53.18
C ILE A 27 31.12 16.48 -54.67
N ILE A 28 31.75 17.58 -55.04
CA ILE A 28 31.79 18.05 -56.41
C ILE A 28 33.21 17.98 -56.94
N ALA A 29 33.37 17.41 -58.13
CA ALA A 29 34.64 17.42 -58.85
C ALA A 29 34.47 18.27 -60.09
N MET A 30 35.38 19.22 -60.30
CA MET A 30 35.32 20.11 -61.45
C MET A 30 36.67 20.13 -62.15
N VAL A 31 36.64 19.97 -63.48
CA VAL A 31 37.84 19.94 -64.30
C VAL A 31 38.01 21.32 -64.92
N LEU A 32 39.17 21.93 -64.68
CA LEU A 32 39.53 23.23 -65.26
C LEU A 32 40.84 23.10 -66.02
N LYS A 33 41.08 24.06 -66.91
CA LYS A 33 42.34 24.13 -67.67
C LYS A 33 43.09 25.38 -67.27
N ASP A 34 44.36 25.22 -66.90
CA ASP A 34 45.29 26.33 -66.75
C ASP A 34 46.69 25.81 -66.95
N ALA A 35 47.58 26.67 -67.44
CA ALA A 35 48.96 26.26 -67.69
C ALA A 35 49.76 26.06 -66.40
N LYS A 36 49.22 26.43 -65.25
CA LYS A 36 49.98 26.52 -64.02
C LYS A 36 49.21 25.90 -62.86
N ALA A 37 49.95 25.28 -61.94
CA ALA A 37 49.40 24.65 -60.74
C ALA A 37 48.52 23.45 -61.08
N LEU A 38 49.08 22.52 -61.84
CA LEU A 38 48.35 21.31 -62.22
C LEU A 38 48.22 20.35 -61.04
N GLY A 39 47.45 19.29 -61.26
CA GLY A 39 47.28 18.24 -60.29
C GLY A 39 45.86 18.23 -59.74
N LEU A 40 45.73 17.71 -58.53
CA LEU A 40 44.47 17.72 -57.80
C LEU A 40 44.57 18.68 -56.62
N ASN A 41 43.60 19.58 -56.51
CA ASN A 41 43.50 20.53 -55.41
C ASN A 41 42.18 20.34 -54.71
N GLU A 42 42.22 20.21 -53.38
CA GLU A 42 41.03 20.03 -52.56
C GLU A 42 40.69 21.36 -51.89
N ILE A 43 39.48 21.85 -52.12
CA ILE A 43 39.05 23.16 -51.64
C ILE A 43 37.95 22.96 -50.62
N HIS A 44 38.07 23.63 -49.48
CA HIS A 44 37.07 23.53 -48.42
C HIS A 44 36.29 24.83 -48.23
N GLU A 45 36.99 25.96 -48.18
CA GLU A 45 36.40 27.27 -47.99
C GLU A 45 36.72 28.18 -49.18
N LYS A 46 35.93 29.25 -49.30
CA LYS A 46 36.01 30.08 -50.49
C LYS A 46 37.35 30.80 -50.60
N GLU A 47 37.97 31.14 -49.48
CA GLU A 47 39.22 31.89 -49.53
C GLU A 47 40.38 31.01 -49.98
N ASP A 48 40.35 29.73 -49.63
CA ASP A 48 41.46 28.82 -49.94
C ASP A 48 41.40 28.46 -51.43
N ILE A 49 41.95 29.32 -52.27
CA ILE A 49 42.05 29.05 -53.70
C ILE A 49 43.47 29.38 -54.15
N PRO A 50 44.18 28.44 -54.77
CA PRO A 50 45.57 28.72 -55.16
C PRO A 50 45.65 29.90 -56.12
N VAL A 51 46.54 30.85 -55.78
CA VAL A 51 46.66 32.09 -56.54
C VAL A 51 47.25 31.88 -57.94
N ASP A 52 47.71 30.68 -58.25
CA ASP A 52 48.32 30.43 -59.53
C ASP A 52 47.30 30.38 -60.66
N LEU A 53 46.06 30.00 -60.36
CA LEU A 53 45.02 29.96 -61.38
C LEU A 53 44.71 31.36 -61.87
N SER A 54 44.25 31.45 -63.11
CA SER A 54 43.82 32.72 -63.66
C SER A 54 42.51 33.17 -62.99
N ALA A 55 42.17 34.44 -63.18
CA ALA A 55 41.02 35.02 -62.51
C ALA A 55 39.72 34.34 -62.92
N GLU A 56 39.61 33.94 -64.19
CA GLU A 56 38.40 33.28 -64.67
C GLU A 56 38.15 31.97 -63.92
N ASN A 57 39.19 31.19 -63.70
CA ASN A 57 39.06 29.95 -62.93
C ASN A 57 38.69 30.25 -61.49
N LYS A 58 39.19 31.35 -60.93
CA LYS A 58 38.79 31.76 -59.60
C LYS A 58 37.29 32.04 -59.54
N GLU A 59 36.75 32.71 -60.56
CA GLU A 59 35.30 32.95 -60.57
C GLU A 59 34.52 31.65 -60.73
N TYR A 60 35.03 30.70 -61.52
CA TYR A 60 34.34 29.43 -61.65
C TYR A 60 34.27 28.68 -60.32
N ILE A 61 35.39 28.66 -59.59
CA ILE A 61 35.41 28.00 -58.29
C ILE A 61 34.45 28.70 -57.33
N ASN A 62 34.45 30.05 -57.36
CA ASN A 62 33.55 30.80 -56.49
C ASN A 62 32.09 30.53 -56.83
N LEU A 63 31.79 30.33 -58.11
CA LEU A 63 30.43 29.94 -58.50
C LEU A 63 30.05 28.58 -57.90
N ALA A 64 30.96 27.61 -58.00
CA ALA A 64 30.63 26.28 -57.48
C ALA A 64 30.51 26.30 -55.96
N LEU A 65 31.16 27.25 -55.29
CA LEU A 65 31.14 27.28 -53.83
C LEU A 65 29.76 27.61 -53.29
N MET A 66 29.01 28.49 -53.96
CA MET A 66 27.69 28.84 -53.44
C MET A 66 26.75 27.63 -53.52
N GLY A 67 26.11 27.34 -52.40
CA GLY A 67 25.16 26.24 -52.32
C GLY A 67 23.75 26.78 -52.18
N ASN A 68 22.79 25.85 -52.12
CA ASN A 68 21.40 26.27 -51.94
C ASN A 68 21.13 26.62 -50.49
N VAL A 69 21.14 25.63 -49.61
CA VAL A 69 20.81 25.82 -48.20
C VAL A 69 22.10 25.69 -47.39
N ASN A 70 23.04 24.92 -47.93
CA ASN A 70 24.36 24.73 -47.33
C ASN A 70 25.38 24.75 -48.45
N THR A 71 26.62 25.03 -48.10
CA THR A 71 27.70 24.92 -49.07
C THR A 71 28.03 23.46 -49.32
N PRO A 72 28.48 23.09 -50.51
CA PRO A 72 28.82 21.69 -50.79
C PRO A 72 29.96 21.21 -49.90
N ASN A 73 29.93 19.91 -49.59
CA ASN A 73 30.85 19.34 -48.61
C ASN A 73 32.30 19.49 -49.03
N LYS A 74 32.60 19.28 -50.31
CA LYS A 74 33.99 19.35 -50.75
C LYS A 74 34.04 19.56 -52.25
N LEU A 75 35.05 20.31 -52.70
CA LEU A 75 35.35 20.49 -54.12
C LEU A 75 36.69 19.84 -54.42
N LEU A 76 36.73 19.01 -55.46
CA LEU A 76 37.96 18.43 -55.96
C LEU A 76 38.24 19.05 -57.33
N VAL A 77 39.39 19.71 -57.46
CA VAL A 77 39.74 20.44 -58.66
C VAL A 77 40.92 19.74 -59.33
N TYR A 78 40.74 19.32 -60.58
CA TYR A 78 41.79 18.75 -61.39
C TYR A 78 42.13 19.73 -62.51
N VAL A 79 43.41 20.02 -62.70
CA VAL A 79 43.89 21.02 -63.65
C VAL A 79 44.69 20.31 -64.74
N ILE A 80 44.42 20.69 -65.99
CA ILE A 80 45.18 20.20 -67.14
C ILE A 80 45.64 21.42 -67.95
N GLU A 81 46.87 21.35 -68.48
CA GLU A 81 47.40 22.47 -69.25
C GLU A 81 46.61 22.71 -70.53
N GLY A 82 46.38 21.66 -71.31
CA GLY A 82 45.76 21.79 -72.61
C GLY A 82 46.50 21.01 -73.68
N GLU A 83 45.96 21.09 -74.89
CA GLU A 83 46.48 20.33 -76.04
C GLU A 83 46.56 18.83 -75.70
N ALA A 84 45.54 18.35 -75.00
CA ALA A 84 45.50 16.97 -74.54
C ALA A 84 44.04 16.55 -74.38
N ASP A 85 43.84 15.23 -74.38
CA ASP A 85 42.49 14.69 -74.25
C ASP A 85 41.97 14.87 -72.82
N ILE A 86 40.65 15.06 -72.70
CA ILE A 86 40.01 15.05 -71.39
C ILE A 86 40.05 13.66 -70.77
N GLN A 87 40.29 12.64 -71.59
CA GLN A 87 40.41 11.28 -71.09
C GLN A 87 41.49 11.18 -70.02
N THR A 88 42.52 12.03 -70.11
CA THR A 88 43.58 12.00 -69.11
C THR A 88 43.06 12.37 -67.72
N ALA A 89 42.14 13.33 -67.64
CA ALA A 89 41.55 13.67 -66.34
C ALA A 89 40.49 12.64 -65.94
N LEU A 90 39.75 12.10 -66.91
CA LEU A 90 38.73 11.11 -66.57
C LEU A 90 39.35 9.84 -66.01
N ASP A 91 40.47 9.38 -66.58
CA ASP A 91 41.15 8.19 -66.06
C ASP A 91 41.58 8.39 -64.62
N PHE A 92 42.11 9.57 -64.30
CA PHE A 92 42.49 9.85 -62.91
C PHE A 92 41.28 9.92 -62.00
N LEU A 93 40.19 10.54 -62.46
CA LEU A 93 38.99 10.64 -61.64
C LEU A 93 38.31 9.30 -61.42
N GLU A 94 38.62 8.29 -62.25
CA GLU A 94 38.06 6.96 -62.00
C GLU A 94 38.43 6.43 -60.62
N THR A 95 39.47 6.99 -59.99
CA THR A 95 39.92 6.49 -58.70
C THR A 95 39.30 7.26 -57.53
N LYS A 96 38.94 8.52 -57.74
CA LYS A 96 38.46 9.34 -56.64
C LYS A 96 36.97 9.11 -56.39
N GLU A 97 36.50 9.61 -55.24
CA GLU A 97 35.11 9.47 -54.82
C GLU A 97 34.43 10.84 -54.84
N PHE A 98 33.34 10.94 -55.61
CA PHE A 98 32.63 12.20 -55.77
C PHE A 98 31.19 11.89 -56.20
N ASN A 99 30.36 12.93 -56.17
CA ASN A 99 28.95 12.81 -56.55
C ASN A 99 28.60 13.48 -57.87
N TYR A 100 29.12 14.67 -58.13
CA TYR A 100 28.81 15.42 -59.35
C TYR A 100 30.09 15.87 -60.04
N LEU A 101 30.03 15.96 -61.37
CA LEU A 101 31.17 16.34 -62.20
C LEU A 101 30.74 17.43 -63.17
N CYS A 102 31.51 18.52 -63.21
CA CYS A 102 31.24 19.62 -64.12
C CYS A 102 32.56 20.14 -64.68
N MET A 103 32.49 20.81 -65.82
CA MET A 103 33.67 21.40 -66.45
C MET A 103 33.26 22.61 -67.26
N PRO A 104 33.49 23.82 -66.73
CA PRO A 104 32.93 25.04 -67.37
C PRO A 104 33.34 25.24 -68.81
N LYS A 105 34.58 24.91 -69.18
CA LYS A 105 35.06 25.03 -70.56
C LYS A 105 34.98 23.66 -71.22
N ALA A 106 34.16 23.55 -72.28
CA ALA A 106 33.95 22.29 -72.98
C ALA A 106 33.60 22.53 -74.44
N VAL A 107 33.76 21.48 -75.26
CA VAL A 107 33.31 21.47 -76.65
C VAL A 107 32.55 20.17 -76.90
N GLU A 108 31.94 20.10 -78.09
CA GLU A 108 30.97 19.05 -78.37
C GLU A 108 31.57 17.65 -78.19
N ALA A 109 32.79 17.45 -78.71
CA ALA A 109 33.46 16.15 -78.53
C ALA A 109 33.83 15.93 -77.08
N ASP A 110 34.19 16.99 -76.36
CA ASP A 110 34.50 16.85 -74.95
C ASP A 110 33.27 16.47 -74.13
N LYS A 111 32.12 17.07 -74.45
CA LYS A 111 30.87 16.64 -73.82
C LYS A 111 30.55 15.21 -74.16
N THR A 112 30.81 14.80 -75.41
CA THR A 112 30.62 13.40 -75.78
C THR A 112 31.48 12.48 -74.91
N ALA A 113 32.73 12.87 -74.68
CA ALA A 113 33.61 12.06 -73.84
C ALA A 113 33.06 11.95 -72.42
N ILE A 114 32.63 13.08 -71.83
CA ILE A 114 32.12 13.02 -70.46
C ILE A 114 30.85 12.19 -70.38
N LYS A 115 29.95 12.36 -71.36
CA LYS A 115 28.70 11.62 -71.39
C LYS A 115 28.95 10.11 -71.47
N ASN A 116 29.79 9.69 -72.41
CA ASN A 116 30.11 8.28 -72.54
C ASN A 116 30.79 7.75 -71.29
N TRP A 117 31.68 8.55 -70.69
CA TRP A 117 32.42 8.10 -69.51
C TRP A 117 31.49 7.86 -68.33
N ILE A 118 30.55 8.78 -68.10
CA ILE A 118 29.64 8.60 -66.96
C ILE A 118 28.66 7.46 -67.21
N ILE A 119 28.17 7.33 -68.45
CA ILE A 119 27.31 6.19 -68.75
C ILE A 119 28.07 4.89 -68.52
N LYS A 120 29.35 4.85 -68.92
CA LYS A 120 30.17 3.67 -68.67
C LYS A 120 30.30 3.39 -67.19
N LEU A 121 30.67 4.39 -66.40
CA LEU A 121 30.81 4.18 -64.95
C LEU A 121 29.53 3.60 -64.36
N ARG A 122 28.39 4.25 -64.62
CA ARG A 122 27.13 3.84 -64.02
C ARG A 122 26.71 2.44 -64.46
N ASP A 123 26.83 2.13 -65.76
CA ASP A 123 26.23 0.90 -66.25
C ASP A 123 27.18 -0.29 -66.13
N ILE A 124 28.47 -0.09 -66.34
CA ILE A 124 29.45 -1.17 -66.33
C ILE A 124 30.25 -1.23 -65.04
N ASP A 125 30.74 -0.08 -64.55
CA ASP A 125 31.61 -0.11 -63.38
C ASP A 125 30.83 -0.08 -62.07
N LYS A 126 29.50 0.08 -62.13
CA LYS A 126 28.63 0.06 -60.95
C LYS A 126 29.04 1.09 -59.92
N VAL A 127 29.28 2.32 -60.38
CA VAL A 127 29.51 3.47 -59.51
C VAL A 127 28.57 4.59 -59.93
N LYS A 128 27.70 5.02 -59.01
CA LYS A 128 26.65 5.98 -59.31
C LYS A 128 27.22 7.39 -59.23
N VAL A 129 27.46 8.00 -60.39
CA VAL A 129 27.92 9.38 -60.47
C VAL A 129 27.08 10.12 -61.49
N LYS A 130 27.12 11.44 -61.43
CA LYS A 130 26.31 12.30 -62.29
C LYS A 130 27.14 13.47 -62.80
N ALA A 131 26.77 13.98 -63.98
CA ALA A 131 27.40 15.16 -64.56
C ALA A 131 26.34 16.18 -64.94
N VAL A 132 26.68 17.45 -64.79
CA VAL A 132 25.86 18.57 -65.25
C VAL A 132 26.54 19.16 -66.47
N LEU A 133 25.90 19.04 -67.64
CA LEU A 133 26.48 19.45 -68.90
C LEU A 133 25.58 20.50 -69.57
N GLY A 134 26.18 21.32 -70.43
CA GLY A 134 25.49 22.43 -71.05
C GLY A 134 24.43 22.06 -72.06
N LYS A 135 24.85 21.50 -73.20
CA LYS A 135 23.93 21.14 -74.29
C LYS A 135 24.22 19.69 -74.66
N VAL A 136 23.62 18.76 -73.92
CA VAL A 136 23.79 17.34 -74.18
C VAL A 136 22.43 16.67 -74.09
N VAL A 137 22.13 15.82 -75.07
CA VAL A 137 20.82 15.19 -75.19
C VAL A 137 20.84 13.75 -74.66
N GLY A 138 21.70 13.48 -73.67
CA GLY A 138 21.76 12.13 -73.12
C GLY A 138 20.39 11.63 -72.70
N ASN A 139 20.13 10.36 -73.03
CA ASN A 139 18.92 9.66 -72.62
C ASN A 139 19.06 9.00 -71.26
N HIS A 140 19.95 9.49 -70.41
CA HIS A 140 20.27 8.81 -69.15
C HIS A 140 19.87 9.65 -67.94
N GLU A 141 19.61 8.95 -66.84
CA GLU A 141 19.36 9.63 -65.57
C GLU A 141 20.63 10.15 -64.93
N GLY A 142 21.80 9.71 -65.41
CA GLY A 142 23.07 10.23 -64.93
C GLY A 142 23.51 11.54 -65.55
N ILE A 143 22.75 12.08 -66.51
CA ILE A 143 23.10 13.31 -67.20
C ILE A 143 22.02 14.34 -66.93
N ILE A 144 22.42 15.50 -66.41
CA ILE A 144 21.53 16.63 -66.14
C ILE A 144 21.83 17.73 -67.16
N ASN A 145 20.85 18.03 -68.01
CA ASN A 145 21.02 18.93 -69.15
C ASN A 145 20.53 20.33 -68.77
N PHE A 146 21.47 21.23 -68.51
CA PHE A 146 21.17 22.62 -68.15
C PHE A 146 21.32 23.48 -69.40
N THR A 147 20.19 23.95 -69.95
CA THR A 147 20.18 24.68 -71.22
C THR A 147 19.57 26.06 -71.00
N THR A 148 20.40 27.02 -70.59
CA THR A 148 19.98 28.41 -70.50
C THR A 148 21.12 29.29 -70.99
N GLU A 149 20.81 30.19 -71.92
CA GLU A 149 21.79 30.99 -72.63
C GLU A 149 22.04 32.31 -71.90
N ASP A 150 23.31 32.73 -71.87
CA ASP A 150 23.70 34.09 -71.53
C ASP A 150 23.14 34.54 -70.17
N VAL A 151 23.58 33.86 -69.12
CA VAL A 151 23.13 34.17 -67.77
C VAL A 151 23.92 35.38 -67.27
N LEU A 152 23.21 36.39 -66.78
CA LEU A 152 23.82 37.67 -66.42
C LEU A 152 23.87 37.80 -64.91
N VAL A 153 25.09 37.87 -64.37
CA VAL A 153 25.32 38.05 -62.94
C VAL A 153 26.21 39.26 -62.76
N GLY A 154 25.69 40.30 -62.11
CA GLY A 154 26.47 41.50 -61.82
C GLY A 154 27.05 42.15 -63.06
N GLU A 155 26.22 42.31 -64.09
CA GLU A 155 26.65 42.87 -65.36
C GLU A 155 27.83 42.08 -65.94
N LYS A 156 27.59 40.77 -66.15
CA LYS A 156 28.55 39.90 -66.80
C LYS A 156 27.82 38.97 -67.76
N LYS A 157 28.60 38.28 -68.59
CA LYS A 157 28.07 37.35 -69.58
C LYS A 157 28.58 35.95 -69.26
N TYR A 158 27.66 35.06 -68.88
CA TYR A 158 27.97 33.65 -68.66
C TYR A 158 27.31 32.83 -69.75
N SER A 159 28.09 32.02 -70.45
CA SER A 159 27.49 31.08 -71.39
C SER A 159 26.87 29.90 -70.66
N VAL A 160 26.20 29.04 -71.42
CA VAL A 160 25.49 27.92 -70.81
C VAL A 160 26.46 26.91 -70.21
N ASP A 161 27.59 26.66 -70.87
CA ASP A 161 28.51 25.63 -70.40
C ASP A 161 29.25 26.04 -69.13
N GLU A 162 29.47 27.33 -68.93
CA GLU A 162 30.27 27.82 -67.82
C GLU A 162 29.46 28.19 -66.58
N PHE A 163 28.13 28.14 -66.65
CA PHE A 163 27.30 28.38 -65.48
C PHE A 163 26.96 27.09 -64.73
N THR A 164 27.41 25.93 -65.23
CA THR A 164 27.05 24.67 -64.61
C THR A 164 27.75 24.46 -63.27
N SER A 165 28.81 25.22 -62.98
CA SER A 165 29.41 25.16 -61.66
C SER A 165 28.44 25.66 -60.58
N ARG A 166 27.73 26.74 -60.87
CA ARG A 166 26.71 27.25 -59.96
C ARG A 166 25.60 26.23 -59.77
N VAL A 167 25.16 25.61 -60.86
CA VAL A 167 24.08 24.61 -60.79
C VAL A 167 24.51 23.41 -59.96
N ALA A 168 25.76 22.95 -60.17
CA ALA A 168 26.26 21.79 -59.43
C ALA A 168 26.38 22.10 -57.94
N GLY A 169 26.88 23.28 -57.58
CA GLY A 169 26.89 23.68 -56.18
C GLY A 169 25.49 23.77 -55.60
N LEU A 170 24.55 24.30 -56.37
CA LEU A 170 23.15 24.38 -55.94
C LEU A 170 22.61 23.00 -55.61
N ILE A 171 22.77 22.04 -56.52
CA ILE A 171 22.23 20.70 -56.31
C ILE A 171 22.91 20.03 -55.12
N ALA A 172 24.24 20.15 -55.02
CA ALA A 172 24.95 19.51 -53.92
C ALA A 172 24.60 20.13 -52.57
N GLY A 173 24.15 21.39 -52.56
CA GLY A 173 23.86 22.06 -51.31
C GLY A 173 22.45 21.83 -50.78
N THR A 174 21.68 20.95 -51.41
CA THR A 174 20.28 20.80 -51.04
C THR A 174 20.07 19.58 -50.15
N PRO A 175 19.38 19.71 -49.02
CA PRO A 175 19.11 18.55 -48.17
C PRO A 175 18.24 17.52 -48.89
N LEU A 176 18.43 16.26 -48.49
CA LEU A 176 17.82 15.13 -49.20
C LEU A 176 16.30 15.15 -49.11
N SER A 177 15.75 15.73 -48.03
CA SER A 177 14.30 15.77 -47.88
C SER A 177 13.65 16.77 -48.83
N GLN A 178 14.41 17.63 -49.50
CA GLN A 178 13.86 18.67 -50.34
C GLN A 178 14.24 18.45 -51.80
N SER A 179 13.67 19.29 -52.66
CA SER A 179 13.89 19.25 -54.09
C SER A 179 14.32 20.65 -54.54
N VAL A 180 14.98 20.71 -55.71
CA VAL A 180 15.47 21.99 -56.22
C VAL A 180 14.41 22.73 -57.04
N THR A 181 13.22 22.16 -57.22
CA THR A 181 12.16 22.83 -57.96
C THR A 181 11.80 24.15 -57.29
N TYR A 182 11.80 25.23 -58.08
CA TYR A 182 11.46 26.58 -57.66
C TYR A 182 12.45 27.18 -56.65
N THR A 183 13.68 26.68 -56.63
CA THR A 183 14.75 27.31 -55.85
C THR A 183 15.23 28.57 -56.57
N LYS A 184 15.31 29.68 -55.86
CA LYS A 184 15.63 30.96 -56.47
C LYS A 184 17.09 31.33 -56.27
N LEU A 185 17.68 31.90 -57.31
CA LEU A 185 19.08 32.33 -57.32
C LEU A 185 19.12 33.86 -57.21
N SER A 186 19.42 34.35 -56.01
CA SER A 186 19.39 35.79 -55.76
C SER A 186 20.44 36.54 -56.58
N ASP A 187 21.58 35.91 -56.87
CA ASP A 187 22.66 36.61 -57.54
C ASP A 187 22.37 36.81 -59.03
N VAL A 188 21.47 36.02 -59.61
CA VAL A 188 21.12 36.19 -61.02
C VAL A 188 20.23 37.41 -61.17
N VAL A 189 20.46 38.17 -62.24
CA VAL A 189 19.75 39.42 -62.49
C VAL A 189 18.89 39.33 -63.75
N ASP A 190 19.46 38.85 -64.85
CA ASP A 190 18.76 38.87 -66.12
C ASP A 190 18.98 37.55 -66.86
N ILE A 191 17.94 37.13 -67.58
CA ILE A 191 18.00 36.02 -68.52
C ILE A 191 17.21 36.39 -69.76
N PRO A 192 17.52 35.76 -70.90
CA PRO A 192 16.83 36.10 -72.14
C PRO A 192 15.33 35.86 -72.07
N LYS A 193 14.58 36.65 -72.84
CA LYS A 193 13.12 36.58 -72.83
C LYS A 193 12.65 35.18 -73.19
N MET A 194 11.66 34.69 -72.46
CA MET A 194 11.22 33.30 -72.57
C MET A 194 9.73 33.21 -72.26
N THR A 195 9.01 32.51 -73.13
CA THR A 195 7.57 32.33 -72.96
C THR A 195 7.27 31.01 -72.24
N LYS A 196 6.07 30.94 -71.67
CA LYS A 196 5.72 29.78 -70.87
C LYS A 196 5.58 28.52 -71.72
N VAL A 197 5.09 28.66 -72.95
CA VAL A 197 4.93 27.50 -73.83
C VAL A 197 6.29 26.90 -74.18
N ASP A 198 7.29 27.75 -74.47
CA ASP A 198 8.63 27.26 -74.75
C ASP A 198 9.23 26.57 -73.53
N ALA A 199 9.03 27.15 -72.34
CA ALA A 199 9.56 26.52 -71.13
C ALA A 199 8.93 25.16 -70.89
N GLU A 200 7.62 25.06 -71.11
CA GLU A 200 6.96 23.76 -70.98
C GLU A 200 7.52 22.76 -71.97
N SER A 201 7.74 23.18 -73.22
CA SER A 201 8.29 22.26 -74.21
C SER A 201 9.68 21.78 -73.81
N ARG A 202 10.54 22.68 -73.34
CA ARG A 202 11.88 22.28 -72.94
C ARG A 202 11.85 21.34 -71.74
N VAL A 203 11.03 21.64 -70.73
CA VAL A 203 10.92 20.74 -69.58
C VAL A 203 10.44 19.37 -70.02
N ASN A 204 9.46 19.33 -70.94
CA ASN A 204 9.01 18.05 -71.48
C ASN A 204 10.13 17.31 -72.18
N LYS A 205 11.06 18.03 -72.81
CA LYS A 205 12.17 17.37 -73.49
C LYS A 205 13.30 16.98 -72.54
N GLY A 206 13.23 17.33 -71.26
CA GLY A 206 14.20 16.88 -70.29
C GLY A 206 15.28 17.88 -69.91
N GLU A 207 14.99 19.18 -69.96
CA GLU A 207 16.01 20.19 -69.71
C GLU A 207 15.79 20.86 -68.35
N LEU A 208 16.90 21.19 -67.69
CA LEU A 208 16.90 21.95 -66.45
C LEU A 208 17.15 23.41 -66.79
N ILE A 209 16.17 24.27 -66.53
CA ILE A 209 16.19 25.64 -67.03
C ILE A 209 15.84 26.61 -65.91
N LEU A 210 16.18 27.88 -66.13
CA LEU A 210 15.72 28.95 -65.27
C LEU A 210 14.48 29.61 -65.87
N ILE A 211 13.62 30.12 -65.01
CA ILE A 211 12.46 30.89 -65.43
C ILE A 211 12.34 32.12 -64.54
N LYS A 212 11.67 33.13 -65.09
CA LYS A 212 11.32 34.32 -64.33
C LYS A 212 9.87 34.19 -63.86
N GLU A 213 9.69 34.14 -62.56
CA GLU A 213 8.38 33.93 -61.94
C GLU A 213 8.11 35.05 -60.96
N ALA A 214 7.05 34.89 -60.17
CA ALA A 214 6.71 35.90 -59.17
C ALA A 214 7.85 36.07 -58.18
N GLY A 215 8.52 37.21 -58.27
CA GLY A 215 9.71 37.45 -57.47
C GLY A 215 10.97 37.48 -58.32
N ALA A 216 11.92 36.62 -57.94
CA ALA A 216 13.22 36.58 -58.60
C ALA A 216 13.24 35.51 -59.69
N ILE A 217 14.47 35.20 -60.12
CA ILE A 217 14.72 34.08 -61.02
C ILE A 217 14.80 32.80 -60.21
N ARG A 218 14.30 31.71 -60.79
CA ARG A 218 14.25 30.42 -60.08
C ARG A 218 14.33 29.28 -61.09
N ILE A 219 14.61 28.09 -60.56
CA ILE A 219 14.64 26.87 -61.37
C ILE A 219 13.20 26.42 -61.66
N ALA A 220 12.96 25.90 -62.86
CA ALA A 220 11.61 25.51 -63.25
C ALA A 220 11.20 24.18 -62.63
N ARG A 221 11.93 23.11 -62.96
CA ARG A 221 11.59 21.77 -62.51
C ARG A 221 12.88 20.99 -62.34
N GLY A 222 12.82 19.94 -61.51
CA GLY A 222 14.01 19.22 -61.09
C GLY A 222 14.25 17.92 -61.84
N VAL A 223 14.16 17.97 -63.17
CA VAL A 223 14.17 16.74 -63.96
C VAL A 223 15.59 16.38 -64.40
N ASN A 224 15.74 15.12 -64.80
CA ASN A 224 16.94 14.57 -65.41
C ASN A 224 16.86 14.82 -66.92
N SER A 225 17.78 14.21 -67.68
CA SER A 225 17.69 14.17 -69.13
C SER A 225 16.93 12.96 -69.65
N LEU A 226 16.54 12.05 -68.77
CA LEU A 226 15.83 10.84 -69.18
C LEU A 226 14.49 11.19 -69.81
N THR A 227 14.19 10.56 -70.94
CA THR A 227 12.92 10.81 -71.62
C THR A 227 12.19 9.53 -71.99
N GLU A 228 12.94 8.47 -72.32
CA GLU A 228 12.34 7.20 -72.72
C GLU A 228 11.99 6.40 -71.47
N LEU A 229 10.71 6.09 -71.32
CA LEU A 229 10.20 5.42 -70.14
C LEU A 229 9.69 4.03 -70.48
N THR A 230 10.14 3.03 -69.73
CA THR A 230 9.75 1.65 -69.90
C THR A 230 9.06 1.16 -68.63
N ALA A 231 8.76 -0.14 -68.58
CA ALA A 231 8.14 -0.72 -67.40
C ALA A 231 9.12 -0.77 -66.24
N GLU A 232 10.38 -1.10 -66.51
CA GLU A 232 11.39 -1.14 -65.45
C GLU A 232 11.70 0.26 -64.96
N LYS A 233 11.70 1.25 -65.85
CA LYS A 233 12.06 2.63 -65.52
C LYS A 233 10.86 3.54 -65.79
N GLY A 234 10.13 3.88 -64.73
CA GLY A 234 8.98 4.75 -64.84
C GLY A 234 9.32 6.21 -64.65
N GLU A 235 8.29 6.99 -64.33
CA GLU A 235 8.43 8.45 -64.25
C GLU A 235 9.28 8.87 -63.06
N MET A 236 9.34 8.06 -62.00
CA MET A 236 10.08 8.43 -60.80
C MET A 236 11.57 8.59 -61.09
N PHE A 237 12.08 7.85 -62.08
CA PHE A 237 13.51 7.93 -62.42
C PHE A 237 13.88 9.21 -63.14
N GLN A 238 12.90 10.05 -63.48
CA GLN A 238 13.18 11.33 -64.13
C GLN A 238 13.50 12.44 -63.14
N LYS A 239 13.22 12.26 -61.85
CA LYS A 239 13.37 13.30 -60.86
C LYS A 239 14.76 13.23 -60.22
N ILE A 240 15.36 14.39 -60.00
CA ILE A 240 16.69 14.46 -59.41
C ILE A 240 16.70 13.91 -57.98
N LYS A 241 15.70 14.28 -57.17
CA LYS A 241 15.68 13.91 -55.76
C LYS A 241 15.64 12.39 -55.56
N ILE A 242 14.79 11.71 -56.32
CA ILE A 242 14.65 10.26 -56.21
C ILE A 242 15.96 9.57 -56.58
N VAL A 243 16.59 10.00 -57.67
CA VAL A 243 17.83 9.38 -58.12
C VAL A 243 18.95 9.62 -57.10
N ASP A 244 18.96 10.79 -56.47
CA ASP A 244 19.95 11.06 -55.42
C ASP A 244 19.79 10.08 -54.26
N THR A 245 18.55 9.87 -53.81
CA THR A 245 18.30 8.91 -52.73
C THR A 245 18.74 7.50 -53.12
N LEU A 246 18.39 7.09 -54.34
CA LEU A 246 18.74 5.73 -54.80
C LEU A 246 20.25 5.55 -54.88
N ASP A 247 20.98 6.59 -55.32
CA ASP A 247 22.43 6.48 -55.40
C ASP A 247 23.06 6.38 -54.01
N ILE A 248 22.51 7.11 -53.03
CA ILE A 248 23.02 6.99 -51.67
C ILE A 248 22.82 5.56 -51.15
N ILE A 249 21.63 4.99 -51.39
CA ILE A 249 21.37 3.61 -50.95
C ILE A 249 22.35 2.65 -51.61
N HIS A 250 22.55 2.80 -52.93
CA HIS A 250 23.45 1.91 -53.65
C HIS A 250 24.86 1.96 -53.08
N SER A 251 25.37 3.17 -52.85
CA SER A 251 26.74 3.32 -52.35
C SER A 251 26.90 2.74 -50.95
N ASP A 252 25.94 2.97 -50.06
CA ASP A 252 26.08 2.48 -48.69
C ASP A 252 26.03 0.94 -48.64
N ILE A 253 25.07 0.34 -49.36
CA ILE A 253 24.97 -1.12 -49.35
C ILE A 253 26.22 -1.74 -49.97
N ARG A 254 26.72 -1.14 -51.06
CA ARG A 254 27.93 -1.66 -51.68
C ARG A 254 29.12 -1.59 -50.73
N LYS A 255 29.23 -0.50 -49.98
CA LYS A 255 30.32 -0.40 -49.00
C LYS A 255 30.24 -1.52 -47.98
N VAL A 256 29.04 -1.76 -47.42
CA VAL A 256 28.90 -2.81 -46.41
C VAL A 256 29.33 -4.16 -46.99
N ILE A 257 28.82 -4.49 -48.19
CA ILE A 257 29.09 -5.79 -48.79
C ILE A 257 30.58 -5.97 -49.05
N ILE A 258 31.21 -4.96 -49.65
CA ILE A 258 32.59 -5.11 -50.08
C ILE A 258 33.52 -5.14 -48.87
N ASP A 259 33.24 -4.32 -47.85
CA ASP A 259 34.12 -4.27 -46.69
C ASP A 259 34.03 -5.53 -45.84
N ASP A 260 32.82 -6.05 -45.62
CA ASP A 260 32.66 -7.10 -44.63
C ASP A 260 32.53 -8.52 -45.18
N TYR A 261 32.18 -8.70 -46.45
CA TYR A 261 31.77 -10.04 -46.87
C TYR A 261 32.54 -10.61 -48.05
N ILE A 262 32.83 -9.80 -49.06
CA ILE A 262 33.44 -10.31 -50.30
C ILE A 262 34.83 -10.87 -50.00
N GLY A 263 34.99 -12.17 -50.17
CA GLY A 263 36.25 -12.84 -49.95
C GLY A 263 36.60 -13.09 -48.50
N LYS A 264 35.70 -12.77 -47.57
CA LYS A 264 36.04 -12.85 -46.15
C LYS A 264 35.43 -14.08 -45.49
N VAL A 265 34.26 -14.52 -45.93
CA VAL A 265 33.51 -15.58 -45.28
C VAL A 265 33.21 -16.68 -46.29
N THR A 266 33.03 -17.89 -45.78
CA THR A 266 32.61 -19.01 -46.61
C THR A 266 31.16 -18.82 -47.02
N ASN A 267 30.82 -19.30 -48.23
CA ASN A 267 29.50 -19.10 -48.81
C ASN A 267 28.55 -20.19 -48.34
N SER A 268 28.17 -20.13 -47.07
CA SER A 268 27.21 -21.07 -46.49
C SER A 268 25.90 -20.33 -46.17
N TYR A 269 24.85 -21.11 -45.91
CA TYR A 269 23.53 -20.53 -45.66
C TYR A 269 23.50 -19.66 -44.40
N ASP A 270 24.23 -20.07 -43.36
CA ASP A 270 24.31 -19.26 -42.14
C ASP A 270 24.89 -17.87 -42.41
N ASN A 271 25.97 -17.81 -43.20
CA ASN A 271 26.56 -16.51 -43.51
C ASN A 271 25.64 -15.67 -44.39
N LYS A 272 24.90 -16.30 -45.30
CA LYS A 272 23.89 -15.57 -46.07
C LYS A 272 22.85 -14.94 -45.15
N CYS A 273 22.39 -15.68 -44.13
CA CYS A 273 21.44 -15.12 -43.18
C CYS A 273 22.04 -13.94 -42.43
N LEU A 274 23.30 -14.03 -42.03
CA LEU A 274 23.96 -12.90 -41.37
C LEU A 274 24.00 -11.66 -42.29
N LEU A 275 24.30 -11.87 -43.57
CA LEU A 275 24.28 -10.75 -44.52
C LEU A 275 22.90 -10.13 -44.63
N ILE A 276 21.86 -10.98 -44.67
CA ILE A 276 20.49 -10.48 -44.74
C ILE A 276 20.18 -9.60 -43.53
N VAL A 277 20.58 -10.04 -42.34
CA VAL A 277 20.33 -9.25 -41.13
C VAL A 277 21.04 -7.90 -41.20
N ALA A 278 22.28 -7.89 -41.68
CA ALA A 278 23.02 -6.62 -41.79
C ALA A 278 22.31 -5.63 -42.72
N ILE A 279 21.90 -6.10 -43.90
CA ILE A 279 21.23 -5.22 -44.86
C ILE A 279 19.91 -4.72 -44.28
N LYS A 280 19.16 -5.59 -43.61
CA LYS A 280 17.90 -5.17 -43.00
C LYS A 280 18.12 -4.09 -41.96
N SER A 281 19.18 -4.22 -41.15
CA SER A 281 19.45 -3.20 -40.15
C SER A 281 19.80 -1.85 -40.80
N TYR A 282 20.54 -1.88 -41.90
CA TYR A 282 20.79 -0.62 -42.61
C TYR A 282 19.49 0.02 -43.12
N LEU A 283 18.58 -0.80 -43.66
CA LEU A 283 17.31 -0.26 -44.13
C LEU A 283 16.47 0.31 -42.98
N GLU A 284 16.50 -0.35 -41.81
CA GLU A 284 15.80 0.18 -40.65
C GLU A 284 16.37 1.52 -40.22
N GLU A 285 17.70 1.65 -40.25
CA GLU A 285 18.33 2.93 -39.98
C GLU A 285 17.83 4.01 -40.94
N LEU A 286 17.71 3.68 -42.22
CA LEU A 286 17.18 4.65 -43.19
C LEU A 286 15.73 5.02 -42.85
N GLU A 287 14.92 4.04 -42.45
CA GLU A 287 13.53 4.32 -42.11
C GLU A 287 13.42 5.25 -40.91
N LYS A 288 14.37 5.15 -39.97
CA LYS A 288 14.32 6.00 -38.78
C LYS A 288 14.57 7.46 -39.10
N SER A 289 15.16 7.76 -40.26
CA SER A 289 15.41 9.13 -40.68
C SER A 289 14.39 9.65 -41.69
N ALA A 290 13.41 8.84 -42.07
CA ALA A 290 12.36 9.20 -43.02
C ALA A 290 12.87 9.45 -44.43
N LEU A 291 14.02 8.87 -44.81
CA LEU A 291 14.42 8.91 -46.22
C LEU A 291 13.56 7.96 -47.05
N ILE A 292 13.12 6.85 -46.46
CA ILE A 292 12.23 5.89 -47.10
C ILE A 292 11.07 5.61 -46.15
N GLU A 293 10.00 5.04 -46.70
CA GLU A 293 8.83 4.72 -45.90
C GLU A 293 9.08 3.51 -45.01
N SER A 294 8.11 3.23 -44.14
CA SER A 294 8.22 2.09 -43.23
C SER A 294 7.85 0.79 -43.96
N ASP A 295 8.10 -0.34 -43.28
CA ASP A 295 7.71 -1.66 -43.76
C ASP A 295 8.48 -2.08 -45.02
N SER A 296 9.81 -1.97 -44.96
CA SER A 296 10.68 -2.47 -46.02
C SER A 296 11.23 -3.85 -45.64
N THR A 297 11.51 -4.66 -46.65
CA THR A 297 11.85 -6.07 -46.47
C THR A 297 13.09 -6.45 -47.28
N VAL A 298 13.81 -7.47 -46.78
CA VAL A 298 14.93 -8.11 -47.47
C VAL A 298 14.82 -9.61 -47.29
N GLU A 299 15.10 -10.40 -48.33
CA GLU A 299 14.99 -11.84 -48.25
C GLU A 299 15.75 -12.52 -49.38
N ILE A 300 15.90 -13.84 -49.25
CA ILE A 300 16.49 -14.68 -50.28
C ILE A 300 15.60 -14.66 -51.53
N ASP A 301 16.23 -14.49 -52.70
CA ASP A 301 15.52 -14.51 -53.97
C ASP A 301 15.38 -15.95 -54.44
N PHE A 302 14.19 -16.52 -54.23
CA PHE A 302 13.99 -17.96 -54.43
C PHE A 302 13.94 -18.32 -55.92
N GLU A 303 13.22 -17.53 -56.72
CA GLU A 303 13.12 -17.82 -58.15
C GLU A 303 14.48 -17.80 -58.83
N ALA A 304 15.29 -16.79 -58.52
CA ALA A 304 16.62 -16.69 -59.13
C ALA A 304 17.50 -17.86 -58.74
N GLN A 305 17.45 -18.28 -57.47
CA GLN A 305 18.25 -19.41 -57.03
C GLN A 305 17.80 -20.71 -57.69
N LYS A 306 16.48 -20.91 -57.81
CA LYS A 306 15.98 -22.08 -58.54
C LYS A 306 16.48 -22.08 -59.97
N SER A 307 16.46 -20.93 -60.63
CA SER A 307 16.94 -20.85 -62.01
C SER A 307 18.43 -21.18 -62.11
N TYR A 308 19.24 -20.64 -61.19
CA TYR A 308 20.66 -20.96 -61.22
C TYR A 308 20.90 -22.45 -60.98
N LEU A 309 20.21 -23.03 -60.01
CA LEU A 309 20.39 -24.46 -59.73
C LEU A 309 20.00 -25.30 -60.93
N LYS A 310 18.91 -24.93 -61.62
CA LYS A 310 18.51 -25.66 -62.82
C LYS A 310 19.54 -25.52 -63.93
N SER A 311 20.13 -24.33 -64.08
CA SER A 311 21.08 -24.10 -65.15
C SER A 311 22.36 -24.92 -64.95
N LYS A 312 22.57 -25.46 -63.76
CA LYS A 312 23.76 -26.23 -63.43
C LYS A 312 23.57 -27.74 -63.49
N GLY A 313 22.38 -28.22 -63.85
CA GLY A 313 22.15 -29.65 -63.96
C GLY A 313 21.64 -30.32 -62.70
N VAL A 314 21.17 -29.57 -61.72
CA VAL A 314 20.56 -30.16 -60.54
C VAL A 314 19.13 -30.57 -60.85
N ASP A 315 18.70 -31.70 -60.29
CA ASP A 315 17.37 -32.26 -60.53
C ASP A 315 16.43 -31.83 -59.41
N LEU A 316 15.50 -30.93 -59.71
CA LEU A 316 14.52 -30.45 -58.73
C LEU A 316 13.29 -31.37 -58.70
N SER A 317 13.52 -32.63 -58.32
CA SER A 317 12.45 -33.62 -58.25
C SER A 317 12.38 -34.18 -56.84
N TYR A 318 11.20 -34.08 -56.23
CA TYR A 318 11.00 -34.53 -54.85
C TYR A 318 12.02 -33.89 -53.91
N MET A 319 12.33 -32.62 -54.16
CA MET A 319 13.27 -31.87 -53.34
C MET A 319 12.51 -30.78 -52.62
N THR A 320 12.63 -30.77 -51.29
CA THR A 320 11.86 -29.86 -50.46
C THR A 320 12.28 -28.42 -50.67
N LEU A 321 11.33 -27.50 -50.49
CA LEU A 321 11.62 -26.08 -50.64
C LEU A 321 12.71 -25.64 -49.67
N GLN A 322 12.75 -26.24 -48.48
CA GLN A 322 13.83 -25.94 -47.55
C GLN A 322 15.18 -26.35 -48.13
N GLU A 323 15.24 -27.53 -48.75
CA GLU A 323 16.49 -28.00 -49.33
C GLU A 323 16.94 -27.11 -50.49
N ILE A 324 15.99 -26.64 -51.30
CA ILE A 324 16.32 -25.72 -52.38
C ILE A 324 16.85 -24.41 -51.82
N LYS A 325 16.20 -23.88 -50.77
CA LYS A 325 16.61 -22.61 -50.19
C LYS A 325 18.03 -22.67 -49.65
N GLU A 326 18.42 -23.80 -49.08
CA GLU A 326 19.71 -23.93 -48.41
C GLU A 326 20.80 -24.53 -49.29
N ALA A 327 20.51 -24.80 -50.56
CA ALA A 327 21.46 -25.50 -51.42
C ALA A 327 22.67 -24.63 -51.74
N ASN A 328 23.83 -25.29 -51.87
CA ASN A 328 25.08 -24.60 -52.16
C ASN A 328 25.07 -24.02 -53.57
N THR A 329 25.48 -22.76 -53.71
CA THR A 329 25.46 -22.05 -54.98
C THR A 329 26.83 -21.48 -55.35
N GLY A 330 27.89 -22.28 -55.18
CA GLY A 330 29.22 -21.83 -55.53
C GLY A 330 29.62 -20.61 -54.74
N SER A 331 29.89 -19.51 -55.44
CA SER A 331 30.28 -18.26 -54.82
C SER A 331 29.26 -17.14 -55.03
N LYS A 332 28.03 -17.49 -55.40
CA LYS A 332 27.00 -16.52 -55.74
C LYS A 332 25.95 -16.43 -54.64
N VAL A 333 25.29 -15.27 -54.54
CA VAL A 333 24.22 -15.02 -53.59
C VAL A 333 23.10 -14.29 -54.32
N PHE A 334 21.86 -14.73 -54.09
CA PHE A 334 20.67 -14.14 -54.74
C PHE A 334 19.74 -13.59 -53.66
N LEU A 335 19.57 -12.27 -53.65
CA LEU A 335 18.73 -11.55 -52.69
C LEU A 335 17.79 -10.60 -53.41
N LYS A 336 16.69 -10.25 -52.74
CA LYS A 336 15.74 -9.26 -53.23
C LYS A 336 15.21 -8.44 -52.06
N ALA A 337 14.69 -7.24 -52.36
CA ALA A 337 14.23 -6.32 -51.35
C ALA A 337 13.16 -5.39 -51.92
N LYS A 338 12.41 -4.75 -51.03
CA LYS A 338 11.38 -3.79 -51.41
C LYS A 338 11.52 -2.53 -50.55
N ILE A 339 11.42 -1.36 -51.17
CA ILE A 339 11.47 -0.07 -50.50
C ILE A 339 10.45 0.86 -51.14
N LYS A 340 10.27 2.03 -50.54
CA LYS A 340 9.33 3.03 -51.04
C LYS A 340 9.86 4.42 -50.71
N VAL A 341 9.83 5.32 -51.69
CA VAL A 341 10.31 6.69 -51.55
C VAL A 341 9.21 7.65 -51.98
N LEU A 342 9.07 8.75 -51.25
CA LEU A 342 8.05 9.76 -51.52
C LEU A 342 8.65 10.95 -52.26
N ASP A 343 7.79 11.67 -52.99
CA ASP A 343 8.20 12.83 -53.77
C ASP A 343 7.84 14.10 -53.00
N ALA A 344 8.31 15.23 -53.50
CA ALA A 344 8.02 16.51 -52.86
C ALA A 344 6.69 17.07 -53.35
N MET A 345 6.17 18.04 -52.60
CA MET A 345 5.00 18.81 -53.01
C MET A 345 5.40 19.78 -54.12
N GLU A 346 4.79 19.64 -55.30
CA GLU A 346 5.10 20.56 -56.40
C GLU A 346 3.88 21.10 -57.13
N ASP A 347 2.73 20.44 -57.02
CA ASP A 347 1.53 20.83 -57.76
C ASP A 347 0.31 20.85 -56.84
N ILE A 348 -0.43 21.96 -56.84
CA ILE A 348 -1.52 22.18 -55.90
C ILE A 348 -2.73 22.72 -56.66
N ASP A 349 -3.87 22.05 -56.52
CA ASP A 349 -5.16 22.54 -57.01
C ASP A 349 -6.04 22.93 -55.85
N LEU A 350 -6.62 24.13 -55.91
CA LEU A 350 -7.53 24.61 -54.88
C LEU A 350 -8.73 25.28 -55.55
N SER A 351 -9.91 24.68 -55.36
CA SER A 351 -11.15 25.16 -55.95
C SER A 351 -11.99 25.89 -54.90
N ILE A 352 -12.27 27.16 -55.15
CA ILE A 352 -12.91 28.04 -54.18
C ILE A 352 -14.32 28.37 -54.66
N GLU A 353 -15.32 27.98 -53.87
CA GLU A 353 -16.69 28.41 -54.08
C GLU A 353 -16.91 29.74 -53.37
N ILE A 354 -17.59 30.66 -54.02
CA ILE A 354 -17.89 31.94 -53.40
C ILE A 354 -19.39 32.07 -53.15
N ILE B 3 35.92 64.16 -40.04
CA ILE B 3 34.54 63.84 -40.41
C ILE B 3 33.76 65.14 -40.62
N GLY B 4 34.50 66.21 -40.93
CA GLY B 4 33.91 67.52 -41.12
C GLY B 4 33.70 68.26 -39.82
N LEU B 5 33.45 69.56 -39.96
CA LEU B 5 33.18 70.40 -38.80
C LEU B 5 31.76 70.19 -38.30
N PRO B 6 31.52 70.44 -37.02
CA PRO B 6 30.14 70.37 -36.50
C PRO B 6 29.25 71.40 -37.17
N SER B 7 28.03 70.99 -37.49
CA SER B 7 27.11 71.82 -38.27
C SER B 7 25.92 72.16 -37.40
N ILE B 8 25.85 73.40 -36.94
CA ILE B 8 24.69 73.93 -36.23
C ILE B 8 24.12 75.05 -37.12
N ASN B 9 22.98 74.78 -37.75
CA ASN B 9 22.38 75.74 -38.66
C ASN B 9 20.91 75.93 -38.31
N ILE B 10 20.58 77.10 -37.80
CA ILE B 10 19.20 77.55 -37.63
C ILE B 10 18.89 78.46 -38.81
N SER B 11 17.97 78.05 -39.66
CA SER B 11 17.64 78.78 -40.87
C SER B 11 16.20 79.29 -40.81
N PHE B 12 15.98 80.44 -41.43
CA PHE B 12 14.66 81.05 -41.51
C PHE B 12 14.24 81.17 -42.98
N LYS B 13 13.00 80.83 -43.27
CA LYS B 13 12.49 80.80 -44.63
C LYS B 13 10.99 81.02 -44.62
N GLU B 14 10.43 81.25 -45.80
CA GLU B 14 9.01 81.48 -45.97
C GLU B 14 8.23 80.17 -45.86
N LEU B 15 6.91 80.28 -45.98
CA LEU B 15 6.01 79.15 -45.79
C LEU B 15 5.94 78.29 -47.04
N ALA B 16 5.68 76.99 -46.86
CA ALA B 16 5.69 76.02 -47.96
C ALA B 16 4.52 75.04 -47.84
N THR B 17 4.21 74.37 -48.95
CA THR B 17 3.12 73.42 -49.00
C THR B 17 3.60 71.97 -48.82
N THR B 18 2.74 71.16 -48.22
CA THR B 18 2.98 69.74 -48.01
C THR B 18 1.95 68.92 -48.78
N VAL B 19 2.43 67.92 -49.52
CA VAL B 19 1.60 67.17 -50.47
C VAL B 19 0.79 66.07 -49.81
N LYS B 20 -0.18 65.53 -50.54
CA LYS B 20 -1.02 64.44 -50.04
C LYS B 20 -0.19 63.18 -49.84
N GLU B 21 -0.56 62.42 -48.80
CA GLU B 21 0.15 61.18 -48.49
C GLU B 21 -0.10 60.13 -49.56
N ARG B 22 0.91 59.27 -49.77
CA ARG B 22 0.90 58.26 -50.80
C ARG B 22 0.12 57.02 -50.38
N SER B 23 -0.14 56.14 -51.34
CA SER B 23 -0.73 54.83 -51.10
C SER B 23 0.09 53.75 -51.78
N ALA B 24 0.31 52.65 -51.07
CA ALA B 24 1.16 51.58 -51.59
C ALA B 24 0.40 50.62 -52.50
N ARG B 25 -0.91 50.78 -52.62
CA ARG B 25 -1.70 49.97 -53.55
C ARG B 25 -1.70 50.59 -54.93
N GLY B 26 -1.55 49.75 -55.95
CA GLY B 26 -1.73 50.16 -57.32
C GLY B 26 -0.48 50.21 -58.16
N ILE B 27 -0.27 49.18 -58.97
CA ILE B 27 0.81 49.13 -59.95
C ILE B 27 0.19 49.02 -61.33
N ILE B 28 0.48 49.98 -62.20
CA ILE B 28 -0.21 50.12 -63.48
C ILE B 28 0.80 50.04 -64.61
N ALA B 29 0.49 49.24 -65.62
CA ALA B 29 1.35 49.03 -66.78
C ALA B 29 0.80 49.80 -67.97
N MET B 30 1.70 50.30 -68.81
CA MET B 30 1.36 51.22 -69.88
C MET B 30 2.42 51.11 -70.96
N VAL B 31 2.00 50.93 -72.22
CA VAL B 31 2.92 50.81 -73.33
C VAL B 31 2.58 51.87 -74.37
N LEU B 32 3.60 52.59 -74.82
CA LEU B 32 3.41 53.67 -75.79
C LEU B 32 4.51 53.61 -76.83
N LYS B 33 4.20 54.08 -78.03
CA LYS B 33 5.13 54.08 -79.15
C LYS B 33 5.78 55.45 -79.25
N ASP B 34 7.10 55.48 -79.21
CA ASP B 34 7.88 56.70 -79.33
C ASP B 34 9.11 56.44 -80.20
N ALA B 35 9.56 57.48 -80.90
CA ALA B 35 10.74 57.34 -81.75
C ALA B 35 12.03 57.38 -80.94
N LYS B 36 11.95 57.76 -79.66
CA LYS B 36 13.13 57.97 -78.84
C LYS B 36 12.90 57.42 -77.45
N ALA B 37 14.00 57.07 -76.76
CA ALA B 37 13.98 56.61 -75.37
C ALA B 37 13.26 55.27 -75.24
N LEU B 38 13.68 54.30 -76.04
CA LEU B 38 13.10 52.97 -76.00
C LEU B 38 13.53 52.22 -74.73
N GLY B 39 12.77 51.20 -74.38
CA GLY B 39 13.10 50.32 -73.29
C GLY B 39 11.99 50.32 -72.26
N LEU B 40 12.33 49.87 -71.06
CA LEU B 40 11.44 49.87 -69.91
C LEU B 40 11.82 51.02 -68.99
N ASN B 41 10.88 51.90 -68.73
CA ASN B 41 11.09 53.02 -67.81
C ASN B 41 10.09 52.91 -66.67
N GLU B 42 10.60 52.79 -65.45
CA GLU B 42 9.77 52.81 -64.27
C GLU B 42 9.63 54.27 -63.84
N ILE B 43 8.39 54.73 -63.68
CA ILE B 43 8.10 56.10 -63.29
C ILE B 43 7.36 56.06 -61.96
N HIS B 44 7.95 56.71 -60.94
CA HIS B 44 7.39 56.61 -59.60
C HIS B 44 6.55 57.83 -59.25
N GLU B 45 6.78 58.95 -59.93
CA GLU B 45 6.06 60.17 -59.63
C GLU B 45 5.96 61.04 -60.88
N LYS B 46 4.97 61.94 -60.87
CA LYS B 46 4.75 62.85 -62.00
C LYS B 46 5.74 64.00 -62.01
N GLU B 47 6.42 64.25 -60.89
CA GLU B 47 7.44 65.29 -60.86
C GLU B 47 8.65 64.88 -61.70
N ASP B 48 9.00 63.60 -61.68
CA ASP B 48 10.16 63.10 -62.41
C ASP B 48 9.69 62.19 -63.54
N ILE B 49 9.81 62.69 -64.76
CA ILE B 49 9.47 61.94 -65.98
C ILE B 49 10.65 62.11 -66.92
N PRO B 50 11.02 61.10 -67.72
CA PRO B 50 12.09 61.31 -68.69
C PRO B 50 11.78 62.45 -69.64
N VAL B 51 12.77 63.33 -69.82
CA VAL B 51 12.59 64.52 -70.65
C VAL B 51 12.80 64.24 -72.12
N ASP B 52 13.03 62.98 -72.49
CA ASP B 52 13.09 62.61 -73.90
C ASP B 52 11.70 62.39 -74.47
N LEU B 53 10.75 61.99 -73.63
CA LEU B 53 9.42 61.66 -74.10
C LEU B 53 8.68 62.90 -74.60
N SER B 54 7.79 62.70 -75.55
CA SER B 54 7.04 63.80 -76.13
C SER B 54 6.06 64.39 -75.13
N ALA B 55 5.74 65.67 -75.33
CA ALA B 55 4.77 66.33 -74.47
C ALA B 55 3.41 65.64 -74.56
N GLU B 56 3.05 65.17 -75.75
CA GLU B 56 1.80 64.42 -75.91
C GLU B 56 1.84 63.12 -75.11
N ASN B 57 2.96 62.41 -75.14
CA ASN B 57 3.14 61.26 -74.26
C ASN B 57 3.47 61.68 -72.84
N LYS B 58 3.88 62.94 -72.64
CA LYS B 58 4.13 63.43 -71.28
C LYS B 58 2.84 63.54 -70.49
N GLU B 59 1.82 64.16 -71.09
CA GLU B 59 0.59 64.43 -70.36
C GLU B 59 -0.16 63.15 -69.99
N TYR B 60 0.07 62.07 -70.73
CA TYR B 60 -0.60 60.81 -70.43
C TYR B 60 -0.11 60.23 -69.11
N ILE B 61 1.17 60.41 -68.80
CA ILE B 61 1.72 59.94 -67.53
C ILE B 61 1.09 60.70 -66.37
N ASN B 62 0.98 62.02 -66.50
CA ASN B 62 0.29 62.80 -65.48
C ASN B 62 -1.17 62.40 -65.37
N LEU B 63 -1.78 61.99 -66.49
CA LEU B 63 -3.16 61.51 -66.45
C LEU B 63 -3.27 60.22 -65.63
N ALA B 64 -2.35 59.27 -65.86
CA ALA B 64 -2.43 57.98 -65.19
C ALA B 64 -2.00 58.06 -63.73
N LEU B 65 -1.29 59.11 -63.34
CA LEU B 65 -0.64 59.17 -62.04
C LEU B 65 -1.48 59.83 -60.96
N MET B 66 -2.69 60.29 -61.27
CA MET B 66 -3.61 60.72 -60.23
C MET B 66 -4.71 59.67 -60.08
N GLY B 67 -4.96 59.28 -58.84
CA GLY B 67 -6.08 58.42 -58.52
C GLY B 67 -7.07 59.17 -57.65
N ASN B 68 -8.27 58.62 -57.53
CA ASN B 68 -9.31 59.32 -56.80
C ASN B 68 -8.98 59.41 -55.33
N VAL B 69 -8.95 58.27 -54.63
CA VAL B 69 -8.68 58.25 -53.21
C VAL B 69 -7.20 58.48 -52.93
N ASN B 70 -6.32 57.85 -53.70
CA ASN B 70 -4.90 58.13 -53.58
C ASN B 70 -4.18 57.69 -54.85
N THR B 71 -2.93 58.12 -54.95
CA THR B 71 -2.10 57.88 -56.13
C THR B 71 -1.77 56.40 -56.27
N PRO B 72 -1.61 55.90 -57.51
CA PRO B 72 -1.05 54.56 -57.69
C PRO B 72 0.36 54.45 -57.12
N ASN B 73 0.68 53.25 -56.62
CA ASN B 73 1.97 53.03 -55.98
C ASN B 73 3.12 53.14 -56.97
N LYS B 74 2.91 52.65 -58.19
CA LYS B 74 3.98 52.58 -59.17
C LYS B 74 3.38 52.55 -60.57
N LEU B 75 4.19 52.96 -61.55
CA LEU B 75 3.78 53.01 -62.95
C LEU B 75 4.86 52.38 -63.81
N LEU B 76 4.46 51.52 -64.74
CA LEU B 76 5.38 50.78 -65.59
C LEU B 76 5.13 51.18 -67.03
N VAL B 77 5.98 52.06 -67.56
CA VAL B 77 5.86 52.58 -68.92
C VAL B 77 6.90 51.87 -69.78
N TYR B 78 6.45 51.13 -70.77
CA TYR B 78 7.31 50.38 -71.68
C TYR B 78 7.23 51.04 -73.05
N VAL B 79 8.38 51.51 -73.55
CA VAL B 79 8.43 52.33 -74.75
C VAL B 79 9.04 51.50 -75.87
N ILE B 80 8.30 51.36 -76.97
CA ILE B 80 8.79 50.69 -78.16
C ILE B 80 8.76 51.68 -79.31
N GLU B 81 9.66 51.46 -80.27
CA GLU B 81 9.81 52.39 -81.39
C GLU B 81 8.56 52.35 -82.27
N GLY B 82 8.41 53.39 -83.08
CA GLY B 82 7.28 53.44 -84.00
C GLY B 82 7.35 52.35 -85.04
N GLU B 83 6.17 51.91 -85.49
CA GLU B 83 6.04 50.85 -86.49
C GLU B 83 6.75 49.58 -86.01
N ALA B 84 6.56 49.25 -84.74
CA ALA B 84 7.14 48.06 -84.13
C ALA B 84 6.05 47.07 -83.76
N ASP B 85 6.47 45.89 -83.33
CA ASP B 85 5.52 44.83 -83.02
C ASP B 85 5.09 44.91 -81.56
N ILE B 86 3.83 44.56 -81.32
CA ILE B 86 3.29 44.55 -79.96
C ILE B 86 3.55 43.22 -79.28
N GLN B 87 3.79 42.16 -80.05
CA GLN B 87 4.03 40.86 -79.43
C GLN B 87 5.32 40.87 -78.61
N THR B 88 6.30 41.66 -79.03
CA THR B 88 7.48 41.87 -78.20
C THR B 88 7.10 42.49 -76.87
N ALA B 89 6.22 43.49 -76.90
CA ALA B 89 5.81 44.17 -75.68
C ALA B 89 5.09 43.23 -74.72
N LEU B 90 4.12 42.46 -75.23
CA LEU B 90 3.37 41.55 -74.37
C LEU B 90 4.24 40.41 -73.87
N ASP B 91 5.13 39.89 -74.72
CA ASP B 91 6.05 38.85 -74.29
C ASP B 91 6.93 39.34 -73.15
N PHE B 92 7.45 40.56 -73.25
CA PHE B 92 8.22 41.13 -72.15
C PHE B 92 7.36 41.33 -70.90
N LEU B 93 6.13 41.84 -71.09
CA LEU B 93 5.31 42.24 -69.94
C LEU B 93 4.77 41.03 -69.19
N GLU B 94 4.77 39.85 -69.82
CA GLU B 94 4.34 38.63 -69.14
C GLU B 94 5.13 38.41 -67.85
N THR B 95 6.37 38.92 -67.81
CA THR B 95 7.25 38.68 -66.67
C THR B 95 6.80 39.41 -65.42
N LYS B 96 6.52 40.71 -65.54
CA LYS B 96 6.41 41.58 -64.37
C LYS B 96 5.09 41.33 -63.63
N GLU B 97 5.00 41.89 -62.43
CA GLU B 97 3.76 41.89 -61.66
C GLU B 97 3.11 43.26 -61.77
N PHE B 98 1.82 43.28 -62.06
CA PHE B 98 1.07 44.51 -62.22
C PHE B 98 -0.41 44.19 -62.16
N ASN B 99 -1.22 45.23 -62.12
CA ASN B 99 -2.66 45.05 -62.00
C ASN B 99 -3.41 45.36 -63.29
N TYR B 100 -3.16 46.51 -63.89
CA TYR B 100 -3.92 46.95 -65.06
C TYR B 100 -2.96 47.38 -66.15
N LEU B 101 -3.38 47.17 -67.40
CA LEU B 101 -2.59 47.49 -68.58
C LEU B 101 -3.40 48.39 -69.51
N CYS B 102 -2.77 49.46 -69.99
CA CYS B 102 -3.42 50.38 -70.91
C CYS B 102 -2.46 50.79 -72.00
N MET B 103 -2.99 50.96 -73.21
CA MET B 103 -2.23 51.46 -74.35
C MET B 103 -3.04 52.57 -75.01
N PRO B 104 -2.78 53.84 -74.68
CA PRO B 104 -3.65 54.92 -75.17
C PRO B 104 -3.74 55.02 -76.68
N LYS B 105 -2.67 54.65 -77.38
CA LYS B 105 -2.66 54.62 -78.83
C LYS B 105 -2.72 53.17 -79.26
N ALA B 106 -3.81 52.79 -79.93
CA ALA B 106 -4.03 51.40 -80.26
C ALA B 106 -4.89 51.28 -81.51
N VAL B 107 -4.74 50.15 -82.19
CA VAL B 107 -5.47 49.85 -83.42
C VAL B 107 -6.21 48.54 -83.18
N GLU B 108 -7.17 48.23 -84.04
CA GLU B 108 -8.05 47.07 -83.84
C GLU B 108 -7.25 45.77 -83.70
N ALA B 109 -6.25 45.57 -84.55
CA ALA B 109 -5.39 44.40 -84.43
C ALA B 109 -4.64 44.42 -83.10
N ASP B 110 -4.19 45.60 -82.69
CA ASP B 110 -3.52 45.75 -81.39
C ASP B 110 -4.45 45.37 -80.25
N LYS B 111 -5.70 45.84 -80.30
CA LYS B 111 -6.67 45.54 -79.25
C LYS B 111 -7.00 44.05 -79.22
N THR B 112 -7.16 43.43 -80.40
CA THR B 112 -7.39 41.99 -80.44
C THR B 112 -6.22 41.23 -79.84
N ALA B 113 -4.98 41.65 -80.14
CA ALA B 113 -3.81 40.98 -79.59
C ALA B 113 -3.77 41.11 -78.07
N ILE B 114 -4.00 42.32 -77.55
CA ILE B 114 -3.97 42.53 -76.10
C ILE B 114 -5.04 41.70 -75.42
N LYS B 115 -6.24 41.65 -76.01
CA LYS B 115 -7.34 40.91 -75.39
C LYS B 115 -7.07 39.42 -75.38
N ASN B 116 -6.62 38.87 -76.52
CA ASN B 116 -6.29 37.45 -76.57
C ASN B 116 -5.18 37.12 -75.57
N TRP B 117 -4.20 38.03 -75.44
CA TRP B 117 -3.12 37.85 -74.49
C TRP B 117 -3.62 37.80 -73.05
N ILE B 118 -4.50 38.75 -72.69
CA ILE B 118 -5.04 38.79 -71.33
C ILE B 118 -5.82 37.52 -71.03
N ILE B 119 -6.65 37.08 -71.98
CA ILE B 119 -7.45 35.88 -71.76
C ILE B 119 -6.53 34.66 -71.61
N LYS B 120 -5.52 34.56 -72.47
CA LYS B 120 -4.61 33.41 -72.40
C LYS B 120 -3.88 33.40 -71.07
N LEU B 121 -3.39 34.54 -70.61
CA LEU B 121 -2.70 34.59 -69.33
C LEU B 121 -3.62 34.15 -68.20
N ARG B 122 -4.81 34.76 -68.10
CA ARG B 122 -5.70 34.45 -66.99
C ARG B 122 -6.17 33.00 -67.00
N ASP B 123 -6.40 32.42 -68.18
CA ASP B 123 -7.02 31.10 -68.24
C ASP B 123 -6.01 29.95 -68.33
N ILE B 124 -4.78 30.21 -68.80
CA ILE B 124 -3.77 29.18 -68.94
C ILE B 124 -2.56 29.43 -68.04
N ASP B 125 -1.99 30.65 -68.08
CA ASP B 125 -0.82 30.94 -67.28
C ASP B 125 -1.13 31.05 -65.79
N LYS B 126 -2.41 31.07 -65.42
CA LYS B 126 -2.84 31.20 -64.03
C LYS B 126 -2.25 32.46 -63.39
N VAL B 127 -2.29 33.56 -64.12
CA VAL B 127 -1.84 34.86 -63.64
C VAL B 127 -3.01 35.83 -63.76
N LYS B 128 -3.28 36.56 -62.67
CA LYS B 128 -4.47 37.42 -62.58
C LYS B 128 -4.10 38.84 -63.00
N VAL B 129 -4.31 39.15 -64.28
CA VAL B 129 -4.04 40.49 -64.81
C VAL B 129 -5.27 40.97 -65.54
N LYS B 130 -5.46 42.29 -65.55
CA LYS B 130 -6.58 42.92 -66.25
C LYS B 130 -6.04 44.01 -67.16
N ALA B 131 -6.85 44.36 -68.17
CA ALA B 131 -6.54 45.45 -69.08
C ALA B 131 -7.76 46.34 -69.25
N VAL B 132 -7.52 47.65 -69.38
CA VAL B 132 -8.57 48.62 -69.67
C VAL B 132 -8.47 48.96 -71.14
N LEU B 133 -9.52 48.67 -71.90
CA LEU B 133 -9.52 48.87 -73.34
C LEU B 133 -10.74 49.67 -73.76
N GLY B 134 -10.59 50.41 -74.87
CA GLY B 134 -11.69 51.17 -75.43
C GLY B 134 -12.24 50.51 -76.69
N LYS B 135 -13.56 50.38 -76.73
CA LYS B 135 -14.28 49.81 -77.87
C LYS B 135 -13.88 48.37 -78.15
N VAL B 136 -13.76 47.57 -77.09
CA VAL B 136 -13.46 46.15 -77.20
C VAL B 136 -14.57 45.37 -76.50
N VAL B 137 -15.29 44.54 -77.27
CA VAL B 137 -16.47 43.85 -76.78
C VAL B 137 -16.13 42.71 -75.82
N GLY B 138 -14.86 42.32 -75.72
CA GLY B 138 -14.44 41.07 -75.12
C GLY B 138 -15.24 40.61 -73.92
N ASN B 139 -15.79 39.41 -74.03
CA ASN B 139 -16.75 38.85 -73.09
C ASN B 139 -16.10 38.29 -71.82
N HIS B 140 -14.92 38.75 -71.45
CA HIS B 140 -14.23 38.23 -70.28
C HIS B 140 -14.24 39.22 -69.12
N GLU B 141 -14.29 38.69 -67.90
CA GLU B 141 -14.15 39.53 -66.73
C GLU B 141 -12.76 40.14 -66.59
N GLY B 142 -11.78 39.65 -67.36
CA GLY B 142 -10.43 40.15 -67.24
C GLY B 142 -10.18 41.44 -68.00
N ILE B 143 -11.10 41.83 -68.89
CA ILE B 143 -10.98 43.08 -69.63
C ILE B 143 -12.24 43.91 -69.39
N ILE B 144 -12.08 45.23 -69.36
CA ILE B 144 -13.20 46.15 -69.15
C ILE B 144 -13.31 47.04 -70.38
N ASN B 145 -14.54 47.33 -70.78
CA ASN B 145 -14.82 48.13 -71.97
C ASN B 145 -15.25 49.54 -71.59
N PHE B 146 -14.40 50.52 -71.90
CA PHE B 146 -14.73 51.92 -71.72
C PHE B 146 -15.20 52.49 -73.05
N THR B 147 -16.35 53.16 -73.04
CA THR B 147 -16.97 53.71 -74.24
C THR B 147 -17.48 55.13 -73.94
N THR B 148 -16.72 56.14 -74.37
CA THR B 148 -17.18 57.52 -74.38
C THR B 148 -16.25 58.34 -75.27
N GLU B 149 -16.85 59.13 -76.15
CA GLU B 149 -16.13 59.87 -77.18
C GLU B 149 -15.94 61.32 -76.75
N ASP B 150 -14.88 61.96 -77.26
CA ASP B 150 -14.65 63.40 -77.14
C ASP B 150 -14.78 63.90 -75.70
N VAL B 151 -13.84 63.47 -74.84
CA VAL B 151 -13.83 63.94 -73.47
C VAL B 151 -12.92 65.17 -73.37
N LEU B 152 -13.50 66.29 -72.97
CA LEU B 152 -12.78 67.56 -72.83
C LEU B 152 -12.24 67.68 -71.41
N VAL B 153 -10.91 67.72 -71.29
CA VAL B 153 -10.23 67.92 -70.02
C VAL B 153 -9.20 69.04 -70.22
N GLY B 154 -9.29 70.08 -69.39
CA GLY B 154 -8.38 71.20 -69.50
C GLY B 154 -8.45 71.85 -70.86
N GLU B 155 -9.68 72.08 -71.34
CA GLU B 155 -10.02 72.55 -72.68
C GLU B 155 -9.17 71.87 -73.76
N LYS B 156 -8.82 70.60 -73.55
CA LYS B 156 -8.07 69.81 -74.51
C LYS B 156 -8.89 68.60 -74.92
N LYS B 157 -8.96 68.35 -76.23
CA LYS B 157 -9.73 67.22 -76.74
C LYS B 157 -9.00 65.90 -76.52
N TYR B 158 -9.73 64.91 -76.00
CA TYR B 158 -9.16 63.60 -75.72
C TYR B 158 -10.07 62.54 -76.32
N SER B 159 -9.47 61.48 -76.83
CA SER B 159 -10.19 60.41 -77.51
C SER B 159 -10.48 59.26 -76.55
N VAL B 160 -11.37 58.35 -76.98
CA VAL B 160 -11.78 57.25 -76.11
C VAL B 160 -10.59 56.34 -75.80
N ASP B 161 -9.74 56.09 -76.78
CA ASP B 161 -8.52 55.33 -76.52
C ASP B 161 -7.58 56.09 -75.59
N GLU B 162 -7.54 57.42 -75.71
CA GLU B 162 -6.60 58.21 -74.93
C GLU B 162 -7.03 58.39 -73.48
N PHE B 163 -8.33 58.37 -73.20
CA PHE B 163 -8.81 58.52 -71.83
C PHE B 163 -8.74 57.21 -71.05
N THR B 164 -8.35 56.12 -71.71
CA THR B 164 -8.15 54.84 -71.03
C THR B 164 -7.08 54.94 -69.95
N SER B 165 -6.07 55.79 -70.15
CA SER B 165 -5.04 55.98 -69.13
C SER B 165 -5.63 56.50 -67.83
N ARG B 166 -6.48 57.54 -67.93
CA ARG B 166 -7.12 58.12 -66.75
C ARG B 166 -8.01 57.09 -66.06
N VAL B 167 -8.76 56.31 -66.84
CA VAL B 167 -9.67 55.31 -66.27
C VAL B 167 -8.89 54.22 -65.54
N ALA B 168 -7.79 53.75 -66.13
CA ALA B 168 -6.98 52.72 -65.49
C ALA B 168 -6.39 53.23 -64.19
N GLY B 169 -5.88 54.47 -64.19
CA GLY B 169 -5.38 55.04 -62.95
C GLY B 169 -6.46 55.18 -61.89
N LEU B 170 -7.67 55.61 -62.30
CA LEU B 170 -8.76 55.75 -61.35
C LEU B 170 -9.14 54.41 -60.74
N ILE B 171 -9.25 53.36 -61.55
CA ILE B 171 -9.63 52.05 -61.04
C ILE B 171 -8.56 51.51 -60.09
N ALA B 172 -7.28 51.67 -60.46
CA ALA B 172 -6.22 51.20 -59.58
C ALA B 172 -6.09 52.05 -58.32
N GLY B 173 -6.66 53.26 -58.33
CA GLY B 173 -6.59 54.12 -57.15
C GLY B 173 -7.64 53.81 -56.09
N THR B 174 -8.65 53.02 -56.43
CA THR B 174 -9.75 52.77 -55.51
C THR B 174 -9.33 51.76 -54.44
N PRO B 175 -9.55 52.05 -53.15
CA PRO B 175 -9.20 51.08 -52.10
C PRO B 175 -10.07 49.83 -52.11
N LEU B 176 -9.65 48.81 -51.35
CA LEU B 176 -10.20 47.46 -51.50
C LEU B 176 -11.69 47.39 -51.19
N SER B 177 -12.12 48.04 -50.12
CA SER B 177 -13.51 47.88 -49.68
C SER B 177 -14.52 48.59 -50.59
N GLN B 178 -14.05 49.38 -51.56
CA GLN B 178 -14.89 50.36 -52.24
C GLN B 178 -15.07 50.02 -53.72
N SER B 179 -15.87 50.85 -54.38
CA SER B 179 -16.25 50.69 -55.78
C SER B 179 -16.13 52.04 -56.49
N VAL B 180 -16.05 51.99 -57.82
CA VAL B 180 -15.98 53.22 -58.61
C VAL B 180 -17.34 53.70 -59.09
N THR B 181 -18.43 53.09 -58.62
CA THR B 181 -19.76 53.59 -58.95
C THR B 181 -19.92 55.02 -58.44
N TYR B 182 -20.38 55.91 -59.33
CA TYR B 182 -20.63 57.31 -59.04
C TYR B 182 -19.39 58.06 -58.56
N THR B 183 -18.19 57.56 -58.87
CA THR B 183 -17.00 58.32 -58.58
C THR B 183 -16.88 59.48 -59.58
N LYS B 184 -16.49 60.64 -59.08
CA LYS B 184 -16.56 61.88 -59.84
C LYS B 184 -15.17 62.27 -60.35
N LEU B 185 -15.13 62.78 -61.58
CA LEU B 185 -13.90 63.30 -62.17
C LEU B 185 -13.99 64.81 -62.27
N SER B 186 -13.23 65.51 -61.41
CA SER B 186 -13.30 66.96 -61.36
C SER B 186 -12.47 67.61 -62.46
N ASP B 187 -11.55 66.87 -63.08
CA ASP B 187 -10.79 67.40 -64.19
C ASP B 187 -11.65 67.57 -65.44
N VAL B 188 -12.60 66.65 -65.66
CA VAL B 188 -13.45 66.72 -66.84
C VAL B 188 -14.49 67.81 -66.69
N VAL B 189 -14.69 68.59 -67.75
CA VAL B 189 -15.69 69.65 -67.73
C VAL B 189 -16.77 69.47 -68.79
N ASP B 190 -16.52 68.76 -69.89
CA ASP B 190 -17.54 68.54 -70.90
C ASP B 190 -17.60 67.06 -71.28
N ILE B 191 -18.81 66.60 -71.57
CA ILE B 191 -19.10 65.25 -72.03
C ILE B 191 -20.28 65.33 -73.00
N PRO B 192 -20.34 64.49 -74.02
CA PRO B 192 -21.53 64.47 -74.89
C PRO B 192 -22.80 64.09 -74.15
N LYS B 193 -23.91 64.69 -74.55
CA LYS B 193 -25.21 64.38 -73.98
C LYS B 193 -25.59 62.93 -74.25
N MET B 194 -26.37 62.35 -73.34
CA MET B 194 -26.75 60.95 -73.43
C MET B 194 -28.17 60.76 -72.89
N THR B 195 -28.93 59.88 -73.53
CA THR B 195 -30.28 59.53 -73.08
C THR B 195 -30.23 58.41 -72.05
N LYS B 196 -31.14 58.47 -71.08
CA LYS B 196 -31.13 57.52 -69.97
C LYS B 196 -31.35 56.08 -70.45
N VAL B 197 -32.26 55.88 -71.39
CA VAL B 197 -32.49 54.51 -71.89
C VAL B 197 -31.27 54.00 -72.65
N ASP B 198 -30.59 54.87 -73.39
CA ASP B 198 -29.36 54.49 -74.06
C ASP B 198 -28.26 54.15 -73.06
N ALA B 199 -28.16 54.93 -71.98
CA ALA B 199 -27.19 54.62 -70.93
C ALA B 199 -27.47 53.28 -70.28
N GLU B 200 -28.74 52.99 -70.01
CA GLU B 200 -29.11 51.72 -69.40
C GLU B 200 -28.76 50.56 -70.34
N SER B 201 -29.04 50.72 -71.63
CA SER B 201 -28.69 49.68 -72.59
C SER B 201 -27.18 49.46 -72.63
N ARG B 202 -26.39 50.54 -72.65
CA ARG B 202 -24.95 50.40 -72.68
C ARG B 202 -24.43 49.70 -71.43
N VAL B 203 -24.99 50.03 -70.27
CA VAL B 203 -24.57 49.37 -69.04
C VAL B 203 -24.89 47.88 -69.09
N ASN B 204 -26.10 47.53 -69.54
CA ASN B 204 -26.47 46.14 -69.63
C ASN B 204 -25.66 45.38 -70.68
N LYS B 205 -25.12 46.07 -71.69
CA LYS B 205 -24.25 45.41 -72.65
C LYS B 205 -22.86 45.13 -72.10
N GLY B 206 -22.52 45.68 -70.95
CA GLY B 206 -21.23 45.45 -70.32
C GLY B 206 -20.19 46.53 -70.52
N GLU B 207 -20.58 47.78 -70.69
CA GLU B 207 -19.62 48.85 -70.94
C GLU B 207 -19.54 49.80 -69.74
N LEU B 208 -18.33 50.29 -69.50
CA LEU B 208 -18.08 51.36 -68.54
C LEU B 208 -18.19 52.69 -69.28
N ILE B 209 -18.98 53.62 -68.70
CA ILE B 209 -19.32 54.87 -69.38
C ILE B 209 -19.21 56.02 -68.39
N LEU B 210 -19.12 57.24 -68.93
CA LEU B 210 -19.27 58.45 -68.14
C LEU B 210 -20.66 59.04 -68.39
N ILE B 211 -21.23 59.66 -67.36
CA ILE B 211 -22.59 60.19 -67.44
C ILE B 211 -22.63 61.61 -66.90
N LYS B 212 -23.69 62.33 -67.26
CA LYS B 212 -23.88 63.70 -66.84
C LYS B 212 -24.86 63.77 -65.68
N GLU B 213 -24.51 64.55 -64.66
CA GLU B 213 -25.33 64.65 -63.45
C GLU B 213 -25.06 66.01 -62.81
N ALA B 214 -25.93 66.39 -61.87
CA ALA B 214 -25.78 67.64 -61.15
C ALA B 214 -24.37 67.74 -60.57
N GLY B 215 -23.72 68.87 -60.81
CA GLY B 215 -22.30 68.98 -60.54
C GLY B 215 -21.47 68.61 -61.75
N ALA B 216 -20.44 67.81 -61.53
CA ALA B 216 -19.58 67.39 -62.61
C ALA B 216 -19.99 66.03 -63.16
N ILE B 217 -19.06 65.43 -63.92
CA ILE B 217 -19.29 64.14 -64.57
C ILE B 217 -18.80 63.02 -63.65
N ARG B 218 -19.44 61.86 -63.77
CA ARG B 218 -19.07 60.75 -62.92
C ARG B 218 -19.23 59.42 -63.67
N ILE B 219 -18.56 58.39 -63.15
CA ILE B 219 -18.71 57.04 -63.66
C ILE B 219 -20.09 56.51 -63.29
N ALA B 220 -20.72 55.78 -64.22
CA ALA B 220 -22.05 55.26 -63.98
C ALA B 220 -22.04 54.08 -63.02
N ARG B 221 -21.42 52.98 -63.43
CA ARG B 221 -21.45 51.73 -62.67
C ARG B 221 -20.18 50.95 -62.94
N GLY B 222 -19.59 50.42 -61.88
CA GLY B 222 -18.33 49.70 -61.97
C GLY B 222 -18.49 48.30 -62.50
N VAL B 223 -18.79 48.18 -63.80
CA VAL B 223 -19.19 46.90 -64.37
C VAL B 223 -18.09 46.36 -65.28
N ASN B 224 -18.14 45.06 -65.52
CA ASN B 224 -17.21 44.36 -66.39
C ASN B 224 -17.74 44.29 -67.81
N SER B 225 -16.94 43.72 -68.71
CA SER B 225 -17.42 43.41 -70.04
C SER B 225 -18.00 42.01 -70.16
N LEU B 226 -18.00 41.23 -69.07
CA LEU B 226 -18.62 39.92 -69.09
C LEU B 226 -20.13 40.04 -69.24
N THR B 227 -20.70 39.29 -70.19
CA THR B 227 -22.11 39.41 -70.51
C THR B 227 -22.89 38.10 -70.52
N GLU B 228 -22.25 36.95 -70.82
CA GLU B 228 -22.94 35.67 -70.81
C GLU B 228 -22.68 34.94 -69.50
N LEU B 229 -23.74 34.65 -68.76
CA LEU B 229 -23.65 34.08 -67.43
C LEU B 229 -24.03 32.61 -67.47
N THR B 230 -23.19 31.77 -66.89
CA THR B 230 -23.40 30.33 -66.82
C THR B 230 -23.64 29.92 -65.37
N ALA B 231 -23.93 28.63 -65.17
CA ALA B 231 -24.17 28.12 -63.82
C ALA B 231 -22.88 28.12 -62.99
N GLU B 232 -21.73 28.28 -63.62
CA GLU B 232 -20.48 28.42 -62.89
C GLU B 232 -20.08 29.87 -62.68
N LYS B 233 -20.55 30.77 -63.55
CA LYS B 233 -20.21 32.19 -63.51
C LYS B 233 -21.48 32.99 -63.26
N GLY B 234 -21.66 33.45 -62.01
CA GLY B 234 -22.84 34.18 -61.63
C GLY B 234 -22.73 35.66 -61.91
N GLU B 235 -23.76 36.38 -61.47
CA GLU B 235 -23.82 37.83 -61.65
C GLU B 235 -22.72 38.55 -60.89
N MET B 236 -22.24 37.97 -59.78
CA MET B 236 -21.22 38.62 -58.97
C MET B 236 -19.92 38.82 -59.75
N PHE B 237 -19.65 38.03 -60.78
CA PHE B 237 -18.41 38.13 -61.52
C PHE B 237 -18.40 39.29 -62.52
N GLN B 238 -19.51 40.04 -62.63
CA GLN B 238 -19.54 41.21 -63.50
C GLN B 238 -19.09 42.48 -62.82
N LYS B 239 -18.79 42.44 -61.52
CA LYS B 239 -18.46 43.66 -60.79
C LYS B 239 -16.95 43.78 -60.58
N ILE B 240 -16.43 44.99 -60.82
CA ILE B 240 -14.99 45.23 -60.71
C ILE B 240 -14.51 44.99 -59.28
N LYS B 241 -15.27 45.47 -58.29
CA LYS B 241 -14.85 45.37 -56.90
C LYS B 241 -14.70 43.91 -56.46
N ILE B 242 -15.65 43.06 -56.84
CA ILE B 242 -15.60 41.64 -56.47
C ILE B 242 -14.40 40.96 -57.11
N VAL B 243 -14.20 41.20 -58.41
CA VAL B 243 -13.11 40.56 -59.13
C VAL B 243 -11.76 41.00 -58.56
N ASP B 244 -11.65 42.28 -58.20
CA ASP B 244 -10.40 42.78 -57.61
C ASP B 244 -10.12 42.10 -56.27
N THR B 245 -11.14 41.93 -55.43
CA THR B 245 -10.91 41.23 -54.16
C THR B 245 -10.50 39.78 -54.40
N LEU B 246 -11.15 39.10 -55.36
CA LEU B 246 -10.78 37.71 -55.65
C LEU B 246 -9.35 37.60 -56.16
N ASP B 247 -8.93 38.55 -56.99
CA ASP B 247 -7.54 38.55 -57.47
C ASP B 247 -6.56 38.75 -56.32
N ILE B 248 -6.92 39.60 -55.35
CA ILE B 248 -5.99 39.83 -54.24
C ILE B 248 -5.86 38.57 -53.39
N ILE B 249 -6.98 37.86 -53.17
CA ILE B 249 -6.93 36.59 -52.46
C ILE B 249 -6.05 35.59 -53.21
N HIS B 250 -6.24 35.52 -54.53
CA HIS B 250 -5.45 34.61 -55.36
C HIS B 250 -3.95 34.88 -55.19
N SER B 251 -3.54 36.14 -55.31
CA SER B 251 -2.11 36.46 -55.23
C SER B 251 -1.54 36.15 -53.85
N ASP B 252 -2.27 36.46 -52.78
CA ASP B 252 -1.75 36.17 -51.45
C ASP B 252 -1.58 34.67 -51.21
N ILE B 253 -2.58 33.87 -51.58
CA ILE B 253 -2.46 32.43 -51.36
C ILE B 253 -1.33 31.84 -52.19
N ARG B 254 -1.17 32.33 -53.44
CA ARG B 254 -0.07 31.86 -54.26
C ARG B 254 1.29 32.19 -53.63
N LYS B 255 1.42 33.39 -53.07
CA LYS B 255 2.69 33.77 -52.46
C LYS B 255 3.01 32.85 -51.28
N VAL B 256 2.01 32.55 -50.46
CA VAL B 256 2.23 31.67 -49.31
C VAL B 256 2.68 30.27 -49.79
N ILE B 257 1.97 29.73 -50.79
CA ILE B 257 2.29 28.39 -51.29
C ILE B 257 3.71 28.34 -51.83
N ILE B 258 4.10 29.35 -52.62
CA ILE B 258 5.44 29.34 -53.21
C ILE B 258 6.49 29.48 -52.11
N ASP B 259 6.27 30.39 -51.17
CA ASP B 259 7.31 30.68 -50.19
C ASP B 259 7.58 29.49 -49.28
N ASP B 260 6.53 28.77 -48.86
CA ASP B 260 6.71 27.84 -47.76
C ASP B 260 6.62 26.36 -48.13
N TYR B 261 6.13 25.99 -49.30
CA TYR B 261 5.81 24.58 -49.53
C TYR B 261 6.36 23.96 -50.81
N ILE B 262 6.38 24.66 -51.94
CA ILE B 262 6.73 24.04 -53.21
C ILE B 262 8.17 23.57 -53.16
N GLY B 263 8.37 22.26 -53.25
CA GLY B 263 9.69 21.65 -53.24
C GLY B 263 10.35 21.56 -51.88
N LYS B 264 9.72 22.04 -50.82
CA LYS B 264 10.35 22.13 -49.51
C LYS B 264 9.96 21.02 -48.56
N VAL B 265 8.80 20.38 -48.75
CA VAL B 265 8.31 19.33 -47.85
C VAL B 265 7.86 18.13 -48.66
N THR B 266 7.89 16.97 -48.02
CA THR B 266 7.39 15.75 -48.66
C THR B 266 5.88 15.76 -48.76
N ASN B 267 5.35 15.08 -49.78
CA ASN B 267 3.92 15.07 -50.05
C ASN B 267 3.25 13.91 -49.33
N SER B 268 3.14 14.01 -48.01
CA SER B 268 2.40 13.04 -47.21
C SER B 268 1.14 13.72 -46.69
N TYR B 269 0.21 12.89 -46.19
CA TYR B 269 -1.07 13.41 -45.73
C TYR B 269 -0.90 14.39 -44.56
N ASP B 270 0.03 14.11 -43.65
CA ASP B 270 0.27 15.01 -42.51
C ASP B 270 0.68 16.41 -42.98
N ASN B 271 1.59 16.49 -43.96
CA ASN B 271 2.01 17.79 -44.47
C ASN B 271 0.87 18.48 -45.22
N LYS B 272 -0.01 17.72 -45.88
CA LYS B 272 -1.21 18.31 -46.46
C LYS B 272 -2.08 18.96 -45.38
N CYS B 273 -2.21 18.29 -44.23
CA CYS B 273 -2.97 18.88 -43.13
C CYS B 273 -2.32 20.19 -42.65
N LEU B 274 -0.99 20.22 -42.58
CA LEU B 274 -0.31 21.46 -42.19
C LEU B 274 -0.60 22.60 -43.17
N LEU B 275 -0.57 22.29 -44.47
CA LEU B 275 -0.92 23.30 -45.48
C LEU B 275 -2.35 23.79 -45.32
N ILE B 276 -3.29 22.87 -45.04
CA ILE B 276 -4.68 23.25 -44.83
C ILE B 276 -4.80 24.22 -43.67
N VAL B 277 -4.06 23.95 -42.58
CA VAL B 277 -4.11 24.83 -41.42
C VAL B 277 -3.60 26.22 -41.77
N ALA B 278 -2.49 26.29 -42.52
CA ALA B 278 -1.95 27.60 -42.90
C ALA B 278 -2.94 28.41 -43.73
N ILE B 279 -3.57 27.77 -44.72
CA ILE B 279 -4.56 28.47 -45.56
C ILE B 279 -5.75 28.93 -44.72
N LYS B 280 -6.20 28.08 -43.79
CA LYS B 280 -7.31 28.47 -42.93
C LYS B 280 -6.98 29.69 -42.09
N SER B 281 -5.74 29.76 -41.56
CA SER B 281 -5.36 30.92 -40.76
C SER B 281 -5.31 32.19 -41.60
N TYR B 282 -4.84 32.09 -42.85
CA TYR B 282 -4.91 33.26 -43.73
C TYR B 282 -6.35 33.71 -43.94
N LEU B 283 -7.27 32.77 -44.15
CA LEU B 283 -8.67 33.15 -44.37
C LEU B 283 -9.27 33.80 -43.12
N GLU B 284 -8.93 33.30 -41.93
CA GLU B 284 -9.40 33.92 -40.69
C GLU B 284 -8.89 35.34 -40.56
N GLU B 285 -7.62 35.57 -40.93
CA GLU B 285 -7.09 36.92 -40.92
C GLU B 285 -7.86 37.83 -41.87
N LEU B 286 -8.22 37.31 -43.05
CA LEU B 286 -9.07 38.08 -43.96
C LEU B 286 -10.42 38.40 -43.32
N GLU B 287 -10.99 37.44 -42.59
CA GLU B 287 -12.26 37.66 -41.92
C GLU B 287 -12.17 38.78 -40.89
N LYS B 288 -11.07 38.82 -40.13
CA LYS B 288 -10.91 39.81 -39.08
C LYS B 288 -10.95 41.23 -39.63
N SER B 289 -10.46 41.43 -40.85
CA SER B 289 -10.44 42.75 -41.49
C SER B 289 -11.75 43.09 -42.20
N ALA B 290 -12.72 42.17 -42.21
CA ALA B 290 -14.03 42.35 -42.84
C ALA B 290 -13.95 42.49 -44.37
N LEU B 291 -12.95 41.87 -45.00
CA LEU B 291 -12.97 41.76 -46.45
C LEU B 291 -13.93 40.66 -46.91
N ILE B 292 -14.08 39.60 -46.12
CA ILE B 292 -14.97 38.49 -46.42
C ILE B 292 -15.83 38.19 -45.19
N GLU B 293 -16.90 37.42 -45.41
CA GLU B 293 -17.78 37.04 -44.32
C GLU B 293 -17.17 35.93 -43.46
N SER B 294 -17.75 35.74 -42.29
CA SER B 294 -17.23 34.78 -41.32
C SER B 294 -17.64 33.35 -41.69
N ASP B 295 -17.04 32.38 -40.99
CA ASP B 295 -17.33 30.95 -41.15
C ASP B 295 -16.93 30.44 -42.55
N SER B 296 -15.68 30.69 -42.92
CA SER B 296 -15.13 30.09 -44.13
C SER B 296 -14.43 28.77 -43.79
N THR B 297 -14.37 27.87 -44.77
CA THR B 297 -13.88 26.51 -44.57
C THR B 297 -12.84 26.13 -45.61
N VAL B 298 -11.93 25.22 -45.24
CA VAL B 298 -10.95 24.62 -46.15
C VAL B 298 -10.79 23.14 -45.78
N GLU B 299 -10.70 22.27 -46.79
CA GLU B 299 -10.51 20.84 -46.55
C GLU B 299 -10.01 20.13 -47.80
N ILE B 300 -9.83 18.81 -47.67
CA ILE B 300 -9.38 17.97 -48.79
C ILE B 300 -10.52 17.80 -49.78
N ASP B 301 -10.21 17.87 -51.07
CA ASP B 301 -11.18 17.64 -52.13
C ASP B 301 -11.21 16.14 -52.44
N PHE B 302 -12.20 15.44 -51.87
CA PHE B 302 -12.23 13.98 -51.92
C PHE B 302 -12.56 13.45 -53.31
N GLU B 303 -13.55 14.06 -53.98
CA GLU B 303 -13.94 13.60 -55.31
C GLU B 303 -12.80 13.75 -56.31
N ALA B 304 -12.06 14.87 -56.24
CA ALA B 304 -10.94 15.09 -57.13
C ALA B 304 -9.83 14.07 -56.90
N GLN B 305 -9.52 13.78 -55.63
CA GLN B 305 -8.52 12.77 -55.33
C GLN B 305 -8.94 11.40 -55.85
N LYS B 306 -10.22 11.06 -55.68
CA LYS B 306 -10.74 9.81 -56.22
C LYS B 306 -10.62 9.72 -57.73
N SER B 307 -10.97 10.80 -58.45
CA SER B 307 -10.89 10.76 -59.91
C SER B 307 -9.44 10.63 -60.36
N TYR B 308 -8.52 11.33 -59.69
CA TYR B 308 -7.10 11.19 -60.03
C TYR B 308 -6.62 9.76 -59.80
N LEU B 309 -7.01 9.16 -58.68
CA LEU B 309 -6.56 7.78 -58.40
C LEU B 309 -7.15 6.80 -59.41
N LYS B 310 -8.40 7.02 -59.81
CA LYS B 310 -8.99 6.21 -60.87
C LYS B 310 -8.20 6.36 -62.17
N SER B 311 -7.83 7.59 -62.51
CA SER B 311 -7.05 7.81 -63.72
C SER B 311 -5.68 7.15 -63.64
N LYS B 312 -5.13 6.99 -62.44
CA LYS B 312 -3.86 6.29 -62.28
C LYS B 312 -4.00 4.78 -62.36
N GLY B 313 -5.22 4.25 -62.34
CA GLY B 313 -5.44 2.81 -62.45
C GLY B 313 -5.66 2.07 -61.16
N VAL B 314 -5.97 2.78 -60.06
CA VAL B 314 -6.19 2.14 -58.77
C VAL B 314 -7.61 1.59 -58.71
N ASP B 315 -7.77 0.33 -58.28
CA ASP B 315 -9.08 -0.27 -58.09
C ASP B 315 -9.65 0.19 -56.76
N LEU B 316 -10.60 1.12 -56.81
CA LEU B 316 -11.12 1.75 -55.60
C LEU B 316 -11.92 0.82 -54.72
N SER B 317 -12.49 -0.25 -55.27
CA SER B 317 -13.38 -1.10 -54.49
C SER B 317 -12.63 -1.76 -53.34
N TYR B 318 -13.35 -1.96 -52.24
CA TYR B 318 -12.80 -2.55 -51.02
C TYR B 318 -11.67 -1.70 -50.44
N MET B 319 -11.80 -0.38 -50.61
CA MET B 319 -10.96 0.61 -49.94
C MET B 319 -11.87 1.49 -49.10
N THR B 320 -11.55 1.63 -47.82
CA THR B 320 -12.37 2.48 -46.96
C THR B 320 -12.13 3.95 -47.29
N LEU B 321 -13.01 4.81 -46.76
CA LEU B 321 -12.90 6.24 -47.04
C LEU B 321 -11.57 6.80 -46.53
N GLN B 322 -11.11 6.32 -45.37
CA GLN B 322 -9.87 6.83 -44.79
C GLN B 322 -8.66 6.46 -45.64
N GLU B 323 -8.67 5.24 -46.21
CA GLU B 323 -7.57 4.84 -47.09
C GLU B 323 -7.51 5.69 -48.35
N ILE B 324 -8.67 6.04 -48.91
CA ILE B 324 -8.70 6.88 -50.09
C ILE B 324 -8.25 8.31 -49.74
N LYS B 325 -8.68 8.81 -48.59
CA LYS B 325 -8.34 10.18 -48.21
C LYS B 325 -6.83 10.36 -48.03
N GLU B 326 -6.14 9.36 -47.51
CA GLU B 326 -4.73 9.47 -47.19
C GLU B 326 -3.82 8.82 -48.23
N ALA B 327 -4.35 8.41 -49.38
CA ALA B 327 -3.53 7.73 -50.37
C ALA B 327 -2.48 8.66 -50.98
N ASN B 328 -1.37 8.07 -51.43
CA ASN B 328 -0.32 8.79 -52.12
C ASN B 328 -0.83 9.34 -53.45
N THR B 329 -0.43 10.57 -53.77
CA THR B 329 -0.86 11.24 -55.00
C THR B 329 0.32 11.86 -55.74
N GLY B 330 1.49 11.21 -55.65
CA GLY B 330 2.67 11.72 -56.35
C GLY B 330 3.08 13.07 -55.83
N SER B 331 3.00 14.08 -56.70
CA SER B 331 3.34 15.46 -56.35
C SER B 331 2.11 16.35 -56.21
N LYS B 332 0.90 15.80 -56.31
CA LYS B 332 -0.33 16.58 -56.39
C LYS B 332 -0.96 16.78 -55.02
N VAL B 333 -1.70 17.89 -54.89
CA VAL B 333 -2.52 18.18 -53.72
C VAL B 333 -3.86 18.71 -54.21
N PHE B 334 -4.96 18.14 -53.72
CA PHE B 334 -6.30 18.55 -54.09
C PHE B 334 -7.02 19.11 -52.88
N LEU B 335 -7.44 20.38 -52.95
CA LEU B 335 -8.11 21.07 -51.85
C LEU B 335 -9.30 21.86 -52.37
N LYS B 336 -10.23 22.17 -51.47
CA LYS B 336 -11.39 23.00 -51.77
C LYS B 336 -11.74 23.89 -50.58
N ALA B 337 -12.43 24.99 -50.84
CA ALA B 337 -12.72 26.00 -49.82
C ALA B 337 -14.02 26.73 -50.15
N LYS B 338 -14.57 27.41 -49.14
CA LYS B 338 -15.79 28.20 -49.31
C LYS B 338 -15.62 29.57 -48.66
N ILE B 339 -16.00 30.63 -49.38
CA ILE B 339 -15.96 32.01 -48.89
C ILE B 339 -17.24 32.73 -49.31
N LYS B 340 -17.46 33.90 -48.71
CA LYS B 340 -18.60 34.76 -49.04
C LYS B 340 -18.18 36.21 -49.07
N VAL B 341 -18.65 36.95 -50.07
CA VAL B 341 -18.33 38.37 -50.24
C VAL B 341 -19.63 39.16 -50.40
N LEU B 342 -19.69 40.34 -49.79
CA LEU B 342 -20.87 41.18 -49.84
C LEU B 342 -20.67 42.35 -50.81
N ASP B 343 -21.78 42.94 -51.25
CA ASP B 343 -21.75 44.07 -52.17
C ASP B 343 -21.73 45.39 -51.42
N ALA B 344 -21.40 46.45 -52.15
CA ALA B 344 -21.40 47.79 -51.61
C ALA B 344 -22.79 48.43 -51.80
N MET B 345 -23.00 49.57 -51.14
CA MET B 345 -24.25 50.31 -51.19
C MET B 345 -24.34 51.09 -52.49
N GLU B 346 -25.33 50.78 -53.33
CA GLU B 346 -25.42 51.33 -54.67
C GLU B 346 -26.75 52.03 -54.96
N ASP B 347 -27.85 51.50 -54.43
CA ASP B 347 -29.17 52.05 -54.72
C ASP B 347 -29.90 52.37 -53.42
N ILE B 348 -30.54 53.54 -53.39
CA ILE B 348 -31.24 54.03 -52.21
C ILE B 348 -32.64 54.47 -52.61
N ASP B 349 -33.64 54.03 -51.85
CA ASP B 349 -35.02 54.50 -51.98
C ASP B 349 -35.39 55.20 -50.68
N LEU B 350 -35.79 56.47 -50.77
CA LEU B 350 -36.26 57.21 -49.60
C LEU B 350 -37.59 57.88 -49.94
N SER B 351 -38.67 57.39 -49.32
CA SER B 351 -40.01 57.90 -49.53
C SER B 351 -40.37 58.83 -48.38
N ILE B 352 -40.65 60.09 -48.71
CA ILE B 352 -40.92 61.13 -47.72
C ILE B 352 -42.39 61.54 -47.84
N GLU B 353 -43.09 61.50 -46.72
CA GLU B 353 -44.49 61.90 -46.64
C GLU B 353 -44.54 63.28 -45.99
N ILE B 354 -45.30 64.19 -46.60
CA ILE B 354 -45.32 65.57 -46.12
C ILE B 354 -46.60 65.88 -45.36
N ASN C 3 -0.44 -37.65 -39.38
CA ASN C 3 0.74 -36.92 -39.85
C ASN C 3 1.61 -36.40 -38.69
N MET C 4 1.16 -36.63 -37.46
CA MET C 4 1.95 -36.23 -36.30
C MET C 4 2.63 -37.46 -35.71
N GLU C 5 3.96 -37.46 -35.70
CA GLU C 5 4.75 -38.54 -35.13
C GLU C 5 5.66 -38.01 -34.04
N ALA C 6 6.01 -38.89 -33.11
CA ALA C 6 6.89 -38.53 -32.00
C ALA C 6 8.26 -38.04 -32.48
N ARG C 7 8.77 -38.58 -33.59
CA ARG C 7 10.06 -38.14 -34.12
C ARG C 7 10.05 -36.70 -34.60
N ASN C 8 8.89 -36.11 -34.85
CA ASN C 8 8.81 -34.75 -35.36
C ASN C 8 9.07 -33.68 -34.29
N VAL C 9 8.99 -34.03 -33.01
CA VAL C 9 9.18 -33.05 -31.95
C VAL C 9 10.64 -32.58 -31.95
N MET C 10 10.85 -31.27 -31.88
CA MET C 10 12.18 -30.71 -31.98
C MET C 10 12.96 -30.87 -30.69
N SER C 11 14.19 -31.38 -30.80
CA SER C 11 15.08 -31.54 -29.66
C SER C 11 15.98 -30.31 -29.51
N GLY C 12 16.09 -29.83 -28.26
CA GLY C 12 16.91 -28.67 -27.97
C GLY C 12 18.41 -28.84 -28.19
N THR C 13 18.90 -30.08 -28.29
CA THR C 13 20.31 -30.31 -28.61
C THR C 13 20.68 -29.81 -30.00
N TRP C 14 19.70 -29.66 -30.90
CA TRP C 14 19.97 -29.17 -32.24
C TRP C 14 19.79 -27.66 -32.36
N GLY C 15 20.02 -26.91 -31.28
CA GLY C 15 19.97 -25.46 -31.30
C GLY C 15 21.32 -24.82 -31.53
N GLU C 16 21.32 -23.67 -32.20
CA GLU C 16 22.52 -22.88 -32.44
C GLU C 16 22.23 -21.40 -32.18
N LEU C 17 23.26 -20.63 -31.85
CA LEU C 17 23.10 -19.24 -31.44
C LEU C 17 24.26 -18.38 -31.90
N TRP C 18 23.94 -17.23 -32.49
CA TRP C 18 24.90 -16.17 -32.79
C TRP C 18 24.57 -14.95 -31.94
N LEU C 19 25.59 -14.33 -31.36
CA LEU C 19 25.45 -13.11 -30.57
C LEU C 19 26.47 -12.09 -31.05
N ASP C 20 25.99 -10.90 -31.43
CA ASP C 20 26.83 -9.82 -31.95
C ASP C 20 27.66 -10.29 -33.15
N GLY C 21 27.08 -11.20 -33.94
CA GLY C 21 27.73 -11.74 -35.12
C GLY C 21 28.65 -12.92 -34.91
N ASN C 22 28.84 -13.38 -33.67
CA ASN C 22 29.77 -14.46 -33.36
C ASN C 22 29.04 -15.69 -32.86
N LYS C 23 29.48 -16.86 -33.32
CA LYS C 23 28.90 -18.12 -32.88
C LYS C 23 29.17 -18.36 -31.40
N VAL C 24 28.19 -18.90 -30.68
CA VAL C 24 28.32 -19.21 -29.26
C VAL C 24 28.29 -20.73 -29.10
N ALA C 25 29.47 -21.35 -29.14
CA ALA C 25 29.55 -22.81 -29.09
C ALA C 25 29.22 -23.38 -27.72
N GLU C 26 29.20 -22.58 -26.67
CA GLU C 26 29.06 -23.08 -25.31
C GLU C 26 27.66 -22.83 -24.76
N VAL C 27 26.70 -22.64 -25.66
CA VAL C 27 25.33 -22.27 -25.29
C VAL C 27 24.63 -23.49 -24.69
N LYS C 28 23.92 -23.27 -23.59
CA LYS C 28 23.11 -24.30 -22.93
C LYS C 28 21.61 -24.12 -23.15
N LYS C 29 21.09 -22.90 -23.10
CA LYS C 29 19.68 -22.66 -23.40
C LYS C 29 19.48 -21.24 -23.89
N PHE C 30 18.38 -21.04 -24.62
CA PHE C 30 18.00 -19.74 -25.16
C PHE C 30 16.49 -19.60 -25.12
N GLN C 31 16.03 -18.43 -24.66
CA GLN C 31 14.61 -18.18 -24.49
C GLN C 31 14.30 -16.74 -24.89
N ALA C 32 13.16 -16.52 -25.55
CA ALA C 32 12.72 -15.17 -25.91
C ALA C 32 11.20 -15.19 -26.08
N LYS C 33 10.52 -14.24 -25.42
CA LYS C 33 9.07 -14.26 -25.35
C LYS C 33 8.55 -12.83 -25.27
N MET C 34 7.42 -12.58 -25.93
CA MET C 34 6.70 -11.31 -25.89
C MET C 34 5.49 -11.44 -24.96
N GLU C 35 5.51 -10.70 -23.86
CA GLU C 35 4.41 -10.70 -22.89
C GLU C 35 3.52 -9.48 -23.14
N PHE C 36 2.25 -9.74 -23.49
CA PHE C 36 1.36 -8.66 -23.90
C PHE C 36 0.83 -7.90 -22.68
N THR C 37 0.72 -6.58 -22.83
CA THR C 37 0.05 -5.73 -21.86
C THR C 37 -1.43 -5.67 -22.22
N LYS C 38 -2.29 -6.18 -21.34
CA LYS C 38 -3.73 -6.22 -21.55
C LYS C 38 -4.43 -5.55 -20.37
N GLU C 39 -5.45 -4.76 -20.66
CA GLU C 39 -6.17 -4.03 -19.62
C GLU C 39 -7.66 -4.36 -19.70
N ASP C 40 -8.27 -4.62 -18.55
CA ASP C 40 -9.67 -5.05 -18.50
C ASP C 40 -10.63 -3.93 -18.90
N ILE C 41 -11.69 -4.29 -19.61
CA ILE C 41 -12.74 -3.35 -19.99
C ILE C 41 -14.10 -4.04 -19.81
N ILE C 42 -14.91 -3.50 -18.91
CA ILE C 42 -16.26 -4.02 -18.66
C ILE C 42 -17.25 -3.26 -19.55
N ILE C 43 -17.99 -4.00 -20.35
CA ILE C 43 -18.98 -3.44 -21.27
C ILE C 43 -20.36 -3.52 -20.63
N ALA C 44 -21.10 -2.42 -20.67
CA ALA C 44 -22.45 -2.41 -20.12
C ALA C 44 -23.33 -3.44 -20.81
N GLY C 45 -24.03 -4.24 -20.02
CA GLY C 45 -24.89 -5.30 -20.53
C GLY C 45 -24.21 -6.62 -20.83
N GLN C 46 -22.92 -6.77 -20.58
CA GLN C 46 -22.18 -8.00 -20.88
C GLN C 46 -21.55 -8.55 -19.60
N MET C 47 -21.87 -9.81 -19.27
CA MET C 47 -21.35 -10.44 -18.06
C MET C 47 -19.87 -10.80 -18.15
N GLY C 48 -19.38 -11.17 -19.33
CA GLY C 48 -17.98 -11.49 -19.49
C GLY C 48 -17.08 -10.29 -19.69
N THR C 49 -16.10 -10.11 -18.81
CA THR C 49 -15.14 -9.02 -18.91
C THR C 49 -14.19 -9.23 -20.09
N ASP C 50 -14.06 -8.20 -20.93
CA ASP C 50 -13.19 -8.21 -22.11
C ASP C 50 -11.89 -7.46 -21.83
N THR C 51 -10.99 -7.45 -22.82
CA THR C 51 -9.67 -6.83 -22.69
C THR C 51 -9.31 -6.02 -23.93
N LYS C 52 -8.43 -5.03 -23.73
CA LYS C 52 -7.88 -4.23 -24.81
C LYS C 52 -6.36 -4.40 -24.85
N TYR C 53 -5.82 -4.72 -26.02
CA TYR C 53 -4.39 -4.91 -26.19
C TYR C 53 -3.67 -3.57 -26.30
N MET C 54 -2.66 -3.36 -25.45
CA MET C 54 -1.94 -2.08 -25.42
C MET C 54 -0.47 -2.15 -25.85
N GLY C 55 0.12 -3.31 -26.01
CA GLY C 55 1.53 -3.41 -26.36
C GLY C 55 2.14 -4.66 -25.77
N TYR C 56 3.47 -4.70 -25.80
CA TYR C 56 4.18 -5.89 -25.31
C TYR C 56 5.55 -5.51 -24.73
N LYS C 57 6.07 -6.40 -23.91
CA LYS C 57 7.41 -6.33 -23.35
C LYS C 57 8.19 -7.59 -23.68
N GLY C 58 9.35 -7.43 -24.33
CA GLY C 58 10.17 -8.56 -24.72
C GLY C 58 11.13 -8.95 -23.61
N LYS C 59 11.07 -10.23 -23.22
CA LYS C 59 11.94 -10.77 -22.18
C LYS C 59 12.57 -12.09 -22.63
N GLY C 60 13.81 -12.31 -22.20
CA GLY C 60 14.56 -13.48 -22.59
C GLY C 60 15.71 -13.76 -21.64
N SER C 61 16.44 -14.84 -21.93
CA SER C 61 17.59 -15.27 -21.13
C SER C 61 18.48 -16.18 -21.95
N ILE C 62 19.76 -16.20 -21.59
CA ILE C 62 20.77 -17.09 -22.15
C ILE C 62 21.51 -17.76 -21.00
N THR C 63 21.79 -19.05 -21.13
CA THR C 63 22.63 -19.78 -20.19
C THR C 63 23.83 -20.35 -20.95
N LEU C 64 25.03 -20.19 -20.39
CA LEU C 64 26.26 -20.68 -21.01
C LEU C 64 27.06 -21.50 -20.01
N TYR C 65 27.79 -22.49 -20.52
CA TYR C 65 28.90 -23.06 -19.77
C TYR C 65 30.02 -22.03 -19.67
N HIS C 66 30.67 -21.97 -18.52
CA HIS C 66 31.73 -20.98 -18.27
C HIS C 66 33.06 -21.49 -18.84
N VAL C 67 33.40 -21.02 -20.04
CA VAL C 67 34.66 -21.41 -20.68
C VAL C 67 35.52 -20.19 -20.98
N SER C 68 34.93 -19.00 -21.00
CA SER C 68 35.65 -17.78 -21.36
C SER C 68 34.98 -16.58 -20.69
N SER C 69 35.55 -15.40 -20.93
CA SER C 69 35.00 -14.14 -20.41
C SER C 69 34.22 -13.38 -21.48
N ARG C 70 33.21 -14.04 -22.07
CA ARG C 70 32.47 -13.44 -23.19
C ARG C 70 31.69 -12.19 -22.74
N MET C 71 30.87 -12.32 -21.70
CA MET C 71 30.02 -11.21 -21.27
C MET C 71 30.84 -10.04 -20.71
N HIS C 72 31.91 -10.35 -19.97
CA HIS C 72 32.80 -9.32 -19.45
C HIS C 72 33.28 -8.42 -20.57
N LYS C 73 33.82 -9.02 -21.62
CA LYS C 73 34.33 -8.23 -22.75
C LYS C 73 33.20 -7.51 -23.48
N LEU C 74 32.01 -8.10 -23.56
CA LEU C 74 30.93 -7.44 -24.29
C LEU C 74 30.48 -6.15 -23.59
N ILE C 75 30.33 -6.17 -22.26
CA ILE C 75 29.65 -5.01 -21.66
C ILE C 75 30.33 -4.33 -20.46
N GLY C 76 31.38 -4.94 -19.89
CA GLY C 76 31.85 -4.49 -18.58
C GLY C 76 32.34 -3.05 -18.55
N GLU C 77 33.28 -2.71 -19.43
CA GLU C 77 33.85 -1.37 -19.39
C GLU C 77 32.84 -0.30 -19.80
N LYS C 78 32.00 -0.60 -20.80
CA LYS C 78 31.00 0.38 -21.26
C LYS C 78 29.95 0.67 -20.20
N ILE C 79 29.49 -0.34 -19.46
CA ILE C 79 28.44 -0.13 -18.47
C ILE C 79 28.91 0.83 -17.38
N LYS C 80 30.16 0.70 -16.94
CA LYS C 80 30.68 1.56 -15.87
C LYS C 80 30.77 3.02 -16.31
N ARG C 81 30.95 3.27 -17.61
CA ARG C 81 31.08 4.64 -18.10
C ARG C 81 29.73 5.28 -18.43
N GLY C 82 28.63 4.54 -18.37
CA GLY C 82 27.34 5.09 -18.69
C GLY C 82 26.90 4.96 -20.14
N SER C 83 27.61 4.17 -20.95
CA SER C 83 27.22 3.87 -22.32
C SER C 83 26.66 2.46 -22.36
N GLU C 84 25.39 2.34 -22.72
CA GLU C 84 24.77 1.02 -22.74
C GLU C 84 24.76 0.47 -24.16
N PRO C 85 25.41 -0.65 -24.42
CA PRO C 85 25.39 -1.26 -25.76
C PRO C 85 24.15 -2.11 -25.99
N ARG C 86 23.78 -2.23 -27.27
CA ARG C 86 22.64 -3.02 -27.71
C ARG C 86 23.10 -4.04 -28.75
N PHE C 87 22.42 -5.19 -28.81
CA PHE C 87 22.92 -6.32 -29.58
C PHE C 87 21.82 -6.99 -30.41
N VAL C 88 22.26 -7.84 -31.33
CA VAL C 88 21.40 -8.67 -32.16
C VAL C 88 21.76 -10.14 -31.93
N ALA C 89 20.76 -10.98 -31.73
CA ALA C 89 20.97 -12.42 -31.58
C ALA C 89 20.17 -13.18 -32.63
N ILE C 90 20.73 -14.28 -33.13
CA ILE C 90 20.07 -15.15 -34.10
C ILE C 90 20.05 -16.57 -33.52
N SER C 91 18.85 -17.12 -33.36
CA SER C 91 18.70 -18.48 -32.86
C SER C 91 18.15 -19.38 -33.95
N LYS C 92 18.77 -20.55 -34.12
CA LYS C 92 18.39 -21.53 -35.13
C LYS C 92 18.10 -22.87 -34.45
N LEU C 93 17.02 -23.51 -34.87
CA LEU C 93 16.64 -24.84 -34.40
C LEU C 93 16.42 -25.73 -35.62
N ASN C 94 17.33 -26.67 -35.86
CA ASN C 94 17.27 -27.50 -37.08
C ASN C 94 17.45 -28.97 -36.69
N ASP C 95 16.36 -29.60 -36.27
CA ASP C 95 16.35 -31.02 -35.95
C ASP C 95 16.22 -31.84 -37.23
N PRO C 96 17.16 -32.76 -37.51
CA PRO C 96 17.10 -33.50 -38.79
C PRO C 96 15.83 -34.32 -38.97
N ASP C 97 15.16 -34.73 -37.89
CA ASP C 97 13.93 -35.50 -38.01
C ASP C 97 12.67 -34.64 -37.99
N SER C 98 12.80 -33.31 -37.90
CA SER C 98 11.64 -32.42 -37.91
C SER C 98 11.27 -32.02 -39.33
N TYR C 99 10.13 -31.31 -39.46
CA TYR C 99 9.65 -30.89 -40.77
C TYR C 99 10.61 -29.90 -41.43
N GLY C 100 11.14 -28.96 -40.68
CA GLY C 100 12.03 -27.95 -41.22
C GLY C 100 12.81 -27.25 -40.13
N ALA C 101 13.32 -26.06 -40.45
CA ALA C 101 14.12 -25.28 -39.52
C ALA C 101 13.37 -24.03 -39.09
N GLU C 102 13.71 -23.53 -37.90
CA GLU C 102 13.11 -22.33 -37.34
C GLU C 102 14.26 -21.39 -36.93
N ARG C 103 14.38 -20.26 -37.62
CA ARG C 103 15.46 -19.31 -37.39
C ARG C 103 14.86 -17.93 -37.16
N ILE C 104 15.26 -17.26 -36.08
CA ILE C 104 14.66 -15.99 -35.68
C ILE C 104 15.76 -15.05 -35.23
N ALA C 105 15.70 -13.79 -35.69
CA ALA C 105 16.58 -12.73 -35.23
C ALA C 105 15.89 -11.93 -34.13
N VAL C 106 16.57 -11.74 -33.01
CA VAL C 106 16.07 -10.93 -31.88
C VAL C 106 16.95 -9.69 -31.78
N LYS C 107 16.34 -8.51 -31.79
CA LYS C 107 17.06 -7.27 -31.98
C LYS C 107 16.84 -6.27 -30.85
N ASN C 108 17.76 -5.30 -30.76
CA ASN C 108 17.75 -4.26 -29.72
C ASN C 108 17.79 -4.89 -28.31
N ILE C 109 18.70 -5.84 -28.12
CA ILE C 109 18.83 -6.57 -26.88
C ILE C 109 19.63 -5.76 -25.87
N ALA C 110 19.10 -5.61 -24.66
CA ALA C 110 19.82 -5.01 -23.54
C ALA C 110 19.83 -6.01 -22.37
N PHE C 111 21.03 -6.34 -21.90
CA PHE C 111 21.18 -7.31 -20.82
C PHE C 111 20.79 -6.70 -19.48
N ASP C 112 20.39 -7.58 -18.55
CA ASP C 112 19.85 -7.14 -17.27
C ASP C 112 20.91 -7.00 -16.17
N ASP C 113 22.04 -7.69 -16.29
CA ASP C 113 23.07 -7.68 -15.25
C ASP C 113 24.40 -8.12 -15.86
N LEU C 114 25.40 -8.29 -14.99
CA LEU C 114 26.70 -8.85 -15.37
C LEU C 114 27.29 -9.63 -14.20
N THR C 115 27.59 -10.90 -14.44
CA THR C 115 28.23 -11.76 -13.43
C THR C 115 29.74 -11.60 -13.54
N LEU C 116 30.35 -11.09 -12.47
CA LEU C 116 31.81 -11.01 -12.41
C LEU C 116 32.43 -12.32 -11.96
N ALA C 117 31.90 -12.93 -10.90
CA ALA C 117 32.37 -14.23 -10.45
C ALA C 117 31.22 -14.98 -9.78
N ASP C 118 31.15 -16.29 -10.01
CA ASP C 118 30.21 -17.15 -9.30
C ASP C 118 30.79 -18.57 -9.32
N TRP C 119 31.53 -18.94 -8.27
CA TRP C 119 32.12 -20.27 -8.23
C TRP C 119 31.97 -20.88 -6.85
N GLU C 120 31.94 -22.22 -6.82
CA GLU C 120 31.80 -23.03 -5.64
C GLU C 120 32.63 -24.30 -5.80
N VAL C 121 33.33 -24.69 -4.74
CA VAL C 121 34.18 -25.88 -4.79
C VAL C 121 33.32 -27.10 -5.08
N GLY C 122 33.77 -27.94 -6.01
CA GLY C 122 33.04 -29.13 -6.41
C GLY C 122 31.88 -28.92 -7.36
N VAL C 123 31.71 -27.72 -7.91
CA VAL C 123 30.60 -27.39 -8.80
C VAL C 123 31.16 -26.80 -10.08
N LYS C 124 30.67 -27.28 -11.23
CA LYS C 124 31.09 -26.73 -12.52
C LYS C 124 30.40 -25.40 -12.80
N GLY C 125 31.11 -24.52 -13.50
CA GLY C 125 30.65 -23.15 -13.70
C GLY C 125 29.63 -22.99 -14.82
N GLU C 126 28.63 -22.14 -14.58
CA GLU C 126 27.60 -21.79 -15.55
C GLU C 126 27.27 -20.31 -15.37
N ILE C 127 26.81 -19.67 -16.45
CA ILE C 127 26.44 -18.26 -16.44
C ILE C 127 25.01 -18.09 -16.96
N GLU C 128 24.18 -17.40 -16.19
CA GLU C 128 22.81 -17.08 -16.57
C GLU C 128 22.67 -15.59 -16.80
N ALA C 129 22.23 -15.19 -18.00
CA ALA C 129 22.21 -13.79 -18.42
C ALA C 129 20.84 -13.38 -18.97
N PRO C 130 19.96 -12.83 -18.13
CA PRO C 130 18.66 -12.34 -18.62
C PRO C 130 18.79 -11.04 -19.42
N PHE C 131 17.78 -10.77 -20.24
CA PHE C 131 17.78 -9.58 -21.09
C PHE C 131 16.37 -9.18 -21.48
N THR C 132 16.26 -7.99 -22.07
CA THR C 132 15.03 -7.47 -22.68
C THR C 132 15.32 -7.10 -24.14
N PHE C 133 14.25 -6.96 -24.93
CA PHE C 133 14.38 -6.69 -26.36
C PHE C 133 13.08 -6.07 -26.88
N THR C 134 13.15 -5.47 -28.10
CA THR C 134 11.95 -4.80 -28.61
C THR C 134 11.51 -5.24 -30.01
N GLU C 135 12.40 -5.82 -30.82
CA GLU C 135 12.05 -6.18 -32.20
C GLU C 135 12.55 -7.59 -32.56
N TYR C 136 12.03 -8.11 -33.67
CA TYR C 136 12.39 -9.44 -34.17
C TYR C 136 12.05 -9.58 -35.65
N ASP C 137 12.63 -10.60 -36.28
CA ASP C 137 12.37 -10.94 -37.68
C ASP C 137 12.33 -12.46 -37.86
N PHE C 138 11.43 -12.91 -38.72
CA PHE C 138 11.27 -14.32 -39.05
C PHE C 138 12.11 -14.62 -40.29
N LEU C 139 13.09 -15.51 -40.14
CA LEU C 139 13.80 -16.11 -41.27
C LEU C 139 13.63 -17.62 -41.17
N ASP C 140 12.99 -18.25 -42.15
CA ASP C 140 12.75 -19.70 -42.10
C ASP C 140 11.89 -20.11 -40.89
N ILE C 141 10.61 -19.82 -40.99
CA ILE C 141 9.64 -20.47 -40.12
C ILE C 141 9.12 -21.73 -40.78
N ILE C 142 8.51 -22.60 -39.98
CA ILE C 142 7.99 -23.87 -40.48
C ILE C 142 6.50 -23.75 -40.77
N ASN D 3 -22.13 -3.67 -31.97
CA ASN D 3 -21.29 -2.74 -32.71
C ASN D 3 -20.04 -2.35 -31.92
N MET D 4 -20.17 -2.09 -30.61
CA MET D 4 -19.01 -1.67 -29.84
C MET D 4 -18.32 -2.88 -29.23
N GLU D 5 -16.99 -2.85 -29.24
CA GLU D 5 -16.15 -3.91 -28.73
C GLU D 5 -15.01 -3.28 -27.96
N ALA D 6 -14.38 -4.07 -27.10
CA ALA D 6 -13.23 -3.59 -26.35
C ALA D 6 -12.10 -3.11 -27.26
N ARG D 7 -11.93 -3.72 -28.43
CA ARG D 7 -10.85 -3.32 -29.34
C ARG D 7 -11.03 -1.92 -29.90
N ASN D 8 -12.25 -1.38 -29.91
CA ASN D 8 -12.51 -0.06 -30.48
C ASN D 8 -12.01 1.08 -29.60
N VAL D 9 -11.69 0.84 -28.32
CA VAL D 9 -11.22 1.91 -27.44
C VAL D 9 -9.85 2.39 -27.91
N MET D 10 -9.69 3.71 -28.04
CA MET D 10 -8.46 4.28 -28.56
C MET D 10 -7.34 4.25 -27.53
N SER D 11 -6.20 3.68 -27.91
CA SER D 11 -5.02 3.66 -27.06
C SER D 11 -4.18 4.91 -27.27
N GLY D 12 -3.66 5.46 -26.17
CA GLY D 12 -2.81 6.64 -26.22
C GLY D 12 -1.44 6.45 -26.85
N THR D 13 -0.98 5.20 -26.99
CA THR D 13 0.30 4.95 -27.66
C THR D 13 0.25 5.32 -29.14
N TRP D 14 -0.94 5.41 -29.74
CA TRP D 14 -1.09 5.78 -31.15
C TRP D 14 -1.32 7.27 -31.34
N GLY D 15 -0.87 8.10 -30.41
CA GLY D 15 -0.97 9.54 -30.54
C GLY D 15 0.28 10.18 -31.13
N GLU D 16 0.09 11.26 -31.87
CA GLU D 16 1.19 12.04 -32.44
C GLU D 16 0.89 13.52 -32.31
N LEU D 17 1.96 14.33 -32.31
CA LEU D 17 1.85 15.76 -32.02
C LEU D 17 2.78 16.58 -32.91
N TRP D 18 2.26 17.66 -33.47
CA TRP D 18 3.04 18.68 -34.17
C TRP D 18 2.95 19.99 -33.40
N LEU D 19 4.08 20.67 -33.23
CA LEU D 19 4.12 21.95 -32.51
C LEU D 19 4.90 22.97 -33.35
N ASP D 20 4.22 24.05 -33.72
CA ASP D 20 4.81 25.11 -34.56
C ASP D 20 5.35 24.55 -35.87
N GLY D 21 4.64 23.55 -36.42
CA GLY D 21 5.01 22.91 -37.66
C GLY D 21 6.00 21.77 -37.57
N ASN D 22 6.57 21.52 -36.40
CA ASN D 22 7.61 20.51 -36.23
C ASN D 22 7.08 19.34 -35.40
N LYS D 23 7.30 18.13 -35.89
CA LYS D 23 6.86 16.94 -35.17
C LYS D 23 7.71 16.74 -33.91
N VAL D 24 7.08 16.33 -32.82
CA VAL D 24 7.77 16.12 -31.55
C VAL D 24 7.66 14.64 -31.22
N ALA D 25 8.73 13.91 -31.49
CA ALA D 25 8.75 12.47 -31.32
C ALA D 25 8.84 12.03 -29.85
N GLU D 26 9.13 12.95 -28.93
CA GLU D 26 9.40 12.62 -27.54
C GLU D 26 8.18 12.89 -26.66
N VAL D 27 7.01 13.03 -27.28
CA VAL D 27 5.79 13.40 -26.57
C VAL D 27 5.33 12.23 -25.70
N LYS D 28 4.96 12.53 -24.45
CA LYS D 28 4.40 11.58 -23.50
C LYS D 28 2.88 11.70 -23.35
N LYS D 29 2.35 12.91 -23.26
CA LYS D 29 0.89 13.09 -23.21
C LYS D 29 0.52 14.48 -23.68
N PHE D 30 -0.76 14.64 -24.05
CA PHE D 30 -1.31 15.88 -24.57
C PHE D 30 -2.75 16.04 -24.11
N GLN D 31 -3.08 17.24 -23.64
CA GLN D 31 -4.39 17.56 -23.08
C GLN D 31 -4.84 18.91 -23.63
N ALA D 32 -6.13 19.03 -23.94
CA ALA D 32 -6.72 20.31 -24.33
C ALA D 32 -8.23 20.26 -24.07
N LYS D 33 -8.74 21.26 -23.38
CA LYS D 33 -10.12 21.22 -22.88
C LYS D 33 -10.66 22.64 -22.70
N MET D 34 -11.95 22.80 -22.99
CA MET D 34 -12.63 24.09 -22.87
C MET D 34 -13.54 24.09 -21.64
N GLU D 35 -13.23 24.96 -20.68
CA GLU D 35 -14.02 25.09 -19.45
C GLU D 35 -15.04 26.22 -19.62
N PHE D 36 -16.32 25.90 -19.48
CA PHE D 36 -17.37 26.88 -19.70
C PHE D 36 -17.58 27.75 -18.46
N THR D 37 -17.90 29.02 -18.68
CA THR D 37 -18.27 29.95 -17.62
C THR D 37 -19.79 30.01 -17.53
N LYS D 38 -20.34 29.66 -16.37
CA LYS D 38 -21.78 29.60 -16.15
C LYS D 38 -22.17 30.38 -14.90
N GLU D 39 -23.26 31.13 -15.00
CA GLU D 39 -23.77 31.94 -13.91
C GLU D 39 -25.14 31.45 -13.48
N ASP D 40 -25.35 31.29 -12.17
CA ASP D 40 -26.63 30.85 -11.64
C ASP D 40 -27.70 31.91 -11.87
N ILE D 41 -28.93 31.46 -12.11
CA ILE D 41 -30.08 32.33 -12.30
C ILE D 41 -31.29 31.65 -11.68
N ILE D 42 -31.91 32.32 -10.70
CA ILE D 42 -33.11 31.83 -10.04
C ILE D 42 -34.33 32.48 -10.69
N ILE D 43 -35.25 31.66 -11.16
CA ILE D 43 -36.49 32.13 -11.79
C ILE D 43 -37.61 32.09 -10.76
N ALA D 44 -38.35 33.19 -10.64
CA ALA D 44 -39.48 33.24 -9.72
C ALA D 44 -40.50 32.15 -10.06
N GLY D 45 -40.92 31.42 -9.04
CA GLY D 45 -41.84 30.32 -9.19
C GLY D 45 -41.24 28.98 -9.56
N GLN D 46 -39.92 28.86 -9.63
CA GLN D 46 -39.25 27.62 -10.01
C GLN D 46 -38.26 27.20 -8.93
N MET D 47 -38.38 25.95 -8.48
CA MET D 47 -37.49 25.45 -7.42
C MET D 47 -36.10 25.12 -7.94
N GLY D 48 -35.98 24.61 -9.16
CA GLY D 48 -34.68 24.29 -9.73
C GLY D 48 -33.95 25.50 -10.30
N THR D 49 -32.76 25.79 -9.78
CA THR D 49 -31.97 26.91 -10.28
C THR D 49 -31.30 26.57 -11.61
N ASP D 50 -31.41 27.48 -12.57
CA ASP D 50 -30.88 27.32 -13.93
C ASP D 50 -29.58 28.11 -14.09
N THR D 51 -29.00 28.04 -15.28
CA THR D 51 -27.73 28.68 -15.58
C THR D 51 -27.76 29.36 -16.95
N LYS D 52 -26.90 30.37 -17.10
CA LYS D 52 -26.72 31.07 -18.37
C LYS D 52 -25.26 30.91 -18.80
N TYR D 53 -25.07 30.44 -20.04
CA TYR D 53 -23.74 30.26 -20.59
C TYR D 53 -23.14 31.61 -20.98
N MET D 54 -21.90 31.86 -20.56
CA MET D 54 -21.27 33.15 -20.78
C MET D 54 -19.99 33.12 -21.61
N GLY D 55 -19.35 31.97 -21.81
CA GLY D 55 -18.10 31.90 -22.51
C GLY D 55 -17.29 30.68 -22.06
N TYR D 56 -16.03 30.66 -22.48
CA TYR D 56 -15.16 29.52 -22.16
C TYR D 56 -13.70 29.95 -22.07
N LYS D 57 -12.92 29.17 -21.32
CA LYS D 57 -11.48 29.34 -21.22
C LYS D 57 -10.80 28.03 -21.58
N GLY D 58 -9.90 28.08 -22.57
CA GLY D 58 -9.18 26.90 -23.02
C GLY D 58 -7.93 26.67 -22.19
N LYS D 59 -7.79 25.44 -21.69
CA LYS D 59 -6.65 25.04 -20.87
C LYS D 59 -6.13 23.70 -21.36
N GLY D 60 -4.81 23.51 -21.26
CA GLY D 60 -4.17 22.31 -21.78
C GLY D 60 -2.79 22.09 -21.18
N SER D 61 -2.14 21.00 -21.60
CA SER D 61 -0.80 20.65 -21.12
C SER D 61 -0.13 19.66 -22.07
N ILE D 62 1.19 19.72 -22.11
CA ILE D 62 2.04 18.77 -22.84
C ILE D 62 3.11 18.26 -21.89
N THR D 63 3.36 16.95 -21.92
CA THR D 63 4.47 16.34 -21.20
C THR D 63 5.42 15.68 -22.19
N LEU D 64 6.72 15.93 -22.04
CA LEU D 64 7.74 15.37 -22.92
C LEU D 64 8.83 14.68 -22.12
N TYR D 65 9.43 13.64 -22.71
CA TYR D 65 10.72 13.17 -22.26
C TYR D 65 11.79 14.21 -22.60
N HIS D 66 12.73 14.40 -21.69
CA HIS D 66 13.77 15.43 -21.85
C HIS D 66 14.90 14.88 -22.70
N VAL D 67 14.90 15.24 -23.99
CA VAL D 67 15.94 14.77 -24.92
C VAL D 67 16.67 15.95 -25.55
N SER D 68 16.09 17.15 -25.47
CA SER D 68 16.68 18.33 -26.09
C SER D 68 16.13 19.59 -25.43
N SER D 69 16.59 20.75 -25.90
CA SER D 69 16.16 22.05 -25.36
C SER D 69 15.10 22.70 -26.24
N ARG D 70 14.00 21.97 -26.48
CA ARG D 70 12.97 22.45 -27.40
C ARG D 70 12.30 23.74 -26.89
N MET D 71 11.79 23.69 -25.65
CA MET D 71 11.04 24.84 -25.11
C MET D 71 11.94 26.05 -24.90
N HIS D 72 13.19 25.82 -24.48
CA HIS D 72 14.14 26.92 -24.33
C HIS D 72 14.24 27.71 -25.63
N LYS D 73 14.50 27.00 -26.75
CA LYS D 73 14.64 27.66 -28.04
C LYS D 73 13.32 28.29 -28.49
N LEU D 74 12.18 27.69 -28.14
CA LEU D 74 10.92 28.26 -28.59
C LEU D 74 10.62 29.60 -27.91
N ILE D 75 10.85 29.72 -26.59
CA ILE D 75 10.29 30.90 -25.92
C ILE D 75 11.24 31.73 -25.04
N GLY D 76 12.42 31.20 -24.70
CA GLY D 76 13.19 31.79 -23.61
C GLY D 76 13.62 33.23 -23.88
N GLU D 77 14.26 33.47 -25.03
CA GLU D 77 14.77 34.80 -25.31
C GLU D 77 13.64 35.82 -25.48
N LYS D 78 12.57 35.43 -26.17
CA LYS D 78 11.46 36.35 -26.43
C LYS D 78 10.73 36.74 -25.14
N ILE D 79 10.56 35.80 -24.21
CA ILE D 79 9.85 36.11 -22.97
C ILE D 79 10.62 37.17 -22.15
N LYS D 80 11.95 37.11 -22.18
CA LYS D 80 12.75 38.06 -21.42
C LYS D 80 12.61 39.49 -21.96
N ARG D 81 12.48 39.63 -23.28
CA ARG D 81 12.36 40.94 -23.92
C ARG D 81 10.95 41.51 -23.86
N GLY D 82 9.95 40.71 -23.48
CA GLY D 82 8.59 41.18 -23.39
C GLY D 82 7.69 40.89 -24.57
N SER D 83 8.17 40.18 -25.59
CA SER D 83 7.37 39.87 -26.77
C SER D 83 6.96 38.40 -26.72
N GLU D 84 5.70 38.15 -26.35
CA GLU D 84 5.16 36.81 -26.14
C GLU D 84 4.78 36.16 -27.46
N PRO D 85 5.31 34.99 -27.79
CA PRO D 85 4.91 34.30 -29.02
C PRO D 85 3.69 33.41 -28.80
N ARG D 86 3.01 33.12 -29.92
CA ARG D 86 1.83 32.26 -29.94
C ARG D 86 2.01 31.15 -30.97
N PHE D 87 1.41 29.99 -30.70
CA PHE D 87 1.72 28.78 -31.46
C PHE D 87 0.46 28.05 -31.90
N VAL D 88 0.66 27.10 -32.82
CA VAL D 88 -0.37 26.17 -33.28
C VAL D 88 0.12 24.75 -33.03
N ALA D 89 -0.75 23.92 -32.45
CA ALA D 89 -0.44 22.50 -32.24
C ALA D 89 -1.50 21.64 -32.91
N ILE D 90 -1.07 20.52 -33.48
CA ILE D 90 -1.96 19.55 -34.11
C ILE D 90 -1.78 18.20 -33.43
N SER D 91 -2.89 17.63 -32.95
CA SER D 91 -2.88 16.32 -32.30
C SER D 91 -3.64 15.32 -33.16
N LYS D 92 -3.05 14.13 -33.30
CA LYS D 92 -3.64 13.05 -34.08
C LYS D 92 -3.69 11.78 -33.26
N LEU D 93 -4.82 11.11 -33.26
CA LEU D 93 -5.01 9.83 -32.59
C LEU D 93 -5.53 8.84 -33.63
N ASN D 94 -4.68 7.88 -34.04
CA ASN D 94 -5.01 6.93 -35.11
C ASN D 94 -4.68 5.50 -34.65
N ASP D 95 -5.60 4.90 -33.92
CA ASP D 95 -5.46 3.51 -33.48
C ASP D 95 -5.96 2.58 -34.57
N PRO D 96 -5.13 1.64 -35.06
CA PRO D 96 -5.57 0.79 -36.18
C PRO D 96 -6.82 -0.05 -35.90
N ASP D 97 -7.12 -0.35 -34.63
CA ASP D 97 -8.31 -1.13 -34.28
C ASP D 97 -9.54 -0.27 -33.99
N SER D 98 -9.47 1.05 -34.15
CA SER D 98 -10.61 1.92 -33.92
C SER D 98 -11.34 2.22 -35.23
N TYR D 99 -12.47 2.96 -35.13
CA TYR D 99 -13.26 3.28 -36.31
C TYR D 99 -12.49 4.18 -37.27
N GLY D 100 -11.74 5.13 -36.76
CA GLY D 100 -11.03 6.07 -37.60
C GLY D 100 -10.09 6.96 -36.83
N ALA D 101 -9.58 8.00 -37.49
CA ALA D 101 -8.62 8.91 -36.91
C ALA D 101 -9.32 10.17 -36.38
N GLU D 102 -8.75 10.75 -35.33
CA GLU D 102 -9.22 11.99 -34.73
C GLU D 102 -8.05 12.98 -34.76
N ARG D 103 -8.17 14.03 -35.57
CA ARG D 103 -7.12 15.03 -35.75
C ARG D 103 -7.68 16.41 -35.43
N ILE D 104 -6.99 17.17 -34.60
CA ILE D 104 -7.48 18.47 -34.13
C ILE D 104 -6.33 19.47 -34.11
N ALA D 105 -6.60 20.68 -34.58
CA ALA D 105 -5.66 21.80 -34.47
C ALA D 105 -6.07 22.70 -33.32
N VAL D 106 -5.13 23.00 -32.43
CA VAL D 106 -5.34 23.89 -31.29
C VAL D 106 -4.50 25.15 -31.54
N LYS D 107 -5.15 26.31 -31.58
CA LYS D 107 -4.52 27.53 -32.07
C LYS D 107 -4.48 28.63 -31.01
N ASN D 108 -3.61 29.63 -31.26
CA ASN D 108 -3.37 30.75 -30.34
C ASN D 108 -2.94 30.26 -28.95
N ILE D 109 -2.00 29.34 -28.93
CA ILE D 109 -1.50 28.74 -27.70
C ILE D 109 -0.49 29.69 -27.03
N ALA D 110 -0.67 29.92 -25.74
CA ALA D 110 0.29 30.66 -24.91
C ALA D 110 0.70 29.80 -23.72
N PHE D 111 1.99 29.52 -23.60
CA PHE D 111 2.50 28.66 -22.53
C PHE D 111 2.50 29.40 -21.19
N ASP D 112 2.31 28.62 -20.12
CA ASP D 112 2.20 29.17 -18.76
C ASP D 112 3.54 29.42 -18.08
N ASP D 113 4.60 28.71 -18.45
CA ASP D 113 5.88 28.82 -17.75
C ASP D 113 7.00 28.30 -18.64
N LEU D 114 8.21 28.24 -18.09
CA LEU D 114 9.35 27.65 -18.76
C LEU D 114 10.26 26.99 -17.73
N THR D 115 10.57 25.70 -17.93
CA THR D 115 11.47 24.97 -17.06
C THR D 115 12.89 25.08 -17.59
N LEU D 116 13.78 25.71 -16.82
CA LEU D 116 15.19 25.79 -17.19
C LEU D 116 15.95 24.52 -16.80
N ALA D 117 15.72 23.99 -15.60
CA ALA D 117 16.34 22.75 -15.16
C ALA D 117 15.43 22.06 -14.14
N ASP D 118 15.36 20.74 -14.23
CA ASP D 118 14.69 19.92 -13.22
C ASP D 118 15.31 18.52 -13.26
N TRP D 119 16.34 18.28 -12.45
CA TRP D 119 16.99 16.97 -12.45
C TRP D 119 17.24 16.50 -11.02
N GLU D 120 17.20 15.18 -10.86
CA GLU D 120 17.46 14.49 -9.59
C GLU D 120 18.24 13.22 -9.86
N VAL D 121 19.24 12.95 -9.02
CA VAL D 121 20.07 11.76 -9.17
C VAL D 121 19.18 10.52 -9.12
N GLY D 122 19.41 9.60 -10.05
CA GLY D 122 18.63 8.37 -10.12
C GLY D 122 17.26 8.49 -10.75
N VAL D 123 16.92 9.63 -11.36
CA VAL D 123 15.60 9.86 -11.94
C VAL D 123 15.78 10.29 -13.40
N LYS D 124 15.00 9.69 -14.31
CA LYS D 124 14.99 10.14 -15.69
C LYS D 124 14.23 11.45 -15.85
N GLY D 125 14.68 12.28 -16.78
CA GLY D 125 14.16 13.63 -16.92
C GLY D 125 12.86 13.71 -17.73
N GLU D 126 11.94 14.53 -17.23
CA GLU D 126 10.66 14.80 -17.90
C GLU D 126 10.33 16.28 -17.73
N ILE D 127 9.52 16.80 -18.67
CA ILE D 127 9.13 18.22 -18.68
C ILE D 127 7.60 18.31 -18.81
N GLU D 128 6.99 19.13 -17.95
CA GLU D 128 5.56 19.40 -18.01
C GLU D 128 5.33 20.86 -18.36
N ALA D 129 4.56 21.11 -19.42
CA ALA D 129 4.39 22.45 -19.98
C ALA D 129 2.91 22.80 -20.14
N PRO D 130 2.28 23.39 -19.13
CA PRO D 130 0.88 23.83 -19.27
C PRO D 130 0.74 25.05 -20.18
N PHE D 131 -0.46 25.22 -20.74
CA PHE D 131 -0.73 26.32 -21.66
C PHE D 131 -2.21 26.70 -21.64
N THR D 132 -2.51 27.84 -22.28
CA THR D 132 -3.88 28.29 -22.55
C THR D 132 -4.03 28.53 -24.05
N PHE D 133 -5.28 28.54 -24.52
CA PHE D 133 -5.58 28.68 -25.94
C PHE D 133 -6.98 29.25 -26.12
N THR D 134 -7.28 29.72 -27.36
CA THR D 134 -8.61 30.30 -27.60
C THR D 134 -9.37 29.68 -28.77
N GLU D 135 -8.68 29.05 -29.72
CA GLU D 135 -9.34 28.58 -30.94
C GLU D 135 -8.97 27.13 -31.24
N TYR D 136 -9.79 26.48 -32.08
CA TYR D 136 -9.51 25.13 -32.54
C TYR D 136 -10.22 24.87 -33.87
N ASP D 137 -9.82 23.80 -34.54
CA ASP D 137 -10.45 23.35 -35.79
C ASP D 137 -10.43 21.82 -35.87
N PHE D 138 -11.51 21.26 -36.42
CA PHE D 138 -11.68 19.83 -36.58
C PHE D 138 -11.23 19.40 -37.96
N LEU D 139 -10.24 18.50 -38.02
CA LEU D 139 -9.86 17.80 -39.25
C LEU D 139 -9.93 16.31 -38.97
N ASP D 140 -10.72 15.55 -39.72
CA ASP D 140 -10.88 14.11 -39.45
C ASP D 140 -11.47 13.86 -38.05
N ILE D 141 -12.77 14.09 -37.95
CA ILE D 141 -13.53 13.56 -36.82
C ILE D 141 -14.10 12.18 -37.16
N ILE D 142 -14.52 11.46 -36.13
CA ILE D 142 -15.09 10.13 -36.33
C ILE D 142 -16.62 10.19 -36.38
N ASN E 3 -42.18 30.73 -20.82
CA ASN E 3 -41.65 31.71 -21.78
C ASN E 3 -40.28 32.20 -21.36
N MET E 4 -40.14 32.59 -20.09
CA MET E 4 -38.87 33.06 -19.57
C MET E 4 -37.95 31.88 -19.26
N GLU E 5 -36.75 31.92 -19.81
CA GLU E 5 -35.72 30.90 -19.59
C GLU E 5 -34.40 31.63 -19.35
N ALA E 6 -33.51 30.98 -18.59
CA ALA E 6 -32.23 31.57 -18.26
C ALA E 6 -31.43 31.96 -19.50
N ARG E 7 -31.55 31.21 -20.61
CA ARG E 7 -30.83 31.53 -21.83
C ARG E 7 -31.21 32.87 -22.42
N ASN E 8 -32.42 33.35 -22.18
CA ASN E 8 -32.89 34.60 -22.76
C ASN E 8 -32.24 35.85 -22.16
N VAL E 9 -31.59 35.74 -20.99
CA VAL E 9 -30.95 36.88 -20.37
C VAL E 9 -29.76 37.32 -21.22
N MET E 10 -29.67 38.63 -21.49
CA MET E 10 -28.66 39.14 -22.42
C MET E 10 -27.28 39.21 -21.76
N SER E 11 -26.29 38.66 -22.44
CA SER E 11 -24.90 38.71 -21.98
C SER E 11 -24.19 39.94 -22.53
N GLY E 12 -23.43 40.62 -21.68
CA GLY E 12 -22.67 41.79 -22.06
C GLY E 12 -21.54 41.55 -23.04
N THR E 13 -21.06 40.31 -23.17
CA THR E 13 -20.04 40.01 -24.17
C THR E 13 -20.54 40.22 -25.59
N TRP E 14 -21.86 40.29 -25.81
CA TRP E 14 -22.42 40.53 -27.13
C TRP E 14 -22.74 42.00 -27.39
N GLY E 15 -22.08 42.92 -26.69
CA GLY E 15 -22.24 44.35 -26.93
C GLY E 15 -21.29 44.88 -27.98
N GLU E 16 -21.74 45.92 -28.70
CA GLU E 16 -20.92 46.61 -29.70
C GLU E 16 -21.18 48.11 -29.60
N LEU E 17 -20.20 48.91 -30.03
CA LEU E 17 -20.26 50.36 -29.86
C LEU E 17 -19.61 51.09 -31.02
N TRP E 18 -20.30 52.10 -31.53
CA TRP E 18 -19.77 53.06 -32.48
C TRP E 18 -19.69 54.42 -31.81
N LEU E 19 -18.60 55.15 -32.03
CA LEU E 19 -18.41 56.49 -31.48
C LEU E 19 -17.93 57.41 -32.59
N ASP E 20 -18.68 58.48 -32.86
CA ASP E 20 -18.34 59.43 -33.92
C ASP E 20 -18.23 58.74 -35.27
N GLY E 21 -19.07 57.71 -35.47
CA GLY E 21 -19.09 56.94 -36.70
C GLY E 21 -18.08 55.82 -36.82
N ASN E 22 -17.20 55.64 -35.82
CA ASN E 22 -16.14 54.65 -35.89
C ASN E 22 -16.39 53.56 -34.85
N LYS E 23 -16.16 52.32 -35.26
CA LYS E 23 -16.28 51.19 -34.34
C LYS E 23 -15.14 51.18 -33.33
N VAL E 24 -15.45 50.93 -32.06
CA VAL E 24 -14.43 50.85 -31.02
C VAL E 24 -14.39 49.41 -30.54
N ALA E 25 -13.40 48.66 -31.04
CA ALA E 25 -13.30 47.23 -30.75
C ALA E 25 -12.80 46.95 -29.33
N GLU E 26 -12.24 47.93 -28.63
CA GLU E 26 -11.57 47.67 -27.36
C GLU E 26 -12.50 48.05 -26.20
N VAL E 27 -13.81 47.99 -26.44
CA VAL E 27 -14.79 48.49 -25.48
C VAL E 27 -15.01 47.43 -24.42
N LYS E 28 -15.04 47.85 -23.15
CA LYS E 28 -15.24 46.98 -22.01
C LYS E 28 -16.62 47.13 -21.36
N LYS E 29 -17.16 48.34 -21.30
CA LYS E 29 -18.52 48.55 -20.81
C LYS E 29 -19.06 49.87 -21.34
N PHE E 30 -20.39 49.95 -21.42
CA PHE E 30 -21.10 51.14 -21.86
C PHE E 30 -22.35 51.34 -21.00
N GLN E 31 -22.54 52.59 -20.58
CA GLN E 31 -23.57 52.98 -19.63
C GLN E 31 -24.25 54.26 -20.12
N ALA E 32 -25.56 54.35 -19.95
CA ALA E 32 -26.30 55.57 -20.26
C ALA E 32 -27.67 55.53 -19.56
N LYS E 33 -27.94 56.54 -18.73
CA LYS E 33 -29.16 56.57 -17.93
C LYS E 33 -29.66 58.01 -17.83
N MET E 34 -30.99 58.15 -17.79
CA MET E 34 -31.65 59.44 -17.60
C MET E 34 -32.14 59.57 -16.17
N GLU E 35 -31.60 60.54 -15.43
CA GLU E 35 -31.94 60.78 -14.03
C GLU E 35 -33.04 61.84 -13.97
N PHE E 36 -34.21 61.47 -13.46
CA PHE E 36 -35.33 62.41 -13.43
C PHE E 36 -35.19 63.39 -12.27
N THR E 37 -35.57 64.65 -12.52
CA THR E 37 -35.64 65.68 -11.50
C THR E 37 -37.08 65.77 -10.99
N LYS E 38 -37.28 65.49 -9.71
CA LYS E 38 -38.62 65.46 -9.11
C LYS E 38 -38.68 66.39 -7.90
N GLU E 39 -39.78 67.13 -7.81
CA GLU E 39 -40.02 68.09 -6.73
C GLU E 39 -41.17 67.63 -5.86
N ASP E 40 -40.95 67.59 -4.55
CA ASP E 40 -41.99 67.17 -3.61
C ASP E 40 -43.13 68.18 -3.58
N ILE E 41 -44.36 67.66 -3.52
CA ILE E 41 -45.57 68.48 -3.41
C ILE E 41 -46.45 67.87 -2.32
N ILE E 42 -46.77 68.67 -1.31
CA ILE E 42 -47.68 68.26 -0.24
C ILE E 42 -49.07 68.84 -0.56
N ILE E 43 -50.07 67.96 -0.64
CA ILE E 43 -51.44 68.34 -0.96
C ILE E 43 -52.26 68.40 0.32
N ALA E 44 -52.98 69.50 0.51
CA ALA E 44 -53.81 69.66 1.71
C ALA E 44 -54.84 68.54 1.81
N GLY E 45 -54.86 67.87 2.96
CA GLY E 45 -55.78 66.77 3.20
C GLY E 45 -55.27 65.40 2.81
N GLN E 46 -54.05 65.28 2.29
CA GLN E 46 -53.49 64.00 1.86
C GLN E 46 -52.22 63.72 2.65
N MET E 47 -52.15 62.53 3.25
CA MET E 47 -51.00 62.15 4.08
C MET E 47 -49.76 61.80 3.25
N GLY E 48 -49.94 61.18 2.09
CA GLY E 48 -48.80 60.81 1.28
C GLY E 48 -48.28 61.93 0.39
N THR E 49 -47.03 62.32 0.56
CA THR E 49 -46.42 63.34 -0.28
C THR E 49 -46.29 62.86 -1.73
N ASP E 50 -46.67 63.72 -2.68
CA ASP E 50 -46.58 63.45 -4.11
C ASP E 50 -45.40 64.20 -4.71
N THR E 51 -45.18 63.99 -6.01
CA THR E 51 -44.05 64.58 -6.73
C THR E 51 -44.50 65.14 -8.08
N LYS E 52 -43.74 66.11 -8.57
CA LYS E 52 -43.94 66.69 -9.89
C LYS E 52 -42.67 66.49 -10.72
N TYR E 53 -42.84 66.00 -11.95
CA TYR E 53 -41.70 65.77 -12.84
C TYR E 53 -41.30 67.07 -13.55
N MET E 54 -40.02 67.44 -13.43
CA MET E 54 -39.54 68.70 -13.99
C MET E 54 -38.55 68.55 -15.15
N GLY E 55 -37.93 67.40 -15.35
CA GLY E 55 -36.95 67.24 -16.40
C GLY E 55 -36.01 66.09 -16.07
N TYR E 56 -34.93 65.99 -16.86
CA TYR E 56 -33.98 64.90 -16.67
C TYR E 56 -32.56 65.35 -17.01
N LYS E 57 -31.60 64.63 -16.43
CA LYS E 57 -30.18 64.84 -16.69
C LYS E 57 -29.56 63.54 -17.18
N GLY E 58 -28.96 63.57 -18.36
CA GLY E 58 -28.37 62.38 -18.97
C GLY E 58 -26.94 62.18 -18.50
N LYS E 59 -26.66 60.97 -18.00
CA LYS E 59 -25.33 60.60 -17.53
C LYS E 59 -24.95 59.21 -18.04
N GLY E 60 -23.68 59.05 -18.39
CA GLY E 60 -23.15 57.77 -18.83
C GLY E 60 -21.65 57.68 -18.67
N SER E 61 -21.10 56.55 -19.10
CA SER E 61 -19.65 56.34 -19.08
C SER E 61 -19.26 55.24 -20.06
N ILE E 62 -17.98 55.25 -20.44
CA ILE E 62 -17.37 54.25 -21.32
C ILE E 62 -16.07 53.79 -20.69
N THR E 63 -15.81 52.49 -20.72
CA THR E 63 -14.52 51.94 -20.29
C THR E 63 -13.89 51.19 -21.46
N LEU E 64 -12.60 51.44 -21.68
CA LEU E 64 -11.87 50.85 -22.78
C LEU E 64 -10.57 50.21 -22.29
N TYR E 65 -10.16 49.14 -22.94
CA TYR E 65 -8.78 48.69 -22.83
C TYR E 65 -7.87 49.70 -23.52
N HIS E 66 -6.75 50.03 -22.88
CA HIS E 66 -5.85 51.05 -23.41
C HIS E 66 -5.02 50.44 -24.52
N VAL E 67 -5.40 50.71 -25.78
CA VAL E 67 -4.73 50.12 -26.93
C VAL E 67 -4.21 51.22 -27.87
N SER E 68 -4.79 52.42 -27.80
CA SER E 68 -4.39 53.53 -28.65
C SER E 68 -4.72 54.85 -27.97
N SER E 69 -4.51 55.95 -28.68
CA SER E 69 -4.79 57.30 -28.16
C SER E 69 -6.11 57.86 -28.70
N ARG E 70 -7.20 57.12 -28.52
CA ARG E 70 -8.47 57.49 -29.17
C ARG E 70 -9.03 58.80 -28.60
N MET E 71 -9.16 58.89 -27.28
CA MET E 71 -9.76 60.09 -26.67
C MET E 71 -8.85 61.30 -26.81
N HIS E 72 -7.53 61.08 -26.72
CA HIS E 72 -6.57 62.16 -26.96
C HIS E 72 -6.87 62.85 -28.28
N LYS E 73 -6.86 62.08 -29.38
CA LYS E 73 -7.11 62.65 -30.69
C LYS E 73 -8.50 63.24 -30.80
N LEU E 74 -9.50 62.65 -30.14
CA LEU E 74 -10.85 63.18 -30.26
C LEU E 74 -10.98 64.57 -29.64
N ILE E 75 -10.41 64.81 -28.46
CA ILE E 75 -10.79 66.03 -27.74
C ILE E 75 -9.66 66.93 -27.24
N GLY E 76 -8.42 66.42 -27.19
CA GLY E 76 -7.38 67.12 -26.45
C GLY E 76 -7.07 68.51 -26.99
N GLU E 77 -6.85 68.61 -28.31
CA GLU E 77 -6.41 69.88 -28.87
C GLU E 77 -7.52 70.92 -28.84
N LYS E 78 -8.78 70.49 -29.03
CA LYS E 78 -9.90 71.42 -29.04
C LYS E 78 -10.23 71.94 -27.64
N ILE E 79 -10.08 71.09 -26.61
CA ILE E 79 -10.42 71.52 -25.25
C ILE E 79 -9.52 72.67 -24.79
N LYS E 80 -8.23 72.63 -25.16
CA LYS E 80 -7.31 73.69 -24.76
C LYS E 80 -7.68 75.04 -25.37
N ARG E 81 -8.15 75.05 -26.62
CA ARG E 81 -8.49 76.31 -27.28
C ARG E 81 -9.85 76.86 -26.86
N GLY E 82 -10.67 76.09 -26.16
CA GLY E 82 -11.97 76.55 -25.71
C GLY E 82 -13.15 76.22 -26.60
N SER E 83 -12.99 75.33 -27.57
CA SER E 83 -14.10 74.92 -28.44
C SER E 83 -14.43 73.45 -28.16
N GLU E 84 -15.56 73.23 -27.49
CA GLU E 84 -15.95 71.91 -27.00
C GLU E 84 -16.68 71.12 -28.07
N PRO E 85 -16.25 69.90 -28.37
CA PRO E 85 -16.95 69.07 -29.36
C PRO E 85 -18.04 68.21 -28.74
N ARG E 86 -19.01 67.85 -29.59
CA ARG E 86 -20.11 66.98 -29.21
C ARG E 86 -20.18 65.79 -30.16
N PHE E 87 -20.63 64.64 -29.65
CA PHE E 87 -20.56 63.38 -30.40
C PHE E 87 -21.87 62.62 -30.34
N VAL E 88 -21.97 61.63 -31.23
CA VAL E 88 -23.07 60.67 -31.27
C VAL E 88 -22.49 59.27 -31.06
N ALA E 89 -23.11 58.48 -30.19
CA ALA E 89 -22.72 57.09 -29.97
C ALA E 89 -23.88 56.16 -30.27
N ILE E 90 -23.58 54.98 -30.80
CA ILE E 90 -24.57 53.95 -31.08
C ILE E 90 -24.18 52.69 -30.30
N SER E 91 -25.11 52.17 -29.51
CA SER E 91 -24.90 50.98 -28.69
C SER E 91 -25.81 49.86 -29.19
N LYS E 92 -25.23 48.68 -29.40
CA LYS E 92 -25.99 47.54 -29.89
C LYS E 92 -25.72 46.32 -29.01
N LEU E 93 -26.80 45.64 -28.61
CA LEU E 93 -26.72 44.41 -27.82
C LEU E 93 -27.49 43.31 -28.57
N ASN E 94 -26.77 42.33 -29.12
CA ASN E 94 -27.38 41.29 -29.95
C ASN E 94 -26.88 39.91 -29.49
N ASP E 95 -27.51 39.37 -28.45
CA ASP E 95 -27.20 38.04 -27.95
C ASP E 95 -27.90 36.99 -28.81
N PRO E 96 -27.19 36.01 -29.38
CA PRO E 96 -27.84 35.02 -30.25
C PRO E 96 -28.94 34.22 -29.56
N ASP E 97 -28.89 34.04 -28.25
CA ASP E 97 -29.89 33.27 -27.52
C ASP E 97 -31.03 34.12 -26.95
N SER E 98 -31.07 35.43 -27.20
CA SER E 98 -32.13 36.28 -26.69
C SER E 98 -33.25 36.47 -27.72
N TYR E 99 -34.31 37.17 -27.30
CA TYR E 99 -35.47 37.39 -28.17
C TYR E 99 -35.10 38.20 -29.41
N GLY E 100 -34.31 39.24 -29.25
CA GLY E 100 -33.95 40.10 -30.35
C GLY E 100 -32.79 40.99 -30.00
N ALA E 101 -32.73 42.16 -30.62
CA ALA E 101 -31.63 43.09 -30.45
C ALA E 101 -32.11 44.42 -29.87
N GLU E 102 -31.22 45.09 -29.17
CA GLU E 102 -31.45 46.42 -28.60
C GLU E 102 -30.39 47.36 -29.15
N ARG E 103 -30.80 48.33 -29.98
CA ARG E 103 -29.90 49.31 -30.58
C ARG E 103 -30.40 50.70 -30.25
N ILE E 104 -29.51 51.55 -29.73
CA ILE E 104 -29.89 52.88 -29.25
C ILE E 104 -28.83 53.88 -29.68
N ALA E 105 -29.28 55.03 -30.19
CA ALA E 105 -28.40 56.16 -30.50
C ALA E 105 -28.46 57.17 -29.36
N VAL E 106 -27.29 57.53 -28.84
CA VAL E 106 -27.16 58.52 -27.77
C VAL E 106 -26.47 59.74 -28.36
N LYS E 107 -27.12 60.90 -28.26
CA LYS E 107 -26.72 62.08 -29.03
C LYS E 107 -26.37 63.26 -28.13
N ASN E 108 -25.61 64.20 -28.69
CA ASN E 108 -25.14 65.41 -28.00
C ASN E 108 -24.34 65.05 -26.75
N ILE E 109 -23.31 64.21 -26.92
CA ILE E 109 -22.49 63.73 -25.82
C ILE E 109 -21.35 64.71 -25.56
N ALA E 110 -21.18 65.09 -24.29
CA ALA E 110 -20.05 65.89 -23.85
C ALA E 110 -19.29 65.11 -22.76
N PHE E 111 -18.01 64.86 -23.00
CA PHE E 111 -17.20 64.09 -22.06
C PHE E 111 -16.82 64.94 -20.85
N ASP E 112 -16.66 64.27 -19.71
CA ASP E 112 -16.43 64.94 -18.44
C ASP E 112 -14.97 65.25 -18.16
N ASP E 113 -14.03 64.57 -18.83
CA ASP E 113 -12.62 64.70 -18.52
C ASP E 113 -11.78 64.14 -19.67
N LEU E 114 -10.47 64.17 -19.49
CA LEU E 114 -9.51 63.55 -20.41
C LEU E 114 -8.35 62.98 -19.60
N THR E 115 -8.08 61.69 -19.77
CA THR E 115 -6.96 61.03 -19.11
C THR E 115 -5.73 61.12 -20.01
N LEU E 116 -4.74 61.90 -19.59
CA LEU E 116 -3.46 61.95 -20.30
C LEU E 116 -2.61 60.71 -20.05
N ALA E 117 -2.50 60.29 -18.78
CA ALA E 117 -1.71 59.11 -18.46
C ALA E 117 -2.23 58.47 -17.18
N ASP E 118 -2.28 57.13 -17.18
CA ASP E 118 -2.60 56.37 -15.98
C ASP E 118 -1.94 54.99 -16.12
N TRP E 119 -0.71 54.87 -15.62
CA TRP E 119 -0.03 53.57 -15.70
C TRP E 119 0.64 53.25 -14.37
N GLU E 120 0.73 51.94 -14.09
CA GLU E 120 1.34 51.40 -12.89
C GLU E 120 2.05 50.10 -13.24
N VAL E 121 3.25 49.92 -12.69
CA VAL E 121 4.05 48.73 -12.98
C VAL E 121 3.27 47.48 -12.54
N GLY E 122 3.22 46.48 -13.41
CA GLY E 122 2.50 45.26 -13.13
C GLY E 122 1.00 45.30 -13.35
N VAL E 123 0.46 46.39 -13.90
CA VAL E 123 -0.99 46.54 -14.08
C VAL E 123 -1.27 46.82 -15.56
N LYS E 124 -2.27 46.13 -16.11
CA LYS E 124 -2.70 46.39 -17.48
C LYS E 124 -3.51 47.68 -17.55
N GLY E 125 -3.41 48.36 -18.70
CA GLY E 125 -3.99 49.69 -18.85
C GLY E 125 -5.46 49.67 -19.23
N GLU E 126 -6.23 50.56 -18.60
CA GLU E 126 -7.64 50.76 -18.89
C GLU E 126 -7.95 52.25 -18.79
N ILE E 127 -9.00 52.68 -19.49
CA ILE E 127 -9.43 54.08 -19.49
C ILE E 127 -10.91 54.15 -19.16
N GLU E 128 -11.27 55.05 -18.24
CA GLU E 128 -12.65 55.30 -17.86
C GLU E 128 -13.02 56.73 -18.19
N ALA E 129 -14.06 56.90 -19.01
CA ALA E 129 -14.43 58.21 -19.55
C ALA E 129 -15.91 58.51 -19.32
N PRO E 130 -16.27 59.21 -18.24
CA PRO E 130 -17.66 59.60 -18.03
C PRO E 130 -18.09 60.69 -19.01
N PHE E 131 -19.41 60.84 -19.19
CA PHE E 131 -19.97 61.82 -20.10
C PHE E 131 -21.40 62.18 -19.69
N THR E 132 -21.94 63.22 -20.32
CA THR E 132 -23.34 63.62 -20.23
C THR E 132 -23.92 63.77 -21.63
N PHE E 133 -25.25 63.78 -21.71
CA PHE E 133 -25.96 63.81 -23.00
C PHE E 133 -27.38 64.34 -22.78
N THR E 134 -28.06 64.67 -23.88
CA THR E 134 -29.41 65.23 -23.75
C THR E 134 -30.49 64.51 -24.56
N GLU E 135 -30.13 63.81 -25.64
CA GLU E 135 -31.14 63.21 -26.50
C GLU E 135 -30.81 61.76 -26.83
N TYR E 136 -31.80 61.05 -27.36
CA TYR E 136 -31.64 59.65 -27.75
C TYR E 136 -32.71 59.28 -28.78
N ASP E 137 -32.41 58.23 -29.54
CA ASP E 137 -33.35 57.62 -30.49
C ASP E 137 -33.34 56.11 -30.34
N PHE E 138 -34.50 55.51 -30.54
CA PHE E 138 -34.69 54.06 -30.47
C PHE E 138 -34.57 53.46 -31.86
N LEU E 139 -33.75 52.42 -32.01
CA LEU E 139 -33.70 51.62 -33.22
C LEU E 139 -33.66 50.15 -32.82
N ASP E 140 -34.65 49.36 -33.22
CA ASP E 140 -34.69 47.94 -32.85
C ASP E 140 -34.72 47.76 -31.33
N ILE E 141 -35.86 48.06 -30.74
CA ILE E 141 -36.12 47.64 -29.38
C ILE E 141 -36.82 46.27 -29.39
N ILE E 142 -36.84 45.62 -28.24
CA ILE E 142 -37.43 44.28 -28.13
C ILE E 142 -38.84 44.36 -27.54
N ILE F 3 6.74 16.37 -67.82
CA ILE F 3 5.83 16.44 -66.70
C ILE F 3 5.25 17.85 -66.59
N GLY F 4 5.86 18.78 -67.31
CA GLY F 4 5.41 20.15 -67.35
C GLY F 4 5.94 21.00 -66.22
N LEU F 5 5.53 22.27 -66.23
CA LEU F 5 5.85 23.20 -65.17
C LEU F 5 5.01 22.92 -63.93
N PRO F 6 5.47 23.33 -62.75
CA PRO F 6 4.63 23.19 -61.55
C PRO F 6 3.34 23.99 -61.69
N SER F 7 2.25 23.43 -61.18
CA SER F 7 0.92 23.99 -61.36
C SER F 7 0.36 24.39 -60.00
N ILE F 8 0.10 25.67 -59.81
CA ILE F 8 -0.67 26.17 -58.67
C ILE F 8 -1.93 26.79 -59.26
N ASN F 9 -2.99 26.00 -59.35
CA ASN F 9 -4.21 26.40 -60.03
C ASN F 9 -5.27 26.71 -58.98
N ILE F 10 -5.52 28.00 -58.76
CA ILE F 10 -6.50 28.48 -57.81
C ILE F 10 -7.65 29.11 -58.61
N SER F 11 -8.84 28.53 -58.52
CA SER F 11 -9.97 28.94 -59.33
C SER F 11 -11.17 29.28 -58.45
N PHE F 12 -12.10 30.04 -59.02
CA PHE F 12 -13.29 30.53 -58.31
C PHE F 12 -14.56 30.15 -59.08
N LYS F 13 -15.63 29.88 -58.35
CA LYS F 13 -16.91 29.46 -58.91
C LYS F 13 -17.99 29.64 -57.84
N GLU F 14 -19.26 29.53 -58.26
CA GLU F 14 -20.33 29.63 -57.29
C GLU F 14 -20.68 28.28 -56.69
N LEU F 15 -21.64 28.28 -55.76
CA LEU F 15 -21.99 27.07 -55.03
C LEU F 15 -22.61 26.03 -55.96
N ALA F 16 -22.32 24.77 -55.67
CA ALA F 16 -22.85 23.65 -56.43
C ALA F 16 -23.87 22.89 -55.59
N THR F 17 -24.88 22.35 -56.26
CA THR F 17 -25.94 21.63 -55.58
C THR F 17 -25.41 20.32 -54.99
N THR F 18 -25.87 20.01 -53.78
CA THR F 18 -25.42 18.85 -53.03
C THR F 18 -26.06 17.58 -53.61
N VAL F 19 -25.36 16.46 -53.49
CA VAL F 19 -25.88 15.16 -53.89
C VAL F 19 -26.19 14.32 -52.66
N LYS F 20 -27.32 13.61 -52.70
CA LYS F 20 -27.69 12.71 -51.63
C LYS F 20 -26.73 11.53 -51.55
N GLU F 21 -26.55 11.01 -50.34
CA GLU F 21 -25.56 9.98 -50.07
C GLU F 21 -25.97 8.63 -50.66
N ARG F 22 -24.96 7.87 -51.09
CA ARG F 22 -25.18 6.53 -51.64
C ARG F 22 -25.42 5.50 -50.53
N SER F 23 -26.29 4.54 -50.81
CA SER F 23 -26.56 3.42 -49.92
C SER F 23 -25.66 2.25 -50.27
N ALA F 24 -25.13 1.58 -49.24
CA ALA F 24 -24.35 0.37 -49.49
C ALA F 24 -25.24 -0.80 -49.92
N ARG F 25 -26.54 -0.67 -49.70
CA ARG F 25 -27.50 -1.73 -49.99
C ARG F 25 -28.42 -1.31 -51.14
N GLY F 26 -29.00 -2.31 -51.80
CA GLY F 26 -30.08 -2.06 -52.73
C GLY F 26 -29.64 -1.97 -54.17
N ILE F 27 -29.89 -3.02 -54.95
CA ILE F 27 -29.49 -3.09 -56.35
C ILE F 27 -30.73 -3.26 -57.19
N ILE F 28 -30.92 -2.38 -58.18
CA ILE F 28 -32.11 -2.36 -59.00
C ILE F 28 -31.75 -2.69 -60.44
N ALA F 29 -32.48 -3.62 -61.03
CA ALA F 29 -32.39 -3.92 -62.45
C ALA F 29 -33.69 -3.49 -63.12
N MET F 30 -33.57 -2.70 -64.19
CA MET F 30 -34.73 -2.22 -64.91
C MET F 30 -34.56 -2.45 -66.40
N VAL F 31 -35.60 -3.01 -67.02
CA VAL F 31 -35.60 -3.39 -68.42
C VAL F 31 -36.30 -2.29 -69.22
N LEU F 32 -35.61 -1.77 -70.22
CA LEU F 32 -36.16 -0.76 -71.13
C LEU F 32 -36.05 -1.25 -72.57
N LYS F 33 -36.81 -0.59 -73.45
CA LYS F 33 -36.75 -0.86 -74.88
C LYS F 33 -36.28 0.40 -75.60
N ASP F 34 -35.22 0.26 -76.40
CA ASP F 34 -34.82 1.28 -77.36
C ASP F 34 -34.08 0.60 -78.50
N ALA F 35 -34.20 1.18 -79.70
CA ALA F 35 -33.57 0.59 -80.87
C ALA F 35 -32.06 0.73 -80.86
N LYS F 36 -31.49 1.49 -79.94
CA LYS F 36 -30.08 1.87 -80.00
C LYS F 36 -29.44 1.71 -78.62
N ALA F 37 -28.15 1.34 -78.63
CA ALA F 37 -27.35 1.15 -77.42
C ALA F 37 -27.86 -0.01 -76.56
N LEU F 38 -27.99 -1.18 -77.20
CA LEU F 38 -28.44 -2.37 -76.50
C LEU F 38 -27.36 -2.92 -75.57
N GLY F 39 -27.73 -3.96 -74.83
CA GLY F 39 -26.81 -4.66 -73.94
C GLY F 39 -27.16 -4.40 -72.49
N LEU F 40 -26.16 -4.54 -71.64
CA LEU F 40 -26.27 -4.22 -70.22
C LEU F 40 -25.49 -2.96 -69.90
N ASN F 41 -26.12 -2.04 -69.19
CA ASN F 41 -25.52 -0.77 -68.82
C ASN F 41 -25.58 -0.62 -67.30
N GLU F 42 -24.46 -0.29 -66.69
CA GLU F 42 -24.38 -0.11 -65.25
C GLU F 42 -24.27 1.38 -64.94
N ILE F 43 -25.18 1.89 -64.13
CA ILE F 43 -25.29 3.32 -63.83
C ILE F 43 -25.03 3.52 -62.35
N HIS F 44 -24.19 4.50 -62.02
CA HIS F 44 -23.86 4.80 -60.63
C HIS F 44 -24.40 6.15 -60.19
N GLU F 45 -24.23 7.18 -61.02
CA GLU F 45 -24.67 8.54 -60.73
C GLU F 45 -25.62 9.03 -61.81
N LYS F 46 -26.36 10.08 -61.47
CA LYS F 46 -27.47 10.50 -62.33
C LYS F 46 -27.00 11.02 -63.66
N GLU F 47 -25.83 11.66 -63.71
CA GLU F 47 -25.35 12.24 -64.97
C GLU F 47 -24.91 11.16 -65.94
N ASP F 48 -24.35 10.06 -65.43
CA ASP F 48 -23.80 9.00 -66.28
C ASP F 48 -24.94 8.20 -66.90
N ILE F 49 -25.47 8.72 -68.01
CA ILE F 49 -26.52 8.03 -68.76
C ILE F 49 -26.16 8.07 -70.24
N PRO F 50 -26.10 6.93 -70.93
CA PRO F 50 -25.71 6.95 -72.34
C PRO F 50 -26.67 7.79 -73.18
N VAL F 51 -26.10 8.72 -73.94
CA VAL F 51 -26.90 9.67 -74.71
C VAL F 51 -27.68 9.03 -75.85
N ASP F 52 -27.44 7.75 -76.12
CA ASP F 52 -28.11 7.11 -77.24
C ASP F 52 -29.59 6.82 -76.93
N LEU F 53 -29.92 6.64 -75.65
CA LEU F 53 -31.30 6.39 -75.27
C LEU F 53 -32.16 7.62 -75.56
N SER F 54 -33.43 7.38 -75.86
CA SER F 54 -34.37 8.47 -76.06
C SER F 54 -34.65 9.18 -74.74
N ALA F 55 -35.28 10.35 -74.84
CA ALA F 55 -35.51 11.19 -73.66
C ALA F 55 -36.40 10.52 -72.63
N GLU F 56 -37.38 9.74 -73.09
CA GLU F 56 -38.30 9.06 -72.18
C GLU F 56 -37.56 8.07 -71.28
N ASN F 57 -36.64 7.31 -71.86
CA ASN F 57 -35.84 6.37 -71.08
C ASN F 57 -34.92 7.11 -70.11
N LYS F 58 -34.43 8.28 -70.52
CA LYS F 58 -33.65 9.12 -69.61
C LYS F 58 -34.49 9.53 -68.41
N GLU F 59 -35.76 9.91 -68.62
CA GLU F 59 -36.63 10.25 -67.51
C GLU F 59 -36.89 9.04 -66.61
N TYR F 60 -37.07 7.85 -67.19
CA TYR F 60 -37.29 6.67 -66.37
C TYR F 60 -36.08 6.37 -65.47
N ILE F 61 -34.88 6.46 -66.04
CA ILE F 61 -33.67 6.24 -65.26
C ILE F 61 -33.56 7.28 -64.15
N ASN F 62 -33.83 8.54 -64.48
CA ASN F 62 -33.76 9.61 -63.49
C ASN F 62 -34.78 9.39 -62.37
N LEU F 63 -35.94 8.82 -62.70
CA LEU F 63 -36.91 8.45 -61.67
C LEU F 63 -36.33 7.39 -60.74
N ALA F 64 -35.74 6.34 -61.31
CA ALA F 64 -35.20 5.27 -60.46
C ALA F 64 -34.05 5.76 -59.60
N LEU F 65 -33.34 6.81 -60.03
CA LEU F 65 -32.21 7.30 -59.26
C LEU F 65 -32.63 7.95 -57.95
N MET F 66 -33.84 8.52 -57.90
CA MET F 66 -34.31 9.11 -56.65
C MET F 66 -34.56 8.03 -55.61
N GLY F 67 -33.90 8.16 -54.46
CA GLY F 67 -34.09 7.25 -53.36
C GLY F 67 -34.88 7.91 -52.25
N ASN F 68 -35.12 7.16 -51.18
CA ASN F 68 -35.81 7.73 -50.03
C ASN F 68 -34.84 8.52 -49.15
N VAL F 69 -33.92 7.83 -48.49
CA VAL F 69 -33.02 8.46 -47.53
C VAL F 69 -31.64 8.44 -48.17
N ASN F 70 -31.41 7.45 -49.02
CA ASN F 70 -30.18 7.32 -49.79
C ASN F 70 -30.54 6.92 -51.20
N THR F 71 -29.63 7.18 -52.14
CA THR F 71 -29.83 6.70 -53.50
C THR F 71 -29.52 5.19 -53.56
N PRO F 72 -30.17 4.46 -54.46
CA PRO F 72 -29.89 3.02 -54.58
C PRO F 72 -28.45 2.77 -54.99
N ASN F 73 -27.91 1.64 -54.51
CA ASN F 73 -26.49 1.35 -54.68
C ASN F 73 -26.09 1.27 -56.14
N LYS F 74 -26.91 0.64 -56.98
CA LYS F 74 -26.52 0.42 -58.36
C LYS F 74 -27.74 0.13 -59.22
N LEU F 75 -27.74 0.64 -60.44
CA LEU F 75 -28.78 0.37 -61.42
C LEU F 75 -28.17 -0.46 -62.55
N LEU F 76 -28.82 -1.57 -62.88
CA LEU F 76 -28.44 -2.40 -64.02
C LEU F 76 -29.51 -2.25 -65.08
N VAL F 77 -29.13 -1.73 -66.25
CA VAL F 77 -30.07 -1.42 -67.33
C VAL F 77 -29.82 -2.39 -68.47
N TYR F 78 -30.85 -3.14 -68.85
CA TYR F 78 -30.82 -4.01 -70.01
C TYR F 78 -31.76 -3.46 -71.07
N VAL F 79 -31.27 -3.36 -72.30
CA VAL F 79 -31.99 -2.73 -73.41
C VAL F 79 -32.28 -3.78 -74.46
N ILE F 80 -33.52 -3.77 -74.97
CA ILE F 80 -33.94 -4.64 -76.06
C ILE F 80 -34.60 -3.78 -77.13
N GLU F 81 -34.37 -4.12 -78.40
CA GLU F 81 -34.93 -3.32 -79.49
C GLU F 81 -36.45 -3.41 -79.53
N GLY F 82 -37.00 -4.62 -79.50
CA GLY F 82 -38.42 -4.83 -79.66
C GLY F 82 -38.71 -5.94 -80.64
N GLU F 83 -40.01 -6.20 -80.82
CA GLU F 83 -40.48 -7.31 -81.65
C GLU F 83 -39.85 -8.63 -81.21
N ALA F 84 -39.76 -8.81 -79.89
CA ALA F 84 -39.13 -9.98 -79.30
C ALA F 84 -39.70 -10.21 -77.92
N ASP F 85 -39.53 -11.43 -77.43
CA ASP F 85 -40.03 -11.78 -76.10
C ASP F 85 -39.19 -11.11 -75.01
N ILE F 86 -39.84 -10.77 -73.90
CA ILE F 86 -39.12 -10.31 -72.72
C ILE F 86 -38.29 -11.44 -72.12
N GLN F 87 -38.58 -12.69 -72.51
CA GLN F 87 -37.81 -13.83 -72.05
C GLN F 87 -36.34 -13.69 -72.39
N THR F 88 -36.02 -13.01 -73.48
CA THR F 88 -34.61 -12.84 -73.86
C THR F 88 -33.85 -12.00 -72.85
N ALA F 89 -34.54 -11.09 -72.15
CA ALA F 89 -33.88 -10.33 -71.10
C ALA F 89 -33.95 -11.06 -69.77
N LEU F 90 -35.03 -11.81 -69.54
CA LEU F 90 -35.13 -12.58 -68.29
C LEU F 90 -34.06 -13.66 -68.22
N ASP F 91 -33.81 -14.36 -69.33
CA ASP F 91 -32.76 -15.38 -69.35
C ASP F 91 -31.40 -14.80 -69.05
N PHE F 92 -31.10 -13.62 -69.59
CA PHE F 92 -29.85 -12.94 -69.26
C PHE F 92 -29.79 -12.55 -67.80
N LEU F 93 -30.89 -12.00 -67.26
CA LEU F 93 -30.90 -11.57 -65.87
C LEU F 93 -30.83 -12.73 -64.89
N GLU F 94 -31.10 -13.96 -65.35
CA GLU F 94 -30.92 -15.11 -64.47
C GLU F 94 -29.48 -15.23 -63.97
N THR F 95 -28.54 -14.57 -64.65
CA THR F 95 -27.13 -14.70 -64.27
C THR F 95 -26.67 -13.58 -63.35
N LYS F 96 -27.30 -12.41 -63.44
CA LYS F 96 -26.83 -11.26 -62.66
C LYS F 96 -27.40 -11.28 -61.25
N GLU F 97 -26.83 -10.42 -60.40
CA GLU F 97 -27.23 -10.32 -59.00
C GLU F 97 -27.90 -8.97 -58.76
N PHE F 98 -29.14 -9.00 -58.25
CA PHE F 98 -29.92 -7.80 -58.01
C PHE F 98 -30.97 -8.09 -56.96
N ASN F 99 -31.67 -7.04 -56.54
CA ASN F 99 -32.71 -7.15 -55.53
C ASN F 99 -34.12 -6.87 -56.05
N TYR F 100 -34.29 -5.85 -56.90
CA TYR F 100 -35.61 -5.47 -57.41
C TYR F 100 -35.58 -5.38 -58.92
N LEU F 101 -36.72 -5.69 -59.55
CA LEU F 101 -36.86 -5.68 -61.00
C LEU F 101 -38.09 -4.88 -61.38
N CYS F 102 -37.92 -3.93 -62.30
CA CYS F 102 -39.03 -3.13 -62.81
C CYS F 102 -38.83 -2.90 -64.30
N MET F 103 -39.92 -2.60 -64.98
CA MET F 103 -39.90 -2.35 -66.42
C MET F 103 -41.06 -1.42 -66.79
N PRO F 104 -40.78 -0.14 -67.01
CA PRO F 104 -41.86 0.87 -67.10
C PRO F 104 -42.86 0.62 -68.23
N LYS F 105 -42.40 0.14 -69.38
CA LYS F 105 -43.28 -0.18 -70.51
C LYS F 105 -43.59 -1.67 -70.44
N ALA F 106 -44.88 -2.00 -70.29
CA ALA F 106 -45.31 -3.38 -70.10
C ALA F 106 -46.71 -3.58 -70.67
N VAL F 107 -47.06 -4.84 -70.89
CA VAL F 107 -48.41 -5.26 -71.25
C VAL F 107 -48.77 -6.50 -70.41
N GLU F 108 -50.03 -6.91 -70.53
CA GLU F 108 -50.56 -7.92 -69.63
C GLU F 108 -49.78 -9.23 -69.74
N ALA F 109 -49.47 -9.64 -70.98
CA ALA F 109 -48.69 -10.86 -71.18
C ALA F 109 -47.26 -10.70 -70.68
N ASP F 110 -46.68 -9.52 -70.88
CA ASP F 110 -45.33 -9.25 -70.37
C ASP F 110 -45.31 -9.27 -68.84
N LYS F 111 -46.35 -8.71 -68.22
CA LYS F 111 -46.46 -8.78 -66.77
C LYS F 111 -46.61 -10.22 -66.29
N THR F 112 -47.38 -11.02 -67.03
CA THR F 112 -47.50 -12.43 -66.72
C THR F 112 -46.15 -13.13 -66.79
N ALA F 113 -45.35 -12.80 -67.81
CA ALA F 113 -44.02 -13.38 -67.93
C ALA F 113 -43.15 -13.04 -66.72
N ILE F 114 -43.14 -11.75 -66.32
CA ILE F 114 -42.32 -11.35 -65.18
C ILE F 114 -42.80 -12.03 -63.90
N LYS F 115 -44.12 -12.08 -63.70
CA LYS F 115 -44.68 -12.70 -62.50
C LYS F 115 -44.29 -14.16 -62.41
N ASN F 116 -44.48 -14.92 -63.49
CA ASN F 116 -44.12 -16.33 -63.50
C ASN F 116 -42.62 -16.51 -63.29
N TRP F 117 -41.80 -15.64 -63.90
CA TRP F 117 -40.36 -15.77 -63.80
C TRP F 117 -39.88 -15.58 -62.38
N ILE F 118 -40.42 -14.57 -61.68
CA ILE F 118 -40.00 -14.33 -60.30
C ILE F 118 -40.52 -15.42 -59.37
N ILE F 119 -41.74 -15.89 -59.59
CA ILE F 119 -42.23 -17.03 -58.82
C ILE F 119 -41.30 -18.22 -59.00
N LYS F 120 -40.89 -18.47 -60.24
CA LYS F 120 -39.96 -19.57 -60.51
C LYS F 120 -38.64 -19.39 -59.79
N LEU F 121 -38.02 -18.21 -59.93
CA LEU F 121 -36.74 -17.98 -59.26
C LEU F 121 -36.85 -18.25 -57.76
N ARG F 122 -37.83 -17.62 -57.11
CA ARG F 122 -37.95 -17.72 -55.65
C ARG F 122 -38.25 -19.14 -55.20
N ASP F 123 -39.16 -19.84 -55.88
CA ASP F 123 -39.63 -21.11 -55.33
C ASP F 123 -38.76 -22.28 -55.80
N ILE F 124 -38.30 -22.27 -57.05
CA ILE F 124 -37.54 -23.38 -57.61
C ILE F 124 -36.05 -23.12 -57.58
N ASP F 125 -35.60 -21.92 -57.99
CA ASP F 125 -34.17 -21.67 -58.12
C ASP F 125 -33.54 -21.19 -56.83
N LYS F 126 -34.34 -20.94 -55.79
CA LYS F 126 -33.86 -20.52 -54.47
C LYS F 126 -33.01 -19.26 -54.55
N VAL F 127 -33.50 -18.26 -55.27
CA VAL F 127 -32.89 -16.93 -55.31
C VAL F 127 -33.97 -15.91 -55.00
N LYS F 128 -33.79 -15.18 -53.90
CA LYS F 128 -34.82 -14.26 -53.40
C LYS F 128 -34.72 -12.94 -54.16
N VAL F 129 -35.65 -12.73 -55.09
CA VAL F 129 -35.75 -11.49 -55.84
C VAL F 129 -37.20 -11.02 -55.81
N LYS F 130 -37.40 -9.74 -56.10
CA LYS F 130 -38.71 -9.11 -56.06
C LYS F 130 -38.91 -8.22 -57.28
N ALA F 131 -40.17 -8.05 -57.68
CA ALA F 131 -40.54 -7.16 -58.77
C ALA F 131 -41.65 -6.22 -58.33
N VAL F 132 -41.57 -4.98 -58.81
CA VAL F 132 -42.62 -3.98 -58.63
C VAL F 132 -43.37 -3.84 -59.95
N LEU F 133 -44.63 -4.27 -59.97
CA LEU F 133 -45.44 -4.30 -61.19
C LEU F 133 -46.68 -3.43 -61.02
N GLY F 134 -47.19 -2.94 -62.14
CA GLY F 134 -48.28 -1.99 -62.14
C GLY F 134 -49.62 -2.55 -61.69
N LYS F 135 -50.21 -3.43 -62.50
CA LYS F 135 -51.51 -4.02 -62.20
C LYS F 135 -51.38 -5.54 -62.29
N VAL F 136 -50.91 -6.16 -61.21
CA VAL F 136 -50.75 -7.61 -61.16
C VAL F 136 -51.28 -8.09 -59.81
N VAL F 137 -52.01 -9.19 -59.83
CA VAL F 137 -52.70 -9.70 -58.66
C VAL F 137 -51.96 -10.90 -58.06
N GLY F 138 -50.63 -10.88 -58.12
CA GLY F 138 -49.86 -11.99 -57.57
C GLY F 138 -50.26 -12.30 -56.13
N ASN F 139 -50.35 -13.59 -55.84
CA ASN F 139 -50.57 -14.08 -54.49
C ASN F 139 -49.26 -14.33 -53.74
N HIS F 140 -48.19 -13.62 -54.10
CA HIS F 140 -46.87 -13.94 -53.60
C HIS F 140 -46.25 -12.75 -52.88
N GLU F 141 -45.35 -13.04 -51.94
CA GLU F 141 -44.57 -12.00 -51.27
C GLU F 141 -43.49 -11.41 -52.17
N GLY F 142 -43.16 -12.09 -53.27
CA GLY F 142 -42.19 -11.57 -54.22
C GLY F 142 -42.72 -10.56 -55.21
N ILE F 143 -44.02 -10.26 -55.18
CA ILE F 143 -44.64 -9.32 -56.11
C ILE F 143 -45.23 -8.17 -55.31
N ILE F 144 -44.83 -6.95 -55.66
CA ILE F 144 -45.34 -5.73 -55.04
C ILE F 144 -46.22 -5.01 -56.05
N ASN F 145 -47.51 -4.88 -55.74
CA ASN F 145 -48.51 -4.36 -56.66
C ASN F 145 -48.75 -2.88 -56.37
N PHE F 146 -48.21 -2.02 -57.23
CA PHE F 146 -48.36 -0.57 -57.12
C PHE F 146 -49.48 -0.13 -58.07
N THR F 147 -50.64 0.21 -57.51
CA THR F 147 -51.83 0.54 -58.29
C THR F 147 -52.26 1.97 -57.99
N THR F 148 -51.66 2.93 -58.68
CA THR F 148 -52.08 4.32 -58.61
C THR F 148 -52.06 4.91 -60.01
N GLU F 149 -53.17 5.49 -60.43
CA GLU F 149 -53.37 5.96 -61.80
C GLU F 149 -52.92 7.40 -61.95
N ASP F 150 -52.28 7.70 -63.08
CA ASP F 150 -52.10 9.07 -63.58
C ASP F 150 -51.39 9.95 -62.54
N VAL F 151 -50.16 9.57 -62.23
CA VAL F 151 -49.35 10.35 -61.28
C VAL F 151 -48.76 11.55 -61.98
N LEU F 152 -48.95 12.74 -61.41
CA LEU F 152 -48.57 13.99 -62.05
C LEU F 152 -47.36 14.57 -61.34
N VAL F 153 -46.26 14.71 -62.07
CA VAL F 153 -45.03 15.32 -61.56
C VAL F 153 -44.64 16.45 -62.49
N GLY F 154 -44.64 17.67 -61.99
CA GLY F 154 -44.21 18.83 -62.75
C GLY F 154 -45.01 19.02 -64.03
N GLU F 155 -46.33 18.92 -63.93
CA GLU F 155 -47.22 19.05 -65.07
C GLU F 155 -46.88 18.00 -66.14
N LYS F 156 -46.90 16.73 -65.74
CA LYS F 156 -46.73 15.61 -66.65
C LYS F 156 -47.72 14.51 -66.29
N LYS F 157 -47.84 13.54 -67.20
CA LYS F 157 -48.74 12.41 -67.02
C LYS F 157 -47.92 11.13 -66.97
N TYR F 158 -47.92 10.48 -65.80
CA TYR F 158 -47.29 9.19 -65.61
C TYR F 158 -48.38 8.14 -65.41
N SER F 159 -48.36 7.08 -66.22
CA SER F 159 -49.28 5.98 -65.99
C SER F 159 -48.79 5.12 -64.82
N VAL F 160 -49.60 4.13 -64.45
CA VAL F 160 -49.29 3.29 -63.31
C VAL F 160 -48.04 2.45 -63.57
N ASP F 161 -47.91 1.90 -64.78
CA ASP F 161 -46.83 0.96 -65.06
C ASP F 161 -45.47 1.65 -65.15
N GLU F 162 -45.45 2.94 -65.49
CA GLU F 162 -44.21 3.66 -65.72
C GLU F 162 -43.72 4.43 -64.50
N PHE F 163 -44.50 4.50 -63.43
CA PHE F 163 -44.05 5.14 -62.20
C PHE F 163 -43.40 4.15 -61.23
N THR F 164 -43.35 2.87 -61.59
CA THR F 164 -42.77 1.87 -60.69
C THR F 164 -41.26 2.01 -60.58
N SER F 165 -40.63 2.74 -61.50
CA SER F 165 -39.20 3.04 -61.36
C SER F 165 -38.94 3.90 -60.13
N ARG F 166 -39.77 4.92 -59.92
CA ARG F 166 -39.66 5.75 -58.71
C ARG F 166 -39.91 4.94 -57.45
N VAL F 167 -40.91 4.06 -57.48
CA VAL F 167 -41.24 3.24 -56.32
C VAL F 167 -40.09 2.29 -55.99
N ALA F 168 -39.49 1.67 -57.02
CA ALA F 168 -38.37 0.77 -56.81
C ALA F 168 -37.16 1.50 -56.23
N GLY F 169 -36.85 2.69 -56.75
CA GLY F 169 -35.79 3.49 -56.16
C GLY F 169 -36.07 3.84 -54.71
N LEU F 170 -37.32 4.22 -54.42
CA LEU F 170 -37.72 4.54 -53.06
C LEU F 170 -37.49 3.37 -52.12
N ILE F 171 -37.95 2.18 -52.50
CA ILE F 171 -37.81 1.01 -51.64
C ILE F 171 -36.34 0.66 -51.46
N ALA F 172 -35.55 0.70 -52.53
CA ALA F 172 -34.13 0.35 -52.43
C ALA F 172 -33.36 1.36 -51.59
N GLY F 173 -33.84 2.61 -51.50
CA GLY F 173 -33.11 3.64 -50.78
C GLY F 173 -33.40 3.71 -49.30
N THR F 174 -34.14 2.76 -48.76
CA THR F 174 -34.59 2.86 -47.36
C THR F 174 -33.74 1.99 -46.45
N PRO F 175 -33.26 2.52 -45.32
CA PRO F 175 -32.49 1.69 -44.39
C PRO F 175 -33.33 0.55 -43.83
N LEU F 176 -32.63 -0.55 -43.50
CA LEU F 176 -33.30 -1.77 -43.09
C LEU F 176 -34.04 -1.61 -41.77
N SER F 177 -33.59 -0.68 -40.92
CA SER F 177 -34.26 -0.47 -39.65
C SER F 177 -35.60 0.24 -39.80
N GLN F 178 -35.90 0.80 -40.98
CA GLN F 178 -37.10 1.59 -41.18
C GLN F 178 -38.02 0.92 -42.18
N SER F 179 -39.21 1.50 -42.32
CA SER F 179 -40.24 1.02 -43.23
C SER F 179 -40.65 2.16 -44.14
N VAL F 180 -41.28 1.82 -45.28
CA VAL F 180 -41.70 2.84 -46.23
C VAL F 180 -43.08 3.40 -45.94
N THR F 181 -43.76 2.91 -44.90
CA THR F 181 -45.07 3.42 -44.54
C THR F 181 -45.00 4.90 -44.23
N TYR F 182 -45.87 5.68 -44.87
CA TYR F 182 -46.00 7.13 -44.69
C TYR F 182 -44.77 7.91 -45.17
N THR F 183 -43.96 7.34 -46.06
CA THR F 183 -42.88 8.09 -46.69
C THR F 183 -43.46 9.02 -47.75
N LYS F 184 -43.06 10.29 -47.70
CA LYS F 184 -43.62 11.32 -48.57
C LYS F 184 -42.73 11.58 -49.76
N LEU F 185 -43.37 11.80 -50.92
CA LEU F 185 -42.68 12.09 -52.17
C LEU F 185 -42.91 13.56 -52.51
N SER F 186 -41.88 14.37 -52.28
CA SER F 186 -41.97 15.80 -52.47
C SER F 186 -42.22 16.19 -53.93
N ASP F 187 -41.74 15.38 -54.88
CA ASP F 187 -41.84 15.76 -56.28
C ASP F 187 -43.26 15.54 -56.82
N VAL F 188 -44.04 14.68 -56.17
CA VAL F 188 -45.41 14.45 -56.62
C VAL F 188 -46.29 15.63 -56.26
N VAL F 189 -47.15 16.03 -57.18
CA VAL F 189 -48.01 17.21 -57.01
C VAL F 189 -49.48 16.81 -56.91
N ASP F 190 -49.96 15.99 -57.83
CA ASP F 190 -51.38 15.67 -57.91
C ASP F 190 -51.58 14.18 -58.14
N ILE F 191 -52.63 13.65 -57.52
CA ILE F 191 -53.12 12.30 -57.77
C ILE F 191 -54.64 12.34 -57.83
N PRO F 192 -55.25 11.38 -58.53
CA PRO F 192 -56.71 11.39 -58.67
C PRO F 192 -57.40 11.29 -57.31
N LYS F 193 -58.57 11.92 -57.23
CA LYS F 193 -59.29 12.00 -55.96
C LYS F 193 -59.67 10.61 -55.46
N MET F 194 -59.57 10.43 -54.14
CA MET F 194 -59.67 9.12 -53.53
C MET F 194 -60.26 9.24 -52.13
N THR F 195 -61.22 8.39 -51.82
CA THR F 195 -61.83 8.39 -50.50
C THR F 195 -61.11 7.40 -49.58
N LYS F 196 -61.31 7.60 -48.28
CA LYS F 196 -60.60 6.78 -47.30
C LYS F 196 -61.06 5.33 -47.33
N VAL F 197 -62.36 5.10 -47.56
CA VAL F 197 -62.88 3.73 -47.59
C VAL F 197 -62.29 2.96 -48.77
N ASP F 198 -62.18 3.59 -49.93
CA ASP F 198 -61.58 2.93 -51.08
C ASP F 198 -60.11 2.58 -50.83
N ALA F 199 -59.37 3.52 -50.21
CA ALA F 199 -57.96 3.24 -49.91
C ALA F 199 -57.82 2.09 -48.94
N GLU F 200 -58.67 2.04 -47.93
CA GLU F 200 -58.65 0.92 -46.99
C GLU F 200 -58.94 -0.39 -47.71
N SER F 201 -59.94 -0.40 -48.60
CA SER F 201 -60.26 -1.63 -49.32
C SER F 201 -59.09 -2.10 -50.18
N ARG F 202 -58.44 -1.17 -50.90
CA ARG F 202 -57.29 -1.56 -51.71
C ARG F 202 -56.15 -2.09 -50.87
N VAL F 203 -55.83 -1.42 -49.75
CA VAL F 203 -54.78 -1.93 -48.86
C VAL F 203 -55.13 -3.33 -48.37
N ASN F 204 -56.40 -3.55 -48.02
CA ASN F 204 -56.83 -4.89 -47.63
C ASN F 204 -56.64 -5.89 -48.75
N LYS F 205 -56.74 -5.46 -50.00
CA LYS F 205 -56.54 -6.38 -51.11
C LYS F 205 -55.08 -6.59 -51.47
N GLY F 206 -54.15 -5.89 -50.83
CA GLY F 206 -52.74 -6.10 -51.05
C GLY F 206 -52.05 -5.14 -51.98
N GLU F 207 -52.53 -3.90 -52.07
CA GLU F 207 -51.99 -2.95 -53.03
C GLU F 207 -51.16 -1.87 -52.34
N LEU F 208 -50.08 -1.46 -53.01
CA LEU F 208 -49.24 -0.36 -52.55
C LEU F 208 -49.66 0.91 -53.30
N ILE F 209 -50.16 1.89 -52.56
CA ILE F 209 -50.81 3.05 -53.15
C ILE F 209 -50.30 4.33 -52.51
N LEU F 210 -50.54 5.44 -53.20
CA LEU F 210 -50.32 6.75 -52.62
C LEU F 210 -51.62 7.30 -52.05
N ILE F 211 -51.50 8.12 -51.01
CA ILE F 211 -52.63 8.83 -50.44
C ILE F 211 -52.25 10.26 -50.19
N LYS F 212 -53.25 11.12 -50.12
CA LYS F 212 -53.07 12.51 -49.72
C LYS F 212 -53.46 12.64 -48.25
N GLU F 213 -52.49 13.00 -47.42
CA GLU F 213 -52.67 13.09 -45.98
C GLU F 213 -52.26 14.47 -45.52
N ALA F 214 -52.13 14.64 -44.20
CA ALA F 214 -51.74 15.93 -43.65
C ALA F 214 -50.36 16.31 -44.16
N GLY F 215 -50.31 17.29 -45.05
CA GLY F 215 -49.07 17.68 -45.66
C GLY F 215 -49.02 17.32 -47.14
N ALA F 216 -48.01 16.51 -47.48
CA ALA F 216 -47.75 16.17 -48.87
C ALA F 216 -48.42 14.85 -49.26
N ILE F 217 -48.02 14.35 -50.42
CA ILE F 217 -48.40 13.02 -50.88
C ILE F 217 -47.47 12.00 -50.24
N ARG F 218 -48.02 10.86 -49.81
CA ARG F 218 -47.23 9.85 -49.12
C ARG F 218 -47.76 8.45 -49.43
N ILE F 219 -46.93 7.45 -49.14
CA ILE F 219 -47.33 6.05 -49.28
C ILE F 219 -48.23 5.66 -48.12
N ALA F 220 -49.22 4.82 -48.40
CA ALA F 220 -50.21 4.45 -47.38
C ALA F 220 -49.65 3.39 -46.43
N ARG F 221 -49.31 2.22 -46.94
CA ARG F 221 -48.86 1.11 -46.11
C ARG F 221 -47.85 0.30 -46.93
N GLY F 222 -47.01 -0.45 -46.22
CA GLY F 222 -45.87 -1.12 -46.83
C GLY F 222 -46.09 -2.59 -47.10
N VAL F 223 -47.23 -2.95 -47.69
CA VAL F 223 -47.61 -4.35 -47.83
C VAL F 223 -47.12 -4.92 -49.16
N ASN F 224 -47.11 -6.25 -49.22
CA ASN F 224 -46.85 -7.02 -50.43
C ASN F 224 -48.17 -7.28 -51.15
N SER F 225 -48.15 -8.16 -52.15
CA SER F 225 -49.37 -8.62 -52.79
C SER F 225 -49.95 -9.87 -52.12
N LEU F 226 -49.27 -10.43 -51.13
CA LEU F 226 -49.74 -11.64 -50.47
C LEU F 226 -51.06 -11.39 -49.76
N THR F 227 -52.01 -12.30 -49.93
CA THR F 227 -53.31 -12.15 -49.28
C THR F 227 -53.76 -13.42 -48.55
N GLU F 228 -53.40 -14.59 -49.07
CA GLU F 228 -53.77 -15.85 -48.44
C GLU F 228 -52.76 -16.19 -47.36
N LEU F 229 -53.26 -16.33 -46.13
CA LEU F 229 -52.42 -16.59 -44.98
C LEU F 229 -52.71 -17.97 -44.41
N THR F 230 -51.65 -18.74 -44.19
CA THR F 230 -51.71 -20.09 -43.66
C THR F 230 -50.96 -20.14 -42.34
N ALA F 231 -50.83 -21.36 -41.80
CA ALA F 231 -50.10 -21.54 -40.55
C ALA F 231 -48.60 -21.30 -40.74
N GLU F 232 -48.04 -21.79 -41.85
CA GLU F 232 -46.63 -21.55 -42.13
C GLU F 232 -46.37 -20.07 -42.41
N LYS F 233 -47.31 -19.41 -43.10
CA LYS F 233 -47.12 -18.04 -43.56
C LYS F 233 -48.18 -17.14 -42.93
N GLY F 234 -47.81 -16.43 -41.87
CA GLY F 234 -48.70 -15.54 -41.16
C GLY F 234 -48.64 -14.13 -41.68
N GLU F 235 -49.08 -13.19 -40.83
CA GLU F 235 -49.24 -11.80 -41.25
C GLU F 235 -47.90 -11.10 -41.44
N MET F 236 -46.84 -11.57 -40.77
CA MET F 236 -45.54 -10.93 -40.89
C MET F 236 -45.00 -10.99 -42.32
N PHE F 237 -45.38 -12.03 -43.06
CA PHE F 237 -44.92 -12.20 -44.44
C PHE F 237 -45.55 -11.22 -45.41
N GLN F 238 -46.54 -10.43 -44.97
CA GLN F 238 -47.18 -9.45 -45.83
C GLN F 238 -46.44 -8.12 -45.88
N LYS F 239 -45.50 -7.89 -44.97
CA LYS F 239 -44.82 -6.60 -44.85
C LYS F 239 -43.52 -6.61 -45.64
N ILE F 240 -43.23 -5.49 -46.31
CA ILE F 240 -42.03 -5.37 -47.13
C ILE F 240 -40.77 -5.45 -46.28
N LYS F 241 -40.75 -4.79 -45.11
CA LYS F 241 -39.54 -4.71 -44.30
C LYS F 241 -39.09 -6.09 -43.81
N ILE F 242 -40.04 -6.90 -43.32
CA ILE F 242 -39.72 -8.23 -42.82
C ILE F 242 -39.16 -9.11 -43.93
N VAL F 243 -39.78 -9.06 -45.11
CA VAL F 243 -39.35 -9.90 -46.23
C VAL F 243 -37.97 -9.47 -46.71
N ASP F 244 -37.68 -8.17 -46.69
CA ASP F 244 -36.34 -7.70 -47.04
C ASP F 244 -35.29 -8.27 -46.10
N THR F 245 -35.56 -8.22 -44.79
CA THR F 245 -34.61 -8.78 -43.83
C THR F 245 -34.41 -10.29 -44.04
N LEU F 246 -35.51 -11.01 -44.26
CA LEU F 246 -35.41 -12.46 -44.48
C LEU F 246 -34.61 -12.79 -45.74
N ASP F 247 -34.78 -12.00 -46.79
CA ASP F 247 -34.03 -12.24 -48.02
C ASP F 247 -32.54 -11.99 -47.82
N ILE F 248 -32.19 -10.96 -47.05
CA ILE F 248 -30.78 -10.72 -46.76
C ILE F 248 -30.17 -11.90 -45.99
N ILE F 249 -30.91 -12.41 -45.00
CA ILE F 249 -30.42 -13.56 -44.24
C ILE F 249 -30.22 -14.76 -45.16
N HIS F 250 -31.20 -15.01 -46.03
CA HIS F 250 -31.12 -16.16 -46.94
C HIS F 250 -29.88 -16.06 -47.82
N SER F 251 -29.65 -14.89 -48.43
CA SER F 251 -28.52 -14.74 -49.35
C SER F 251 -27.18 -14.89 -48.63
N ASP F 252 -27.04 -14.30 -47.44
CA ASP F 252 -25.76 -14.39 -46.75
C ASP F 252 -25.44 -15.82 -46.32
N ILE F 253 -26.43 -16.52 -45.74
CA ILE F 253 -26.17 -17.90 -45.32
C ILE F 253 -25.86 -18.79 -46.52
N ARG F 254 -26.59 -18.59 -47.62
CA ARG F 254 -26.34 -19.37 -48.83
C ARG F 254 -24.94 -19.13 -49.35
N LYS F 255 -24.47 -17.88 -49.33
CA LYS F 255 -23.11 -17.58 -49.77
C LYS F 255 -22.09 -18.33 -48.92
N VAL F 256 -22.24 -18.28 -47.60
CA VAL F 256 -21.28 -18.97 -46.73
C VAL F 256 -21.26 -20.47 -47.06
N ILE F 257 -22.44 -21.08 -47.15
CA ILE F 257 -22.51 -22.52 -47.37
C ILE F 257 -21.87 -22.89 -48.70
N ILE F 258 -22.23 -22.19 -49.77
CA ILE F 258 -21.79 -22.58 -51.11
C ILE F 258 -20.29 -22.33 -51.27
N ASP F 259 -19.78 -21.21 -50.71
CA ASP F 259 -18.38 -20.89 -50.89
C ASP F 259 -17.47 -21.83 -50.09
N ASP F 260 -17.84 -22.15 -48.84
CA ASP F 260 -16.90 -22.85 -47.98
C ASP F 260 -17.13 -24.34 -47.81
N TYR F 261 -18.32 -24.86 -48.12
CA TYR F 261 -18.62 -26.22 -47.67
C TYR F 261 -19.04 -27.18 -48.79
N ILE F 262 -19.85 -26.73 -49.74
CA ILE F 262 -20.43 -27.63 -50.73
C ILE F 262 -19.32 -28.20 -51.61
N GLY F 263 -19.10 -29.52 -51.52
CA GLY F 263 -18.09 -30.20 -52.29
C GLY F 263 -16.67 -30.02 -51.81
N LYS F 264 -16.47 -29.36 -50.66
CA LYS F 264 -15.12 -29.04 -50.22
C LYS F 264 -14.65 -29.97 -49.10
N VAL F 265 -15.58 -30.41 -48.25
CA VAL F 265 -15.24 -31.18 -47.06
C VAL F 265 -16.02 -32.49 -47.06
N THR F 266 -15.47 -33.49 -46.38
CA THR F 266 -16.15 -34.75 -46.20
C THR F 266 -17.31 -34.59 -45.23
N ASN F 267 -18.37 -35.36 -45.44
CA ASN F 267 -19.60 -35.22 -44.66
C ASN F 267 -19.50 -36.04 -43.37
N SER F 268 -18.69 -35.56 -42.43
CA SER F 268 -18.55 -36.20 -41.12
C SER F 268 -19.17 -35.30 -40.05
N TYR F 269 -19.35 -35.87 -38.86
CA TYR F 269 -19.99 -35.14 -37.77
C TYR F 269 -19.17 -33.94 -37.31
N ASP F 270 -17.83 -34.07 -37.30
CA ASP F 270 -16.97 -32.95 -36.93
C ASP F 270 -17.16 -31.76 -37.88
N ASN F 271 -17.23 -32.02 -39.19
CA ASN F 271 -17.42 -30.93 -40.15
C ASN F 271 -18.81 -30.31 -40.03
N LYS F 272 -19.82 -31.11 -39.72
CA LYS F 272 -21.15 -30.57 -39.44
C LYS F 272 -21.11 -29.61 -38.25
N CYS F 273 -20.38 -29.97 -37.19
CA CYS F 273 -20.24 -29.08 -36.04
C CYS F 273 -19.54 -27.78 -36.43
N LEU F 274 -18.50 -27.86 -37.27
CA LEU F 274 -17.84 -26.64 -37.74
C LEU F 274 -18.81 -25.74 -38.52
N LEU F 275 -19.64 -26.34 -39.37
CA LEU F 275 -20.65 -25.56 -40.10
C LEU F 275 -21.63 -24.89 -39.13
N ILE F 276 -22.06 -25.61 -38.09
CA ILE F 276 -22.97 -25.04 -37.11
C ILE F 276 -22.34 -23.82 -36.45
N VAL F 277 -21.05 -23.91 -36.09
CA VAL F 277 -20.37 -22.78 -35.45
C VAL F 277 -20.32 -21.58 -36.39
N ALA F 278 -20.02 -21.82 -37.68
CA ALA F 278 -19.98 -20.71 -38.64
C ALA F 278 -21.32 -19.99 -38.74
N ILE F 279 -22.42 -20.75 -38.87
CA ILE F 279 -23.74 -20.13 -39.00
C ILE F 279 -24.10 -19.37 -37.73
N LYS F 280 -23.78 -19.94 -36.56
CA LYS F 280 -24.06 -19.25 -35.31
C LYS F 280 -23.30 -17.93 -35.20
N SER F 281 -22.04 -17.90 -35.66
CA SER F 281 -21.29 -16.65 -35.63
C SER F 281 -21.91 -15.60 -36.56
N TYR F 282 -22.40 -16.03 -37.73
CA TYR F 282 -23.10 -15.08 -38.59
C TYR F 282 -24.33 -14.50 -37.90
N LEU F 283 -25.11 -15.35 -37.23
CA LEU F 283 -26.30 -14.86 -36.53
C LEU F 283 -25.94 -13.91 -35.38
N GLU F 284 -24.85 -14.20 -34.67
CA GLU F 284 -24.39 -13.30 -33.61
C GLU F 284 -24.01 -11.93 -34.18
N GLU F 285 -23.33 -11.92 -35.33
CA GLU F 285 -23.04 -10.68 -36.02
C GLU F 285 -24.32 -9.91 -36.33
N LEU F 286 -25.35 -10.61 -36.81
CA LEU F 286 -26.62 -9.92 -37.08
C LEU F 286 -27.23 -9.35 -35.81
N GLU F 287 -27.14 -10.08 -34.70
CA GLU F 287 -27.68 -9.58 -33.42
C GLU F 287 -26.94 -8.32 -32.97
N LYS F 288 -25.64 -8.23 -33.27
CA LYS F 288 -24.87 -7.06 -32.83
C LYS F 288 -25.30 -5.79 -33.55
N SER F 289 -25.97 -5.91 -34.70
CA SER F 289 -26.46 -4.76 -35.44
C SER F 289 -27.93 -4.47 -35.20
N ALA F 290 -28.60 -5.25 -34.37
CA ALA F 290 -30.02 -5.10 -34.04
C ALA F 290 -30.95 -5.34 -35.23
N LEU F 291 -30.50 -6.11 -36.23
CA LEU F 291 -31.42 -6.54 -37.29
C LEU F 291 -32.39 -7.60 -36.78
N ILE F 292 -31.94 -8.44 -35.85
CA ILE F 292 -32.76 -9.46 -35.21
C ILE F 292 -32.57 -9.35 -33.70
N GLU F 293 -33.48 -9.98 -32.96
CA GLU F 293 -33.41 -9.94 -31.50
C GLU F 293 -32.31 -10.86 -30.97
N SER F 294 -32.07 -10.78 -29.67
CA SER F 294 -31.05 -11.59 -29.03
C SER F 294 -31.56 -13.01 -28.78
N ASP F 295 -30.64 -13.90 -28.39
CA ASP F 295 -30.96 -15.27 -28.00
C ASP F 295 -31.49 -16.11 -29.18
N SER F 296 -30.74 -16.10 -30.28
CA SER F 296 -31.03 -16.97 -31.41
C SER F 296 -30.13 -18.21 -31.37
N THR F 297 -30.63 -19.31 -31.93
CA THR F 297 -29.99 -20.61 -31.80
C THR F 297 -29.90 -21.33 -33.14
N VAL F 298 -28.91 -22.21 -33.27
CA VAL F 298 -28.72 -23.12 -34.40
C VAL F 298 -28.32 -24.49 -33.85
N GLU F 299 -28.86 -25.57 -34.43
CA GLU F 299 -28.53 -26.91 -33.97
C GLU F 299 -28.90 -27.95 -35.01
N ILE F 300 -28.46 -29.18 -34.75
CA ILE F 300 -28.81 -30.34 -35.56
C ILE F 300 -30.31 -30.63 -35.45
N ASP F 301 -30.94 -30.86 -36.61
CA ASP F 301 -32.37 -31.20 -36.66
C ASP F 301 -32.51 -32.71 -36.42
N PHE F 302 -32.89 -33.08 -35.19
CA PHE F 302 -32.87 -34.49 -34.81
C PHE F 302 -34.03 -35.26 -35.42
N GLU F 303 -35.24 -34.68 -35.42
CA GLU F 303 -36.39 -35.37 -35.98
C GLU F 303 -36.20 -35.68 -37.46
N ALA F 304 -35.70 -34.69 -38.21
CA ALA F 304 -35.50 -34.89 -39.65
C ALA F 304 -34.46 -35.97 -39.91
N GLN F 305 -33.37 -35.97 -39.14
CA GLN F 305 -32.33 -36.99 -39.32
C GLN F 305 -32.87 -38.39 -38.97
N LYS F 306 -33.64 -38.51 -37.90
CA LYS F 306 -34.27 -39.78 -37.59
C LYS F 306 -35.16 -40.25 -38.73
N SER F 307 -35.94 -39.34 -39.31
CA SER F 307 -36.81 -39.71 -40.43
C SER F 307 -36.00 -40.19 -41.63
N TYR F 308 -34.92 -39.48 -41.97
CA TYR F 308 -34.09 -39.91 -43.09
C TYR F 308 -33.48 -41.28 -42.83
N LEU F 309 -32.97 -41.50 -41.61
CA LEU F 309 -32.37 -42.79 -41.29
C LEU F 309 -33.38 -43.91 -41.37
N LYS F 310 -34.61 -43.68 -40.89
CA LYS F 310 -35.65 -44.69 -41.00
C LYS F 310 -36.02 -44.98 -42.45
N SER F 311 -36.07 -43.93 -43.28
CA SER F 311 -36.49 -44.13 -44.67
C SER F 311 -35.47 -44.96 -45.45
N LYS F 312 -34.28 -45.17 -44.88
CA LYS F 312 -33.19 -45.88 -45.53
C LYS F 312 -33.04 -47.33 -45.06
N GLY F 313 -33.87 -47.80 -44.14
CA GLY F 313 -33.78 -49.17 -43.69
C GLY F 313 -32.91 -49.41 -42.47
N VAL F 314 -32.56 -48.36 -41.73
CA VAL F 314 -31.82 -48.53 -40.49
C VAL F 314 -32.77 -48.87 -39.36
N ASP F 315 -32.34 -49.78 -38.47
CA ASP F 315 -33.13 -50.19 -37.31
C ASP F 315 -32.72 -49.39 -36.09
N LEU F 316 -33.59 -48.47 -35.67
CA LEU F 316 -33.31 -47.62 -34.51
C LEU F 316 -33.80 -48.29 -33.22
N SER F 317 -33.29 -49.49 -32.96
CA SER F 317 -33.65 -50.24 -31.77
C SER F 317 -32.40 -50.44 -30.91
N TYR F 318 -32.51 -50.08 -29.63
CA TYR F 318 -31.36 -50.09 -28.72
C TYR F 318 -30.20 -49.28 -29.29
N MET F 319 -30.54 -48.17 -29.93
CA MET F 319 -29.57 -47.24 -30.50
C MET F 319 -29.62 -45.95 -29.69
N THR F 320 -28.48 -45.56 -29.12
CA THR F 320 -28.45 -44.41 -28.24
C THR F 320 -28.64 -43.13 -29.04
N LEU F 321 -29.15 -42.10 -28.35
CA LEU F 321 -29.39 -40.82 -29.02
C LEU F 321 -28.11 -40.22 -29.57
N GLN F 322 -26.99 -40.38 -28.86
CA GLN F 322 -25.72 -39.92 -29.38
C GLN F 322 -25.37 -40.63 -30.68
N GLU F 323 -25.60 -41.94 -30.73
CA GLU F 323 -25.30 -42.71 -31.93
C GLU F 323 -26.14 -42.26 -33.12
N ILE F 324 -27.43 -41.97 -32.88
CA ILE F 324 -28.30 -41.46 -33.94
C ILE F 324 -27.82 -40.09 -34.40
N LYS F 325 -27.46 -39.23 -33.45
CA LYS F 325 -27.03 -37.87 -33.78
C LYS F 325 -25.80 -37.87 -34.68
N GLU F 326 -24.88 -38.82 -34.48
CA GLU F 326 -23.63 -38.84 -35.19
C GLU F 326 -23.62 -39.79 -36.38
N ALA F 327 -24.75 -40.41 -36.70
CA ALA F 327 -24.79 -41.43 -37.76
C ALA F 327 -24.59 -40.80 -39.13
N ASN F 328 -23.91 -41.55 -40.00
CA ASN F 328 -23.59 -41.07 -41.35
C ASN F 328 -24.88 -40.95 -42.17
N THR F 329 -25.01 -39.84 -42.90
CA THR F 329 -26.22 -39.53 -43.66
C THR F 329 -25.90 -39.25 -45.13
N GLY F 330 -25.03 -40.05 -45.73
CA GLY F 330 -24.68 -39.84 -47.13
C GLY F 330 -24.05 -38.48 -47.34
N SER F 331 -24.64 -37.69 -48.22
CA SER F 331 -24.18 -36.33 -48.50
C SER F 331 -25.14 -35.26 -48.00
N LYS F 332 -26.03 -35.59 -47.07
CA LYS F 332 -27.07 -34.69 -46.61
C LYS F 332 -26.78 -34.16 -45.21
N VAL F 333 -27.27 -32.95 -44.92
CA VAL F 333 -27.15 -32.32 -43.61
C VAL F 333 -28.51 -31.76 -43.21
N PHE F 334 -28.90 -32.00 -41.97
CA PHE F 334 -30.19 -31.53 -41.45
C PHE F 334 -29.95 -30.59 -40.25
N LEU F 335 -30.28 -29.32 -40.43
CA LEU F 335 -30.11 -28.30 -39.40
C LEU F 335 -31.42 -27.52 -39.21
N LYS F 336 -31.54 -26.89 -38.05
CA LYS F 336 -32.65 -25.98 -37.77
C LYS F 336 -32.20 -24.86 -36.86
N ALA F 337 -32.95 -23.75 -36.88
CA ALA F 337 -32.58 -22.53 -36.18
C ALA F 337 -33.83 -21.75 -35.81
N LYS F 338 -33.65 -20.74 -34.95
CA LYS F 338 -34.76 -19.93 -34.47
C LYS F 338 -34.28 -18.49 -34.34
N ILE F 339 -35.06 -17.54 -34.88
CA ILE F 339 -34.74 -16.11 -34.85
C ILE F 339 -36.02 -15.33 -34.58
N LYS F 340 -35.87 -14.01 -34.39
CA LYS F 340 -36.99 -13.13 -34.13
C LYS F 340 -36.71 -11.75 -34.71
N VAL F 341 -37.70 -11.18 -35.40
CA VAL F 341 -37.59 -9.88 -36.04
C VAL F 341 -38.73 -8.98 -35.56
N LEU F 342 -38.44 -7.72 -35.32
CA LEU F 342 -39.43 -6.74 -34.85
C LEU F 342 -39.94 -5.89 -36.01
N ASP F 343 -41.13 -5.34 -35.83
CA ASP F 343 -41.77 -4.50 -36.84
C ASP F 343 -41.61 -3.04 -36.44
N ALA F 344 -41.95 -2.15 -37.37
CA ALA F 344 -41.87 -0.72 -37.10
C ALA F 344 -43.13 -0.25 -36.36
N MET F 345 -43.04 0.93 -35.76
CA MET F 345 -44.18 1.59 -35.14
C MET F 345 -45.04 2.22 -36.22
N GLU F 346 -46.30 1.80 -36.31
CA GLU F 346 -47.19 2.32 -37.34
C GLU F 346 -48.57 2.73 -36.82
N ASP F 347 -48.98 2.24 -35.64
CA ASP F 347 -50.31 2.49 -35.12
C ASP F 347 -50.25 2.89 -33.65
N ILE F 348 -50.89 3.99 -33.30
CA ILE F 348 -50.79 4.58 -31.97
C ILE F 348 -52.17 4.97 -31.46
N ASP F 349 -52.55 4.47 -30.28
CA ASP F 349 -53.75 4.90 -29.58
C ASP F 349 -53.36 5.69 -28.34
N LEU F 350 -53.96 6.87 -28.18
CA LEU F 350 -53.70 7.72 -27.01
C LEU F 350 -55.03 8.27 -26.50
N SER F 351 -55.40 7.86 -25.29
CA SER F 351 -56.67 8.24 -24.66
C SER F 351 -56.42 9.32 -23.60
N ILE F 352 -57.04 10.48 -23.79
CA ILE F 352 -56.78 11.65 -22.95
C ILE F 352 -58.01 11.94 -22.11
N GLU F 353 -57.84 11.90 -20.79
CA GLU F 353 -58.86 12.35 -19.86
C GLU F 353 -58.67 13.84 -19.60
N ILE F 354 -59.76 14.60 -19.63
CA ILE F 354 -59.68 16.03 -19.35
C ILE F 354 -60.32 16.34 -18.02
N ILE G 3 -26.65 45.46 -64.77
CA ILE G 3 -27.43 45.54 -63.54
C ILE G 3 -28.06 46.92 -63.42
N GLY G 4 -28.02 47.68 -64.52
CA GLY G 4 -28.68 48.96 -64.60
C GLY G 4 -27.91 50.08 -63.94
N LEU G 5 -28.44 51.29 -64.10
CA LEU G 5 -27.83 52.47 -63.52
C LEU G 5 -28.16 52.56 -62.03
N PRO G 6 -27.31 53.23 -61.24
CA PRO G 6 -27.65 53.45 -59.83
C PRO G 6 -28.89 54.33 -59.70
N SER G 7 -29.75 53.98 -58.76
CA SER G 7 -31.00 54.70 -58.55
C SER G 7 -30.99 55.30 -57.15
N ILE G 8 -30.86 56.62 -57.09
CA ILE G 8 -31.04 57.37 -55.86
C ILE G 8 -32.27 58.24 -56.07
N ASN G 9 -33.38 57.86 -55.43
CA ASN G 9 -34.63 58.56 -55.63
C ASN G 9 -35.21 58.98 -54.28
N ILE G 10 -35.22 60.28 -54.03
CA ILE G 10 -35.94 60.89 -52.92
C ILE G 10 -37.24 61.43 -53.47
N SER G 11 -38.35 60.85 -53.04
CA SER G 11 -39.67 61.23 -53.55
C SER G 11 -40.51 61.83 -52.44
N PHE G 12 -41.37 62.77 -52.82
CA PHE G 12 -42.28 63.45 -51.90
C PHE G 12 -43.72 63.16 -52.32
N LYS G 13 -44.55 62.83 -51.34
CA LYS G 13 -45.92 62.41 -51.60
C LYS G 13 -46.79 62.79 -50.41
N GLU G 14 -48.10 62.70 -50.61
CA GLU G 14 -49.07 63.00 -49.58
C GLU G 14 -49.16 61.87 -48.56
N LEU G 15 -49.96 62.09 -47.51
CA LEU G 15 -50.05 61.13 -46.41
C LEU G 15 -50.94 59.96 -46.78
N ALA G 16 -50.69 58.80 -46.15
CA ALA G 16 -51.38 57.56 -46.48
C ALA G 16 -51.72 56.76 -45.22
N THR G 17 -52.63 55.79 -45.36
CA THR G 17 -53.07 54.97 -44.26
C THR G 17 -52.37 53.62 -44.23
N THR G 18 -52.18 53.09 -43.02
CA THR G 18 -51.59 51.77 -42.79
C THR G 18 -52.63 50.86 -42.13
N VAL G 19 -52.79 49.66 -42.68
CA VAL G 19 -53.86 48.75 -42.30
C VAL G 19 -53.53 47.96 -41.04
N LYS G 20 -54.55 47.32 -40.45
CA LYS G 20 -54.36 46.52 -39.26
C LYS G 20 -53.49 45.30 -39.55
N GLU G 21 -52.68 44.92 -38.57
CA GLU G 21 -51.78 43.78 -38.72
C GLU G 21 -52.59 42.49 -38.85
N ARG G 22 -52.04 41.56 -39.64
CA ARG G 22 -52.69 40.29 -39.92
C ARG G 22 -52.53 39.31 -38.75
N SER G 23 -53.28 38.22 -38.82
CA SER G 23 -53.12 37.10 -37.91
C SER G 23 -52.98 35.81 -38.71
N ALA G 24 -52.02 34.98 -38.30
CA ALA G 24 -51.77 33.73 -39.01
C ALA G 24 -52.74 32.63 -38.60
N ARG G 25 -53.70 32.94 -37.73
CA ARG G 25 -54.65 31.96 -37.26
C ARG G 25 -55.96 32.05 -38.04
N GLY G 26 -56.48 30.90 -38.44
CA GLY G 26 -57.80 30.85 -39.04
C GLY G 26 -57.82 30.51 -40.52
N ILE G 27 -58.12 29.25 -40.83
CA ILE G 27 -58.29 28.80 -42.20
C ILE G 27 -59.73 28.34 -42.35
N ILE G 28 -60.47 28.96 -43.28
CA ILE G 28 -61.90 28.78 -43.38
C ILE G 28 -62.24 28.27 -44.78
N ALA G 29 -63.10 27.26 -44.85
CA ALA G 29 -63.50 26.64 -46.10
C ALA G 29 -64.92 27.05 -46.45
N MET G 30 -65.18 27.22 -47.75
CA MET G 30 -66.42 27.79 -48.25
C MET G 30 -66.70 27.20 -49.62
N VAL G 31 -67.92 26.71 -49.83
CA VAL G 31 -68.35 26.17 -51.11
C VAL G 31 -69.57 26.93 -51.59
N LEU G 32 -69.53 27.41 -52.82
CA LEU G 32 -70.63 28.17 -53.39
C LEU G 32 -70.85 27.73 -54.83
N LYS G 33 -72.10 27.82 -55.27
CA LYS G 33 -72.50 27.41 -56.61
C LYS G 33 -72.52 28.63 -57.51
N ASP G 34 -71.74 28.58 -58.59
CA ASP G 34 -71.66 29.65 -59.56
C ASP G 34 -71.63 29.04 -60.96
N ALA G 35 -72.15 29.80 -61.93
CA ALA G 35 -72.19 29.30 -63.31
C ALA G 35 -70.84 29.48 -64.00
N LYS G 36 -69.90 30.19 -63.38
CA LYS G 36 -68.64 30.53 -64.03
C LYS G 36 -67.50 30.43 -63.02
N ALA G 37 -66.30 30.19 -63.54
CA ALA G 37 -65.06 30.17 -62.74
C ALA G 37 -65.08 29.00 -61.73
N LEU G 38 -65.32 27.80 -62.24
CA LEU G 38 -65.35 26.62 -61.39
C LEU G 38 -63.93 26.24 -60.95
N GLY G 39 -63.87 25.45 -59.88
CA GLY G 39 -62.61 24.90 -59.40
C GLY G 39 -62.38 25.31 -57.96
N LEU G 40 -61.13 25.20 -57.53
CA LEU G 40 -60.71 25.63 -56.21
C LEU G 40 -59.98 26.96 -56.33
N ASN G 41 -60.47 27.97 -55.63
CA ASN G 41 -59.86 29.29 -55.62
C ASN G 41 -59.47 29.61 -54.19
N GLU G 42 -58.17 29.80 -53.97
CA GLU G 42 -57.67 30.25 -52.68
C GLU G 42 -57.69 31.77 -52.69
N ILE G 43 -58.31 32.37 -51.68
CA ILE G 43 -58.42 33.82 -51.56
C ILE G 43 -57.72 34.23 -50.27
N HIS G 44 -56.71 35.10 -50.41
CA HIS G 44 -55.90 35.46 -49.25
C HIS G 44 -56.33 36.80 -48.67
N GLU G 45 -56.94 37.66 -49.48
CA GLU G 45 -57.34 38.98 -49.01
C GLU G 45 -58.60 39.43 -49.74
N LYS G 46 -59.33 40.35 -49.09
CA LYS G 46 -60.56 40.87 -49.68
C LYS G 46 -60.30 41.87 -50.78
N GLU G 47 -59.08 42.41 -50.85
CA GLU G 47 -58.73 43.31 -51.95
C GLU G 47 -58.70 42.55 -53.28
N ASP G 48 -58.21 41.32 -53.27
CA ASP G 48 -58.08 40.52 -54.50
C ASP G 48 -59.10 39.39 -54.46
N ILE G 49 -60.12 39.49 -55.30
CA ILE G 49 -61.13 38.45 -55.47
C ILE G 49 -61.26 38.23 -56.97
N PRO G 50 -61.49 37.00 -57.46
CA PRO G 50 -61.71 36.83 -58.89
C PRO G 50 -62.89 37.66 -59.38
N VAL G 51 -62.64 38.39 -60.48
CA VAL G 51 -63.66 39.28 -61.03
C VAL G 51 -64.69 38.54 -61.87
N ASP G 52 -64.61 37.22 -61.94
CA ASP G 52 -65.65 36.43 -62.58
C ASP G 52 -66.83 36.19 -61.66
N LEU G 53 -66.57 36.13 -60.36
CA LEU G 53 -67.60 35.79 -59.38
C LEU G 53 -68.66 36.89 -59.31
N SER G 54 -69.89 36.47 -59.01
CA SER G 54 -71.00 37.39 -58.93
C SER G 54 -70.85 38.35 -57.75
N ALA G 55 -71.47 39.53 -57.88
CA ALA G 55 -71.44 40.50 -56.79
C ALA G 55 -72.10 39.95 -55.54
N GLU G 56 -73.18 39.18 -55.72
CA GLU G 56 -73.84 38.53 -54.59
C GLU G 56 -72.92 37.53 -53.91
N ASN G 57 -72.19 36.74 -54.72
CA ASN G 57 -71.14 35.89 -54.16
C ASN G 57 -69.89 36.68 -53.79
N LYS G 58 -69.74 37.88 -54.35
CA LYS G 58 -68.60 38.72 -54.00
C LYS G 58 -68.69 39.17 -52.54
N GLU G 59 -69.86 39.69 -52.14
CA GLU G 59 -69.99 40.27 -50.81
C GLU G 59 -69.82 39.22 -49.70
N TYR G 60 -70.09 37.96 -50.00
CA TYR G 60 -69.95 36.91 -49.01
C TYR G 60 -68.48 36.71 -48.62
N ILE G 61 -67.58 36.84 -49.59
CA ILE G 61 -66.15 36.70 -49.30
C ILE G 61 -65.68 37.84 -48.40
N ASN G 62 -66.14 39.06 -48.68
CA ASN G 62 -65.82 40.17 -47.78
C ASN G 62 -66.41 39.96 -46.39
N LEU G 63 -67.59 39.34 -46.33
CA LEU G 63 -68.20 39.03 -45.04
C LEU G 63 -67.37 38.02 -44.26
N ALA G 64 -66.84 37.00 -44.94
CA ALA G 64 -66.09 35.96 -44.24
C ALA G 64 -64.71 36.42 -43.81
N LEU G 65 -64.16 37.43 -44.49
CA LEU G 65 -62.77 37.83 -44.28
C LEU G 65 -62.60 38.86 -43.17
N MET G 66 -63.68 39.33 -42.57
CA MET G 66 -63.61 40.18 -41.39
C MET G 66 -63.73 39.33 -40.14
N GLY G 67 -62.72 39.38 -39.29
CA GLY G 67 -62.78 38.71 -38.01
C GLY G 67 -62.75 39.75 -36.89
N ASN G 68 -63.30 39.39 -35.73
CA ASN G 68 -63.41 40.30 -34.56
C ASN G 68 -62.12 40.80 -33.88
N VAL G 69 -61.19 39.90 -33.57
CA VAL G 69 -59.88 40.30 -33.07
C VAL G 69 -58.88 40.47 -34.20
N ASN G 70 -58.90 39.57 -35.18
CA ASN G 70 -58.10 39.75 -36.37
C ASN G 70 -58.65 38.90 -37.52
N THR G 71 -58.12 39.17 -38.71
CA THR G 71 -58.56 38.51 -39.93
C THR G 71 -58.19 37.03 -39.93
N PRO G 72 -58.99 36.18 -40.56
CA PRO G 72 -58.55 34.80 -40.79
C PRO G 72 -57.29 34.74 -41.64
N ASN G 73 -56.47 33.72 -41.37
CA ASN G 73 -55.21 33.57 -42.09
C ASN G 73 -55.43 33.31 -43.57
N LYS G 74 -56.41 32.47 -43.89
CA LYS G 74 -56.61 32.03 -45.27
C LYS G 74 -58.07 31.65 -45.46
N LEU G 75 -58.51 31.69 -46.72
CA LEU G 75 -59.89 31.38 -47.09
C LEU G 75 -59.88 30.42 -48.27
N LEU G 76 -60.68 29.37 -48.20
CA LEU G 76 -60.72 28.34 -49.23
C LEU G 76 -62.11 28.31 -49.83
N VAL G 77 -62.26 28.93 -51.01
CA VAL G 77 -63.53 29.01 -51.70
C VAL G 77 -63.50 28.02 -52.84
N TYR G 78 -64.39 27.02 -52.79
CA TYR G 78 -64.47 25.96 -53.79
C TYR G 78 -65.76 26.15 -54.57
N VAL G 79 -65.63 26.36 -55.87
CA VAL G 79 -66.75 26.78 -56.72
C VAL G 79 -67.15 25.59 -57.59
N ILE G 80 -68.42 25.20 -57.51
CA ILE G 80 -68.98 24.16 -58.36
C ILE G 80 -70.14 24.78 -59.14
N GLU G 81 -70.39 24.21 -60.32
CA GLU G 81 -71.39 24.76 -61.22
C GLU G 81 -72.79 24.58 -60.63
N GLY G 82 -73.74 25.34 -61.18
CA GLY G 82 -75.11 25.23 -60.70
C GLY G 82 -75.70 23.87 -61.02
N GLU G 83 -76.63 23.45 -60.16
CA GLU G 83 -77.30 22.15 -60.29
C GLU G 83 -76.28 21.01 -60.34
N ALA G 84 -75.27 21.10 -59.46
CA ALA G 84 -74.22 20.09 -59.37
C ALA G 84 -74.34 19.34 -58.06
N ASP G 85 -73.52 18.31 -57.91
CA ASP G 85 -73.59 17.47 -56.73
C ASP G 85 -72.66 17.99 -55.64
N ILE G 86 -73.10 17.85 -54.38
CA ILE G 86 -72.30 18.30 -53.25
C ILE G 86 -71.29 17.25 -52.83
N GLN G 87 -71.54 15.97 -53.17
CA GLN G 87 -70.64 14.92 -52.71
C GLN G 87 -69.27 15.03 -53.36
N THR G 88 -69.22 15.53 -54.59
CA THR G 88 -67.92 15.81 -55.20
C THR G 88 -67.16 16.84 -54.39
N ALA G 89 -67.86 17.89 -53.96
CA ALA G 89 -67.22 18.93 -53.15
C ALA G 89 -66.72 18.38 -51.83
N LEU G 90 -67.54 17.58 -51.14
CA LEU G 90 -67.13 17.02 -49.86
C LEU G 90 -65.95 16.06 -50.02
N ASP G 91 -65.99 15.22 -51.07
CA ASP G 91 -64.89 14.30 -51.32
C ASP G 91 -63.59 15.04 -51.59
N PHE G 92 -63.65 16.12 -52.37
CA PHE G 92 -62.47 16.93 -52.60
C PHE G 92 -61.98 17.59 -51.32
N LEU G 93 -62.90 18.14 -50.53
CA LEU G 93 -62.51 18.92 -49.36
C LEU G 93 -61.94 18.04 -48.26
N GLU G 94 -62.28 16.74 -48.28
CA GLU G 94 -61.70 15.79 -47.33
C GLU G 94 -60.17 15.90 -47.28
N THR G 95 -59.57 16.30 -48.41
CA THR G 95 -58.12 16.32 -48.52
C THR G 95 -57.49 17.43 -47.69
N LYS G 96 -57.99 18.66 -47.83
CA LYS G 96 -57.28 19.83 -47.35
C LYS G 96 -57.35 19.94 -45.83
N GLU G 97 -56.53 20.84 -45.27
CA GLU G 97 -56.57 21.18 -43.86
C GLU G 97 -57.30 22.51 -43.69
N PHE G 98 -58.24 22.54 -42.76
CA PHE G 98 -59.04 23.74 -42.50
C PHE G 98 -59.72 23.56 -41.17
N ASN G 99 -60.37 24.63 -40.71
CA ASN G 99 -61.03 24.61 -39.41
C ASN G 99 -62.54 24.59 -39.51
N TYR G 100 -63.13 25.48 -40.31
CA TYR G 100 -64.58 25.62 -40.37
C TYR G 100 -65.05 25.63 -41.81
N LEU G 101 -66.25 25.10 -42.04
CA LEU G 101 -66.83 24.98 -43.36
C LEU G 101 -68.22 25.62 -43.35
N CYS G 102 -68.52 26.41 -44.38
CA CYS G 102 -69.81 27.06 -44.51
C CYS G 102 -70.25 27.06 -45.96
N MET G 103 -71.55 26.90 -46.19
CA MET G 103 -72.15 27.00 -47.51
C MET G 103 -73.39 27.88 -47.40
N PRO G 104 -73.28 29.18 -47.72
CA PRO G 104 -74.41 30.10 -47.48
C PRO G 104 -75.67 29.76 -48.24
N LYS G 105 -75.53 29.13 -49.41
CA LYS G 105 -76.66 28.67 -50.19
C LYS G 105 -76.77 27.17 -50.01
N ALA G 106 -77.82 26.73 -49.31
CA ALA G 106 -77.93 25.33 -48.94
C ALA G 106 -79.40 24.93 -48.84
N VAL G 107 -79.65 23.65 -49.04
CA VAL G 107 -80.97 23.04 -48.97
C VAL G 107 -80.88 21.95 -47.91
N GLU G 108 -82.03 21.45 -47.47
CA GLU G 108 -82.07 20.49 -46.37
C GLU G 108 -81.25 19.24 -46.67
N ALA G 109 -81.35 18.73 -47.89
CA ALA G 109 -80.53 17.59 -48.28
C ALA G 109 -79.05 17.94 -48.22
N ASP G 110 -78.71 19.16 -48.64
CA ASP G 110 -77.33 19.62 -48.57
C ASP G 110 -76.85 19.66 -47.12
N LYS G 111 -77.69 20.19 -46.22
CA LYS G 111 -77.32 20.29 -44.82
C LYS G 111 -77.17 18.91 -44.18
N THR G 112 -78.08 17.98 -44.51
CA THR G 112 -77.95 16.62 -44.01
C THR G 112 -76.66 15.97 -44.50
N ALA G 113 -76.32 16.18 -45.78
CA ALA G 113 -75.08 15.61 -46.32
C ALA G 113 -73.86 16.18 -45.61
N ILE G 114 -73.81 17.50 -45.43
CA ILE G 114 -72.67 18.12 -44.76
C ILE G 114 -72.55 17.62 -43.33
N LYS G 115 -73.67 17.50 -42.63
CA LYS G 115 -73.64 17.07 -41.24
C LYS G 115 -73.17 15.63 -41.10
N ASN G 116 -73.72 14.73 -41.92
CA ASN G 116 -73.28 13.34 -41.91
C ASN G 116 -71.81 13.24 -42.26
N TRP G 117 -71.35 14.06 -43.20
CA TRP G 117 -69.95 14.08 -43.60
C TRP G 117 -69.04 14.51 -42.44
N ILE G 118 -69.42 15.59 -41.75
CA ILE G 118 -68.61 16.08 -40.63
C ILE G 118 -68.55 15.03 -39.54
N ILE G 119 -69.69 14.42 -39.21
CA ILE G 119 -69.71 13.39 -38.17
C ILE G 119 -68.82 12.22 -38.57
N LYS G 120 -68.94 11.77 -39.82
CA LYS G 120 -68.16 10.62 -40.26
C LYS G 120 -66.67 10.92 -40.21
N LEU G 121 -66.28 12.11 -40.66
CA LEU G 121 -64.86 12.48 -40.62
C LEU G 121 -64.34 12.49 -39.19
N ARG G 122 -65.03 13.20 -38.29
CA ARG G 122 -64.56 13.32 -36.92
C ARG G 122 -64.54 11.97 -36.21
N ASP G 123 -65.50 11.09 -36.50
CA ASP G 123 -65.68 9.88 -35.71
C ASP G 123 -64.94 8.68 -36.30
N ILE G 124 -64.63 8.69 -37.58
CA ILE G 124 -63.98 7.56 -38.25
C ILE G 124 -62.63 7.96 -38.85
N ASP G 125 -62.61 9.04 -39.65
CA ASP G 125 -61.37 9.44 -40.29
C ASP G 125 -60.35 10.03 -39.33
N LYS G 126 -60.76 10.28 -38.08
CA LYS G 126 -59.91 10.87 -37.05
C LYS G 126 -59.32 12.20 -37.50
N VAL G 127 -60.18 13.03 -38.10
CA VAL G 127 -59.82 14.37 -38.55
C VAL G 127 -60.74 15.36 -37.85
N LYS G 128 -60.16 16.39 -37.24
CA LYS G 128 -60.90 17.33 -36.41
C LYS G 128 -61.32 18.54 -37.24
N VAL G 129 -62.52 18.48 -37.82
CA VAL G 129 -63.06 19.57 -38.60
C VAL G 129 -64.45 19.93 -38.06
N LYS G 130 -64.83 21.17 -38.26
CA LYS G 130 -66.14 21.67 -37.82
C LYS G 130 -66.83 22.38 -38.96
N ALA G 131 -68.16 22.49 -38.85
CA ALA G 131 -68.97 23.23 -39.81
C ALA G 131 -69.96 24.12 -39.06
N VAL G 132 -70.22 25.30 -39.62
CA VAL G 132 -71.24 26.22 -39.11
C VAL G 132 -72.44 26.11 -40.05
N LEU G 133 -73.58 25.69 -39.51
CA LEU G 133 -74.78 25.47 -40.30
C LEU G 133 -75.97 26.20 -39.69
N GLY G 134 -76.91 26.57 -40.55
CA GLY G 134 -78.13 27.21 -40.10
C GLY G 134 -79.31 26.26 -40.09
N LYS G 135 -80.04 26.24 -38.97
CA LYS G 135 -81.24 25.42 -38.79
C LYS G 135 -80.94 23.93 -38.95
N VAL G 136 -79.85 23.49 -38.32
CA VAL G 136 -79.47 22.08 -38.30
C VAL G 136 -79.35 21.64 -36.86
N VAL G 137 -80.21 20.70 -36.45
CA VAL G 137 -80.31 20.27 -35.06
C VAL G 137 -79.12 19.44 -34.63
N GLY G 138 -78.25 19.02 -35.56
CA GLY G 138 -77.27 17.98 -35.35
C GLY G 138 -76.63 17.92 -33.98
N ASN G 139 -76.75 16.77 -33.35
CA ASN G 139 -76.42 16.56 -31.94
C ASN G 139 -74.93 16.38 -31.68
N HIS G 140 -74.07 16.90 -32.54
CA HIS G 140 -72.63 16.70 -32.40
C HIS G 140 -71.92 18.00 -32.05
N GLU G 141 -70.85 17.87 -31.25
CA GLU G 141 -69.99 19.01 -30.97
C GLU G 141 -69.23 19.49 -32.19
N GLY G 142 -69.21 18.71 -33.28
CA GLY G 142 -68.48 19.10 -34.46
C GLY G 142 -69.24 20.08 -35.35
N ILE G 143 -70.54 20.25 -35.10
CA ILE G 143 -71.35 21.21 -35.86
C ILE G 143 -72.01 22.18 -34.89
N ILE G 144 -72.12 23.44 -35.29
CA ILE G 144 -72.73 24.47 -34.47
C ILE G 144 -73.96 24.99 -35.21
N ASN G 145 -75.03 25.24 -34.44
CA ASN G 145 -76.32 25.64 -34.99
C ASN G 145 -76.56 27.13 -34.79
N PHE G 146 -76.58 27.88 -35.89
CA PHE G 146 -76.91 29.29 -35.88
C PHE G 146 -78.38 29.44 -36.27
N THR G 147 -79.14 30.18 -35.46
CA THR G 147 -80.58 30.37 -35.66
C THR G 147 -80.93 31.84 -35.41
N THR G 148 -81.02 32.62 -36.49
CA THR G 148 -81.54 33.97 -36.44
C THR G 148 -81.91 34.42 -37.84
N GLU G 149 -83.13 34.93 -37.99
CA GLU G 149 -83.68 35.29 -39.29
C GLU G 149 -83.53 36.79 -39.55
N ASP G 150 -83.51 37.16 -40.83
CA ASP G 150 -83.62 38.55 -41.27
C ASP G 150 -82.59 39.46 -40.59
N VAL G 151 -81.33 39.25 -40.91
CA VAL G 151 -80.27 40.10 -40.39
C VAL G 151 -80.03 41.26 -41.36
N LEU G 152 -80.18 42.48 -40.87
CA LEU G 152 -79.94 43.70 -41.66
C LEU G 152 -78.52 44.17 -41.43
N VAL G 153 -77.71 44.11 -42.48
CA VAL G 153 -76.33 44.60 -42.46
C VAL G 153 -76.15 45.51 -43.67
N GLY G 154 -75.73 46.75 -43.41
CA GLY G 154 -75.55 47.72 -44.48
C GLY G 154 -76.83 47.95 -45.24
N GLU G 155 -77.93 48.11 -44.50
CA GLU G 155 -79.31 48.20 -44.99
C GLU G 155 -79.59 47.18 -46.10
N LYS G 156 -78.97 46.00 -46.01
CA LYS G 156 -79.19 44.91 -46.94
C LYS G 156 -79.72 43.70 -46.19
N LYS G 157 -80.76 43.08 -46.74
CA LYS G 157 -81.38 41.93 -46.09
C LYS G 157 -80.55 40.68 -46.26
N TYR G 158 -80.33 39.96 -45.16
CA TYR G 158 -79.54 38.73 -45.15
C TYR G 158 -80.32 37.66 -44.41
N SER G 159 -80.20 36.42 -44.87
CA SER G 159 -80.93 35.30 -44.29
C SER G 159 -80.01 34.45 -43.42
N VAL G 160 -80.60 33.53 -42.67
CA VAL G 160 -79.86 32.78 -41.66
C VAL G 160 -78.77 31.93 -42.32
N ASP G 161 -79.07 31.34 -43.47
CA ASP G 161 -78.05 30.58 -44.20
C ASP G 161 -76.94 31.49 -44.70
N GLU G 162 -77.28 32.72 -45.11
CA GLU G 162 -76.30 33.63 -45.68
C GLU G 162 -75.39 34.26 -44.64
N PHE G 163 -75.88 34.47 -43.42
CA PHE G 163 -75.08 35.04 -42.36
C PHE G 163 -74.14 34.02 -41.72
N THR G 164 -74.25 32.75 -42.12
CA THR G 164 -73.34 31.71 -41.64
C THR G 164 -71.89 32.03 -42.02
N SER G 165 -71.67 32.69 -43.16
CA SER G 165 -70.32 33.08 -43.54
C SER G 165 -69.70 34.03 -42.52
N ARG G 166 -70.46 35.05 -42.12
CA ARG G 166 -69.97 36.01 -41.12
C ARG G 166 -69.69 35.32 -39.79
N VAL G 167 -70.58 34.41 -39.37
CA VAL G 167 -70.41 33.71 -38.10
C VAL G 167 -69.16 32.82 -38.13
N ALA G 168 -68.97 32.09 -39.22
CA ALA G 168 -67.78 31.23 -39.33
C ALA G 168 -66.50 32.05 -39.30
N GLY G 169 -66.48 33.18 -40.02
CA GLY G 169 -65.32 34.04 -39.96
C GLY G 169 -65.07 34.59 -38.57
N LEU G 170 -66.14 34.99 -37.86
CA LEU G 170 -65.97 35.52 -36.51
C LEU G 170 -65.43 34.47 -35.56
N ILE G 171 -65.96 33.24 -35.63
CA ILE G 171 -65.49 32.19 -34.74
C ILE G 171 -64.03 31.86 -35.03
N ALA G 172 -63.65 31.74 -36.30
CA ALA G 172 -62.26 31.46 -36.63
C ALA G 172 -61.35 32.65 -36.32
N GLY G 173 -61.91 33.84 -36.15
CA GLY G 173 -61.09 35.00 -35.82
C GLY G 173 -60.73 35.11 -34.36
N THR G 174 -61.40 34.35 -33.49
CA THR G 174 -61.18 34.49 -32.05
C THR G 174 -59.89 33.82 -31.63
N PRO G 175 -59.02 34.50 -30.87
CA PRO G 175 -57.78 33.85 -30.40
C PRO G 175 -58.02 32.73 -29.39
N LEU G 176 -56.99 31.92 -29.16
CA LEU G 176 -57.14 30.64 -28.48
C LEU G 176 -57.66 30.80 -27.05
N SER G 177 -57.15 31.77 -26.30
CA SER G 177 -57.50 31.89 -24.90
C SER G 177 -58.93 32.38 -24.68
N GLN G 178 -59.62 32.83 -25.72
CA GLN G 178 -60.83 33.63 -25.57
C GLN G 178 -62.06 32.90 -26.11
N SER G 179 -63.20 33.55 -25.96
CA SER G 179 -64.51 33.01 -26.28
C SER G 179 -65.33 34.06 -27.03
N VAL G 180 -66.35 33.60 -27.76
CA VAL G 180 -67.20 34.51 -28.50
C VAL G 180 -68.43 34.94 -27.72
N THR G 181 -68.51 34.62 -26.43
CA THR G 181 -69.61 35.11 -25.61
C THR G 181 -69.58 36.63 -25.54
N TYR G 182 -70.73 37.25 -25.83
CA TYR G 182 -70.93 38.70 -25.77
C TYR G 182 -70.03 39.45 -26.74
N THR G 183 -69.50 38.81 -27.77
CA THR G 183 -68.79 39.54 -28.80
C THR G 183 -69.80 40.26 -29.70
N LYS G 184 -69.50 41.51 -30.03
CA LYS G 184 -70.46 42.38 -30.69
C LYS G 184 -70.12 42.54 -32.17
N LEU G 185 -71.17 42.65 -32.98
CA LEU G 185 -71.03 42.87 -34.41
C LEU G 185 -71.51 44.28 -34.75
N SER G 186 -70.57 45.17 -35.07
CA SER G 186 -70.90 46.56 -35.33
C SER G 186 -71.49 46.76 -36.73
N ASP G 187 -71.26 45.82 -37.64
CA ASP G 187 -71.87 45.91 -38.96
C ASP G 187 -73.38 45.77 -38.90
N VAL G 188 -73.88 44.91 -38.01
CA VAL G 188 -75.32 44.70 -37.89
C VAL G 188 -75.96 45.89 -37.20
N VAL G 189 -77.08 46.35 -37.73
CA VAL G 189 -77.81 47.46 -37.14
C VAL G 189 -79.23 47.10 -36.71
N ASP G 190 -79.85 46.07 -37.29
CA ASP G 190 -81.17 45.63 -36.87
C ASP G 190 -81.19 44.12 -36.72
N ILE G 191 -82.05 43.64 -35.83
CA ILE G 191 -82.27 42.22 -35.61
C ILE G 191 -83.66 42.05 -35.01
N PRO G 192 -84.36 40.95 -35.29
CA PRO G 192 -85.71 40.78 -34.74
C PRO G 192 -85.72 40.76 -33.22
N LYS G 193 -86.77 41.35 -32.65
CA LYS G 193 -86.95 41.37 -31.21
C LYS G 193 -87.15 39.95 -30.67
N MET G 194 -86.67 39.71 -29.46
CA MET G 194 -86.77 38.40 -28.82
C MET G 194 -87.03 38.56 -27.33
N THR G 195 -87.76 37.59 -26.77
CA THR G 195 -88.05 37.56 -25.35
C THR G 195 -87.00 36.74 -24.60
N LYS G 196 -86.72 37.14 -23.36
CA LYS G 196 -85.61 36.55 -22.60
C LYS G 196 -85.84 35.06 -22.33
N VAL G 197 -87.07 34.66 -22.01
CA VAL G 197 -87.32 33.26 -21.72
C VAL G 197 -87.13 32.40 -22.97
N ASP G 198 -87.56 32.90 -24.13
CA ASP G 198 -87.35 32.17 -25.38
C ASP G 198 -85.87 32.11 -25.74
N ALA G 199 -85.12 33.18 -25.45
CA ALA G 199 -83.68 33.16 -25.67
C ALA G 199 -83.00 32.11 -24.79
N GLU G 200 -83.40 32.03 -23.51
CA GLU G 200 -82.86 31.02 -22.61
C GLU G 200 -83.17 29.62 -23.12
N SER G 201 -84.41 29.40 -23.58
CA SER G 201 -84.77 28.09 -24.12
C SER G 201 -83.93 27.75 -25.35
N ARG G 202 -83.75 28.69 -26.27
CA ARG G 202 -82.96 28.43 -27.46
C ARG G 202 -81.51 28.12 -27.10
N VAL G 203 -80.95 28.83 -26.12
CA VAL G 203 -79.58 28.53 -25.71
C VAL G 203 -79.50 27.13 -25.12
N ASN G 204 -80.46 26.75 -24.27
CA ASN G 204 -80.43 25.43 -23.66
C ASN G 204 -80.67 24.33 -24.69
N LYS G 205 -81.35 24.62 -25.80
CA LYS G 205 -81.53 23.62 -26.85
C LYS G 205 -80.27 23.40 -27.68
N GLY G 206 -79.26 24.24 -27.52
CA GLY G 206 -78.01 24.10 -28.22
C GLY G 206 -77.82 24.98 -29.44
N GLU G 207 -78.44 26.15 -29.48
CA GLU G 207 -78.34 27.01 -30.65
C GLU G 207 -77.51 28.26 -30.34
N LEU G 208 -76.76 28.71 -31.35
CA LEU G 208 -76.07 29.99 -31.34
C LEU G 208 -76.99 31.05 -31.91
N ILE G 209 -77.14 32.17 -31.21
CA ILE G 209 -78.13 33.18 -31.55
C ILE G 209 -77.51 34.57 -31.44
N LEU G 210 -78.17 35.55 -32.06
CA LEU G 210 -77.87 36.95 -31.80
C LEU G 210 -78.93 37.52 -30.87
N ILE G 211 -78.53 38.47 -30.02
CA ILE G 211 -79.44 39.07 -29.04
C ILE G 211 -79.31 40.58 -29.08
N LYS G 212 -80.32 41.25 -28.53
CA LYS G 212 -80.38 42.69 -28.50
C LYS G 212 -79.98 43.20 -27.12
N GLU G 213 -79.12 44.22 -27.09
CA GLU G 213 -78.63 44.76 -25.83
C GLU G 213 -78.27 46.22 -26.04
N ALA G 214 -78.19 46.95 -24.93
CA ALA G 214 -77.85 48.37 -24.99
C ALA G 214 -76.57 48.57 -25.78
N GLY G 215 -76.62 49.45 -26.77
CA GLY G 215 -75.54 49.55 -27.73
C GLY G 215 -75.79 48.69 -28.96
N ALA G 216 -74.84 47.80 -29.23
CA ALA G 216 -74.88 46.99 -30.43
C ALA G 216 -75.61 45.66 -30.20
N ILE G 217 -75.60 44.83 -31.25
CA ILE G 217 -76.03 43.45 -31.17
C ILE G 217 -74.83 42.55 -30.90
N ARG G 218 -75.03 41.53 -30.08
CA ARG G 218 -73.93 40.65 -29.72
C ARG G 218 -74.37 39.19 -29.75
N ILE G 219 -73.38 38.29 -29.80
CA ILE G 219 -73.62 36.86 -29.64
C ILE G 219 -73.96 36.59 -28.18
N ALA G 220 -74.91 35.68 -27.96
CA ALA G 220 -75.33 35.37 -26.59
C ALA G 220 -74.29 34.52 -25.86
N ARG G 221 -74.07 33.29 -26.33
CA ARG G 221 -73.22 32.33 -25.64
C ARG G 221 -72.60 31.39 -26.66
N GLY G 222 -71.32 31.08 -26.46
CA GLY G 222 -70.60 30.23 -27.38
C GLY G 222 -70.81 28.75 -27.16
N VAL G 223 -72.01 28.25 -27.48
CA VAL G 223 -72.33 26.85 -27.22
C VAL G 223 -72.30 26.05 -28.51
N ASN G 224 -72.20 24.73 -28.35
CA ASN G 224 -72.29 23.77 -29.43
C ASN G 224 -73.75 23.40 -29.68
N SER G 225 -73.91 22.43 -30.58
CA SER G 225 -75.22 21.86 -30.89
C SER G 225 -75.42 20.57 -30.06
N LEU G 226 -74.38 20.17 -29.30
CA LEU G 226 -74.48 18.96 -28.48
C LEU G 226 -75.44 19.19 -27.33
N THR G 227 -76.38 18.25 -27.13
CA THR G 227 -77.41 18.39 -26.11
C THR G 227 -77.56 17.20 -25.16
N GLU G 228 -77.28 15.96 -25.59
CA GLU G 228 -77.36 14.82 -24.69
C GLU G 228 -76.00 14.50 -24.11
N LEU G 229 -75.91 14.54 -22.78
CA LEU G 229 -74.65 14.38 -22.06
C LEU G 229 -74.59 12.99 -21.44
N THR G 230 -73.49 12.29 -21.67
CA THR G 230 -73.24 10.96 -21.14
C THR G 230 -72.11 11.02 -20.12
N ALA G 231 -71.84 9.88 -19.48
CA ALA G 231 -70.76 9.80 -18.50
C ALA G 231 -69.40 9.92 -19.15
N GLU G 232 -69.33 9.78 -20.48
CA GLU G 232 -68.09 10.00 -21.20
C GLU G 232 -67.97 11.44 -21.71
N LYS G 233 -69.09 12.10 -21.93
CA LYS G 233 -69.16 13.44 -22.51
C LYS G 233 -69.81 14.39 -21.52
N GLY G 234 -69.01 15.20 -20.85
CA GLY G 234 -69.49 16.13 -19.85
C GLY G 234 -69.97 17.44 -20.45
N GLU G 235 -70.30 18.36 -19.55
CA GLU G 235 -70.82 19.67 -19.96
C GLU G 235 -69.75 20.50 -20.66
N MET G 236 -68.47 20.29 -20.34
CA MET G 236 -67.41 21.06 -20.97
C MET G 236 -67.35 20.87 -22.48
N PHE G 237 -67.89 19.76 -23.00
CA PHE G 237 -67.83 19.51 -24.43
C PHE G 237 -68.86 20.31 -25.22
N GLN G 238 -69.72 21.09 -24.56
CA GLN G 238 -70.66 21.94 -25.28
C GLN G 238 -70.11 23.34 -25.57
N LYS G 239 -68.91 23.66 -25.11
CA LYS G 239 -68.37 25.01 -25.30
C LYS G 239 -67.40 25.05 -26.47
N ILE G 240 -67.55 26.08 -27.31
CA ILE G 240 -66.73 26.21 -28.51
C ILE G 240 -65.26 26.37 -28.13
N LYS G 241 -64.97 27.20 -27.13
CA LYS G 241 -63.59 27.47 -26.76
C LYS G 241 -62.85 26.21 -26.33
N ILE G 242 -63.50 25.37 -25.52
CA ILE G 242 -62.89 24.13 -25.03
C ILE G 242 -62.61 23.19 -26.20
N VAL G 243 -63.62 22.98 -27.05
CA VAL G 243 -63.47 22.05 -28.17
C VAL G 243 -62.37 22.53 -29.12
N ASP G 244 -62.27 23.85 -29.33
CA ASP G 244 -61.25 24.40 -30.20
C ASP G 244 -59.85 24.15 -29.63
N THR G 245 -59.66 24.33 -28.33
CA THR G 245 -58.37 24.03 -27.73
C THR G 245 -58.04 22.54 -27.83
N LEU G 246 -59.03 21.66 -27.62
CA LEU G 246 -58.79 20.24 -27.74
C LEU G 246 -58.40 19.85 -29.16
N ASP G 247 -59.03 20.49 -30.16
CA ASP G 247 -58.66 20.21 -31.54
C ASP G 247 -57.24 20.66 -31.85
N ILE G 248 -56.80 21.79 -31.29
CA ILE G 248 -55.44 22.23 -31.57
C ILE G 248 -54.43 21.28 -30.93
N ILE G 249 -54.73 20.79 -29.72
CA ILE G 249 -53.86 19.78 -29.11
C ILE G 249 -53.78 18.53 -29.97
N HIS G 250 -54.95 18.08 -30.46
CA HIS G 250 -55.00 16.90 -31.32
C HIS G 250 -54.11 17.08 -32.56
N SER G 251 -54.23 18.21 -33.25
CA SER G 251 -53.46 18.41 -34.47
C SER G 251 -51.96 18.48 -34.18
N ASP G 252 -51.56 19.15 -33.11
CA ASP G 252 -50.13 19.24 -32.81
C ASP G 252 -49.52 17.87 -32.49
N ILE G 253 -50.22 17.08 -31.66
CA ILE G 253 -49.67 15.77 -31.29
C ILE G 253 -49.61 14.86 -32.52
N ARG G 254 -50.64 14.92 -33.38
CA ARG G 254 -50.60 14.13 -34.61
C ARG G 254 -49.42 14.52 -35.49
N LYS G 255 -49.15 15.83 -35.60
CA LYS G 255 -48.03 16.26 -36.43
C LYS G 255 -46.72 15.71 -35.90
N VAL G 256 -46.53 15.75 -34.57
CA VAL G 256 -45.30 15.22 -34.00
C VAL G 256 -45.17 13.73 -34.29
N ILE G 257 -46.25 12.98 -34.09
CA ILE G 257 -46.21 11.53 -34.28
C ILE G 257 -45.87 11.20 -35.73
N ILE G 258 -46.49 11.89 -36.69
CA ILE G 258 -46.23 11.60 -38.09
C ILE G 258 -44.80 11.98 -38.46
N ASP G 259 -44.33 13.13 -38.00
CA ASP G 259 -43.03 13.63 -38.43
C ASP G 259 -41.90 12.73 -37.93
N ASP G 260 -42.00 12.25 -36.69
CA ASP G 260 -40.82 11.67 -36.06
C ASP G 260 -40.85 10.17 -35.83
N TYR G 261 -42.01 9.51 -35.91
CA TYR G 261 -42.07 8.13 -35.45
C TYR G 261 -42.67 7.11 -36.40
N ILE G 262 -43.73 7.44 -37.15
CA ILE G 262 -44.44 6.44 -37.93
C ILE G 262 -43.52 5.89 -39.01
N GLY G 263 -43.21 4.59 -38.91
CA GLY G 263 -42.33 3.92 -39.85
C GLY G 263 -40.85 4.20 -39.66
N LYS G 264 -40.48 5.02 -38.69
CA LYS G 264 -39.10 5.48 -38.53
C LYS G 264 -38.31 4.69 -37.51
N VAL G 265 -38.95 4.11 -36.49
CA VAL G 265 -38.27 3.40 -35.42
C VAL G 265 -38.94 2.05 -35.20
N THR G 266 -38.17 1.13 -34.63
CA THR G 266 -38.71 -0.17 -34.26
C THR G 266 -39.60 -0.04 -33.04
N ASN G 267 -40.59 -0.94 -32.96
CA ASN G 267 -41.60 -0.90 -31.90
C ASN G 267 -41.13 -1.74 -30.71
N SER G 268 -40.13 -1.24 -29.97
CA SER G 268 -39.69 -1.86 -28.74
C SER G 268 -40.11 -0.96 -27.58
N TYR G 269 -40.02 -1.50 -26.36
CA TYR G 269 -40.44 -0.76 -25.18
C TYR G 269 -39.61 0.50 -24.97
N ASP G 270 -38.29 0.43 -25.24
CA ASP G 270 -37.43 1.60 -25.09
C ASP G 270 -37.86 2.75 -25.99
N ASN G 271 -38.19 2.45 -27.24
CA ASN G 271 -38.66 3.50 -28.16
C ASN G 271 -40.02 4.05 -27.73
N LYS G 272 -40.89 3.19 -27.16
CA LYS G 272 -42.13 3.69 -26.58
C LYS G 272 -41.86 4.70 -25.47
N CYS G 273 -40.86 4.42 -24.63
CA CYS G 273 -40.49 5.38 -23.58
C CYS G 273 -40.01 6.70 -24.18
N LEU G 274 -39.23 6.64 -25.26
CA LEU G 274 -38.81 7.88 -25.92
C LEU G 274 -40.00 8.69 -26.43
N LEU G 275 -40.98 8.01 -27.03
CA LEU G 275 -42.19 8.70 -27.48
C LEU G 275 -42.95 9.33 -26.32
N ILE G 276 -43.05 8.61 -25.19
CA ILE G 276 -43.71 9.15 -24.00
C ILE G 276 -43.02 10.44 -23.56
N VAL G 277 -41.69 10.45 -23.56
CA VAL G 277 -40.94 11.64 -23.16
C VAL G 277 -41.25 12.81 -24.07
N ALA G 278 -41.26 12.56 -25.40
CA ALA G 278 -41.55 13.64 -26.34
C ALA G 278 -42.93 14.26 -26.12
N ILE G 279 -43.94 13.40 -25.93
CA ILE G 279 -45.30 13.91 -25.70
C ILE G 279 -45.37 14.69 -24.39
N LYS G 280 -44.69 14.21 -23.36
CA LYS G 280 -44.67 14.92 -22.08
C LYS G 280 -44.06 16.31 -22.23
N SER G 281 -42.97 16.42 -23.01
CA SER G 281 -42.34 17.73 -23.19
C SER G 281 -43.28 18.68 -23.95
N TYR G 282 -44.00 18.17 -24.95
CA TYR G 282 -44.98 19.03 -25.62
C TYR G 282 -46.05 19.52 -24.63
N LEU G 283 -46.54 18.64 -23.77
CA LEU G 283 -47.55 19.07 -22.79
C LEU G 283 -46.99 20.10 -21.82
N GLU G 284 -45.72 19.94 -21.42
CA GLU G 284 -45.10 20.94 -20.55
C GLU G 284 -45.02 22.30 -21.23
N GLU G 285 -44.68 22.30 -22.52
CA GLU G 285 -44.66 23.56 -23.27
C GLU G 285 -46.04 24.19 -23.30
N LEU G 286 -47.09 23.38 -23.46
CA LEU G 286 -48.45 23.92 -23.38
C LEU G 286 -48.73 24.51 -22.01
N GLU G 287 -48.24 23.86 -20.96
CA GLU G 287 -48.43 24.36 -19.60
C GLU G 287 -47.77 25.73 -19.43
N LYS G 288 -46.57 25.91 -19.98
CA LYS G 288 -45.85 27.17 -19.80
C LYS G 288 -46.62 28.34 -20.38
N SER G 289 -47.37 28.13 -21.45
CA SER G 289 -48.14 29.18 -22.10
C SER G 289 -49.51 29.42 -21.44
N ALA G 290 -49.85 28.64 -20.41
CA ALA G 290 -51.11 28.74 -19.68
C ALA G 290 -52.34 28.41 -20.54
N LEU G 291 -52.18 27.54 -21.54
CA LEU G 291 -53.34 27.02 -22.24
C LEU G 291 -54.01 25.91 -21.44
N ILE G 292 -53.23 25.15 -20.67
CA ILE G 292 -53.74 24.08 -19.81
C ILE G 292 -53.14 24.26 -18.42
N GLU G 293 -53.73 23.58 -17.44
CA GLU G 293 -53.24 23.66 -16.07
C GLU G 293 -52.03 22.74 -15.87
N SER G 294 -51.33 22.94 -14.76
CA SER G 294 -50.08 22.25 -14.48
C SER G 294 -50.35 20.82 -14.01
N ASP G 295 -49.26 20.04 -13.91
CA ASP G 295 -49.29 18.67 -13.41
C ASP G 295 -50.09 17.73 -14.33
N SER G 296 -49.75 17.74 -15.62
CA SER G 296 -50.29 16.76 -16.55
C SER G 296 -49.35 15.57 -16.65
N THR G 297 -49.92 14.41 -17.00
CA THR G 297 -49.21 13.13 -16.98
C THR G 297 -49.42 12.37 -18.28
N VAL G 298 -48.43 11.53 -18.64
CA VAL G 298 -48.51 10.61 -19.76
C VAL G 298 -47.82 9.30 -19.38
N GLU G 299 -48.41 8.17 -19.77
CA GLU G 299 -47.81 6.86 -19.46
C GLU G 299 -48.40 5.78 -20.34
N ILE G 300 -47.93 4.55 -20.12
CA ILE G 300 -48.40 3.37 -20.86
C ILE G 300 -49.80 3.01 -20.38
N ASP G 301 -50.69 2.69 -21.32
CA ASP G 301 -52.04 2.23 -21.00
C ASP G 301 -52.01 0.72 -20.78
N PHE G 302 -51.92 0.31 -19.51
CA PHE G 302 -51.65 -1.09 -19.19
C PHE G 302 -52.86 -1.99 -19.45
N GLU G 303 -54.06 -1.53 -19.08
CA GLU G 303 -55.27 -2.34 -19.30
C GLU G 303 -55.51 -2.59 -20.79
N ALA G 304 -55.30 -1.57 -21.62
CA ALA G 304 -55.45 -1.72 -23.06
C ALA G 304 -54.45 -2.72 -23.64
N GLN G 305 -53.20 -2.64 -23.19
CA GLN G 305 -52.19 -3.59 -23.64
C GLN G 305 -52.56 -5.01 -23.24
N LYS G 306 -53.06 -5.19 -22.01
CA LYS G 306 -53.53 -6.51 -21.59
C LYS G 306 -54.66 -7.02 -22.45
N SER G 307 -55.66 -6.17 -22.74
CA SER G 307 -56.79 -6.61 -23.55
C SER G 307 -56.34 -7.01 -24.95
N TYR G 308 -55.43 -6.23 -25.54
CA TYR G 308 -54.91 -6.59 -26.86
C TYR G 308 -54.16 -7.92 -26.82
N LEU G 309 -53.34 -8.13 -25.78
CA LEU G 309 -52.58 -9.38 -25.71
C LEU G 309 -53.51 -10.58 -25.50
N LYS G 310 -54.56 -10.40 -24.70
CA LYS G 310 -55.57 -11.44 -24.55
C LYS G 310 -56.24 -11.74 -25.89
N SER G 311 -56.58 -10.70 -26.64
CA SER G 311 -57.19 -10.90 -27.95
C SER G 311 -56.23 -11.62 -28.90
N LYS G 312 -54.92 -11.46 -28.73
CA LYS G 312 -53.96 -12.18 -29.56
C LYS G 312 -53.81 -13.64 -29.15
N GLY G 313 -54.24 -14.01 -27.95
CA GLY G 313 -54.25 -15.40 -27.53
C GLY G 313 -53.18 -15.82 -26.54
N VAL G 314 -52.48 -14.88 -25.92
CA VAL G 314 -51.44 -15.25 -24.95
C VAL G 314 -52.12 -15.56 -23.61
N ASP G 315 -51.48 -16.40 -22.79
CA ASP G 315 -52.00 -16.75 -21.47
C ASP G 315 -51.38 -15.83 -20.44
N LEU G 316 -52.19 -14.92 -19.90
CA LEU G 316 -51.68 -13.88 -18.99
C LEU G 316 -51.17 -14.43 -17.67
N SER G 317 -51.74 -15.53 -17.17
CA SER G 317 -51.37 -16.01 -15.85
C SER G 317 -49.90 -16.42 -15.82
N TYR G 318 -49.29 -16.27 -14.65
CA TYR G 318 -47.87 -16.56 -14.43
C TYR G 318 -46.98 -15.66 -15.26
N MET G 319 -47.46 -14.44 -15.53
CA MET G 319 -46.68 -13.38 -16.14
C MET G 319 -46.65 -12.20 -15.18
N THR G 320 -45.46 -11.69 -14.89
CA THR G 320 -45.37 -10.58 -13.95
C THR G 320 -45.86 -9.28 -14.60
N LEU G 321 -46.04 -8.26 -13.75
CA LEU G 321 -46.47 -6.95 -14.24
C LEU G 321 -45.47 -6.39 -15.24
N GLN G 322 -44.18 -6.51 -14.95
CA GLN G 322 -43.15 -5.99 -15.84
C GLN G 322 -43.15 -6.70 -17.19
N GLU G 323 -43.35 -8.02 -17.18
CA GLU G 323 -43.38 -8.78 -18.42
C GLU G 323 -44.53 -8.34 -19.32
N ILE G 324 -45.69 -8.07 -18.73
CA ILE G 324 -46.83 -7.60 -19.51
C ILE G 324 -46.59 -6.19 -20.03
N LYS G 325 -46.00 -5.33 -19.19
CA LYS G 325 -45.75 -3.94 -19.61
C LYS G 325 -44.83 -3.87 -20.82
N GLU G 326 -43.84 -4.75 -20.91
CA GLU G 326 -42.82 -4.66 -21.93
C GLU G 326 -43.02 -5.64 -23.09
N ALA G 327 -44.16 -6.32 -23.16
CA ALA G 327 -44.37 -7.34 -24.17
C ALA G 327 -44.49 -6.73 -25.57
N ASN G 328 -44.14 -7.51 -26.58
CA ASN G 328 -44.27 -7.11 -27.98
C ASN G 328 -45.75 -6.94 -28.35
N THR G 329 -46.06 -5.91 -29.12
CA THR G 329 -47.42 -5.60 -29.54
C THR G 329 -47.49 -5.33 -31.04
N GLY G 330 -46.67 -6.03 -31.81
CA GLY G 330 -46.69 -5.85 -33.25
C GLY G 330 -46.32 -4.44 -33.65
N SER G 331 -47.27 -3.73 -34.26
CA SER G 331 -47.07 -2.35 -34.67
C SER G 331 -47.83 -1.35 -33.80
N LYS G 332 -48.43 -1.81 -32.71
CA LYS G 332 -49.35 -0.99 -31.91
C LYS G 332 -48.63 -0.34 -30.73
N VAL G 333 -49.15 0.82 -30.31
CA VAL G 333 -48.71 1.53 -29.11
C VAL G 333 -49.96 2.00 -28.36
N PHE G 334 -50.03 1.69 -27.07
CA PHE G 334 -51.16 2.09 -26.23
C PHE G 334 -50.68 3.05 -25.14
N LEU G 335 -51.24 4.26 -25.13
CA LEU G 335 -50.85 5.31 -24.18
C LEU G 335 -52.09 6.00 -23.63
N LYS G 336 -51.93 6.64 -22.46
CA LYS G 336 -52.98 7.44 -21.84
C LYS G 336 -52.37 8.66 -21.17
N ALA G 337 -53.21 9.68 -20.96
CA ALA G 337 -52.75 10.98 -20.44
C ALA G 337 -53.87 11.69 -19.68
N LYS G 338 -53.49 12.67 -18.86
CA LYS G 338 -54.45 13.50 -18.13
C LYS G 338 -54.10 14.98 -18.33
N ILE G 339 -55.12 15.80 -18.59
CA ILE G 339 -54.98 17.25 -18.71
C ILE G 339 -56.17 17.92 -18.03
N LYS G 340 -56.04 19.23 -17.80
CA LYS G 340 -57.11 20.04 -17.22
C LYS G 340 -57.19 21.38 -17.93
N VAL G 341 -58.41 21.83 -18.23
CA VAL G 341 -58.66 23.09 -18.91
C VAL G 341 -59.65 23.91 -18.08
N LEU G 342 -59.44 25.22 -18.03
CA LEU G 342 -60.28 26.10 -17.23
C LEU G 342 -61.19 26.95 -18.11
N ASP G 343 -62.26 27.46 -17.53
CA ASP G 343 -63.24 28.26 -18.26
C ASP G 343 -62.89 29.75 -18.20
N ALA G 344 -63.52 30.51 -19.07
CA ALA G 344 -63.38 31.96 -19.10
C ALA G 344 -64.46 32.62 -18.23
N MET G 345 -64.25 33.90 -17.92
CA MET G 345 -65.18 34.69 -17.13
C MET G 345 -66.42 35.02 -17.98
N GLU G 346 -67.60 34.60 -17.52
CA GLU G 346 -68.80 34.75 -18.33
C GLU G 346 -69.93 35.51 -17.64
N ASP G 347 -70.11 35.33 -16.34
CA ASP G 347 -71.15 36.05 -15.61
C ASP G 347 -70.62 36.61 -14.31
N ILE G 348 -71.08 37.82 -13.96
CA ILE G 348 -70.58 38.58 -12.83
C ILE G 348 -71.77 39.02 -11.98
N ASP G 349 -71.64 38.87 -10.67
CA ASP G 349 -72.58 39.45 -9.71
C ASP G 349 -71.86 40.48 -8.86
N LEU G 350 -72.36 41.72 -8.88
CA LEU G 350 -71.82 42.77 -8.03
C LEU G 350 -72.95 43.41 -7.23
N SER G 351 -72.93 43.21 -5.92
CA SER G 351 -73.94 43.75 -5.01
C SER G 351 -73.39 45.00 -4.34
N ILE G 352 -74.07 46.12 -4.56
CA ILE G 352 -73.62 47.44 -4.10
C ILE G 352 -74.58 47.92 -3.03
N GLU G 353 -74.04 48.27 -1.86
CA GLU G 353 -74.82 48.84 -0.76
C GLU G 353 -74.54 50.34 -0.72
N ILE G 354 -75.60 51.13 -0.59
CA ILE G 354 -75.47 52.58 -0.66
C ILE G 354 -75.82 53.21 0.66
N ASN H 3 -24.51 -47.42 -10.65
CA ASN H 3 -24.40 -46.99 -12.05
C ASN H 3 -23.09 -46.24 -12.31
N MET H 4 -22.30 -46.03 -11.26
CA MET H 4 -20.98 -45.41 -11.44
C MET H 4 -19.90 -46.48 -11.45
N GLU H 5 -19.17 -46.56 -12.55
CA GLU H 5 -18.08 -47.51 -12.68
C GLU H 5 -16.78 -46.75 -12.98
N ALA H 6 -15.66 -47.36 -12.59
CA ALA H 6 -14.35 -46.77 -12.84
C ALA H 6 -14.09 -46.57 -14.33
N ARG H 7 -14.60 -47.45 -15.19
CA ARG H 7 -14.40 -47.30 -16.63
C ARG H 7 -15.09 -46.06 -17.21
N ASN H 8 -16.06 -45.47 -16.50
CA ASN H 8 -16.79 -44.32 -17.02
C ASN H 8 -16.00 -43.01 -16.94
N VAL H 9 -14.92 -42.95 -16.17
CA VAL H 9 -14.14 -41.72 -16.03
C VAL H 9 -13.46 -41.40 -17.35
N MET H 10 -13.55 -40.15 -17.79
CA MET H 10 -13.04 -39.75 -19.08
C MET H 10 -11.52 -39.61 -19.06
N SER H 11 -10.84 -40.22 -20.01
CA SER H 11 -9.40 -40.13 -20.15
C SER H 11 -9.02 -38.98 -21.09
N GLY H 12 -8.05 -38.17 -20.66
CA GLY H 12 -7.59 -37.05 -21.45
C GLY H 12 -6.92 -37.40 -22.77
N THR H 13 -6.46 -38.64 -22.95
CA THR H 13 -5.90 -39.07 -24.23
C THR H 13 -6.94 -39.05 -25.34
N TRP H 14 -8.23 -39.08 -25.02
CA TRP H 14 -9.29 -39.05 -26.02
C TRP H 14 -9.80 -37.63 -26.29
N GLY H 15 -8.95 -36.61 -26.14
CA GLY H 15 -9.31 -35.24 -26.45
C GLY H 15 -8.87 -34.82 -27.83
N GLU H 16 -9.64 -33.93 -28.46
CA GLU H 16 -9.32 -33.34 -29.76
C GLU H 16 -9.59 -31.84 -29.72
N LEU H 17 -8.90 -31.09 -30.59
CA LEU H 17 -8.95 -29.64 -30.57
C LEU H 17 -8.87 -29.06 -31.98
N TRP H 18 -9.75 -28.09 -32.27
CA TRP H 18 -9.69 -27.27 -33.46
C TRP H 18 -9.42 -25.83 -33.05
N LEU H 19 -8.53 -25.15 -33.77
CA LEU H 19 -8.20 -23.75 -33.53
C LEU H 19 -8.25 -23.00 -34.85
N ASP H 20 -9.05 -21.94 -34.91
CA ASP H 20 -9.24 -21.14 -36.13
C ASP H 20 -9.68 -22.02 -37.30
N GLY H 21 -10.45 -23.07 -36.99
CA GLY H 21 -10.96 -23.99 -37.99
C GLY H 21 -10.03 -25.13 -38.38
N ASN H 22 -8.83 -25.21 -37.83
CA ASN H 22 -7.85 -26.22 -38.21
C ASN H 22 -7.58 -27.18 -37.06
N LYS H 23 -7.47 -28.47 -37.37
CA LYS H 23 -7.18 -29.48 -36.36
C LYS H 23 -5.77 -29.31 -35.81
N VAL H 24 -5.61 -29.53 -34.51
CA VAL H 24 -4.31 -29.41 -33.84
C VAL H 24 -3.90 -30.79 -33.37
N ALA H 25 -3.16 -31.52 -34.22
CA ALA H 25 -2.77 -32.89 -33.92
C ALA H 25 -1.74 -33.00 -32.80
N GLU H 26 -1.05 -31.91 -32.45
CA GLU H 26 0.08 -31.96 -31.55
C GLU H 26 -0.30 -31.45 -30.16
N VAL H 27 -1.60 -31.45 -29.86
CA VAL H 27 -2.13 -30.88 -28.62
C VAL H 27 -1.77 -31.80 -27.46
N LYS H 28 -1.31 -31.21 -26.35
CA LYS H 28 -1.00 -31.92 -25.11
C LYS H 28 -2.02 -31.69 -24.00
N LYS H 29 -2.53 -30.46 -23.84
CA LYS H 29 -3.59 -30.21 -22.87
C LYS H 29 -4.39 -28.99 -23.28
N PHE H 30 -5.63 -28.93 -22.80
CA PHE H 30 -6.54 -27.82 -23.06
C PHE H 30 -7.38 -27.54 -21.82
N GLN H 31 -7.51 -26.27 -21.48
CA GLN H 31 -8.22 -25.85 -20.29
C GLN H 31 -8.95 -24.54 -20.54
N ALA H 32 -10.16 -24.42 -20.00
CA ALA H 32 -10.97 -23.21 -20.10
C ALA H 32 -11.93 -23.15 -18.93
N LYS H 33 -11.94 -22.02 -18.21
CA LYS H 33 -12.70 -21.88 -16.98
C LYS H 33 -13.22 -20.46 -16.85
N MET H 34 -14.42 -20.33 -16.28
CA MET H 34 -15.02 -19.04 -15.96
C MET H 34 -14.88 -18.77 -14.47
N GLU H 35 -14.13 -17.72 -14.11
CA GLU H 35 -13.93 -17.33 -12.72
C GLU H 35 -14.88 -16.19 -12.37
N PHE H 36 -15.80 -16.44 -11.44
CA PHE H 36 -16.85 -15.46 -11.14
C PHE H 36 -16.30 -14.32 -10.28
N THR H 37 -16.79 -13.11 -10.55
CA THR H 37 -16.55 -11.96 -9.69
C THR H 37 -17.67 -11.88 -8.66
N LYS H 38 -17.32 -12.02 -7.38
CA LYS H 38 -18.26 -11.99 -6.27
C LYS H 38 -17.83 -10.96 -5.25
N GLU H 39 -18.79 -10.21 -4.72
CA GLU H 39 -18.49 -9.16 -3.76
C GLU H 39 -19.31 -9.37 -2.48
N ASP H 40 -18.65 -9.23 -1.34
CA ASP H 40 -19.29 -9.49 -0.05
C ASP H 40 -20.36 -8.45 0.28
N ILE H 41 -21.43 -8.91 0.91
CA ILE H 41 -22.51 -8.04 1.36
C ILE H 41 -22.97 -8.52 2.73
N ILE H 42 -22.80 -7.67 3.75
CA ILE H 42 -23.23 -7.96 5.11
C ILE H 42 -24.64 -7.44 5.29
N ILE H 43 -25.55 -8.31 5.70
CA ILE H 43 -26.95 -7.97 5.92
C ILE H 43 -27.18 -7.74 7.40
N ALA H 44 -27.85 -6.64 7.74
CA ALA H 44 -28.13 -6.33 9.14
C ALA H 44 -28.96 -7.46 9.77
N GLY H 45 -28.50 -7.92 10.93
CA GLY H 45 -29.16 -9.01 11.65
C GLY H 45 -28.79 -10.41 11.24
N GLN H 46 -27.86 -10.59 10.30
CA GLN H 46 -27.46 -11.93 9.85
C GLN H 46 -25.96 -12.12 10.10
N MET H 47 -25.61 -13.20 10.80
CA MET H 47 -24.22 -13.47 11.15
C MET H 47 -23.39 -13.95 9.96
N GLY H 48 -23.99 -14.70 9.03
CA GLY H 48 -23.27 -15.19 7.87
C GLY H 48 -23.21 -14.18 6.73
N THR H 49 -22.00 -13.83 6.31
CA THR H 49 -21.79 -12.90 5.21
C THR H 49 -22.18 -13.53 3.87
N ASP H 50 -23.01 -12.82 3.10
CA ASP H 50 -23.49 -13.27 1.79
C ASP H 50 -22.71 -12.58 0.67
N THR H 51 -23.02 -12.94 -0.58
CA THR H 51 -22.32 -12.43 -1.76
C THR H 51 -23.30 -12.06 -2.87
N LYS H 52 -22.87 -11.13 -3.73
CA LYS H 52 -23.61 -10.74 -4.92
C LYS H 52 -22.77 -11.05 -6.16
N TYR H 53 -23.36 -11.77 -7.11
CA TYR H 53 -22.68 -12.13 -8.34
C TYR H 53 -22.64 -10.93 -9.29
N MET H 54 -21.44 -10.60 -9.79
CA MET H 54 -21.27 -9.42 -10.63
C MET H 54 -20.82 -9.70 -12.06
N GLY H 55 -20.38 -10.90 -12.40
CA GLY H 55 -19.87 -11.19 -13.71
C GLY H 55 -18.80 -12.27 -13.65
N TYR H 56 -18.08 -12.43 -14.76
CA TYR H 56 -17.06 -13.47 -14.84
C TYR H 56 -15.93 -13.07 -15.77
N LYS H 57 -14.79 -13.72 -15.60
CA LYS H 57 -13.62 -13.58 -16.47
C LYS H 57 -13.20 -14.97 -16.97
N GLY H 58 -13.14 -15.12 -18.29
CA GLY H 58 -12.75 -16.39 -18.90
C GLY H 58 -11.25 -16.51 -19.04
N LYS H 59 -10.70 -17.60 -18.52
CA LYS H 59 -9.27 -17.87 -18.56
C LYS H 59 -9.01 -19.30 -19.02
N GLY H 60 -7.94 -19.48 -19.79
CA GLY H 60 -7.60 -20.78 -20.35
C GLY H 60 -6.14 -20.87 -20.77
N SER H 61 -5.76 -22.06 -21.24
CA SER H 61 -4.41 -22.32 -21.72
C SER H 61 -4.41 -23.52 -22.66
N ILE H 62 -3.42 -23.53 -23.56
CA ILE H 62 -3.13 -24.63 -24.47
C ILE H 62 -1.66 -24.99 -24.35
N THR H 63 -1.35 -26.28 -24.31
CA THR H 63 0.03 -26.77 -24.38
C THR H 63 0.18 -27.62 -25.64
N LEU H 64 1.28 -27.41 -26.37
CA LEU H 64 1.54 -28.12 -27.62
C LEU H 64 2.95 -28.71 -27.60
N TYR H 65 3.11 -29.87 -28.24
CA TYR H 65 4.44 -30.29 -28.64
C TYR H 65 4.93 -29.38 -29.77
N HIS H 66 6.22 -29.03 -29.74
CA HIS H 66 6.80 -28.11 -30.71
C HIS H 66 7.16 -28.87 -31.99
N VAL H 67 6.29 -28.82 -32.99
CA VAL H 67 6.55 -29.48 -34.26
C VAL H 67 6.52 -28.49 -35.42
N SER H 68 5.96 -27.31 -35.21
CA SER H 68 5.84 -26.32 -36.28
C SER H 68 5.75 -24.92 -35.68
N SER H 69 5.62 -23.92 -36.55
CA SER H 69 5.48 -22.52 -36.13
C SER H 69 4.02 -22.06 -36.20
N ARG H 70 3.12 -22.78 -35.50
CA ARG H 70 1.69 -22.47 -35.58
C ARG H 70 1.36 -21.09 -35.01
N MET H 71 1.80 -20.81 -33.78
CA MET H 71 1.41 -19.56 -33.12
C MET H 71 2.10 -18.35 -33.76
N HIS H 72 3.36 -18.53 -34.19
CA HIS H 72 4.06 -17.45 -34.91
C HIS H 72 3.22 -16.97 -36.08
N LYS H 73 2.79 -17.91 -36.93
CA LYS H 73 1.99 -17.55 -38.09
C LYS H 73 0.63 -16.98 -37.68
N LEU H 74 0.03 -17.48 -36.59
CA LEU H 74 -1.29 -16.97 -36.22
C LEU H 74 -1.23 -15.50 -35.80
N ILE H 75 -0.24 -15.09 -35.00
CA ILE H 75 -0.36 -13.75 -34.41
C ILE H 75 0.84 -12.81 -34.54
N GLY H 76 2.00 -13.31 -34.99
CA GLY H 76 3.23 -12.53 -34.83
C GLY H 76 3.23 -11.20 -35.55
N GLU H 77 2.97 -11.21 -36.86
CA GLU H 77 3.04 -9.97 -37.63
C GLU H 77 1.94 -8.98 -37.22
N LYS H 78 0.73 -9.49 -36.97
CA LYS H 78 -0.37 -8.62 -36.59
C LYS H 78 -0.16 -7.93 -35.25
N ILE H 79 0.41 -8.64 -34.27
CA ILE H 79 0.60 -8.05 -32.94
C ILE H 79 1.54 -6.86 -33.01
N LYS H 80 2.61 -6.95 -33.80
CA LYS H 80 3.58 -5.86 -33.90
C LYS H 80 2.96 -4.61 -34.52
N ARG H 81 1.96 -4.77 -35.38
CA ARG H 81 1.35 -3.63 -36.04
C ARG H 81 0.19 -3.02 -35.26
N GLY H 82 -0.20 -3.60 -34.13
CA GLY H 82 -1.29 -3.09 -33.34
C GLY H 82 -2.66 -3.60 -33.68
N SER H 83 -2.77 -4.63 -34.52
CA SER H 83 -4.04 -5.29 -34.82
C SER H 83 -4.09 -6.60 -34.05
N GLU H 84 -5.04 -6.69 -33.13
CA GLU H 84 -5.09 -7.91 -32.33
C GLU H 84 -6.16 -8.85 -32.87
N PRO H 85 -5.80 -10.07 -33.27
CA PRO H 85 -6.78 -11.02 -33.78
C PRO H 85 -7.47 -11.81 -32.66
N ARG H 86 -8.68 -12.27 -32.98
CA ARG H 86 -9.50 -13.07 -32.06
C ARG H 86 -9.88 -14.38 -32.74
N PHE H 87 -10.06 -15.43 -31.95
CA PHE H 87 -10.18 -16.79 -32.49
C PHE H 87 -11.32 -17.56 -31.84
N VAL H 88 -11.67 -18.68 -32.47
CA VAL H 88 -12.64 -19.65 -31.97
C VAL H 88 -11.93 -21.01 -31.82
N ALA H 89 -12.14 -21.67 -30.69
CA ALA H 89 -11.62 -23.02 -30.47
C ALA H 89 -12.76 -23.97 -30.14
N ILE H 90 -12.63 -25.22 -30.60
CA ILE H 90 -13.59 -26.27 -30.33
C ILE H 90 -12.85 -27.45 -29.68
N SER H 91 -13.26 -27.83 -28.48
CA SER H 91 -12.67 -28.96 -27.78
C SER H 91 -13.67 -30.09 -27.66
N LYS H 92 -13.22 -31.30 -27.99
CA LYS H 92 -14.06 -32.49 -27.95
C LYS H 92 -13.39 -33.55 -27.08
N LEU H 93 -14.17 -34.18 -26.21
CA LEU H 93 -13.73 -35.27 -25.35
C LEU H 93 -14.67 -36.45 -25.57
N ASN H 94 -14.18 -37.51 -26.21
CA ASN H 94 -15.03 -38.65 -26.60
C ASN H 94 -14.32 -39.96 -26.23
N ASP H 95 -14.46 -40.36 -24.96
CA ASP H 95 -13.91 -41.61 -24.47
C ASP H 95 -14.85 -42.76 -24.83
N PRO H 96 -14.38 -43.79 -25.54
CA PRO H 96 -15.29 -44.88 -25.95
C PRO H 96 -15.96 -45.60 -24.78
N ASP H 97 -15.36 -45.61 -23.60
CA ASP H 97 -15.96 -46.27 -22.44
C ASP H 97 -16.82 -45.33 -21.59
N SER H 98 -16.96 -44.06 -21.97
CA SER H 98 -17.76 -43.11 -21.21
C SER H 98 -19.21 -43.10 -21.71
N TYR H 99 -20.06 -42.35 -20.99
CA TYR H 99 -21.49 -42.28 -21.32
C TYR H 99 -21.71 -41.65 -22.69
N GLY H 100 -21.01 -40.57 -22.98
CA GLY H 100 -21.17 -39.85 -24.24
C GLY H 100 -19.99 -38.94 -24.48
N ALA H 101 -20.22 -37.91 -25.31
CA ALA H 101 -19.17 -36.97 -25.67
C ALA H 101 -19.48 -35.58 -25.14
N GLU H 102 -18.43 -34.81 -24.89
CA GLU H 102 -18.51 -33.41 -24.46
C GLU H 102 -17.79 -32.57 -25.51
N ARG H 103 -18.54 -31.68 -26.18
CA ARG H 103 -17.97 -30.81 -27.20
C ARG H 103 -18.40 -29.38 -26.88
N ILE H 104 -17.44 -28.46 -26.82
CA ILE H 104 -17.69 -27.09 -26.41
C ILE H 104 -16.91 -26.14 -27.32
N ALA H 105 -17.57 -25.08 -27.78
CA ALA H 105 -16.91 -24.02 -28.53
C ALA H 105 -16.59 -22.86 -27.60
N VAL H 106 -15.34 -22.41 -27.65
CA VAL H 106 -14.87 -21.27 -26.86
C VAL H 106 -14.56 -20.13 -27.83
N LYS H 107 -15.15 -18.96 -27.60
CA LYS H 107 -15.13 -17.89 -28.59
C LYS H 107 -14.54 -16.59 -28.06
N ASN H 108 -14.17 -15.71 -29.00
CA ASN H 108 -13.54 -14.42 -28.72
C ASN H 108 -12.27 -14.61 -27.88
N ILE H 109 -11.42 -15.53 -28.33
CA ILE H 109 -10.18 -15.88 -27.64
C ILE H 109 -9.10 -14.85 -27.99
N ALA H 110 -8.43 -14.31 -26.97
CA ALA H 110 -7.26 -13.47 -27.14
C ALA H 110 -6.10 -14.06 -26.35
N PHE H 111 -4.99 -14.33 -27.04
CA PHE H 111 -3.84 -14.96 -26.41
C PHE H 111 -3.07 -13.94 -25.54
N ASP H 112 -2.39 -14.47 -24.52
CA ASP H 112 -1.73 -13.63 -23.53
C ASP H 112 -0.29 -13.27 -23.90
N ASP H 113 0.35 -14.04 -24.78
CA ASP H 113 1.76 -13.84 -25.10
C ASP H 113 2.09 -14.55 -26.40
N LEU H 114 3.38 -14.55 -26.76
CA LEU H 114 3.90 -15.30 -27.90
C LEU H 114 5.33 -15.75 -27.63
N THR H 115 5.58 -17.05 -27.70
CA THR H 115 6.91 -17.61 -27.52
C THR H 115 7.64 -17.62 -28.86
N LEU H 116 8.74 -16.88 -28.95
CA LEU H 116 9.56 -16.90 -30.15
C LEU H 116 10.54 -18.07 -30.14
N ALA H 117 11.22 -18.29 -29.01
CA ALA H 117 12.14 -19.42 -28.88
C ALA H 117 12.20 -19.82 -27.41
N ASP H 118 12.24 -21.12 -27.16
CA ASP H 118 12.49 -21.66 -25.81
C ASP H 118 13.07 -23.06 -25.98
N TRP H 119 14.40 -23.16 -26.00
CA TRP H 119 15.02 -24.47 -26.16
C TRP H 119 16.20 -24.64 -25.20
N GLU H 120 16.47 -25.89 -24.86
CA GLU H 120 17.54 -26.30 -23.96
C GLU H 120 18.11 -27.62 -24.45
N VAL H 121 19.44 -27.74 -24.40
CA VAL H 121 20.11 -28.97 -24.85
C VAL H 121 19.63 -30.14 -23.99
N GLY H 122 19.29 -31.25 -24.65
CA GLY H 122 18.83 -32.44 -23.97
C GLY H 122 17.37 -32.42 -23.54
N VAL H 123 16.58 -31.44 -23.95
CA VAL H 123 15.18 -31.30 -23.56
C VAL H 123 14.33 -31.17 -24.81
N LYS H 124 13.23 -31.92 -24.85
CA LYS H 124 12.30 -31.83 -25.97
C LYS H 124 11.42 -30.57 -25.85
N GLY H 125 11.07 -30.00 -27.00
CA GLY H 125 10.38 -28.71 -27.03
C GLY H 125 8.88 -28.83 -26.79
N GLU H 126 8.36 -27.88 -26.00
CA GLU H 126 6.94 -27.73 -25.72
C GLU H 126 6.61 -26.24 -25.67
N ILE H 127 5.34 -25.91 -25.90
CA ILE H 127 4.87 -24.52 -25.91
C ILE H 127 3.62 -24.38 -25.05
N GLU H 128 3.64 -23.43 -24.13
CA GLU H 128 2.50 -23.11 -23.27
C GLU H 128 1.94 -21.75 -23.66
N ALA H 129 0.65 -21.71 -24.01
CA ALA H 129 0.01 -20.50 -24.54
C ALA H 129 -1.26 -20.15 -23.77
N PRO H 130 -1.18 -19.30 -22.74
CA PRO H 130 -2.37 -18.87 -22.02
C PRO H 130 -3.21 -17.88 -22.84
N PHE H 131 -4.50 -17.78 -22.49
CA PHE H 131 -5.43 -16.90 -23.19
C PHE H 131 -6.60 -16.52 -22.29
N THR H 132 -7.39 -15.56 -22.78
CA THR H 132 -8.67 -15.15 -22.19
C THR H 132 -9.77 -15.26 -23.23
N PHE H 133 -11.03 -15.26 -22.78
CA PHE H 133 -12.18 -15.44 -23.66
C PHE H 133 -13.43 -14.89 -22.98
N THR H 134 -14.50 -14.68 -23.76
CA THR H 134 -15.71 -14.11 -23.19
C THR H 134 -16.99 -14.89 -23.45
N GLU H 135 -17.03 -15.79 -24.44
CA GLU H 135 -18.26 -16.49 -24.82
C GLU H 135 -18.00 -17.99 -25.03
N TYR H 136 -19.09 -18.76 -25.07
CA TYR H 136 -19.03 -20.20 -25.33
C TYR H 136 -20.41 -20.74 -25.72
N ASP H 137 -20.40 -21.94 -26.31
CA ASP H 137 -21.62 -22.69 -26.61
C ASP H 137 -21.44 -24.18 -26.35
N PHE H 138 -22.53 -24.82 -25.92
CA PHE H 138 -22.57 -26.25 -25.66
C PHE H 138 -23.06 -26.96 -26.92
N LEU H 139 -22.22 -27.84 -27.47
CA LEU H 139 -22.64 -28.78 -28.50
C LEU H 139 -22.35 -30.19 -27.98
N ASP H 140 -23.38 -31.02 -27.80
CA ASP H 140 -23.19 -32.37 -27.24
C ASP H 140 -22.59 -32.33 -25.83
N ILE H 141 -23.42 -31.96 -24.88
CA ILE H 141 -23.10 -32.22 -23.48
C ILE H 141 -23.66 -33.58 -23.07
N ILE H 142 -23.15 -34.11 -21.96
CA ILE H 142 -23.57 -35.42 -21.46
C ILE H 142 -24.63 -35.25 -20.38
N ASN I 3 -37.17 -11.40 2.81
CA ASN I 3 -37.45 -10.56 1.65
C ASN I 3 -36.17 -9.91 1.10
N MET I 4 -35.32 -9.38 1.99
CA MET I 4 -34.09 -8.75 1.55
C MET I 4 -32.97 -9.77 1.48
N GLU I 5 -32.41 -9.96 0.30
CA GLU I 5 -31.32 -10.90 0.09
C GLU I 5 -30.28 -10.21 -0.78
N ALA I 6 -29.03 -10.66 -0.66
CA ALA I 6 -27.91 -10.06 -1.38
C ALA I 6 -28.13 -10.00 -2.90
N ARG I 7 -28.85 -10.97 -3.48
CA ARG I 7 -29.07 -10.95 -4.92
C ARG I 7 -29.91 -9.76 -5.39
N ASN I 8 -30.70 -9.16 -4.50
CA ASN I 8 -31.56 -8.05 -4.88
C ASN I 8 -30.79 -6.73 -5.12
N VAL I 9 -29.56 -6.61 -4.65
CA VAL I 9 -28.80 -5.37 -4.85
C VAL I 9 -28.53 -5.16 -6.33
N MET I 10 -28.80 -3.96 -6.83
CA MET I 10 -28.68 -3.68 -8.26
C MET I 10 -27.22 -3.51 -8.66
N SER I 11 -26.81 -4.25 -9.70
CA SER I 11 -25.46 -4.12 -10.25
C SER I 11 -25.42 -3.08 -11.37
N GLY I 12 -24.36 -2.28 -11.36
CA GLY I 12 -24.17 -1.25 -12.37
C GLY I 12 -23.89 -1.74 -13.78
N THR I 13 -23.48 -3.00 -13.96
CA THR I 13 -23.29 -3.54 -15.30
C THR I 13 -24.60 -3.64 -16.09
N TRP I 14 -25.74 -3.62 -15.41
CA TRP I 14 -27.04 -3.68 -16.08
C TRP I 14 -27.64 -2.30 -16.35
N GLY I 15 -26.81 -1.26 -16.40
CA GLY I 15 -27.26 0.08 -16.73
C GLY I 15 -27.20 0.38 -18.22
N GLU I 16 -28.11 1.24 -18.67
CA GLU I 16 -28.14 1.69 -20.06
C GLU I 16 -28.49 3.17 -20.10
N LEU I 17 -28.08 3.84 -21.19
CA LEU I 17 -28.18 5.29 -21.31
C LEU I 17 -28.58 5.71 -22.72
N TRP I 18 -29.54 6.63 -22.80
CA TRP I 18 -29.88 7.33 -24.04
C TRP I 18 -29.58 8.81 -23.88
N LEU I 19 -28.96 9.41 -24.89
CA LEU I 19 -28.62 10.84 -24.87
C LEU I 19 -29.09 11.49 -26.17
N ASP I 20 -29.98 12.47 -26.04
CA ASP I 20 -30.55 13.18 -27.19
C ASP I 20 -31.22 12.22 -28.16
N GLY I 21 -31.83 11.15 -27.62
CA GLY I 21 -32.51 10.15 -28.41
C GLY I 21 -31.67 9.00 -28.93
N ASN I 22 -30.35 9.05 -28.76
CA ASN I 22 -29.44 8.05 -29.31
C ASN I 22 -28.82 7.24 -28.18
N LYS I 23 -28.78 5.92 -28.35
CA LYS I 23 -28.25 5.04 -27.32
C LYS I 23 -26.73 5.18 -27.24
N VAL I 24 -26.19 5.10 -26.02
CA VAL I 24 -24.77 5.28 -25.77
C VAL I 24 -24.19 3.94 -25.30
N ALA I 25 -23.73 3.13 -26.24
CA ALA I 25 -23.24 1.80 -25.92
C ALA I 25 -21.91 1.83 -25.15
N GLU I 26 -21.19 2.94 -25.14
CA GLU I 26 -19.84 3.00 -24.58
C GLU I 26 -19.84 3.65 -23.19
N VAL I 27 -21.00 3.69 -22.55
CA VAL I 27 -21.16 4.35 -21.26
C VAL I 27 -20.44 3.54 -20.19
N LYS I 28 -19.70 4.23 -19.32
CA LYS I 28 -19.05 3.64 -18.16
C LYS I 28 -19.77 3.93 -16.85
N LYS I 29 -20.24 5.15 -16.63
CA LYS I 29 -21.02 5.45 -15.44
C LYS I 29 -21.90 6.68 -15.68
N PHE I 30 -22.95 6.80 -14.86
CA PHE I 30 -23.92 7.87 -14.96
C PHE I 30 -24.37 8.30 -13.58
N GLN I 31 -24.44 9.61 -13.36
CA GLN I 31 -24.77 10.19 -12.07
C GLN I 31 -25.74 11.36 -12.24
N ALA I 32 -26.67 11.51 -11.31
CA ALA I 32 -27.54 12.68 -11.27
C ALA I 32 -28.14 12.82 -9.87
N LYS I 33 -27.94 13.99 -9.25
CA LYS I 33 -28.41 14.29 -7.90
C LYS I 33 -28.98 15.69 -7.82
N MET I 34 -29.92 15.88 -6.90
CA MET I 34 -30.48 17.18 -6.58
C MET I 34 -29.97 17.61 -5.20
N GLU I 35 -29.17 18.68 -5.15
CA GLU I 35 -28.61 19.20 -3.91
C GLU I 35 -29.48 20.36 -3.42
N PHE I 36 -30.04 20.22 -2.21
CA PHE I 36 -30.98 21.21 -1.70
C PHE I 36 -30.27 22.42 -1.09
N THR I 37 -30.89 23.58 -1.23
CA THR I 37 -30.42 24.82 -0.60
C THR I 37 -31.20 25.02 0.70
N LYS I 38 -30.47 25.08 1.81
CA LYS I 38 -31.07 25.21 3.14
C LYS I 38 -30.42 26.35 3.90
N GLU I 39 -31.25 27.15 4.58
CA GLU I 39 -30.79 28.28 5.38
C GLU I 39 -31.12 28.04 6.85
N ASP I 40 -30.13 28.29 7.72
CA ASP I 40 -30.32 28.13 9.16
C ASP I 40 -31.29 29.17 9.69
N ILE I 41 -32.11 28.76 10.66
CA ILE I 41 -33.07 29.64 11.33
C ILE I 41 -33.07 29.28 12.81
N ILE I 42 -32.76 30.25 13.67
CA ILE I 42 -32.75 30.06 15.11
C ILE I 42 -34.04 30.62 15.68
N ILE I 43 -34.78 29.79 16.42
CA ILE I 43 -36.06 30.18 17.02
C ILE I 43 -35.82 30.55 18.48
N ALA I 44 -36.39 31.68 18.89
CA ALA I 44 -36.29 32.10 20.28
C ALA I 44 -36.89 31.04 21.21
N GLY I 45 -36.13 30.69 22.24
CA GLY I 45 -36.55 29.68 23.19
C GLY I 45 -36.24 28.24 22.82
N GLN I 46 -35.54 28.00 21.71
CA GLN I 46 -35.24 26.65 21.25
C GLN I 46 -33.74 26.49 21.06
N MET I 47 -33.16 25.45 21.67
CA MET I 47 -31.73 25.23 21.57
C MET I 47 -31.31 24.63 20.22
N GLY I 48 -32.14 23.77 19.62
CA GLY I 48 -31.81 23.19 18.35
C GLY I 48 -32.12 24.09 17.17
N THR I 49 -31.12 24.42 16.36
CA THR I 49 -31.32 25.27 15.18
C THR I 49 -31.98 24.49 14.05
N ASP I 50 -32.99 25.09 13.43
CA ASP I 50 -33.78 24.48 12.36
C ASP I 50 -33.38 25.09 11.01
N THR I 51 -34.01 24.60 9.94
CA THR I 51 -33.70 25.02 8.58
C THR I 51 -34.96 25.25 7.76
N LYS I 52 -34.84 26.10 6.75
CA LYS I 52 -35.90 26.37 5.79
C LYS I 52 -35.42 25.96 4.40
N TYR I 53 -36.22 25.14 3.72
CA TYR I 53 -35.90 24.70 2.37
C TYR I 53 -36.17 25.81 1.36
N MET I 54 -35.21 26.07 0.47
CA MET I 54 -35.34 27.17 -0.48
C MET I 54 -35.26 26.78 -1.95
N GLY I 55 -34.79 25.58 -2.30
CA GLY I 55 -34.67 25.20 -3.69
C GLY I 55 -33.64 24.10 -3.85
N TYR I 56 -33.28 23.82 -5.10
CA TYR I 56 -32.32 22.76 -5.39
C TYR I 56 -31.52 23.07 -6.65
N LYS I 57 -30.32 22.49 -6.71
CA LYS I 57 -29.43 22.58 -7.86
C LYS I 57 -29.10 21.17 -8.33
N GLY I 58 -29.42 20.87 -9.60
CA GLY I 58 -29.19 19.55 -10.17
C GLY I 58 -27.79 19.45 -10.74
N LYS I 59 -27.06 18.42 -10.31
CA LYS I 59 -25.70 18.16 -10.74
C LYS I 59 -25.54 16.69 -11.12
N GLY I 60 -24.69 16.44 -12.13
CA GLY I 60 -24.46 15.08 -12.61
C GLY I 60 -23.21 14.98 -13.46
N SER I 61 -22.95 13.76 -13.94
CA SER I 61 -21.84 13.52 -14.86
C SER I 61 -21.99 12.19 -15.56
N ILE I 62 -21.33 12.08 -16.72
CA ILE I 62 -21.27 10.88 -17.54
C ILE I 62 -19.80 10.57 -17.82
N THR I 63 -19.42 9.29 -17.75
CA THR I 63 -18.10 8.84 -18.18
C THR I 63 -18.27 7.83 -19.32
N LEU I 64 -17.49 8.01 -20.39
CA LEU I 64 -17.54 7.13 -21.54
C LEU I 64 -16.14 6.62 -21.91
N TYR I 65 -16.10 5.40 -22.43
CA TYR I 65 -14.93 4.96 -23.17
C TYR I 65 -14.83 5.76 -24.47
N HIS I 66 -13.60 6.13 -24.84
CA HIS I 66 -13.37 6.99 -26.02
C HIS I 66 -13.33 6.12 -27.28
N VAL I 67 -14.44 6.06 -28.01
CA VAL I 67 -14.53 5.27 -29.24
C VAL I 67 -14.87 6.15 -30.44
N SER I 68 -15.38 7.36 -30.19
CA SER I 68 -15.78 8.25 -31.27
C SER I 68 -15.81 9.69 -30.76
N SER I 69 -16.18 10.62 -31.65
CA SER I 69 -16.26 12.04 -31.34
C SER I 69 -17.70 12.47 -31.05
N ARG I 70 -18.34 11.82 -30.07
CA ARG I 70 -19.75 12.08 -29.79
C ARG I 70 -19.97 13.51 -29.28
N MET I 71 -19.25 13.91 -28.23
CA MET I 71 -19.49 15.22 -27.63
C MET I 71 -19.02 16.35 -28.54
N HIS I 72 -17.95 16.14 -29.30
CA HIS I 72 -17.54 17.14 -30.29
C HIS I 72 -18.69 17.49 -31.21
N LYS I 73 -19.32 16.47 -31.80
CA LYS I 73 -20.43 16.69 -32.71
C LYS I 73 -21.65 17.27 -31.99
N LEU I 74 -21.86 16.91 -30.72
CA LEU I 74 -23.03 17.43 -30.02
C LEU I 74 -22.92 18.93 -29.74
N ILE I 75 -21.75 19.42 -29.32
CA ILE I 75 -21.74 20.79 -28.78
C ILE I 75 -20.68 21.75 -29.33
N GLY I 76 -19.65 21.25 -30.02
CA GLY I 76 -18.47 22.07 -30.24
C GLY I 76 -18.72 23.31 -31.07
N GLU I 77 -19.40 23.15 -32.21
CA GLU I 77 -19.60 24.29 -33.10
C GLU I 77 -20.57 25.30 -32.49
N LYS I 78 -21.65 24.83 -31.87
CA LYS I 78 -22.64 25.72 -31.27
C LYS I 78 -22.06 26.54 -30.13
N ILE I 79 -21.22 25.94 -29.29
CA ILE I 79 -20.67 26.66 -28.15
C ILE I 79 -19.79 27.83 -28.61
N LYS I 80 -19.05 27.64 -29.71
CA LYS I 80 -18.19 28.72 -30.22
C LYS I 80 -19.00 29.91 -30.70
N ARG I 81 -20.15 29.67 -31.33
CA ARG I 81 -20.98 30.75 -31.85
C ARG I 81 -21.85 31.40 -30.79
N GLY I 82 -21.92 30.85 -29.58
CA GLY I 82 -22.68 31.43 -28.51
C GLY I 82 -24.10 30.91 -28.31
N SER I 83 -24.51 29.87 -29.02
CA SER I 83 -25.85 29.30 -28.87
C SER I 83 -25.75 27.95 -28.16
N GLU I 84 -26.09 27.94 -26.87
CA GLU I 84 -25.92 26.78 -26.00
C GLU I 84 -27.09 25.82 -26.17
N PRO I 85 -26.84 24.56 -26.51
CA PRO I 85 -27.91 23.58 -26.63
C PRO I 85 -28.22 22.89 -25.30
N ARG I 86 -29.43 22.33 -25.23
CA ARG I 86 -29.91 21.61 -24.06
C ARG I 86 -30.43 20.24 -24.47
N PHE I 87 -30.30 19.26 -23.58
CA PHE I 87 -30.49 17.86 -23.93
C PHE I 87 -31.39 17.14 -22.93
N VAL I 88 -31.82 15.94 -23.32
CA VAL I 88 -32.57 15.02 -22.49
C VAL I 88 -31.82 13.69 -22.43
N ALA I 89 -31.67 13.15 -21.23
CA ALA I 89 -31.03 11.85 -21.05
C ALA I 89 -31.97 10.91 -20.30
N ILE I 90 -31.95 9.64 -20.67
CA ILE I 90 -32.75 8.60 -20.03
C ILE I 90 -31.81 7.51 -19.53
N SER I 91 -31.90 7.19 -18.24
CA SER I 91 -31.11 6.14 -17.62
C SER I 91 -32.01 5.00 -17.20
N LYS I 92 -31.59 3.77 -17.51
CA LYS I 92 -32.33 2.56 -17.15
C LYS I 92 -31.41 1.61 -16.41
N LEU I 93 -31.91 1.08 -15.29
CA LEU I 93 -31.21 0.08 -14.50
C LEU I 93 -32.13 -1.13 -14.36
N ASN I 94 -31.80 -2.23 -15.04
CA ASN I 94 -32.65 -3.43 -15.08
C ASN I 94 -31.82 -4.68 -14.79
N ASP I 95 -31.59 -4.95 -13.50
CA ASP I 95 -30.87 -6.15 -13.08
C ASP I 95 -31.84 -7.32 -12.99
N PRO I 96 -31.61 -8.42 -13.71
CA PRO I 96 -32.58 -9.53 -13.71
C PRO I 96 -32.86 -10.13 -12.33
N ASP I 97 -31.93 -10.02 -11.39
CA ASP I 97 -32.14 -10.56 -10.04
C ASP I 97 -32.76 -9.55 -9.07
N SER I 98 -33.11 -8.35 -9.51
CA SER I 98 -33.73 -7.36 -8.64
C SER I 98 -35.25 -7.39 -8.75
N TYR I 99 -35.92 -6.56 -7.95
CA TYR I 99 -37.38 -6.53 -7.95
C TYR I 99 -37.94 -6.04 -9.28
N GLY I 100 -37.30 -5.05 -9.87
CA GLY I 100 -37.79 -4.46 -11.11
C GLY I 100 -36.83 -3.47 -11.72
N ALA I 101 -37.31 -2.71 -12.70
CA ALA I 101 -36.50 -1.74 -13.41
C ALA I 101 -36.70 -0.33 -12.87
N GLU I 102 -35.64 0.46 -12.93
CA GLU I 102 -35.67 1.88 -12.57
C GLU I 102 -35.27 2.68 -13.81
N ARG I 103 -36.22 3.45 -14.36
CA ARG I 103 -36.00 4.27 -15.55
C ARG I 103 -36.33 5.73 -15.23
N ILE I 104 -35.43 6.63 -15.56
CA ILE I 104 -35.60 8.05 -15.21
C ILE I 104 -35.15 8.91 -16.39
N ALA I 105 -35.93 9.93 -16.70
CA ALA I 105 -35.55 10.96 -17.67
C ALA I 105 -35.02 12.18 -16.95
N VAL I 106 -33.83 12.65 -17.36
CA VAL I 106 -33.20 13.85 -16.83
C VAL I 106 -33.21 14.91 -17.93
N LYS I 107 -33.80 16.07 -17.66
CA LYS I 107 -34.13 17.04 -18.69
C LYS I 107 -33.47 18.40 -18.48
N ASN I 108 -33.39 19.17 -19.57
CA ASN I 108 -32.75 20.50 -19.58
C ASN I 108 -31.29 20.42 -19.14
N ILE I 109 -30.56 19.46 -19.70
CA ILE I 109 -29.16 19.23 -19.36
C ILE I 109 -28.28 20.23 -20.09
N ALA I 110 -27.38 20.87 -19.35
CA ALA I 110 -26.33 21.72 -19.91
C ALA I 110 -24.96 21.22 -19.45
N PHE I 111 -24.10 20.87 -20.39
CA PHE I 111 -22.78 20.33 -20.07
C PHE I 111 -21.84 21.44 -19.58
N ASP I 112 -20.92 21.06 -18.69
CA ASP I 112 -20.01 22.02 -18.04
C ASP I 112 -18.76 22.31 -18.85
N ASP I 113 -18.35 21.43 -19.77
CA ASP I 113 -17.09 21.62 -20.50
C ASP I 113 -17.10 20.76 -21.76
N LEU I 114 -15.98 20.77 -22.48
CA LEU I 114 -15.77 19.91 -23.64
C LEU I 114 -14.30 19.52 -23.72
N THR I 115 -14.04 18.22 -23.78
CA THR I 115 -12.69 17.69 -23.92
C THR I 115 -12.37 17.51 -25.40
N LEU I 116 -11.38 18.26 -25.89
CA LEU I 116 -10.93 18.10 -27.27
C LEU I 116 -9.94 16.95 -27.41
N ALA I 117 -8.99 16.83 -26.49
CA ALA I 117 -8.03 15.73 -26.49
C ALA I 117 -7.56 15.45 -25.08
N ASP I 118 -7.41 14.17 -24.74
CA ASP I 118 -6.79 13.74 -23.49
C ASP I 118 -6.22 12.34 -23.71
N TRP I 119 -4.93 12.27 -24.09
CA TRP I 119 -4.31 10.98 -24.33
C TRP I 119 -2.92 10.93 -23.70
N GLU I 120 -2.53 9.72 -23.31
CA GLU I 120 -1.22 9.43 -22.72
C GLU I 120 -0.75 8.06 -23.21
N VAL I 121 0.54 7.99 -23.57
CA VAL I 121 1.10 6.73 -24.08
C VAL I 121 0.92 5.64 -23.02
N GLY I 122 0.49 4.47 -23.47
CA GLY I 122 0.25 3.35 -22.56
C GLY I 122 -1.03 3.40 -21.76
N VAL I 123 -1.94 4.33 -22.05
CA VAL I 123 -3.18 4.50 -21.30
C VAL I 123 -4.35 4.46 -22.28
N LYS I 124 -5.40 3.71 -21.94
CA LYS I 124 -6.61 3.72 -22.76
C LYS I 124 -7.43 4.98 -22.50
N GLY I 125 -8.12 5.45 -23.55
CA GLY I 125 -8.81 6.73 -23.50
C GLY I 125 -10.17 6.66 -22.82
N GLU I 126 -10.45 7.67 -21.99
CA GLU I 126 -11.73 7.83 -21.31
C GLU I 126 -12.09 9.30 -21.29
N ILE I 127 -13.40 9.59 -21.22
CA ILE I 127 -13.92 10.95 -21.23
C ILE I 127 -14.87 11.15 -20.05
N GLU I 128 -14.67 12.24 -19.31
CA GLU I 128 -15.53 12.61 -18.20
C GLU I 128 -16.26 13.92 -18.52
N ALA I 129 -17.59 13.90 -18.46
CA ALA I 129 -18.41 15.03 -18.90
C ALA I 129 -19.42 15.44 -17.83
N PRO I 130 -19.07 16.36 -16.95
CA PRO I 130 -20.04 16.85 -15.94
C PRO I 130 -21.09 17.75 -16.57
N PHE I 131 -22.25 17.84 -15.90
CA PHE I 131 -23.38 18.63 -16.41
C PHE I 131 -24.24 19.14 -15.25
N THR I 132 -25.15 20.05 -15.57
CA THR I 132 -26.20 20.53 -14.67
C THR I 132 -27.57 20.31 -15.35
N PHE I 133 -28.63 20.29 -14.55
CA PHE I 133 -29.98 20.03 -15.05
C PHE I 133 -31.01 20.64 -14.10
N THR I 134 -32.26 20.74 -14.57
CA THR I 134 -33.31 21.34 -13.72
C THR I 134 -34.54 20.46 -13.54
N GLU I 135 -34.82 19.52 -14.44
CA GLU I 135 -36.07 18.78 -14.40
C GLU I 135 -35.82 17.28 -14.51
N TYR I 136 -36.81 16.48 -14.09
CA TYR I 136 -36.77 15.03 -14.26
C TYR I 136 -38.18 14.45 -14.27
N ASP I 137 -38.28 13.19 -14.70
CA ASP I 137 -39.54 12.46 -14.69
C ASP I 137 -39.30 10.98 -14.41
N PHE I 138 -40.21 10.39 -13.65
CA PHE I 138 -40.14 8.99 -13.23
C PHE I 138 -40.92 8.11 -14.22
N LEU I 139 -40.24 7.14 -14.82
CA LEU I 139 -40.86 6.10 -15.63
C LEU I 139 -40.38 4.75 -15.10
N ASP I 140 -41.29 3.90 -14.63
CA ASP I 140 -40.88 2.62 -14.04
C ASP I 140 -40.00 2.82 -12.80
N ILE I 141 -40.64 3.20 -11.71
CA ILE I 141 -40.02 3.11 -10.40
C ILE I 141 -40.35 1.75 -9.76
N ILE I 142 -39.58 1.40 -8.73
CA ILE I 142 -39.81 0.14 -8.02
C ILE I 142 -40.67 0.35 -6.78
N ASN J 3 -46.27 26.70 17.56
CA ASN J 3 -46.96 27.26 16.39
C ASN J 3 -45.95 27.73 15.34
N MET J 4 -44.89 28.40 15.79
CA MET J 4 -43.85 28.85 14.89
C MET J 4 -42.90 27.70 14.53
N GLU J 5 -42.71 27.49 13.24
CA GLU J 5 -41.76 26.53 12.71
C GLU J 5 -40.99 27.21 11.59
N ALA J 6 -39.75 26.77 11.37
CA ALA J 6 -38.91 27.35 10.33
C ALA J 6 -39.57 27.30 8.95
N ARG J 7 -40.37 26.26 8.66
CA ARG J 7 -41.02 26.13 7.36
C ARG J 7 -42.00 27.27 7.08
N ASN J 8 -42.54 27.91 8.11
CA ASN J 8 -43.54 28.97 7.91
C ASN J 8 -42.96 30.28 7.39
N VAL J 9 -41.64 30.47 7.44
CA VAL J 9 -41.03 31.69 6.93
C VAL J 9 -41.15 31.73 5.41
N MET J 10 -41.62 32.86 4.88
CA MET J 10 -41.91 32.94 3.45
C MET J 10 -40.63 33.13 2.63
N SER J 11 -40.49 32.31 1.59
CA SER J 11 -39.37 32.40 0.66
C SER J 11 -39.70 33.35 -0.49
N GLY J 12 -38.73 34.19 -0.85
CA GLY J 12 -38.87 35.12 -1.95
C GLY J 12 -39.00 34.51 -3.33
N THR J 13 -38.58 33.24 -3.50
CA THR J 13 -38.78 32.57 -4.77
C THR J 13 -40.26 32.40 -5.12
N TRP J 14 -41.16 32.50 -4.15
CA TRP J 14 -42.60 32.38 -4.39
C TRP J 14 -43.28 33.74 -4.59
N GLY J 15 -42.53 34.76 -5.01
CA GLY J 15 -43.10 36.07 -5.33
C GLY J 15 -43.54 36.18 -6.78
N GLU J 16 -44.60 36.95 -7.02
CA GLU J 16 -45.10 37.26 -8.35
C GLU J 16 -45.46 38.74 -8.43
N LEU J 17 -45.42 39.30 -9.64
CA LEU J 17 -45.61 40.74 -9.84
C LEU J 17 -46.36 41.04 -11.13
N TRP J 18 -47.35 41.91 -11.03
CA TRP J 18 -48.04 42.49 -12.18
C TRP J 18 -47.72 43.98 -12.22
N LEU J 19 -47.44 44.51 -13.41
CA LEU J 19 -47.17 45.93 -13.62
C LEU J 19 -48.00 46.43 -14.80
N ASP J 20 -48.84 47.44 -14.56
CA ASP J 20 -49.72 48.00 -15.58
C ASP J 20 -50.62 46.92 -16.20
N GLY J 21 -51.04 45.96 -15.37
CA GLY J 21 -51.88 44.87 -15.80
C GLY J 21 -51.18 43.68 -16.43
N ASN J 22 -49.87 43.73 -16.60
CA ASN J 22 -49.12 42.68 -17.28
C ASN J 22 -48.20 41.97 -16.29
N LYS J 23 -48.16 40.64 -16.37
CA LYS J 23 -47.27 39.87 -15.50
C LYS J 23 -45.82 40.00 -15.98
N VAL J 24 -44.91 40.20 -15.04
CA VAL J 24 -43.49 40.32 -15.37
C VAL J 24 -42.77 39.09 -14.82
N ALA J 25 -42.49 38.15 -15.71
CA ALA J 25 -41.91 36.88 -15.31
C ALA J 25 -40.43 36.98 -14.96
N GLU J 26 -39.77 38.07 -15.32
CA GLU J 26 -38.31 38.18 -15.18
C GLU J 26 -37.95 38.97 -13.92
N VAL J 27 -38.84 38.96 -12.94
CA VAL J 27 -38.70 39.80 -11.75
C VAL J 27 -37.71 39.14 -10.81
N LYS J 28 -36.79 39.92 -10.25
CA LYS J 28 -35.79 39.46 -9.30
C LYS J 28 -36.05 39.89 -7.87
N LYS J 29 -36.51 41.13 -7.66
CA LYS J 29 -36.93 41.56 -6.32
C LYS J 29 -37.93 42.70 -6.43
N PHE J 30 -38.74 42.87 -5.39
CA PHE J 30 -39.73 43.93 -5.30
C PHE J 30 -39.77 44.47 -3.88
N GLN J 31 -39.80 45.80 -3.78
CA GLN J 31 -39.69 46.54 -2.53
C GLN J 31 -40.69 47.68 -2.52
N ALA J 32 -41.30 47.93 -1.36
CA ALA J 32 -42.21 49.08 -1.20
C ALA J 32 -42.39 49.37 0.29
N LYS J 33 -42.03 50.58 0.71
CA LYS J 33 -42.04 50.96 2.12
C LYS J 33 -42.57 52.39 2.26
N MET J 34 -43.31 52.63 3.35
CA MET J 34 -43.80 53.97 3.70
C MET J 34 -42.93 54.55 4.82
N GLU J 35 -42.24 55.64 4.54
CA GLU J 35 -41.34 56.28 5.49
C GLU J 35 -42.05 57.46 6.15
N PHE J 36 -42.26 57.38 7.46
CA PHE J 36 -43.04 58.41 8.14
C PHE J 36 -42.21 59.67 8.37
N THR J 37 -42.88 60.82 8.32
CA THR J 37 -42.28 62.10 8.66
C THR J 37 -42.68 62.46 10.09
N LYS J 38 -41.67 62.60 10.96
CA LYS J 38 -41.90 62.85 12.38
C LYS J 38 -41.13 64.10 12.83
N GLU J 39 -41.83 64.97 13.56
CA GLU J 39 -41.27 66.22 14.07
C GLU J 39 -41.10 66.13 15.58
N ASP J 40 -39.91 66.50 16.06
CA ASP J 40 -39.64 66.46 17.50
C ASP J 40 -40.46 67.52 18.24
N ILE J 41 -40.99 67.13 19.40
CA ILE J 41 -41.73 68.03 20.28
C ILE J 41 -41.20 67.86 21.70
N ILE J 42 -40.73 68.94 22.30
CA ILE J 42 -40.26 68.93 23.68
C ILE J 42 -41.36 69.51 24.55
N ILE J 43 -41.79 68.75 25.55
CA ILE J 43 -42.88 69.12 26.45
C ILE J 43 -42.30 69.62 27.76
N ALA J 44 -42.76 70.78 28.21
CA ALA J 44 -42.28 71.36 29.46
C ALA J 44 -42.54 70.42 30.63
N GLY J 45 -41.49 70.13 31.39
CA GLY J 45 -41.57 69.23 32.52
C GLY J 45 -41.32 67.77 32.23
N GLN J 46 -41.04 67.40 30.99
CA GLN J 46 -40.81 66.00 30.60
C GLN J 46 -39.42 65.85 29.98
N MET J 47 -38.64 64.90 30.50
CA MET J 47 -37.27 64.71 30.02
C MET J 47 -37.22 63.98 28.67
N GLY J 48 -38.15 63.07 28.41
CA GLY J 48 -38.13 62.37 27.14
C GLY J 48 -38.78 63.13 26.01
N THR J 49 -38.03 63.47 24.98
CA THR J 49 -38.59 64.15 23.81
C THR J 49 -39.58 63.25 23.07
N ASP J 50 -40.74 63.81 22.72
CA ASP J 50 -41.80 63.11 21.99
C ASP J 50 -41.79 63.55 20.53
N THR J 51 -42.67 62.94 19.73
CA THR J 51 -42.76 63.19 18.30
C THR J 51 -44.22 63.35 17.87
N LYS J 52 -44.41 64.08 16.77
CA LYS J 52 -45.72 64.25 16.12
C LYS J 52 -45.65 63.70 14.71
N TYR J 53 -46.64 62.87 14.34
CA TYR J 53 -46.68 62.29 13.01
C TYR J 53 -47.28 63.27 12.02
N MET J 54 -46.56 63.53 10.93
CA MET J 54 -46.96 64.53 9.95
C MET J 54 -47.39 63.98 8.59
N GLY J 55 -47.01 62.76 8.24
CA GLY J 55 -47.29 62.22 6.92
C GLY J 55 -46.28 61.15 6.56
N TYR J 56 -46.32 60.74 5.29
CA TYR J 56 -45.42 59.68 4.83
C TYR J 56 -45.01 59.89 3.39
N LYS J 57 -43.88 59.29 3.04
CA LYS J 57 -43.34 59.27 1.68
C LYS J 57 -43.13 57.84 1.23
N GLY J 58 -43.76 57.45 0.13
CA GLY J 58 -43.69 56.09 -0.38
C GLY J 58 -42.52 55.89 -1.31
N LYS J 59 -41.69 54.89 -0.99
CA LYS J 59 -40.51 54.57 -1.78
C LYS J 59 -40.42 53.07 -2.03
N GLY J 60 -39.95 52.71 -3.23
CA GLY J 60 -39.80 51.32 -3.61
C GLY J 60 -38.79 51.13 -4.74
N SER J 61 -38.63 49.88 -5.16
CA SER J 61 -37.75 49.55 -6.28
C SER J 61 -38.14 48.20 -6.87
N ILE J 62 -37.74 48.00 -8.12
CA ILE J 62 -37.91 46.74 -8.85
C ILE J 62 -36.59 46.38 -9.51
N THR J 63 -36.20 45.11 -9.42
CA THR J 63 -35.04 44.59 -10.15
C THR J 63 -35.49 43.49 -11.09
N LEU J 64 -35.02 43.55 -12.34
CA LEU J 64 -35.40 42.59 -13.37
C LEU J 64 -34.16 42.02 -14.06
N TYR J 65 -34.24 40.76 -14.49
CA TYR J 65 -33.30 40.26 -15.47
C TYR J 65 -33.57 40.95 -16.82
N HIS J 66 -32.51 41.35 -17.49
CA HIS J 66 -32.64 42.08 -18.76
C HIS J 66 -32.96 41.10 -19.87
N VAL J 67 -34.24 41.02 -20.24
CA VAL J 67 -34.70 40.06 -21.24
C VAL J 67 -35.41 40.77 -22.40
N SER J 68 -35.92 41.98 -22.16
CA SER J 68 -36.64 42.72 -23.18
C SER J 68 -36.47 44.23 -22.93
N SER J 69 -37.33 45.03 -23.56
CA SER J 69 -37.26 46.50 -23.46
C SER J 69 -38.48 47.07 -22.75
N ARG J 70 -38.88 46.42 -21.65
CA ARG J 70 -40.14 46.72 -20.98
C ARG J 70 -40.21 48.18 -20.52
N MET J 71 -39.21 48.64 -19.78
CA MET J 71 -39.24 50.01 -19.24
C MET J 71 -39.14 51.05 -20.35
N HIS J 72 -38.32 50.75 -21.38
CA HIS J 72 -38.20 51.65 -22.52
C HIS J 72 -39.57 51.95 -23.11
N LYS J 73 -40.32 50.88 -23.46
CA LYS J 73 -41.64 51.06 -24.05
C LYS J 73 -42.60 51.72 -23.08
N LEU J 74 -42.49 51.43 -21.79
CA LEU J 74 -43.44 52.01 -20.83
C LEU J 74 -43.28 53.53 -20.73
N ILE J 75 -42.05 54.05 -20.70
CA ILE J 75 -41.93 55.46 -20.30
C ILE J 75 -41.09 56.37 -21.22
N GLY J 76 -40.28 55.79 -22.10
CA GLY J 76 -39.25 56.59 -22.77
C GLY J 76 -39.82 57.71 -23.63
N GLU J 77 -40.78 57.39 -24.50
CA GLU J 77 -41.29 58.38 -25.44
C GLU J 77 -42.04 59.49 -24.71
N LYS J 78 -42.79 59.15 -23.66
CA LYS J 78 -43.59 60.13 -22.96
C LYS J 78 -42.74 61.06 -22.11
N ILE J 79 -41.67 60.55 -21.49
CA ILE J 79 -40.84 61.37 -20.62
C ILE J 79 -40.21 62.53 -21.40
N LYS J 80 -39.78 62.27 -22.64
CA LYS J 80 -39.17 63.32 -23.46
C LYS J 80 -40.14 64.45 -23.77
N ARG J 81 -41.41 64.12 -24.00
CA ARG J 81 -42.40 65.14 -24.35
C ARG J 81 -42.91 65.93 -23.15
N GLY J 82 -42.63 65.47 -21.93
CA GLY J 82 -43.08 66.16 -20.74
C GLY J 82 -44.38 65.68 -20.13
N SER J 83 -44.89 64.52 -20.53
CA SER J 83 -46.11 63.96 -19.97
C SER J 83 -45.77 62.69 -19.21
N GLU J 84 -45.77 62.78 -17.87
CA GLU J 84 -45.31 61.69 -17.01
C GLU J 84 -46.44 60.70 -16.74
N PRO J 85 -46.21 59.41 -16.98
CA PRO J 85 -47.23 58.40 -16.71
C PRO J 85 -47.14 57.86 -15.29
N ARG J 86 -48.27 57.35 -14.80
CA ARG J 86 -48.40 56.73 -13.49
C ARG J 86 -48.96 55.32 -13.65
N PHE J 87 -48.58 54.42 -12.75
CA PHE J 87 -48.90 53.00 -12.90
C PHE J 87 -49.43 52.39 -11.60
N VAL J 88 -49.98 51.18 -11.73
CA VAL J 88 -50.41 50.35 -10.61
C VAL J 88 -49.63 49.05 -10.66
N ALA J 89 -49.11 48.61 -9.51
CA ALA J 89 -48.43 47.32 -9.40
C ALA J 89 -49.12 46.46 -8.36
N ILE J 90 -49.16 45.15 -8.61
CA ILE J 90 -49.70 44.17 -7.68
C ILE J 90 -48.60 43.17 -7.33
N SER J 91 -48.37 42.98 -6.03
CA SER J 91 -47.35 42.07 -5.53
C SER J 91 -48.02 40.94 -4.77
N LYS J 92 -47.62 39.70 -5.07
CA LYS J 92 -48.19 38.53 -4.42
C LYS J 92 -47.09 37.62 -3.91
N LEU J 93 -47.20 37.20 -2.65
CA LEU J 93 -46.27 36.25 -2.03
C LEU J 93 -47.09 35.06 -1.52
N ASN J 94 -46.92 33.89 -2.15
CA ASN J 94 -47.72 32.71 -1.81
C ASN J 94 -46.81 31.49 -1.68
N ASP J 95 -46.22 31.32 -0.50
CA ASP J 95 -45.36 30.18 -0.20
C ASP J 95 -46.23 28.98 0.18
N PRO J 96 -46.10 27.83 -0.48
CA PRO J 96 -46.97 26.69 -0.15
C PRO J 96 -46.85 26.22 1.29
N ASP J 97 -45.71 26.43 1.95
CA ASP J 97 -45.50 26.00 3.33
C ASP J 97 -45.84 27.07 4.38
N SER J 98 -46.33 28.25 3.97
CA SER J 98 -46.66 29.31 4.92
C SER J 98 -48.15 29.28 5.29
N TYR J 99 -48.52 30.16 6.22
CA TYR J 99 -49.90 30.22 6.70
C TYR J 99 -50.88 30.58 5.60
N GLY J 100 -50.53 31.55 4.77
CA GLY J 100 -51.41 32.01 3.71
C GLY J 100 -50.66 32.85 2.71
N ALA J 101 -51.37 33.79 2.10
CA ALA J 101 -50.82 34.64 1.05
C ALA J 101 -50.90 36.11 1.43
N GLU J 102 -49.97 36.89 0.89
CA GLU J 102 -49.92 38.34 1.06
C GLU J 102 -49.98 38.98 -0.33
N ARG J 103 -51.07 39.68 -0.63
CA ARG J 103 -51.26 40.33 -1.92
C ARG J 103 -51.57 41.81 -1.68
N ILE J 104 -50.83 42.69 -2.34
CA ILE J 104 -50.92 44.13 -2.09
C ILE J 104 -50.90 44.87 -3.42
N ALA J 105 -51.80 45.85 -3.57
CA ALA J 105 -51.80 46.75 -4.71
C ALA J 105 -51.11 48.05 -4.34
N VAL J 106 -50.13 48.46 -5.13
CA VAL J 106 -49.38 49.71 -4.93
C VAL J 106 -49.73 50.64 -6.09
N LYS J 107 -50.26 51.81 -5.78
CA LYS J 107 -50.87 52.68 -6.79
C LYS J 107 -50.21 54.05 -6.87
N ASN J 108 -50.44 54.72 -8.01
CA ASN J 108 -49.87 56.03 -8.33
C ASN J 108 -48.33 56.00 -8.29
N ILE J 109 -47.75 55.06 -9.03
CA ILE J 109 -46.31 54.84 -9.05
C ILE J 109 -45.68 55.75 -10.10
N ALA J 110 -44.64 56.48 -9.71
CA ALA J 110 -43.82 57.26 -10.62
C ALA J 110 -42.37 56.79 -10.52
N PHE J 111 -41.80 56.38 -11.65
CA PHE J 111 -40.44 55.85 -11.67
C PHE J 111 -39.42 56.99 -11.56
N ASP J 112 -38.26 56.66 -10.98
CA ASP J 112 -37.25 57.65 -10.67
C ASP J 112 -36.27 57.91 -11.83
N ASP J 113 -36.15 56.97 -12.77
CA ASP J 113 -35.17 57.09 -13.85
C ASP J 113 -35.53 56.14 -14.98
N LEU J 114 -34.68 56.12 -16.00
CA LEU J 114 -34.77 55.17 -17.10
C LEU J 114 -33.37 54.77 -17.53
N THR J 115 -33.11 53.46 -17.57
CA THR J 115 -31.82 52.93 -18.01
C THR J 115 -31.89 52.65 -19.50
N LEU J 116 -31.16 53.43 -20.29
CA LEU J 116 -31.07 53.17 -21.72
C LEU J 116 -30.15 51.99 -22.03
N ALA J 117 -28.98 51.93 -21.40
CA ALA J 117 -28.04 50.84 -21.62
C ALA J 117 -27.16 50.66 -20.40
N ASP J 118 -26.91 49.40 -20.04
CA ASP J 118 -25.94 49.06 -19.00
C ASP J 118 -25.41 47.67 -19.30
N TRP J 119 -24.31 47.58 -20.05
CA TRP J 119 -23.73 46.27 -20.33
C TRP J 119 -22.22 46.30 -20.14
N GLU J 120 -21.68 45.13 -19.78
CA GLU J 120 -20.26 44.91 -19.56
C GLU J 120 -19.89 43.51 -20.02
N VAL J 121 -18.74 43.40 -20.69
CA VAL J 121 -18.31 42.11 -21.22
C VAL J 121 -18.11 41.13 -20.05
N GLY J 122 -18.63 39.92 -20.22
CA GLY J 122 -18.55 38.91 -19.18
C GLY J 122 -19.56 39.01 -18.05
N VAL J 123 -20.53 39.93 -18.14
CA VAL J 123 -21.50 40.15 -17.07
C VAL J 123 -22.91 40.01 -17.64
N LYS J 124 -23.77 39.27 -16.94
CA LYS J 124 -25.17 39.14 -17.34
C LYS J 124 -25.94 40.42 -17.00
N GLY J 125 -26.92 40.73 -17.84
CA GLY J 125 -27.65 42.00 -17.74
C GLY J 125 -28.75 41.99 -16.68
N GLU J 126 -28.84 43.08 -15.93
CA GLU J 126 -29.89 43.30 -14.95
C GLU J 126 -30.29 44.77 -14.97
N ILE J 127 -31.51 45.06 -14.54
CA ILE J 127 -32.03 46.42 -14.51
C ILE J 127 -32.60 46.71 -13.13
N GLU J 128 -32.24 47.87 -12.57
CA GLU J 128 -32.76 48.33 -11.29
C GLU J 128 -33.53 49.62 -11.48
N ALA J 129 -34.79 49.64 -11.09
CA ALA J 129 -35.70 50.77 -11.34
C ALA J 129 -36.37 51.25 -10.06
N PRO J 130 -35.82 52.26 -9.39
CA PRO J 130 -36.50 52.83 -8.22
C PRO J 130 -37.75 53.62 -8.62
N PHE J 131 -38.65 53.79 -7.64
CA PHE J 131 -39.91 54.51 -7.86
C PHE J 131 -40.41 55.11 -6.55
N THR J 132 -41.44 55.95 -6.66
CA THR J 132 -42.21 56.46 -5.52
C THR J 132 -43.70 56.24 -5.78
N PHE J 133 -44.49 56.35 -4.71
CA PHE J 133 -45.93 56.06 -4.76
C PHE J 133 -46.63 56.74 -3.59
N THR J 134 -47.96 56.80 -3.66
CA THR J 134 -48.72 57.48 -2.61
C THR J 134 -49.81 56.64 -1.95
N GLU J 135 -50.37 55.65 -2.64
CA GLU J 135 -51.49 54.89 -2.09
C GLU J 135 -51.26 53.38 -2.20
N TYR J 136 -52.10 52.63 -1.48
CA TYR J 136 -52.05 51.17 -1.50
C TYR J 136 -53.39 50.61 -1.03
N ASP J 137 -53.64 49.34 -1.40
CA ASP J 137 -54.79 48.59 -0.91
C ASP J 137 -54.35 47.18 -0.53
N PHE J 138 -55.02 46.64 0.50
CA PHE J 138 -54.76 45.30 1.01
C PHE J 138 -55.71 44.32 0.35
N LEU J 139 -55.18 43.22 -0.18
CA LEU J 139 -55.98 42.09 -0.65
C LEU J 139 -55.33 40.81 -0.14
N ASP J 140 -56.03 40.05 0.71
CA ASP J 140 -55.48 38.81 1.26
C ASP J 140 -54.20 39.08 2.08
N ILE J 141 -54.40 39.66 3.25
CA ILE J 141 -53.34 39.67 4.25
C ILE J 141 -53.45 38.43 5.14
N ILE J 142 -52.38 38.13 5.87
CA ILE J 142 -52.35 36.96 6.73
C ILE J 142 -52.66 37.35 8.18
N ILE K 3 -54.79 -5.25 -43.44
CA ILE K 3 -54.34 -4.74 -42.15
C ILE K 3 -54.85 -3.31 -41.97
N GLY K 4 -55.29 -2.71 -43.08
CA GLY K 4 -55.85 -1.38 -43.04
C GLY K 4 -54.82 -0.27 -43.11
N LEU K 5 -55.31 0.96 -43.06
CA LEU K 5 -54.46 2.13 -43.02
C LEU K 5 -53.87 2.32 -41.62
N PRO K 6 -52.76 3.03 -41.51
CA PRO K 6 -52.21 3.33 -40.17
C PRO K 6 -53.20 4.16 -39.36
N SER K 7 -53.26 3.88 -38.07
CA SER K 7 -54.23 4.50 -37.18
C SER K 7 -53.50 5.31 -36.11
N ILE K 8 -53.76 6.61 -36.09
CA ILE K 8 -53.35 7.48 -34.99
C ILE K 8 -54.65 8.01 -34.39
N ASN K 9 -55.13 7.32 -33.37
CA ASN K 9 -56.43 7.62 -32.77
C ASN K 9 -56.21 8.31 -31.45
N ILE K 10 -56.44 9.62 -31.43
CA ILE K 10 -56.30 10.45 -30.23
C ILE K 10 -57.70 10.91 -29.83
N SER K 11 -58.16 10.47 -28.66
CA SER K 11 -59.52 10.70 -28.22
C SER K 11 -59.55 11.40 -26.86
N PHE K 12 -60.67 12.03 -26.55
CA PHE K 12 -60.86 12.80 -25.32
C PHE K 12 -62.10 12.33 -24.57
N LYS K 13 -62.03 12.39 -23.25
CA LYS K 13 -63.10 11.93 -22.35
C LYS K 13 -62.86 12.51 -20.97
N GLU K 14 -63.85 12.38 -20.09
CA GLU K 14 -63.65 12.86 -18.72
C GLU K 14 -63.11 11.74 -17.82
N LEU K 15 -62.82 12.12 -16.58
CA LEU K 15 -62.17 11.21 -15.65
C LEU K 15 -63.08 10.03 -15.31
N ALA K 16 -62.47 8.86 -15.13
CA ALA K 16 -63.18 7.65 -14.78
C ALA K 16 -62.89 7.27 -13.34
N THR K 17 -63.87 6.66 -12.69
CA THR K 17 -63.73 6.26 -11.30
C THR K 17 -62.69 5.15 -11.15
N THR K 18 -61.90 5.25 -10.09
CA THR K 18 -60.81 4.32 -9.81
C THR K 18 -61.38 3.01 -9.29
N VAL K 19 -60.68 1.90 -9.58
CA VAL K 19 -61.05 0.60 -9.05
C VAL K 19 -60.07 0.19 -7.96
N LYS K 20 -60.59 -0.41 -6.89
CA LYS K 20 -59.73 -0.91 -5.82
C LYS K 20 -58.90 -2.09 -6.31
N GLU K 21 -57.71 -2.23 -5.73
CA GLU K 21 -56.72 -3.20 -6.19
C GLU K 21 -57.13 -4.64 -5.83
N ARG K 22 -56.73 -5.57 -6.67
CA ARG K 22 -57.01 -7.00 -6.46
C ARG K 22 -56.03 -7.61 -5.48
N SER K 23 -56.55 -8.54 -4.67
CA SER K 23 -55.74 -9.31 -3.73
C SER K 23 -55.29 -10.61 -4.38
N ALA K 24 -54.03 -10.98 -4.15
CA ALA K 24 -53.55 -12.28 -4.64
C ALA K 24 -54.16 -13.43 -3.85
N ARG K 25 -54.71 -13.15 -2.69
CA ARG K 25 -55.27 -14.15 -1.79
C ARG K 25 -56.77 -14.02 -1.71
N GLY K 26 -57.43 -15.12 -1.32
CA GLY K 26 -58.84 -15.07 -0.96
C GLY K 26 -59.77 -15.45 -2.09
N ILE K 27 -60.34 -16.65 -2.03
CA ILE K 27 -61.24 -17.16 -3.05
C ILE K 27 -62.57 -17.47 -2.38
N ILE K 28 -63.65 -16.91 -2.92
CA ILE K 28 -64.97 -17.04 -2.34
C ILE K 28 -65.87 -17.82 -3.29
N ALA K 29 -66.53 -18.84 -2.76
CA ALA K 29 -67.58 -19.56 -3.47
C ALA K 29 -68.92 -19.24 -2.82
N MET K 30 -69.90 -18.86 -3.63
CA MET K 30 -71.21 -18.50 -3.12
C MET K 30 -72.30 -19.13 -3.98
N VAL K 31 -73.28 -19.73 -3.31
CA VAL K 31 -74.34 -20.51 -3.95
C VAL K 31 -75.58 -19.64 -4.04
N LEU K 32 -76.13 -19.51 -5.24
CA LEU K 32 -77.36 -18.77 -5.50
C LEU K 32 -78.37 -19.67 -6.19
N LYS K 33 -79.63 -19.27 -6.13
CA LYS K 33 -80.72 -19.96 -6.84
C LYS K 33 -81.29 -19.01 -7.88
N ASP K 34 -81.36 -19.49 -9.13
CA ASP K 34 -82.12 -18.83 -10.17
C ASP K 34 -82.51 -19.87 -11.21
N ALA K 35 -83.65 -19.65 -11.87
CA ALA K 35 -84.13 -20.60 -12.86
C ALA K 35 -83.31 -20.61 -14.14
N LYS K 36 -82.38 -19.66 -14.31
CA LYS K 36 -81.72 -19.44 -15.59
C LYS K 36 -80.23 -19.26 -15.38
N ALA K 37 -79.46 -19.74 -16.38
CA ALA K 37 -78.00 -19.63 -16.39
C ALA K 37 -77.37 -20.44 -15.26
N LEU K 38 -77.71 -21.72 -15.19
CA LEU K 38 -77.16 -22.61 -14.18
C LEU K 38 -75.71 -22.97 -14.48
N GLY K 39 -75.07 -23.64 -13.54
CA GLY K 39 -73.71 -24.11 -13.69
C GLY K 39 -72.77 -23.37 -12.75
N LEU K 40 -71.51 -23.31 -13.15
CA LEU K 40 -70.49 -22.58 -12.43
C LEU K 40 -70.03 -21.40 -13.27
N ASN K 41 -69.95 -20.22 -12.64
CA ASN K 41 -69.50 -19.00 -13.30
C ASN K 41 -68.38 -18.36 -12.49
N GLU K 42 -67.29 -18.03 -13.16
CA GLU K 42 -66.14 -17.40 -12.52
C GLU K 42 -66.18 -15.90 -12.79
N ILE K 43 -66.18 -15.11 -11.72
CA ILE K 43 -66.33 -13.66 -11.79
C ILE K 43 -65.03 -13.03 -11.30
N HIS K 44 -64.50 -12.09 -12.07
CA HIS K 44 -63.26 -11.42 -11.71
C HIS K 44 -63.47 -9.95 -11.36
N GLU K 45 -64.24 -9.23 -12.18
CA GLU K 45 -64.54 -7.82 -11.98
C GLU K 45 -66.03 -7.62 -11.78
N LYS K 46 -66.38 -6.46 -11.23
CA LYS K 46 -67.77 -6.22 -10.84
C LYS K 46 -68.70 -6.15 -12.05
N GLU K 47 -68.20 -5.68 -13.19
CA GLU K 47 -69.07 -5.53 -14.36
C GLU K 47 -69.40 -6.88 -14.98
N ASP K 48 -68.49 -7.84 -14.91
CA ASP K 48 -68.69 -9.14 -15.56
C ASP K 48 -69.66 -9.97 -14.73
N ILE K 49 -70.95 -9.76 -14.95
CA ILE K 49 -71.99 -10.55 -14.29
C ILE K 49 -73.01 -10.95 -15.35
N PRO K 50 -73.30 -12.24 -15.52
CA PRO K 50 -74.25 -12.66 -16.55
C PRO K 50 -75.61 -12.03 -16.36
N VAL K 51 -76.14 -11.43 -17.43
CA VAL K 51 -77.40 -10.70 -17.37
C VAL K 51 -78.59 -11.60 -17.12
N ASP K 52 -78.40 -12.92 -17.15
CA ASP K 52 -79.53 -13.84 -16.98
C ASP K 52 -80.02 -13.89 -15.54
N LEU K 53 -79.14 -13.64 -14.58
CA LEU K 53 -79.54 -13.65 -13.17
C LEU K 53 -80.51 -12.51 -12.90
N SER K 54 -81.37 -12.72 -11.91
CA SER K 54 -82.28 -11.67 -11.48
C SER K 54 -81.51 -10.55 -10.78
N ALA K 55 -82.17 -9.41 -10.60
CA ALA K 55 -81.52 -8.23 -10.03
C ALA K 55 -81.03 -8.49 -8.62
N GLU K 56 -81.77 -9.26 -7.83
CA GLU K 56 -81.39 -9.56 -6.45
C GLU K 56 -80.06 -10.30 -6.40
N ASN K 57 -79.87 -11.28 -7.28
CA ASN K 57 -78.62 -12.01 -7.34
C ASN K 57 -77.49 -11.10 -7.78
N LYS K 58 -77.77 -10.15 -8.68
CA LYS K 58 -76.78 -9.16 -9.06
C LYS K 58 -76.33 -8.34 -7.86
N GLU K 59 -77.29 -7.94 -7.01
CA GLU K 59 -76.92 -7.20 -5.80
C GLU K 59 -76.09 -8.06 -4.85
N TYR K 60 -76.43 -9.34 -4.71
CA TYR K 60 -75.63 -10.21 -3.84
C TYR K 60 -74.19 -10.33 -4.32
N ILE K 61 -74.01 -10.51 -5.64
CA ILE K 61 -72.67 -10.61 -6.19
C ILE K 61 -71.91 -9.29 -5.97
N ASN K 62 -72.60 -8.16 -6.20
CA ASN K 62 -71.96 -6.87 -5.99
C ASN K 62 -71.57 -6.65 -4.54
N LEU K 63 -72.36 -7.20 -3.60
CA LEU K 63 -71.97 -7.16 -2.20
C LEU K 63 -70.70 -7.95 -1.96
N ALA K 64 -70.61 -9.16 -2.52
CA ALA K 64 -69.42 -9.98 -2.28
C ALA K 64 -68.17 -9.35 -2.90
N LEU K 65 -68.33 -8.60 -3.98
CA LEU K 65 -67.17 -8.02 -4.66
C LEU K 65 -66.48 -6.96 -3.80
N MET K 66 -67.21 -6.34 -2.89
CA MET K 66 -66.60 -5.34 -2.02
C MET K 66 -65.63 -6.00 -1.04
N GLY K 67 -64.39 -5.52 -1.02
CA GLY K 67 -63.37 -6.02 -0.11
C GLY K 67 -63.07 -4.99 0.96
N ASN K 68 -62.19 -5.36 1.90
CA ASN K 68 -61.78 -4.42 2.93
C ASN K 68 -60.69 -3.49 2.40
N VAL K 69 -59.52 -4.04 2.12
CA VAL K 69 -58.37 -3.26 1.67
C VAL K 69 -58.15 -3.58 0.20
N ASN K 70 -58.51 -4.79 -0.20
CA ASN K 70 -58.41 -5.25 -1.57
C ASN K 70 -59.68 -6.02 -1.90
N THR K 71 -59.99 -6.13 -3.18
CA THR K 71 -61.09 -6.97 -3.61
C THR K 71 -60.68 -8.44 -3.56
N PRO K 72 -61.61 -9.36 -3.30
CA PRO K 72 -61.25 -10.78 -3.26
C PRO K 72 -60.74 -11.28 -4.61
N ASN K 73 -59.83 -12.25 -4.55
CA ASN K 73 -59.14 -12.71 -5.75
C ASN K 73 -60.10 -13.26 -6.79
N LYS K 74 -61.09 -14.05 -6.36
CA LYS K 74 -61.95 -14.72 -7.33
C LYS K 74 -63.25 -15.12 -6.66
N LEU K 75 -64.34 -15.05 -7.42
CA LEU K 75 -65.66 -15.50 -6.98
C LEU K 75 -66.08 -16.68 -7.83
N LEU K 76 -66.48 -17.78 -7.19
CA LEU K 76 -67.04 -18.93 -7.86
C LEU K 76 -68.53 -18.98 -7.56
N VAL K 77 -69.36 -18.88 -8.59
CA VAL K 77 -70.80 -18.82 -8.45
C VAL K 77 -71.41 -20.10 -9.01
N TYR K 78 -72.12 -20.84 -8.17
CA TYR K 78 -72.86 -22.02 -8.57
C TYR K 78 -74.35 -21.73 -8.44
N VAL K 79 -75.10 -22.03 -9.50
CA VAL K 79 -76.52 -21.70 -9.59
C VAL K 79 -77.33 -22.99 -9.63
N ILE K 80 -78.42 -23.03 -8.86
CA ILE K 80 -79.36 -24.14 -8.87
C ILE K 80 -80.76 -23.58 -9.06
N GLU K 81 -81.60 -24.29 -9.83
CA GLU K 81 -82.96 -23.80 -10.09
C GLU K 81 -83.79 -23.78 -8.82
N GLY K 82 -83.83 -24.87 -8.07
CA GLY K 82 -84.68 -25.01 -6.92
C GLY K 82 -85.41 -26.33 -6.91
N GLU K 83 -86.22 -26.52 -5.86
CA GLU K 83 -86.93 -27.78 -5.62
C GLU K 83 -85.95 -28.95 -5.61
N ALA K 84 -84.79 -28.73 -4.99
CA ALA K 84 -83.72 -29.72 -4.96
C ALA K 84 -82.87 -29.48 -3.72
N ASP K 85 -82.14 -30.53 -3.34
CA ASP K 85 -81.28 -30.44 -2.15
C ASP K 85 -80.07 -29.57 -2.44
N ILE K 86 -79.59 -28.88 -1.41
CA ILE K 86 -78.33 -28.15 -1.51
C ILE K 86 -77.16 -29.11 -1.61
N GLN K 87 -77.37 -30.36 -1.22
CA GLN K 87 -76.33 -31.38 -1.35
C GLN K 87 -75.83 -31.49 -2.78
N THR K 88 -76.68 -31.19 -3.75
CA THR K 88 -76.27 -31.24 -5.15
C THR K 88 -75.16 -30.24 -5.45
N ALA K 89 -75.25 -29.04 -4.90
CA ALA K 89 -74.18 -28.06 -5.09
C ALA K 89 -72.98 -28.39 -4.20
N LEU K 90 -73.23 -28.93 -3.01
CA LEU K 90 -72.12 -29.27 -2.12
C LEU K 90 -71.24 -30.38 -2.71
N ASP K 91 -71.87 -31.40 -3.32
CA ASP K 91 -71.10 -32.46 -3.95
C ASP K 91 -70.21 -31.94 -5.06
N PHE K 92 -70.73 -31.01 -5.87
CA PHE K 92 -69.91 -30.39 -6.91
C PHE K 92 -68.79 -29.57 -6.31
N LEU K 93 -69.08 -28.81 -5.24
CA LEU K 93 -68.05 -27.97 -4.63
C LEU K 93 -66.96 -28.78 -3.95
N GLU K 94 -67.22 -30.05 -3.63
CA GLU K 94 -66.17 -30.88 -3.05
C GLU K 94 -64.95 -30.96 -3.96
N THR K 95 -65.12 -30.67 -5.26
CA THR K 95 -64.02 -30.80 -6.21
C THR K 95 -63.23 -29.49 -6.34
N LYS K 96 -63.89 -28.34 -6.24
CA LYS K 96 -63.22 -27.07 -6.51
C LYS K 96 -62.38 -26.61 -5.32
N GLU K 97 -61.56 -25.59 -5.56
CA GLU K 97 -60.66 -25.03 -4.56
C GLU K 97 -61.11 -23.62 -4.19
N PHE K 98 -61.36 -23.40 -2.91
CA PHE K 98 -61.85 -22.12 -2.41
C PHE K 98 -61.52 -21.99 -0.94
N ASN K 99 -61.75 -20.79 -0.39
CA ASN K 99 -61.48 -20.51 1.01
C ASN K 99 -62.74 -20.29 1.85
N TYR K 100 -63.72 -19.54 1.35
CA TYR K 100 -64.93 -19.23 2.09
C TYR K 100 -66.16 -19.57 1.28
N LEU K 101 -67.23 -19.97 1.98
CA LEU K 101 -68.49 -20.37 1.36
C LEU K 101 -69.64 -19.63 2.02
N CYS K 102 -70.51 -19.04 1.21
CA CYS K 102 -71.68 -18.34 1.71
C CYS K 102 -72.85 -18.58 0.76
N MET K 103 -74.06 -18.37 1.25
CA MET K 103 -75.28 -18.54 0.45
C MET K 103 -76.36 -17.62 0.99
N PRO K 104 -76.62 -16.50 0.30
CA PRO K 104 -77.53 -15.47 0.87
C PRO K 104 -78.92 -15.98 1.20
N LYS K 105 -79.48 -16.89 0.40
CA LYS K 105 -80.79 -17.48 0.68
C LYS K 105 -80.59 -18.85 1.30
N ALA K 106 -81.09 -19.04 2.52
CA ALA K 106 -80.97 -20.30 3.24
C ALA K 106 -82.09 -20.47 4.24
N VAL K 107 -82.27 -21.71 4.70
CA VAL K 107 -83.19 -22.05 5.78
C VAL K 107 -82.48 -22.95 6.78
N GLU K 108 -83.16 -23.24 7.89
CA GLU K 108 -82.51 -23.89 9.02
C GLU K 108 -81.91 -25.24 8.62
N ALA K 109 -82.65 -26.03 7.86
CA ALA K 109 -82.13 -27.32 7.39
C ALA K 109 -80.99 -27.13 6.41
N ASP K 110 -81.07 -26.11 5.56
CA ASP K 110 -80.00 -25.83 4.61
C ASP K 110 -78.72 -25.39 5.33
N LYS K 111 -78.86 -24.56 6.36
CA LYS K 111 -77.71 -24.19 7.18
C LYS K 111 -77.15 -25.41 7.89
N THR K 112 -78.02 -26.31 8.35
CA THR K 112 -77.54 -27.55 8.96
C THR K 112 -76.72 -28.36 7.96
N ALA K 113 -77.18 -28.44 6.71
CA ALA K 113 -76.43 -29.17 5.69
C ALA K 113 -75.05 -28.55 5.48
N ILE K 114 -74.99 -27.23 5.34
CA ILE K 114 -73.69 -26.57 5.13
C ILE K 114 -72.77 -26.78 6.32
N LYS K 115 -73.32 -26.66 7.53
CA LYS K 115 -72.55 -26.85 8.75
C LYS K 115 -71.93 -28.24 8.81
N ASN K 116 -72.77 -29.27 8.62
CA ASN K 116 -72.27 -30.64 8.65
C ASN K 116 -71.26 -30.89 7.54
N TRP K 117 -71.49 -30.33 6.35
CA TRP K 117 -70.60 -30.55 5.22
C TRP K 117 -69.22 -29.97 5.48
N ILE K 118 -69.16 -28.75 6.01
CA ILE K 118 -67.87 -28.12 6.25
C ILE K 118 -67.14 -28.81 7.40
N ILE K 119 -67.86 -29.21 8.45
CA ILE K 119 -67.19 -29.94 9.52
C ILE K 119 -66.65 -31.27 8.99
N LYS K 120 -67.41 -31.94 8.13
CA LYS K 120 -66.93 -33.17 7.51
C LYS K 120 -65.65 -32.92 6.71
N LEU K 121 -65.67 -31.92 5.82
CA LEU K 121 -64.49 -31.63 5.01
C LEU K 121 -63.27 -31.40 5.90
N ARG K 122 -63.38 -30.48 6.86
CA ARG K 122 -62.25 -30.12 7.70
C ARG K 122 -61.75 -31.29 8.54
N ASP K 123 -62.66 -32.08 9.11
CA ASP K 123 -62.24 -33.04 10.11
C ASP K 123 -61.79 -34.36 9.49
N ILE K 124 -62.43 -34.83 8.42
CA ILE K 124 -62.13 -36.16 7.90
C ILE K 124 -61.67 -36.13 6.44
N ASP K 125 -62.03 -35.09 5.67
CA ASP K 125 -61.43 -34.97 4.34
C ASP K 125 -60.13 -34.17 4.36
N LYS K 126 -59.78 -33.56 5.50
CA LYS K 126 -58.52 -32.83 5.65
C LYS K 126 -58.37 -31.72 4.62
N VAL K 127 -59.44 -30.95 4.42
CA VAL K 127 -59.41 -29.76 3.59
C VAL K 127 -59.96 -28.59 4.39
N LYS K 128 -59.13 -27.58 4.61
CA LYS K 128 -59.46 -26.47 5.52
C LYS K 128 -60.28 -25.44 4.74
N VAL K 129 -61.60 -25.43 5.00
CA VAL K 129 -62.51 -24.46 4.40
C VAL K 129 -63.38 -23.89 5.51
N LYS K 130 -64.00 -22.74 5.22
CA LYS K 130 -64.81 -22.02 6.19
C LYS K 130 -66.09 -21.52 5.54
N ALA K 131 -67.14 -21.37 6.36
CA ALA K 131 -68.41 -20.82 5.91
C ALA K 131 -68.85 -19.69 6.84
N VAL K 132 -69.47 -18.68 6.25
CA VAL K 132 -70.10 -17.59 6.99
C VAL K 132 -71.61 -17.79 6.91
N LEU K 133 -72.24 -18.07 8.05
CA LEU K 133 -73.66 -18.38 8.11
C LEU K 133 -74.38 -17.41 9.03
N GLY K 134 -75.68 -17.24 8.78
CA GLY K 134 -76.47 -16.25 9.49
C GLY K 134 -76.72 -16.55 10.96
N LYS K 135 -77.51 -17.59 11.25
CA LYS K 135 -77.85 -17.95 12.62
C LYS K 135 -77.53 -19.42 12.81
N VAL K 136 -76.27 -19.72 13.11
CA VAL K 136 -75.83 -21.09 13.36
C VAL K 136 -74.93 -21.09 14.59
N VAL K 137 -75.13 -22.07 15.46
CA VAL K 137 -74.46 -22.15 16.74
C VAL K 137 -73.27 -23.12 16.69
N GLY K 138 -72.65 -23.27 15.53
CA GLY K 138 -71.56 -24.23 15.39
C GLY K 138 -70.52 -24.08 16.49
N ASN K 139 -70.10 -25.21 17.02
CA ASN K 139 -69.01 -25.28 18.00
C ASN K 139 -67.65 -25.40 17.34
N HIS K 140 -67.52 -24.97 16.08
CA HIS K 140 -66.32 -25.20 15.30
C HIS K 140 -65.63 -23.89 14.91
N GLU K 141 -64.31 -23.97 14.70
CA GLU K 141 -63.57 -22.84 14.17
C GLU K 141 -63.80 -22.65 12.67
N GLY K 142 -64.37 -23.65 11.99
CA GLY K 142 -64.70 -23.52 10.59
C GLY K 142 -66.00 -22.80 10.30
N ILE K 143 -66.75 -22.39 11.31
CA ILE K 143 -68.02 -21.72 11.14
C ILE K 143 -67.95 -20.33 11.77
N ILE K 144 -68.27 -19.32 10.98
CA ILE K 144 -68.29 -17.92 11.43
C ILE K 144 -69.74 -17.47 11.50
N ASN K 145 -70.21 -17.15 12.70
CA ASN K 145 -71.62 -16.87 12.96
C ASN K 145 -71.84 -15.36 12.95
N PHE K 146 -72.42 -14.83 11.87
CA PHE K 146 -72.71 -13.41 11.73
C PHE K 146 -74.17 -13.19 12.08
N THR K 147 -74.43 -12.56 13.23
CA THR K 147 -75.78 -12.38 13.76
C THR K 147 -76.06 -10.89 13.93
N THR K 148 -76.50 -10.24 12.86
CA THR K 148 -76.97 -8.86 12.93
C THR K 148 -78.21 -8.73 12.07
N GLU K 149 -79.28 -8.20 12.65
CA GLU K 149 -80.58 -8.12 12.02
C GLU K 149 -80.73 -6.82 11.24
N ASP K 150 -81.42 -6.89 10.09
CA ASP K 150 -81.97 -5.73 9.41
C ASP K 150 -80.90 -4.67 9.10
N VAL K 151 -79.91 -5.08 8.31
CA VAL K 151 -78.84 -4.16 7.91
C VAL K 151 -79.34 -3.28 6.77
N LEU K 152 -79.22 -1.97 6.94
CA LEU K 152 -79.80 -1.00 6.02
C LEU K 152 -78.68 -0.32 5.22
N VAL K 153 -78.69 -0.51 3.90
CA VAL K 153 -77.73 0.10 3.00
C VAL K 153 -78.51 0.86 1.94
N GLY K 154 -78.34 2.18 1.90
CA GLY K 154 -78.97 3.00 0.89
C GLY K 154 -80.48 2.89 0.89
N GLU K 155 -81.07 2.94 2.08
CA GLU K 155 -82.52 2.79 2.24
C GLU K 155 -83.00 1.46 1.65
N LYS K 156 -82.44 0.36 2.17
CA LYS K 156 -82.86 -0.99 1.80
C LYS K 156 -82.90 -1.85 3.06
N LYS K 157 -83.51 -3.03 2.91
CA LYS K 157 -83.65 -3.97 4.01
C LYS K 157 -82.88 -5.24 3.66
N TYR K 158 -81.81 -5.50 4.40
CA TYR K 158 -81.06 -6.75 4.29
C TYR K 158 -81.29 -7.55 5.56
N SER K 159 -81.73 -8.80 5.41
CA SER K 159 -81.80 -9.66 6.58
C SER K 159 -80.41 -10.21 6.89
N VAL K 160 -80.32 -10.99 7.97
CA VAL K 160 -79.03 -11.46 8.45
C VAL K 160 -78.40 -12.44 7.46
N ASP K 161 -79.22 -13.28 6.82
CA ASP K 161 -78.68 -14.33 5.96
C ASP K 161 -78.16 -13.78 4.64
N GLU K 162 -78.74 -12.69 4.14
CA GLU K 162 -78.37 -12.15 2.83
C GLU K 162 -77.21 -11.17 2.89
N PHE K 163 -76.77 -10.75 4.08
CA PHE K 163 -75.65 -9.83 4.21
C PHE K 163 -74.31 -10.55 4.40
N THR K 164 -74.30 -11.89 4.51
CA THR K 164 -73.05 -12.60 4.71
C THR K 164 -72.15 -12.56 3.48
N SER K 165 -72.70 -12.20 2.32
CA SER K 165 -71.86 -12.00 1.14
C SER K 165 -70.90 -10.83 1.35
N ARG K 166 -71.39 -9.73 1.91
CA ARG K 166 -70.53 -8.60 2.22
C ARG K 166 -69.47 -8.98 3.25
N VAL K 167 -69.86 -9.75 4.27
CA VAL K 167 -68.91 -10.15 5.31
C VAL K 167 -67.83 -11.06 4.72
N ALA K 168 -68.22 -11.98 3.84
CA ALA K 168 -67.25 -12.88 3.22
C ALA K 168 -66.27 -12.12 2.34
N GLY K 169 -66.77 -11.16 1.55
CA GLY K 169 -65.86 -10.32 0.77
C GLY K 169 -64.92 -9.52 1.66
N LEU K 170 -65.45 -8.98 2.76
CA LEU K 170 -64.64 -8.23 3.71
C LEU K 170 -63.50 -9.08 4.25
N ILE K 171 -63.81 -10.30 4.71
CA ILE K 171 -62.78 -11.16 5.29
C ILE K 171 -61.76 -11.56 4.23
N ALA K 172 -62.22 -11.91 3.02
CA ALA K 172 -61.28 -12.32 1.99
C ALA K 172 -60.39 -11.18 1.53
N GLY K 173 -60.85 -9.94 1.68
CA GLY K 173 -60.08 -8.80 1.20
C GLY K 173 -59.05 -8.27 2.19
N THR K 174 -58.82 -8.96 3.29
CA THR K 174 -57.98 -8.41 4.35
C THR K 174 -56.58 -9.05 4.31
N PRO K 175 -55.52 -8.25 4.33
CA PRO K 175 -54.16 -8.82 4.37
C PRO K 175 -53.93 -9.64 5.63
N LEU K 176 -53.08 -10.65 5.48
CA LEU K 176 -52.87 -11.64 6.55
C LEU K 176 -52.21 -11.02 7.77
N SER K 177 -51.46 -9.93 7.60
CA SER K 177 -50.83 -9.27 8.74
C SER K 177 -51.84 -8.52 9.61
N GLN K 178 -53.07 -8.34 9.15
CA GLN K 178 -54.07 -7.54 9.86
C GLN K 178 -55.24 -8.40 10.30
N SER K 179 -56.13 -7.79 11.06
CA SER K 179 -57.32 -8.43 11.57
C SER K 179 -58.53 -7.59 11.18
N VAL K 180 -59.71 -8.20 11.21
CA VAL K 180 -60.94 -7.49 10.85
C VAL K 180 -61.57 -6.74 12.02
N THR K 181 -60.99 -6.86 13.21
CA THR K 181 -61.53 -6.14 14.37
C THR K 181 -61.52 -4.64 14.13
N TYR K 182 -62.68 -4.01 14.32
CA TYR K 182 -62.89 -2.57 14.19
C TYR K 182 -62.77 -2.07 12.74
N THR K 183 -62.90 -2.95 11.76
CA THR K 183 -62.99 -2.53 10.36
C THR K 183 -64.35 -1.91 10.11
N LYS K 184 -64.38 -0.73 9.50
CA LYS K 184 -65.62 0.01 9.32
C LYS K 184 -66.16 -0.14 7.90
N LEU K 185 -67.48 -0.23 7.81
CA LEU K 185 -68.19 -0.40 6.54
C LEU K 185 -68.90 0.92 6.21
N SER K 186 -68.32 1.70 5.30
CA SER K 186 -68.83 3.03 4.99
C SER K 186 -70.21 2.98 4.34
N ASP K 187 -70.54 1.89 3.64
CA ASP K 187 -71.81 1.83 2.93
C ASP K 187 -72.98 1.56 3.88
N VAL K 188 -72.71 1.00 5.06
CA VAL K 188 -73.77 0.77 6.03
C VAL K 188 -74.18 2.10 6.66
N VAL K 189 -75.50 2.29 6.81
CA VAL K 189 -76.07 3.53 7.34
C VAL K 189 -76.69 3.31 8.70
N ASP K 190 -77.53 2.29 8.85
CA ASP K 190 -78.29 2.10 10.07
C ASP K 190 -78.30 0.62 10.46
N ILE K 191 -78.27 0.38 11.77
CA ILE K 191 -78.49 -0.94 12.34
C ILE K 191 -79.38 -0.79 13.57
N PRO K 192 -80.08 -1.87 13.94
CA PRO K 192 -80.97 -1.79 15.11
C PRO K 192 -80.21 -1.46 16.39
N LYS K 193 -80.90 -0.77 17.30
CA LYS K 193 -80.28 -0.30 18.53
C LYS K 193 -79.76 -1.47 19.36
N MET K 194 -78.59 -1.28 19.96
CA MET K 194 -77.87 -2.34 20.65
C MET K 194 -77.07 -1.73 21.79
N THR K 195 -77.19 -2.31 22.97
CA THR K 195 -76.47 -1.84 24.13
C THR K 195 -75.15 -2.60 24.29
N LYS K 196 -74.20 -1.97 24.99
CA LYS K 196 -72.86 -2.52 25.08
C LYS K 196 -72.84 -3.84 25.85
N VAL K 197 -73.71 -3.97 26.86
CA VAL K 197 -73.79 -5.23 27.61
C VAL K 197 -74.26 -6.37 26.71
N ASP K 198 -75.26 -6.10 25.87
CA ASP K 198 -75.74 -7.13 24.95
C ASP K 198 -74.67 -7.51 23.93
N ALA K 199 -73.95 -6.51 23.39
CA ALA K 199 -72.90 -6.80 22.43
C ALA K 199 -71.79 -7.62 23.06
N GLU K 200 -71.42 -7.29 24.31
CA GLU K 200 -70.42 -8.06 25.02
C GLU K 200 -70.89 -9.50 25.22
N SER K 201 -72.16 -9.69 25.58
CA SER K 201 -72.67 -11.05 25.77
C SER K 201 -72.61 -11.84 24.46
N ARG K 202 -73.00 -11.22 23.35
CA ARG K 202 -72.99 -11.91 22.08
C ARG K 202 -71.57 -12.26 21.65
N VAL K 203 -70.62 -11.34 21.83
CA VAL K 203 -69.23 -11.65 21.50
C VAL K 203 -68.73 -12.80 22.36
N ASN K 204 -69.11 -12.81 23.65
CA ASN K 204 -68.74 -13.92 24.52
C ASN K 204 -69.31 -15.25 24.03
N LYS K 205 -70.50 -15.22 23.42
CA LYS K 205 -71.12 -16.43 22.92
C LYS K 205 -70.56 -16.87 21.57
N GLY K 206 -69.70 -16.08 20.94
CA GLY K 206 -69.06 -16.47 19.70
C GLY K 206 -69.64 -15.90 18.43
N GLU K 207 -70.21 -14.69 18.48
CA GLU K 207 -70.87 -14.12 17.32
C GLU K 207 -70.06 -12.98 16.73
N LEU K 208 -70.13 -12.85 15.40
CA LEU K 208 -69.51 -11.75 14.67
C LEU K 208 -70.60 -10.72 14.37
N ILE K 209 -70.47 -9.53 14.94
CA ILE K 209 -71.55 -8.55 14.93
C ILE K 209 -71.01 -7.19 14.51
N LEU K 210 -71.93 -6.32 14.12
CA LEU K 210 -71.63 -4.91 13.91
C LEU K 210 -71.98 -4.11 15.16
N ILE K 211 -71.23 -3.04 15.39
CA ILE K 211 -71.54 -2.09 16.45
C ILE K 211 -71.40 -0.68 15.92
N LYS K 212 -72.07 0.24 16.58
CA LYS K 212 -71.92 1.66 16.31
C LYS K 212 -70.97 2.25 17.35
N GLU K 213 -69.84 2.74 16.88
CA GLU K 213 -68.79 3.28 17.74
C GLU K 213 -68.48 4.70 17.28
N ALA K 214 -67.38 5.24 17.81
CA ALA K 214 -67.00 6.60 17.44
C ALA K 214 -66.72 6.69 15.95
N GLY K 215 -67.61 7.35 15.23
CA GLY K 215 -67.51 7.41 13.80
C GLY K 215 -68.63 6.64 13.10
N ALA K 216 -68.21 5.69 12.27
CA ALA K 216 -69.15 4.92 11.47
C ALA K 216 -69.55 3.61 12.14
N ILE K 217 -70.17 2.74 11.34
CA ILE K 217 -70.44 1.37 11.74
C ILE K 217 -69.19 0.53 11.53
N ARG K 218 -68.90 -0.38 12.46
CA ARG K 218 -67.71 -1.21 12.37
C ARG K 218 -67.97 -2.58 12.98
N ILE K 219 -67.07 -3.52 12.68
CA ILE K 219 -67.13 -4.86 13.27
C ILE K 219 -66.61 -4.80 14.70
N ALA K 220 -67.21 -5.60 15.59
CA ALA K 220 -66.85 -5.56 17.00
C ALA K 220 -65.55 -6.33 17.27
N ARG K 221 -65.54 -7.62 16.97
CA ARG K 221 -64.40 -8.48 17.27
C ARG K 221 -64.32 -9.57 16.20
N GLY K 222 -63.14 -10.14 16.04
CA GLY K 222 -62.86 -11.06 14.94
C GLY K 222 -62.90 -12.52 15.32
N VAL K 223 -63.94 -12.95 16.04
CA VAL K 223 -63.97 -14.28 16.61
C VAL K 223 -64.67 -15.26 15.67
N ASN K 224 -64.41 -16.55 15.92
CA ASN K 224 -65.10 -17.66 15.27
C ASN K 224 -66.34 -18.00 16.10
N SER K 225 -66.97 -19.13 15.79
CA SER K 225 -68.06 -19.65 16.60
C SER K 225 -67.59 -20.59 17.71
N LEU K 226 -66.30 -20.90 17.76
CA LEU K 226 -65.78 -21.82 18.77
C LEU K 226 -65.96 -21.24 20.16
N THR K 227 -66.43 -22.07 21.09
CA THR K 227 -66.64 -21.61 22.46
C THR K 227 -66.02 -22.53 23.51
N GLU K 228 -66.04 -23.84 23.28
CA GLU K 228 -65.50 -24.80 24.23
C GLU K 228 -63.99 -24.94 24.01
N LEU K 229 -63.22 -24.64 25.05
CA LEU K 229 -61.78 -24.64 24.99
C LEU K 229 -61.21 -25.80 25.81
N THR K 230 -60.32 -26.57 25.19
CA THR K 230 -59.64 -27.69 25.81
C THR K 230 -58.14 -27.41 25.85
N ALA K 231 -57.37 -28.38 26.32
CA ALA K 231 -55.92 -28.23 26.38
C ALA K 231 -55.32 -28.19 24.98
N GLU K 232 -55.81 -29.03 24.08
CA GLU K 232 -55.31 -29.02 22.70
C GLU K 232 -55.73 -27.75 21.98
N LYS K 233 -56.91 -27.22 22.28
CA LYS K 233 -57.47 -26.08 21.56
C LYS K 233 -57.72 -24.94 22.55
N GLY K 234 -56.81 -23.97 22.59
CA GLY K 234 -56.92 -22.83 23.46
C GLY K 234 -57.61 -21.65 22.79
N GLU K 235 -57.46 -20.48 23.41
CA GLU K 235 -58.17 -19.29 22.97
C GLU K 235 -57.64 -18.75 21.64
N MET K 236 -56.42 -19.10 21.25
CA MET K 236 -55.89 -18.66 19.97
C MET K 236 -56.73 -19.19 18.81
N PHE K 237 -57.35 -20.37 18.97
CA PHE K 237 -58.16 -20.95 17.92
C PHE K 237 -59.51 -20.26 17.75
N GLN K 238 -59.85 -19.32 18.61
CA GLN K 238 -61.09 -18.57 18.47
C GLN K 238 -60.99 -17.39 17.51
N LYS K 239 -59.79 -16.97 17.15
CA LYS K 239 -59.58 -15.78 16.34
C LYS K 239 -59.51 -16.13 14.85
N ILE K 240 -60.13 -15.29 14.03
CA ILE K 240 -60.16 -15.53 12.59
C ILE K 240 -58.76 -15.47 11.98
N LYS K 241 -57.95 -14.49 12.39
CA LYS K 241 -56.64 -14.27 11.77
C LYS K 241 -55.72 -15.48 11.96
N ILE K 242 -55.66 -16.01 13.18
CA ILE K 242 -54.81 -17.16 13.47
C ILE K 242 -55.23 -18.37 12.65
N VAL K 243 -56.54 -18.63 12.57
CA VAL K 243 -57.04 -19.79 11.84
C VAL K 243 -56.76 -19.65 10.35
N ASP K 244 -56.85 -18.43 9.82
CA ASP K 244 -56.50 -18.21 8.42
C ASP K 244 -55.03 -18.55 8.15
N THR K 245 -54.13 -18.10 9.03
CA THR K 245 -52.72 -18.43 8.86
C THR K 245 -52.48 -19.94 8.92
N LEU K 246 -53.11 -20.61 9.89
CA LEU K 246 -52.95 -22.05 10.03
C LEU K 246 -53.47 -22.79 8.80
N ASP K 247 -54.58 -22.33 8.23
CA ASP K 247 -55.13 -22.98 7.04
C ASP K 247 -54.18 -22.83 5.86
N ILE K 248 -53.56 -21.65 5.70
CA ILE K 248 -52.60 -21.47 4.62
C ILE K 248 -51.41 -22.41 4.79
N ILE K 249 -50.90 -22.53 6.02
CA ILE K 249 -49.78 -23.44 6.26
C ILE K 249 -50.16 -24.88 5.92
N HIS K 250 -51.35 -25.31 6.36
CA HIS K 250 -51.81 -26.67 6.09
C HIS K 250 -51.88 -26.94 4.60
N SER K 251 -52.48 -26.01 3.84
CA SER K 251 -52.66 -26.22 2.41
C SER K 251 -51.31 -26.27 1.68
N ASP K 252 -50.38 -25.38 2.03
CA ASP K 252 -49.09 -25.38 1.33
C ASP K 252 -48.28 -26.65 1.61
N ILE K 253 -48.21 -27.06 2.88
CA ILE K 253 -47.44 -28.26 3.20
C ILE K 253 -48.07 -29.49 2.55
N ARG K 254 -49.40 -29.56 2.54
CA ARG K 254 -50.09 -30.67 1.90
C ARG K 254 -49.78 -30.71 0.40
N LYS K 255 -49.76 -29.54 -0.26
CA LYS K 255 -49.43 -29.50 -1.67
C LYS K 255 -48.04 -30.07 -1.92
N VAL K 256 -47.05 -29.63 -1.14
CA VAL K 256 -45.68 -30.12 -1.34
C VAL K 256 -45.64 -31.64 -1.18
N ILE K 257 -46.23 -32.15 -0.10
CA ILE K 257 -46.16 -33.58 0.19
C ILE K 257 -46.82 -34.39 -0.92
N ILE K 258 -48.03 -33.99 -1.33
CA ILE K 258 -48.78 -34.79 -2.29
C ILE K 258 -48.14 -34.73 -3.66
N ASP K 259 -47.64 -33.55 -4.07
CA ASP K 259 -47.08 -33.43 -5.41
C ASP K 259 -45.75 -34.15 -5.54
N ASP K 260 -44.87 -34.06 -4.53
CA ASP K 260 -43.51 -34.54 -4.72
C ASP K 260 -43.20 -35.90 -4.09
N TYR K 261 -43.98 -36.38 -3.13
CA TYR K 261 -43.50 -37.50 -2.34
C TYR K 261 -44.44 -38.71 -2.31
N ILE K 262 -45.75 -38.50 -2.22
CA ILE K 262 -46.69 -39.60 -2.04
C ILE K 262 -46.68 -40.49 -3.28
N GLY K 263 -46.22 -41.73 -3.12
CA GLY K 263 -46.17 -42.69 -4.18
C GLY K 263 -45.03 -42.52 -5.17
N LYS K 264 -44.12 -41.58 -4.92
CA LYS K 264 -43.08 -41.27 -5.89
C LYS K 264 -41.74 -41.86 -5.49
N VAL K 265 -41.45 -41.93 -4.20
CA VAL K 265 -40.15 -42.33 -3.70
C VAL K 265 -40.30 -43.51 -2.76
N THR K 266 -39.23 -44.29 -2.66
CA THR K 266 -39.18 -45.39 -1.69
C THR K 266 -39.08 -44.83 -0.28
N ASN K 267 -39.67 -45.55 0.67
CA ASN K 267 -39.75 -45.08 2.05
C ASN K 267 -38.50 -45.50 2.83
N SER K 268 -37.39 -44.84 2.54
CA SER K 268 -36.13 -45.07 3.23
C SER K 268 -35.77 -43.85 4.06
N TYR K 269 -34.78 -44.01 4.94
CA TYR K 269 -34.39 -42.94 5.85
C TYR K 269 -33.82 -41.72 5.10
N ASP K 270 -33.06 -41.97 4.03
CA ASP K 270 -32.52 -40.86 3.24
C ASP K 270 -33.64 -39.99 2.65
N ASN K 271 -34.69 -40.62 2.12
CA ASN K 271 -35.79 -39.86 1.55
C ASN K 271 -36.58 -39.12 2.62
N LYS K 272 -36.72 -39.70 3.82
CA LYS K 272 -37.31 -38.98 4.94
C LYS K 272 -36.52 -37.72 5.25
N CYS K 273 -35.18 -37.81 5.25
CA CYS K 273 -34.37 -36.63 5.52
C CYS K 273 -34.56 -35.56 4.44
N LEU K 274 -34.67 -35.99 3.17
CA LEU K 274 -34.93 -35.03 2.10
C LEU K 274 -36.29 -34.32 2.31
N LEU K 275 -37.31 -35.07 2.71
CA LEU K 275 -38.61 -34.46 3.01
C LEU K 275 -38.50 -33.44 4.15
N ILE K 276 -37.75 -33.78 5.20
CA ILE K 276 -37.55 -32.86 6.31
C ILE K 276 -36.92 -31.56 5.83
N VAL K 277 -35.90 -31.66 4.96
CA VAL K 277 -35.25 -30.46 4.45
C VAL K 277 -36.23 -29.60 3.65
N ALA K 278 -37.06 -30.23 2.81
CA ALA K 278 -38.03 -29.46 2.03
C ALA K 278 -39.00 -28.69 2.93
N ILE K 279 -39.56 -29.37 3.96
CA ILE K 279 -40.51 -28.71 4.85
C ILE K 279 -39.83 -27.57 5.61
N LYS K 280 -38.60 -27.79 6.06
CA LYS K 280 -37.87 -26.74 6.76
C LYS K 280 -37.65 -25.52 5.87
N SER K 281 -37.34 -25.74 4.60
CA SER K 281 -37.16 -24.60 3.69
C SER K 281 -38.46 -23.83 3.50
N TYR K 282 -39.59 -24.54 3.42
CA TYR K 282 -40.87 -23.83 3.35
C TYR K 282 -41.11 -22.97 4.60
N LEU K 283 -40.81 -23.52 5.77
CA LEU K 283 -40.99 -22.75 7.01
C LEU K 283 -40.07 -21.53 7.06
N GLU K 284 -38.83 -21.69 6.57
CA GLU K 284 -37.91 -20.54 6.51
C GLU K 284 -38.45 -19.45 5.60
N GLU K 285 -39.01 -19.84 4.46
CA GLU K 285 -39.63 -18.87 3.56
C GLU K 285 -40.76 -18.13 4.27
N LEU K 286 -41.57 -18.85 5.05
CA LEU K 286 -42.62 -18.18 5.83
C LEU K 286 -42.03 -17.20 6.84
N GLU K 287 -40.93 -17.58 7.49
CA GLU K 287 -40.31 -16.68 8.46
C GLU K 287 -39.78 -15.41 7.79
N LYS K 288 -39.33 -15.52 6.55
CA LYS K 288 -38.80 -14.34 5.86
C LYS K 288 -39.88 -13.29 5.58
N SER K 289 -41.15 -13.70 5.59
CA SER K 289 -42.26 -12.78 5.36
C SER K 289 -42.93 -12.30 6.64
N ALA K 290 -42.46 -12.76 7.80
CA ALA K 290 -43.01 -12.41 9.11
C ALA K 290 -44.44 -12.91 9.32
N LEU K 291 -44.86 -13.96 8.62
CA LEU K 291 -46.13 -14.62 8.95
C LEU K 291 -46.02 -15.38 10.27
N ILE K 292 -44.86 -15.97 10.55
CA ILE K 292 -44.58 -16.66 11.80
C ILE K 292 -43.27 -16.13 12.36
N GLU K 293 -43.03 -16.41 13.64
CA GLU K 293 -41.81 -15.95 14.29
C GLU K 293 -40.61 -16.78 13.85
N SER K 294 -39.43 -16.35 14.31
CA SER K 294 -38.19 -17.02 13.97
C SER K 294 -37.98 -18.25 14.86
N ASP K 295 -36.98 -19.06 14.50
CA ASP K 295 -36.55 -20.22 15.29
C ASP K 295 -37.63 -21.31 15.33
N SER K 296 -38.12 -21.70 14.15
CA SER K 296 -39.03 -22.84 14.03
C SER K 296 -38.25 -24.07 13.59
N THR K 297 -38.76 -25.25 13.97
CA THR K 297 -38.03 -26.51 13.80
C THR K 297 -38.92 -27.60 13.20
N VAL K 298 -38.29 -28.54 12.50
CA VAL K 298 -38.91 -29.76 11.99
C VAL K 298 -37.97 -30.93 12.25
N GLU K 299 -38.52 -32.08 12.65
CA GLU K 299 -37.69 -33.24 12.97
C GLU K 299 -38.52 -34.52 12.98
N ILE K 300 -37.81 -35.65 13.01
CA ILE K 300 -38.42 -36.96 13.16
C ILE K 300 -39.11 -37.06 14.52
N ASP K 301 -40.34 -37.58 14.54
CA ASP K 301 -41.10 -37.79 15.77
C ASP K 301 -40.67 -39.14 16.36
N PHE K 302 -39.80 -39.10 17.37
CA PHE K 302 -39.17 -40.32 17.87
C PHE K 302 -40.14 -41.14 18.73
N GLU K 303 -40.92 -40.49 19.58
CA GLU K 303 -41.86 -41.21 20.44
C GLU K 303 -42.89 -41.97 19.60
N ALA K 304 -43.45 -41.30 18.58
CA ALA K 304 -44.46 -41.94 17.74
C ALA K 304 -43.89 -43.13 16.99
N GLN K 305 -42.66 -42.99 16.47
CA GLN K 305 -42.02 -44.10 15.77
C GLN K 305 -41.75 -45.28 16.71
N LYS K 306 -41.29 -44.99 17.92
CA LYS K 306 -41.11 -46.05 18.91
C LYS K 306 -42.42 -46.78 19.18
N SER K 307 -43.52 -46.01 19.31
CA SER K 307 -44.82 -46.64 19.57
C SER K 307 -45.26 -47.52 18.41
N TYR K 308 -45.09 -47.05 17.18
CA TYR K 308 -45.45 -47.88 16.03
C TYR K 308 -44.60 -49.14 15.97
N LEU K 309 -43.29 -49.01 16.20
CA LEU K 309 -42.42 -50.18 16.16
C LEU K 309 -42.80 -51.19 17.23
N LYS K 310 -43.13 -50.71 18.43
CA LYS K 310 -43.56 -51.61 19.50
C LYS K 310 -44.88 -52.29 19.17
N SER K 311 -45.79 -51.57 18.50
CA SER K 311 -47.12 -52.11 18.25
C SER K 311 -47.07 -53.27 17.26
N LYS K 312 -45.95 -53.46 16.57
CA LYS K 312 -45.85 -54.52 15.56
C LYS K 312 -44.96 -55.69 15.98
N GLY K 313 -44.50 -55.75 17.23
CA GLY K 313 -43.77 -56.91 17.69
C GLY K 313 -42.26 -56.81 17.57
N VAL K 314 -41.72 -55.62 17.35
CA VAL K 314 -40.27 -55.43 17.39
C VAL K 314 -39.82 -55.33 18.84
N ASP K 315 -38.68 -55.94 19.15
CA ASP K 315 -38.14 -55.95 20.50
C ASP K 315 -37.10 -54.84 20.65
N LEU K 316 -37.43 -53.82 21.41
CA LEU K 316 -36.54 -52.67 21.63
C LEU K 316 -35.62 -52.93 22.82
N SER K 317 -34.85 -54.02 22.73
CA SER K 317 -33.90 -54.39 23.78
C SER K 317 -32.50 -54.39 23.20
N TYR K 318 -31.59 -53.65 23.84
CA TYR K 318 -30.22 -53.48 23.36
C TYR K 318 -30.22 -52.97 21.91
N MET K 319 -31.18 -52.10 21.61
CA MET K 319 -31.30 -51.48 20.29
C MET K 319 -30.90 -50.02 20.42
N THR K 320 -29.91 -49.61 19.65
CA THR K 320 -29.39 -48.25 19.74
C THR K 320 -30.43 -47.25 19.24
N LEU K 321 -30.38 -46.05 19.80
CA LEU K 321 -31.31 -45.00 19.39
C LEU K 321 -31.17 -44.68 17.91
N GLN K 322 -29.94 -44.73 17.39
CA GLN K 322 -29.75 -44.53 15.95
C GLN K 322 -30.46 -45.62 15.15
N GLU K 323 -30.37 -46.88 15.61
CA GLU K 323 -31.04 -47.97 14.93
C GLU K 323 -32.56 -47.80 14.94
N ILE K 324 -33.11 -47.34 16.06
CA ILE K 324 -34.55 -47.09 16.14
C ILE K 324 -34.95 -45.95 15.21
N LYS K 325 -34.13 -44.89 15.17
CA LYS K 325 -34.45 -43.75 14.32
C LYS K 325 -34.51 -44.14 12.85
N GLU K 326 -33.65 -45.04 12.40
CA GLU K 326 -33.54 -45.42 11.00
C GLU K 326 -34.36 -46.65 10.64
N ALA K 327 -35.08 -47.24 11.59
CA ALA K 327 -35.76 -48.51 11.34
C ALA K 327 -36.88 -48.34 10.32
N ASN K 328 -37.05 -49.37 9.49
CA ASN K 328 -38.07 -49.34 8.45
C ASN K 328 -39.46 -49.37 9.09
N THR K 329 -40.33 -48.46 8.63
CA THR K 329 -41.68 -48.31 9.17
C THR K 329 -42.74 -48.56 8.10
N GLY K 330 -42.55 -49.61 7.30
CA GLY K 330 -43.50 -49.92 6.25
C GLY K 330 -43.63 -48.76 5.28
N SER K 331 -44.81 -48.16 5.24
CA SER K 331 -45.08 -47.06 4.34
C SER K 331 -45.46 -45.77 5.06
N LYS K 332 -45.13 -45.65 6.35
CA LYS K 332 -45.55 -44.53 7.17
C LYS K 332 -44.37 -43.63 7.53
N VAL K 333 -44.66 -42.37 7.82
CA VAL K 333 -43.65 -41.38 8.22
C VAL K 333 -44.19 -40.61 9.42
N PHE K 334 -43.36 -40.44 10.45
CA PHE K 334 -43.73 -39.72 11.68
C PHE K 334 -42.82 -38.50 11.84
N LEU K 335 -43.40 -37.31 11.76
CA LEU K 335 -42.68 -36.04 11.89
C LEU K 335 -43.38 -35.13 12.89
N LYS K 336 -42.62 -34.19 13.46
CA LYS K 336 -43.15 -33.16 14.34
C LYS K 336 -42.45 -31.83 14.07
N ALA K 337 -43.11 -30.74 14.46
CA ALA K 337 -42.62 -29.40 14.19
C ALA K 337 -43.14 -28.43 15.24
N LYS K 338 -42.54 -27.25 15.29
CA LYS K 338 -42.92 -26.22 16.25
C LYS K 338 -42.84 -24.86 15.59
N ILE K 339 -43.89 -24.05 15.74
CA ILE K 339 -43.99 -22.71 15.16
C ILE K 339 -44.61 -21.77 16.17
N LYS K 340 -44.66 -20.48 15.82
CA LYS K 340 -45.22 -19.45 16.69
C LYS K 340 -45.84 -18.35 15.84
N VAL K 341 -47.04 -17.92 16.21
CA VAL K 341 -47.78 -16.88 15.49
C VAL K 341 -48.20 -15.81 16.47
N LEU K 342 -48.12 -14.55 16.06
CA LEU K 342 -48.48 -13.40 16.88
C LEU K 342 -49.86 -12.87 16.52
N ASP K 343 -50.50 -12.22 17.48
CA ASP K 343 -51.83 -11.64 17.31
C ASP K 343 -51.70 -10.14 17.07
N ALA K 344 -52.82 -9.53 16.69
CA ALA K 344 -52.83 -8.10 16.42
C ALA K 344 -53.03 -7.31 17.73
N MET K 345 -52.73 -6.02 17.65
CA MET K 345 -53.03 -5.08 18.73
C MET K 345 -54.54 -4.82 18.76
N GLU K 346 -55.18 -5.12 19.89
CA GLU K 346 -56.61 -4.87 20.00
C GLU K 346 -57.02 -4.19 21.31
N ASP K 347 -56.20 -4.27 22.35
CA ASP K 347 -56.55 -3.76 23.67
C ASP K 347 -55.40 -2.95 24.26
N ILE K 348 -55.68 -1.74 24.71
CA ILE K 348 -54.66 -0.79 25.15
C ILE K 348 -55.08 -0.16 26.46
N ASP K 349 -54.22 -0.24 27.48
CA ASP K 349 -54.40 0.48 28.74
C ASP K 349 -53.35 1.57 28.86
N LEU K 350 -53.79 2.78 29.17
CA LEU K 350 -52.89 3.92 29.36
C LEU K 350 -53.30 4.69 30.61
N SER K 351 -52.44 4.69 31.62
CA SER K 351 -52.69 5.35 32.89
C SER K 351 -51.92 6.67 32.96
N ILE K 352 -52.65 7.77 33.10
CA ILE K 352 -52.08 9.11 33.03
C ILE K 352 -52.11 9.74 34.41
N GLU K 353 -50.95 10.07 34.95
CA GLU K 353 -50.82 10.87 36.15
C GLU K 353 -50.84 12.34 35.77
N ILE K 354 -51.57 13.15 36.53
CA ILE K 354 -51.60 14.59 36.28
C ILE K 354 -50.94 15.33 37.43
N ILE L 3 -76.30 26.68 -21.73
CA ILE L 3 -75.96 26.76 -20.30
C ILE L 3 -76.50 28.06 -19.73
N GLY L 4 -77.54 28.59 -20.37
CA GLY L 4 -78.14 29.85 -19.98
C GLY L 4 -77.40 31.05 -20.54
N LEU L 5 -78.07 32.20 -20.46
CA LEU L 5 -77.49 33.44 -20.93
C LEU L 5 -76.50 33.99 -19.91
N PRO L 6 -75.51 34.78 -20.35
CA PRO L 6 -74.62 35.44 -19.40
C PRO L 6 -75.38 36.43 -18.54
N SER L 7 -75.06 36.44 -17.24
CA SER L 7 -75.73 37.30 -16.27
C SER L 7 -74.73 38.33 -15.75
N ILE L 8 -74.94 39.59 -16.12
CA ILE L 8 -74.16 40.71 -15.59
C ILE L 8 -75.12 41.51 -14.71
N ASN L 9 -75.06 41.26 -13.40
CA ASN L 9 -76.06 41.81 -12.50
C ASN L 9 -75.37 42.75 -11.52
N ILE L 10 -75.52 44.06 -11.73
CA ILE L 10 -75.11 45.09 -10.80
C ILE L 10 -76.38 45.60 -10.11
N SER L 11 -76.50 45.35 -8.81
CA SER L 11 -77.70 45.69 -8.07
C SER L 11 -77.38 46.69 -6.96
N PHE L 12 -78.36 47.51 -6.63
CA PHE L 12 -78.26 48.50 -5.57
C PHE L 12 -79.31 48.22 -4.50
N LYS L 13 -78.92 48.34 -3.24
CA LYS L 13 -79.80 47.97 -2.13
C LYS L 13 -79.42 48.76 -0.89
N GLU L 14 -80.28 48.66 0.12
CA GLU L 14 -80.06 49.33 1.39
C GLU L 14 -79.00 48.58 2.20
N LEU L 15 -78.70 49.11 3.38
CA LEU L 15 -77.64 48.56 4.22
C LEU L 15 -78.17 47.38 5.02
N ALA L 16 -77.26 46.50 5.44
CA ALA L 16 -77.62 45.25 6.11
C ALA L 16 -76.61 44.91 7.20
N THR L 17 -77.02 44.03 8.11
CA THR L 17 -76.18 43.63 9.24
C THR L 17 -75.50 42.28 8.98
N THR L 18 -74.30 42.12 9.54
CA THR L 18 -73.52 40.90 9.46
C THR L 18 -73.34 40.31 10.85
N VAL L 19 -73.63 39.01 10.99
CA VAL L 19 -73.72 38.36 12.29
C VAL L 19 -72.37 37.93 12.84
N LYS L 20 -72.33 37.58 14.13
CA LYS L 20 -71.10 37.15 14.78
C LYS L 20 -70.61 35.84 14.18
N GLU L 21 -69.29 35.70 14.10
CA GLU L 21 -68.68 34.49 13.54
C GLU L 21 -68.93 33.30 14.46
N ARG L 22 -69.00 32.12 13.84
CA ARG L 22 -69.32 30.88 14.53
C ARG L 22 -68.07 30.26 15.19
N SER L 23 -68.31 29.26 16.03
CA SER L 23 -67.25 28.47 16.63
C SER L 23 -67.57 26.99 16.47
N ALA L 24 -66.55 26.19 16.13
CA ALA L 24 -66.76 24.78 15.85
C ALA L 24 -66.73 23.93 17.11
N ARG L 25 -66.39 24.51 18.26
CA ARG L 25 -66.43 23.78 19.52
C ARG L 25 -67.83 23.84 20.12
N GLY L 26 -68.28 22.70 20.63
CA GLY L 26 -69.52 22.64 21.37
C GLY L 26 -70.63 21.88 20.68
N ILE L 27 -70.82 20.62 21.07
CA ILE L 27 -71.93 19.80 20.60
C ILE L 27 -72.75 19.40 21.80
N ILE L 28 -74.03 19.76 21.80
CA ILE L 28 -74.88 19.69 22.98
C ILE L 28 -76.09 18.81 22.69
N ALA L 29 -76.45 17.98 23.67
CA ALA L 29 -77.56 17.05 23.55
C ALA L 29 -78.73 17.53 24.40
N MET L 30 -79.94 17.21 23.95
CA MET L 30 -81.17 17.74 24.55
C MET L 30 -82.30 16.77 24.26
N VAL L 31 -83.05 16.40 25.29
CA VAL L 31 -84.22 15.55 25.13
C VAL L 31 -85.44 16.24 25.73
N LEU L 32 -86.53 16.30 24.97
CA LEU L 32 -87.74 16.95 25.44
C LEU L 32 -88.94 16.11 25.02
N LYS L 33 -90.00 16.21 25.80
CA LYS L 33 -91.23 15.45 25.57
C LYS L 33 -92.22 16.33 24.84
N ASP L 34 -92.65 15.89 23.67
CA ASP L 34 -93.62 16.59 22.84
C ASP L 34 -94.63 15.60 22.28
N ALA L 35 -95.86 16.07 22.07
CA ALA L 35 -96.90 15.20 21.51
C ALA L 35 -96.74 15.03 20.01
N LYS L 36 -95.89 15.85 19.38
CA LYS L 36 -95.78 15.86 17.92
C LYS L 36 -94.32 15.98 17.51
N ALA L 37 -94.00 15.50 16.31
CA ALA L 37 -92.68 15.61 15.71
C ALA L 37 -91.63 14.82 16.50
N LEU L 38 -91.93 13.54 16.70
CA LEU L 38 -91.02 12.65 17.42
C LEU L 38 -89.80 12.32 16.56
N GLY L 39 -88.72 11.89 17.21
CA GLY L 39 -87.54 11.41 16.56
C GLY L 39 -86.33 12.23 16.99
N LEU L 40 -85.26 12.11 16.22
CA LEU L 40 -84.04 12.88 16.43
C LEU L 40 -84.01 14.02 15.43
N ASN L 41 -83.90 15.24 15.94
CA ASN L 41 -83.83 16.43 15.10
C ASN L 41 -82.51 17.13 15.37
N GLU L 42 -81.70 17.27 14.32
CA GLU L 42 -80.50 18.06 14.36
C GLU L 42 -80.89 19.51 14.12
N ILE L 43 -80.51 20.40 15.03
CA ILE L 43 -80.79 21.83 14.89
C ILE L 43 -79.45 22.56 14.87
N HIS L 44 -79.17 23.25 13.77
CA HIS L 44 -77.87 23.86 13.60
C HIS L 44 -77.88 25.34 13.97
N GLU L 45 -79.05 25.98 13.91
CA GLU L 45 -79.16 27.40 14.18
C GLU L 45 -80.54 27.72 14.73
N LYS L 46 -80.63 28.85 15.42
CA LYS L 46 -81.90 29.29 16.00
C LYS L 46 -82.82 29.92 14.96
N GLU L 47 -82.29 30.27 13.80
CA GLU L 47 -83.14 30.78 12.73
C GLU L 47 -84.05 29.68 12.18
N ASP L 48 -83.54 28.46 12.08
CA ASP L 48 -84.30 27.34 11.53
C ASP L 48 -84.59 26.34 12.65
N ILE L 49 -85.84 26.27 13.07
CA ILE L 49 -86.31 25.32 14.07
C ILE L 49 -87.56 24.67 13.49
N PRO L 50 -87.81 23.38 13.73
CA PRO L 50 -89.07 22.80 13.24
C PRO L 50 -90.27 23.53 13.79
N VAL L 51 -91.19 23.87 12.88
CA VAL L 51 -92.37 24.64 13.25
C VAL L 51 -93.47 23.79 13.86
N ASP L 52 -93.23 22.49 14.03
CA ASP L 52 -94.17 21.64 14.75
C ASP L 52 -94.01 21.78 16.25
N LEU L 53 -92.80 22.10 16.71
CA LEU L 53 -92.51 22.15 18.14
C LEU L 53 -93.27 23.31 18.80
N SER L 54 -93.59 23.12 20.07
CA SER L 54 -94.34 24.11 20.82
C SER L 54 -93.51 25.36 21.07
N ALA L 55 -94.21 26.48 21.27
CA ALA L 55 -93.54 27.74 21.58
C ALA L 55 -92.74 27.64 22.87
N GLU L 56 -93.30 26.94 23.87
CA GLU L 56 -92.58 26.73 25.12
C GLU L 56 -91.32 25.89 24.89
N ASN L 57 -91.42 24.85 24.08
CA ASN L 57 -90.23 24.11 23.67
C ASN L 57 -89.43 24.87 22.62
N LYS L 58 -90.05 25.83 21.93
CA LYS L 58 -89.32 26.64 20.97
C LYS L 58 -88.27 27.52 21.67
N GLU L 59 -88.69 28.21 22.74
CA GLU L 59 -87.80 29.17 23.37
C GLU L 59 -86.59 28.50 24.04
N TYR L 60 -86.72 27.23 24.41
CA TYR L 60 -85.60 26.54 25.06
C TYR L 60 -84.46 26.32 24.08
N ILE L 61 -84.79 26.09 22.80
CA ILE L 61 -83.75 25.92 21.78
C ILE L 61 -82.98 27.21 21.61
N ASN L 62 -83.69 28.34 21.55
CA ASN L 62 -83.00 29.63 21.48
C ASN L 62 -82.18 29.89 22.73
N LEU L 63 -82.65 29.40 23.89
CA LEU L 63 -81.89 29.53 25.12
C LEU L 63 -80.57 28.77 25.04
N ALA L 64 -80.61 27.53 24.55
CA ALA L 64 -79.40 26.71 24.51
C ALA L 64 -78.43 27.15 23.41
N LEU L 65 -78.91 27.90 22.43
CA LEU L 65 -78.14 28.17 21.22
C LEU L 65 -77.30 29.44 21.29
N MET L 66 -77.36 30.19 22.39
CA MET L 66 -76.43 31.28 22.60
C MET L 66 -75.40 30.87 23.65
N GLY L 67 -74.13 31.10 23.33
CA GLY L 67 -73.05 30.88 24.28
C GLY L 67 -72.35 32.18 24.55
N ASN L 68 -71.63 32.26 25.68
CA ASN L 68 -70.93 33.49 26.11
C ASN L 68 -69.80 34.05 25.24
N VAL L 69 -68.87 33.20 24.82
CA VAL L 69 -67.83 33.61 23.88
C VAL L 69 -68.26 33.36 22.44
N ASN L 70 -68.86 32.20 22.18
CA ASN L 70 -69.42 31.94 20.85
C ASN L 70 -70.47 30.85 20.94
N THR L 71 -71.20 30.69 19.83
CA THR L 71 -72.32 29.77 19.74
C THR L 71 -71.83 28.31 19.78
N PRO L 72 -72.61 27.39 20.34
CA PRO L 72 -72.29 25.97 20.18
C PRO L 72 -72.30 25.54 18.72
N ASN L 73 -71.42 24.58 18.41
CA ASN L 73 -71.27 24.12 17.03
C ASN L 73 -72.53 23.44 16.53
N LYS L 74 -73.19 22.66 17.38
CA LYS L 74 -74.31 21.84 16.95
C LYS L 74 -75.20 21.54 18.14
N LEU L 75 -76.48 21.26 17.87
CA LEU L 75 -77.48 20.98 18.88
C LEU L 75 -78.22 19.71 18.52
N LEU L 76 -78.33 18.79 19.48
CA LEU L 76 -78.97 17.50 19.27
C LEU L 76 -80.22 17.42 20.12
N VAL L 77 -81.38 17.66 19.50
CA VAL L 77 -82.66 17.64 20.19
C VAL L 77 -83.35 16.34 19.82
N TYR L 78 -83.59 15.49 20.82
CA TYR L 78 -84.25 14.20 20.64
C TYR L 78 -85.63 14.27 21.27
N VAL L 79 -86.66 14.07 20.46
CA VAL L 79 -88.04 14.32 20.87
C VAL L 79 -88.73 12.97 21.04
N ILE L 80 -89.27 12.74 22.25
CA ILE L 80 -90.05 11.55 22.53
C ILE L 80 -91.45 11.99 22.95
N GLU L 81 -92.41 11.11 22.71
CA GLU L 81 -93.81 11.45 22.97
C GLU L 81 -94.05 11.56 24.46
N GLY L 82 -95.16 12.21 24.81
CA GLY L 82 -95.52 12.36 26.21
C GLY L 82 -95.81 11.01 26.85
N GLU L 83 -95.55 10.94 28.16
CA GLU L 83 -95.76 9.72 28.94
C GLU L 83 -95.02 8.54 28.32
N ALA L 84 -93.76 8.80 27.91
CA ALA L 84 -92.92 7.79 27.31
C ALA L 84 -91.76 7.46 28.24
N ASP L 85 -90.97 6.46 27.86
CA ASP L 85 -89.86 6.03 28.70
C ASP L 85 -88.58 6.78 28.35
N ILE L 86 -87.78 7.06 29.38
CA ILE L 86 -86.53 7.76 29.18
C ILE L 86 -85.42 6.80 28.76
N GLN L 87 -85.58 5.51 29.07
CA GLN L 87 -84.51 4.55 28.80
C GLN L 87 -84.29 4.37 27.31
N THR L 88 -85.36 4.49 26.50
CA THR L 88 -85.18 4.47 25.06
C THR L 88 -84.32 5.64 24.62
N ALA L 89 -84.55 6.82 25.20
CA ALA L 89 -83.76 8.00 24.87
C ALA L 89 -82.30 7.80 25.24
N LEU L 90 -82.04 7.29 26.45
CA LEU L 90 -80.66 7.09 26.89
C LEU L 90 -79.96 6.03 26.03
N ASP L 91 -80.66 4.94 25.72
CA ASP L 91 -80.09 3.89 24.87
C ASP L 91 -79.73 4.43 23.49
N PHE L 92 -80.62 5.25 22.90
CA PHE L 92 -80.30 5.85 21.61
C PHE L 92 -79.14 6.82 21.72
N LEU L 93 -79.11 7.64 22.78
CA LEU L 93 -78.10 8.68 22.87
C LEU L 93 -76.72 8.11 23.19
N GLU L 94 -76.67 6.87 23.70
CA GLU L 94 -75.37 6.22 23.93
C GLU L 94 -74.53 6.20 22.66
N THR L 95 -75.18 6.19 21.50
CA THR L 95 -74.49 6.05 20.23
C THR L 95 -73.71 7.31 19.86
N LYS L 96 -74.34 8.47 19.93
CA LYS L 96 -73.81 9.68 19.30
C LYS L 96 -72.62 10.24 20.09
N GLU L 97 -71.92 11.19 19.48
CA GLU L 97 -70.87 11.94 20.15
C GLU L 97 -71.40 13.31 20.53
N PHE L 98 -71.18 13.71 21.78
CA PHE L 98 -71.64 14.99 22.29
C PHE L 98 -70.88 15.28 23.57
N ASN L 99 -71.10 16.48 24.10
CA ASN L 99 -70.38 16.90 25.30
C ASN L 99 -71.30 16.98 26.52
N TYR L 100 -72.45 17.64 26.40
CA TYR L 100 -73.32 17.88 27.55
C TYR L 100 -74.74 17.48 27.21
N LEU L 101 -75.48 17.04 28.22
CA LEU L 101 -76.85 16.59 28.08
C LEU L 101 -77.72 17.30 29.09
N CYS L 102 -78.90 17.76 28.65
CA CYS L 102 -79.84 18.44 29.52
C CYS L 102 -81.26 18.06 29.14
N MET L 103 -82.11 17.93 30.16
CA MET L 103 -83.55 17.69 29.97
C MET L 103 -84.29 18.73 30.79
N PRO L 104 -84.73 19.84 30.18
CA PRO L 104 -85.32 20.93 30.98
C PRO L 104 -86.55 20.52 31.76
N LYS L 105 -87.31 19.57 31.25
CA LYS L 105 -88.44 19.00 31.97
C LYS L 105 -88.01 17.65 32.50
N ALA L 106 -88.03 17.49 33.83
CA ALA L 106 -87.49 16.29 34.43
C ALA L 106 -88.16 16.04 35.77
N VAL L 107 -88.13 14.78 36.19
CA VAL L 107 -88.69 14.31 37.45
C VAL L 107 -87.59 13.57 38.18
N GLU L 108 -87.77 13.36 39.49
CA GLU L 108 -86.71 12.77 40.31
C GLU L 108 -86.26 11.41 39.78
N ALA L 109 -87.21 10.57 39.37
CA ALA L 109 -86.84 9.30 38.75
C ALA L 109 -86.07 9.50 37.46
N ASP L 110 -86.48 10.50 36.67
CA ASP L 110 -85.76 10.84 35.46
C ASP L 110 -84.33 11.26 35.76
N LYS L 111 -84.16 12.12 36.79
CA LYS L 111 -82.83 12.59 37.15
C LYS L 111 -81.96 11.46 37.66
N THR L 112 -82.52 10.56 38.48
CA THR L 112 -81.76 9.39 38.92
C THR L 112 -81.34 8.53 37.75
N ALA L 113 -82.24 8.32 36.78
CA ALA L 113 -81.87 7.51 35.61
C ALA L 113 -80.75 8.16 34.82
N ILE L 114 -80.85 9.47 34.56
CA ILE L 114 -79.81 10.16 33.80
C ILE L 114 -78.48 10.10 34.53
N LYS L 115 -78.50 10.28 35.84
CA LYS L 115 -77.26 10.29 36.62
C LYS L 115 -76.60 8.92 36.62
N ASN L 116 -77.38 7.87 36.88
CA ASN L 116 -76.83 6.52 36.84
C ASN L 116 -76.29 6.20 35.46
N TRP L 117 -76.99 6.65 34.42
CA TRP L 117 -76.55 6.42 33.04
C TRP L 117 -75.21 7.10 32.77
N ILE L 118 -75.07 8.37 33.18
CA ILE L 118 -73.82 9.10 32.95
C ILE L 118 -72.67 8.42 33.68
N ILE L 119 -72.91 8.02 34.94
CA ILE L 119 -71.86 7.37 35.71
C ILE L 119 -71.46 6.07 35.07
N LYS L 120 -72.44 5.27 34.63
CA LYS L 120 -72.14 3.98 34.01
C LYS L 120 -71.34 4.19 32.73
N LEU L 121 -71.74 5.15 31.89
CA LEU L 121 -71.00 5.41 30.67
C LEU L 121 -69.55 5.77 30.97
N ARG L 122 -69.34 6.76 31.85
CA ARG L 122 -67.99 7.24 32.12
C ARG L 122 -67.11 6.16 32.75
N ASP L 123 -67.65 5.36 33.67
CA ASP L 123 -66.81 4.44 34.43
C ASP L 123 -66.70 3.04 33.80
N ILE L 124 -67.67 2.62 32.99
CA ILE L 124 -67.65 1.31 32.38
C ILE L 124 -67.46 1.38 30.87
N ASP L 125 -68.26 2.19 30.17
CA ASP L 125 -68.20 2.25 28.72
C ASP L 125 -66.97 3.00 28.22
N LYS L 126 -66.23 3.66 29.12
CA LYS L 126 -65.04 4.45 28.77
C LYS L 126 -65.39 5.53 27.74
N VAL L 127 -66.50 6.22 27.96
CA VAL L 127 -66.93 7.33 27.12
C VAL L 127 -67.08 8.55 28.01
N LYS L 128 -66.49 9.67 27.58
CA LYS L 128 -66.42 10.88 28.40
C LYS L 128 -67.57 11.81 28.05
N VAL L 129 -68.67 11.70 28.81
CA VAL L 129 -69.83 12.55 28.61
C VAL L 129 -70.21 13.17 29.94
N LYS L 130 -70.85 14.33 29.88
CA LYS L 130 -71.31 15.04 31.07
C LYS L 130 -72.76 15.46 30.89
N ALA L 131 -73.43 15.72 32.01
CA ALA L 131 -74.81 16.21 32.00
C ALA L 131 -74.94 17.37 32.99
N VAL L 132 -75.78 18.34 32.63
CA VAL L 132 -76.14 19.46 33.50
C VAL L 132 -77.51 19.14 34.07
N LEU L 133 -77.59 18.99 35.40
CA LEU L 133 -78.83 18.63 36.08
C LEU L 133 -79.11 19.62 37.20
N GLY L 134 -80.40 19.78 37.50
CA GLY L 134 -80.82 20.64 38.60
C GLY L 134 -81.27 19.83 39.80
N LYS L 135 -80.76 20.22 40.98
CA LYS L 135 -81.11 19.58 42.25
C LYS L 135 -80.75 18.09 42.27
N VAL L 136 -79.56 17.77 41.78
CA VAL L 136 -79.04 16.40 41.81
C VAL L 136 -77.72 16.40 42.54
N VAL L 137 -77.67 15.69 43.68
CA VAL L 137 -76.52 15.74 44.57
C VAL L 137 -75.32 14.98 44.04
N GLY L 138 -75.49 14.20 42.97
CA GLY L 138 -74.53 13.19 42.54
C GLY L 138 -73.07 13.51 42.72
N ASN L 139 -72.36 12.63 43.41
CA ASN L 139 -70.99 12.82 43.86
C ASN L 139 -69.96 12.59 42.75
N HIS L 140 -70.32 12.76 41.49
CA HIS L 140 -69.41 12.49 40.40
C HIS L 140 -68.99 13.76 39.66
N GLU L 141 -67.75 13.78 39.16
CA GLU L 141 -67.28 14.86 38.32
C GLU L 141 -67.97 14.89 36.96
N GLY L 142 -68.69 13.83 36.60
CA GLY L 142 -69.34 13.78 35.30
C GLY L 142 -70.67 14.52 35.26
N ILE L 143 -71.22 14.87 36.42
CA ILE L 143 -72.47 15.62 36.47
C ILE L 143 -72.25 16.87 37.32
N ILE L 144 -72.89 17.97 36.93
CA ILE L 144 -72.76 19.24 37.63
C ILE L 144 -74.14 19.65 38.15
N ASN L 145 -74.17 20.17 39.37
CA ASN L 145 -75.41 20.52 40.05
C ASN L 145 -75.66 22.04 40.01
N PHE L 146 -76.71 22.43 39.29
CA PHE L 146 -77.17 23.81 39.28
C PHE L 146 -78.33 23.95 40.24
N THR L 147 -78.27 24.96 41.12
CA THR L 147 -79.27 25.19 42.16
C THR L 147 -79.57 26.68 42.25
N THR L 148 -80.64 27.12 41.58
CA THR L 148 -81.16 28.47 41.72
C THR L 148 -82.59 28.51 41.23
N GLU L 149 -83.47 29.13 42.02
CA GLU L 149 -84.90 29.12 41.79
C GLU L 149 -85.36 30.45 41.21
N ASP L 150 -86.47 30.42 40.47
CA ASP L 150 -87.16 31.62 39.99
C ASP L 150 -86.22 32.61 39.29
N VAL L 151 -85.64 32.18 38.18
CA VAL L 151 -84.80 33.06 37.37
C VAL L 151 -85.68 33.80 36.37
N LEU L 152 -85.68 35.13 36.44
CA LEU L 152 -86.46 35.98 35.54
C LEU L 152 -85.61 36.39 34.36
N VAL L 153 -86.01 35.98 33.17
CA VAL L 153 -85.36 36.35 31.91
C VAL L 153 -86.44 36.85 30.95
N GLY L 154 -86.26 38.07 30.44
CA GLY L 154 -87.22 38.63 29.53
C GLY L 154 -88.60 38.72 30.14
N GLU L 155 -88.65 39.21 31.38
CA GLU L 155 -89.84 39.26 32.25
C GLU L 155 -90.66 37.98 32.17
N LYS L 156 -89.99 36.83 32.02
CA LYS L 156 -90.64 35.52 31.98
C LYS L 156 -90.07 34.66 33.10
N LYS L 157 -90.95 33.96 33.81
CA LYS L 157 -90.52 33.11 34.92
C LYS L 157 -89.93 31.80 34.40
N TYR L 158 -88.74 31.46 34.91
CA TYR L 158 -88.04 30.25 34.52
C TYR L 158 -87.62 29.50 35.79
N SER L 159 -87.75 28.18 35.76
CA SER L 159 -87.46 27.37 36.92
C SER L 159 -86.08 26.72 36.79
N VAL L 160 -85.62 26.10 37.89
CA VAL L 160 -84.25 25.61 37.96
C VAL L 160 -84.00 24.52 36.93
N ASP L 161 -84.98 23.64 36.72
CA ASP L 161 -84.84 22.62 35.68
C ASP L 161 -84.81 23.23 34.30
N GLU L 162 -85.57 24.31 34.08
CA GLU L 162 -85.69 24.91 32.76
C GLU L 162 -84.48 25.76 32.38
N PHE L 163 -83.81 26.37 33.36
CA PHE L 163 -82.62 27.16 33.10
C PHE L 163 -81.38 26.31 32.90
N THR L 164 -81.49 24.99 33.10
CA THR L 164 -80.39 24.07 32.84
C THR L 164 -79.96 24.12 31.37
N SER L 165 -80.89 24.39 30.46
CA SER L 165 -80.54 24.49 29.04
C SER L 165 -79.59 25.66 28.79
N ARG L 166 -79.88 26.82 29.38
CA ARG L 166 -79.02 27.99 29.24
C ARG L 166 -77.64 27.72 29.84
N VAL L 167 -77.60 27.05 30.99
CA VAL L 167 -76.32 26.76 31.65
C VAL L 167 -75.49 25.80 30.81
N ALA L 168 -76.12 24.76 30.24
CA ALA L 168 -75.40 23.84 29.39
C ALA L 168 -74.82 24.53 28.17
N GLY L 169 -75.61 25.41 27.54
CA GLY L 169 -75.10 26.17 26.42
C GLY L 169 -73.94 27.07 26.80
N LEU L 170 -74.04 27.73 27.97
CA LEU L 170 -72.96 28.59 28.43
C LEU L 170 -71.67 27.79 28.67
N ILE L 171 -71.78 26.65 29.34
CA ILE L 171 -70.58 25.85 29.63
C ILE L 171 -69.95 25.35 28.35
N ALA L 172 -70.77 24.86 27.41
CA ALA L 172 -70.21 24.37 26.14
C ALA L 172 -69.71 25.51 25.26
N GLY L 173 -70.11 26.75 25.54
CA GLY L 173 -69.63 27.88 24.75
C GLY L 173 -68.27 28.39 25.16
N THR L 174 -67.78 27.98 26.32
CA THR L 174 -66.52 28.52 26.84
C THR L 174 -65.33 27.89 26.12
N PRO L 175 -64.37 28.69 25.65
CA PRO L 175 -63.18 28.11 25.00
C PRO L 175 -62.26 27.37 25.95
N LEU L 176 -61.31 26.61 25.39
CA LEU L 176 -60.56 25.61 26.16
C LEU L 176 -59.73 26.23 27.28
N SER L 177 -59.05 27.34 27.00
CA SER L 177 -58.14 27.89 28.00
C SER L 177 -58.87 28.53 29.19
N GLN L 178 -60.18 28.70 29.11
CA GLN L 178 -60.91 29.60 30.00
C GLN L 178 -61.87 28.84 30.92
N SER L 179 -62.50 29.62 31.80
CA SER L 179 -63.38 29.11 32.85
C SER L 179 -64.64 29.94 32.91
N VAL L 180 -65.70 29.37 33.50
CA VAL L 180 -66.96 30.09 33.63
C VAL L 180 -67.09 30.83 34.96
N THR L 181 -66.01 30.94 35.73
CA THR L 181 -66.06 31.76 36.94
C THR L 181 -66.30 33.22 36.58
N TYR L 182 -67.31 33.81 37.20
CA TYR L 182 -67.65 35.22 37.07
C TYR L 182 -68.08 35.60 35.65
N THR L 183 -68.50 34.64 34.83
CA THR L 183 -69.09 34.99 33.55
C THR L 183 -70.52 35.50 33.77
N LYS L 184 -70.85 36.62 33.12
CA LYS L 184 -72.09 37.32 33.39
C LYS L 184 -73.15 36.98 32.34
N LEU L 185 -74.40 36.87 32.80
CA LEU L 185 -75.54 36.63 31.93
C LEU L 185 -76.34 37.94 31.78
N SER L 186 -76.25 38.55 30.61
CA SER L 186 -76.91 39.83 30.38
C SER L 186 -78.40 39.67 30.14
N ASP L 187 -78.84 38.46 29.79
CA ASP L 187 -80.27 38.23 29.60
C ASP L 187 -81.03 38.24 30.92
N VAL L 188 -80.41 37.75 32.00
CA VAL L 188 -81.07 37.69 33.29
C VAL L 188 -81.11 39.08 33.91
N VAL L 189 -82.27 39.45 34.46
CA VAL L 189 -82.43 40.73 35.13
C VAL L 189 -82.79 40.61 36.61
N ASP L 190 -83.39 39.50 37.05
CA ASP L 190 -83.72 39.33 38.45
C ASP L 190 -83.25 37.96 38.93
N ILE L 191 -82.87 37.91 40.19
CA ILE L 191 -82.45 36.70 40.88
C ILE L 191 -82.80 36.85 42.36
N PRO L 192 -83.19 35.79 43.06
CA PRO L 192 -83.45 35.89 44.50
C PRO L 192 -82.22 36.32 45.29
N LYS L 193 -82.46 37.10 46.34
CA LYS L 193 -81.38 37.54 47.22
C LYS L 193 -80.73 36.35 47.92
N MET L 194 -79.44 36.49 48.21
CA MET L 194 -78.66 35.42 48.82
C MET L 194 -77.63 36.00 49.77
N THR L 195 -77.41 35.30 50.88
CA THR L 195 -76.41 35.69 51.86
C THR L 195 -75.06 35.07 51.54
N LYS L 196 -73.98 35.80 51.83
CA LYS L 196 -72.64 35.37 51.43
C LYS L 196 -72.24 34.06 52.11
N VAL L 197 -72.57 33.89 53.39
CA VAL L 197 -72.18 32.65 54.08
C VAL L 197 -72.94 31.46 53.49
N ASP L 198 -74.22 31.64 53.16
CA ASP L 198 -74.99 30.57 52.52
C ASP L 198 -74.44 30.26 51.13
N ALA L 199 -74.01 31.29 50.39
CA ALA L 199 -73.41 31.07 49.09
C ALA L 199 -72.11 30.28 49.21
N GLU L 200 -71.28 30.61 50.20
CA GLU L 200 -70.04 29.87 50.41
C GLU L 200 -70.32 28.42 50.77
N SER L 201 -71.32 28.20 51.63
CA SER L 201 -71.69 26.82 51.96
C SER L 201 -72.16 26.05 50.74
N ARG L 202 -73.00 26.67 49.90
CA ARG L 202 -73.48 25.99 48.70
C ARG L 202 -72.33 25.67 47.75
N VAL L 203 -71.37 26.59 47.60
CA VAL L 203 -70.22 26.31 46.74
C VAL L 203 -69.41 25.14 47.30
N ASN L 204 -69.17 25.14 48.61
CA ASN L 204 -68.40 24.05 49.20
C ASN L 204 -69.14 22.71 49.13
N LYS L 205 -70.48 22.72 49.06
CA LYS L 205 -71.23 21.48 48.91
C LYS L 205 -71.16 20.91 47.50
N GLY L 206 -70.64 21.67 46.55
CA GLY L 206 -70.49 21.23 45.19
C GLY L 206 -71.56 21.70 44.21
N GLU L 207 -72.21 22.83 44.46
CA GLU L 207 -73.26 23.29 43.57
C GLU L 207 -72.81 24.49 42.76
N LEU L 208 -73.27 24.54 41.51
CA LEU L 208 -73.13 25.70 40.64
C LEU L 208 -74.33 26.61 40.88
N ILE L 209 -74.06 27.91 41.11
CA ILE L 209 -75.08 28.86 41.52
C ILE L 209 -74.92 30.15 40.73
N LEU L 210 -75.98 30.96 40.72
CA LEU L 210 -75.89 32.34 40.26
C LEU L 210 -75.86 33.26 41.48
N ILE L 211 -75.17 34.40 41.35
CA ILE L 211 -75.00 35.32 42.46
C ILE L 211 -75.28 36.75 42.01
N LYS L 212 -75.53 37.61 42.98
CA LYS L 212 -75.83 39.00 42.72
C LYS L 212 -74.59 39.86 42.98
N GLU L 213 -74.29 40.74 42.03
CA GLU L 213 -73.12 41.61 42.13
C GLU L 213 -73.42 42.91 41.39
N ALA L 214 -72.67 43.95 41.73
CA ALA L 214 -72.85 45.25 41.10
C ALA L 214 -72.77 45.11 39.59
N GLY L 215 -73.76 45.66 38.90
CA GLY L 215 -73.92 45.39 37.48
C GLY L 215 -74.92 44.28 37.24
N ALA L 216 -74.46 43.28 36.49
CA ALA L 216 -75.31 42.17 36.08
C ALA L 216 -75.23 41.01 37.07
N ILE L 217 -75.92 39.92 36.70
CA ILE L 217 -75.82 38.65 37.42
C ILE L 217 -74.77 37.77 36.75
N ARG L 218 -74.04 36.99 37.55
CA ARG L 218 -72.99 36.17 36.99
C ARG L 218 -72.84 34.87 37.76
N ILE L 219 -72.18 33.90 37.12
CA ILE L 219 -71.88 32.61 37.75
C ILE L 219 -70.83 32.82 38.85
N ALA L 220 -70.99 32.09 39.95
CA ALA L 220 -70.06 32.23 41.07
C ALA L 220 -68.71 31.56 40.79
N ARG L 221 -68.72 30.24 40.65
CA ARG L 221 -67.49 29.45 40.54
C ARG L 221 -67.77 28.20 39.73
N GLY L 222 -66.86 27.91 38.79
CA GLY L 222 -67.05 26.79 37.89
C GLY L 222 -66.69 25.45 38.53
N VAL L 223 -67.55 24.99 39.43
CA VAL L 223 -67.22 23.84 40.27
C VAL L 223 -68.07 22.64 39.88
N ASN L 224 -67.58 21.45 40.25
CA ASN L 224 -68.24 20.19 40.02
C ASN L 224 -69.17 19.83 41.18
N SER L 225 -69.89 18.72 41.02
CA SER L 225 -70.63 18.15 42.13
C SER L 225 -69.81 17.15 42.94
N LEU L 226 -68.57 16.88 42.55
CA LEU L 226 -67.72 15.98 43.31
C LEU L 226 -67.34 16.62 44.64
N THR L 227 -67.52 15.86 45.73
CA THR L 227 -67.29 16.39 47.07
C THR L 227 -66.37 15.54 47.94
N GLU L 228 -66.30 14.23 47.75
CA GLU L 228 -65.41 13.38 48.55
C GLU L 228 -64.11 13.13 47.79
N LEU L 229 -63.00 13.55 48.37
CA LEU L 229 -61.70 13.50 47.73
C LEU L 229 -60.86 12.39 48.34
N THR L 230 -60.31 11.54 47.48
CA THR L 230 -59.46 10.42 47.86
C THR L 230 -58.02 10.70 47.40
N ALA L 231 -57.12 9.78 47.77
CA ALA L 231 -55.72 9.92 47.39
C ALA L 231 -55.51 9.73 45.89
N GLU L 232 -56.50 9.16 45.20
CA GLU L 232 -56.43 9.07 43.75
C GLU L 232 -57.08 10.25 43.06
N LYS L 233 -58.01 10.92 43.73
CA LYS L 233 -58.81 12.00 43.16
C LYS L 233 -58.62 13.25 43.99
N GLY L 234 -57.80 14.18 43.48
CA GLY L 234 -57.48 15.39 44.21
C GLY L 234 -58.47 16.51 43.96
N GLU L 235 -58.14 17.68 44.52
CA GLU L 235 -59.01 18.84 44.41
C GLU L 235 -59.14 19.32 42.97
N MET L 236 -58.12 19.07 42.13
CA MET L 236 -58.16 19.53 40.75
C MET L 236 -59.32 18.93 39.97
N PHE L 237 -59.83 17.77 40.40
CA PHE L 237 -60.93 17.12 39.68
C PHE L 237 -62.29 17.74 39.97
N GLN L 238 -62.36 18.75 40.83
CA GLN L 238 -63.62 19.44 41.09
C GLN L 238 -63.87 20.62 40.15
N LYS L 239 -62.92 20.94 39.26
CA LYS L 239 -63.06 22.11 38.41
C LYS L 239 -63.49 21.74 37.01
N ILE L 240 -64.47 22.47 36.47
CA ILE L 240 -65.02 22.18 35.15
C ILE L 240 -63.94 22.32 34.07
N LYS L 241 -63.12 23.37 34.15
CA LYS L 241 -62.13 23.63 33.12
C LYS L 241 -61.12 22.48 33.02
N ILE L 242 -60.66 21.97 34.17
CA ILE L 242 -59.68 20.89 34.18
C ILE L 242 -60.28 19.62 33.60
N VAL L 243 -61.48 19.25 34.04
CA VAL L 243 -62.13 18.04 33.56
C VAL L 243 -62.39 18.13 32.06
N ASP L 244 -62.75 19.33 31.59
CA ASP L 244 -62.98 19.52 30.15
C ASP L 244 -61.70 19.29 29.35
N THR L 245 -60.57 19.84 29.82
CA THR L 245 -59.31 19.60 29.12
C THR L 245 -58.94 18.11 29.13
N LEU L 246 -59.15 17.44 30.26
CA LEU L 246 -58.82 16.02 30.34
C LEU L 246 -59.68 15.20 29.38
N ASP L 247 -60.96 15.55 29.26
CA ASP L 247 -61.82 14.85 28.32
C ASP L 247 -61.37 15.08 26.89
N ILE L 248 -60.90 16.28 26.57
CA ILE L 248 -60.47 16.53 25.20
C ILE L 248 -59.22 15.73 24.87
N ILE L 249 -58.29 15.62 25.83
CA ILE L 249 -57.11 14.77 25.65
C ILE L 249 -57.54 13.32 25.43
N HIS L 250 -58.48 12.84 26.26
CA HIS L 250 -58.97 11.48 26.15
C HIS L 250 -59.50 11.20 24.74
N SER L 251 -60.37 12.07 24.24
CA SER L 251 -60.98 11.84 22.93
C SER L 251 -59.94 11.86 21.81
N ASP L 252 -58.98 12.80 21.86
CA ASP L 252 -57.98 12.84 20.80
C ASP L 252 -57.11 11.58 20.78
N ILE L 253 -56.64 11.14 21.95
CA ILE L 253 -55.78 9.97 21.99
C ILE L 253 -56.56 8.73 21.54
N ARG L 254 -57.83 8.62 21.94
CA ARG L 254 -58.65 7.50 21.49
C ARG L 254 -58.80 7.50 19.97
N LYS L 255 -59.03 8.67 19.37
CA LYS L 255 -59.19 8.72 17.93
C LYS L 255 -57.92 8.25 17.22
N VAL L 256 -56.77 8.69 17.71
CA VAL L 256 -55.51 8.27 17.10
C VAL L 256 -55.35 6.76 17.19
N ILE L 257 -55.61 6.19 18.38
CA ILE L 257 -55.45 4.75 18.57
C ILE L 257 -56.35 3.97 17.64
N ILE L 258 -57.62 4.39 17.53
CA ILE L 258 -58.56 3.66 16.68
C ILE L 258 -58.16 3.77 15.22
N ASP L 259 -57.79 4.96 14.78
CA ASP L 259 -57.54 5.18 13.37
C ASP L 259 -56.31 4.41 12.89
N ASP L 260 -55.25 4.35 13.70
CA ASP L 260 -53.97 3.91 13.17
C ASP L 260 -53.49 2.54 13.67
N TYR L 261 -54.06 1.99 14.74
CA TYR L 261 -53.44 0.81 15.34
C TYR L 261 -54.34 -0.39 15.59
N ILE L 262 -55.59 -0.21 16.02
CA ILE L 262 -56.41 -1.33 16.46
C ILE L 262 -56.67 -2.26 15.28
N GLY L 263 -56.14 -3.48 15.37
CA GLY L 263 -56.30 -4.49 14.35
C GLY L 263 -55.41 -4.32 13.13
N LYS L 264 -54.60 -3.26 13.07
CA LYS L 264 -53.84 -2.95 11.87
C LYS L 264 -52.40 -3.43 11.92
N VAL L 265 -51.82 -3.60 13.11
CA VAL L 265 -50.41 -3.99 13.25
C VAL L 265 -50.31 -5.15 14.22
N THR L 266 -49.26 -5.95 14.04
CA THR L 266 -48.98 -7.05 14.96
C THR L 266 -48.47 -6.51 16.29
N ASN L 267 -48.74 -7.24 17.36
CA ASN L 267 -48.45 -6.79 18.72
C ASN L 267 -47.06 -7.27 19.15
N SER L 268 -46.03 -6.65 18.61
CA SER L 268 -44.65 -6.91 19.02
C SER L 268 -44.13 -5.67 19.75
N TYR L 269 -42.99 -5.84 20.42
CA TYR L 269 -42.41 -4.75 21.20
C TYR L 269 -42.04 -3.56 20.33
N ASP L 270 -41.52 -3.82 19.12
CA ASP L 270 -41.15 -2.73 18.21
C ASP L 270 -42.36 -1.86 17.85
N ASN L 271 -43.51 -2.48 17.56
CA ASN L 271 -44.70 -1.72 17.24
C ASN L 271 -45.24 -0.97 18.45
N LYS L 272 -45.07 -1.54 19.66
CA LYS L 272 -45.39 -0.79 20.87
C LYS L 272 -44.55 0.48 20.97
N CYS L 273 -43.25 0.38 20.62
CA CYS L 273 -42.40 1.57 20.62
C CYS L 273 -42.90 2.61 19.62
N LEU L 274 -43.33 2.17 18.43
CA LEU L 274 -43.88 3.11 17.46
C LEU L 274 -45.12 3.83 18.01
N LEU L 275 -46.00 3.09 18.67
CA LEU L 275 -47.17 3.71 19.30
C LEU L 275 -46.77 4.73 20.36
N ILE L 276 -45.76 4.39 21.17
CA ILE L 276 -45.29 5.31 22.20
C ILE L 276 -44.79 6.61 21.56
N VAL L 277 -44.07 6.50 20.45
CA VAL L 277 -43.58 7.70 19.76
C VAL L 277 -44.73 8.56 19.27
N ALA L 278 -45.76 7.94 18.69
CA ALA L 278 -46.90 8.70 18.19
C ALA L 278 -47.61 9.47 19.32
N ILE L 279 -47.83 8.80 20.46
CA ILE L 279 -48.49 9.46 21.58
C ILE L 279 -47.63 10.60 22.11
N LYS L 280 -46.31 10.39 22.19
CA LYS L 280 -45.41 11.45 22.65
C LYS L 280 -45.49 12.67 21.74
N SER L 281 -45.55 12.46 20.42
CA SER L 281 -45.65 13.59 19.50
C SER L 281 -46.96 14.35 19.67
N TYR L 282 -48.06 13.63 19.89
CA TYR L 282 -49.31 14.33 20.19
C TYR L 282 -49.19 15.18 21.45
N LEU L 283 -48.57 14.65 22.50
CA LEU L 283 -48.41 15.43 23.73
C LEU L 283 -47.53 16.65 23.51
N GLU L 284 -46.48 16.51 22.69
CA GLU L 284 -45.63 17.66 22.38
C GLU L 284 -46.42 18.75 21.65
N GLU L 285 -47.29 18.33 20.72
CA GLU L 285 -48.14 19.31 20.04
C GLU L 285 -49.06 20.03 21.02
N LEU L 286 -49.60 19.29 22.01
CA LEU L 286 -50.39 19.93 23.05
C LEU L 286 -49.54 20.93 23.84
N GLU L 287 -48.28 20.58 24.08
CA GLU L 287 -47.38 21.50 24.80
C GLU L 287 -47.17 22.79 24.04
N LYS L 288 -47.01 22.69 22.71
CA LYS L 288 -46.72 23.88 21.90
C LYS L 288 -47.84 24.91 21.99
N SER L 289 -49.09 24.46 22.14
CA SER L 289 -50.23 25.34 22.23
C SER L 289 -50.49 25.86 23.64
N ALA L 290 -49.68 25.44 24.61
CA ALA L 290 -49.80 25.84 26.01
C ALA L 290 -51.09 25.39 26.67
N LEU L 291 -51.65 24.25 26.23
CA LEU L 291 -52.75 23.63 26.97
C LEU L 291 -52.23 22.89 28.20
N ILE L 292 -51.02 22.34 28.12
CA ILE L 292 -50.40 21.60 29.22
C ILE L 292 -48.98 22.13 29.42
N GLU L 293 -48.40 21.78 30.56
CA GLU L 293 -47.03 22.19 30.87
C GLU L 293 -46.02 21.34 30.10
N SER L 294 -44.79 21.81 30.07
CA SER L 294 -43.72 21.17 29.31
C SER L 294 -43.17 19.97 30.06
N ASP L 295 -42.35 19.19 29.36
CA ASP L 295 -41.67 18.01 29.91
C ASP L 295 -42.65 16.91 30.34
N SER L 296 -43.51 16.50 29.41
CA SER L 296 -44.37 15.34 29.63
C SER L 296 -43.68 14.09 29.10
N THR L 297 -44.03 12.93 29.66
CA THR L 297 -43.37 11.66 29.38
C THR L 297 -44.39 10.57 29.08
N VAL L 298 -43.96 9.58 28.28
CA VAL L 298 -44.74 8.37 27.99
C VAL L 298 -43.78 7.18 27.92
N GLU L 299 -44.20 6.04 28.48
CA GLU L 299 -43.36 4.85 28.45
C GLU L 299 -44.18 3.59 28.75
N ILE L 300 -43.49 2.45 28.73
CA ILE L 300 -44.12 1.16 29.04
C ILE L 300 -44.41 1.08 30.54
N ASP L 301 -45.59 0.56 30.89
CA ASP L 301 -45.96 0.34 32.29
C ASP L 301 -45.45 -1.03 32.72
N PHE L 302 -44.29 -1.06 33.37
CA PHE L 302 -43.59 -2.31 33.64
C PHE L 302 -44.28 -3.15 34.71
N GLU L 303 -44.73 -2.51 35.80
CA GLU L 303 -45.40 -3.23 36.87
C GLU L 303 -46.69 -3.89 36.38
N ALA L 304 -47.46 -3.18 35.56
CA ALA L 304 -48.69 -3.75 35.01
C ALA L 304 -48.40 -4.95 34.11
N GLN L 305 -47.36 -4.85 33.28
CA GLN L 305 -46.97 -5.98 32.44
C GLN L 305 -46.57 -7.18 33.29
N LYS L 306 -45.82 -6.93 34.38
CA LYS L 306 -45.47 -8.00 35.31
C LYS L 306 -46.71 -8.65 35.91
N SER L 307 -47.68 -7.85 36.36
CA SER L 307 -48.86 -8.41 37.00
C SER L 307 -49.66 -9.25 36.00
N TYR L 308 -49.79 -8.77 34.76
CA TYR L 308 -50.48 -9.57 33.75
C TYR L 308 -49.76 -10.88 33.48
N LEU L 309 -48.43 -10.83 33.36
CA LEU L 309 -47.68 -12.05 33.07
C LEU L 309 -47.78 -13.04 34.22
N LYS L 310 -47.74 -12.55 35.46
CA LYS L 310 -47.95 -13.44 36.61
C LYS L 310 -49.34 -14.05 36.59
N SER L 311 -50.36 -13.25 36.24
CA SER L 311 -51.71 -13.78 36.14
C SER L 311 -51.82 -14.83 35.05
N LYS L 312 -50.99 -14.74 34.01
CA LYS L 312 -51.01 -15.77 32.96
C LYS L 312 -50.28 -17.04 33.36
N GLY L 313 -49.56 -17.03 34.49
CA GLY L 313 -48.87 -18.21 34.96
C GLY L 313 -47.38 -18.29 34.64
N VAL L 314 -46.75 -17.18 34.26
CA VAL L 314 -45.34 -17.18 33.90
C VAL L 314 -44.48 -17.09 35.15
N ASP L 315 -43.49 -17.97 35.28
CA ASP L 315 -42.56 -17.93 36.40
C ASP L 315 -41.55 -16.81 36.16
N LEU L 316 -41.74 -15.69 36.86
CA LEU L 316 -40.93 -14.51 36.61
C LEU L 316 -39.48 -14.64 37.04
N SER L 317 -39.17 -15.53 37.98
CA SER L 317 -37.82 -15.62 38.51
C SER L 317 -36.84 -16.05 37.42
N TYR L 318 -35.60 -15.57 37.55
CA TYR L 318 -34.52 -15.87 36.61
C TYR L 318 -34.84 -15.33 35.21
N MET L 319 -35.56 -14.20 35.18
CA MET L 319 -35.83 -13.46 33.95
C MET L 319 -35.28 -12.05 34.11
N THR L 320 -34.47 -11.60 33.16
CA THR L 320 -33.91 -10.27 33.28
C THR L 320 -34.99 -9.21 33.01
N LEU L 321 -34.68 -7.96 33.37
CA LEU L 321 -35.62 -6.87 33.16
C LEU L 321 -35.99 -6.73 31.69
N GLN L 322 -35.01 -6.89 30.79
CA GLN L 322 -35.27 -6.71 29.37
C GLN L 322 -36.20 -7.80 28.83
N GLU L 323 -36.03 -9.04 29.29
CA GLU L 323 -36.92 -10.12 28.87
C GLU L 323 -38.36 -9.86 29.31
N ILE L 324 -38.55 -9.32 30.52
CA ILE L 324 -39.90 -9.01 30.98
C ILE L 324 -40.48 -7.83 30.20
N LYS L 325 -39.66 -6.81 29.91
CA LYS L 325 -40.15 -5.65 29.18
C LYS L 325 -40.63 -6.02 27.78
N GLU L 326 -39.98 -6.97 27.13
CA GLU L 326 -40.24 -7.28 25.73
C GLU L 326 -41.10 -8.54 25.54
N ALA L 327 -41.66 -9.10 26.61
CA ALA L 327 -42.39 -10.36 26.51
C ALA L 327 -43.71 -10.19 25.77
N ASN L 328 -44.17 -11.27 25.16
CA ASN L 328 -45.47 -11.30 24.47
C ASN L 328 -46.59 -11.12 25.49
N THR L 329 -47.61 -10.33 25.11
CA THR L 329 -48.75 -10.03 25.96
C THR L 329 -50.07 -10.22 25.22
N GLY L 330 -50.11 -11.17 24.30
CA GLY L 330 -51.33 -11.45 23.56
C GLY L 330 -51.75 -10.26 22.71
N SER L 331 -52.90 -9.69 23.04
CA SER L 331 -53.43 -8.51 22.36
C SER L 331 -53.29 -7.23 23.18
N LYS L 332 -52.68 -7.29 24.36
CA LYS L 332 -52.69 -6.20 25.31
C LYS L 332 -51.48 -5.28 25.14
N VAL L 333 -51.65 -4.02 25.51
CA VAL L 333 -50.57 -3.03 25.59
C VAL L 333 -50.74 -2.26 26.90
N PHE L 334 -49.66 -2.14 27.68
CA PHE L 334 -49.68 -1.43 28.94
C PHE L 334 -48.74 -0.23 28.86
N LEU L 335 -49.28 0.98 29.05
CA LEU L 335 -48.51 2.21 28.96
C LEU L 335 -48.90 3.15 30.09
N LYS L 336 -48.00 4.10 30.39
CA LYS L 336 -48.27 5.15 31.38
C LYS L 336 -47.61 6.46 30.95
N ALA L 337 -48.08 7.57 31.52
CA ALA L 337 -47.65 8.90 31.10
C ALA L 337 -47.80 9.89 32.25
N LYS L 338 -47.15 11.05 32.12
CA LYS L 338 -47.26 12.14 33.09
C LYS L 338 -47.53 13.46 32.35
N ILE L 339 -48.48 14.24 32.88
CA ILE L 339 -48.79 15.58 32.37
C ILE L 339 -49.02 16.51 33.55
N LYS L 340 -49.04 17.81 33.26
CA LYS L 340 -49.32 18.85 34.25
C LYS L 340 -50.20 19.93 33.64
N VAL L 341 -51.22 20.35 34.40
CA VAL L 341 -52.16 21.39 33.97
C VAL L 341 -52.20 22.50 35.02
N LEU L 342 -52.29 23.75 34.56
CA LEU L 342 -52.30 24.90 35.44
C LEU L 342 -53.72 25.48 35.55
N ASP L 343 -53.96 26.21 36.63
CA ASP L 343 -55.25 26.84 36.88
C ASP L 343 -55.30 28.24 36.30
N ALA L 344 -56.52 28.77 36.20
CA ALA L 344 -56.74 30.14 35.74
C ALA L 344 -56.72 31.11 36.92
N MET L 345 -56.66 32.41 36.59
CA MET L 345 -56.66 33.47 37.59
C MET L 345 -58.06 33.67 38.14
N GLU L 346 -58.23 33.47 39.45
CA GLU L 346 -59.56 33.51 40.07
C GLU L 346 -59.64 34.50 41.23
N ASP L 347 -58.57 34.67 41.99
CA ASP L 347 -58.57 35.51 43.17
C ASP L 347 -57.45 36.53 43.10
N ILE L 348 -57.77 37.78 43.43
CA ILE L 348 -56.83 38.89 43.37
C ILE L 348 -56.85 39.64 44.70
N ASP L 349 -55.68 39.91 45.24
CA ASP L 349 -55.52 40.80 46.39
C ASP L 349 -54.69 42.00 45.96
N LEU L 350 -55.23 43.21 46.13
CA LEU L 350 -54.50 44.44 45.84
C LEU L 350 -54.62 45.38 47.02
N SER L 351 -53.51 45.59 47.72
CA SER L 351 -53.45 46.46 48.89
C SER L 351 -52.87 47.81 48.48
N ILE L 352 -53.66 48.87 48.67
CA ILE L 352 -53.29 50.22 48.24
C ILE L 352 -53.06 51.07 49.48
N GLU L 353 -51.90 51.71 49.55
CA GLU L 353 -51.52 52.59 50.64
C GLU L 353 -51.68 54.03 50.18
N ILE L 354 -52.28 54.86 51.01
CA ILE L 354 -52.53 56.24 50.63
C ILE L 354 -51.69 57.19 51.47
N ASN M 3 -12.32 -46.13 26.12
CA ASN M 3 -13.46 -46.17 25.22
C ASN M 3 -13.14 -45.65 23.81
N MET M 4 -11.90 -45.19 23.61
CA MET M 4 -11.47 -44.76 22.29
C MET M 4 -10.65 -45.87 21.63
N GLU M 5 -11.12 -46.33 20.48
CA GLU M 5 -10.44 -47.38 19.73
C GLU M 5 -10.16 -46.88 18.31
N ALA M 6 -9.11 -47.43 17.72
CA ALA M 6 -8.72 -47.06 16.36
C ALA M 6 -9.82 -47.33 15.35
N ARG M 7 -10.62 -48.40 15.55
CA ARG M 7 -11.71 -48.70 14.63
C ARG M 7 -12.81 -47.63 14.61
N ASN M 8 -12.87 -46.78 15.64
CA ASN M 8 -13.93 -45.77 15.72
C ASN M 8 -13.71 -44.58 14.80
N VAL M 9 -12.50 -44.37 14.28
CA VAL M 9 -12.22 -43.23 13.41
C VAL M 9 -12.98 -43.37 12.10
N MET M 10 -13.65 -42.29 11.68
CA MET M 10 -14.49 -42.35 10.50
C MET M 10 -13.65 -42.32 9.22
N SER M 11 -13.94 -43.26 8.31
CA SER M 11 -13.28 -43.32 7.02
C SER M 11 -14.07 -42.55 5.97
N GLY M 12 -13.37 -41.74 5.17
CA GLY M 12 -13.99 -40.95 4.13
C GLY M 12 -14.61 -41.74 2.99
N THR M 13 -14.25 -43.01 2.82
CA THR M 13 -14.90 -43.86 1.82
C THR M 13 -16.37 -44.08 2.12
N TRP M 14 -16.81 -43.91 3.37
CA TRP M 14 -18.21 -44.08 3.73
C TRP M 14 -19.00 -42.77 3.69
N GLY M 15 -18.62 -41.84 2.82
CA GLY M 15 -19.34 -40.60 2.64
C GLY M 15 -20.28 -40.63 1.45
N GLU M 16 -21.40 -39.93 1.58
CA GLU M 16 -22.37 -39.75 0.49
C GLU M 16 -22.84 -38.30 0.45
N LEU M 17 -23.30 -37.88 -0.73
CA LEU M 17 -23.63 -36.48 -1.01
C LEU M 17 -24.84 -36.35 -1.91
N TRP M 18 -25.77 -35.47 -1.54
CA TRP M 18 -26.88 -35.05 -2.39
C TRP M 18 -26.71 -33.58 -2.74
N LEU M 19 -26.94 -33.23 -4.00
CA LEU M 19 -26.86 -31.85 -4.48
C LEU M 19 -28.12 -31.54 -5.29
N ASP M 20 -28.83 -30.48 -4.89
CA ASP M 20 -30.08 -30.07 -5.54
C ASP M 20 -31.09 -31.22 -5.55
N GLY M 21 -31.05 -32.05 -4.50
CA GLY M 21 -31.93 -33.19 -4.37
C GLY M 21 -31.50 -34.46 -5.08
N ASN M 22 -30.37 -34.45 -5.77
CA ASN M 22 -29.91 -35.60 -6.56
C ASN M 22 -28.64 -36.19 -5.97
N LYS M 23 -28.58 -37.52 -5.93
CA LYS M 23 -27.40 -38.21 -5.42
C LYS M 23 -26.21 -38.01 -6.36
N VAL M 24 -25.02 -37.86 -5.78
CA VAL M 24 -23.79 -37.66 -6.56
C VAL M 24 -22.89 -38.88 -6.36
N ALA M 25 -23.05 -39.88 -7.23
CA ALA M 25 -22.31 -41.12 -7.09
C ALA M 25 -20.82 -40.98 -7.36
N GLU M 26 -20.40 -39.91 -8.03
CA GLU M 26 -19.02 -39.78 -8.49
C GLU M 26 -18.22 -38.84 -7.59
N VAL M 27 -18.68 -38.66 -6.36
CA VAL M 27 -18.08 -37.70 -5.43
C VAL M 27 -16.75 -38.25 -4.93
N LYS M 28 -15.73 -37.39 -4.88
CA LYS M 28 -14.41 -37.72 -4.36
C LYS M 28 -14.10 -37.09 -3.01
N LYS M 29 -14.51 -35.84 -2.77
CA LYS M 29 -14.38 -35.24 -1.45
C LYS M 29 -15.42 -34.13 -1.28
N PHE M 30 -15.70 -33.81 -0.02
CA PHE M 30 -16.62 -32.75 0.35
C PHE M 30 -16.12 -32.05 1.62
N GLN M 31 -16.16 -30.72 1.59
CA GLN M 31 -15.65 -29.91 2.68
C GLN M 31 -16.54 -28.68 2.86
N ALA M 32 -16.78 -28.29 4.11
CA ALA M 32 -17.55 -27.10 4.44
C ALA M 32 -17.13 -26.60 5.82
N LYS M 33 -16.81 -25.32 5.92
CA LYS M 33 -16.24 -24.76 7.15
C LYS M 33 -16.71 -23.31 7.30
N MET M 34 -16.96 -22.92 8.56
CA MET M 34 -17.31 -21.56 8.91
C MET M 34 -16.09 -20.86 9.50
N GLU M 35 -15.59 -19.83 8.81
CA GLU M 35 -14.42 -19.08 9.26
C GLU M 35 -14.89 -17.80 9.96
N PHE M 36 -14.56 -17.68 11.25
CA PHE M 36 -15.09 -16.57 12.05
C PHE M 36 -14.32 -15.28 11.76
N THR M 37 -15.06 -14.17 11.75
CA THR M 37 -14.46 -12.83 11.71
C THR M 37 -14.26 -12.36 13.14
N LYS M 38 -13.00 -12.13 13.51
CA LYS M 38 -12.62 -11.70 14.86
C LYS M 38 -11.75 -10.44 14.76
N GLU M 39 -11.98 -9.50 15.65
CA GLU M 39 -11.25 -8.24 15.62
C GLU M 39 -10.61 -7.97 16.99
N ASP M 40 -9.36 -7.54 16.98
CA ASP M 40 -8.61 -7.34 18.22
C ASP M 40 -9.17 -6.19 19.05
N ILE M 41 -9.17 -6.36 20.37
CA ILE M 41 -9.57 -5.31 21.30
C ILE M 41 -8.59 -5.32 22.48
N ILE M 42 -7.86 -4.23 22.65
CA ILE M 42 -6.92 -4.07 23.76
C ILE M 42 -7.64 -3.37 24.91
N ILE M 43 -7.64 -4.01 26.07
CA ILE M 43 -8.29 -3.49 27.27
C ILE M 43 -7.25 -2.82 28.15
N ALA M 44 -7.55 -1.60 28.60
CA ALA M 44 -6.64 -0.89 29.49
C ALA M 44 -6.37 -1.70 30.75
N GLY M 45 -5.09 -1.84 31.09
CA GLY M 45 -4.66 -2.60 32.26
C GLY M 45 -4.50 -4.09 32.06
N GLN M 46 -4.68 -4.62 30.85
CA GLN M 46 -4.57 -6.05 30.60
C GLN M 46 -3.53 -6.30 29.51
N MET M 47 -2.55 -7.16 29.81
CA MET M 47 -1.44 -7.41 28.90
C MET M 47 -1.84 -8.28 27.71
N GLY M 48 -2.74 -9.24 27.90
CA GLY M 48 -3.18 -10.09 26.81
C GLY M 48 -4.33 -9.49 26.01
N THR M 49 -4.12 -9.28 24.71
CA THR M 49 -5.18 -8.68 23.89
C THR M 49 -6.27 -9.69 23.58
N ASP M 50 -7.52 -9.26 23.75
CA ASP M 50 -8.72 -10.07 23.55
C ASP M 50 -9.32 -9.82 22.17
N THR M 51 -10.42 -10.51 21.87
CA THR M 51 -11.10 -10.43 20.57
C THR M 51 -12.60 -10.31 20.74
N LYS M 52 -13.26 -9.72 19.74
CA LYS M 52 -14.71 -9.64 19.66
C LYS M 52 -15.19 -10.37 18.41
N TYR M 53 -16.16 -11.27 18.60
CA TYR M 53 -16.72 -12.03 17.48
C TYR M 53 -17.72 -11.19 16.70
N MET M 54 -17.51 -11.07 15.38
CA MET M 54 -18.37 -10.25 14.52
C MET M 54 -19.22 -11.02 13.52
N GLY M 55 -18.97 -12.30 13.26
CA GLY M 55 -19.71 -13.04 12.26
C GLY M 55 -18.84 -14.11 11.64
N TYR M 56 -19.33 -14.68 10.53
CA TYR M 56 -18.61 -15.77 9.87
C TYR M 56 -18.85 -15.74 8.37
N LYS M 57 -17.95 -16.41 7.65
CA LYS M 57 -18.05 -16.63 6.21
C LYS M 57 -17.95 -18.12 5.92
N GLY M 58 -18.95 -18.68 5.25
CA GLY M 58 -18.97 -20.10 4.93
C GLY M 58 -18.24 -20.39 3.63
N LYS M 59 -17.29 -21.32 3.71
CA LYS M 59 -16.49 -21.73 2.56
C LYS M 59 -16.43 -23.25 2.45
N GLY M 60 -16.42 -23.74 1.21
CA GLY M 60 -16.42 -25.17 0.96
C GLY M 60 -15.94 -25.50 -0.44
N SER M 61 -15.91 -26.80 -0.74
CA SER M 61 -15.47 -27.31 -2.03
C SER M 61 -15.98 -28.72 -2.25
N ILE M 62 -16.15 -29.09 -3.52
CA ILE M 62 -16.51 -30.43 -3.96
C ILE M 62 -15.55 -30.86 -5.06
N THR M 63 -15.10 -32.10 -5.01
CA THR M 63 -14.31 -32.70 -6.09
C THR M 63 -15.07 -33.92 -6.63
N LEU M 64 -15.14 -34.03 -7.96
CA LEU M 64 -15.81 -35.15 -8.61
C LEU M 64 -14.91 -35.77 -9.66
N TYR M 65 -15.06 -37.08 -9.86
CA TYR M 65 -14.58 -37.70 -11.09
C TYR M 65 -15.43 -37.22 -12.26
N HIS M 66 -14.78 -36.99 -13.41
CA HIS M 66 -15.45 -36.45 -14.59
C HIS M 66 -16.14 -37.59 -15.35
N VAL M 67 -17.43 -37.77 -15.11
CA VAL M 67 -18.20 -38.80 -15.80
C VAL M 67 -19.36 -38.20 -16.60
N SER M 68 -19.74 -36.96 -16.29
CA SER M 68 -20.87 -36.31 -16.95
C SER M 68 -20.72 -34.81 -16.88
N SER M 69 -21.69 -34.10 -17.45
CA SER M 69 -21.72 -32.63 -17.45
C SER M 69 -22.67 -32.08 -16.39
N ARG M 70 -22.45 -32.48 -15.13
CA ARG M 70 -23.36 -32.09 -14.05
C ARG M 70 -23.35 -30.58 -13.81
N MET M 71 -22.16 -30.00 -13.61
CA MET M 71 -22.06 -28.57 -13.28
C MET M 71 -22.50 -27.69 -14.44
N HIS M 72 -22.13 -28.08 -15.67
CA HIS M 72 -22.55 -27.33 -16.85
C HIS M 72 -24.07 -27.16 -16.86
N LYS M 73 -24.80 -28.27 -16.71
CA LYS M 73 -26.25 -28.20 -16.70
C LYS M 73 -26.78 -27.41 -15.51
N LEU M 74 -26.12 -27.52 -14.35
CA LEU M 74 -26.64 -26.81 -13.18
C LEU M 74 -26.56 -25.29 -13.36
N ILE M 75 -25.46 -24.75 -13.89
CA ILE M 75 -25.31 -23.29 -13.79
C ILE M 75 -24.96 -22.54 -15.07
N GLY M 76 -24.55 -23.24 -16.14
CA GLY M 76 -23.90 -22.56 -17.25
C GLY M 76 -24.76 -21.51 -17.93
N GLU M 77 -25.97 -21.89 -18.35
CA GLU M 77 -26.81 -20.97 -19.11
C GLU M 77 -27.30 -19.81 -18.23
N LYS M 78 -27.64 -20.10 -16.98
CA LYS M 78 -28.15 -19.06 -16.08
C LYS M 78 -27.08 -18.03 -15.73
N ILE M 79 -25.82 -18.46 -15.54
CA ILE M 79 -24.77 -17.52 -15.17
C ILE M 79 -24.55 -16.47 -16.25
N LYS M 80 -24.58 -16.89 -17.52
CA LYS M 80 -24.36 -15.96 -18.63
C LYS M 80 -25.46 -14.91 -18.71
N ARG M 81 -26.68 -15.25 -18.29
CA ARG M 81 -27.79 -14.30 -18.37
C ARG M 81 -27.89 -13.37 -17.17
N GLY M 82 -27.06 -13.55 -16.15
CA GLY M 82 -27.11 -12.73 -14.96
C GLY M 82 -28.04 -13.21 -13.87
N SER M 83 -28.56 -14.43 -13.96
CA SER M 83 -29.36 -15.05 -12.90
C SER M 83 -28.48 -16.05 -12.17
N GLU M 84 -28.25 -15.80 -10.89
CA GLU M 84 -27.39 -16.70 -10.12
C GLU M 84 -28.24 -17.67 -9.32
N PRO M 85 -28.12 -18.98 -9.55
CA PRO M 85 -28.87 -19.96 -8.77
C PRO M 85 -28.19 -20.31 -7.45
N ARG M 86 -29.01 -20.74 -6.48
CA ARG M 86 -28.56 -21.15 -5.17
C ARG M 86 -29.04 -22.57 -4.88
N PHE M 87 -28.27 -23.32 -4.08
CA PHE M 87 -28.50 -24.75 -3.93
C PHE M 87 -28.44 -25.19 -2.47
N VAL M 88 -28.90 -26.42 -2.24
CA VAL M 88 -28.83 -27.11 -0.96
C VAL M 88 -28.06 -28.41 -1.14
N ALA M 89 -27.11 -28.68 -0.26
CA ALA M 89 -26.36 -29.95 -0.27
C ALA M 89 -26.52 -30.66 1.06
N ILE M 90 -26.57 -31.99 1.01
CA ILE M 90 -26.67 -32.84 2.20
C ILE M 90 -25.51 -33.83 2.18
N SER M 91 -24.66 -33.78 3.21
CA SER M 91 -23.55 -34.71 3.33
C SER M 91 -23.79 -35.67 4.49
N LYS M 92 -23.55 -36.95 4.25
CA LYS M 92 -23.72 -37.99 5.25
C LYS M 92 -22.44 -38.81 5.37
N LEU M 93 -22.03 -39.10 6.61
CA LEU M 93 -20.86 -39.91 6.91
C LEU M 93 -21.31 -41.03 7.84
N ASN M 94 -21.37 -42.25 7.35
CA ASN M 94 -21.91 -43.39 8.12
C ASN M 94 -20.94 -44.58 8.02
N ASP M 95 -19.91 -44.56 8.86
CA ASP M 95 -18.95 -45.65 8.94
C ASP M 95 -19.52 -46.77 9.82
N PRO M 96 -19.62 -48.00 9.32
CA PRO M 96 -20.23 -49.08 10.13
C PRO M 96 -19.50 -49.35 11.44
N ASP M 97 -18.21 -49.06 11.55
CA ASP M 97 -17.48 -49.29 12.79
C ASP M 97 -17.44 -48.08 13.72
N SER M 98 -18.08 -46.97 13.35
CA SER M 98 -18.12 -45.79 14.20
C SER M 98 -19.32 -45.82 15.15
N TYR M 99 -19.36 -44.86 16.08
CA TYR M 99 -20.45 -44.78 17.05
C TYR M 99 -21.79 -44.54 16.38
N GLY M 100 -21.83 -43.65 15.40
CA GLY M 100 -23.08 -43.30 14.73
C GLY M 100 -22.84 -42.61 13.41
N ALA M 101 -23.86 -41.90 12.93
CA ALA M 101 -23.79 -41.20 11.67
C ALA M 101 -23.81 -39.69 11.89
N GLU M 102 -23.23 -38.97 10.93
CA GLU M 102 -23.18 -37.51 10.95
C GLU M 102 -23.75 -37.00 9.62
N ARG M 103 -24.89 -36.33 9.68
CA ARG M 103 -25.57 -35.83 8.48
C ARG M 103 -25.84 -34.34 8.66
N ILE M 104 -25.47 -33.55 7.66
CA ILE M 104 -25.56 -32.09 7.75
C ILE M 104 -26.07 -31.54 6.42
N ALA M 105 -27.02 -30.61 6.50
CA ALA M 105 -27.50 -29.88 5.33
C ALA M 105 -26.79 -28.53 5.25
N VAL M 106 -26.23 -28.21 4.09
CA VAL M 106 -25.57 -26.93 3.84
C VAL M 106 -26.43 -26.17 2.83
N LYS M 107 -26.81 -24.94 3.17
CA LYS M 107 -27.84 -24.22 2.43
C LYS M 107 -27.36 -22.87 1.89
N ASN M 108 -28.10 -22.38 0.89
CA ASN M 108 -27.79 -21.12 0.19
C ASN M 108 -26.39 -21.16 -0.42
N ILE M 109 -26.09 -22.24 -1.14
CA ILE M 109 -24.77 -22.45 -1.74
C ILE M 109 -24.67 -21.68 -3.05
N ALA M 110 -23.59 -20.91 -3.20
CA ALA M 110 -23.24 -20.26 -4.47
C ALA M 110 -21.84 -20.69 -4.89
N PHE M 111 -21.74 -21.26 -6.09
CA PHE M 111 -20.46 -21.75 -6.59
C PHE M 111 -19.55 -20.60 -7.01
N ASP M 112 -18.25 -20.86 -6.98
CA ASP M 112 -17.25 -19.82 -7.23
C ASP M 112 -16.85 -19.70 -8.70
N ASP M 113 -17.06 -20.75 -9.50
CA ASP M 113 -16.58 -20.77 -10.88
C ASP M 113 -17.31 -21.87 -11.65
N LEU M 114 -16.89 -22.09 -12.90
CA LEU M 114 -17.38 -23.17 -13.73
C LEU M 114 -16.28 -23.65 -14.69
N THR M 115 -15.91 -24.91 -14.60
CA THR M 115 -14.92 -25.52 -15.48
C THR M 115 -15.63 -26.00 -16.75
N LEU M 116 -15.26 -25.40 -17.89
CA LEU M 116 -15.79 -25.86 -19.17
C LEU M 116 -15.01 -27.05 -19.71
N ALA M 117 -13.67 -26.98 -19.66
CA ALA M 117 -12.84 -28.11 -20.08
C ALA M 117 -11.52 -28.06 -19.31
N ASP M 118 -11.03 -29.23 -18.91
CA ASP M 118 -9.69 -29.37 -18.32
C ASP M 118 -9.22 -30.80 -18.59
N TRP M 119 -8.49 -31.01 -19.67
CA TRP M 119 -8.01 -32.35 -19.97
C TRP M 119 -6.56 -32.32 -20.43
N GLU M 120 -5.88 -33.44 -20.18
CA GLU M 120 -4.48 -33.65 -20.53
C GLU M 120 -4.29 -35.10 -20.95
N VAL M 121 -3.51 -35.31 -22.01
CA VAL M 121 -3.26 -36.67 -22.50
C VAL M 121 -2.58 -37.49 -21.41
N GLY M 122 -3.07 -38.71 -21.19
CA GLY M 122 -2.52 -39.59 -20.17
C GLY M 122 -2.95 -39.32 -18.74
N VAL M 123 -3.92 -38.43 -18.52
CA VAL M 123 -4.39 -38.06 -17.19
C VAL M 123 -5.91 -38.24 -17.13
N LYS M 124 -6.39 -38.87 -16.07
CA LYS M 124 -7.83 -39.05 -15.89
C LYS M 124 -8.48 -37.75 -15.40
N GLY M 125 -9.73 -37.54 -15.83
CA GLY M 125 -10.42 -36.29 -15.59
C GLY M 125 -10.98 -36.16 -14.18
N GLU M 126 -10.83 -34.96 -13.61
CA GLU M 126 -11.38 -34.61 -12.30
C GLU M 126 -11.85 -33.16 -12.35
N ILE M 127 -12.81 -32.83 -11.47
CA ILE M 127 -13.38 -31.48 -11.40
C ILE M 127 -13.40 -31.00 -9.95
N GLU M 128 -12.87 -29.80 -9.71
CA GLU M 128 -12.88 -29.17 -8.40
C GLU M 128 -13.74 -27.91 -8.44
N ALA M 129 -14.74 -27.86 -7.55
CA ALA M 129 -15.76 -26.79 -7.56
C ALA M 129 -15.88 -26.12 -6.19
N PRO M 130 -15.16 -25.03 -5.95
CA PRO M 130 -15.32 -24.29 -4.68
C PRO M 130 -16.64 -23.52 -4.64
N PHE M 131 -17.07 -23.22 -3.41
CA PHE M 131 -18.34 -22.51 -3.21
C PHE M 131 -18.33 -21.77 -1.87
N THR M 132 -19.35 -20.94 -1.68
CA THR M 132 -19.65 -20.25 -0.43
C THR M 132 -21.09 -20.57 -0.01
N PHE M 133 -21.40 -20.34 1.27
CA PHE M 133 -22.71 -20.68 1.83
C PHE M 133 -22.94 -19.85 3.10
N THR M 134 -24.22 -19.79 3.53
CA THR M 134 -24.54 -18.95 4.70
C THR M 134 -25.27 -19.67 5.84
N GLU M 135 -25.93 -20.81 5.58
CA GLU M 135 -26.72 -21.48 6.61
C GLU M 135 -26.48 -22.99 6.60
N TYR M 136 -26.92 -23.65 7.68
CA TYR M 136 -26.78 -25.10 7.84
C TYR M 136 -27.77 -25.63 8.88
N ASP M 137 -27.96 -26.94 8.86
CA ASP M 137 -28.81 -27.65 9.82
C ASP M 137 -28.19 -28.99 10.21
N PHE M 138 -28.33 -29.34 11.47
CA PHE M 138 -27.85 -30.62 12.00
C PHE M 138 -28.98 -31.64 11.95
N LEU M 139 -28.79 -32.71 11.18
CA LEU M 139 -29.65 -33.89 11.23
C LEU M 139 -28.76 -35.07 11.58
N ASP M 140 -29.00 -35.73 12.71
CA ASP M 140 -28.18 -36.87 13.13
C ASP M 140 -26.71 -36.47 13.35
N ILE M 141 -26.47 -35.76 14.43
CA ILE M 141 -25.11 -35.64 14.96
C ILE M 141 -24.80 -36.80 15.90
N ILE M 142 -23.52 -36.96 16.21
CA ILE M 142 -23.08 -38.04 17.10
C ILE M 142 -22.84 -37.50 18.50
N ASN N 3 -15.70 -6.82 34.98
CA ASN N 3 -16.98 -6.34 34.45
C ASN N 3 -16.86 -5.99 32.96
N MET N 4 -15.78 -5.30 32.58
CA MET N 4 -15.60 -4.93 31.18
C MET N 4 -14.82 -6.03 30.46
N GLU N 5 -15.45 -6.61 29.44
CA GLU N 5 -14.84 -7.66 28.64
C GLU N 5 -15.12 -7.34 27.19
N ALA N 6 -14.24 -7.84 26.31
CA ALA N 6 -14.36 -7.58 24.88
C ALA N 6 -15.71 -7.96 24.29
N ARG N 7 -16.37 -8.99 24.82
CA ARG N 7 -17.67 -9.39 24.28
C ARG N 7 -18.75 -8.33 24.48
N ASN N 8 -18.59 -7.42 25.44
CA ASN N 8 -19.59 -6.40 25.70
C ASN N 8 -19.63 -5.28 24.65
N VAL N 9 -18.60 -5.14 23.81
CA VAL N 9 -18.59 -4.09 22.80
C VAL N 9 -19.69 -4.36 21.77
N MET N 10 -20.47 -3.33 21.46
CA MET N 10 -21.63 -3.49 20.59
C MET N 10 -21.21 -3.58 19.13
N SER N 11 -21.66 -4.64 18.45
CA SER N 11 -21.42 -4.81 17.03
C SER N 11 -22.51 -4.14 16.19
N GLY N 12 -22.09 -3.47 15.12
CA GLY N 12 -23.02 -2.81 14.21
C GLY N 12 -23.91 -3.71 13.38
N THR N 13 -23.57 -4.99 13.25
CA THR N 13 -24.44 -5.93 12.53
C THR N 13 -25.78 -6.13 13.25
N TRP N 14 -25.86 -5.82 14.55
CA TRP N 14 -27.09 -5.96 15.31
C TRP N 14 -27.92 -4.67 15.35
N GLY N 15 -27.73 -3.78 14.38
CA GLY N 15 -28.51 -2.56 14.29
C GLY N 15 -29.75 -2.73 13.42
N GLU N 16 -30.77 -1.95 13.73
CA GLU N 16 -32.03 -1.94 12.99
C GLU N 16 -32.57 -0.52 12.91
N LEU N 17 -33.34 -0.25 11.86
CA LEU N 17 -33.80 1.11 11.55
C LEU N 17 -35.24 1.13 11.06
N TRP N 18 -36.02 2.06 11.60
CA TRP N 18 -37.37 2.37 11.11
C TRP N 18 -37.38 3.81 10.60
N LEU N 19 -37.95 4.02 9.41
CA LEU N 19 -38.06 5.36 8.82
C LEU N 19 -39.50 5.63 8.41
N ASP N 20 -40.09 6.69 8.98
CA ASP N 20 -41.47 7.07 8.72
C ASP N 20 -42.44 5.90 9.01
N GLY N 21 -42.11 5.12 10.04
CA GLY N 21 -42.92 3.99 10.46
C GLY N 21 -42.66 2.67 9.76
N ASN N 22 -41.81 2.65 8.73
CA ASN N 22 -41.57 1.46 7.93
C ASN N 22 -40.14 0.97 8.15
N LYS N 23 -39.99 -0.34 8.37
CA LYS N 23 -38.68 -0.92 8.62
C LYS N 23 -37.82 -0.91 7.35
N VAL N 24 -36.53 -0.64 7.52
CA VAL N 24 -35.59 -0.54 6.40
C VAL N 24 -34.61 -1.70 6.48
N ALA N 25 -34.95 -2.79 5.81
CA ALA N 25 -34.14 -4.01 5.88
C ALA N 25 -32.80 -3.89 5.17
N GLU N 26 -32.61 -2.88 4.32
CA GLU N 26 -31.42 -2.78 3.47
C GLU N 26 -30.43 -1.76 4.00
N VAL N 27 -30.55 -1.41 5.29
CA VAL N 27 -29.73 -0.38 5.91
C VAL N 27 -28.30 -0.90 6.06
N LYS N 28 -27.32 -0.04 5.73
CA LYS N 28 -25.90 -0.32 5.90
C LYS N 28 -25.30 0.41 7.10
N LYS N 29 -25.62 1.70 7.31
CA LYS N 29 -25.14 2.41 8.49
C LYS N 29 -26.08 3.57 8.82
N PHE N 30 -26.01 4.01 10.08
CA PHE N 30 -26.84 5.10 10.59
C PHE N 30 -26.03 5.96 11.56
N GLN N 31 -26.16 7.27 11.41
CA GLN N 31 -25.39 8.24 12.19
C GLN N 31 -26.33 9.36 12.64
N ALA N 32 -26.14 9.85 13.87
CA ALA N 32 -26.86 11.02 14.35
C ALA N 32 -26.09 11.63 15.50
N LYS N 33 -25.83 12.94 15.43
CA LYS N 33 -24.94 13.60 16.36
C LYS N 33 -25.33 15.08 16.51
N MET N 34 -25.18 15.60 17.73
CA MET N 34 -25.48 17.00 18.05
C MET N 34 -24.18 17.78 18.20
N GLU N 35 -23.96 18.75 17.31
CA GLU N 35 -22.78 19.61 17.34
C GLU N 35 -23.10 20.88 18.11
N PHE N 36 -22.36 21.15 19.19
CA PHE N 36 -22.64 22.31 20.02
C PHE N 36 -22.02 23.58 19.44
N THR N 37 -22.72 24.70 19.63
CA THR N 37 -22.21 26.02 19.26
C THR N 37 -21.62 26.68 20.51
N LYS N 38 -20.32 26.99 20.46
CA LYS N 38 -19.59 27.56 21.59
C LYS N 38 -18.87 28.83 21.16
N GLU N 39 -18.94 29.85 22.01
CA GLU N 39 -18.28 31.13 21.77
C GLU N 39 -17.21 31.38 22.83
N ASP N 40 -16.03 31.80 22.37
CA ASP N 40 -14.92 32.09 23.29
C ASP N 40 -15.22 33.32 24.13
N ILE N 41 -14.80 33.28 25.39
CA ILE N 41 -14.95 34.40 26.33
C ILE N 41 -13.68 34.48 27.15
N ILE N 42 -13.01 35.64 27.11
CA ILE N 42 -11.79 35.88 27.88
C ILE N 42 -12.15 36.70 29.10
N ILE N 43 -11.80 36.19 30.28
CA ILE N 43 -12.09 36.85 31.55
C ILE N 43 -10.86 37.62 32.01
N ALA N 44 -11.07 38.86 32.43
CA ALA N 44 -9.97 39.67 32.95
C ALA N 44 -9.33 39.00 34.16
N GLY N 45 -8.00 38.91 34.13
CA GLY N 45 -7.25 38.26 35.19
C GLY N 45 -7.08 36.75 35.07
N GLN N 46 -7.55 36.13 33.99
CA GLN N 46 -7.49 34.69 33.83
C GLN N 46 -6.77 34.35 32.52
N MET N 47 -5.76 33.49 32.61
CA MET N 47 -4.98 33.11 31.43
C MET N 47 -5.72 32.12 30.53
N GLY N 48 -6.50 31.21 31.10
CA GLY N 48 -7.24 30.25 30.32
C GLY N 48 -8.56 30.78 29.78
N THR N 49 -8.74 30.79 28.46
CA THR N 49 -9.98 31.26 27.85
C THR N 49 -11.09 30.22 28.02
N ASP N 50 -12.27 30.69 28.44
CA ASP N 50 -13.45 29.86 28.67
C ASP N 50 -14.44 30.00 27.51
N THR N 51 -15.56 29.28 27.62
CA THR N 51 -16.57 29.25 26.56
C THR N 51 -17.98 29.34 27.14
N LYS N 52 -18.90 29.83 26.33
CA LYS N 52 -20.31 29.90 26.66
C LYS N 52 -21.10 29.05 25.67
N TYR N 53 -21.91 28.13 26.19
CA TYR N 53 -22.76 27.28 25.36
C TYR N 53 -23.95 28.07 24.82
N MET N 54 -24.20 27.96 23.52
CA MET N 54 -25.27 28.74 22.87
C MET N 54 -26.35 27.91 22.19
N GLY N 55 -26.14 26.63 21.93
CA GLY N 55 -27.12 25.83 21.23
C GLY N 55 -26.46 24.66 20.52
N TYR N 56 -27.23 24.00 19.66
CA TYR N 56 -26.72 22.84 18.94
C TYR N 56 -27.37 22.70 17.57
N LYS N 57 -26.67 21.99 16.69
CA LYS N 57 -27.14 21.64 15.35
C LYS N 57 -27.04 20.13 15.17
N GLY N 58 -28.17 19.50 14.87
CA GLY N 58 -28.22 18.06 14.69
C GLY N 58 -27.91 17.67 13.25
N LYS N 59 -26.96 16.76 13.10
CA LYS N 59 -26.51 16.27 11.79
C LYS N 59 -26.44 14.75 11.80
N GLY N 60 -26.72 14.14 10.65
CA GLY N 60 -26.71 12.68 10.55
C GLY N 60 -26.70 12.23 9.10
N SER N 61 -26.70 10.90 8.92
CA SER N 61 -26.78 10.32 7.59
C SER N 61 -27.16 8.84 7.66
N ILE N 62 -27.71 8.34 6.55
CA ILE N 62 -28.10 6.96 6.37
C ILE N 62 -27.46 6.45 5.07
N THR N 63 -26.96 5.22 5.10
CA THR N 63 -26.48 4.55 3.89
C THR N 63 -27.28 3.27 3.70
N LEU N 64 -27.75 3.04 2.47
CA LEU N 64 -28.53 1.85 2.13
C LEU N 64 -27.96 1.16 0.90
N TYR N 65 -28.10 -0.16 0.87
CA TYR N 65 -27.97 -0.89 -0.39
C TYR N 65 -29.14 -0.52 -1.30
N HIS N 66 -28.87 -0.40 -2.60
CA HIS N 66 -29.87 0.04 -3.57
C HIS N 66 -30.70 -1.17 -4.03
N VAL N 67 -31.89 -1.34 -3.45
CA VAL N 67 -32.77 -2.45 -3.80
C VAL N 67 -34.11 -1.95 -4.32
N SER N 68 -34.43 -0.68 -4.07
CA SER N 68 -35.72 -0.12 -4.48
C SER N 68 -35.62 1.40 -4.53
N SER N 69 -36.73 2.05 -4.88
CA SER N 69 -36.81 3.51 -4.99
C SER N 69 -37.45 4.14 -3.75
N ARG N 70 -36.88 3.86 -2.58
CA ARG N 70 -37.48 4.32 -1.33
C ARG N 70 -37.46 5.85 -1.21
N MET N 71 -36.29 6.47 -1.37
CA MET N 71 -36.18 7.91 -1.19
C MET N 71 -36.91 8.68 -2.28
N HIS N 72 -36.91 8.16 -3.52
CA HIS N 72 -37.68 8.78 -4.59
C HIS N 72 -39.14 8.94 -4.17
N LYS N 73 -39.75 7.86 -3.71
CA LYS N 73 -41.15 7.89 -3.29
C LYS N 73 -41.35 8.77 -2.06
N LEU N 74 -40.37 8.82 -1.15
CA LEU N 74 -40.54 9.62 0.04
C LEU N 74 -40.55 11.12 -0.25
N ILE N 75 -39.67 11.60 -1.13
CA ILE N 75 -39.51 13.07 -1.19
C ILE N 75 -39.57 13.73 -2.57
N GLY N 76 -39.47 12.96 -3.66
CA GLY N 76 -39.19 13.56 -4.96
C GLY N 76 -40.24 14.54 -5.43
N GLU N 77 -41.50 14.11 -5.46
CA GLU N 77 -42.56 14.96 -5.99
C GLU N 77 -42.79 16.18 -5.10
N LYS N 78 -42.77 15.99 -3.78
CA LYS N 78 -43.02 17.09 -2.85
C LYS N 78 -41.94 18.16 -2.94
N ILE N 79 -40.67 17.77 -3.06
CA ILE N 79 -39.60 18.75 -3.12
C ILE N 79 -39.75 19.66 -4.34
N LYS N 80 -40.22 19.10 -5.46
CA LYS N 80 -40.38 19.89 -6.68
C LYS N 80 -41.47 20.94 -6.53
N ARG N 81 -42.54 20.63 -5.80
CA ARG N 81 -43.64 21.57 -5.60
C ARG N 81 -43.37 22.60 -4.51
N GLY N 82 -42.30 22.45 -3.74
CA GLY N 82 -41.97 23.38 -2.69
C GLY N 82 -42.46 23.05 -1.30
N SER N 83 -43.09 21.89 -1.09
CA SER N 83 -43.60 21.50 0.22
C SER N 83 -42.68 20.44 0.81
N GLU N 84 -41.85 20.83 1.79
CA GLU N 84 -40.80 20.00 2.37
C GLU N 84 -41.37 19.10 3.45
N PRO N 85 -41.22 17.79 3.34
CA PRO N 85 -41.69 16.88 4.39
C PRO N 85 -40.66 16.65 5.48
N ARG N 86 -41.15 16.24 6.66
CA ARG N 86 -40.32 15.96 7.81
C ARG N 86 -40.65 14.58 8.36
N PHE N 87 -39.64 13.89 8.90
CA PHE N 87 -39.75 12.47 9.21
C PHE N 87 -39.28 12.17 10.63
N VAL N 88 -39.61 10.95 11.07
CA VAL N 88 -39.15 10.39 12.33
C VAL N 88 -38.43 9.09 12.03
N ALA N 89 -37.26 8.90 12.65
CA ALA N 89 -36.50 7.66 12.51
C ALA N 89 -36.23 7.07 13.90
N ILE N 90 -36.27 5.74 13.99
CA ILE N 90 -35.99 5.02 15.22
C ILE N 90 -34.83 4.07 14.97
N SER N 91 -33.79 4.18 15.79
CA SER N 91 -32.58 3.37 15.67
C SER N 91 -32.47 2.45 16.88
N LYS N 92 -32.21 1.17 16.63
CA LYS N 92 -32.10 0.19 17.70
C LYS N 92 -30.81 -0.61 17.55
N LEU N 93 -30.09 -0.77 18.65
CA LEU N 93 -28.86 -1.56 18.69
C LEU N 93 -28.99 -2.58 19.81
N ASN N 94 -29.15 -3.86 19.45
CA ASN N 94 -29.40 -4.95 20.42
C ASN N 94 -28.45 -6.12 20.15
N ASP N 95 -27.24 -6.02 20.68
CA ASP N 95 -26.25 -7.09 20.57
C ASP N 95 -26.47 -8.09 21.69
N PRO N 96 -26.69 -9.38 21.40
CA PRO N 96 -26.99 -10.35 22.47
C PRO N 96 -25.91 -10.48 23.54
N ASP N 97 -24.65 -10.19 23.21
CA ASP N 97 -23.56 -10.28 24.19
C ASP N 97 -23.32 -8.98 24.95
N SER N 98 -24.12 -7.93 24.73
CA SER N 98 -23.95 -6.67 25.45
C SER N 98 -24.87 -6.61 26.67
N TYR N 99 -24.76 -5.52 27.44
CA TYR N 99 -25.56 -5.37 28.65
C TYR N 99 -27.05 -5.25 28.33
N GLY N 100 -27.40 -4.53 27.28
CA GLY N 100 -28.78 -4.31 26.93
C GLY N 100 -28.96 -3.62 25.60
N ALA N 101 -30.16 -3.16 25.34
CA ALA N 101 -30.50 -2.51 24.08
C ALA N 101 -30.45 -1.00 24.20
N GLU N 102 -30.09 -0.34 23.10
CA GLU N 102 -30.09 1.12 22.97
C GLU N 102 -31.03 1.48 21.83
N ARG N 103 -32.16 2.11 22.15
CA ARG N 103 -33.17 2.50 21.17
C ARG N 103 -33.39 4.01 21.27
N ILE N 104 -33.34 4.70 20.14
CA ILE N 104 -33.46 6.16 20.13
C ILE N 104 -34.35 6.59 18.96
N ALA N 105 -35.23 7.54 19.23
CA ALA N 105 -36.04 8.19 18.19
C ALA N 105 -35.42 9.54 17.82
N VAL N 106 -35.19 9.75 16.53
CA VAL N 106 -34.66 11.01 16.00
C VAL N 106 -35.77 11.68 15.20
N LYS N 107 -36.10 12.92 15.55
CA LYS N 107 -37.33 13.56 15.07
C LYS N 107 -37.07 14.87 14.33
N ASN N 108 -38.07 15.28 13.53
CA ASN N 108 -38.01 16.48 12.69
C ASN N 108 -36.83 16.41 11.70
N ILE N 109 -36.70 15.26 11.04
CA ILE N 109 -35.60 15.02 10.10
C ILE N 109 -35.92 15.68 8.76
N ALA N 110 -34.96 16.43 8.23
CA ALA N 110 -35.00 16.98 6.88
C ALA N 110 -33.77 16.51 6.10
N PHE N 111 -33.98 15.84 4.98
CA PHE N 111 -32.89 15.31 4.17
C PHE N 111 -32.20 16.43 3.39
N ASP N 112 -30.90 16.25 3.15
CA ASP N 112 -30.09 17.28 2.49
C ASP N 112 -30.13 17.21 0.96
N ASP N 113 -30.46 16.07 0.37
CA ASP N 113 -30.41 15.92 -1.08
C ASP N 113 -31.26 14.73 -1.50
N LEU N 114 -31.24 14.42 -2.81
CA LEU N 114 -31.88 13.24 -3.36
C LEU N 114 -31.06 12.72 -4.53
N THR N 115 -30.69 11.44 -4.48
CA THR N 115 -29.96 10.80 -5.55
C THR N 115 -30.96 10.16 -6.53
N LEU N 116 -30.97 10.64 -7.77
CA LEU N 116 -31.81 10.04 -8.79
C LEU N 116 -31.15 8.81 -9.43
N ALA N 117 -29.85 8.89 -9.73
CA ALA N 117 -29.11 7.76 -10.28
C ALA N 117 -27.64 7.87 -9.90
N ASP N 118 -27.04 6.73 -9.55
CA ASP N 118 -25.59 6.65 -9.36
C ASP N 118 -25.16 5.19 -9.63
N TRP N 119 -24.78 4.90 -10.87
CA TRP N 119 -24.36 3.55 -11.22
C TRP N 119 -23.09 3.57 -12.05
N GLU N 120 -22.28 2.52 -11.88
CA GLU N 120 -21.04 2.29 -12.59
C GLU N 120 -20.90 0.82 -12.92
N VAL N 121 -20.46 0.53 -14.15
CA VAL N 121 -20.29 -0.86 -14.58
C VAL N 121 -19.31 -1.56 -13.65
N GLY N 122 -19.67 -2.77 -13.22
CA GLY N 122 -18.83 -3.53 -12.31
C GLY N 122 -18.90 -3.14 -10.85
N VAL N 123 -19.83 -2.26 -10.46
CA VAL N 123 -19.93 -1.77 -9.08
C VAL N 123 -21.36 -2.00 -8.60
N LYS N 124 -21.50 -2.53 -7.38
CA LYS N 124 -22.82 -2.67 -6.78
C LYS N 124 -23.34 -1.33 -6.26
N GLY N 125 -24.66 -1.15 -6.32
CA GLY N 125 -25.27 0.14 -6.03
C GLY N 125 -25.44 0.41 -4.54
N GLU N 126 -25.15 1.64 -4.14
CA GLU N 126 -25.32 2.12 -2.77
C GLU N 126 -25.81 3.56 -2.81
N ILE N 127 -26.50 3.97 -1.74
CA ILE N 127 -27.07 5.32 -1.65
C ILE N 127 -26.68 5.93 -0.30
N GLU N 128 -26.19 7.17 -0.34
CA GLU N 128 -25.84 7.94 0.86
C GLU N 128 -26.77 9.13 0.99
N ALA N 129 -27.45 9.24 2.14
CA ALA N 129 -28.49 10.26 2.35
C ALA N 129 -28.26 11.04 3.64
N PRO N 130 -27.53 12.15 3.58
CA PRO N 130 -27.35 12.99 4.78
C PRO N 130 -28.62 13.75 5.15
N PHE N 131 -28.71 14.15 6.43
CA PHE N 131 -29.90 14.85 6.92
C PHE N 131 -29.53 15.74 8.12
N THR N 132 -30.49 16.59 8.49
CA THR N 132 -30.44 17.40 9.71
C THR N 132 -31.69 17.11 10.54
N PHE N 133 -31.62 17.42 11.85
CA PHE N 133 -32.71 17.14 12.78
C PHE N 133 -32.64 18.09 13.98
N THR N 134 -33.73 18.15 14.75
CA THR N 134 -33.73 19.06 15.91
C THR N 134 -34.10 18.39 17.23
N GLU N 135 -34.79 17.26 17.23
CA GLU N 135 -35.28 16.66 18.46
C GLU N 135 -34.92 15.17 18.54
N TYR N 136 -34.98 14.62 19.75
CA TYR N 136 -34.78 13.20 19.97
C TYR N 136 -35.44 12.76 21.28
N ASP N 137 -35.58 11.44 21.44
CA ASP N 137 -36.12 10.85 22.67
C ASP N 137 -35.44 9.51 22.95
N PHE N 138 -35.20 9.24 24.22
CA PHE N 138 -34.54 8.03 24.70
C PHE N 138 -35.58 6.99 25.06
N LEU N 139 -35.55 5.83 24.40
CA LEU N 139 -36.31 4.66 24.80
C LEU N 139 -35.33 3.49 24.96
N ASP N 140 -35.26 2.87 26.13
CA ASP N 140 -34.28 1.80 26.37
C ASP N 140 -32.84 2.31 26.23
N ILE N 141 -32.40 3.04 27.24
CA ILE N 141 -30.97 3.29 27.42
C ILE N 141 -30.36 2.22 28.32
N ILE N 142 -29.03 2.13 28.30
CA ILE N 142 -28.32 1.17 29.13
C ILE N 142 -27.82 1.81 30.42
N ASN O 3 -16.49 34.63 41.14
CA ASN O 3 -17.93 34.85 41.01
C ASN O 3 -18.33 34.88 39.54
N MET O 4 -17.55 35.56 38.72
CA MET O 4 -17.82 35.62 37.29
C MET O 4 -17.33 34.35 36.59
N GLU O 5 -18.22 33.74 35.82
CA GLU O 5 -17.92 32.58 34.98
C GLU O 5 -18.53 32.84 33.62
N ALA O 6 -17.94 32.27 32.58
CA ALA O 6 -18.45 32.43 31.22
C ALA O 6 -19.92 32.02 31.09
N ARG O 7 -20.36 31.02 31.87
CA ARG O 7 -21.74 30.55 31.80
C ARG O 7 -22.75 31.61 32.19
N ASN O 8 -22.38 32.59 33.00
CA ASN O 8 -23.30 33.61 33.48
C ASN O 8 -23.66 34.65 32.43
N VAL O 9 -22.94 34.73 31.31
CA VAL O 9 -23.25 35.69 30.26
C VAL O 9 -24.58 35.31 29.60
N MET O 10 -25.46 36.29 29.43
CA MET O 10 -26.81 36.03 28.95
C MET O 10 -26.83 35.81 27.44
N SER O 11 -27.45 34.70 27.02
CA SER O 11 -27.62 34.39 25.60
C SER O 11 -28.91 34.98 25.06
N GLY O 12 -28.83 35.60 23.89
CA GLY O 12 -30.00 36.16 23.23
C GLY O 12 -31.06 35.17 22.79
N THR O 13 -30.72 33.89 22.66
CA THR O 13 -31.73 32.88 22.33
C THR O 13 -32.79 32.73 23.42
N TRP O 14 -32.51 33.21 24.65
CA TRP O 14 -33.48 33.14 25.73
C TRP O 14 -34.28 34.44 25.88
N GLY O 15 -34.42 35.22 24.81
CA GLY O 15 -35.26 36.41 24.81
C GLY O 15 -36.71 36.12 24.47
N GLU O 16 -37.61 36.93 25.02
CA GLU O 16 -39.04 36.82 24.75
C GLU O 16 -39.64 38.23 24.66
N LEU O 17 -40.70 38.38 23.86
CA LEU O 17 -41.26 39.69 23.57
C LEU O 17 -42.78 39.66 23.48
N TRP O 18 -43.43 40.62 24.15
CA TRP O 18 -44.85 40.89 24.00
C TRP O 18 -45.01 42.27 23.37
N LEU O 19 -45.94 42.39 22.43
CA LEU O 19 -46.25 43.67 21.77
C LEU O 19 -47.76 43.87 21.75
N ASP O 20 -48.22 44.97 22.34
CA ASP O 20 -49.66 45.27 22.42
C ASP O 20 -50.42 44.14 23.11
N GLY O 21 -49.77 43.51 24.10
CA GLY O 21 -50.36 42.42 24.85
C GLY O 21 -50.26 41.05 24.23
N ASN O 22 -49.70 40.93 23.03
CA ASN O 22 -49.65 39.66 22.29
C ASN O 22 -48.21 39.17 22.20
N LYS O 23 -48.02 37.88 22.41
CA LYS O 23 -46.69 37.28 22.31
C LYS O 23 -46.22 37.31 20.86
N VAL O 24 -44.94 37.57 20.65
CA VAL O 24 -44.34 37.60 19.32
C VAL O 24 -43.35 36.46 19.22
N ALA O 25 -43.81 35.30 18.79
CA ALA O 25 -42.94 34.13 18.70
C ALA O 25 -41.92 34.25 17.56
N GLU O 26 -42.08 35.21 16.67
CA GLU O 26 -41.31 35.26 15.43
C GLU O 26 -40.16 36.26 15.56
N VAL O 27 -39.73 36.53 16.80
CA VAL O 27 -38.85 37.66 17.08
C VAL O 27 -37.40 37.20 16.89
N LYS O 28 -36.60 38.05 16.25
CA LYS O 28 -35.19 37.80 16.00
C LYS O 28 -34.25 38.68 16.83
N LYS O 29 -34.59 39.95 17.05
CA LYS O 29 -33.82 40.81 17.94
C LYS O 29 -34.70 41.94 18.44
N PHE O 30 -34.34 42.47 19.61
CA PHE O 30 -35.03 43.59 20.23
C PHE O 30 -34.01 44.55 20.84
N GLN O 31 -34.22 45.84 20.59
CA GLN O 31 -33.31 46.92 20.95
C GLN O 31 -34.11 48.08 21.55
N ALA O 32 -33.54 48.72 22.58
CA ALA O 32 -34.14 49.92 23.17
C ALA O 32 -33.09 50.66 23.99
N LYS O 33 -32.85 51.93 23.65
CA LYS O 33 -31.76 52.70 24.25
C LYS O 33 -32.15 54.17 24.36
N MET O 34 -31.70 54.81 25.44
CA MET O 34 -31.95 56.23 25.70
C MET O 34 -30.70 57.04 25.40
N GLU O 35 -30.78 57.91 24.39
CA GLU O 35 -29.71 58.83 24.00
C GLU O 35 -29.82 60.13 24.78
N PHE O 36 -28.82 60.43 25.60
CA PHE O 36 -28.87 61.66 26.38
C PHE O 36 -28.48 62.86 25.52
N THR O 37 -29.15 63.98 25.76
CA THR O 37 -28.81 65.25 25.14
C THR O 37 -27.94 66.05 26.10
N LYS O 38 -26.71 66.36 25.68
CA LYS O 38 -25.73 67.04 26.52
C LYS O 38 -25.22 68.29 25.82
N GLU O 39 -25.12 69.38 26.59
CA GLU O 39 -24.66 70.67 26.09
C GLU O 39 -23.33 71.04 26.72
N ASP O 40 -22.36 71.41 25.88
CA ASP O 40 -21.03 71.77 26.38
C ASP O 40 -21.08 73.07 27.16
N ILE O 41 -20.35 73.10 28.28
CA ILE O 41 -20.22 74.29 29.12
C ILE O 41 -18.75 74.50 29.43
N ILE O 42 -18.23 75.68 29.06
CA ILE O 42 -16.86 76.06 29.38
C ILE O 42 -16.90 76.95 30.62
N ILE O 43 -16.18 76.55 31.66
CA ILE O 43 -16.14 77.27 32.93
C ILE O 43 -14.85 78.08 33.00
N ALA O 44 -14.98 79.36 33.34
CA ALA O 44 -13.82 80.25 33.43
C ALA O 44 -12.82 79.74 34.46
N GLY O 45 -11.56 79.58 34.02
CA GLY O 45 -10.51 79.08 34.87
C GLY O 45 -10.30 77.58 34.85
N GLN O 46 -11.10 76.83 34.11
CA GLN O 46 -11.01 75.37 34.06
C GLN O 46 -10.69 74.93 32.64
N MET O 47 -9.65 74.11 32.49
CA MET O 47 -9.21 73.67 31.17
C MET O 47 -10.12 72.60 30.56
N GLY O 48 -10.68 71.72 31.38
CA GLY O 48 -11.55 70.68 30.87
C GLY O 48 -12.99 71.12 30.68
N THR O 49 -13.50 71.04 29.45
CA THR O 49 -14.88 71.37 29.16
C THR O 49 -15.85 70.39 29.84
N ASP O 50 -16.87 70.93 30.50
CA ASP O 50 -17.90 70.14 31.18
C ASP O 50 -19.19 70.12 30.34
N THR O 51 -20.19 69.38 30.83
CA THR O 51 -21.45 69.20 30.12
C THR O 51 -22.62 69.35 31.08
N LYS O 52 -23.78 69.72 30.52
CA LYS O 52 -25.04 69.81 31.23
C LYS O 52 -26.05 68.86 30.58
N TYR O 53 -26.72 68.05 31.40
CA TYR O 53 -27.71 67.11 30.92
C TYR O 53 -29.06 67.80 30.70
N MET O 54 -29.62 67.67 29.50
CA MET O 54 -30.86 68.36 29.15
C MET O 54 -32.08 67.44 28.93
N GLY O 55 -31.89 66.15 28.68
CA GLY O 55 -33.01 65.29 28.37
C GLY O 55 -32.53 64.07 27.60
N TYR O 56 -33.49 63.30 27.08
CA TYR O 56 -33.15 62.08 26.35
C TYR O 56 -34.14 61.80 25.23
N LYS O 57 -33.67 61.04 24.25
CA LYS O 57 -34.44 60.53 23.13
C LYS O 57 -34.42 59.01 23.14
N GLY O 58 -35.61 58.39 23.19
CA GLY O 58 -35.72 56.94 23.20
C GLY O 58 -35.79 56.38 21.80
N LYS O 59 -34.88 55.44 21.50
CA LYS O 59 -34.82 54.82 20.19
C LYS O 59 -34.61 53.31 20.32
N GLY O 60 -35.26 52.56 19.43
CA GLY O 60 -35.15 51.11 19.40
C GLY O 60 -35.53 50.54 18.05
N SER O 61 -35.52 49.21 17.97
CA SER O 61 -35.95 48.51 16.76
C SER O 61 -36.30 47.07 17.09
N ILE O 62 -37.07 46.46 16.19
CA ILE O 62 -37.49 45.06 16.27
C ILE O 62 -37.23 44.40 14.92
N THR O 63 -36.71 43.18 14.93
CA THR O 63 -36.55 42.39 13.72
C THR O 63 -37.32 41.09 13.88
N LEU O 64 -38.10 40.72 12.85
CA LEU O 64 -38.93 39.52 12.87
C LEU O 64 -38.71 38.69 11.62
N TYR O 65 -38.84 37.38 11.76
CA TYR O 65 -39.02 36.52 10.60
C TYR O 65 -40.39 36.80 10.00
N HIS O 66 -40.45 36.90 8.67
CA HIS O 66 -41.69 37.23 7.99
C HIS O 66 -42.57 35.99 7.91
N VAL O 67 -43.56 35.91 8.80
CA VAL O 67 -44.43 34.74 8.87
C VAL O 67 -45.90 35.14 8.74
N SER O 68 -46.23 36.40 9.01
CA SER O 68 -47.61 36.88 8.93
C SER O 68 -47.61 38.36 8.55
N SER O 69 -48.75 39.02 8.79
CA SER O 69 -48.92 40.43 8.44
C SER O 69 -49.16 41.30 9.69
N ARG O 70 -48.34 41.05 10.71
CA ARG O 70 -48.56 41.64 12.04
C ARG O 70 -48.53 43.17 12.00
N MET O 71 -47.46 43.75 11.44
CA MET O 71 -47.33 45.20 11.42
C MET O 71 -48.38 45.86 10.52
N HIS O 72 -48.67 45.22 9.38
CA HIS O 72 -49.75 45.69 8.50
C HIS O 72 -51.02 45.92 9.30
N LYS O 73 -51.51 44.86 9.96
CA LYS O 73 -52.75 44.96 10.72
C LYS O 73 -52.63 45.96 11.86
N LEU O 74 -51.46 46.07 12.49
CA LEU O 74 -51.33 46.98 13.62
C LEU O 74 -51.48 48.45 13.20
N ILE O 75 -50.86 48.85 12.08
CA ILE O 75 -50.77 50.30 11.85
C ILE O 75 -51.21 50.81 10.48
N GLY O 76 -51.36 49.93 9.49
CA GLY O 76 -51.49 50.40 8.12
C GLY O 76 -52.72 51.26 7.88
N GLU O 77 -53.88 50.79 8.34
CA GLU O 77 -55.13 51.50 8.03
C GLU O 77 -55.20 52.82 8.79
N LYS O 78 -54.69 52.86 10.01
CA LYS O 78 -54.77 54.08 10.82
C LYS O 78 -53.81 55.15 10.34
N ILE O 79 -52.62 54.74 9.85
CA ILE O 79 -51.64 55.74 9.39
C ILE O 79 -52.17 56.53 8.21
N LYS O 80 -52.89 55.89 7.29
CA LYS O 80 -53.43 56.57 6.13
C LYS O 80 -54.46 57.64 6.52
N ARG O 81 -55.27 57.38 7.54
CA ARG O 81 -56.30 58.32 7.94
C ARG O 81 -55.78 59.47 8.78
N GLY O 82 -54.54 59.39 9.29
CA GLY O 82 -53.97 60.45 10.08
C GLY O 82 -54.05 60.30 11.58
N SER O 83 -54.41 59.13 12.09
CA SER O 83 -54.47 58.88 13.52
C SER O 83 -53.42 57.85 13.90
N GLU O 84 -52.33 58.31 14.54
CA GLU O 84 -51.18 57.47 14.83
C GLU O 84 -51.38 56.71 16.13
N PRO O 85 -51.19 55.39 16.14
CA PRO O 85 -51.33 54.62 17.37
C PRO O 85 -50.02 54.51 18.14
N ARG O 86 -50.16 54.25 19.45
CA ARG O 86 -49.04 54.08 20.36
C ARG O 86 -49.19 52.73 21.07
N PHE O 87 -48.06 52.12 21.42
CA PHE O 87 -48.05 50.74 21.93
C PHE O 87 -47.16 50.61 23.15
N VAL O 88 -47.32 49.47 23.84
CA VAL O 88 -46.48 49.05 24.95
C VAL O 88 -45.83 47.73 24.59
N ALA O 89 -44.53 47.60 24.83
CA ALA O 89 -43.81 46.34 24.62
C ALA O 89 -43.16 45.89 25.92
N ILE O 90 -43.11 44.58 26.13
CA ILE O 90 -42.46 43.98 27.28
C ILE O 90 -41.35 43.04 26.77
N SER O 91 -40.14 43.24 27.28
CA SER O 91 -38.99 42.44 26.91
C SER O 91 -38.51 41.63 28.10
N LYS O 92 -38.27 40.33 27.90
CA LYS O 92 -37.81 39.46 28.97
C LYS O 92 -36.62 38.64 28.51
N LEU O 93 -35.58 38.61 29.34
CA LEU O 93 -34.38 37.81 29.09
C LEU O 93 -34.16 36.90 30.29
N ASN O 94 -34.36 35.60 30.12
CA ASN O 94 -34.29 34.63 31.22
C ASN O 94 -33.43 33.44 30.80
N ASP O 95 -32.11 33.59 30.91
CA ASP O 95 -31.17 32.51 30.64
C ASP O 95 -31.08 31.58 31.84
N PRO O 96 -31.31 30.28 31.67
CA PRO O 96 -31.28 29.36 32.83
C PRO O 96 -29.94 29.34 33.57
N ASP O 97 -28.83 29.64 32.91
CA ASP O 97 -27.51 29.62 33.53
C ASP O 97 -27.07 30.97 34.10
N SER O 98 -27.90 32.02 34.02
CA SER O 98 -27.53 33.33 34.52
C SER O 98 -28.03 33.55 35.95
N TYR O 99 -27.66 34.70 36.53
CA TYR O 99 -28.04 35.02 37.91
C TYR O 99 -29.55 35.12 38.09
N GLY O 100 -30.23 35.76 37.15
CA GLY O 100 -31.66 35.96 37.25
C GLY O 100 -32.24 36.40 35.93
N ALA O 101 -33.33 37.15 36.00
CA ALA O 101 -34.05 37.59 34.81
C ALA O 101 -34.10 39.11 34.72
N GLU O 102 -34.17 39.61 33.50
CA GLU O 102 -34.29 41.04 33.21
C GLU O 102 -35.56 41.25 32.41
N ARG O 103 -36.55 41.93 32.99
CA ARG O 103 -37.83 42.18 32.35
C ARG O 103 -38.11 43.68 32.38
N ILE O 104 -38.44 44.26 31.22
CA ILE O 104 -38.58 45.71 31.10
C ILE O 104 -39.81 46.02 30.24
N ALA O 105 -40.61 46.98 30.68
CA ALA O 105 -41.72 47.51 29.91
C ALA O 105 -41.29 48.79 29.21
N VAL O 106 -41.50 48.85 27.90
CA VAL O 106 -41.18 50.03 27.09
C VAL O 106 -42.50 50.60 26.58
N LYS O 107 -42.77 51.87 26.89
CA LYS O 107 -44.10 52.44 26.72
C LYS O 107 -44.10 53.65 25.80
N ASN O 108 -45.29 53.97 25.27
CA ASN O 108 -45.50 55.07 24.32
C ASN O 108 -44.61 54.92 23.08
N ILE O 109 -44.71 53.76 22.43
CA ILE O 109 -43.89 53.44 21.27
C ILE O 109 -44.57 53.93 20.00
N ALA O 110 -43.83 54.65 19.17
CA ALA O 110 -44.27 55.07 17.85
C ALA O 110 -43.30 54.52 16.80
N PHE O 111 -43.83 53.74 15.85
CA PHE O 111 -43.00 53.12 14.84
C PHE O 111 -42.59 54.13 13.77
N ASP O 112 -41.43 53.90 13.16
CA ASP O 112 -40.84 54.85 12.23
C ASP O 112 -41.29 54.66 10.79
N ASP O 113 -41.80 53.48 10.44
CA ASP O 113 -42.16 53.18 9.05
C ASP O 113 -43.09 51.98 9.00
N LEU O 114 -43.45 51.57 7.78
CA LEU O 114 -44.19 50.35 7.54
C LEU O 114 -43.71 49.72 6.25
N THR O 115 -43.31 48.45 6.32
CA THR O 115 -42.87 47.70 5.14
C THR O 115 -44.07 46.99 4.52
N LEU O 116 -44.48 47.44 3.34
CA LEU O 116 -45.53 46.75 2.60
C LEU O 116 -45.03 45.46 1.95
N ALA O 117 -43.87 45.50 1.30
CA ALA O 117 -43.31 44.32 0.66
C ALA O 117 -41.80 44.43 0.59
N ASP O 118 -41.11 43.32 0.84
CA ASP O 118 -39.67 43.23 0.63
C ASP O 118 -39.31 41.77 0.37
N TRP O 119 -39.29 41.37 -0.91
CA TRP O 119 -38.93 39.99 -1.22
C TRP O 119 -37.96 39.95 -2.39
N GLU O 120 -37.14 38.89 -2.39
CA GLU O 120 -36.13 38.63 -3.40
C GLU O 120 -36.03 37.13 -3.63
N VAL O 121 -35.91 36.73 -4.90
CA VAL O 121 -35.85 35.31 -5.22
C VAL O 121 -34.62 34.70 -4.57
N GLY O 122 -34.79 33.55 -3.93
CA GLY O 122 -33.72 32.87 -3.22
C GLY O 122 -33.36 33.40 -1.85
N VAL O 123 -34.14 34.33 -1.29
CA VAL O 123 -33.85 34.94 0.00
C VAL O 123 -35.05 34.75 0.93
N LYS O 124 -34.79 34.34 2.17
CA LYS O 124 -35.84 34.21 3.17
C LYS O 124 -36.26 35.59 3.68
N GLY O 125 -37.53 35.72 4.04
CA GLY O 125 -38.10 37.02 4.39
C GLY O 125 -37.86 37.42 5.84
N GLU O 126 -37.54 38.69 6.04
CA GLU O 126 -37.36 39.30 7.35
C GLU O 126 -37.89 40.72 7.32
N ILE O 127 -38.28 41.23 8.48
CA ILE O 127 -38.82 42.58 8.62
C ILE O 127 -38.06 43.32 9.71
N GLU O 128 -37.64 44.55 9.41
CA GLU O 128 -36.96 45.41 10.37
C GLU O 128 -37.80 46.65 10.62
N ALA O 129 -38.16 46.90 11.87
CA ALA O 129 -39.10 47.96 12.24
C ALA O 129 -38.53 48.86 13.34
N PRO O 130 -37.91 49.98 12.99
CA PRO O 130 -37.44 50.93 14.00
C PRO O 130 -38.61 51.66 14.67
N PHE O 131 -38.33 52.21 15.85
CA PHE O 131 -39.35 52.94 16.62
C PHE O 131 -38.68 53.93 17.58
N THR O 132 -39.51 54.79 18.18
CA THR O 132 -39.12 55.68 19.27
C THR O 132 -40.09 55.52 20.44
N PHE O 133 -39.68 56.00 21.62
CA PHE O 133 -40.46 55.83 22.84
C PHE O 133 -40.02 56.89 23.86
N THR O 134 -40.83 57.03 24.93
CA THR O 134 -40.55 58.05 25.94
C THR O 134 -40.50 57.53 27.38
N GLU O 135 -41.18 56.43 27.70
CA GLU O 135 -41.23 55.94 29.08
C GLU O 135 -40.76 54.49 29.17
N TYR O 136 -40.47 54.07 30.41
CA TYR O 136 -40.10 52.69 30.71
C TYR O 136 -40.35 52.40 32.18
N ASP O 137 -40.52 51.11 32.50
CA ASP O 137 -40.63 50.63 33.87
C ASP O 137 -39.79 49.36 34.04
N PHE O 138 -39.23 49.22 35.24
CA PHE O 138 -38.39 48.09 35.60
C PHE O 138 -39.25 47.03 36.28
N LEU O 139 -39.15 45.78 35.81
CA LEU O 139 -39.75 44.64 36.50
C LEU O 139 -38.72 43.51 36.52
N ASP O 140 -38.27 43.09 37.70
CA ASP O 140 -37.26 42.03 37.79
C ASP O 140 -35.96 42.43 37.10
N ILE O 141 -35.23 43.33 37.73
CA ILE O 141 -33.84 43.55 37.38
C ILE O 141 -32.93 42.64 38.19
N ILE O 142 -31.69 42.49 37.73
CA ILE O 142 -30.73 41.62 38.40
C ILE O 142 -29.80 42.45 39.30
N ILE P 3 -64.21 -13.21 25.01
CA ILE P 3 -63.01 -12.39 25.19
C ILE P 3 -63.42 -10.94 25.38
N GLY P 4 -64.68 -10.62 25.04
CA GLY P 4 -65.22 -9.30 25.22
C GLY P 4 -64.93 -8.36 24.06
N LEU P 5 -65.40 -7.13 24.21
CA LEU P 5 -65.13 -6.07 23.25
C LEU P 5 -63.71 -5.55 23.40
N PRO P 6 -63.15 -4.95 22.36
CA PRO P 6 -61.83 -4.31 22.50
C PRO P 6 -61.88 -3.20 23.54
N SER P 7 -60.79 -3.09 24.30
CA SER P 7 -60.73 -2.16 25.43
C SER P 7 -59.65 -1.12 25.17
N ILE P 8 -60.05 0.14 25.11
CA ILE P 8 -59.12 1.27 25.11
C ILE P 8 -59.44 2.07 26.37
N ASN P 9 -58.74 1.76 27.45
CA ASN P 9 -59.03 2.32 28.76
C ASN P 9 -57.97 3.37 29.10
N ILE P 10 -58.35 4.64 29.00
CA ILE P 10 -57.48 5.76 29.30
C ILE P 10 -58.01 6.44 30.56
N SER P 11 -57.23 6.40 31.63
CA SER P 11 -57.66 6.90 32.93
C SER P 11 -56.71 7.97 33.45
N PHE P 12 -57.20 8.77 34.39
CA PHE P 12 -56.46 9.88 34.97
C PHE P 12 -56.42 9.77 36.49
N LYS P 13 -55.31 10.22 37.08
CA LYS P 13 -55.08 10.15 38.52
C LYS P 13 -53.94 11.09 38.87
N GLU P 14 -53.76 11.36 40.17
CA GLU P 14 -52.65 12.19 40.59
C GLU P 14 -51.41 11.34 40.91
N LEU P 15 -50.32 12.03 41.23
CA LEU P 15 -49.03 11.37 41.38
C LEU P 15 -49.03 10.39 42.55
N ALA P 16 -48.30 9.29 42.38
CA ALA P 16 -48.15 8.28 43.40
C ALA P 16 -46.74 8.32 43.97
N THR P 17 -46.64 8.00 45.26
CA THR P 17 -45.36 8.04 45.93
C THR P 17 -44.43 6.94 45.42
N THR P 18 -43.17 7.30 45.24
CA THR P 18 -42.14 6.41 44.71
C THR P 18 -41.74 5.38 45.76
N VAL P 19 -41.34 4.19 45.31
CA VAL P 19 -40.84 3.16 46.19
C VAL P 19 -39.33 2.99 46.00
N LYS P 20 -38.63 2.80 47.11
CA LYS P 20 -37.19 2.56 47.06
C LYS P 20 -36.89 1.22 46.40
N GLU P 21 -35.75 1.16 45.72
CA GLU P 21 -35.40 0.02 44.89
C GLU P 21 -35.03 -1.21 45.72
N ARG P 22 -35.25 -2.38 45.15
CA ARG P 22 -34.96 -3.64 45.81
C ARG P 22 -33.50 -4.05 45.66
N SER P 23 -32.96 -4.66 46.71
CA SER P 23 -31.60 -5.20 46.71
C SER P 23 -31.64 -6.67 46.31
N ALA P 24 -30.67 -7.08 45.49
CA ALA P 24 -30.55 -8.49 45.16
C ALA P 24 -30.02 -9.30 46.33
N ARG P 25 -29.41 -8.63 47.30
CA ARG P 25 -28.78 -9.27 48.45
C ARG P 25 -29.56 -8.97 49.72
N GLY P 26 -29.40 -9.84 50.72
CA GLY P 26 -29.88 -9.56 52.05
C GLY P 26 -31.22 -10.17 52.37
N ILE P 27 -31.22 -11.28 53.12
CA ILE P 27 -32.44 -11.99 53.48
C ILE P 27 -32.57 -11.96 54.99
N ILE P 28 -33.72 -11.50 55.47
CA ILE P 28 -33.95 -11.32 56.90
C ILE P 28 -35.05 -12.28 57.35
N ALA P 29 -34.79 -12.99 58.45
CA ALA P 29 -35.79 -13.81 59.11
C ALA P 29 -36.10 -13.19 60.46
N MET P 30 -37.39 -12.98 60.75
CA MET P 30 -37.81 -12.38 62.00
C MET P 30 -38.90 -13.23 62.64
N VAL P 31 -38.72 -13.50 63.93
CA VAL P 31 -39.64 -14.34 64.70
C VAL P 31 -40.56 -13.42 65.51
N LEU P 32 -41.86 -13.56 65.30
CA LEU P 32 -42.86 -12.82 66.04
C LEU P 32 -43.84 -13.77 66.71
N LYS P 33 -44.57 -13.27 67.69
CA LYS P 33 -45.59 -14.04 68.40
C LYS P 33 -46.95 -13.41 68.13
N ASP P 34 -47.90 -14.23 67.69
CA ASP P 34 -49.31 -13.86 67.66
C ASP P 34 -50.15 -15.13 67.72
N ALA P 35 -51.34 -15.02 68.28
CA ALA P 35 -52.22 -16.18 68.41
C ALA P 35 -52.79 -16.63 67.08
N LYS P 36 -52.62 -15.86 66.01
CA LYS P 36 -53.35 -16.08 64.77
C LYS P 36 -52.41 -15.98 63.58
N ALA P 37 -52.71 -16.78 62.55
CA ALA P 37 -51.94 -16.82 61.30
C ALA P 37 -50.50 -17.31 61.52
N LEU P 38 -50.38 -18.48 62.13
CA LEU P 38 -49.08 -19.08 62.39
C LEU P 38 -48.46 -19.62 61.10
N GLY P 39 -47.22 -20.09 61.21
CA GLY P 39 -46.51 -20.70 60.11
C GLY P 39 -45.38 -19.81 59.64
N LEU P 40 -45.02 -19.97 58.37
CA LEU P 40 -44.03 -19.14 57.71
C LEU P 40 -44.71 -18.27 56.66
N ASN P 41 -44.44 -16.96 56.70
CA ASN P 41 -44.96 -16.01 55.74
C ASN P 41 -43.80 -15.31 55.05
N GLU P 42 -43.84 -15.26 53.73
CA GLU P 42 -42.82 -14.61 52.93
C GLU P 42 -43.34 -13.25 52.48
N ILE P 43 -42.62 -12.19 52.81
CA ILE P 43 -43.04 -10.82 52.54
C ILE P 43 -42.06 -10.21 51.54
N HIS P 44 -42.59 -9.59 50.48
CA HIS P 44 -41.76 -8.95 49.48
C HIS P 44 -41.90 -7.43 49.49
N GLU P 45 -43.13 -6.93 49.56
CA GLU P 45 -43.42 -5.50 49.56
C GLU P 45 -44.16 -5.12 50.84
N LYS P 46 -44.13 -3.81 51.14
CA LYS P 46 -44.64 -3.34 52.42
C LYS P 46 -46.14 -3.56 52.56
N GLU P 47 -46.88 -3.50 51.46
CA GLU P 47 -48.32 -3.62 51.54
C GLU P 47 -48.74 -5.06 51.82
N ASP P 48 -47.98 -6.04 51.33
CA ASP P 48 -48.34 -7.45 51.47
C ASP P 48 -48.01 -7.90 52.90
N ILE P 49 -48.93 -7.64 53.82
CA ILE P 49 -48.81 -8.10 55.20
C ILE P 49 -50.12 -8.71 55.63
N PRO P 50 -50.14 -9.96 56.10
CA PRO P 50 -51.40 -10.60 56.46
C PRO P 50 -52.12 -9.82 57.56
N VAL P 51 -53.41 -9.53 57.31
CA VAL P 51 -54.19 -8.70 58.22
C VAL P 51 -54.49 -9.39 59.54
N ASP P 52 -54.15 -10.67 59.67
CA ASP P 52 -54.46 -11.40 60.90
C ASP P 52 -53.55 -10.99 62.05
N LEU P 53 -52.34 -10.53 61.76
CA LEU P 53 -51.43 -10.09 62.80
C LEU P 53 -51.96 -8.85 63.48
N SER P 54 -51.60 -8.68 64.75
CA SER P 54 -51.95 -7.48 65.48
C SER P 54 -51.18 -6.27 64.92
N ALA P 55 -51.65 -5.08 65.30
CA ALA P 55 -51.07 -3.84 64.76
C ALA P 55 -49.60 -3.70 65.12
N GLU P 56 -49.22 -4.13 66.33
CA GLU P 56 -47.84 -4.01 66.78
C GLU P 56 -46.90 -4.81 65.88
N ASN P 57 -47.31 -6.02 65.51
CA ASN P 57 -46.51 -6.84 64.60
C ASN P 57 -46.44 -6.20 63.22
N LYS P 58 -47.51 -5.52 62.80
CA LYS P 58 -47.48 -4.79 61.54
C LYS P 58 -46.43 -3.69 61.58
N GLU P 59 -46.33 -2.97 62.70
CA GLU P 59 -45.30 -1.94 62.81
C GLU P 59 -43.90 -2.55 62.83
N TYR P 60 -43.73 -3.71 63.47
CA TYR P 60 -42.42 -4.35 63.46
C TYR P 60 -41.99 -4.73 62.05
N ILE P 61 -42.91 -5.31 61.27
CA ILE P 61 -42.60 -5.68 59.89
C ILE P 61 -42.27 -4.43 59.08
N ASN P 62 -43.05 -3.36 59.28
CA ASN P 62 -42.80 -2.12 58.55
C ASN P 62 -41.44 -1.53 58.92
N LEU P 63 -41.02 -1.68 60.18
CA LEU P 63 -39.67 -1.26 60.56
C LEU P 63 -38.62 -2.05 59.81
N ALA P 64 -38.77 -3.37 59.75
CA ALA P 64 -37.75 -4.17 59.07
C ALA P 64 -37.73 -3.91 57.57
N LEU P 65 -38.84 -3.42 57.01
CA LEU P 65 -38.90 -3.20 55.57
C LEU P 65 -38.00 -2.05 55.13
N MET P 66 -37.87 -1.00 55.93
CA MET P 66 -37.02 0.11 55.54
C MET P 66 -35.56 -0.31 55.49
N GLY P 67 -34.91 -0.04 54.37
CA GLY P 67 -33.50 -0.36 54.19
C GLY P 67 -32.68 0.91 54.19
N ASN P 68 -31.36 0.75 54.05
CA ASN P 68 -30.48 1.90 53.99
C ASN P 68 -30.52 2.53 52.60
N VAL P 69 -29.99 1.84 51.60
CA VAL P 69 -29.89 2.37 50.24
C VAL P 69 -30.89 1.62 49.38
N ASN P 70 -31.19 0.38 49.76
CA ASN P 70 -32.17 -0.44 49.09
C ASN P 70 -32.97 -1.18 50.15
N THR P 71 -34.17 -1.61 49.79
CA THR P 71 -34.94 -2.46 50.70
C THR P 71 -34.34 -3.86 50.73
N PRO P 72 -34.44 -4.57 51.86
CA PRO P 72 -33.90 -5.93 51.93
C PRO P 72 -34.58 -6.86 50.94
N ASN P 73 -33.79 -7.84 50.45
CA ASN P 73 -34.25 -8.69 49.36
C ASN P 73 -35.50 -9.48 49.73
N LYS P 74 -35.57 -9.98 50.96
CA LYS P 74 -36.70 -10.83 51.33
C LYS P 74 -36.80 -10.92 52.85
N LEU P 75 -38.04 -10.93 53.35
CA LEU P 75 -38.33 -11.14 54.75
C LEU P 75 -39.04 -12.48 54.91
N LEU P 76 -38.57 -13.29 55.85
CA LEU P 76 -39.22 -14.54 56.23
C LEU P 76 -39.74 -14.39 57.64
N VAL P 77 -41.05 -14.54 57.81
CA VAL P 77 -41.72 -14.32 59.09
C VAL P 77 -42.23 -15.65 59.61
N TYR P 78 -41.78 -16.05 60.80
CA TYR P 78 -42.29 -17.22 61.49
C TYR P 78 -43.08 -16.78 62.71
N VAL P 79 -44.29 -17.32 62.88
CA VAL P 79 -45.21 -16.91 63.94
C VAL P 79 -45.40 -18.08 64.89
N ILE P 80 -45.35 -17.79 66.19
CA ILE P 80 -45.64 -18.78 67.24
C ILE P 80 -46.68 -18.17 68.17
N GLU P 81 -47.62 -19.01 68.64
CA GLU P 81 -48.67 -18.52 69.53
C GLU P 81 -48.11 -18.03 70.87
N GLY P 82 -47.29 -18.85 71.51
CA GLY P 82 -46.80 -18.55 72.84
C GLY P 82 -46.91 -19.74 73.76
N GLU P 83 -46.46 -19.53 75.01
CA GLU P 83 -46.40 -20.59 76.01
C GLU P 83 -45.61 -21.78 75.49
N ALA P 84 -44.53 -21.50 74.78
CA ALA P 84 -43.70 -22.53 74.15
C ALA P 84 -42.28 -21.99 74.00
N ASP P 85 -41.35 -22.93 73.82
CA ASP P 85 -39.95 -22.57 73.68
C ASP P 85 -39.70 -21.92 72.31
N ILE P 86 -38.74 -21.00 72.26
CA ILE P 86 -38.28 -20.45 70.99
C ILE P 86 -37.53 -21.51 70.19
N GLN P 87 -37.09 -22.59 70.86
CA GLN P 87 -36.42 -23.68 70.19
C GLN P 87 -37.29 -24.25 69.07
N THR P 88 -38.60 -24.18 69.22
CA THR P 88 -39.49 -24.69 68.18
C THR P 88 -39.34 -23.91 66.88
N ALA P 89 -39.16 -22.59 66.96
CA ALA P 89 -38.93 -21.81 65.75
C ALA P 89 -37.49 -21.96 65.26
N LEU P 90 -36.53 -22.10 66.18
CA LEU P 90 -35.14 -22.26 65.76
C LEU P 90 -34.93 -23.57 65.01
N ASP P 91 -35.55 -24.65 65.46
CA ASP P 91 -35.44 -25.94 64.77
C ASP P 91 -35.98 -25.85 63.35
N PHE P 92 -37.09 -25.15 63.16
CA PHE P 92 -37.62 -24.97 61.81
C PHE P 92 -36.71 -24.09 60.97
N LEU P 93 -36.16 -23.02 61.56
CA LEU P 93 -35.28 -22.13 60.80
C LEU P 93 -33.96 -22.80 60.44
N GLU P 94 -33.59 -23.89 61.11
CA GLU P 94 -32.37 -24.60 60.72
C GLU P 94 -32.43 -25.06 59.26
N THR P 95 -33.62 -25.14 58.68
CA THR P 95 -33.75 -25.63 57.31
C THR P 95 -33.75 -24.51 56.29
N LYS P 96 -34.17 -23.31 56.67
CA LYS P 96 -34.31 -22.22 55.70
C LYS P 96 -32.98 -21.51 55.48
N GLU P 97 -32.92 -20.69 54.44
CA GLU P 97 -31.74 -19.93 54.06
C GLU P 97 -31.97 -18.45 54.29
N PHE P 98 -31.13 -17.84 55.11
CA PHE P 98 -31.27 -16.43 55.47
C PHE P 98 -29.90 -15.90 55.91
N ASN P 99 -29.82 -14.57 56.05
CA ASN P 99 -28.60 -13.90 56.46
C ASN P 99 -28.65 -13.34 57.87
N TYR P 100 -29.75 -12.71 58.27
CA TYR P 100 -29.87 -12.09 59.58
C TYR P 100 -31.14 -12.57 60.27
N LEU P 101 -31.09 -12.64 61.61
CA LEU P 101 -32.20 -13.09 62.43
C LEU P 101 -32.46 -12.09 63.55
N CYS P 102 -33.71 -11.67 63.70
CA CYS P 102 -34.09 -10.75 64.75
C CYS P 102 -35.46 -11.16 65.30
N MET P 103 -35.76 -10.74 66.51
CA MET P 103 -37.06 -11.01 67.12
C MET P 103 -37.38 -9.91 68.12
N PRO P 104 -38.31 -9.00 67.79
CA PRO P 104 -38.50 -7.79 68.61
C PRO P 104 -38.87 -8.07 70.07
N LYS P 105 -39.67 -9.10 70.34
CA LYS P 105 -40.06 -9.47 71.70
C LYS P 105 -39.18 -10.62 72.17
N ALA P 106 -38.43 -10.40 73.26
CA ALA P 106 -37.54 -11.42 73.80
C ALA P 106 -37.27 -11.16 75.29
N VAL P 107 -36.75 -12.19 75.96
CA VAL P 107 -36.30 -12.10 77.34
C VAL P 107 -34.92 -12.74 77.47
N GLU P 108 -34.33 -12.60 78.66
CA GLU P 108 -32.92 -12.92 78.83
C GLU P 108 -32.61 -14.36 78.44
N ALA P 109 -33.46 -15.31 78.88
CA ALA P 109 -33.27 -16.71 78.52
C ALA P 109 -33.50 -16.93 77.02
N ASP P 110 -34.44 -16.19 76.44
CA ASP P 110 -34.69 -16.29 75.01
C ASP P 110 -33.51 -15.78 74.20
N LYS P 111 -32.90 -14.67 74.64
CA LYS P 111 -31.68 -14.19 74.00
C LYS P 111 -30.55 -15.20 74.17
N THR P 112 -30.49 -15.86 75.34
CA THR P 112 -29.51 -16.91 75.54
C THR P 112 -29.70 -18.04 74.53
N ALA P 113 -30.95 -18.42 74.28
CA ALA P 113 -31.23 -19.47 73.30
C ALA P 113 -30.77 -19.05 71.91
N ILE P 114 -31.10 -17.83 71.49
CA ILE P 114 -30.72 -17.39 70.14
C ILE P 114 -29.20 -17.31 70.02
N LYS P 115 -28.52 -16.78 71.05
CA LYS P 115 -27.07 -16.65 71.04
C LYS P 115 -26.40 -18.01 70.91
N ASN P 116 -26.81 -18.96 71.75
CA ASN P 116 -26.24 -20.30 71.67
C ASN P 116 -26.54 -20.96 70.34
N TRP P 117 -27.74 -20.75 69.81
CA TRP P 117 -28.14 -21.39 68.55
C TRP P 117 -27.29 -20.89 67.39
N ILE P 118 -27.07 -19.58 67.32
CA ILE P 118 -26.27 -19.04 66.21
C ILE P 118 -24.81 -19.42 66.35
N ILE P 119 -24.28 -19.40 67.57
CA ILE P 119 -22.90 -19.86 67.76
C ILE P 119 -22.77 -21.31 67.34
N LYS P 120 -23.77 -22.14 67.67
CA LYS P 120 -23.78 -23.53 67.24
C LYS P 120 -23.78 -23.64 65.72
N LEU P 121 -24.69 -22.94 65.05
CA LEU P 121 -24.74 -23.01 63.59
C LEU P 121 -23.39 -22.66 62.99
N ARG P 122 -22.84 -21.51 63.38
CA ARG P 122 -21.60 -21.02 62.78
C ARG P 122 -20.42 -21.96 63.06
N ASP P 123 -20.29 -22.45 64.28
CA ASP P 123 -19.06 -23.15 64.63
C ASP P 123 -19.14 -24.64 64.33
N ILE P 124 -20.32 -25.25 64.48
CA ILE P 124 -20.48 -26.69 64.32
C ILE P 124 -21.14 -27.05 62.99
N ASP P 125 -22.23 -26.35 62.62
CA ASP P 125 -22.94 -26.74 61.41
C ASP P 125 -22.39 -26.07 60.16
N LYS P 126 -21.41 -25.18 60.30
CA LYS P 126 -20.73 -24.52 59.18
C LYS P 126 -21.71 -23.79 58.28
N VAL P 127 -22.62 -23.02 58.88
CA VAL P 127 -23.50 -22.11 58.15
C VAL P 127 -23.37 -20.73 58.77
N LYS P 128 -22.96 -19.75 57.95
CA LYS P 128 -22.64 -18.41 58.41
C LYS P 128 -23.93 -17.60 58.49
N VAL P 129 -24.43 -17.40 59.71
CA VAL P 129 -25.61 -16.57 59.95
C VAL P 129 -25.31 -15.62 61.09
N LYS P 130 -26.10 -14.56 61.20
CA LYS P 130 -25.91 -13.53 62.20
C LYS P 130 -27.25 -13.14 62.82
N ALA P 131 -27.19 -12.66 64.07
CA ALA P 131 -28.37 -12.16 64.78
C ALA P 131 -28.08 -10.77 65.33
N VAL P 132 -29.11 -9.93 65.33
CA VAL P 132 -29.07 -8.61 65.97
C VAL P 132 -29.92 -8.69 67.23
N LEU P 133 -29.28 -8.57 68.40
CA LEU P 133 -29.93 -8.74 69.68
C LEU P 133 -29.78 -7.46 70.51
N GLY P 134 -30.71 -7.26 71.44
CA GLY P 134 -30.77 -6.04 72.22
C GLY P 134 -29.65 -5.87 73.23
N LYS P 135 -29.62 -6.70 74.27
CA LYS P 135 -28.62 -6.61 75.33
C LYS P 135 -28.00 -7.98 75.50
N VAL P 136 -26.99 -8.29 74.67
CA VAL P 136 -26.29 -9.56 74.74
C VAL P 136 -24.80 -9.29 74.63
N VAL P 137 -24.02 -9.92 75.51
CA VAL P 137 -22.59 -9.69 75.60
C VAL P 137 -21.80 -10.79 74.88
N GLY P 138 -22.37 -11.37 73.84
CA GLY P 138 -21.66 -12.42 73.11
C GLY P 138 -20.27 -11.97 72.69
N ASN P 139 -19.31 -12.87 72.84
CA ASN P 139 -17.95 -12.66 72.38
C ASN P 139 -17.73 -13.13 70.95
N HIS P 140 -18.77 -13.13 70.13
CA HIS P 140 -18.70 -13.71 68.79
C HIS P 140 -18.91 -12.65 67.72
N GLU P 141 -18.33 -12.90 66.54
CA GLU P 141 -18.57 -12.05 65.38
C GLU P 141 -19.94 -12.29 64.77
N GLY P 142 -20.61 -13.39 65.14
CA GLY P 142 -21.96 -13.64 64.68
C GLY P 142 -23.05 -12.93 65.45
N ILE P 143 -22.71 -12.18 66.50
CA ILE P 143 -23.68 -11.49 67.32
C ILE P 143 -23.42 -9.99 67.24
N ILE P 144 -24.44 -9.23 66.86
CA ILE P 144 -24.39 -7.77 66.78
C ILE P 144 -25.23 -7.20 67.92
N ASN P 145 -24.57 -6.50 68.85
CA ASN P 145 -25.18 -6.02 70.08
C ASN P 145 -25.61 -4.56 69.91
N PHE P 146 -26.91 -4.35 69.73
CA PHE P 146 -27.49 -3.00 69.57
C PHE P 146 -28.06 -2.56 70.91
N THR P 147 -27.39 -1.61 71.56
CA THR P 147 -27.74 -1.18 72.91
C THR P 147 -28.06 0.31 72.91
N THR P 148 -29.31 0.65 72.60
CA THR P 148 -29.79 2.02 72.70
C THR P 148 -31.21 2.00 73.25
N GLU P 149 -31.44 2.79 74.29
CA GLU P 149 -32.68 2.76 75.06
C GLU P 149 -33.69 3.77 74.50
N ASP P 150 -34.96 3.38 74.47
CA ASP P 150 -36.09 4.29 74.30
C ASP P 150 -35.93 5.16 73.04
N VAL P 151 -35.94 4.49 71.89
CA VAL P 151 -35.82 5.18 70.60
C VAL P 151 -37.19 5.74 70.23
N LEU P 152 -37.23 7.04 69.93
CA LEU P 152 -38.48 7.76 69.71
C LEU P 152 -38.65 8.03 68.22
N VAL P 153 -39.70 7.44 67.65
CA VAL P 153 -40.05 7.65 66.24
C VAL P 153 -41.49 8.12 66.19
N GLY P 154 -41.69 9.35 65.70
CA GLY P 154 -43.03 9.89 65.53
C GLY P 154 -43.83 9.92 66.81
N GLU P 155 -43.21 10.39 67.88
CA GLU P 155 -43.84 10.42 69.20
C GLU P 155 -44.31 9.03 69.62
N LYS P 156 -43.35 8.09 69.67
CA LYS P 156 -43.60 6.75 70.16
C LYS P 156 -42.42 6.31 71.02
N LYS P 157 -42.62 5.19 71.73
CA LYS P 157 -41.61 4.62 72.60
C LYS P 157 -41.22 3.25 72.08
N TYR P 158 -39.98 3.11 71.63
CA TYR P 158 -39.42 1.83 71.21
C TYR P 158 -38.36 1.41 72.22
N SER P 159 -38.49 0.21 72.77
CA SER P 159 -37.42 -0.31 73.62
C SER P 159 -36.26 -0.79 72.75
N VAL P 160 -35.18 -1.20 73.42
CA VAL P 160 -33.97 -1.61 72.71
C VAL P 160 -34.21 -2.90 71.92
N ASP P 161 -34.95 -3.84 72.51
CA ASP P 161 -35.12 -5.16 71.88
C ASP P 161 -36.00 -5.09 70.64
N GLU P 162 -36.95 -4.15 70.60
CA GLU P 162 -37.93 -4.07 69.52
C GLU P 162 -37.52 -3.15 68.38
N PHE P 163 -36.42 -2.43 68.50
CA PHE P 163 -35.93 -1.60 67.41
C PHE P 163 -34.93 -2.34 66.52
N THR P 164 -34.61 -3.60 66.85
CA THR P 164 -33.60 -4.32 66.08
C THR P 164 -34.10 -4.72 64.69
N SER P 165 -35.42 -4.67 64.46
CA SER P 165 -35.93 -4.91 63.12
C SER P 165 -35.47 -3.81 62.16
N ARG P 166 -35.53 -2.56 62.62
CA ARG P 166 -35.02 -1.45 61.81
C ARG P 166 -33.53 -1.59 61.54
N VAL P 167 -32.76 -1.98 62.56
CA VAL P 167 -31.32 -2.14 62.40
C VAL P 167 -31.01 -3.25 61.42
N ALA P 168 -31.73 -4.37 61.50
CA ALA P 168 -31.51 -5.50 60.61
C ALA P 168 -31.84 -5.12 59.16
N GLY P 169 -32.96 -4.42 58.95
CA GLY P 169 -33.25 -3.92 57.62
C GLY P 169 -32.19 -2.98 57.09
N LEU P 170 -31.70 -2.09 57.97
CA LEU P 170 -30.64 -1.16 57.61
C LEU P 170 -29.40 -1.91 57.12
N ILE P 171 -28.94 -2.89 57.90
CA ILE P 171 -27.73 -3.62 57.54
C ILE P 171 -27.95 -4.41 56.25
N ALA P 172 -29.10 -5.07 56.11
CA ALA P 172 -29.34 -5.86 54.90
C ALA P 172 -29.48 -4.98 53.67
N GLY P 173 -29.85 -3.71 53.84
CA GLY P 173 -30.05 -2.83 52.70
C GLY P 173 -28.80 -2.13 52.21
N THR P 174 -27.64 -2.47 52.74
CA THR P 174 -26.42 -1.72 52.42
C THR P 174 -25.58 -2.46 51.39
N PRO P 175 -25.15 -1.81 50.31
CA PRO P 175 -24.28 -2.48 49.34
C PRO P 175 -22.96 -2.90 49.95
N LEU P 176 -22.39 -3.97 49.38
CA LEU P 176 -21.21 -4.61 49.96
C LEU P 176 -19.99 -3.70 49.93
N SER P 177 -19.93 -2.78 48.97
CA SER P 177 -18.78 -1.87 48.88
C SER P 177 -18.79 -0.82 49.98
N GLN P 178 -19.88 -0.66 50.72
CA GLN P 178 -19.99 0.38 51.73
C GLN P 178 -20.12 -0.20 53.12
N SER P 179 -20.11 0.69 54.10
CA SER P 179 -20.21 0.35 55.51
C SER P 179 -21.35 1.16 56.12
N VAL P 180 -21.87 0.67 57.25
CA VAL P 180 -22.99 1.35 57.91
C VAL P 180 -22.53 2.45 58.86
N THR P 181 -21.23 2.66 59.02
CA THR P 181 -20.72 3.72 59.88
C THR P 181 -21.22 5.08 59.40
N TYR P 182 -21.82 5.84 60.33
CA TYR P 182 -22.34 7.20 60.10
C TYR P 182 -23.54 7.22 59.14
N THR P 183 -24.25 6.10 59.00
CA THR P 183 -25.51 6.10 58.25
C THR P 183 -26.61 6.71 59.11
N LYS P 184 -27.34 7.68 58.55
CA LYS P 184 -28.32 8.44 59.31
C LYS P 184 -29.73 7.91 59.09
N LEU P 185 -30.51 7.91 60.17
CA LEU P 185 -31.89 7.44 60.17
C LEU P 185 -32.81 8.64 60.27
N SER P 186 -33.40 9.03 59.14
CA SER P 186 -34.24 10.23 59.07
C SER P 186 -35.48 10.11 59.94
N ASP P 187 -36.02 8.91 60.11
CA ASP P 187 -37.28 8.75 60.83
C ASP P 187 -37.10 8.89 62.33
N VAL P 188 -35.88 8.68 62.84
CA VAL P 188 -35.63 8.83 64.27
C VAL P 188 -35.59 10.32 64.63
N VAL P 189 -36.21 10.66 65.76
CA VAL P 189 -36.35 12.04 66.21
C VAL P 189 -35.55 12.31 67.47
N ASP P 190 -35.68 11.44 68.48
CA ASP P 190 -35.07 11.69 69.77
C ASP P 190 -34.45 10.42 70.32
N ILE P 191 -33.33 10.60 71.01
CA ILE P 191 -32.69 9.54 71.81
C ILE P 191 -32.21 10.14 73.12
N PRO P 192 -32.06 9.31 74.15
CA PRO P 192 -31.64 9.81 75.46
C PRO P 192 -30.29 10.50 75.41
N LYS P 193 -30.12 11.48 76.31
CA LYS P 193 -28.89 12.28 76.34
C LYS P 193 -27.68 11.38 76.55
N MET P 194 -26.63 11.64 75.77
CA MET P 194 -25.46 10.78 75.75
C MET P 194 -24.22 11.62 75.53
N THR P 195 -23.19 11.37 76.34
CA THR P 195 -21.93 12.08 76.21
C THR P 195 -20.96 11.29 75.32
N LYS P 196 -19.96 11.99 74.81
CA LYS P 196 -19.04 11.37 73.86
C LYS P 196 -18.13 10.34 74.53
N VAL P 197 -17.77 10.58 75.80
CA VAL P 197 -16.93 9.63 76.52
C VAL P 197 -17.66 8.30 76.72
N ASP P 198 -18.94 8.37 77.06
CA ASP P 198 -19.73 7.15 77.23
C ASP P 198 -19.87 6.40 75.91
N ALA P 199 -20.10 7.13 74.80
CA ALA P 199 -20.20 6.48 73.50
C ALA P 199 -18.88 5.81 73.13
N GLU P 200 -17.76 6.48 73.40
CA GLU P 200 -16.45 5.87 73.18
C GLU P 200 -16.33 4.57 73.96
N SER P 201 -16.70 4.60 75.24
CA SER P 201 -16.56 3.40 76.07
C SER P 201 -17.43 2.25 75.53
N ARG P 202 -18.67 2.55 75.14
CA ARG P 202 -19.54 1.49 74.64
C ARG P 202 -19.02 0.93 73.32
N VAL P 203 -18.56 1.78 72.41
CA VAL P 203 -18.00 1.28 71.15
C VAL P 203 -16.79 0.40 71.44
N ASN P 204 -15.95 0.82 72.41
CA ASN P 204 -14.82 -0.02 72.80
C ASN P 204 -15.28 -1.36 73.33
N LYS P 205 -16.43 -1.41 73.99
CA LYS P 205 -16.92 -2.68 74.54
C LYS P 205 -17.64 -3.55 73.50
N GLY P 206 -17.83 -3.06 72.29
CA GLY P 206 -18.41 -3.86 71.23
C GLY P 206 -19.88 -3.63 70.93
N GLU P 207 -20.40 -2.43 71.16
CA GLU P 207 -21.82 -2.17 71.01
C GLU P 207 -22.09 -1.33 69.77
N LEU P 208 -23.21 -1.63 69.10
CA LEU P 208 -23.70 -0.85 67.97
C LEU P 208 -24.74 0.13 68.50
N ILE P 209 -24.44 1.43 68.40
CA ILE P 209 -25.23 2.46 69.07
C ILE P 209 -25.57 3.58 68.11
N LEU P 210 -26.57 4.36 68.48
CA LEU P 210 -26.88 5.61 67.79
C LEU P 210 -26.22 6.77 68.52
N ILE P 211 -25.84 7.80 67.76
CA ILE P 211 -25.33 9.04 68.33
C ILE P 211 -25.98 10.22 67.62
N LYS P 212 -25.98 11.35 68.30
CA LYS P 212 -26.43 12.61 67.72
C LYS P 212 -25.20 13.40 67.31
N GLU P 213 -25.06 13.65 66.01
CA GLU P 213 -23.90 14.33 65.44
C GLU P 213 -24.39 15.52 64.63
N ALA P 214 -23.47 16.10 63.86
CA ALA P 214 -23.82 17.24 63.03
C ALA P 214 -24.88 16.84 62.02
N GLY P 215 -26.09 17.36 62.21
CA GLY P 215 -27.22 16.96 61.40
C GLY P 215 -28.23 16.14 62.18
N ALA P 216 -28.52 14.96 61.65
CA ALA P 216 -29.53 14.09 62.24
C ALA P 216 -28.89 13.06 63.18
N ILE P 217 -29.69 12.05 63.51
CA ILE P 217 -29.20 10.89 64.25
C ILE P 217 -28.55 9.91 63.28
N ARG P 218 -27.47 9.27 63.71
CA ARG P 218 -26.75 8.33 62.86
C ARG P 218 -26.09 7.25 63.70
N ILE P 219 -25.67 6.18 63.02
CA ILE P 219 -24.94 5.09 63.67
C ILE P 219 -23.51 5.53 63.95
N ALA P 220 -22.96 5.10 65.09
CA ALA P 220 -21.61 5.51 65.48
C ALA P 220 -20.54 4.76 64.71
N ARG P 221 -20.50 3.43 64.87
CA ARG P 221 -19.45 2.61 64.27
C ARG P 221 -20.05 1.25 63.94
N GLY P 222 -19.44 0.56 62.99
CA GLY P 222 -19.99 -0.66 62.42
C GLY P 222 -19.40 -1.93 62.99
N VAL P 223 -19.31 -2.02 64.31
CA VAL P 223 -18.57 -3.11 64.95
C VAL P 223 -19.48 -4.28 65.28
N ASN P 224 -18.85 -5.44 65.50
CA ASN P 224 -19.49 -6.65 66.00
C ASN P 224 -19.51 -6.61 67.52
N SER P 225 -19.87 -7.73 68.14
CA SER P 225 -19.71 -7.89 69.58
C SER P 225 -18.37 -8.50 69.97
N LEU P 226 -17.56 -8.89 68.99
CA LEU P 226 -16.26 -9.51 69.28
C LEU P 226 -15.36 -8.52 70.00
N THR P 227 -14.69 -8.99 71.06
CA THR P 227 -13.78 -8.13 71.81
C THR P 227 -12.44 -8.80 72.05
N GLU P 228 -12.41 -10.13 72.18
CA GLU P 228 -11.18 -10.87 72.44
C GLU P 228 -10.47 -11.14 71.13
N LEU P 229 -9.26 -10.64 70.99
CA LEU P 229 -8.49 -10.72 69.76
C LEU P 229 -7.26 -11.59 69.95
N THR P 230 -7.07 -12.53 69.03
CA THR P 230 -5.94 -13.46 69.04
C THR P 230 -5.15 -13.27 67.75
N ALA P 231 -4.17 -14.16 67.54
CA ALA P 231 -3.37 -14.11 66.33
C ALA P 231 -4.18 -14.56 65.12
N GLU P 232 -5.01 -15.60 65.28
CA GLU P 232 -5.84 -16.06 64.18
C GLU P 232 -6.94 -15.04 63.87
N LYS P 233 -7.47 -14.37 64.88
CA LYS P 233 -8.58 -13.43 64.73
C LYS P 233 -8.12 -12.04 65.17
N GLY P 234 -7.78 -11.19 64.20
CA GLY P 234 -7.34 -9.84 64.48
C GLY P 234 -8.47 -8.84 64.46
N GLU P 235 -8.10 -7.57 64.29
CA GLU P 235 -9.07 -6.48 64.40
C GLU P 235 -10.06 -6.47 63.24
N MET P 236 -9.67 -7.02 62.08
CA MET P 236 -10.54 -7.00 60.91
C MET P 236 -11.83 -7.78 61.15
N PHE P 237 -11.78 -8.79 62.00
CA PHE P 237 -12.96 -9.60 62.29
C PHE P 237 -13.98 -8.89 63.16
N GLN P 238 -13.66 -7.69 63.66
CA GLN P 238 -14.60 -6.91 64.44
C GLN P 238 -15.55 -6.08 63.60
N LYS P 239 -15.27 -5.90 62.31
CA LYS P 239 -16.04 -5.03 61.45
C LYS P 239 -17.15 -5.81 60.76
N ILE P 240 -18.33 -5.19 60.67
CA ILE P 240 -19.47 -5.84 60.03
C ILE P 240 -19.22 -6.08 58.55
N LYS P 241 -18.65 -5.10 57.84
CA LYS P 241 -18.49 -5.21 56.38
C LYS P 241 -17.58 -6.37 55.99
N ILE P 242 -16.46 -6.52 56.69
CA ILE P 242 -15.52 -7.60 56.40
C ILE P 242 -16.16 -8.96 56.62
N VAL P 243 -16.87 -9.12 57.73
CA VAL P 243 -17.51 -10.40 58.05
C VAL P 243 -18.59 -10.72 57.02
N ASP P 244 -19.31 -9.71 56.55
CA ASP P 244 -20.31 -9.93 55.50
C ASP P 244 -19.66 -10.47 54.23
N THR P 245 -18.55 -9.86 53.81
CA THR P 245 -17.85 -10.35 52.63
C THR P 245 -17.35 -11.79 52.81
N LEU P 246 -16.77 -12.08 53.98
CA LEU P 246 -16.26 -13.42 54.24
C LEU P 246 -17.38 -14.46 54.23
N ASP P 247 -18.55 -14.10 54.77
CA ASP P 247 -19.67 -15.04 54.78
C ASP P 247 -20.18 -15.32 53.36
N ILE P 248 -20.20 -14.28 52.52
CA ILE P 248 -20.60 -14.50 51.13
C ILE P 248 -19.63 -15.45 50.43
N ILE P 249 -18.32 -15.26 50.64
CA ILE P 249 -17.33 -16.16 50.04
C ILE P 249 -17.53 -17.59 50.53
N HIS P 250 -17.73 -17.76 51.85
CA HIS P 250 -17.91 -19.09 52.41
C HIS P 250 -19.11 -19.79 51.78
N SER P 251 -20.24 -19.08 51.70
CA SER P 251 -21.47 -19.69 51.17
C SER P 251 -21.32 -20.07 49.70
N ASP P 252 -20.70 -19.21 48.88
CA ASP P 252 -20.59 -19.51 47.46
C ASP P 252 -19.66 -20.71 47.21
N ILE P 253 -18.50 -20.73 47.89
CA ILE P 253 -17.57 -21.84 47.69
C ILE P 253 -18.20 -23.15 48.18
N ARG P 254 -18.90 -23.10 49.31
CA ARG P 254 -19.56 -24.30 49.81
C ARG P 254 -20.61 -24.81 48.83
N LYS P 255 -21.37 -23.90 48.21
CA LYS P 255 -22.35 -24.32 47.21
C LYS P 255 -21.68 -25.04 46.06
N VAL P 256 -20.59 -24.47 45.53
CA VAL P 256 -19.91 -25.10 44.40
C VAL P 256 -19.45 -26.51 44.78
N ILE P 257 -18.79 -26.63 45.94
CA ILE P 257 -18.23 -27.91 46.35
C ILE P 257 -19.32 -28.95 46.52
N ILE P 258 -20.40 -28.59 47.23
CA ILE P 258 -21.42 -29.57 47.56
C ILE P 258 -22.21 -29.97 46.33
N ASP P 259 -22.50 -29.02 45.43
CA ASP P 259 -23.29 -29.34 44.26
C ASP P 259 -22.52 -30.19 43.26
N ASP P 260 -21.24 -29.88 43.02
CA ASP P 260 -20.54 -30.49 41.90
C ASP P 260 -19.59 -31.63 42.27
N TYR P 261 -19.15 -31.73 43.52
CA TYR P 261 -18.02 -32.63 43.78
C TYR P 261 -18.27 -33.69 44.84
N ILE P 262 -18.93 -33.33 45.94
CA ILE P 262 -19.07 -34.26 47.07
C ILE P 262 -19.88 -35.47 46.66
N GLY P 263 -19.25 -36.65 46.65
CA GLY P 263 -19.89 -37.89 46.29
C GLY P 263 -20.10 -38.10 44.80
N LYS P 264 -19.59 -37.21 43.96
CA LYS P 264 -19.88 -37.28 42.53
C LYS P 264 -18.70 -37.83 41.74
N VAL P 265 -17.47 -37.55 42.17
CA VAL P 265 -16.28 -37.89 41.42
C VAL P 265 -15.35 -38.73 42.29
N THR P 266 -14.52 -39.53 41.63
CA THR P 266 -13.50 -40.29 42.32
C THR P 266 -12.41 -39.35 42.83
N ASN P 267 -11.80 -39.70 43.96
CA ASN P 267 -10.82 -38.84 44.63
C ASN P 267 -9.43 -39.11 44.06
N SER P 268 -9.21 -38.68 42.82
CA SER P 268 -7.92 -38.79 42.16
C SER P 268 -7.30 -37.40 42.00
N TYR P 269 -6.00 -37.38 41.68
CA TYR P 269 -5.28 -36.12 41.57
C TYR P 269 -5.81 -35.24 40.44
N ASP P 270 -6.21 -35.85 39.32
CA ASP P 270 -6.79 -35.09 38.21
C ASP P 270 -8.05 -34.34 38.64
N ASN P 271 -8.93 -35.01 39.39
CA ASN P 271 -10.16 -34.36 39.84
C ASN P 271 -9.87 -33.27 40.86
N LYS P 272 -8.86 -33.47 41.72
CA LYS P 272 -8.42 -32.39 42.60
C LYS P 272 -7.99 -31.16 41.82
N CYS P 273 -7.23 -31.36 40.73
CA CYS P 273 -6.83 -30.23 39.91
C CYS P 273 -8.03 -29.53 39.29
N LEU P 274 -9.02 -30.29 38.83
CA LEU P 274 -10.24 -29.67 38.29
C LEU P 274 -10.95 -28.82 39.36
N LEU P 275 -11.02 -29.34 40.59
CA LEU P 275 -11.62 -28.55 41.68
C LEU P 275 -10.85 -27.26 41.93
N ILE P 276 -9.51 -27.34 41.90
CA ILE P 276 -8.69 -26.14 42.09
C ILE P 276 -8.99 -25.10 41.02
N VAL P 277 -9.12 -25.54 39.77
CA VAL P 277 -9.42 -24.61 38.68
C VAL P 277 -10.78 -23.94 38.90
N ALA P 278 -11.78 -24.72 39.32
CA ALA P 278 -13.11 -24.14 39.56
C ALA P 278 -13.06 -23.06 40.65
N ILE P 279 -12.41 -23.35 41.77
CA ILE P 279 -12.34 -22.37 42.86
C ILE P 279 -11.58 -21.13 42.42
N LYS P 280 -10.49 -21.30 41.67
CA LYS P 280 -9.73 -20.16 41.18
C LYS P 280 -10.59 -19.28 40.27
N SER P 281 -11.41 -19.90 39.41
CA SER P 281 -12.26 -19.11 38.54
C SER P 281 -13.30 -18.31 39.34
N TYR P 282 -13.84 -18.91 40.40
CA TYR P 282 -14.75 -18.14 41.26
C TYR P 282 -14.04 -16.93 41.88
N LEU P 283 -12.81 -17.13 42.36
CA LEU P 283 -12.06 -16.02 42.96
C LEU P 283 -11.76 -14.93 41.93
N GLU P 284 -11.45 -15.32 40.68
CA GLU P 284 -11.24 -14.34 39.62
C GLU P 284 -12.50 -13.53 39.35
N GLU P 285 -13.65 -14.20 39.34
CA GLU P 285 -14.92 -13.51 39.22
C GLU P 285 -15.10 -12.48 40.33
N LEU P 286 -14.76 -12.84 41.56
CA LEU P 286 -14.85 -11.88 42.66
C LEU P 286 -13.91 -10.69 42.45
N GLU P 287 -12.69 -10.96 41.95
CA GLU P 287 -11.74 -9.88 41.71
C GLU P 287 -12.24 -8.91 40.65
N LYS P 288 -13.00 -9.42 39.67
CA LYS P 288 -13.49 -8.56 38.60
C LYS P 288 -14.53 -7.57 39.10
N SER P 289 -15.14 -7.83 40.26
CA SER P 289 -16.12 -6.92 40.84
C SER P 289 -15.56 -6.04 41.95
N ALA P 290 -14.27 -6.18 42.26
CA ALA P 290 -13.58 -5.40 43.29
C ALA P 290 -14.08 -5.68 44.71
N LEU P 291 -14.67 -6.86 44.96
CA LEU P 291 -14.96 -7.25 46.34
C LEU P 291 -13.67 -7.61 47.08
N ILE P 292 -12.69 -8.17 46.37
CA ILE P 292 -11.38 -8.51 46.91
C ILE P 292 -10.31 -7.94 45.98
N GLU P 293 -9.10 -7.85 46.50
CA GLU P 293 -7.99 -7.32 45.71
C GLU P 293 -7.53 -8.32 44.67
N SER P 294 -6.62 -7.87 43.81
CA SER P 294 -6.08 -8.72 42.76
C SER P 294 -5.00 -9.65 43.32
N ASP P 295 -4.57 -10.61 42.49
CA ASP P 295 -3.46 -11.51 42.81
C ASP P 295 -3.79 -12.46 43.97
N SER P 296 -4.93 -13.14 43.88
CA SER P 296 -5.30 -14.18 44.82
C SER P 296 -4.97 -15.56 44.24
N THR P 297 -4.69 -16.51 45.13
CA THR P 297 -4.16 -17.82 44.73
C THR P 297 -4.89 -18.95 45.44
N VAL P 298 -4.92 -20.12 44.79
CA VAL P 298 -5.43 -21.38 45.34
C VAL P 298 -4.47 -22.49 44.96
N GLU P 299 -4.20 -23.41 45.89
CA GLU P 299 -3.26 -24.50 45.63
C GLU P 299 -3.45 -25.65 46.62
N ILE P 300 -2.80 -26.77 46.31
CA ILE P 300 -2.76 -27.92 47.21
C ILE P 300 -2.00 -27.55 48.48
N ASP P 301 -2.55 -27.93 49.63
CA ASP P 301 -1.92 -27.71 50.93
C ASP P 301 -0.93 -28.84 51.20
N PHE P 302 0.36 -28.58 50.98
CA PHE P 302 1.35 -29.65 51.00
C PHE P 302 1.67 -30.10 52.42
N GLU P 303 1.82 -29.16 53.35
CA GLU P 303 2.14 -29.53 54.73
C GLU P 303 1.05 -30.39 55.35
N ALA P 304 -0.21 -30.00 55.14
CA ALA P 304 -1.32 -30.77 55.70
C ALA P 304 -1.38 -32.17 55.12
N GLN P 305 -1.15 -32.31 53.81
CA GLN P 305 -1.16 -33.63 53.20
C GLN P 305 -0.01 -34.49 53.70
N LYS P 306 1.19 -33.91 53.85
CA LYS P 306 2.30 -34.65 54.45
C LYS P 306 1.95 -35.13 55.84
N SER P 307 1.32 -34.28 56.65
CA SER P 307 0.95 -34.68 58.00
C SER P 307 -0.06 -35.81 57.99
N TYR P 308 -1.07 -35.74 57.13
CA TYR P 308 -2.05 -36.83 57.05
C TYR P 308 -1.38 -38.13 56.61
N LEU P 309 -0.51 -38.06 55.60
CA LEU P 309 0.17 -39.27 55.14
C LEU P 309 1.01 -39.88 56.24
N LYS P 310 1.72 -39.04 57.01
CA LYS P 310 2.52 -39.55 58.13
C LYS P 310 1.63 -40.19 59.20
N SER P 311 0.47 -39.59 59.47
CA SER P 311 -0.39 -40.10 60.53
C SER P 311 -0.97 -41.48 60.17
N LYS P 312 -0.87 -41.88 58.90
CA LYS P 312 -1.42 -43.15 58.42
C LYS P 312 -0.37 -44.24 58.29
N GLY P 313 0.89 -43.99 58.63
CA GLY P 313 1.92 -45.01 58.58
C GLY P 313 2.67 -45.09 57.26
N VAL P 314 2.57 -44.08 56.41
CA VAL P 314 3.36 -44.05 55.18
C VAL P 314 4.77 -43.58 55.49
N ASP P 315 5.75 -44.19 54.83
CA ASP P 315 7.17 -43.88 55.04
C ASP P 315 7.64 -42.86 54.01
N LEU P 316 7.88 -41.63 54.47
CA LEU P 316 8.33 -40.55 53.60
C LEU P 316 9.85 -40.55 53.47
N SER P 317 10.40 -41.67 53.00
CA SER P 317 11.83 -41.83 52.84
C SER P 317 12.15 -42.07 51.37
N TYR P 318 13.02 -41.23 50.82
CA TYR P 318 13.36 -41.28 49.39
C TYR P 318 12.10 -41.22 48.53
N MET P 319 11.13 -40.43 48.96
CA MET P 319 9.90 -40.21 48.24
C MET P 319 9.92 -38.82 47.63
N THR P 320 9.74 -38.76 46.31
CA THR P 320 9.82 -37.49 45.60
C THR P 320 8.65 -36.59 45.98
N LEU P 321 8.90 -35.27 45.95
CA LEU P 321 7.86 -34.31 46.26
C LEU P 321 6.67 -34.46 45.32
N GLN P 322 6.93 -34.78 44.06
CA GLN P 322 5.83 -35.05 43.13
C GLN P 322 5.00 -36.25 43.59
N GLU P 323 5.67 -37.32 44.03
CA GLU P 323 4.94 -38.50 44.49
C GLU P 323 4.11 -38.20 45.73
N ILE P 324 4.65 -37.40 46.65
CA ILE P 324 3.87 -37.01 47.83
C ILE P 324 2.67 -36.17 47.43
N LYS P 325 2.86 -35.23 46.50
CA LYS P 325 1.77 -34.36 46.08
C LYS P 325 0.62 -35.15 45.48
N GLU P 326 0.93 -36.22 44.73
CA GLU P 326 -0.07 -36.97 44.00
C GLU P 326 -0.57 -38.21 44.76
N ALA P 327 -0.11 -38.43 45.98
CA ALA P 327 -0.43 -39.66 46.70
C ALA P 327 -1.91 -39.71 47.08
N ASN P 328 -2.47 -40.93 47.07
CA ASN P 328 -3.86 -41.13 47.40
C ASN P 328 -4.12 -40.84 48.88
N THR P 329 -5.19 -40.10 49.18
CA THR P 329 -5.51 -39.67 50.53
C THR P 329 -6.93 -40.09 50.93
N GLY P 330 -7.32 -41.32 50.62
CA GLY P 330 -8.66 -41.77 50.97
C GLY P 330 -9.72 -40.92 50.31
N SER P 331 -10.59 -40.34 51.12
CA SER P 331 -11.66 -39.46 50.64
C SER P 331 -11.45 -38.00 51.03
N LYS P 332 -10.24 -37.62 51.41
CA LYS P 332 -9.96 -36.28 51.92
C LYS P 332 -9.22 -35.44 50.88
N VAL P 333 -9.40 -34.12 50.96
CA VAL P 333 -8.71 -33.15 50.11
C VAL P 333 -8.19 -32.02 50.97
N PHE P 334 -6.94 -31.61 50.75
CA PHE P 334 -6.30 -30.54 51.51
C PHE P 334 -5.91 -29.41 50.55
N LEU P 335 -6.56 -28.25 50.71
CA LEU P 335 -6.32 -27.06 49.89
C LEU P 335 -6.09 -25.85 50.78
N LYS P 336 -5.48 -24.82 50.19
CA LYS P 336 -5.27 -23.54 50.86
C LYS P 336 -5.28 -22.40 49.84
N ALA P 337 -5.53 -21.18 50.31
CA ALA P 337 -5.72 -20.03 49.44
C ALA P 337 -5.36 -18.74 50.17
N LYS P 338 -5.17 -17.67 49.40
CA LYS P 338 -4.89 -16.35 49.94
C LYS P 338 -5.77 -15.33 49.26
N ILE P 339 -6.35 -14.41 50.04
CA ILE P 339 -7.16 -13.31 49.53
C ILE P 339 -6.84 -12.04 50.34
N LYS P 340 -7.40 -10.91 49.90
CA LYS P 340 -7.21 -9.64 50.56
C LYS P 340 -8.47 -8.79 50.40
N VAL P 341 -8.92 -8.17 51.49
CA VAL P 341 -10.11 -7.33 51.50
C VAL P 341 -9.76 -5.98 52.09
N LEU P 342 -10.31 -4.91 51.52
CA LEU P 342 -10.05 -3.55 51.97
C LEU P 342 -11.20 -3.03 52.84
N ASP P 343 -10.89 -2.06 53.68
CA ASP P 343 -11.86 -1.46 54.59
C ASP P 343 -12.34 -0.13 54.01
N ALA P 344 -13.36 0.44 54.63
CA ALA P 344 -13.89 1.70 54.18
C ALA P 344 -13.12 2.87 54.80
N MET P 345 -13.29 4.04 54.20
CA MET P 345 -12.77 5.30 54.76
C MET P 345 -13.61 5.69 55.96
N GLU P 346 -12.98 5.78 57.14
CA GLU P 346 -13.72 6.18 58.34
C GLU P 346 -13.01 7.26 59.17
N ASP P 347 -11.70 7.41 59.03
CA ASP P 347 -10.93 8.32 59.87
C ASP P 347 -9.99 9.16 59.01
N ILE P 348 -10.03 10.48 59.19
CA ILE P 348 -9.31 11.43 58.33
C ILE P 348 -8.61 12.46 59.21
N ASP P 349 -7.30 12.61 59.03
CA ASP P 349 -6.51 13.68 59.63
C ASP P 349 -6.08 14.66 58.56
N LEU P 350 -6.30 15.95 58.80
CA LEU P 350 -5.88 17.00 57.89
C LEU P 350 -5.26 18.14 58.68
N SER P 351 -3.96 18.38 58.47
CA SER P 351 -3.21 19.40 59.17
C SER P 351 -3.00 20.61 58.26
N ILE P 352 -3.50 21.76 58.69
CA ILE P 352 -3.53 22.97 57.87
C ILE P 352 -2.55 23.99 58.45
N GLU P 353 -1.55 24.36 57.65
CA GLU P 353 -0.67 25.48 57.97
C GLU P 353 -1.30 26.77 57.45
N ILE P 354 -1.25 27.82 58.24
CA ILE P 354 -1.78 29.10 57.80
C ILE P 354 -0.65 30.11 57.64
N ILE Q 3 -64.82 25.42 46.46
CA ILE Q 3 -63.49 25.88 46.86
C ILE Q 3 -63.56 27.35 47.29
N GLY Q 4 -64.76 27.76 47.71
CA GLY Q 4 -65.01 29.13 48.11
C GLY Q 4 -65.34 30.03 46.95
N LEU Q 5 -65.87 31.21 47.28
CA LEU Q 5 -66.22 32.20 46.28
C LEU Q 5 -64.97 32.93 45.78
N PRO Q 6 -65.00 33.44 44.55
CA PRO Q 6 -63.87 34.25 44.08
C PRO Q 6 -63.72 35.51 44.91
N SER Q 7 -62.47 35.84 45.21
CA SER Q 7 -62.16 36.94 46.12
C SER Q 7 -61.41 38.02 45.36
N ILE Q 8 -62.09 39.12 45.08
CA ILE Q 8 -61.48 40.30 44.49
C ILE Q 8 -61.63 41.44 45.49
N ASN Q 9 -60.54 41.79 46.16
CA ASN Q 9 -60.59 42.80 47.20
C ASN Q 9 -59.52 43.85 46.95
N ILE Q 10 -59.95 45.06 46.61
CA ILE Q 10 -59.10 46.24 46.57
C ILE Q 10 -59.33 47.00 47.86
N SER Q 11 -58.31 47.08 48.70
CA SER Q 11 -58.41 47.70 50.01
C SER Q 11 -57.54 48.95 50.08
N PHE Q 12 -58.00 49.93 50.85
CA PHE Q 12 -57.28 51.18 51.07
C PHE Q 12 -56.96 51.33 52.55
N LYS Q 13 -55.72 51.72 52.83
CA LYS Q 13 -55.25 51.82 54.21
C LYS Q 13 -54.16 52.88 54.29
N GLU Q 14 -53.79 53.24 55.51
CA GLU Q 14 -52.77 54.25 55.76
C GLU Q 14 -51.38 53.67 55.50
N LEU Q 15 -50.36 54.52 55.67
CA LEU Q 15 -48.99 54.16 55.35
C LEU Q 15 -48.36 53.35 56.49
N ALA Q 16 -47.37 52.51 56.15
CA ALA Q 16 -46.76 51.60 57.11
C ALA Q 16 -45.26 51.49 56.91
N THR Q 17 -44.57 50.99 57.94
CA THR Q 17 -43.12 50.85 57.91
C THR Q 17 -42.71 49.42 57.54
N THR Q 18 -41.55 49.32 56.89
CA THR Q 18 -40.94 48.05 56.49
C THR Q 18 -39.59 47.89 57.20
N VAL Q 19 -39.37 46.71 57.77
CA VAL Q 19 -38.23 46.45 58.66
C VAL Q 19 -36.95 46.12 57.90
N LYS Q 20 -35.82 46.16 58.60
CA LYS Q 20 -34.53 45.84 58.00
C LYS Q 20 -34.47 44.37 57.60
N GLU Q 21 -33.77 44.11 56.50
CA GLU Q 21 -33.65 42.74 56.00
C GLU Q 21 -32.79 41.89 56.94
N ARG Q 22 -33.10 40.60 56.97
CA ARG Q 22 -32.45 39.65 57.88
C ARG Q 22 -31.10 39.19 57.33
N SER Q 23 -30.36 38.48 58.18
CA SER Q 23 -29.10 37.85 57.79
C SER Q 23 -29.11 36.39 58.25
N ALA Q 24 -28.60 35.50 57.40
CA ALA Q 24 -28.64 34.08 57.70
C ALA Q 24 -27.47 33.63 58.57
N ARG Q 25 -26.48 34.50 58.79
CA ARG Q 25 -25.35 34.15 59.64
C ARG Q 25 -25.67 34.42 61.11
N GLY Q 26 -25.27 33.50 61.97
CA GLY Q 26 -25.29 33.71 63.40
C GLY Q 26 -26.28 32.87 64.18
N ILE Q 27 -25.78 31.81 64.82
CA ILE Q 27 -26.57 31.01 65.75
C ILE Q 27 -25.98 31.21 67.12
N ILE Q 28 -26.79 31.73 68.05
CA ILE Q 28 -26.31 32.12 69.36
C ILE Q 28 -27.04 31.35 70.43
N ALA Q 29 -26.29 30.78 71.36
CA ALA Q 29 -26.83 29.94 72.43
C ALA Q 29 -26.76 30.70 73.75
N MET Q 30 -27.75 30.46 74.61
CA MET Q 30 -27.96 31.24 75.82
C MET Q 30 -28.69 30.38 76.83
N VAL Q 31 -28.20 30.35 78.06
CA VAL Q 31 -28.82 29.56 79.13
C VAL Q 31 -29.12 30.48 80.30
N LEU Q 32 -30.35 30.41 80.81
CA LEU Q 32 -30.78 31.25 81.92
C LEU Q 32 -31.60 30.43 82.89
N LYS Q 33 -31.57 30.83 84.16
CA LYS Q 33 -32.28 30.15 85.24
C LYS Q 33 -33.60 30.86 85.49
N ASP Q 34 -34.69 30.12 85.39
CA ASP Q 34 -36.03 30.63 85.64
C ASP Q 34 -36.84 29.60 86.40
N ALA Q 35 -37.78 30.07 87.22
CA ALA Q 35 -38.62 29.17 87.99
C ALA Q 35 -39.73 28.56 87.14
N LYS Q 36 -39.94 29.07 85.93
CA LYS Q 36 -41.05 28.67 85.09
C LYS Q 36 -40.60 28.55 83.64
N ALA Q 37 -41.32 27.71 82.88
CA ALA Q 37 -41.10 27.54 81.44
C ALA Q 37 -39.74 26.90 81.15
N LEU Q 38 -39.49 25.77 81.81
CA LEU Q 38 -38.24 25.05 81.62
C LEU Q 38 -38.21 24.35 80.26
N GLY Q 39 -37.01 24.02 79.80
CA GLY Q 39 -36.81 23.26 78.59
C GLY Q 39 -35.95 24.04 77.62
N LEU Q 40 -36.02 23.62 76.36
CA LEU Q 40 -35.34 24.31 75.26
C LEU Q 40 -36.35 25.12 74.48
N ASN Q 41 -36.11 26.42 74.37
CA ASN Q 41 -36.98 27.31 73.61
C ASN Q 41 -36.15 27.96 72.51
N GLU Q 42 -36.54 27.72 71.27
CA GLU Q 42 -35.92 28.38 70.13
C GLU Q 42 -36.67 29.68 69.90
N ILE Q 43 -35.95 30.79 69.85
CA ILE Q 43 -36.52 32.11 69.65
C ILE Q 43 -35.96 32.68 68.35
N HIS Q 44 -36.84 33.01 67.42
CA HIS Q 44 -36.40 33.42 66.09
C HIS Q 44 -36.45 34.94 65.94
N GLU Q 45 -37.26 35.62 66.74
CA GLU Q 45 -37.40 37.07 66.64
C GLU Q 45 -37.77 37.66 68.00
N LYS Q 46 -37.49 38.95 68.15
CA LYS Q 46 -37.79 39.66 69.39
C LYS Q 46 -39.27 40.00 69.51
N GLU Q 47 -40.01 39.96 68.41
CA GLU Q 47 -41.44 40.19 68.47
C GLU Q 47 -42.15 39.06 69.20
N ASP Q 48 -41.69 37.82 69.00
CA ASP Q 48 -42.31 36.65 69.60
C ASP Q 48 -41.36 36.05 70.63
N ILE Q 49 -41.69 36.22 71.90
CA ILE Q 49 -40.92 35.67 73.01
C ILE Q 49 -41.94 34.99 73.93
N PRO Q 50 -41.62 33.87 74.57
CA PRO Q 50 -42.57 33.28 75.52
C PRO Q 50 -42.95 34.26 76.62
N VAL Q 51 -44.26 34.36 76.87
CA VAL Q 51 -44.77 35.31 77.85
C VAL Q 51 -44.71 34.77 79.27
N ASP Q 52 -44.15 33.57 79.46
CA ASP Q 52 -43.93 33.07 80.80
C ASP Q 52 -42.65 33.62 81.41
N LEU Q 53 -41.67 33.96 80.56
CA LEU Q 53 -40.37 34.41 81.03
C LEU Q 53 -40.49 35.76 81.72
N SER Q 54 -39.61 36.00 82.69
CA SER Q 54 -39.60 37.24 83.45
C SER Q 54 -39.20 38.40 82.56
N ALA Q 55 -39.67 39.59 82.93
CA ALA Q 55 -39.31 40.80 82.20
C ALA Q 55 -37.80 41.03 82.26
N GLU Q 56 -37.17 40.71 83.39
CA GLU Q 56 -35.72 40.81 83.51
C GLU Q 56 -35.03 39.86 82.54
N ASN Q 57 -35.53 38.62 82.44
CA ASN Q 57 -35.04 37.72 81.41
C ASN Q 57 -35.61 38.06 80.03
N LYS Q 58 -36.70 38.81 79.98
CA LYS Q 58 -37.25 39.25 78.70
C LYS Q 58 -36.29 40.18 77.99
N GLU Q 59 -35.81 41.21 78.69
CA GLU Q 59 -34.98 42.23 78.05
C GLU Q 59 -33.66 41.69 77.55
N TYR Q 60 -33.17 40.59 78.14
CA TYR Q 60 -31.90 40.02 77.71
C TYR Q 60 -32.02 39.44 76.30
N ILE Q 61 -33.19 38.88 75.97
CA ILE Q 61 -33.40 38.35 74.62
C ILE Q 61 -33.39 39.47 73.60
N ASN Q 62 -34.05 40.59 73.91
CA ASN Q 62 -33.99 41.74 73.03
C ASN Q 62 -32.57 42.29 72.93
N LEU Q 63 -31.79 42.17 74.00
CA LEU Q 63 -30.39 42.59 73.97
C LEU Q 63 -29.60 41.72 73.00
N ALA Q 64 -29.78 40.41 73.06
CA ALA Q 64 -28.98 39.51 72.22
C ALA Q 64 -29.44 39.51 70.77
N LEU Q 65 -30.65 39.98 70.49
CA LEU Q 65 -31.27 39.82 69.19
C LEU Q 65 -31.00 40.97 68.23
N MET Q 66 -30.28 42.01 68.66
CA MET Q 66 -29.83 43.03 67.73
C MET Q 66 -28.34 42.84 67.48
N GLY Q 67 -27.95 42.85 66.21
CA GLY Q 67 -26.56 42.84 65.83
C GLY Q 67 -26.23 44.13 65.11
N ASN Q 68 -24.92 44.46 65.04
CA ASN Q 68 -24.43 45.70 64.41
C ASN Q 68 -24.63 45.90 62.89
N VAL Q 69 -24.28 44.89 62.09
CA VAL Q 69 -24.56 44.91 60.66
C VAL Q 69 -25.91 44.28 60.35
N ASN Q 70 -26.22 43.16 60.99
CA ASN Q 70 -27.55 42.57 60.87
C ASN Q 70 -27.83 41.63 62.03
N THR Q 71 -29.09 41.22 62.12
CA THR Q 71 -29.58 40.40 63.22
C THR Q 71 -28.98 39.00 63.16
N PRO Q 72 -28.78 38.35 64.32
CA PRO Q 72 -28.45 36.92 64.31
C PRO Q 72 -29.56 36.10 63.67
N ASN Q 73 -29.14 35.02 63.00
CA ASN Q 73 -30.09 34.19 62.26
C ASN Q 73 -31.05 33.48 63.21
N LYS Q 74 -30.56 33.04 64.37
CA LYS Q 74 -31.37 32.26 65.29
C LYS Q 74 -30.80 32.40 66.70
N LEU Q 75 -31.63 32.12 67.69
CA LEU Q 75 -31.24 32.21 69.10
C LEU Q 75 -31.72 30.96 69.82
N LEU Q 76 -30.85 30.38 70.64
CA LEU Q 76 -31.13 29.14 71.35
C LEU Q 76 -31.11 29.41 72.85
N VAL Q 77 -32.28 29.55 73.45
CA VAL Q 77 -32.41 29.85 74.87
C VAL Q 77 -32.82 28.58 75.58
N TYR Q 78 -31.97 28.11 76.49
CA TYR Q 78 -32.20 26.89 77.27
C TYR Q 78 -32.48 27.29 78.71
N VAL Q 79 -33.66 26.95 79.20
CA VAL Q 79 -34.14 27.42 80.50
C VAL Q 79 -34.09 26.24 81.47
N ILE Q 80 -33.37 26.42 82.58
CA ILE Q 80 -33.32 25.43 83.65
C ILE Q 80 -33.83 26.09 84.92
N GLU Q 81 -34.40 25.28 85.80
CA GLU Q 81 -35.01 25.78 87.02
C GLU Q 81 -33.94 26.35 87.94
N GLY Q 82 -34.38 27.17 88.89
CA GLY Q 82 -33.46 27.75 89.85
C GLY Q 82 -32.84 26.70 90.73
N GLU Q 83 -31.61 26.99 91.18
CA GLU Q 83 -30.85 26.07 92.04
C GLU Q 83 -30.71 24.70 91.38
N ALA Q 84 -30.40 24.71 90.09
CA ALA Q 84 -30.22 23.49 89.31
C ALA Q 84 -28.77 23.38 88.84
N ASP Q 85 -28.45 22.23 88.26
CA ASP Q 85 -27.07 21.97 87.85
C ASP Q 85 -26.82 22.49 86.43
N ILE Q 86 -25.61 23.00 86.21
CA ILE Q 86 -25.23 23.49 84.90
C ILE Q 86 -24.71 22.38 84.01
N GLN Q 87 -24.25 21.27 84.62
CA GLN Q 87 -23.71 20.17 83.82
C GLN Q 87 -24.78 19.54 82.95
N THR Q 88 -26.03 19.54 83.44
CA THR Q 88 -27.14 19.10 82.60
C THR Q 88 -27.25 19.98 81.36
N ALA Q 89 -27.15 21.30 81.55
CA ALA Q 89 -27.26 22.24 80.43
C ALA Q 89 -26.14 22.01 79.43
N LEU Q 90 -24.89 21.88 79.91
CA LEU Q 90 -23.77 21.70 79.01
C LEU Q 90 -23.84 20.36 78.28
N ASP Q 91 -24.23 19.30 78.99
CA ASP Q 91 -24.38 17.99 78.36
C ASP Q 91 -25.43 18.04 77.26
N PHE Q 92 -26.56 18.71 77.50
CA PHE Q 92 -27.56 18.86 76.45
C PHE Q 92 -27.03 19.71 75.29
N LEU Q 93 -26.33 20.81 75.60
CA LEU Q 93 -25.93 21.74 74.55
C LEU Q 93 -24.82 21.18 73.67
N GLU Q 94 -24.11 20.16 74.17
CA GLU Q 94 -23.08 19.51 73.35
C GLU Q 94 -23.64 19.05 72.01
N THR Q 95 -24.94 18.74 71.97
CA THR Q 95 -25.55 18.18 70.78
C THR Q 95 -25.67 19.20 69.66
N LYS Q 96 -26.20 20.38 69.95
CA LYS Q 96 -26.67 21.30 68.93
C LYS Q 96 -25.49 21.96 68.20
N GLU Q 97 -25.79 22.62 67.09
CA GLU Q 97 -24.81 23.44 66.38
C GLU Q 97 -25.08 24.91 66.69
N PHE Q 98 -24.02 25.63 67.04
CA PHE Q 98 -24.13 27.04 67.37
C PHE Q 98 -22.73 27.63 67.34
N ASN Q 99 -22.67 28.96 67.47
CA ASN Q 99 -21.39 29.65 67.39
C ASN Q 99 -20.92 30.17 68.74
N TYR Q 100 -21.77 30.86 69.48
CA TYR Q 100 -21.37 31.51 70.73
C TYR Q 100 -22.35 31.16 71.83
N LEU Q 101 -21.83 31.07 73.05
CA LEU Q 101 -22.61 30.71 74.22
C LEU Q 101 -22.44 31.79 75.28
N CYS Q 102 -23.54 32.22 75.88
CA CYS Q 102 -23.50 33.22 76.95
C CYS Q 102 -24.49 32.84 78.05
N MET Q 103 -24.11 33.15 79.29
CA MET Q 103 -24.98 32.96 80.44
C MET Q 103 -24.94 34.23 81.28
N PRO Q 104 -25.90 35.14 81.11
CA PRO Q 104 -25.80 36.47 81.78
C PRO Q 104 -25.73 36.38 83.29
N LYS Q 105 -26.36 35.39 83.88
CA LYS Q 105 -26.30 35.16 85.32
C LYS Q 105 -25.37 33.96 85.56
N ALA Q 106 -24.26 34.21 86.23
CA ALA Q 106 -23.24 33.17 86.38
C ALA Q 106 -22.44 33.42 87.65
N VAL Q 107 -21.84 32.34 88.15
CA VAL Q 107 -21.02 32.35 89.36
C VAL Q 107 -19.67 31.77 88.98
N GLU Q 108 -18.67 31.96 89.84
CA GLU Q 108 -17.29 31.56 89.53
C GLU Q 108 -17.19 30.08 89.18
N ALA Q 109 -17.87 29.22 89.96
CA ALA Q 109 -17.89 27.80 89.63
C ALA Q 109 -18.56 27.56 88.29
N ASP Q 110 -19.64 28.30 88.02
CA ASP Q 110 -20.32 28.20 86.74
C ASP Q 110 -19.38 28.58 85.59
N LYS Q 111 -18.64 29.67 85.76
CA LYS Q 111 -17.72 30.13 84.71
C LYS Q 111 -16.59 29.13 84.50
N THR Q 112 -16.05 28.57 85.60
CA THR Q 112 -15.02 27.54 85.47
C THR Q 112 -15.56 26.33 84.71
N ALA Q 113 -16.80 25.92 85.03
CA ALA Q 113 -17.38 24.77 84.34
C ALA Q 113 -17.55 25.05 82.85
N ILE Q 114 -18.09 26.22 82.50
CA ILE Q 114 -18.30 26.56 81.10
C ILE Q 114 -16.97 26.60 80.36
N LYS Q 115 -15.94 27.18 80.98
CA LYS Q 115 -14.65 27.31 80.32
C LYS Q 115 -14.00 25.95 80.10
N ASN Q 116 -13.99 25.10 81.14
CA ASN Q 116 -13.44 23.76 80.98
C ASN Q 116 -14.19 22.99 79.92
N TRP Q 117 -15.52 23.16 79.86
CA TRP Q 117 -16.34 22.51 78.85
C TRP Q 117 -15.96 22.95 77.44
N ILE Q 118 -15.81 24.27 77.23
CA ILE Q 118 -15.46 24.80 75.92
C ILE Q 118 -14.10 24.26 75.49
N ILE Q 119 -13.13 24.28 76.40
CA ILE Q 119 -11.79 23.80 76.08
C ILE Q 119 -11.83 22.31 75.72
N LYS Q 120 -12.55 21.53 76.53
CA LYS Q 120 -12.63 20.09 76.26
C LYS Q 120 -13.27 19.81 74.91
N LEU Q 121 -14.36 20.52 74.59
CA LEU Q 121 -15.00 20.32 73.30
C LEU Q 121 -14.04 20.64 72.16
N ARG Q 122 -13.43 21.83 72.19
CA ARG Q 122 -12.57 22.25 71.09
C ARG Q 122 -11.36 21.35 70.92
N ASP Q 123 -10.78 20.88 72.02
CA ASP Q 123 -9.50 20.16 71.94
C ASP Q 123 -9.66 18.64 71.86
N ILE Q 124 -10.80 18.08 72.27
CA ILE Q 124 -11.01 16.65 72.25
C ILE Q 124 -12.17 16.24 71.34
N ASP Q 125 -13.34 16.88 71.49
CA ASP Q 125 -14.49 16.51 70.69
C ASP Q 125 -14.38 17.01 69.25
N LYS Q 126 -13.37 17.82 68.95
CA LYS Q 126 -13.15 18.37 67.61
C LYS Q 126 -14.38 19.12 67.11
N VAL Q 127 -14.96 19.94 67.99
CA VAL Q 127 -16.10 20.78 67.67
C VAL Q 127 -15.71 22.23 67.96
N LYS Q 128 -15.96 23.11 66.99
CA LYS Q 128 -15.50 24.50 67.05
C LYS Q 128 -16.60 25.37 67.64
N VAL Q 129 -16.56 25.59 68.95
CA VAL Q 129 -17.53 26.42 69.63
C VAL Q 129 -16.77 27.44 70.48
N LYS Q 130 -17.40 28.60 70.69
CA LYS Q 130 -16.82 29.67 71.49
C LYS Q 130 -17.84 30.13 72.53
N ALA Q 131 -17.34 30.74 73.60
CA ALA Q 131 -18.19 31.32 74.63
C ALA Q 131 -17.68 32.72 74.98
N VAL Q 132 -18.62 33.63 75.24
CA VAL Q 132 -18.30 34.97 75.71
C VAL Q 132 -18.55 35.00 77.20
N LEU Q 133 -17.51 35.25 77.99
CA LEU Q 133 -17.59 35.23 79.43
C LEU Q 133 -17.05 36.53 80.02
N GLY Q 134 -17.58 36.90 81.18
CA GLY Q 134 -17.10 38.06 81.89
C GLY Q 134 -16.20 37.69 83.07
N LYS Q 135 -15.04 38.35 83.14
CA LYS Q 135 -14.08 38.16 84.23
C LYS Q 135 -13.55 36.74 84.30
N VAL Q 136 -13.22 36.17 83.14
CA VAL Q 136 -12.63 34.84 83.05
C VAL Q 136 -11.32 34.95 82.30
N VAL Q 137 -10.23 34.59 82.99
CA VAL Q 137 -8.88 34.79 82.46
C VAL Q 137 -8.53 33.81 81.35
N GLY Q 138 -9.34 32.76 81.16
CA GLY Q 138 -8.98 31.59 80.37
C GLY Q 138 -8.12 31.84 79.15
N ASN Q 139 -6.96 31.19 79.13
CA ASN Q 139 -5.90 31.43 78.16
C ASN Q 139 -6.16 30.76 76.81
N HIS Q 140 -7.41 30.50 76.45
CA HIS Q 140 -7.70 29.83 75.20
C HIS Q 140 -8.32 30.78 74.18
N GLU Q 141 -8.02 30.54 72.90
CA GLU Q 141 -8.68 31.29 71.84
C GLU Q 141 -10.16 30.99 71.73
N GLY Q 142 -10.64 29.93 72.39
CA GLY Q 142 -12.04 29.56 72.28
C GLY Q 142 -12.96 30.36 73.19
N ILE Q 143 -12.40 31.08 74.15
CA ILE Q 143 -13.19 31.92 75.06
C ILE Q 143 -12.66 33.35 74.98
N ILE Q 144 -13.58 34.31 75.06
CA ILE Q 144 -13.23 35.72 75.01
C ILE Q 144 -13.63 36.36 76.34
N ASN Q 145 -12.77 37.24 76.84
CA ASN Q 145 -12.95 37.89 78.13
C ASN Q 145 -13.43 39.33 77.96
N PHE Q 146 -14.66 39.58 78.40
CA PHE Q 146 -15.22 40.94 78.42
C PHE Q 146 -15.11 41.47 79.84
N THR Q 147 -14.56 42.68 79.97
CA THR Q 147 -14.33 43.33 81.26
C THR Q 147 -14.74 44.79 81.19
N THR Q 148 -15.92 45.11 81.70
CA THR Q 148 -16.36 46.49 81.91
C THR Q 148 -17.55 46.48 82.85
N GLU Q 149 -17.50 47.36 83.86
CA GLU Q 149 -18.49 47.40 84.94
C GLU Q 149 -19.51 48.50 84.69
N ASP Q 150 -20.70 48.33 85.25
CA ASP Q 150 -21.74 49.36 85.31
C ASP Q 150 -22.02 49.99 83.94
N VAL Q 151 -22.57 49.19 83.03
CA VAL Q 151 -22.91 49.68 81.70
C VAL Q 151 -24.34 50.22 81.73
N LEU Q 152 -24.50 51.51 81.47
CA LEU Q 152 -25.80 52.17 81.47
C LEU Q 152 -26.38 52.15 80.06
N VAL Q 153 -27.49 51.45 79.89
CA VAL Q 153 -28.23 51.40 78.62
C VAL Q 153 -29.70 51.68 78.94
N GLY Q 154 -30.27 52.68 78.26
CA GLY Q 154 -31.65 53.04 78.46
C GLY Q 154 -31.93 53.41 79.90
N GLU Q 155 -31.05 54.25 80.46
CA GLU Q 155 -30.99 54.64 81.87
C GLU Q 155 -31.24 53.46 82.81
N LYS Q 156 -30.80 52.27 82.41
CA LYS Q 156 -30.92 51.07 83.23
C LYS Q 156 -29.54 50.50 83.51
N LYS Q 157 -29.28 50.18 84.77
CA LYS Q 157 -27.98 49.66 85.17
C LYS Q 157 -27.81 48.20 84.76
N TYR Q 158 -26.67 47.90 84.13
CA TYR Q 158 -26.37 46.55 83.66
C TYR Q 158 -24.99 46.16 84.16
N SER Q 159 -24.83 44.88 84.49
CA SER Q 159 -23.59 44.38 85.07
C SER Q 159 -22.73 43.73 83.97
N VAL Q 160 -21.46 43.46 84.33
CA VAL Q 160 -20.51 42.92 83.35
C VAL Q 160 -20.96 41.55 82.87
N ASP Q 161 -21.47 40.72 83.78
CA ASP Q 161 -22.03 39.43 83.37
C ASP Q 161 -23.26 39.60 82.50
N GLU Q 162 -24.08 40.62 82.78
CA GLU Q 162 -25.33 40.81 82.07
C GLU Q 162 -25.15 41.40 80.67
N PHE Q 163 -24.10 42.19 80.46
CA PHE Q 163 -23.84 42.76 79.15
C PHE Q 163 -23.17 41.77 78.21
N THR Q 164 -22.83 40.59 78.70
CA THR Q 164 -22.27 39.53 77.85
C THR Q 164 -23.24 39.13 76.75
N SER Q 165 -24.55 39.20 77.01
CA SER Q 165 -25.54 38.89 75.98
C SER Q 165 -25.42 39.82 74.78
N ARG Q 166 -25.33 41.14 75.06
CA ARG Q 166 -25.19 42.12 73.99
C ARG Q 166 -23.90 41.90 73.21
N VAL Q 167 -22.81 41.61 73.91
CA VAL Q 167 -21.51 41.40 73.25
C VAL Q 167 -21.55 40.17 72.35
N ALA Q 168 -22.13 39.07 72.84
CA ALA Q 168 -22.23 37.87 72.03
C ALA Q 168 -23.06 38.11 70.78
N GLY Q 169 -24.19 38.81 70.91
CA GLY Q 169 -24.98 39.16 69.75
C GLY Q 169 -24.22 40.03 68.77
N LEU Q 170 -23.48 41.02 69.27
CA LEU Q 170 -22.70 41.89 68.40
C LEU Q 170 -21.63 41.11 67.63
N ILE Q 171 -20.91 40.22 68.31
CA ILE Q 171 -19.86 39.45 67.64
C ILE Q 171 -20.46 38.53 66.59
N ALA Q 172 -21.57 37.86 66.92
CA ALA Q 172 -22.20 36.98 65.94
C ALA Q 172 -22.86 37.75 64.80
N GLY Q 173 -23.11 39.06 65.00
CA GLY Q 173 -23.70 39.85 63.94
C GLY Q 173 -22.72 40.35 62.89
N THR Q 174 -21.43 40.27 63.18
CA THR Q 174 -20.42 40.82 62.27
C THR Q 174 -20.23 39.91 61.06
N PRO Q 175 -20.25 40.44 59.83
CA PRO Q 175 -20.03 39.59 58.65
C PRO Q 175 -18.60 39.08 58.54
N LEU Q 176 -18.39 38.11 57.64
CA LEU Q 176 -17.16 37.32 57.63
C LEU Q 176 -15.91 38.16 57.37
N SER Q 177 -15.99 39.08 56.41
CA SER Q 177 -14.79 39.82 56.01
C SER Q 177 -14.36 40.86 57.05
N GLN Q 178 -15.16 41.10 58.09
CA GLN Q 178 -15.00 42.28 58.91
C GLN Q 178 -14.62 41.93 60.35
N SER Q 179 -14.40 42.98 61.14
CA SER Q 179 -13.93 42.88 62.51
C SER Q 179 -14.76 43.81 63.40
N VAL Q 180 -14.72 43.53 64.72
CA VAL Q 180 -15.45 44.38 65.66
C VAL Q 180 -14.59 45.48 66.26
N THR Q 181 -13.39 45.71 65.73
CA THR Q 181 -12.60 46.85 66.17
C THR Q 181 -13.34 48.15 65.86
N TYR Q 182 -13.47 48.99 66.89
CA TYR Q 182 -14.09 50.32 66.78
C TYR Q 182 -15.55 50.27 66.34
N THR Q 183 -16.23 49.14 66.55
CA THR Q 183 -17.67 49.12 66.30
C THR Q 183 -18.40 49.82 67.44
N LYS Q 184 -19.37 50.66 67.07
CA LYS Q 184 -20.01 51.58 68.01
C LYS Q 184 -21.34 51.02 68.50
N LEU Q 185 -21.62 51.21 69.79
CA LEU Q 185 -22.88 50.84 70.40
C LEU Q 185 -23.69 52.09 70.69
N SER Q 186 -24.74 52.32 69.90
CA SER Q 186 -25.53 53.53 70.05
C SER Q 186 -26.53 53.45 71.19
N ASP Q 187 -26.81 52.24 71.67
CA ASP Q 187 -27.70 52.08 72.82
C ASP Q 187 -27.04 52.54 74.12
N VAL Q 188 -25.73 52.33 74.25
CA VAL Q 188 -25.03 52.73 75.46
C VAL Q 188 -24.81 54.24 75.48
N VAL Q 189 -25.04 54.85 76.63
CA VAL Q 189 -24.86 56.30 76.79
C VAL Q 189 -23.83 56.67 77.85
N ASP Q 190 -23.56 55.80 78.83
CA ASP Q 190 -22.56 56.09 79.84
C ASP Q 190 -21.66 54.88 80.03
N ILE Q 191 -20.41 55.15 80.39
CA ILE Q 191 -19.43 54.12 80.70
C ILE Q 191 -18.39 54.73 81.63
N PRO Q 192 -17.79 53.95 82.54
CA PRO Q 192 -16.79 54.52 83.44
C PRO Q 192 -15.57 55.07 82.72
N LYS Q 193 -15.02 56.15 83.27
CA LYS Q 193 -13.80 56.74 82.73
C LYS Q 193 -12.63 55.77 82.84
N MET Q 194 -11.70 55.87 81.90
CA MET Q 194 -10.58 54.94 81.81
C MET Q 194 -9.34 55.69 81.31
N THR Q 195 -8.19 55.33 81.86
CA THR Q 195 -6.91 55.90 81.43
C THR Q 195 -6.34 55.10 80.26
N LYS Q 196 -5.67 55.81 79.34
CA LYS Q 196 -5.17 55.17 78.12
C LYS Q 196 -4.14 54.10 78.41
N VAL Q 197 -3.24 54.34 79.37
CA VAL Q 197 -2.23 53.32 79.68
C VAL Q 197 -2.88 52.09 80.31
N ASP Q 198 -3.90 52.28 81.15
CA ASP Q 198 -4.62 51.14 81.72
C ASP Q 198 -5.40 50.39 80.64
N ALA Q 199 -5.98 51.10 79.68
CA ALA Q 199 -6.65 50.45 78.56
C ALA Q 199 -5.68 49.62 77.73
N GLU Q 200 -4.49 50.16 77.47
CA GLU Q 200 -3.49 49.42 76.71
C GLU Q 200 -3.05 48.17 77.47
N SER Q 201 -2.86 48.29 78.78
CA SER Q 201 -2.50 47.12 79.58
C SER Q 201 -3.60 46.06 79.53
N ARG Q 202 -4.86 46.48 79.66
CA ARG Q 202 -5.95 45.52 79.62
C ARG Q 202 -6.04 44.82 78.26
N VAL Q 203 -5.82 45.58 77.17
CA VAL Q 203 -5.83 44.95 75.85
C VAL Q 203 -4.70 43.95 75.73
N ASN Q 204 -3.50 44.30 76.19
CA ASN Q 204 -2.38 43.37 76.09
C ASN Q 204 -2.56 42.15 76.99
N LYS Q 205 -3.36 42.26 78.05
CA LYS Q 205 -3.64 41.10 78.90
C LYS Q 205 -4.64 40.14 78.26
N GLY Q 206 -5.28 40.54 77.18
CA GLY Q 206 -6.22 39.70 76.47
C GLY Q 206 -7.69 39.93 76.76
N GLU Q 207 -8.09 41.14 77.12
CA GLU Q 207 -9.48 41.40 77.45
C GLU Q 207 -10.15 42.28 76.39
N LEU Q 208 -11.43 42.01 76.17
CA LEU Q 208 -12.30 42.84 75.35
C LEU Q 208 -12.94 43.89 76.26
N ILE Q 209 -12.89 45.16 75.84
CA ILE Q 209 -13.30 46.28 76.69
C ILE Q 209 -14.12 47.27 75.87
N LEU Q 210 -14.83 48.15 76.57
CA LEU Q 210 -15.43 49.33 75.96
C LEU Q 210 -14.59 50.55 76.31
N ILE Q 211 -14.54 51.53 75.40
CA ILE Q 211 -13.74 52.73 75.61
C ILE Q 211 -14.55 53.97 75.26
N LYS Q 212 -14.08 55.11 75.75
CA LYS Q 212 -14.75 56.38 75.53
C LYS Q 212 -14.06 57.15 74.41
N GLU Q 213 -14.87 57.73 73.52
CA GLU Q 213 -14.33 58.43 72.36
C GLU Q 213 -15.37 59.44 71.87
N ALA Q 214 -14.92 60.34 71.00
CA ALA Q 214 -15.81 61.35 70.43
C ALA Q 214 -17.04 60.68 69.81
N GLY Q 215 -18.21 61.18 70.17
CA GLY Q 215 -19.45 60.47 69.87
C GLY Q 215 -19.83 59.55 71.01
N ALA Q 216 -20.24 58.34 70.64
CA ALA Q 216 -20.65 57.36 71.64
C ALA Q 216 -19.49 56.44 72.01
N ILE Q 217 -19.85 55.33 72.66
CA ILE Q 217 -18.89 54.33 73.11
C ILE Q 217 -18.73 53.27 72.03
N ARG Q 218 -17.52 52.69 71.96
CA ARG Q 218 -17.26 51.66 70.97
C ARG Q 218 -16.29 50.63 71.54
N ILE Q 219 -16.24 49.46 70.89
CA ILE Q 219 -15.31 48.41 71.26
C ILE Q 219 -13.88 48.83 70.87
N ALA Q 220 -12.92 48.49 71.72
CA ALA Q 220 -11.54 48.89 71.47
C ALA Q 220 -10.89 48.05 70.37
N ARG Q 221 -10.73 46.75 70.61
CA ARG Q 221 -10.00 45.86 69.71
C ARG Q 221 -10.58 44.46 69.83
N GLY Q 222 -10.78 43.82 68.67
CA GLY Q 222 -11.38 42.51 68.62
C GLY Q 222 -10.42 41.40 68.97
N VAL Q 223 -10.05 41.31 70.25
CA VAL Q 223 -8.96 40.44 70.68
C VAL Q 223 -9.51 39.26 71.47
N ASN Q 224 -8.71 38.20 71.54
CA ASN Q 224 -9.02 36.98 72.27
C ASN Q 224 -8.48 37.06 73.69
N SER Q 225 -8.76 36.01 74.48
CA SER Q 225 -8.12 35.87 75.78
C SER Q 225 -6.83 35.07 75.72
N LEU Q 226 -6.43 34.59 74.55
CA LEU Q 226 -5.16 33.89 74.43
C LEU Q 226 -4.00 34.84 74.66
N THR Q 227 -3.06 34.45 75.53
CA THR Q 227 -1.96 35.33 75.91
C THR Q 227 -0.58 34.70 75.78
N GLU Q 228 -0.42 33.38 75.91
CA GLU Q 228 0.88 32.75 75.76
C GLU Q 228 1.03 32.19 74.35
N LEU Q 229 2.05 32.67 73.63
CA LEU Q 229 2.24 32.34 72.22
C LEU Q 229 3.41 31.36 72.10
N THR Q 230 3.19 30.27 71.37
CA THR Q 230 4.20 29.25 71.12
C THR Q 230 4.56 29.26 69.64
N ALA Q 231 5.53 28.42 69.29
CA ALA Q 231 5.98 28.32 67.90
C ALA Q 231 4.90 27.68 67.02
N GLU Q 232 3.89 27.06 67.62
CA GLU Q 232 2.76 26.54 66.86
C GLU Q 232 1.59 27.51 66.83
N LYS Q 233 1.48 28.39 67.82
CA LYS Q 233 0.39 29.34 67.96
C LYS Q 233 0.94 30.76 67.86
N GLY Q 234 0.77 31.38 66.70
CA GLY Q 234 1.28 32.71 66.45
C GLY Q 234 0.34 33.80 66.91
N GLU Q 235 0.75 35.04 66.62
CA GLU Q 235 -0.04 36.21 66.99
C GLU Q 235 -1.39 36.24 66.29
N MET Q 236 -1.48 35.65 65.09
CA MET Q 236 -2.72 35.68 64.34
C MET Q 236 -3.86 34.98 65.07
N PHE Q 237 -3.56 34.07 65.99
CA PHE Q 237 -4.59 33.31 66.70
C PHE Q 237 -5.24 34.11 67.82
N GLN Q 238 -4.80 35.34 68.07
CA GLN Q 238 -5.41 36.17 69.10
C GLN Q 238 -6.55 37.03 68.56
N LYS Q 239 -6.82 37.00 67.26
CA LYS Q 239 -7.82 37.88 66.67
C LYS Q 239 -9.12 37.13 66.43
N ILE Q 240 -10.25 37.76 66.80
CA ILE Q 240 -11.56 37.14 66.65
C ILE Q 240 -11.87 36.86 65.19
N LYS Q 241 -11.57 37.81 64.31
CA LYS Q 241 -11.91 37.66 62.90
C LYS Q 241 -11.22 36.46 62.27
N ILE Q 242 -9.92 36.28 62.57
CA ILE Q 242 -9.16 35.16 62.01
C ILE Q 242 -9.71 33.83 62.51
N VAL Q 243 -9.95 33.74 63.82
CA VAL Q 243 -10.43 32.49 64.41
C VAL Q 243 -11.81 32.14 63.85
N ASP Q 244 -12.67 33.15 63.65
CA ASP Q 244 -13.99 32.90 63.08
C ASP Q 244 -13.88 32.37 61.65
N THR Q 245 -12.99 32.94 60.84
CA THR Q 245 -12.82 32.40 59.48
C THR Q 245 -12.30 30.97 59.51
N LEU Q 246 -11.34 30.68 60.41
CA LEU Q 246 -10.82 29.31 60.49
C LEU Q 246 -11.89 28.32 60.93
N ASP Q 247 -12.76 28.74 61.86
CA ASP Q 247 -13.86 27.87 62.27
C ASP Q 247 -14.82 27.61 61.11
N ILE Q 248 -15.08 28.62 60.28
CA ILE Q 248 -16.00 28.41 59.17
C ILE Q 248 -15.41 27.43 58.15
N ILE Q 249 -14.10 27.55 57.89
CA ILE Q 249 -13.44 26.58 57.02
C ILE Q 249 -13.53 25.17 57.61
N HIS Q 250 -13.28 25.05 58.91
CA HIS Q 250 -13.37 23.75 59.58
C HIS Q 250 -14.74 23.12 59.38
N SER Q 251 -15.81 23.88 59.64
CA SER Q 251 -17.16 23.32 59.55
C SER Q 251 -17.50 22.92 58.12
N ASP Q 252 -17.12 23.73 57.13
CA ASP Q 252 -17.44 23.37 55.75
C ASP Q 252 -16.71 22.10 55.31
N ILE Q 253 -15.42 21.99 55.62
CA ILE Q 253 -14.69 20.79 55.20
C ILE Q 253 -15.23 19.55 55.90
N ARG Q 254 -15.59 19.69 57.19
CA ARG Q 254 -16.18 18.56 57.91
C ARG Q 254 -17.50 18.12 57.27
N LYS Q 255 -18.33 19.08 56.87
CA LYS Q 255 -19.61 18.73 56.24
C LYS Q 255 -19.39 17.96 54.95
N VAL Q 256 -18.43 18.41 54.14
CA VAL Q 256 -18.15 17.71 52.88
C VAL Q 256 -17.68 16.28 53.16
N ILE Q 257 -16.75 16.12 54.10
CA ILE Q 257 -16.21 14.80 54.41
C ILE Q 257 -17.31 13.86 54.88
N ILE Q 258 -18.18 14.34 55.78
CA ILE Q 258 -19.24 13.47 56.30
C ILE Q 258 -20.22 13.12 55.19
N ASP Q 259 -20.61 14.10 54.38
CA ASP Q 259 -21.67 13.86 53.41
C ASP Q 259 -21.23 12.87 52.34
N ASP Q 260 -19.98 12.95 51.88
CA ASP Q 260 -19.62 12.24 50.66
C ASP Q 260 -18.68 11.06 50.83
N TYR Q 261 -18.01 10.89 51.97
CA TYR Q 261 -16.92 9.92 52.02
C TYR Q 261 -16.96 8.94 53.18
N ILE Q 262 -17.34 9.34 54.39
CA ILE Q 262 -17.21 8.47 55.56
C ILE Q 262 -18.11 7.26 55.39
N GLY Q 263 -17.50 6.08 55.29
CA GLY Q 263 -18.22 4.83 55.15
C GLY Q 263 -18.76 4.53 53.77
N LYS Q 264 -18.57 5.44 52.80
CA LYS Q 264 -19.19 5.31 51.49
C LYS Q 264 -18.27 4.76 50.42
N VAL Q 265 -16.95 4.90 50.58
CA VAL Q 265 -15.98 4.47 49.57
C VAL Q 265 -14.88 3.66 50.24
N THR Q 266 -14.25 2.79 49.45
CA THR Q 266 -13.13 2.01 49.95
C THR Q 266 -11.89 2.89 50.11
N ASN Q 267 -11.02 2.51 51.04
CA ASN Q 267 -9.84 3.31 51.37
C ASN Q 267 -8.66 2.86 50.54
N SER Q 268 -8.68 3.18 49.24
CA SER Q 268 -7.55 2.93 48.37
C SER Q 268 -6.93 4.28 47.99
N TYR Q 269 -5.72 4.22 47.43
CA TYR Q 269 -4.99 5.44 47.08
C TYR Q 269 -5.76 6.28 46.05
N ASP Q 270 -6.39 5.63 45.07
CA ASP Q 270 -7.16 6.36 44.06
C ASP Q 270 -8.29 7.18 44.68
N ASN Q 271 -9.03 6.58 45.63
CA ASN Q 271 -10.10 7.32 46.29
C ASN Q 271 -9.55 8.45 47.17
N LYS Q 272 -8.37 8.26 47.75
CA LYS Q 272 -7.71 9.36 48.45
C LYS Q 272 -7.42 10.52 47.51
N CYS Q 273 -6.98 10.22 46.29
CA CYS Q 273 -6.75 11.28 45.31
C CYS Q 273 -8.06 12.01 44.97
N LEU Q 274 -9.17 11.27 44.85
CA LEU Q 274 -10.45 11.93 44.60
C LEU Q 274 -10.83 12.88 45.73
N LEU Q 275 -10.62 12.45 46.98
CA LEU Q 275 -10.89 13.32 48.13
C LEU Q 275 -10.01 14.58 48.09
N ILE Q 276 -8.74 14.41 47.74
CA ILE Q 276 -7.83 15.55 47.63
C ILE Q 276 -8.35 16.55 46.61
N VAL Q 277 -8.83 16.05 45.47
CA VAL Q 277 -9.35 16.94 44.43
C VAL Q 277 -10.57 17.71 44.94
N ALA Q 278 -11.47 17.03 45.65
CA ALA Q 278 -12.67 17.71 46.17
C ALA Q 278 -12.29 18.84 47.15
N ILE Q 279 -11.36 18.56 48.06
CA ILE Q 279 -10.94 19.58 49.03
C ILE Q 279 -10.28 20.75 48.31
N LYS Q 280 -9.45 20.46 47.30
CA LYS Q 280 -8.80 21.52 46.54
C LYS Q 280 -9.83 22.42 45.85
N SER Q 281 -10.89 21.82 45.29
CA SER Q 281 -11.90 22.64 44.64
C SER Q 281 -12.65 23.53 45.63
N TYR Q 282 -12.92 23.01 46.84
CA TYR Q 282 -13.51 23.87 47.86
C TYR Q 282 -12.59 25.05 48.20
N LEU Q 283 -11.29 24.79 48.33
CA LEU Q 283 -10.37 25.89 48.64
C LEU Q 283 -10.31 26.91 47.50
N GLU Q 284 -10.38 26.44 46.26
CA GLU Q 284 -10.40 27.36 45.12
C GLU Q 284 -11.65 28.25 45.17
N GLU Q 285 -12.80 27.67 45.51
CA GLU Q 285 -14.01 28.46 45.65
C GLU Q 285 -13.85 29.52 46.75
N LEU Q 286 -13.20 29.15 47.86
CA LEU Q 286 -12.91 30.14 48.90
C LEU Q 286 -12.02 31.26 48.36
N GLU Q 287 -11.04 30.90 47.53
CA GLU Q 287 -10.15 31.91 46.95
C GLU Q 287 -10.93 32.89 46.07
N LYS Q 288 -11.87 32.38 45.29
CA LYS Q 288 -12.62 33.22 44.36
C LYS Q 288 -13.40 34.32 45.09
N SER Q 289 -13.86 34.03 46.30
CA SER Q 289 -14.62 34.99 47.09
C SER Q 289 -13.74 35.94 47.90
N ALA Q 290 -12.41 35.77 47.84
CA ALA Q 290 -11.42 36.59 48.55
C ALA Q 290 -11.51 36.46 50.06
N LEU Q 291 -11.93 35.30 50.57
CA LEU Q 291 -11.80 35.03 52.00
C LEU Q 291 -10.36 34.64 52.35
N ILE Q 292 -9.66 33.98 51.44
CA ILE Q 292 -8.27 33.58 51.61
C ILE Q 292 -7.47 34.00 50.39
N GLU Q 293 -6.15 34.02 50.52
CA GLU Q 293 -5.28 34.38 49.42
C GLU Q 293 -5.10 33.21 48.45
N SER Q 294 -4.57 33.52 47.27
CA SER Q 294 -4.46 32.57 46.18
C SER Q 294 -3.30 31.62 46.39
N ASP Q 295 -3.24 30.58 45.54
CA ASP Q 295 -2.17 29.58 45.54
C ASP Q 295 -2.14 28.75 46.83
N SER Q 296 -3.29 28.17 47.18
CA SER Q 296 -3.34 27.21 48.28
C SER Q 296 -3.16 25.79 47.73
N THR Q 297 -2.64 24.90 48.58
CA THR Q 297 -2.25 23.56 48.19
C THR Q 297 -2.84 22.51 49.13
N VAL Q 298 -3.06 21.30 48.61
CA VAL Q 298 -3.47 20.12 49.38
C VAL Q 298 -2.75 18.89 48.83
N GLU Q 299 -2.28 18.00 49.71
CA GLU Q 299 -1.61 16.79 49.27
C GLU Q 299 -1.57 15.75 50.40
N ILE Q 300 -0.95 14.61 50.10
CA ILE Q 300 -0.77 13.53 51.06
C ILE Q 300 0.30 13.92 52.07
N ASP Q 301 0.05 13.62 53.35
CA ASP Q 301 1.02 13.87 54.41
C ASP Q 301 1.93 12.65 54.52
N PHE Q 302 3.12 12.73 53.90
CA PHE Q 302 3.99 11.57 53.76
C PHE Q 302 4.63 11.16 55.09
N GLU Q 303 5.11 12.13 55.87
CA GLU Q 303 5.75 11.82 57.15
C GLU Q 303 4.77 11.15 58.11
N ALA Q 304 3.53 11.63 58.15
CA ALA Q 304 2.52 11.03 59.02
C ALA Q 304 2.20 9.60 58.61
N GLN Q 305 2.06 9.35 57.31
CA GLN Q 305 1.82 8.00 56.83
C GLN Q 305 2.98 7.08 57.18
N LYS Q 306 4.22 7.57 57.03
CA LYS Q 306 5.39 6.81 57.42
C LYS Q 306 5.40 6.46 58.90
N SER Q 307 5.10 7.44 59.77
CA SER Q 307 5.11 7.17 61.19
C SER Q 307 4.03 6.16 61.57
N TYR Q 308 2.85 6.28 60.96
CA TYR Q 308 1.79 5.30 61.22
C TYR Q 308 2.22 3.90 60.79
N LEU Q 309 2.84 3.78 59.61
CA LEU Q 309 3.26 2.46 59.14
C LEU Q 309 4.35 1.88 60.04
N LYS Q 310 5.26 2.73 60.51
CA LYS Q 310 6.25 2.28 61.49
C LYS Q 310 5.58 1.77 62.75
N SER Q 311 4.58 2.50 63.25
CA SER Q 311 3.87 2.07 64.45
C SER Q 311 3.14 0.76 64.22
N LYS Q 312 2.73 0.47 62.98
CA LYS Q 312 2.09 -0.82 62.69
C LYS Q 312 3.09 -1.96 62.58
N GLY Q 313 4.39 -1.68 62.57
CA GLY Q 313 5.40 -2.71 62.50
C GLY Q 313 5.98 -3.00 61.13
N VAL Q 314 5.80 -2.09 60.17
CA VAL Q 314 6.28 -2.30 58.81
C VAL Q 314 7.76 -1.93 58.72
N ASP Q 315 8.58 -2.79 58.13
CA ASP Q 315 9.99 -2.50 57.90
C ASP Q 315 10.12 -1.62 56.66
N LEU Q 316 10.36 -0.33 56.88
CA LEU Q 316 10.36 0.64 55.78
C LEU Q 316 11.51 0.45 54.80
N SER Q 317 12.62 -0.13 55.24
CA SER Q 317 13.81 -0.19 54.39
C SER Q 317 13.53 -1.01 53.14
N TYR Q 318 14.18 -0.62 52.04
CA TYR Q 318 14.02 -1.26 50.74
C TYR Q 318 12.59 -1.15 50.23
N MET Q 319 11.93 -0.04 50.58
CA MET Q 319 10.65 0.35 50.00
C MET Q 319 10.84 1.70 49.33
N THR Q 320 10.45 1.79 48.06
CA THR Q 320 10.58 3.07 47.36
C THR Q 320 9.55 4.07 47.86
N LEU Q 321 9.74 5.33 47.50
CA LEU Q 321 8.83 6.38 47.95
C LEU Q 321 7.41 6.12 47.45
N GLN Q 322 7.27 5.63 46.22
CA GLN Q 322 5.93 5.40 45.67
C GLN Q 322 5.20 4.28 46.42
N GLU Q 323 5.93 3.23 46.82
CA GLU Q 323 5.32 2.16 47.60
C GLU Q 323 4.83 2.65 48.95
N ILE Q 324 5.59 3.54 49.59
CA ILE Q 324 5.16 4.09 50.88
C ILE Q 324 3.96 5.02 50.69
N LYS Q 325 3.96 5.82 49.63
CA LYS Q 325 2.86 6.75 49.40
C LYS Q 325 1.53 6.02 49.20
N GLU Q 326 1.55 4.87 48.53
CA GLU Q 326 0.32 4.18 48.17
C GLU Q 326 0.00 3.00 49.07
N ALA Q 327 0.71 2.84 50.19
CA ALA Q 327 0.49 1.68 51.06
C ALA Q 327 -0.87 1.75 51.73
N ASN Q 328 -1.41 0.57 52.06
CA ASN Q 328 -2.67 0.46 52.79
C ASN Q 328 -2.51 1.02 54.20
N THR Q 329 -3.53 1.73 54.67
CA THR Q 329 -3.53 2.36 55.99
C THR Q 329 -4.82 2.07 56.75
N GLY Q 330 -5.39 0.89 56.53
CA GLY Q 330 -6.61 0.52 57.22
C GLY Q 330 -7.76 1.44 56.87
N SER Q 331 -8.25 2.18 57.88
CA SER Q 331 -9.33 3.14 57.69
C SER Q 331 -8.86 4.58 57.73
N LYS Q 332 -7.56 4.83 57.80
CA LYS Q 332 -7.00 6.16 58.04
C LYS Q 332 -6.66 6.87 56.72
N VAL Q 333 -6.71 8.21 56.78
CA VAL Q 333 -6.26 9.07 55.69
C VAL Q 333 -5.46 10.21 56.31
N PHE Q 334 -4.26 10.46 55.78
CA PHE Q 334 -3.39 11.52 56.26
C PHE Q 334 -3.18 12.55 55.16
N LEU Q 335 -3.58 13.80 55.42
CA LEU Q 335 -3.49 14.88 54.45
C LEU Q 335 -2.95 16.14 55.12
N LYS Q 336 -2.41 17.05 54.30
CA LYS Q 336 -1.94 18.36 54.76
C LYS Q 336 -2.22 19.42 53.71
N ALA Q 337 -2.29 20.68 54.14
CA ALA Q 337 -2.68 21.79 53.28
C ALA Q 337 -2.02 23.08 53.73
N LYS Q 338 -2.04 24.09 52.86
CA LYS Q 338 -1.47 25.41 53.14
C LYS Q 338 -2.44 26.49 52.70
N ILE Q 339 -2.71 27.46 53.57
CA ILE Q 339 -3.57 28.61 53.27
C ILE Q 339 -2.94 29.88 53.84
N LYS Q 340 -3.46 31.03 53.41
CA LYS Q 340 -3.01 32.34 53.89
C LYS Q 340 -4.21 33.25 54.08
N VAL Q 341 -4.22 33.98 55.21
CA VAL Q 341 -5.29 34.92 55.54
C VAL Q 341 -4.67 36.28 55.86
N LEU Q 342 -5.33 37.34 55.40
CA LEU Q 342 -4.86 38.70 55.60
C LEU Q 342 -5.67 39.42 56.69
N ASP Q 343 -5.08 40.46 57.25
CA ASP Q 343 -5.71 41.24 58.32
C ASP Q 343 -6.53 42.38 57.74
N ALA Q 344 -7.38 42.95 58.60
CA ALA Q 344 -8.17 44.11 58.25
C ALA Q 344 -7.42 45.40 58.58
N MET Q 345 -7.95 46.52 58.08
CA MET Q 345 -7.37 47.84 58.28
C MET Q 345 -7.74 48.34 59.67
N GLU Q 346 -6.73 48.57 60.53
CA GLU Q 346 -6.98 48.87 61.93
C GLU Q 346 -6.44 50.23 62.38
N ASP Q 347 -5.21 50.58 61.98
CA ASP Q 347 -4.63 51.85 62.40
C ASP Q 347 -4.07 52.60 61.20
N ILE Q 348 -4.22 53.92 61.23
CA ILE Q 348 -3.87 54.80 60.12
C ILE Q 348 -2.99 55.93 60.63
N ASP Q 349 -1.93 56.23 59.89
CA ASP Q 349 -1.10 57.40 60.13
C ASP Q 349 -1.21 58.33 58.92
N LEU Q 350 -1.63 59.57 59.17
CA LEU Q 350 -1.70 60.58 58.11
C LEU Q 350 -0.99 61.84 58.58
N SER Q 351 0.15 62.15 57.95
CA SER Q 351 0.97 63.30 58.27
C SER Q 351 0.67 64.42 57.28
N ILE Q 352 0.22 65.56 57.78
CA ILE Q 352 -0.20 66.69 56.97
C ILE Q 352 0.73 67.87 57.23
N GLU Q 353 1.31 68.41 56.16
CA GLU Q 353 2.17 69.59 56.23
C GLU Q 353 1.37 70.78 55.72
N ILE Q 354 1.45 71.90 56.43
CA ILE Q 354 0.62 73.06 56.11
C ILE Q 354 1.44 74.16 55.46
N ASN R 3 23.89 -35.12 34.12
CA ASN R 3 22.53 -35.28 34.63
C ASN R 3 21.47 -35.21 33.52
N MET R 4 21.91 -34.98 32.29
CA MET R 4 20.99 -34.97 31.16
C MET R 4 21.13 -36.28 30.39
N GLU R 5 20.05 -37.04 30.32
CA GLU R 5 20.02 -38.29 29.58
C GLU R 5 18.92 -38.26 28.54
N ALA R 6 19.11 -39.04 27.48
CA ALA R 6 18.14 -39.12 26.39
C ALA R 6 16.76 -39.59 26.88
N ARG R 7 16.70 -40.46 27.88
CA ARG R 7 15.42 -40.93 28.41
C ARG R 7 14.61 -39.83 29.06
N ASN R 8 15.23 -38.71 29.44
CA ASN R 8 14.52 -37.64 30.13
C ASN R 8 13.64 -36.79 29.20
N VAL R 9 13.86 -36.86 27.89
CA VAL R 9 13.08 -36.05 26.95
C VAL R 9 11.63 -36.52 26.96
N MET R 10 10.70 -35.57 27.05
CA MET R 10 9.29 -35.91 27.17
C MET R 10 8.70 -36.33 25.83
N SER R 11 8.00 -37.46 25.83
CA SER R 11 7.32 -37.96 24.64
C SER R 11 5.87 -37.48 24.61
N GLY R 12 5.45 -36.99 23.44
CA GLY R 12 4.09 -36.50 23.26
C GLY R 12 2.98 -37.54 23.40
N THR R 13 3.30 -38.83 23.31
CA THR R 13 2.31 -39.88 23.54
C THR R 13 1.78 -39.88 24.97
N TRP R 14 2.52 -39.31 25.92
CA TRP R 14 2.09 -39.23 27.30
C TRP R 14 1.35 -37.93 27.63
N GLY R 15 0.68 -37.33 26.64
CA GLY R 15 -0.11 -36.14 26.86
C GLY R 15 -1.58 -36.45 27.11
N GLU R 16 -2.23 -35.60 27.92
CA GLU R 16 -3.66 -35.69 28.20
C GLU R 16 -4.27 -34.31 28.16
N LEU R 17 -5.58 -34.24 27.88
CA LEU R 17 -6.27 -32.98 27.66
C LEU R 17 -7.70 -33.01 28.19
N TRP R 18 -8.08 -31.98 28.93
CA TRP R 18 -9.47 -31.74 29.34
C TRP R 18 -9.95 -30.45 28.66
N LEU R 19 -11.16 -30.47 28.12
CA LEU R 19 -11.78 -29.31 27.51
C LEU R 19 -13.18 -29.14 28.07
N ASP R 20 -13.46 -27.95 28.62
CA ASP R 20 -14.76 -27.65 29.24
C ASP R 20 -15.11 -28.66 30.34
N GLY R 21 -14.08 -29.16 31.03
CA GLY R 21 -14.24 -30.12 32.10
C GLY R 21 -14.32 -31.58 31.69
N ASN R 22 -14.25 -31.89 30.40
CA ASN R 22 -14.39 -33.26 29.92
C ASN R 22 -13.10 -33.76 29.29
N LYS R 23 -12.76 -35.02 29.58
CA LYS R 23 -11.56 -35.63 29.00
C LYS R 23 -11.72 -35.79 27.49
N VAL R 24 -10.63 -35.56 26.75
CA VAL R 24 -10.62 -35.69 25.30
C VAL R 24 -9.72 -36.87 24.94
N ALA R 25 -10.32 -38.06 24.85
CA ALA R 25 -9.56 -39.28 24.60
C ALA R 25 -8.98 -39.36 23.19
N GLU R 26 -9.50 -38.58 22.25
CA GLU R 26 -9.15 -38.73 20.83
C GLU R 26 -8.18 -37.64 20.40
N VAL R 27 -7.46 -37.05 21.35
CA VAL R 27 -6.58 -35.91 21.09
C VAL R 27 -5.33 -36.41 20.36
N LYS R 28 -4.92 -35.67 19.33
CA LYS R 28 -3.70 -35.94 18.58
C LYS R 28 -2.57 -34.95 18.88
N LYS R 29 -2.86 -33.67 19.02
CA LYS R 29 -1.83 -32.69 19.40
C LYS R 29 -2.49 -31.49 20.08
N PHE R 30 -1.67 -30.79 20.87
CA PHE R 30 -2.10 -29.59 21.59
C PHE R 30 -0.95 -28.60 21.64
N GLN R 31 -1.28 -27.33 21.36
CA GLN R 31 -0.28 -26.28 21.28
C GLN R 31 -0.86 -25.00 21.87
N ALA R 32 -0.03 -24.25 22.60
CA ALA R 32 -0.42 -22.95 23.15
C ALA R 32 0.82 -22.11 23.39
N LYS R 33 0.80 -20.87 22.89
CA LYS R 33 1.98 -20.03 22.88
C LYS R 33 1.57 -18.56 22.99
N MET R 34 2.38 -17.80 23.74
CA MET R 34 2.22 -16.35 23.89
C MET R 34 3.23 -15.63 23.01
N GLU R 35 2.74 -14.90 22.01
CA GLU R 35 3.59 -14.14 21.10
C GLU R 35 3.63 -12.68 21.54
N PHE R 36 4.81 -12.19 21.91
CA PHE R 36 4.94 -10.86 22.49
C PHE R 36 4.86 -9.78 21.40
N THR R 37 4.20 -8.68 21.73
CA THR R 37 4.21 -7.48 20.91
C THR R 37 5.39 -6.62 21.34
N LYS R 38 6.34 -6.41 20.43
CA LYS R 38 7.55 -5.63 20.69
C LYS R 38 7.68 -4.53 19.64
N GLU R 39 8.06 -3.35 20.08
CA GLU R 39 8.18 -2.21 19.17
C GLU R 39 9.59 -1.62 19.27
N ASP R 40 10.19 -1.32 18.13
CA ASP R 40 11.57 -0.85 18.07
C ASP R 40 11.72 0.56 18.65
N ILE R 41 12.82 0.80 19.36
CA ILE R 41 13.14 2.12 19.90
C ILE R 41 14.63 2.38 19.69
N ILE R 42 14.95 3.39 18.90
CA ILE R 42 16.33 3.79 18.64
C ILE R 42 16.73 4.85 19.66
N ILE R 43 17.82 4.59 20.39
CA ILE R 43 18.33 5.49 21.42
C ILE R 43 19.47 6.31 20.83
N ALA R 44 19.42 7.63 21.04
CA ALA R 44 20.49 8.50 20.56
C ALA R 44 21.83 8.08 21.15
N GLY R 45 22.83 7.95 20.29
CA GLY R 45 24.16 7.53 20.69
C GLY R 45 24.40 6.04 20.79
N GLN R 46 23.42 5.20 20.46
CA GLN R 46 23.56 3.75 20.56
C GLN R 46 23.31 3.10 19.21
N MET R 47 24.28 2.33 18.73
CA MET R 47 24.18 1.67 17.43
C MET R 47 23.18 0.52 17.41
N GLY R 48 23.06 -0.22 18.51
CA GLY R 48 22.12 -1.33 18.57
C GLY R 48 20.69 -0.91 18.88
N THR R 49 19.76 -1.22 17.98
CA THR R 49 18.35 -0.90 18.18
C THR R 49 17.75 -1.78 19.29
N ASP R 50 17.06 -1.15 20.24
CA ASP R 50 16.42 -1.82 21.37
C ASP R 50 14.91 -1.92 21.14
N THR R 51 14.21 -2.57 22.09
CA THR R 51 12.78 -2.83 21.98
C THR R 51 12.07 -2.54 23.30
N LYS R 52 10.77 -2.23 23.21
CA LYS R 52 9.90 -2.05 24.36
C LYS R 52 8.77 -3.08 24.31
N TYR R 53 8.57 -3.79 25.41
CA TYR R 53 7.53 -4.81 25.49
C TYR R 53 6.16 -4.15 25.74
N MET R 54 5.18 -4.46 24.89
CA MET R 54 3.84 -3.86 24.99
C MET R 54 2.72 -4.82 25.35
N GLY R 55 2.92 -6.12 25.32
CA GLY R 55 1.85 -7.06 25.61
C GLY R 55 2.05 -8.34 24.83
N TYR R 56 0.99 -9.16 24.80
CA TYR R 56 1.08 -10.45 24.13
C TYR R 56 -0.27 -10.87 23.55
N LYS R 57 -0.21 -11.78 22.59
CA LYS R 57 -1.37 -12.43 21.98
C LYS R 57 -1.25 -13.94 22.13
N GLY R 58 -2.25 -14.57 22.74
CA GLY R 58 -2.25 -16.01 22.95
C GLY R 58 -2.85 -16.74 21.75
N LYS R 59 -2.07 -17.68 21.21
CA LYS R 59 -2.52 -18.48 20.06
C LYS R 59 -2.24 -19.96 20.31
N GLY R 60 -3.14 -20.81 19.81
CA GLY R 60 -3.06 -22.24 20.01
C GLY R 60 -3.86 -23.00 18.99
N SER R 61 -3.82 -24.33 19.10
CA SER R 61 -4.53 -25.24 18.20
C SER R 61 -4.69 -26.60 18.86
N ILE R 62 -5.74 -27.31 18.44
CA ILE R 62 -6.02 -28.69 18.85
C ILE R 62 -6.28 -29.50 17.59
N THR R 63 -5.74 -30.72 17.54
CA THR R 63 -6.06 -31.68 16.48
C THR R 63 -6.66 -32.93 17.11
N LEU R 64 -7.76 -33.42 16.53
CA LEU R 64 -8.44 -34.62 17.02
C LEU R 64 -8.66 -35.60 15.89
N TYR R 65 -8.65 -36.89 16.23
CA TYR R 65 -9.25 -37.90 15.37
C TYR R 65 -10.76 -37.71 15.36
N HIS R 66 -11.38 -37.89 14.20
CA HIS R 66 -12.82 -37.68 14.03
C HIS R 66 -13.58 -38.93 14.48
N VAL R 67 -14.08 -38.91 15.71
CA VAL R 67 -14.86 -40.04 16.24
C VAL R 67 -16.26 -39.59 16.66
N SER R 68 -16.46 -38.29 16.87
CA SER R 68 -17.74 -37.78 17.35
C SER R 68 -17.93 -36.34 16.87
N SER R 69 -19.06 -35.76 17.23
CA SER R 69 -19.37 -34.36 16.91
C SER R 69 -19.13 -33.43 18.10
N ARG R 70 -17.91 -33.45 18.64
CA ARG R 70 -17.61 -32.69 19.86
C ARG R 70 -17.72 -31.18 19.61
N MET R 71 -17.01 -30.67 18.60
CA MET R 71 -16.99 -29.22 18.35
C MET R 71 -18.36 -28.69 17.92
N HIS R 72 -19.08 -29.48 17.09
CA HIS R 72 -20.42 -29.08 16.68
C HIS R 72 -21.28 -28.78 17.88
N LYS R 73 -21.34 -29.72 18.83
CA LYS R 73 -22.15 -29.53 20.02
C LYS R 73 -21.63 -28.38 20.88
N LEU R 74 -20.32 -28.18 20.94
CA LEU R 74 -19.79 -27.12 21.79
C LEU R 74 -20.21 -25.73 21.28
N ILE R 75 -20.12 -25.48 19.97
CA ILE R 75 -20.27 -24.08 19.56
C ILE R 75 -21.27 -23.77 18.43
N GLY R 76 -21.80 -24.80 17.74
CA GLY R 76 -22.49 -24.54 16.49
C GLY R 76 -23.73 -23.66 16.62
N GLU R 77 -24.65 -24.05 17.50
CA GLU R 77 -25.91 -23.30 17.61
C GLU R 77 -25.68 -21.90 18.20
N LYS R 78 -24.77 -21.78 19.17
CA LYS R 78 -24.52 -20.48 19.80
C LYS R 78 -23.88 -19.50 18.84
N ILE R 79 -22.95 -19.95 17.99
CA ILE R 79 -22.27 -19.04 17.07
C ILE R 79 -23.25 -18.40 16.11
N LYS R 80 -24.21 -19.17 15.60
CA LYS R 80 -25.17 -18.64 14.64
C LYS R 80 -26.07 -17.58 15.26
N ARG R 81 -26.32 -17.66 16.56
CA ARG R 81 -27.19 -16.70 17.23
C ARG R 81 -26.46 -15.44 17.69
N GLY R 82 -25.14 -15.38 17.59
CA GLY R 82 -24.39 -14.24 18.03
C GLY R 82 -23.90 -14.28 19.47
N SER R 83 -23.99 -15.43 20.14
CA SER R 83 -23.44 -15.62 21.47
C SER R 83 -22.15 -16.43 21.35
N GLU R 84 -21.04 -15.84 21.75
CA GLU R 84 -19.77 -16.54 21.62
C GLU R 84 -19.38 -17.16 22.95
N PRO R 85 -19.25 -18.47 23.04
CA PRO R 85 -18.82 -19.12 24.29
C PRO R 85 -17.31 -19.12 24.46
N ARG R 86 -16.89 -19.17 25.72
CA ARG R 86 -15.48 -19.19 26.11
C ARG R 86 -15.22 -20.41 26.99
N PHE R 87 -14.00 -20.95 26.92
CA PHE R 87 -13.71 -22.25 27.51
C PHE R 87 -12.39 -22.25 28.29
N VAL R 88 -12.21 -23.32 29.08
CA VAL R 88 -11.00 -23.59 29.83
C VAL R 88 -10.45 -24.95 29.39
N ALA R 89 -9.15 -25.02 29.13
CA ALA R 89 -8.50 -26.28 28.79
C ALA R 89 -7.36 -26.56 29.76
N ILE R 90 -7.16 -27.84 30.09
CA ILE R 90 -6.08 -28.28 30.96
C ILE R 90 -5.25 -29.33 30.21
N SER R 91 -3.97 -29.06 30.02
CA SER R 91 -3.08 -30.00 29.35
C SER R 91 -2.06 -30.54 30.36
N LYS R 92 -1.88 -31.86 30.32
CA LYS R 92 -0.96 -32.56 31.21
C LYS R 92 0.02 -33.38 30.39
N LEU R 93 1.30 -33.32 30.76
CA LEU R 93 2.36 -34.10 30.14
C LEU R 93 3.10 -34.84 31.24
N ASN R 94 2.93 -36.17 31.33
CA ASN R 94 3.50 -36.95 32.43
C ASN R 94 4.19 -38.20 31.84
N ASP R 95 5.43 -38.01 31.39
CA ASP R 95 6.25 -39.11 30.89
C ASP R 95 6.88 -39.86 32.05
N PRO R 96 6.67 -41.17 32.17
CA PRO R 96 7.20 -41.89 33.34
C PRO R 96 8.72 -41.84 33.46
N ASP R 97 9.46 -41.65 32.38
CA ASP R 97 10.90 -41.56 32.44
C ASP R 97 11.43 -40.14 32.59
N SER R 98 10.55 -39.13 32.66
CA SER R 98 10.97 -37.75 32.84
C SER R 98 11.10 -37.39 34.32
N TYR R 99 11.62 -36.18 34.59
CA TYR R 99 11.82 -35.73 35.96
C TYR R 99 10.49 -35.58 36.70
N GLY R 100 9.48 -35.04 36.05
CA GLY R 100 8.20 -34.81 36.69
C GLY R 100 7.11 -34.56 35.67
N ALA R 101 6.02 -33.95 36.12
CA ALA R 101 4.87 -33.66 35.26
C ALA R 101 4.74 -32.16 35.03
N GLU R 102 4.13 -31.80 33.91
CA GLU R 102 3.89 -30.42 33.53
C GLU R 102 2.39 -30.28 33.20
N ARG R 103 1.67 -29.53 34.02
CA ARG R 103 0.23 -29.36 33.88
C ARG R 103 -0.09 -27.87 33.85
N ILE R 104 -0.85 -27.44 32.85
CA ILE R 104 -1.12 -26.01 32.65
C ILE R 104 -2.59 -25.84 32.28
N ALA R 105 -3.24 -24.85 32.90
CA ALA R 105 -4.60 -24.45 32.54
C ALA R 105 -4.55 -23.26 31.59
N VAL R 106 -5.26 -23.35 30.48
CA VAL R 106 -5.36 -22.29 29.49
C VAL R 106 -6.80 -21.77 29.52
N LYS R 107 -6.99 -20.47 29.69
CA LYS R 107 -8.30 -19.92 30.03
C LYS R 107 -8.75 -18.85 29.04
N ASN R 108 -10.07 -18.60 29.04
CA ASN R 108 -10.72 -17.63 28.14
C ASN R 108 -10.44 -17.97 26.67
N ILE R 109 -10.63 -19.24 26.32
CA ILE R 109 -10.36 -19.74 24.97
C ILE R 109 -11.53 -19.41 24.06
N ALA R 110 -11.23 -18.82 22.90
CA ALA R 110 -12.19 -18.61 21.83
C ALA R 110 -11.69 -19.27 20.55
N PHE R 111 -12.49 -20.17 19.99
CA PHE R 111 -12.09 -20.89 18.79
C PHE R 111 -12.18 -20.01 17.54
N ASP R 112 -11.39 -20.35 16.53
CA ASP R 112 -11.25 -19.52 15.34
C ASP R 112 -12.24 -19.89 14.23
N ASP R 113 -12.76 -21.11 14.21
CA ASP R 113 -13.64 -21.56 13.14
C ASP R 113 -14.45 -22.77 13.63
N LEU R 114 -15.19 -23.38 12.70
CA LEU R 114 -15.91 -24.63 12.96
C LEU R 114 -15.98 -25.44 11.67
N THR R 115 -15.49 -26.68 11.72
CA THR R 115 -15.54 -27.60 10.59
C THR R 115 -16.86 -28.37 10.64
N LEU R 116 -17.70 -28.19 9.62
CA LEU R 116 -18.93 -28.95 9.53
C LEU R 116 -18.69 -30.31 8.88
N ALA R 117 -17.95 -30.35 7.77
CA ALA R 117 -17.59 -31.62 7.14
C ALA R 117 -16.25 -31.45 6.43
N ASP R 118 -15.43 -32.50 6.49
CA ASP R 118 -14.19 -32.56 5.71
C ASP R 118 -13.84 -34.03 5.52
N TRP R 119 -14.27 -34.61 4.41
CA TRP R 119 -13.98 -36.02 4.17
C TRP R 119 -13.55 -36.25 2.72
N GLU R 120 -12.74 -37.29 2.53
CA GLU R 120 -12.21 -37.71 1.25
C GLU R 120 -12.15 -39.24 1.21
N VAL R 121 -12.54 -39.82 0.08
CA VAL R 121 -12.53 -41.28 -0.06
C VAL R 121 -11.11 -41.79 0.11
N GLY R 122 -10.95 -42.85 0.91
CA GLY R 122 -9.65 -43.43 1.17
C GLY R 122 -8.80 -42.71 2.18
N VAL R 123 -9.33 -41.73 2.89
CA VAL R 123 -8.58 -40.93 3.86
C VAL R 123 -9.32 -40.95 5.19
N LYS R 124 -8.60 -41.20 6.29
CA LYS R 124 -9.21 -41.18 7.61
C LYS R 124 -9.41 -39.74 8.10
N GLY R 125 -10.46 -39.53 8.87
CA GLY R 125 -10.88 -38.19 9.26
C GLY R 125 -10.10 -37.62 10.45
N GLU R 126 -9.77 -36.33 10.35
CA GLU R 126 -9.12 -35.57 11.41
C GLU R 126 -9.71 -34.17 11.44
N ILE R 127 -9.66 -33.52 12.61
CA ILE R 127 -10.19 -32.18 12.80
C ILE R 127 -9.10 -31.28 13.40
N GLU R 128 -8.86 -30.13 12.75
CA GLU R 128 -7.91 -29.14 13.23
C GLU R 128 -8.65 -27.88 13.67
N ALA R 129 -8.49 -27.48 14.93
CA ALA R 129 -9.26 -26.39 15.52
C ALA R 129 -8.36 -25.33 16.17
N PRO R 130 -8.00 -24.27 15.45
CA PRO R 130 -7.21 -23.19 16.05
C PRO R 130 -8.03 -22.32 17.01
N PHE R 131 -7.34 -21.62 17.90
CA PHE R 131 -8.01 -20.78 18.90
C PHE R 131 -7.07 -19.68 19.39
N THR R 132 -7.64 -18.74 20.15
CA THR R 132 -6.93 -17.69 20.87
C THR R 132 -7.31 -17.74 22.35
N PHE R 133 -6.49 -17.12 23.20
CA PHE R 133 -6.69 -17.16 24.64
C PHE R 133 -5.98 -15.98 25.30
N THR R 134 -6.33 -15.70 26.57
CA THR R 134 -5.72 -14.53 27.21
C THR R 134 -5.05 -14.81 28.56
N GLU R 135 -5.40 -15.90 29.25
CA GLU R 135 -4.85 -16.16 30.58
C GLU R 135 -4.42 -17.63 30.73
N TYR R 136 -3.65 -17.89 31.80
CA TYR R 136 -3.15 -19.23 32.10
C TYR R 136 -2.73 -19.34 33.56
N ASP R 137 -2.57 -20.59 34.03
CA ASP R 137 -2.11 -20.88 35.38
C ASP R 137 -1.19 -22.10 35.36
N PHE R 138 -0.15 -22.05 36.19
CA PHE R 138 0.80 -23.14 36.35
C PHE R 138 0.36 -24.03 37.50
N LEU R 139 0.06 -25.30 37.20
CA LEU R 139 -0.12 -26.33 38.20
C LEU R 139 0.89 -27.44 37.91
N ASP R 140 1.82 -27.70 38.83
CA ASP R 140 2.86 -28.72 38.61
C ASP R 140 3.74 -28.39 37.40
N ILE R 141 4.62 -27.43 37.58
CA ILE R 141 5.74 -27.27 36.67
C ILE R 141 6.93 -28.07 37.19
N ILE R 142 7.90 -28.31 36.31
CA ILE R 142 9.08 -29.09 36.65
C ILE R 142 10.24 -28.17 37.02
N ASN S 3 21.47 5.58 32.19
CA ASN S 3 20.23 5.81 32.93
C ASN S 3 18.98 5.58 32.07
N MET S 4 19.03 5.96 30.80
CA MET S 4 17.85 5.77 29.96
C MET S 4 17.94 4.44 29.21
N GLU S 5 16.83 3.71 29.22
CA GLU S 5 16.73 2.44 28.52
C GLU S 5 15.33 2.37 27.92
N ALA S 6 15.19 1.56 26.87
CA ALA S 6 13.91 1.41 26.18
C ALA S 6 12.77 1.00 27.11
N ARG S 7 13.05 0.23 28.17
CA ARG S 7 11.99 -0.18 29.08
C ARG S 7 11.34 0.98 29.83
N ASN S 8 12.02 2.11 29.96
CA ASN S 8 11.49 3.25 30.70
C ASN S 8 10.37 3.98 29.95
N VAL S 9 10.21 3.77 28.65
CA VAL S 9 9.16 4.48 27.90
C VAL S 9 7.80 4.00 28.37
N MET S 10 6.91 4.95 28.66
CA MET S 10 5.60 4.63 29.20
C MET S 10 4.65 4.09 28.13
N SER S 11 4.07 2.92 28.39
CA SER S 11 3.09 2.33 27.50
C SER S 11 1.69 2.82 27.83
N GLY S 12 0.90 3.11 26.79
CA GLY S 12 -0.47 3.55 26.95
C GLY S 12 -1.45 2.52 27.49
N THR S 13 -1.09 1.23 27.45
CA THR S 13 -1.96 0.20 28.03
C THR S 13 -2.07 0.33 29.55
N TRP S 14 -1.13 1.02 30.21
CA TRP S 14 -1.16 1.22 31.65
C TRP S 14 -1.83 2.53 32.05
N GLY S 15 -2.74 3.05 31.22
CA GLY S 15 -3.47 4.25 31.54
C GLY S 15 -4.84 3.96 32.15
N GLU S 16 -5.28 4.84 33.03
CA GLU S 16 -6.60 4.75 33.66
C GLU S 16 -7.23 6.14 33.73
N LEU S 17 -8.56 6.17 33.79
CA LEU S 17 -9.32 7.41 33.70
C LEU S 17 -10.52 7.41 34.65
N TRP S 18 -10.70 8.51 35.36
CA TRP S 18 -11.89 8.79 36.15
C TRP S 18 -12.61 10.00 35.57
N LEU S 19 -13.94 9.91 35.44
CA LEU S 19 -14.74 11.00 34.89
C LEU S 19 -15.93 11.26 35.82
N ASP S 20 -16.00 12.47 36.36
CA ASP S 20 -17.06 12.87 37.30
C ASP S 20 -17.10 11.94 38.51
N GLY S 21 -15.93 11.47 38.95
CA GLY S 21 -15.80 10.59 40.09
C GLY S 21 -15.95 9.11 39.80
N ASN S 22 -16.32 8.72 38.59
CA ASN S 22 -16.58 7.33 38.25
C ASN S 22 -15.51 6.81 37.29
N LYS S 23 -14.96 5.65 37.60
CA LYS S 23 -13.95 5.04 36.76
C LYS S 23 -14.57 4.54 35.45
N VAL S 24 -13.87 4.73 34.34
CA VAL S 24 -14.36 4.32 33.03
C VAL S 24 -13.42 3.24 32.51
N ALA S 25 -13.86 1.99 32.64
CA ALA S 25 -13.04 0.85 32.28
C ALA S 25 -12.92 0.64 30.77
N GLU S 26 -13.73 1.32 29.97
CA GLU S 26 -13.82 1.08 28.53
C GLU S 26 -13.02 2.12 27.74
N VAL S 27 -12.13 2.83 28.43
CA VAL S 27 -11.38 3.94 27.82
C VAL S 27 -10.37 3.38 26.83
N LYS S 28 -10.29 4.00 25.64
CA LYS S 28 -9.32 3.68 24.60
C LYS S 28 -8.16 4.68 24.54
N LYS S 29 -8.43 5.97 24.63
CA LYS S 29 -7.36 6.97 24.65
C LYS S 29 -7.84 8.25 25.32
N PHE S 30 -6.88 9.07 25.77
CA PHE S 30 -7.14 10.31 26.46
C PHE S 30 -6.08 11.35 26.09
N GLN S 31 -6.53 12.56 25.79
CA GLN S 31 -5.67 13.65 25.34
C GLN S 31 -6.07 14.92 26.08
N ALA S 32 -5.08 15.73 26.46
CA ALA S 32 -5.32 17.05 27.03
C ALA S 32 -4.08 17.92 26.83
N LYS S 33 -4.27 19.12 26.29
CA LYS S 33 -3.15 19.94 25.86
C LYS S 33 -3.54 21.42 25.89
N MET S 34 -2.58 22.27 26.25
CA MET S 34 -2.78 23.71 26.33
C MET S 34 -2.09 24.40 25.15
N GLU S 35 -2.88 25.04 24.29
CA GLU S 35 -2.37 25.77 23.12
C GLU S 35 -2.19 27.24 23.49
N PHE S 36 -0.97 27.75 23.36
CA PHE S 36 -0.68 29.12 23.74
C PHE S 36 -1.06 30.10 22.64
N THR S 37 -1.53 31.28 23.03
CA THR S 37 -1.82 32.38 22.12
C THR S 37 -0.62 33.33 22.10
N LYS S 38 -0.02 33.51 20.93
CA LYS S 38 1.18 34.33 20.77
C LYS S 38 0.98 35.35 19.65
N GLU S 39 1.44 36.57 19.89
CA GLU S 39 1.33 37.66 18.92
C GLU S 39 2.72 38.12 18.51
N ASP S 40 2.93 38.28 17.20
CA ASP S 40 4.20 38.74 16.67
C ASP S 40 4.47 40.19 17.07
N ILE S 41 5.74 40.50 17.31
CA ILE S 41 6.18 41.85 17.66
C ILE S 41 7.53 42.09 17.00
N ILE S 42 7.59 43.11 16.15
CA ILE S 42 8.83 43.51 15.48
C ILE S 42 9.47 44.65 16.27
N ILE S 43 10.72 44.46 16.66
CA ILE S 43 11.48 45.49 17.39
C ILE S 43 12.36 46.23 16.41
N ALA S 44 12.32 47.56 16.47
CA ALA S 44 13.18 48.38 15.62
C ALA S 44 14.65 48.05 15.86
N GLY S 45 15.38 47.84 14.76
CA GLY S 45 16.77 47.47 14.81
C GLY S 45 17.08 46.00 14.97
N GLN S 46 16.07 45.13 14.97
CA GLN S 46 16.28 43.70 15.17
C GLN S 46 15.67 42.92 14.01
N MET S 47 16.47 42.04 13.40
CA MET S 47 15.99 41.28 12.25
C MET S 47 15.07 40.12 12.65
N GLY S 48 15.32 39.49 13.80
CA GLY S 48 14.48 38.40 14.26
C GLY S 48 13.21 38.87 14.95
N THR S 49 12.05 38.48 14.42
CA THR S 49 10.77 38.86 15.02
C THR S 49 10.49 38.01 16.28
N ASP S 50 10.09 38.69 17.35
CA ASP S 50 9.80 38.07 18.65
C ASP S 50 8.29 37.94 18.86
N THR S 51 7.91 37.38 20.01
CA THR S 51 6.51 37.13 20.34
C THR S 51 6.20 37.51 21.78
N LYS S 52 4.93 37.81 22.03
CA LYS S 52 4.42 38.10 23.36
C LYS S 52 3.36 37.06 23.71
N TYR S 53 3.53 36.41 24.87
CA TYR S 53 2.57 35.42 25.34
C TYR S 53 1.31 36.11 25.87
N MET S 54 0.15 35.64 25.44
CA MET S 54 -1.11 36.29 25.79
C MET S 54 -2.10 35.40 26.56
N GLY S 55 -1.93 34.09 26.58
CA GLY S 55 -2.89 33.21 27.21
C GLY S 55 -2.85 31.82 26.57
N TYR S 56 -3.85 31.01 26.93
CA TYR S 56 -3.91 29.64 26.43
C TYR S 56 -5.35 29.16 26.34
N LYS S 57 -5.55 28.17 25.47
CA LYS S 57 -6.84 27.48 25.33
C LYS S 57 -6.61 25.98 25.48
N GLY S 58 -7.33 25.37 26.43
CA GLY S 58 -7.21 23.94 26.69
C GLY S 58 -8.12 23.13 25.79
N LYS S 59 -7.55 22.14 25.12
CA LYS S 59 -8.27 21.26 24.21
C LYS S 59 -7.89 19.82 24.50
N GLY S 60 -8.86 18.91 24.32
CA GLY S 60 -8.66 17.50 24.65
C GLY S 60 -9.68 16.60 23.97
N SER S 61 -9.55 15.30 24.22
CA SER S 61 -10.46 14.30 23.65
C SER S 61 -10.39 12.99 24.42
N ILE S 62 -11.50 12.27 24.42
CA ILE S 62 -11.61 10.92 24.99
C ILE S 62 -12.22 10.01 23.93
N THR S 63 -11.66 8.81 23.78
CA THR S 63 -12.24 7.76 22.94
C THR S 63 -12.59 6.55 23.79
N LEU S 64 -13.79 6.02 23.63
CA LEU S 64 -14.26 4.86 24.38
C LEU S 64 -14.79 3.78 23.45
N TYR S 65 -14.63 2.52 23.88
CA TYR S 65 -15.43 1.44 23.32
C TYR S 65 -16.89 1.62 23.75
N HIS S 66 -17.81 1.34 22.82
CA HIS S 66 -19.24 1.55 23.07
C HIS S 66 -19.81 0.33 23.81
N VAL S 67 -19.96 0.45 25.12
CA VAL S 67 -20.49 -0.64 25.94
C VAL S 67 -21.75 -0.20 26.68
N SER S 68 -21.98 1.11 26.79
CA SER S 68 -23.12 1.63 27.53
C SER S 68 -23.43 3.05 27.06
N SER S 69 -24.45 3.66 27.66
CA SER S 69 -24.89 5.02 27.32
C SER S 69 -24.36 6.04 28.32
N ARG S 70 -23.04 6.06 28.51
CA ARG S 70 -22.44 6.93 29.53
C ARG S 70 -22.65 8.42 29.21
N MET S 71 -22.27 8.84 28.00
CA MET S 71 -22.35 10.26 27.64
C MET S 71 -23.80 10.74 27.56
N HIS S 72 -24.69 9.89 27.06
CA HIS S 72 -26.12 10.23 27.02
C HIS S 72 -26.60 10.64 28.41
N LYS S 73 -26.35 9.77 29.40
CA LYS S 73 -26.79 10.06 30.77
C LYS S 73 -26.07 11.27 31.35
N LEU S 74 -24.81 11.49 30.97
CA LEU S 74 -24.10 12.63 31.54
C LEU S 74 -24.66 13.97 31.06
N ILE S 75 -24.97 14.10 29.76
CA ILE S 75 -25.23 15.46 29.27
C ILE S 75 -26.52 15.69 28.47
N GLY S 76 -27.19 14.63 28.01
CA GLY S 76 -28.20 14.80 26.98
C GLY S 76 -29.38 15.66 27.41
N GLU S 77 -29.98 15.34 28.55
CA GLU S 77 -31.17 16.08 28.99
C GLU S 77 -30.83 17.53 29.34
N LYS S 78 -29.71 17.75 30.02
CA LYS S 78 -29.33 19.09 30.44
C LYS S 78 -29.03 19.99 29.25
N ILE S 79 -28.38 19.47 28.20
CA ILE S 79 -28.03 20.29 27.05
C ILE S 79 -29.30 20.80 26.34
N LYS S 80 -30.35 19.98 26.31
CA LYS S 80 -31.58 20.38 25.65
C LYS S 80 -32.27 21.53 26.37
N ARG S 81 -32.20 21.55 27.70
CA ARG S 81 -32.83 22.59 28.51
C ARG S 81 -32.02 23.88 28.58
N GLY S 82 -30.76 23.86 28.14
CA GLY S 82 -29.93 25.04 28.18
C GLY S 82 -28.98 25.18 29.35
N SER S 83 -28.92 24.20 30.24
CA SER S 83 -28.04 24.26 31.40
C SER S 83 -26.85 23.32 31.18
N GLU S 84 -25.69 23.90 30.83
CA GLU S 84 -24.49 23.17 30.47
C GLU S 84 -23.75 22.70 31.71
N PRO S 85 -23.49 21.40 31.87
CA PRO S 85 -22.70 20.92 33.01
C PRO S 85 -21.21 20.94 32.73
N ARG S 86 -20.44 20.95 33.83
CA ARG S 86 -18.98 20.95 33.78
C ARG S 86 -18.44 19.82 34.65
N PHE S 87 -17.29 19.27 34.26
CA PHE S 87 -16.81 18.02 34.83
C PHE S 87 -15.34 18.11 35.22
N VAL S 88 -14.91 17.11 36.01
CA VAL S 88 -13.52 16.90 36.40
C VAL S 88 -13.10 15.51 35.94
N ALA S 89 -11.93 15.42 35.30
CA ALA S 89 -11.36 14.13 34.89
C ALA S 89 -9.97 13.97 35.49
N ILE S 90 -9.65 12.74 35.88
CA ILE S 90 -8.34 12.40 36.42
C ILE S 90 -7.72 11.30 35.56
N SER S 91 -6.51 11.55 35.06
CA SER S 91 -5.79 10.59 34.24
C SER S 91 -4.55 10.10 34.99
N LYS S 92 -4.33 8.78 34.95
CA LYS S 92 -3.19 8.15 35.61
C LYS S 92 -2.45 7.27 34.63
N LEU S 93 -1.14 7.39 34.60
CA LEU S 93 -0.27 6.56 33.78
C LEU S 93 0.77 5.94 34.70
N ASN S 94 0.65 4.62 34.94
CA ASN S 94 1.52 3.90 35.89
C ASN S 94 2.06 2.63 35.24
N ASP S 95 3.13 2.78 34.48
CA ASP S 95 3.80 1.64 33.85
C ASP S 95 4.80 1.03 34.83
N PRO S 96 4.69 -0.27 35.16
CA PRO S 96 5.59 -0.84 36.18
C PRO S 96 7.08 -0.75 35.84
N ASP S 97 7.45 -0.65 34.57
CA ASP S 97 8.84 -0.54 34.17
C ASP S 97 9.34 0.90 34.04
N SER S 98 8.52 1.90 34.36
CA SER S 98 8.93 3.29 34.29
C SER S 98 9.41 3.79 35.66
N TYR S 99 9.89 5.04 35.70
CA TYR S 99 10.39 5.60 36.95
C TYR S 99 9.29 5.76 38.00
N GLY S 100 8.10 6.15 37.58
CA GLY S 100 7.01 6.39 38.50
C GLY S 100 5.70 6.66 37.82
N ALA S 101 4.72 7.11 38.59
CA ALA S 101 3.38 7.37 38.09
C ALA S 101 3.21 8.85 37.76
N GLU S 102 2.35 9.12 36.76
CA GLU S 102 1.99 10.46 36.35
C GLU S 102 0.46 10.58 36.46
N ARG S 103 -0.02 11.37 37.41
CA ARG S 103 -1.45 11.56 37.67
C ARG S 103 -1.81 13.03 37.56
N ILE S 104 -2.84 13.35 36.80
CA ILE S 104 -3.22 14.73 36.53
C ILE S 104 -4.74 14.86 36.59
N ALA S 105 -5.21 15.94 37.22
CA ALA S 105 -6.62 16.30 37.23
C ALA S 105 -6.86 17.42 36.22
N VAL S 106 -7.83 17.23 35.33
CA VAL S 106 -8.23 18.22 34.34
C VAL S 106 -9.64 18.71 34.70
N LYS S 107 -9.78 20.01 34.93
CA LYS S 107 -10.98 20.56 35.55
C LYS S 107 -11.70 21.58 34.64
N ASN S 108 -12.97 21.83 34.97
CA ASN S 108 -13.86 22.71 34.20
C ASN S 108 -13.98 22.25 32.74
N ILE S 109 -14.21 20.96 32.57
CA ILE S 109 -14.33 20.35 31.24
C ILE S 109 -15.72 20.61 30.67
N ALA S 110 -15.77 21.07 29.43
CA ALA S 110 -17.01 21.21 28.66
C ALA S 110 -16.89 20.44 27.35
N PHE S 111 -17.79 19.48 27.14
CA PHE S 111 -17.74 18.63 25.95
C PHE S 111 -18.23 19.40 24.71
N ASP S 112 -17.68 19.04 23.55
CA ASP S 112 -17.96 19.72 22.29
C ASP S 112 -19.23 19.23 21.59
N ASP S 113 -19.65 17.99 21.83
CA ASP S 113 -20.78 17.43 21.09
C ASP S 113 -21.35 16.24 21.86
N LEU S 114 -22.32 15.56 21.25
CA LEU S 114 -22.88 14.33 21.79
C LEU S 114 -23.28 13.41 20.65
N THR S 115 -22.78 12.17 20.67
CA THR S 115 -23.12 11.17 19.67
C THR S 115 -24.31 10.36 20.16
N LEU S 116 -25.43 10.45 19.43
CA LEU S 116 -26.61 9.65 19.75
C LEU S 116 -26.51 8.24 19.17
N ALA S 117 -26.06 8.11 17.92
CA ALA S 117 -25.86 6.80 17.29
C ALA S 117 -24.78 6.90 16.23
N ASP S 118 -23.94 5.88 16.16
CA ASP S 118 -22.96 5.74 15.08
C ASP S 118 -22.64 4.24 14.92
N TRP S 119 -23.37 3.57 14.03
CA TRP S 119 -23.15 2.14 13.83
C TRP S 119 -23.14 1.81 12.34
N GLU S 120 -22.35 0.78 12.00
CA GLU S 120 -22.21 0.25 10.66
C GLU S 120 -22.09 -1.27 10.72
N VAL S 121 -22.78 -1.95 9.81
CA VAL S 121 -22.76 -3.41 9.78
C VAL S 121 -21.33 -3.89 9.60
N GLY S 122 -20.93 -4.88 10.39
CA GLY S 122 -19.58 -5.42 10.34
C GLY S 122 -18.51 -4.61 11.03
N VAL S 123 -18.87 -3.58 11.80
CA VAL S 123 -17.91 -2.70 12.46
C VAL S 123 -18.24 -2.65 13.95
N LYS S 124 -17.22 -2.78 14.79
CA LYS S 124 -17.42 -2.61 16.23
C LYS S 124 -17.55 -1.13 16.59
N GLY S 125 -18.36 -0.85 17.61
CA GLY S 125 -18.71 0.52 17.94
C GLY S 125 -17.68 1.23 18.81
N GLU S 126 -17.41 2.48 18.46
CA GLU S 126 -16.51 3.36 19.21
C GLU S 126 -17.11 4.77 19.26
N ILE S 127 -16.73 5.53 20.28
CA ILE S 127 -17.22 6.89 20.49
C ILE S 127 -16.03 7.84 20.70
N GLU S 128 -16.04 8.96 19.98
CA GLU S 128 -15.03 10.01 20.13
C GLU S 128 -15.68 11.27 20.68
N ALA S 129 -15.16 11.77 21.80
CA ALA S 129 -15.77 12.88 22.53
C ALA S 129 -14.77 13.99 22.80
N PRO S 130 -14.64 14.97 21.91
CA PRO S 130 -13.76 16.12 22.16
C PRO S 130 -14.31 17.06 23.22
N PHE S 131 -13.41 17.82 23.85
CA PHE S 131 -13.79 18.75 24.91
C PHE S 131 -12.81 19.91 25.01
N THR S 132 -13.20 20.92 25.80
CA THR S 132 -12.34 22.04 26.19
C THR S 132 -12.29 22.13 27.71
N PHE S 133 -11.26 22.80 28.23
CA PHE S 133 -11.04 22.90 29.67
C PHE S 133 -10.23 24.15 29.98
N THR S 134 -10.19 24.55 31.28
CA THR S 134 -9.44 25.75 31.64
C THR S 134 -8.43 25.53 32.76
N GLU S 135 -8.58 24.51 33.60
CA GLU S 135 -7.72 24.35 34.77
C GLU S 135 -7.16 22.94 34.86
N TYR S 136 -6.09 22.78 35.64
CA TYR S 136 -5.51 21.48 35.92
C TYR S 136 -4.72 21.51 37.22
N ASP S 137 -4.40 20.31 37.73
CA ASP S 137 -3.57 20.17 38.93
C ASP S 137 -2.70 18.92 38.82
N PHE S 138 -1.48 19.02 39.33
CA PHE S 138 -0.48 17.95 39.30
C PHE S 138 -0.56 17.16 40.60
N LEU S 139 -0.83 15.86 40.49
CA LEU S 139 -0.69 14.92 41.60
C LEU S 139 0.22 13.79 41.14
N ASP S 140 1.34 13.55 41.82
CA ASP S 140 2.30 12.52 41.37
C ASP S 140 2.86 12.84 39.98
N ILE S 141 3.78 13.79 39.96
CA ILE S 141 4.66 13.96 38.81
C ILE S 141 5.94 13.14 38.99
N ILE S 142 6.66 12.93 37.90
CA ILE S 142 7.90 12.17 37.94
C ILE S 142 9.11 13.10 38.06
N ASN T 3 17.28 46.48 26.40
CA ASN T 3 16.34 46.84 27.46
C ASN T 3 14.92 46.49 27.05
N MET T 4 14.53 46.89 25.84
CA MET T 4 13.19 46.59 25.33
C MET T 4 13.13 45.15 24.83
N GLU T 5 12.15 44.40 25.33
CA GLU T 5 11.89 43.03 24.94
C GLU T 5 10.39 42.88 24.74
N ALA T 6 10.02 41.95 23.85
CA ALA T 6 8.61 41.72 23.56
C ALA T 6 7.78 41.40 24.80
N ARG T 7 8.37 40.73 25.80
CA ARG T 7 7.65 40.40 27.03
C ARG T 7 7.21 41.62 27.80
N ASN T 8 7.91 42.75 27.68
CA ASN T 8 7.57 43.95 28.44
C ASN T 8 6.30 44.64 27.97
N VAL T 9 5.80 44.34 26.77
CA VAL T 9 4.57 44.96 26.28
C VAL T 9 3.39 44.51 27.14
N MET T 10 2.56 45.47 27.57
CA MET T 10 1.48 45.18 28.51
C MET T 10 0.30 44.52 27.82
N SER T 11 -0.16 43.40 28.37
CA SER T 11 -1.34 42.71 27.86
C SER T 11 -2.61 43.21 28.54
N GLY T 12 -3.65 43.41 27.75
CA GLY T 12 -4.94 43.87 28.25
C GLY T 12 -5.68 42.89 29.14
N THR T 13 -5.34 41.60 29.09
CA THR T 13 -5.95 40.63 29.99
C THR T 13 -5.61 40.91 31.45
N TRP T 14 -4.57 41.70 31.72
CA TRP T 14 -4.20 42.05 33.08
C TRP T 14 -4.79 43.39 33.55
N GLY T 15 -5.89 43.83 32.94
CA GLY T 15 -6.57 45.04 33.37
C GLY T 15 -7.60 44.78 34.46
N GLU T 16 -7.81 45.78 35.32
CA GLU T 16 -8.81 45.74 36.37
C GLU T 16 -9.50 47.10 36.47
N LEU T 17 -10.74 47.11 36.97
CA LEU T 17 -11.55 48.32 36.99
C LEU T 17 -12.45 48.38 38.23
N TRP T 18 -12.45 49.54 38.87
CA TRP T 18 -13.41 49.88 39.92
C TRP T 18 -14.29 51.01 39.42
N LEU T 19 -15.59 50.94 39.70
CA LEU T 19 -16.55 51.97 39.32
C LEU T 19 -17.44 52.28 40.51
N ASP T 20 -17.43 53.55 40.95
CA ASP T 20 -18.21 53.98 42.12
C ASP T 20 -17.84 53.18 43.36
N GLY T 21 -16.56 52.81 43.46
CA GLY T 21 -16.04 52.04 44.58
C GLY T 21 -16.21 50.54 44.50
N ASN T 22 -16.86 50.02 43.46
CA ASN T 22 -17.16 48.59 43.35
C ASN T 22 -16.36 47.99 42.20
N LYS T 23 -15.81 46.81 42.42
CA LYS T 23 -15.06 46.11 41.39
C LYS T 23 -15.99 45.64 40.27
N VAL T 24 -15.51 45.74 39.04
CA VAL T 24 -16.27 45.32 37.87
C VAL T 24 -15.57 44.12 37.26
N ALA T 25 -15.93 42.92 37.73
CA ALA T 25 -15.28 41.71 37.23
C ALA T 25 -15.66 41.38 35.79
N GLU T 26 -16.69 42.04 35.25
CA GLU T 26 -17.27 41.66 33.97
C GLU T 26 -16.74 42.55 32.85
N VAL T 27 -15.56 43.14 33.06
CA VAL T 27 -15.07 44.22 32.21
C VAL T 27 -14.34 43.61 31.01
N LYS T 28 -14.60 44.15 29.82
CA LYS T 28 -13.98 43.73 28.57
C LYS T 28 -12.99 44.73 28.00
N LYS T 29 -13.25 46.03 28.13
CA LYS T 29 -12.29 47.05 27.72
C LYS T 29 -12.59 48.36 28.45
N PHE T 30 -11.56 49.19 28.59
CA PHE T 30 -11.65 50.49 29.22
C PHE T 30 -10.81 51.49 28.43
N GLN T 31 -11.39 52.66 28.19
CA GLN T 31 -10.81 53.70 27.34
C GLN T 31 -10.98 55.06 28.02
N ALA T 32 -9.97 55.92 27.91
CA ALA T 32 -10.06 57.28 28.43
C ALA T 32 -8.97 58.14 27.80
N LYS T 33 -9.38 59.23 27.15
CA LYS T 33 -8.45 60.05 26.37
C LYS T 33 -8.88 61.52 26.41
N MET T 34 -7.88 62.40 26.45
CA MET T 34 -8.10 63.85 26.46
C MET T 34 -7.83 64.43 25.06
N GLU T 35 -8.87 64.97 24.44
CA GLU T 35 -8.79 65.61 23.13
C GLU T 35 -8.51 67.10 23.29
N PHE T 36 -7.36 67.55 22.79
CA PHE T 36 -7.00 68.96 22.94
C PHE T 36 -7.73 69.81 21.91
N THR T 37 -8.14 70.99 22.33
CA THR T 37 -8.73 72.00 21.46
C THR T 37 -7.63 72.97 21.03
N LYS T 38 -7.36 73.02 19.71
CA LYS T 38 -6.28 73.85 19.18
C LYS T 38 -6.82 74.79 18.10
N GLU T 39 -6.37 76.04 18.15
CA GLU T 39 -6.79 77.08 17.23
C GLU T 39 -5.63 77.51 16.34
N ASP T 40 -5.86 77.54 15.04
CA ASP T 40 -4.81 77.92 14.08
C ASP T 40 -4.45 79.39 14.24
N ILE T 41 -3.15 79.69 14.17
CA ILE T 41 -2.63 81.05 14.22
C ILE T 41 -1.61 81.21 13.09
N ILE T 42 -1.84 82.18 12.21
CA ILE T 42 -0.91 82.52 11.15
C ILE T 42 -0.11 83.74 11.58
N ILE T 43 1.22 83.61 11.59
CA ILE T 43 2.12 84.67 12.01
C ILE T 43 2.71 85.35 10.79
N ALA T 44 2.64 86.68 10.77
CA ALA T 44 3.17 87.44 9.64
C ALA T 44 4.66 87.17 9.44
N GLY T 45 5.02 86.79 8.22
CA GLY T 45 6.39 86.47 7.87
C GLY T 45 6.79 85.02 8.06
N GLN T 46 5.89 84.15 8.51
CA GLN T 46 6.19 82.74 8.74
C GLN T 46 5.30 81.87 7.87
N MET T 47 5.90 80.96 7.12
CA MET T 47 5.16 80.10 6.20
C MET T 47 4.40 78.99 6.91
N GLY T 48 4.94 78.44 8.00
CA GLY T 48 4.26 77.37 8.70
C GLY T 48 3.23 77.86 9.71
N THR T 49 1.98 77.46 9.54
CA THR T 49 0.93 77.82 10.48
C THR T 49 1.16 77.17 11.85
N ASP T 50 1.01 77.96 12.91
CA ASP T 50 1.15 77.51 14.29
C ASP T 50 -0.21 77.34 14.94
N THR T 51 -0.22 76.87 16.19
CA THR T 51 -1.45 76.60 16.93
C THR T 51 -1.36 77.13 18.35
N LYS T 52 -2.51 77.41 18.94
CA LYS T 52 -2.64 77.82 20.33
C LYS T 52 -3.52 76.82 21.07
N TYR T 53 -3.04 76.36 22.24
CA TYR T 53 -3.79 75.39 23.04
C TYR T 53 -4.83 76.11 23.89
N MET T 54 -6.10 75.70 23.77
CA MET T 54 -7.21 76.34 24.47
C MET T 54 -7.87 75.51 25.56
N GLY T 55 -7.70 74.20 25.58
CA GLY T 55 -8.37 73.36 26.56
C GLY T 55 -8.46 71.94 26.05
N TYR T 56 -9.25 71.13 26.76
CA TYR T 56 -9.40 69.72 26.40
C TYR T 56 -10.81 69.22 26.73
N LYS T 57 -11.18 68.14 26.05
CA LYS T 57 -12.45 67.45 26.27
C LYS T 57 -12.17 65.98 26.56
N GLY T 58 -12.63 65.51 27.72
CA GLY T 58 -12.38 64.14 28.14
C GLY T 58 -13.44 63.19 27.64
N LYS T 59 -13.00 62.12 26.97
CA LYS T 59 -13.89 61.11 26.41
C LYS T 59 -13.37 59.72 26.66
N GLY T 60 -14.28 58.79 26.92
CA GLY T 60 -13.94 57.40 27.15
C GLY T 60 -15.12 56.48 26.92
N SER T 61 -14.90 55.19 27.18
CA SER T 61 -15.97 54.19 27.08
C SER T 61 -15.61 52.95 27.89
N ILE T 62 -16.64 52.17 28.21
CA ILE T 62 -16.52 50.90 28.91
C ILE T 62 -17.34 49.86 28.17
N THR T 63 -16.79 48.66 28.03
CA THR T 63 -17.54 47.52 27.48
C THR T 63 -17.57 46.40 28.51
N LEU T 64 -18.74 45.82 28.71
CA LEU T 64 -18.95 44.77 29.70
C LEU T 64 -19.66 43.57 29.06
N TYR T 65 -19.34 42.37 29.57
CA TYR T 65 -20.20 41.23 29.33
C TYR T 65 -21.51 41.43 30.10
N HIS T 66 -22.63 41.12 29.47
CA HIS T 66 -23.94 41.35 30.09
C HIS T 66 -24.23 40.22 31.07
N VAL T 67 -24.02 40.48 32.36
CA VAL T 67 -24.19 39.48 33.40
C VAL T 67 -25.18 39.95 34.46
N SER T 68 -25.40 41.26 34.57
CA SER T 68 -26.34 41.81 35.55
C SER T 68 -26.86 43.16 35.04
N SER T 69 -27.64 43.83 35.89
CA SER T 69 -28.22 45.14 35.55
C SER T 69 -27.46 46.29 36.22
N ARG T 70 -26.15 46.35 36.00
CA ARG T 70 -25.31 47.30 36.74
C ARG T 70 -25.63 48.75 36.37
N MET T 71 -25.63 49.08 35.08
CA MET T 71 -25.87 50.46 34.66
C MET T 71 -27.31 50.89 34.91
N HIS T 72 -28.26 49.96 34.74
CA HIS T 72 -29.65 50.24 35.08
C HIS T 72 -29.75 50.80 36.49
N LYS T 73 -29.27 50.03 37.47
CA LYS T 73 -29.35 50.45 38.86
C LYS T 73 -28.55 51.73 39.11
N LEU T 74 -27.43 51.92 38.41
CA LEU T 74 -26.63 53.12 38.66
C LEU T 74 -27.36 54.39 38.24
N ILE T 75 -28.01 54.40 37.07
CA ILE T 75 -28.44 55.70 36.54
C ILE T 75 -29.90 55.83 36.11
N GLY T 76 -30.62 54.71 35.94
CA GLY T 76 -31.90 54.76 35.25
C GLY T 76 -32.94 55.62 35.96
N GLU T 77 -33.12 55.40 37.27
CA GLU T 77 -34.19 56.10 37.98
C GLU T 77 -33.88 57.59 38.12
N LYS T 78 -32.61 57.95 38.29
CA LYS T 78 -32.24 59.34 38.47
C LYS T 78 -32.34 60.13 37.18
N ILE T 79 -32.00 59.50 36.04
CA ILE T 79 -32.04 60.22 34.76
C ILE T 79 -33.45 60.67 34.43
N LYS T 80 -34.46 59.85 34.73
CA LYS T 80 -35.84 60.21 34.44
C LYS T 80 -36.30 61.44 35.23
N ARG T 81 -35.87 61.56 36.48
CA ARG T 81 -36.30 62.67 37.32
C ARG T 81 -35.54 63.97 37.04
N GLY T 82 -34.45 63.92 36.28
CA GLY T 82 -33.69 65.10 35.95
C GLY T 82 -32.49 65.41 36.83
N SER T 83 -32.05 64.47 37.67
CA SER T 83 -30.88 64.67 38.52
C SER T 83 -29.78 63.72 38.07
N GLU T 84 -28.77 64.28 37.40
CA GLU T 84 -27.70 63.50 36.76
C GLU T 84 -26.60 63.16 37.76
N PRO T 85 -26.23 61.89 37.89
CA PRO T 85 -25.14 61.50 38.78
C PRO T 85 -23.78 61.54 38.11
N ARG T 86 -22.74 61.69 38.93
CA ARG T 86 -21.35 61.69 38.50
C ARG T 86 -20.57 60.64 39.29
N PHE T 87 -19.56 60.05 38.66
CA PHE T 87 -18.86 58.90 39.23
C PHE T 87 -17.34 59.06 39.13
N VAL T 88 -16.65 58.21 39.88
CA VAL T 88 -15.20 58.07 39.84
C VAL T 88 -14.87 56.63 39.44
N ALA T 89 -13.94 56.47 38.50
CA ALA T 89 -13.46 55.16 38.08
C ALA T 89 -11.96 55.05 38.30
N ILE T 90 -11.50 53.86 38.66
CA ILE T 90 -10.09 53.56 38.83
C ILE T 90 -9.70 52.43 37.89
N SER T 91 -8.66 52.66 37.08
CA SER T 91 -8.19 51.69 36.11
C SER T 91 -6.78 51.25 36.48
N LYS T 92 -6.54 49.94 36.52
CA LYS T 92 -5.24 49.40 36.89
C LYS T 92 -4.79 48.38 35.85
N LEU T 93 -3.54 48.51 35.42
CA LEU T 93 -2.92 47.58 34.46
C LEU T 93 -1.63 47.05 35.08
N ASN T 94 -1.63 45.77 35.48
CA ASN T 94 -0.49 45.18 36.19
C ASN T 94 -0.11 43.84 35.54
N ASP T 95 0.67 43.91 34.47
CA ASP T 95 1.17 42.72 33.79
C ASP T 95 2.39 42.17 34.53
N PRO T 96 2.40 40.90 34.93
CA PRO T 96 3.54 40.37 35.69
C PRO T 96 4.87 40.46 34.96
N ASP T 97 4.88 40.45 33.63
CA ASP T 97 6.11 40.51 32.85
C ASP T 97 6.52 41.93 32.45
N SER T 98 5.80 42.97 32.87
CA SER T 98 6.14 44.34 32.51
C SER T 98 6.99 45.01 33.60
N TYR T 99 7.42 46.24 33.33
CA TYR T 99 8.28 46.97 34.27
C TYR T 99 7.56 47.25 35.59
N GLY T 100 6.31 47.65 35.53
CA GLY T 100 5.56 48.00 36.72
C GLY T 100 4.09 48.07 36.44
N ALA T 101 3.39 48.90 37.20
CA ALA T 101 1.94 49.04 37.10
C ALA T 101 1.54 50.45 36.73
N GLU T 102 0.39 50.57 36.08
CA GLU T 102 -0.21 51.84 35.71
C GLU T 102 -1.60 51.91 36.32
N ARG T 103 -1.80 52.82 37.28
CA ARG T 103 -3.07 53.00 37.97
C ARG T 103 -3.50 54.45 37.85
N ILE T 104 -4.72 54.69 37.41
CA ILE T 104 -5.21 56.04 37.12
C ILE T 104 -6.64 56.17 37.63
N ALA T 105 -6.92 57.29 38.30
CA ALA T 105 -8.27 57.64 38.72
C ALA T 105 -8.86 58.64 37.73
N VAL T 106 -10.05 58.32 37.21
CA VAL T 106 -10.77 59.16 36.27
C VAL T 106 -12.02 59.68 36.99
N LYS T 107 -12.17 61.00 37.07
CA LYS T 107 -13.15 61.61 37.97
C LYS T 107 -14.15 62.48 37.21
N ASN T 108 -15.29 62.71 37.86
CA ASN T 108 -16.41 63.50 37.32
C ASN T 108 -16.91 62.91 35.99
N ILE T 109 -17.24 61.62 36.01
CA ILE T 109 -17.68 60.90 34.83
C ILE T 109 -19.18 61.06 34.65
N ALA T 110 -19.60 61.43 33.44
CA ALA T 110 -21.00 61.47 33.05
C ALA T 110 -21.21 60.55 31.84
N PHE T 111 -22.09 59.57 31.99
CA PHE T 111 -22.34 58.61 30.93
C PHE T 111 -23.20 59.23 29.82
N ASP T 112 -22.98 58.74 28.60
CA ASP T 112 -23.61 59.32 27.41
C ASP T 112 -24.99 58.74 27.12
N ASP T 113 -25.33 57.57 27.65
CA ASP T 113 -26.57 56.89 27.30
C ASP T 113 -26.87 55.80 28.34
N LEU T 114 -27.97 55.08 28.10
CA LEU T 114 -28.35 53.92 28.88
C LEU T 114 -29.00 52.89 27.97
N THR T 115 -28.45 51.68 27.94
CA THR T 115 -29.02 50.58 27.16
C THR T 115 -30.03 49.81 28.01
N LEU T 116 -31.31 49.93 27.66
CA LEU T 116 -32.34 49.14 28.34
C LEU T 116 -32.32 47.68 27.88
N ALA T 117 -32.21 47.44 26.58
CA ALA T 117 -32.19 46.07 26.07
C ALA T 117 -31.44 46.03 24.73
N ASP T 118 -30.63 44.98 24.56
CA ASP T 118 -29.97 44.71 23.28
C ASP T 118 -29.72 43.19 23.22
N TRP T 119 -30.66 42.43 22.66
CA TRP T 119 -30.46 41.01 22.53
C TRP T 119 -30.87 40.53 21.15
N GLU T 120 -30.19 39.47 20.69
CA GLU T 120 -30.42 38.83 19.40
C GLU T 120 -30.23 37.32 19.56
N VAL T 121 -31.13 36.55 18.93
CA VAL T 121 -31.06 35.10 19.04
C VAL T 121 -29.73 34.60 18.46
N GLY T 122 -29.07 33.72 19.21
CA GLY T 122 -27.78 33.19 18.80
C GLY T 122 -26.58 34.07 19.09
N VAL T 123 -26.75 35.18 19.79
CA VAL T 123 -25.66 36.13 20.05
C VAL T 123 -25.53 36.32 21.56
N LYS T 124 -24.29 36.28 22.07
CA LYS T 124 -24.03 36.55 23.47
C LYS T 124 -24.12 38.05 23.75
N GLY T 125 -24.55 38.39 24.97
CA GLY T 125 -24.85 39.77 25.31
C GLY T 125 -23.62 40.56 25.75
N GLU T 126 -23.55 41.81 25.27
CA GLU T 126 -22.50 42.75 25.65
C GLU T 126 -23.12 44.15 25.75
N ILE T 127 -22.48 45.01 26.55
CA ILE T 127 -22.95 46.37 26.75
C ILE T 127 -21.80 47.34 26.50
N GLU T 128 -22.08 48.39 25.73
CA GLU T 128 -21.10 49.43 25.44
C GLU T 128 -21.62 50.77 25.96
N ALA T 129 -20.84 51.41 26.85
CA ALA T 129 -21.29 52.60 27.55
C ALA T 129 -20.26 53.73 27.43
N PRO T 130 -20.42 54.63 26.47
CA PRO T 130 -19.53 55.79 26.37
C PRO T 130 -19.77 56.79 27.51
N PHE T 131 -18.77 57.64 27.74
CA PHE T 131 -18.85 58.65 28.80
C PHE T 131 -17.92 59.82 28.50
N THR T 132 -18.06 60.89 29.29
CA THR T 132 -17.15 62.03 29.31
C THR T 132 -16.70 62.32 30.74
N PHE T 133 -15.63 63.09 30.89
CA PHE T 133 -15.02 63.35 32.19
C PHE T 133 -14.18 64.63 32.09
N THR T 134 -13.77 65.15 33.26
CA THR T 134 -13.01 66.40 33.26
C THR T 134 -11.68 66.34 34.02
N GLU T 135 -11.52 65.44 34.98
CA GLU T 135 -10.33 65.42 35.81
C GLU T 135 -9.73 64.01 35.90
N TYR T 136 -8.49 63.95 36.39
CA TYR T 136 -7.78 62.68 36.59
C TYR T 136 -6.66 62.88 37.60
N ASP T 137 -6.26 61.75 38.21
CA ASP T 137 -5.10 61.70 39.11
C ASP T 137 -4.24 60.50 38.76
N PHE T 138 -2.93 60.65 38.93
CA PHE T 138 -1.95 59.61 38.68
C PHE T 138 -1.64 58.89 39.98
N LEU T 139 -1.70 57.56 39.95
CA LEU T 139 -1.22 56.73 41.05
C LEU T 139 -0.42 55.57 40.46
N ASP T 140 0.87 55.46 40.79
CA ASP T 140 1.71 54.39 40.25
C ASP T 140 1.77 54.46 38.72
N ILE T 141 2.50 55.44 38.22
CA ILE T 141 2.91 55.43 36.82
C ILE T 141 4.27 54.74 36.69
N ILE T 142 4.61 54.38 35.46
CA ILE T 142 5.86 53.66 35.20
C ILE T 142 6.94 54.62 34.70
N ILE U 3 -12.04 0.33 68.95
CA ILE U 3 -11.43 1.07 67.85
C ILE U 3 -11.81 2.54 67.99
N GLY U 4 -12.83 2.82 68.80
CA GLY U 4 -13.26 4.18 69.06
C GLY U 4 -14.23 4.72 68.02
N LEU U 5 -14.61 5.97 68.24
CA LEU U 5 -15.47 6.69 67.30
C LEU U 5 -14.68 7.13 66.07
N PRO U 6 -15.36 7.37 64.95
CA PRO U 6 -14.65 7.92 63.79
C PRO U 6 -14.07 9.29 64.10
N SER U 7 -12.88 9.54 63.56
CA SER U 7 -12.12 10.74 63.86
C SER U 7 -11.94 11.57 62.60
N ILE U 8 -12.49 12.77 62.59
CA ILE U 8 -12.20 13.77 61.56
C ILE U 8 -11.51 14.92 62.27
N ASN U 9 -10.19 14.89 62.31
CA ASN U 9 -9.40 15.84 63.08
C ASN U 9 -8.76 16.84 62.12
N ILE U 10 -9.32 18.04 62.09
CA ILE U 10 -8.84 19.13 61.25
C ILE U 10 -8.24 20.19 62.17
N SER U 11 -6.95 20.43 62.05
CA SER U 11 -6.22 21.31 62.96
C SER U 11 -5.48 22.40 62.19
N PHE U 12 -5.14 23.48 62.88
CA PHE U 12 -4.49 24.65 62.30
C PHE U 12 -3.22 24.98 63.07
N LYS U 13 -2.21 25.49 62.35
CA LYS U 13 -0.91 25.82 62.90
C LYS U 13 -0.18 26.73 61.92
N GLU U 14 0.94 27.32 62.37
CA GLU U 14 1.71 28.16 61.47
C GLU U 14 2.76 27.35 60.71
N LEU U 15 3.49 28.03 59.83
CA LEU U 15 4.45 27.36 58.96
C LEU U 15 5.59 26.76 59.76
N ALA U 16 6.08 25.62 59.30
CA ALA U 16 7.19 24.92 59.94
C ALA U 16 8.42 25.01 59.05
N THR U 17 9.58 25.10 59.69
CA THR U 17 10.84 25.21 58.96
C THR U 17 11.14 23.93 58.18
N THR U 18 11.65 24.11 56.97
CA THR U 18 11.93 23.01 56.06
C THR U 18 13.21 22.29 56.49
N VAL U 19 13.29 20.99 56.19
CA VAL U 19 14.49 20.21 56.46
C VAL U 19 15.18 19.87 55.13
N LYS U 20 16.51 19.95 55.14
CA LYS U 20 17.29 19.58 53.96
C LYS U 20 17.19 18.07 53.70
N GLU U 21 17.29 17.71 52.42
CA GLU U 21 17.07 16.34 51.99
C GLU U 21 18.21 15.42 52.40
N ARG U 22 17.87 14.17 52.70
CA ARG U 22 18.84 13.15 53.07
C ARG U 22 19.59 12.61 51.85
N SER U 23 20.86 12.31 52.03
CA SER U 23 21.70 11.69 51.01
C SER U 23 21.65 10.17 51.16
N ALA U 24 21.59 9.48 50.02
CA ALA U 24 21.66 8.01 50.06
C ALA U 24 23.07 7.54 50.38
N ARG U 25 24.05 8.41 50.25
CA ARG U 25 25.46 8.09 50.45
C ARG U 25 26.01 8.80 51.68
N GLY U 26 27.09 8.26 52.22
CA GLY U 26 27.86 8.95 53.23
C GLY U 26 27.50 8.57 54.65
N ILE U 27 28.34 7.78 55.30
CA ILE U 27 28.11 7.30 56.65
C ILE U 27 29.27 7.79 57.52
N ILE U 28 28.93 8.45 58.62
CA ILE U 28 29.90 9.08 59.49
C ILE U 28 29.89 8.40 60.85
N ALA U 29 31.07 8.03 61.34
CA ALA U 29 31.24 7.53 62.69
C ALA U 29 32.05 8.55 63.47
N MET U 30 31.54 8.96 64.62
CA MET U 30 32.23 9.95 65.45
C MET U 30 32.30 9.46 66.90
N VAL U 31 33.49 9.54 67.48
CA VAL U 31 33.77 9.05 68.82
C VAL U 31 33.73 10.23 69.78
N LEU U 32 32.92 10.12 70.83
CA LEU U 32 32.81 11.13 71.86
C LEU U 32 33.06 10.50 73.23
N LYS U 33 33.33 11.35 74.22
CA LYS U 33 33.49 10.92 75.61
C LYS U 33 32.41 11.56 76.46
N ASP U 34 31.69 10.72 77.21
CA ASP U 34 30.80 11.19 78.27
C ASP U 34 30.66 10.07 79.28
N ALA U 35 30.44 10.45 80.55
CA ALA U 35 30.32 9.46 81.61
C ALA U 35 29.02 8.68 81.55
N LYS U 36 28.07 9.07 80.69
CA LYS U 36 26.72 8.55 80.73
C LYS U 36 26.23 8.22 79.33
N ALA U 37 25.40 7.17 79.24
CA ALA U 37 24.81 6.71 77.98
C ALA U 37 25.87 6.19 77.00
N LEU U 38 26.68 5.25 77.47
CA LEU U 38 27.72 4.65 76.65
C LEU U 38 27.12 3.69 75.62
N GLY U 39 27.98 3.20 74.73
CA GLY U 39 27.61 2.23 73.73
C GLY U 39 27.66 2.82 72.34
N LEU U 40 26.90 2.22 71.44
CA LEU U 40 26.76 2.71 70.07
C LEU U 40 25.37 3.32 69.91
N ASN U 41 25.31 4.53 69.37
CA ASN U 41 24.08 5.25 69.14
C ASN U 41 23.96 5.61 67.67
N GLU U 42 22.82 5.28 67.06
CA GLU U 42 22.57 5.57 65.66
C GLU U 42 21.63 6.75 65.56
N ILE U 43 22.03 7.78 64.81
CA ILE U 43 21.30 9.04 64.72
C ILE U 43 20.90 9.24 63.26
N HIS U 44 19.64 9.60 63.04
CA HIS U 44 19.14 9.84 61.69
C HIS U 44 18.77 11.29 61.46
N GLU U 45 18.06 11.91 62.40
CA GLU U 45 17.62 13.29 62.31
C GLU U 45 18.18 14.09 63.47
N LYS U 46 18.17 15.42 63.31
CA LYS U 46 18.86 16.29 64.25
C LYS U 46 18.23 16.26 65.64
N GLU U 47 16.91 16.08 65.71
CA GLU U 47 16.24 16.12 67.01
C GLU U 47 16.53 14.86 67.82
N ASP U 48 16.69 13.72 67.15
CA ASP U 48 16.89 12.44 67.83
C ASP U 48 18.32 12.39 68.39
N ILE U 49 18.50 12.95 69.57
CA ILE U 49 19.77 12.90 70.28
C ILE U 49 19.51 12.54 71.73
N PRO U 50 20.16 11.50 72.26
CA PRO U 50 19.89 11.09 73.64
C PRO U 50 20.23 12.21 74.62
N VAL U 51 19.25 12.53 75.48
CA VAL U 51 19.37 13.66 76.39
C VAL U 51 20.43 13.45 77.46
N ASP U 52 20.98 12.24 77.58
CA ASP U 52 21.96 11.96 78.61
C ASP U 52 23.29 12.63 78.32
N LEU U 53 23.63 12.83 77.05
CA LEU U 53 24.88 13.50 76.70
C LEU U 53 24.85 14.95 77.16
N SER U 54 26.03 15.46 77.51
CA SER U 54 26.15 16.85 77.90
C SER U 54 25.94 17.77 76.69
N ALA U 55 25.82 19.06 76.97
CA ALA U 55 25.46 20.04 75.93
C ALA U 55 26.53 20.11 74.85
N GLU U 56 27.80 19.99 75.21
CA GLU U 56 28.88 20.09 74.23
C GLU U 56 28.78 18.99 73.18
N ASN U 57 28.49 17.76 73.62
CA ASN U 57 28.34 16.65 72.70
C ASN U 57 27.11 16.85 71.81
N LYS U 58 26.06 17.46 72.35
CA LYS U 58 24.90 17.83 71.54
C LYS U 58 25.30 18.79 70.43
N GLU U 59 26.14 19.79 70.75
CA GLU U 59 26.61 20.72 69.73
C GLU U 59 27.47 20.01 68.69
N TYR U 60 28.33 19.08 69.12
CA TYR U 60 29.17 18.36 68.16
C TYR U 60 28.33 17.55 67.18
N ILE U 61 27.32 16.85 67.70
CA ILE U 61 26.44 16.07 66.83
C ILE U 61 25.70 17.00 65.87
N ASN U 62 25.21 18.13 66.39
CA ASN U 62 24.49 19.07 65.55
C ASN U 62 25.40 19.63 64.45
N LEU U 63 26.69 19.83 64.76
CA LEU U 63 27.64 20.24 63.73
C LEU U 63 27.77 19.18 62.65
N ALA U 64 27.94 17.92 63.04
CA ALA U 64 28.12 16.87 62.04
C ALA U 64 26.86 16.67 61.20
N LEU U 65 25.69 17.02 61.74
CA LEU U 65 24.45 16.83 60.98
C LEU U 65 24.35 17.79 59.79
N MET U 66 24.99 18.96 59.89
CA MET U 66 24.98 19.87 58.74
C MET U 66 25.76 19.29 57.58
N GLY U 67 25.09 19.17 56.44
CA GLY U 67 25.72 18.69 55.23
C GLY U 67 25.93 19.83 54.25
N ASN U 68 26.52 19.50 53.10
CA ASN U 68 26.70 20.51 52.06
C ASN U 68 25.42 20.70 51.26
N VAL U 69 25.06 19.70 50.46
CA VAL U 69 23.91 19.80 49.57
C VAL U 69 22.83 18.90 50.14
N ASN U 70 23.25 17.86 50.85
CA ASN U 70 22.37 16.93 51.53
C ASN U 70 22.95 16.63 52.89
N THR U 71 22.09 16.19 53.81
CA THR U 71 22.59 15.74 55.10
C THR U 71 23.21 14.35 54.98
N PRO U 72 24.21 14.02 55.80
CA PRO U 72 24.83 12.69 55.72
C PRO U 72 23.82 11.59 56.04
N ASN U 73 24.00 10.45 55.38
CA ASN U 73 23.02 9.37 55.45
C ASN U 73 22.83 8.87 56.88
N LYS U 74 23.91 8.73 57.64
CA LYS U 74 23.82 8.11 58.95
C LYS U 74 25.00 8.51 59.81
N LEU U 75 24.73 8.72 61.10
CA LEU U 75 25.76 8.99 62.10
C LEU U 75 25.79 7.83 63.08
N LEU U 76 26.97 7.27 63.31
CA LEU U 76 27.19 6.24 64.31
C LEU U 76 28.03 6.84 65.43
N VAL U 77 27.46 6.92 66.63
CA VAL U 77 28.10 7.56 67.77
C VAL U 77 28.51 6.50 68.77
N TYR U 78 29.79 6.43 69.09
CA TYR U 78 30.33 5.56 70.12
C TYR U 78 30.80 6.42 71.28
N VAL U 79 30.38 6.06 72.49
CA VAL U 79 30.66 6.85 73.70
C VAL U 79 31.57 6.03 74.62
N ILE U 80 32.58 6.68 75.18
CA ILE U 80 33.48 6.09 76.17
C ILE U 80 33.55 7.03 77.36
N GLU U 81 33.62 6.46 78.57
CA GLU U 81 33.66 7.29 79.77
C GLU U 81 34.95 8.10 79.86
N GLY U 82 36.09 7.43 79.71
CA GLY U 82 37.38 8.07 79.89
C GLY U 82 38.30 7.21 80.73
N GLU U 83 39.51 7.74 80.94
CA GLU U 83 40.58 7.02 81.63
C GLU U 83 40.81 5.65 80.99
N ALA U 84 40.79 5.62 79.66
CA ALA U 84 40.93 4.40 78.90
C ALA U 84 41.48 4.73 77.52
N ASP U 85 42.03 3.71 76.87
CA ASP U 85 42.59 3.89 75.53
C ASP U 85 41.47 4.09 74.51
N ILE U 86 41.76 4.88 73.48
CA ILE U 86 40.86 4.99 72.33
C ILE U 86 40.81 3.67 71.57
N GLN U 87 41.79 2.79 71.80
CA GLN U 87 41.81 1.48 71.16
C GLN U 87 40.53 0.70 71.46
N THR U 88 39.92 0.93 72.62
CA THR U 88 38.70 0.18 72.95
C THR U 88 37.55 0.56 72.03
N ALA U 89 37.55 1.78 71.48
CA ALA U 89 36.53 2.14 70.50
C ALA U 89 36.97 1.76 69.09
N LEU U 90 38.27 1.84 68.81
CA LEU U 90 38.75 1.43 67.48
C LEU U 90 38.50 -0.05 67.22
N ASP U 91 38.75 -0.90 68.23
CA ASP U 91 38.51 -2.34 68.08
C ASP U 91 37.05 -2.62 67.79
N PHE U 92 36.14 -1.92 68.47
CA PHE U 92 34.72 -2.09 68.18
C PHE U 92 34.37 -1.60 66.77
N LEU U 93 34.92 -0.45 66.36
CA LEU U 93 34.61 0.09 65.04
C LEU U 93 35.18 -0.77 63.92
N GLU U 94 36.14 -1.63 64.21
CA GLU U 94 36.63 -2.54 63.17
C GLU U 94 35.51 -3.42 62.61
N THR U 95 34.40 -3.55 63.33
CA THR U 95 33.32 -4.43 62.89
C THR U 95 32.26 -3.66 62.10
N LYS U 96 32.08 -2.37 62.37
CA LYS U 96 31.01 -1.63 61.74
C LYS U 96 31.41 -1.12 60.35
N GLU U 97 30.43 -0.65 59.60
CA GLU U 97 30.61 -0.15 58.24
C GLU U 97 30.37 1.35 58.22
N PHE U 98 31.36 2.10 57.75
CA PHE U 98 31.28 3.56 57.71
C PHE U 98 32.27 4.07 56.67
N ASN U 99 32.20 5.39 56.42
CA ASN U 99 33.07 6.03 55.45
C ASN U 99 34.08 7.01 56.06
N TYR U 100 33.66 7.81 57.04
CA TYR U 100 34.54 8.81 57.64
C TYR U 100 34.52 8.69 59.16
N LEU U 101 35.65 9.02 59.79
CA LEU U 101 35.80 8.92 61.24
C LEU U 101 36.36 10.23 61.77
N CYS U 102 35.71 10.77 62.81
CA CYS U 102 36.17 11.98 63.45
C CYS U 102 35.94 11.87 64.95
N MET U 103 36.69 12.66 65.71
CA MET U 103 36.59 12.65 67.17
C MET U 103 37.01 14.02 67.71
N PRO U 104 36.04 14.86 68.07
CA PRO U 104 36.34 16.29 68.34
C PRO U 104 37.35 16.51 69.47
N LYS U 105 37.30 15.71 70.54
CA LYS U 105 38.24 15.81 71.64
C LYS U 105 39.36 14.82 71.40
N ALA U 106 40.59 15.32 71.24
CA ALA U 106 41.74 14.49 70.90
C ALA U 106 43.02 15.08 71.48
N VAL U 107 44.05 14.23 71.57
CA VAL U 107 45.40 14.63 71.92
C VAL U 107 46.37 13.95 70.96
N GLU U 108 47.64 14.35 71.06
CA GLU U 108 48.63 13.96 70.06
C GLU U 108 48.75 12.44 69.97
N ALA U 109 48.78 11.76 71.12
CA ALA U 109 48.86 10.29 71.13
C ALA U 109 47.58 9.67 70.59
N ASP U 110 46.43 10.28 70.90
CA ASP U 110 45.17 9.78 70.39
C ASP U 110 45.08 9.93 68.87
N LYS U 111 45.57 11.07 68.35
CA LYS U 111 45.65 11.25 66.91
C LYS U 111 46.60 10.24 66.28
N THR U 112 47.72 9.95 66.97
CA THR U 112 48.62 8.92 66.49
C THR U 112 47.93 7.57 66.41
N ALA U 113 47.13 7.23 67.42
CA ALA U 113 46.40 5.98 67.40
C ALA U 113 45.44 5.92 66.20
N ILE U 114 44.67 6.99 65.98
CA ILE U 114 43.72 6.98 64.87
C ILE U 114 44.45 6.88 63.53
N LYS U 115 45.54 7.64 63.38
CA LYS U 115 46.30 7.62 62.13
C LYS U 115 46.83 6.23 61.84
N ASN U 116 47.47 5.60 62.83
CA ASN U 116 48.00 4.26 62.62
C ASN U 116 46.89 3.27 62.34
N TRP U 117 45.75 3.41 63.03
CA TRP U 117 44.64 2.48 62.85
C TRP U 117 44.08 2.54 61.43
N ILE U 118 43.91 3.75 60.90
CA ILE U 118 43.37 3.88 59.55
C ILE U 118 44.38 3.42 58.51
N ILE U 119 45.66 3.74 58.71
CA ILE U 119 46.68 3.20 57.82
C ILE U 119 46.63 1.68 57.80
N LYS U 120 46.49 1.08 58.98
CA LYS U 120 46.40 -0.38 59.08
C LYS U 120 45.18 -0.91 58.33
N LEU U 121 44.00 -0.34 58.59
CA LEU U 121 42.80 -0.81 57.90
C LEU U 121 42.98 -0.77 56.39
N ARG U 122 43.38 0.39 55.86
CA ARG U 122 43.47 0.57 54.41
C ARG U 122 44.53 -0.33 53.79
N ASP U 123 45.70 -0.45 54.42
CA ASP U 123 46.79 -1.14 53.73
C ASP U 123 46.79 -2.64 54.00
N ILE U 124 46.48 -3.07 55.22
CA ILE U 124 46.52 -4.47 55.60
C ILE U 124 45.15 -5.12 55.54
N ASP U 125 44.12 -4.47 56.08
CA ASP U 125 42.81 -5.12 56.19
C ASP U 125 41.96 -4.93 54.94
N LYS U 126 42.42 -4.13 53.98
CA LYS U 126 41.73 -3.91 52.71
C LYS U 126 40.31 -3.39 52.91
N VAL U 127 40.16 -2.40 53.78
CA VAL U 127 38.89 -1.69 53.96
C VAL U 127 39.17 -0.20 53.83
N LYS U 128 38.55 0.43 52.84
CA LYS U 128 38.83 1.83 52.50
C LYS U 128 38.01 2.73 53.42
N VAL U 129 38.69 3.32 54.41
CA VAL U 129 38.07 4.27 55.32
C VAL U 129 38.98 5.50 55.41
N LYS U 130 38.41 6.61 55.88
CA LYS U 130 39.11 7.88 55.98
C LYS U 130 38.80 8.55 57.30
N ALA U 131 39.75 9.37 57.77
CA ALA U 131 39.57 10.16 58.98
C ALA U 131 39.89 11.62 58.71
N VAL U 132 39.14 12.50 59.37
CA VAL U 132 39.41 13.93 59.36
C VAL U 132 39.99 14.31 60.72
N LEU U 133 41.26 14.70 60.73
CA LEU U 133 41.99 14.99 61.96
C LEU U 133 42.48 16.43 61.96
N GLY U 134 42.67 16.97 63.16
CA GLY U 134 43.01 18.38 63.32
C GLY U 134 44.40 18.76 62.86
N LYS U 135 45.42 18.30 63.56
CA LYS U 135 46.81 18.62 63.25
C LYS U 135 47.59 17.31 63.14
N VAL U 136 47.52 16.67 61.98
CA VAL U 136 48.23 15.43 61.72
C VAL U 136 48.89 15.53 60.36
N VAL U 137 50.12 15.05 60.27
CA VAL U 137 50.94 15.19 59.07
C VAL U 137 50.99 13.88 58.28
N GLY U 138 49.91 13.10 58.29
CA GLY U 138 49.90 11.84 57.57
C GLY U 138 50.34 12.01 56.13
N ASN U 139 51.15 11.07 55.66
CA ASN U 139 51.56 10.99 54.27
C ASN U 139 50.61 10.14 53.44
N HIS U 140 49.35 10.03 53.84
CA HIS U 140 48.44 9.06 53.24
C HIS U 140 47.22 9.76 52.66
N GLU U 141 46.61 9.11 51.66
CA GLU U 141 45.35 9.59 51.10
C GLU U 141 44.17 9.31 52.02
N GLY U 142 44.34 8.44 53.01
CA GLY U 142 43.29 8.17 53.97
C GLY U 142 43.17 9.17 55.11
N ILE U 143 44.06 10.15 55.17
CA ILE U 143 44.06 11.15 56.25
C ILE U 143 43.83 12.52 55.62
N ILE U 144 42.81 13.23 56.12
CA ILE U 144 42.49 14.58 55.68
C ILE U 144 42.82 15.54 56.82
N ASN U 145 43.77 16.45 56.57
CA ASN U 145 44.34 17.32 57.59
C ASN U 145 43.65 18.69 57.53
N PHE U 146 42.76 18.95 58.48
CA PHE U 146 42.04 20.22 58.56
C PHE U 146 42.72 21.09 59.61
N THR U 147 43.44 22.11 59.16
CA THR U 147 44.25 22.97 60.02
C THR U 147 43.76 24.40 59.94
N THR U 148 42.74 24.75 60.72
CA THR U 148 42.27 26.11 60.85
C THR U 148 41.95 26.38 62.31
N GLU U 149 42.50 27.46 62.85
CA GLU U 149 42.46 27.77 64.27
C GLU U 149 41.26 28.65 64.60
N ASP U 150 40.63 28.38 65.74
CA ASP U 150 39.66 29.28 66.37
C ASP U 150 38.55 29.71 65.41
N VAL U 151 37.77 28.73 64.98
CA VAL U 151 36.64 29.00 64.10
C VAL U 151 35.47 29.52 64.93
N LEU U 152 34.95 30.68 64.55
CA LEU U 152 33.94 31.37 65.34
C LEU U 152 32.58 31.24 64.66
N VAL U 153 31.64 30.61 65.35
CA VAL U 153 30.27 30.44 64.86
C VAL U 153 29.34 31.01 65.93
N GLY U 154 28.61 32.07 65.58
CA GLY U 154 27.64 32.66 66.48
C GLY U 154 28.23 33.10 67.79
N GLU U 155 29.38 33.79 67.72
CA GLU U 155 30.09 34.25 68.91
C GLU U 155 30.45 33.07 69.82
N LYS U 156 31.20 32.12 69.26
CA LYS U 156 31.74 31.00 70.01
C LYS U 156 33.17 30.72 69.57
N LYS U 157 33.85 29.86 70.32
CA LYS U 157 35.23 29.50 70.06
C LYS U 157 35.31 27.99 69.83
N TYR U 158 35.69 27.60 68.61
CA TYR U 158 35.93 26.21 68.27
C TYR U 158 37.42 26.04 68.00
N SER U 159 38.05 25.03 68.61
CA SER U 159 39.43 24.75 68.27
C SER U 159 39.50 23.97 66.96
N VAL U 160 40.73 23.77 66.48
CA VAL U 160 40.93 23.08 65.21
C VAL U 160 40.48 21.63 65.29
N ASP U 161 40.83 20.94 66.38
CA ASP U 161 40.47 19.53 66.52
C ASP U 161 38.98 19.36 66.75
N GLU U 162 38.26 20.44 67.05
CA GLU U 162 36.88 20.42 67.47
C GLU U 162 35.91 20.65 66.32
N PHE U 163 36.34 21.31 65.26
CA PHE U 163 35.47 21.67 64.14
C PHE U 163 35.43 20.59 63.05
N THR U 164 36.13 19.46 63.24
CA THR U 164 36.21 18.46 62.19
C THR U 164 34.88 17.72 62.02
N SER U 165 33.97 17.80 63.00
CA SER U 165 32.65 17.21 62.81
C SER U 165 31.89 17.92 61.69
N ARG U 166 31.96 19.26 61.66
CA ARG U 166 31.34 20.02 60.58
C ARG U 166 31.96 19.68 59.23
N VAL U 167 33.29 19.56 59.19
CA VAL U 167 33.98 19.24 57.95
C VAL U 167 33.58 17.85 57.45
N ALA U 168 33.50 16.88 58.36
CA ALA U 168 33.12 15.52 57.98
C ALA U 168 31.69 15.48 57.45
N GLY U 169 30.77 16.18 58.11
CA GLY U 169 29.41 16.27 57.58
C GLY U 169 29.38 16.92 56.21
N LEU U 170 30.16 17.99 56.02
CA LEU U 170 30.25 18.66 54.73
C LEU U 170 30.70 17.70 53.64
N ILE U 171 31.78 16.96 53.89
CA ILE U 171 32.31 16.05 52.87
C ILE U 171 31.31 14.94 52.58
N ALA U 172 30.69 14.38 53.62
CA ALA U 172 29.73 13.30 53.40
C ALA U 172 28.48 13.77 52.67
N GLY U 173 28.15 15.06 52.78
CA GLY U 173 26.92 15.56 52.17
C GLY U 173 27.05 15.98 50.71
N THR U 174 28.19 15.71 50.09
CA THR U 174 28.44 16.23 48.75
C THR U 174 28.22 15.16 47.69
N PRO U 175 27.47 15.45 46.62
CA PRO U 175 27.29 14.46 45.55
C PRO U 175 28.61 14.10 44.88
N LEU U 176 28.66 12.87 44.39
CA LEU U 176 29.90 12.32 43.86
C LEU U 176 30.35 13.06 42.60
N SER U 177 29.42 13.63 41.84
CA SER U 177 29.79 14.36 40.65
C SER U 177 30.47 15.70 40.95
N GLN U 178 30.43 16.16 42.19
CA GLN U 178 30.95 17.48 42.54
C GLN U 178 32.14 17.34 43.50
N SER U 179 32.77 18.48 43.76
CA SER U 179 33.93 18.58 44.64
C SER U 179 33.63 19.61 45.72
N VAL U 180 34.39 19.55 46.82
CA VAL U 180 34.18 20.49 47.92
C VAL U 180 34.96 21.79 47.76
N THR U 181 35.76 21.92 46.70
CA THR U 181 36.51 23.14 46.46
C THR U 181 35.58 24.33 46.33
N TYR U 182 35.86 25.37 47.12
CA TYR U 182 35.11 26.64 47.13
C TYR U 182 33.69 26.49 47.65
N THR U 183 33.40 25.45 48.43
CA THR U 183 32.11 25.34 49.11
C THR U 183 32.07 26.28 50.30
N LYS U 184 31.02 27.08 50.40
CA LYS U 184 30.92 28.12 51.41
C LYS U 184 30.09 27.66 52.61
N LEU U 185 30.53 28.05 53.80
CA LEU U 185 29.85 27.72 55.05
C LEU U 185 29.20 28.99 55.59
N SER U 186 27.88 29.07 55.42
CA SER U 186 27.13 30.26 55.81
C SER U 186 27.18 30.52 57.30
N ASP U 187 27.29 29.46 58.12
CA ASP U 187 27.21 29.64 59.56
C ASP U 187 28.50 30.21 60.13
N VAL U 188 29.62 30.07 59.41
CA VAL U 188 30.88 30.62 59.89
C VAL U 188 30.89 32.13 59.71
N VAL U 189 31.41 32.84 60.72
CA VAL U 189 31.41 34.30 60.74
C VAL U 189 32.85 34.84 60.64
N ASP U 190 33.75 34.34 61.46
CA ASP U 190 35.09 34.91 61.56
C ASP U 190 36.13 33.80 61.61
N ILE U 191 37.26 34.06 60.96
CA ILE U 191 38.46 33.23 61.07
C ILE U 191 39.67 34.14 61.19
N PRO U 192 40.75 33.64 61.79
CA PRO U 192 41.94 34.48 61.98
C PRO U 192 42.51 34.96 60.65
N LYS U 193 43.06 36.16 60.67
CA LYS U 193 43.55 36.80 59.45
C LYS U 193 44.65 35.96 58.81
N MET U 194 44.62 35.87 57.48
CA MET U 194 45.48 34.98 56.73
C MET U 194 45.80 35.59 55.38
N THR U 195 47.06 35.55 55.00
CA THR U 195 47.50 36.07 53.72
C THR U 195 47.45 34.99 52.64
N LYS U 196 47.44 35.43 51.39
CA LYS U 196 47.30 34.50 50.27
C LYS U 196 48.52 33.60 50.14
N VAL U 197 49.72 34.13 50.40
CA VAL U 197 50.94 33.35 50.27
C VAL U 197 50.96 32.22 51.30
N ASP U 198 50.54 32.51 52.53
CA ASP U 198 50.48 31.49 53.56
C ASP U 198 49.49 30.39 53.20
N ALA U 199 48.31 30.78 52.68
CA ALA U 199 47.31 29.79 52.29
C ALA U 199 47.83 28.90 51.17
N GLU U 200 48.52 29.50 50.19
CA GLU U 200 49.11 28.71 49.12
C GLU U 200 50.14 27.73 49.67
N SER U 201 50.99 28.19 50.60
CA SER U 201 51.99 27.29 51.17
C SER U 201 51.35 26.13 51.91
N ARG U 202 50.30 26.39 52.70
CA ARG U 202 49.64 25.31 53.41
C ARG U 202 48.99 24.32 52.46
N VAL U 203 48.30 24.83 51.43
CA VAL U 203 47.70 23.93 50.44
C VAL U 203 48.77 23.06 49.79
N ASN U 204 49.92 23.67 49.47
CA ASN U 204 51.03 22.90 48.92
C ASN U 204 51.51 21.82 49.89
N LYS U 205 51.40 22.08 51.19
CA LYS U 205 51.81 21.09 52.18
C LYS U 205 50.76 20.01 52.43
N GLY U 206 49.57 20.12 51.85
CA GLY U 206 48.56 19.10 51.98
C GLY U 206 47.48 19.36 53.01
N GLU U 207 47.14 20.61 53.28
CA GLU U 207 46.19 20.95 54.33
C GLU U 207 44.86 21.41 53.75
N LEU U 208 43.77 21.03 54.42
CA LEU U 208 42.43 21.48 54.08
C LEU U 208 42.07 22.65 55.00
N ILE U 209 41.87 23.82 54.42
CA ILE U 209 41.76 25.06 55.19
C ILE U 209 40.57 25.87 54.70
N LEU U 210 40.15 26.81 55.53
CA LEU U 210 39.19 27.82 55.13
C LEU U 210 39.90 29.09 54.68
N ILE U 211 39.28 29.81 53.75
CA ILE U 211 39.76 31.11 53.33
C ILE U 211 38.60 32.07 53.24
N LYS U 212 38.92 33.36 53.33
CA LYS U 212 37.94 34.42 53.11
C LYS U 212 38.13 34.94 51.68
N GLU U 213 37.10 34.77 50.87
CA GLU U 213 37.13 35.14 49.47
C GLU U 213 35.98 36.07 49.17
N ALA U 214 35.72 36.30 47.89
CA ALA U 214 34.63 37.18 47.49
C ALA U 214 33.31 36.62 47.98
N GLY U 215 32.73 37.26 48.99
CA GLY U 215 31.52 36.77 49.60
C GLY U 215 31.75 36.26 51.00
N ALA U 216 31.41 34.99 51.20
CA ALA U 216 31.46 34.37 52.52
C ALA U 216 32.80 33.67 52.76
N ILE U 217 32.80 32.88 53.83
CA ILE U 217 33.90 31.97 54.12
C ILE U 217 33.71 30.68 53.33
N ARG U 218 34.80 30.15 52.78
CA ARG U 218 34.72 28.97 51.93
C ARG U 218 35.97 28.11 52.07
N ILE U 219 35.87 26.86 51.62
CA ILE U 219 37.01 25.95 51.59
C ILE U 219 37.93 26.31 50.43
N ALA U 220 39.23 26.18 50.64
CA ALA U 220 40.21 26.58 49.63
C ALA U 220 40.33 25.53 48.52
N ARG U 221 40.75 24.33 48.86
CA ARG U 221 41.00 23.28 47.89
C ARG U 221 40.68 21.94 48.54
N GLY U 222 40.40 20.94 47.71
CA GLY U 222 39.89 19.66 48.17
C GLY U 222 40.93 18.57 48.25
N VAL U 223 42.09 18.86 48.85
CA VAL U 223 43.22 17.94 48.82
C VAL U 223 43.21 17.02 50.04
N ASN U 224 43.97 15.94 49.93
CA ASN U 224 44.26 15.02 51.01
C ASN U 224 45.52 15.49 51.74
N SER U 225 46.06 14.64 52.61
CA SER U 225 47.35 14.89 53.24
C SER U 225 48.52 14.32 52.45
N LEU U 226 48.25 13.59 51.36
CA LEU U 226 49.31 12.98 50.57
C LEU U 226 50.20 14.05 49.95
N THR U 227 51.52 13.84 50.04
CA THR U 227 52.45 14.81 49.47
C THR U 227 53.53 14.14 48.60
N GLU U 228 53.93 12.92 48.95
CA GLU U 228 54.94 12.21 48.17
C GLU U 228 54.28 11.49 47.01
N LEU U 229 54.70 11.83 45.80
CA LEU U 229 54.11 11.29 44.59
C LEU U 229 55.14 10.42 43.85
N THR U 230 54.71 9.20 43.52
CA THR U 230 55.54 8.23 42.82
C THR U 230 54.90 7.93 41.47
N ALA U 231 55.47 6.96 40.75
CA ALA U 231 54.94 6.57 39.45
C ALA U 231 53.59 5.86 39.60
N GLU U 232 53.47 4.99 40.59
CA GLU U 232 52.21 4.31 40.84
C GLU U 232 51.15 5.29 41.34
N LYS U 233 51.55 6.28 42.13
CA LYS U 233 50.62 7.20 42.78
C LYS U 233 50.93 8.63 42.32
N GLY U 234 50.18 9.12 41.34
CA GLY U 234 50.37 10.45 40.81
C GLY U 234 49.51 11.49 41.50
N GLU U 235 49.31 12.62 40.82
CA GLU U 235 48.65 13.76 41.42
C GLU U 235 47.16 13.52 41.64
N MET U 236 46.55 12.62 40.87
CA MET U 236 45.12 12.37 40.99
C MET U 236 44.76 11.82 42.37
N PHE U 237 45.70 11.12 43.01
CA PHE U 237 45.46 10.53 44.32
C PHE U 237 45.45 11.56 45.45
N GLN U 238 45.78 12.82 45.15
CA GLN U 238 45.74 13.87 46.17
C GLN U 238 44.37 14.49 46.34
N LYS U 239 43.44 14.26 45.42
CA LYS U 239 42.13 14.91 45.45
C LYS U 239 41.11 14.04 46.17
N ILE U 240 40.27 14.68 46.97
CA ILE U 240 39.25 13.98 47.74
C ILE U 240 38.24 13.28 46.83
N LYS U 241 37.79 13.96 45.78
CA LYS U 241 36.72 13.42 44.92
C LYS U 241 37.14 12.12 44.25
N ILE U 242 38.36 12.08 43.71
CA ILE U 242 38.86 10.89 43.02
C ILE U 242 38.95 9.72 43.98
N VAL U 243 39.49 9.96 45.19
CA VAL U 243 39.67 8.90 46.16
C VAL U 243 38.32 8.37 46.63
N ASP U 244 37.33 9.25 46.77
CA ASP U 244 35.98 8.81 47.13
C ASP U 244 35.42 7.86 46.07
N THR U 245 35.56 8.23 44.79
CA THR U 245 35.07 7.36 43.72
C THR U 245 35.79 6.00 43.73
N LEU U 246 37.12 6.02 43.90
CA LEU U 246 37.89 4.78 43.92
C LEU U 246 37.48 3.89 45.09
N ASP U 247 37.20 4.48 46.25
CA ASP U 247 36.79 3.68 47.40
C ASP U 247 35.42 3.05 47.17
N ILE U 248 34.51 3.77 46.53
CA ILE U 248 33.20 3.18 46.22
C ILE U 248 33.37 1.99 45.27
N ILE U 249 34.22 2.14 44.25
CA ILE U 249 34.46 1.02 43.33
C ILE U 249 35.04 -0.18 44.08
N HIS U 250 36.01 0.07 44.95
CA HIS U 250 36.65 -1.01 45.70
C HIS U 250 35.63 -1.77 46.53
N SER U 251 34.78 -1.04 47.28
CA SER U 251 33.82 -1.70 48.16
C SER U 251 32.79 -2.50 47.38
N ASP U 252 32.28 -1.95 46.26
CA ASP U 252 31.26 -2.68 45.52
C ASP U 252 31.82 -3.96 44.89
N ILE U 253 33.01 -3.87 44.27
CA ILE U 253 33.57 -5.07 43.66
C ILE U 253 33.90 -6.12 44.73
N ARG U 254 34.42 -5.68 45.88
CA ARG U 254 34.72 -6.61 46.96
C ARG U 254 33.46 -7.30 47.45
N LYS U 255 32.35 -6.56 47.56
CA LYS U 255 31.10 -7.18 47.99
C LYS U 255 30.66 -8.26 47.01
N VAL U 256 30.70 -7.96 45.70
CA VAL U 256 30.29 -8.96 44.71
C VAL U 256 31.14 -10.22 44.85
N ILE U 257 32.47 -10.04 44.90
CA ILE U 257 33.38 -11.18 44.95
C ILE U 257 33.12 -12.03 46.18
N ILE U 258 33.05 -11.39 47.34
CA ILE U 258 32.98 -12.13 48.60
C ILE U 258 31.61 -12.82 48.73
N ASP U 259 30.54 -12.15 48.30
CA ASP U 259 29.21 -12.73 48.46
C ASP U 259 28.99 -13.91 47.51
N ASP U 260 29.42 -13.79 46.25
CA ASP U 260 29.03 -14.79 45.26
C ASP U 260 30.08 -15.82 44.92
N TYR U 261 31.36 -15.59 45.20
CA TYR U 261 32.38 -16.45 44.60
C TYR U 261 33.32 -17.12 45.59
N ILE U 262 33.77 -16.41 46.62
CA ILE U 262 34.80 -16.94 47.51
C ILE U 262 34.26 -18.15 48.26
N GLY U 263 34.84 -19.32 47.99
CA GLY U 263 34.44 -20.56 48.63
C GLY U 263 33.17 -21.19 48.10
N LYS U 264 32.56 -20.61 47.06
CA LYS U 264 31.26 -21.08 46.60
C LYS U 264 31.38 -21.95 45.35
N VAL U 265 32.36 -21.66 44.49
CA VAL U 265 32.48 -22.32 43.19
C VAL U 265 33.88 -22.92 43.06
N THR U 266 33.98 -23.95 42.23
CA THR U 266 35.26 -24.55 41.92
C THR U 266 36.07 -23.61 41.03
N ASN U 267 37.38 -23.64 41.18
CA ASN U 267 38.27 -22.72 40.48
C ASN U 267 38.62 -23.27 39.10
N SER U 268 37.65 -23.23 38.18
CA SER U 268 37.84 -23.64 36.81
C SER U 268 37.78 -22.43 35.88
N TYR U 269 38.21 -22.63 34.64
CA TYR U 269 38.25 -21.53 33.68
C TYR U 269 36.86 -20.98 33.35
N ASP U 270 35.86 -21.87 33.26
CA ASP U 270 34.49 -21.42 33.01
C ASP U 270 34.00 -20.47 34.10
N ASN U 271 34.26 -20.81 35.38
CA ASN U 271 33.82 -19.96 36.47
C ASN U 271 34.58 -18.63 36.50
N LYS U 272 35.86 -18.64 36.12
CA LYS U 272 36.61 -17.40 35.97
C LYS U 272 35.97 -16.50 34.92
N CYS U 273 35.54 -17.08 33.80
CA CYS U 273 34.86 -16.29 32.76
C CYS U 273 33.55 -15.71 33.29
N LEU U 274 32.79 -16.48 34.07
CA LEU U 274 31.57 -15.95 34.66
C LEU U 274 31.87 -14.76 35.59
N LEU U 275 32.92 -14.87 36.40
CA LEU U 275 33.32 -13.75 37.25
C LEU U 275 33.68 -12.52 36.43
N ILE U 276 34.41 -12.71 35.33
CA ILE U 276 34.78 -11.59 34.47
C ILE U 276 33.53 -10.90 33.94
N VAL U 277 32.52 -11.67 33.52
CA VAL U 277 31.28 -11.08 33.01
C VAL U 277 30.58 -10.27 34.09
N ALA U 278 30.54 -10.80 35.33
CA ALA U 278 29.89 -10.06 36.42
C ALA U 278 30.58 -8.71 36.66
N ILE U 279 31.91 -8.70 36.75
CA ILE U 279 32.63 -7.46 37.01
C ILE U 279 32.43 -6.47 35.86
N LYS U 280 32.45 -6.96 34.62
CA LYS U 280 32.22 -6.08 33.48
C LYS U 280 30.84 -5.44 33.52
N SER U 281 29.82 -6.21 33.92
CA SER U 281 28.48 -5.64 34.02
C SER U 281 28.41 -4.56 35.10
N TYR U 282 29.11 -4.78 36.23
CA TYR U 282 29.16 -3.72 37.24
C TYR U 282 29.79 -2.44 36.67
N LEU U 283 30.89 -2.59 35.92
CA LEU U 283 31.55 -1.42 35.35
C LEU U 283 30.66 -0.71 34.33
N GLU U 284 29.90 -1.48 33.53
CA GLU U 284 28.96 -0.89 32.59
C GLU U 284 27.88 -0.09 33.32
N GLU U 285 27.39 -0.63 34.43
CA GLU U 285 26.44 0.12 35.26
C GLU U 285 27.05 1.44 35.72
N LEU U 286 28.31 1.42 36.15
CA LEU U 286 28.96 2.67 36.56
C LEU U 286 29.06 3.65 35.40
N GLU U 287 29.37 3.15 34.20
CA GLU U 287 29.46 4.03 33.02
C GLU U 287 28.11 4.67 32.70
N LYS U 288 27.02 3.96 32.97
CA LYS U 288 25.70 4.50 32.65
C LYS U 288 25.33 5.68 33.54
N SER U 289 26.00 5.82 34.69
CA SER U 289 25.75 6.93 35.60
C SER U 289 26.78 8.06 35.46
N ALA U 290 27.74 7.93 34.56
CA ALA U 290 28.79 8.92 34.31
C ALA U 290 29.74 9.11 35.50
N LEU U 291 29.86 8.10 36.38
CA LEU U 291 30.90 8.15 37.41
C LEU U 291 32.28 7.93 36.80
N ILE U 292 32.37 7.11 35.75
CA ILE U 292 33.60 6.86 35.02
C ILE U 292 33.32 7.02 33.53
N GLU U 293 34.39 7.15 32.75
CA GLU U 293 34.25 7.33 31.31
C GLU U 293 33.87 6.02 30.63
N SER U 294 33.57 6.11 29.33
CA SER U 294 33.19 4.95 28.55
C SER U 294 34.42 4.14 28.14
N ASP U 295 34.18 2.95 27.59
CA ASP U 295 35.22 2.08 27.04
C ASP U 295 36.18 1.56 28.13
N SER U 296 35.61 1.00 29.19
CA SER U 296 36.40 0.32 30.21
C SER U 296 36.39 -1.19 29.97
N THR U 297 37.46 -1.86 30.40
CA THR U 297 37.69 -3.27 30.08
C THR U 297 38.09 -4.07 31.31
N VAL U 298 37.79 -5.38 31.28
CA VAL U 298 38.22 -6.37 32.27
C VAL U 298 38.67 -7.62 31.52
N GLU U 299 39.76 -8.24 31.98
CA GLU U 299 40.29 -9.42 31.31
C GLU U 299 41.24 -10.19 32.23
N ILE U 300 41.56 -11.42 31.80
CA ILE U 300 42.55 -12.25 32.48
C ILE U 300 43.92 -11.60 32.41
N ASP U 301 44.62 -11.57 33.54
CA ASP U 301 45.98 -11.02 33.62
C ASP U 301 46.96 -12.12 33.20
N PHE U 302 47.42 -12.04 31.94
CA PHE U 302 48.20 -13.13 31.36
C PHE U 302 49.62 -13.16 31.91
N GLU U 303 50.27 -12.01 32.03
CA GLU U 303 51.64 -11.96 32.55
C GLU U 303 51.72 -12.50 33.96
N ALA U 304 50.78 -12.10 34.82
CA ALA U 304 50.78 -12.55 36.22
C ALA U 304 50.58 -14.06 36.29
N GLN U 305 49.67 -14.60 35.48
CA GLN U 305 49.43 -16.04 35.48
C GLN U 305 50.65 -16.80 34.99
N LYS U 306 51.30 -16.31 33.93
CA LYS U 306 52.56 -16.92 33.49
C LYS U 306 53.59 -16.94 34.60
N SER U 307 53.72 -15.83 35.33
CA SER U 307 54.69 -15.77 36.42
C SER U 307 54.36 -16.77 37.51
N TYR U 308 53.08 -16.88 37.89
CA TYR U 308 52.71 -17.86 38.91
C TYR U 308 52.99 -19.28 38.44
N LEU U 309 52.66 -19.59 37.19
CA LEU U 309 52.90 -20.94 36.67
C LEU U 309 54.39 -21.25 36.66
N LYS U 310 55.23 -20.28 36.27
CA LYS U 310 56.68 -20.49 36.28
C LYS U 310 57.20 -20.69 37.70
N SER U 311 56.67 -19.95 38.66
CA SER U 311 57.17 -20.06 40.04
C SER U 311 56.86 -21.42 40.65
N LYS U 312 56.00 -22.19 40.00
CA LYS U 312 55.56 -23.49 40.51
C LYS U 312 56.25 -24.68 39.85
N GLY U 313 57.15 -24.46 38.91
CA GLY U 313 57.85 -25.56 38.27
C GLY U 313 57.21 -26.11 37.02
N VAL U 314 56.29 -25.36 36.40
CA VAL U 314 55.72 -25.75 35.12
C VAL U 314 56.66 -25.31 33.99
N ASP U 315 56.79 -26.14 32.97
CA ASP U 315 57.67 -25.87 31.84
C ASP U 315 56.86 -25.28 30.69
N LEU U 316 57.06 -23.98 30.43
CA LEU U 316 56.35 -23.28 29.36
C LEU U 316 57.08 -23.42 28.03
N SER U 317 57.26 -24.67 27.59
CA SER U 317 57.92 -24.97 26.33
C SER U 317 56.95 -25.72 25.42
N TYR U 318 56.76 -25.20 24.21
CA TYR U 318 55.80 -25.76 23.26
C TYR U 318 54.41 -25.85 23.88
N MET U 319 54.08 -24.84 24.69
CA MET U 319 52.76 -24.72 25.32
C MET U 319 52.02 -23.57 24.68
N THR U 320 50.86 -23.85 24.11
CA THR U 320 50.12 -22.83 23.39
C THR U 320 49.56 -21.78 24.35
N LEU U 321 49.33 -20.57 23.83
CA LEU U 321 48.83 -19.49 24.66
C LEU U 321 47.46 -19.83 25.24
N GLN U 322 46.61 -20.51 24.46
CA GLN U 322 45.33 -20.94 24.99
C GLN U 322 45.51 -21.88 26.17
N GLU U 323 46.47 -22.80 26.06
CA GLU U 323 46.71 -23.76 27.13
C GLU U 323 47.19 -23.07 28.40
N ILE U 324 48.06 -22.06 28.25
CA ILE U 324 48.51 -21.29 29.41
C ILE U 324 47.36 -20.52 30.02
N LYS U 325 46.52 -19.91 29.18
CA LYS U 325 45.40 -19.11 29.66
C LYS U 325 44.44 -19.95 30.51
N GLU U 326 44.22 -21.20 30.13
CA GLU U 326 43.24 -22.06 30.79
C GLU U 326 43.85 -22.97 31.84
N ALA U 327 45.15 -22.87 32.12
CA ALA U 327 45.81 -23.79 33.03
C ALA U 327 45.33 -23.59 34.47
N ASN U 328 45.26 -24.70 35.21
CA ASN U 328 44.79 -24.67 36.59
C ASN U 328 45.80 -23.94 37.48
N THR U 329 45.30 -23.05 38.34
CA THR U 329 46.13 -22.21 39.18
C THR U 329 45.77 -22.36 40.65
N GLY U 330 45.56 -23.58 41.11
CA GLY U 330 45.22 -23.81 42.50
C GLY U 330 43.92 -23.11 42.86
N SER U 331 43.99 -22.25 43.87
CA SER U 331 42.83 -21.47 44.31
C SER U 331 42.96 -19.98 44.01
N LYS U 332 43.83 -19.60 43.08
CA LYS U 332 44.12 -18.20 42.80
C LYS U 332 43.51 -17.77 41.47
N VAL U 333 43.22 -16.48 41.36
CA VAL U 333 42.68 -15.87 40.13
C VAL U 333 43.44 -14.57 39.87
N PHE U 334 43.85 -14.37 38.63
CA PHE U 334 44.60 -13.17 38.22
C PHE U 334 43.80 -12.42 37.16
N LEU U 335 43.39 -11.20 37.49
CA LEU U 335 42.60 -10.33 36.60
C LEU U 335 43.20 -8.93 36.56
N LYS U 336 42.90 -8.22 35.48
CA LYS U 336 43.27 -6.81 35.33
C LYS U 336 42.15 -6.05 34.63
N ALA U 337 42.14 -4.73 34.83
CA ALA U 337 41.08 -3.87 34.29
C ALA U 337 41.63 -2.47 34.07
N LYS U 338 40.86 -1.67 33.34
CA LYS U 338 41.27 -0.30 33.01
C LYS U 338 40.04 0.60 33.05
N ILE U 339 40.15 1.73 33.74
CA ILE U 339 39.06 2.71 33.89
C ILE U 339 39.63 4.11 33.76
N LYS U 340 38.75 5.10 33.75
CA LYS U 340 39.12 6.51 33.65
C LYS U 340 38.12 7.37 34.40
N VAL U 341 38.63 8.32 35.19
CA VAL U 341 37.80 9.22 35.99
C VAL U 341 38.19 10.66 35.69
N LEU U 342 37.20 11.54 35.60
CA LEU U 342 37.42 12.96 35.30
C LEU U 342 37.38 13.79 36.58
N ASP U 343 38.03 14.95 36.52
CA ASP U 343 38.12 15.87 37.65
C ASP U 343 37.11 17.00 37.45
N ALA U 344 36.91 17.78 38.50
CA ALA U 344 36.01 18.92 38.42
C ALA U 344 36.73 20.12 37.80
N MET U 345 35.93 21.09 37.35
CA MET U 345 36.44 22.37 36.86
C MET U 345 36.82 23.24 38.06
N GLU U 346 38.11 23.62 38.14
CA GLU U 346 38.57 24.43 39.27
C GLU U 346 39.43 25.63 38.85
N ASP U 347 40.00 25.62 37.66
CA ASP U 347 40.92 26.67 37.23
C ASP U 347 40.57 27.13 35.82
N ILE U 348 40.43 28.45 35.65
CA ILE U 348 39.94 29.03 34.40
C ILE U 348 40.84 30.22 34.02
N ASP U 349 41.37 30.19 32.79
CA ASP U 349 42.07 31.32 32.20
C ASP U 349 41.24 31.89 31.06
N LEU U 350 41.04 33.21 31.07
CA LEU U 350 40.29 33.89 30.02
C LEU U 350 41.05 35.16 29.64
N SER U 351 41.52 35.22 28.40
CA SER U 351 42.30 36.34 27.88
C SER U 351 41.42 37.19 26.97
N ILE U 352 41.26 38.47 27.31
CA ILE U 352 40.34 39.37 26.64
C ILE U 352 41.14 40.42 25.89
N GLU U 353 40.96 40.46 24.57
CA GLU U 353 41.49 41.55 23.75
C GLU U 353 40.46 42.66 23.68
N ILE U 354 40.91 43.90 23.85
CA ILE U 354 40.00 45.03 23.76
C ILE U 354 40.29 45.84 22.51
N ILE V 3 -2.10 43.57 71.22
CA ILE V 3 -1.53 44.23 70.06
C ILE V 3 -1.81 45.73 70.13
N GLY V 4 -2.24 46.18 71.31
CA GLY V 4 -2.43 47.59 71.57
C GLY V 4 -3.74 48.13 71.02
N LEU V 5 -4.01 49.38 71.36
CA LEU V 5 -5.22 50.06 70.90
C LEU V 5 -5.06 50.52 69.45
N PRO V 6 -6.17 50.67 68.72
CA PRO V 6 -6.09 51.23 67.37
C PRO V 6 -5.59 52.66 67.42
N SER V 7 -4.74 53.02 66.45
CA SER V 7 -4.11 54.33 66.40
C SER V 7 -4.57 55.04 65.14
N ILE V 8 -5.39 56.08 65.31
CA ILE V 8 -5.81 56.95 64.22
C ILE V 8 -5.14 58.30 64.47
N ASN V 9 -3.98 58.52 63.85
CA ASN V 9 -3.18 59.70 64.14
C ASN V 9 -3.14 60.57 62.90
N ILE V 10 -3.90 61.67 62.92
CA ILE V 10 -3.83 62.71 61.90
C ILE V 10 -3.18 63.93 62.52
N SER V 11 -1.97 64.23 62.09
CA SER V 11 -1.16 65.27 62.71
C SER V 11 -0.86 66.38 61.71
N PHE V 12 -0.67 67.59 62.24
CA PHE V 12 -0.35 68.77 61.45
C PHE V 12 1.01 69.31 61.87
N LYS V 13 1.83 69.68 60.89
CA LYS V 13 3.19 70.13 61.14
C LYS V 13 3.62 71.09 60.04
N GLU V 14 4.76 71.73 60.26
CA GLU V 14 5.33 72.66 59.29
C GLU V 14 6.00 71.91 58.15
N LEU V 15 6.33 72.63 57.08
CA LEU V 15 6.92 72.03 55.89
C LEU V 15 8.39 71.69 56.12
N ALA V 16 8.87 70.67 55.39
CA ALA V 16 10.21 70.13 55.61
C ALA V 16 10.90 69.81 54.29
N THR V 17 12.22 69.59 54.35
CA THR V 17 13.01 69.31 53.16
C THR V 17 13.22 67.81 52.97
N THR V 18 13.34 67.42 51.69
CA THR V 18 13.60 66.04 51.29
C THR V 18 14.94 65.99 50.56
N VAL V 19 15.80 65.03 50.96
CA VAL V 19 17.19 64.99 50.51
C VAL V 19 17.33 64.31 49.15
N LYS V 20 18.51 64.47 48.54
CA LYS V 20 18.78 63.86 47.24
C LYS V 20 18.78 62.34 47.35
N GLU V 21 18.31 61.69 46.29
CA GLU V 21 18.26 60.24 46.25
C GLU V 21 19.67 59.65 46.24
N ARG V 22 19.81 58.49 46.87
CA ARG V 22 21.09 57.81 47.01
C ARG V 22 21.47 57.09 45.72
N SER V 23 22.72 56.64 45.67
CA SER V 23 23.20 55.77 44.62
C SER V 23 23.86 54.53 45.23
N ALA V 24 23.55 53.37 44.67
CA ALA V 24 24.09 52.12 45.18
C ALA V 24 25.50 51.86 44.68
N ARG V 25 26.08 52.77 43.91
CA ARG V 25 27.41 52.60 43.36
C ARG V 25 28.44 53.33 44.21
N GLY V 26 29.55 52.66 44.47
CA GLY V 26 30.68 53.31 45.12
C GLY V 26 30.95 52.84 46.53
N ILE V 27 31.94 51.97 46.69
CA ILE V 27 32.40 51.52 48.00
C ILE V 27 33.85 51.96 48.15
N ILE V 28 34.12 52.76 49.17
CA ILE V 28 35.40 53.44 49.32
C ILE V 28 36.03 53.05 50.65
N ALA V 29 37.32 52.73 50.62
CA ALA V 29 38.06 52.29 51.80
C ALA V 29 38.98 53.42 52.26
N MET V 30 39.14 53.53 53.58
CA MET V 30 39.84 54.64 54.20
C MET V 30 40.47 54.15 55.49
N VAL V 31 41.76 54.44 55.68
CA VAL V 31 42.46 54.08 56.91
C VAL V 31 43.05 55.34 57.52
N LEU V 32 42.78 55.54 58.82
CA LEU V 32 43.27 56.71 59.52
C LEU V 32 43.77 56.30 60.89
N LYS V 33 44.74 57.05 61.40
CA LYS V 33 45.37 56.77 62.68
C LYS V 33 44.71 57.65 63.74
N ASP V 34 44.16 57.01 64.76
CA ASP V 34 43.51 57.70 65.87
C ASP V 34 43.90 57.03 67.18
N ALA V 35 43.92 57.81 68.25
CA ALA V 35 44.29 57.25 69.56
C ALA V 35 43.13 56.52 70.20
N LYS V 36 41.93 56.63 69.64
CA LYS V 36 40.73 56.09 70.27
C LYS V 36 39.81 55.48 69.21
N ALA V 37 38.99 54.52 69.65
CA ALA V 37 37.98 53.89 68.80
C ALA V 37 38.62 53.09 67.65
N LEU V 38 39.53 52.20 68.01
CA LEU V 38 40.20 51.36 67.02
C LEU V 38 39.25 50.30 66.47
N GLY V 39 39.61 49.76 65.31
CA GLY V 39 38.90 48.66 64.70
C GLY V 39 38.42 49.04 63.32
N LEU V 40 37.45 48.28 62.83
CA LEU V 40 36.79 48.55 61.56
C LEU V 40 35.43 49.18 61.83
N ASN V 41 35.22 50.37 61.28
CA ASN V 41 33.96 51.07 61.42
C ASN V 41 33.38 51.30 60.03
N GLU V 42 32.22 50.72 59.77
CA GLU V 42 31.49 50.97 58.54
C GLU V 42 30.63 52.20 58.75
N ILE V 43 30.73 53.16 57.84
CA ILE V 43 29.98 54.41 57.92
C ILE V 43 29.11 54.50 56.68
N HIS V 44 27.80 54.59 56.88
CA HIS V 44 26.88 54.57 55.75
C HIS V 44 26.42 55.96 55.37
N GLU V 45 26.46 56.91 56.30
CA GLU V 45 26.00 58.26 56.03
C GLU V 45 26.78 59.26 56.87
N LYS V 46 26.83 60.50 56.38
CA LYS V 46 27.55 61.56 57.07
C LYS V 46 26.80 62.07 58.30
N GLU V 47 25.50 61.79 58.38
CA GLU V 47 24.74 62.15 59.57
C GLU V 47 25.21 61.36 60.78
N ASP V 48 25.52 60.08 60.60
CA ASP V 48 25.93 59.20 61.69
C ASP V 48 27.42 58.89 61.55
N ILE V 49 28.22 59.46 62.44
CA ILE V 49 29.65 59.18 62.52
C ILE V 49 29.94 58.90 63.98
N PRO V 50 30.86 57.98 64.31
CA PRO V 50 31.21 57.79 65.72
C PRO V 50 31.71 59.07 66.36
N VAL V 51 31.14 59.38 67.53
CA VAL V 51 31.47 60.62 68.23
C VAL V 51 32.77 60.52 69.00
N ASP V 52 33.46 59.39 68.92
CA ASP V 52 34.80 59.27 69.50
C ASP V 52 35.86 59.88 68.60
N LEU V 53 35.62 59.86 67.29
CA LEU V 53 36.62 60.30 66.33
C LEU V 53 36.84 61.81 66.44
N SER V 54 38.07 62.23 66.14
CA SER V 54 38.44 63.63 66.23
C SER V 54 37.70 64.46 65.18
N ALA V 55 37.53 65.74 65.48
CA ALA V 55 36.89 66.66 64.54
C ALA V 55 37.71 66.76 63.25
N GLU V 56 39.04 66.75 63.37
CA GLU V 56 39.90 66.77 62.20
C GLU V 56 39.70 65.50 61.36
N ASN V 57 39.61 64.34 62.01
CA ASN V 57 39.23 63.12 61.31
C ASN V 57 37.75 63.08 61.01
N LYS V 58 36.94 63.89 61.71
CA LYS V 58 35.50 63.94 61.41
C LYS V 58 35.27 64.54 60.03
N GLU V 59 35.88 65.69 59.75
CA GLU V 59 35.60 66.41 58.50
C GLU V 59 36.03 65.62 57.28
N TYR V 60 37.00 64.71 57.42
CA TYR V 60 37.45 63.92 56.28
C TYR V 60 36.36 62.96 55.81
N ILE V 61 35.59 62.41 56.76
CA ILE V 61 34.50 61.51 56.39
C ILE V 61 33.42 62.26 55.63
N ASN V 62 33.08 63.47 56.08
CA ASN V 62 32.14 64.30 55.33
C ASN V 62 32.69 64.65 53.96
N LEU V 63 34.01 64.86 53.86
CA LEU V 63 34.63 65.12 52.56
C LEU V 63 34.51 63.93 51.62
N ALA V 64 34.71 62.71 52.14
CA ALA V 64 34.67 61.53 51.29
C ALA V 64 33.26 61.16 50.86
N LEU V 65 32.25 61.56 51.64
CA LEU V 65 30.89 61.10 51.42
C LEU V 65 30.11 61.97 50.46
N MET V 66 30.68 63.06 49.96
CA MET V 66 30.08 63.85 48.91
C MET V 66 30.63 63.40 47.57
N GLY V 67 29.74 62.97 46.67
CA GLY V 67 30.12 62.63 45.33
C GLY V 67 29.44 63.59 44.36
N ASN V 68 30.06 63.78 43.17
CA ASN V 68 29.56 64.72 42.15
C ASN V 68 28.19 64.48 41.48
N VAL V 69 27.95 63.25 41.02
CA VAL V 69 26.64 62.87 40.52
C VAL V 69 25.77 62.29 41.62
N ASN V 70 26.36 61.44 42.48
CA ASN V 70 25.64 60.98 43.65
C ASN V 70 26.63 60.44 44.69
N THR V 71 26.09 60.20 45.89
CA THR V 71 26.88 59.77 47.03
C THR V 71 27.44 58.36 46.81
N PRO V 72 28.62 58.06 47.36
CA PRO V 72 29.07 56.67 47.39
C PRO V 72 28.12 55.78 48.18
N ASN V 73 28.03 54.52 47.73
CA ASN V 73 27.11 53.58 48.37
C ASN V 73 27.50 53.29 49.81
N LYS V 74 28.80 53.15 50.07
CA LYS V 74 29.28 52.74 51.39
C LYS V 74 30.69 53.25 51.59
N LEU V 75 31.09 53.37 52.86
CA LEU V 75 32.40 53.88 53.25
C LEU V 75 32.98 52.95 54.30
N LEU V 76 34.25 52.58 54.12
CA LEU V 76 34.94 51.65 55.00
C LEU V 76 36.10 52.35 55.66
N VAL V 77 35.91 52.78 56.90
CA VAL V 77 36.93 53.50 57.66
C VAL V 77 37.54 52.53 58.67
N TYR V 78 38.82 52.25 58.51
CA TYR V 78 39.55 51.31 59.37
C TYR V 78 40.52 52.11 60.21
N VAL V 79 40.36 52.05 61.53
CA VAL V 79 41.05 52.91 62.47
C VAL V 79 42.10 52.09 63.20
N ILE V 80 43.36 52.52 63.11
CA ILE V 80 44.45 51.91 63.85
C ILE V 80 45.07 52.96 64.76
N GLU V 81 45.65 52.49 65.86
CA GLU V 81 46.19 53.39 66.87
C GLU V 81 47.40 54.14 66.32
N GLY V 82 47.75 55.24 66.99
CA GLY V 82 48.91 56.01 66.58
C GLY V 82 50.19 55.22 66.72
N GLU V 83 51.16 55.54 65.85
CA GLU V 83 52.46 54.87 65.84
C GLU V 83 52.29 53.36 65.70
N ALA V 84 51.38 52.95 64.82
CA ALA V 84 51.11 51.55 64.56
C ALA V 84 51.59 51.18 63.15
N ASP V 85 51.55 49.88 62.85
CA ASP V 85 52.04 49.41 61.57
C ASP V 85 50.93 49.44 60.52
N ILE V 86 51.32 49.72 59.27
CA ILE V 86 50.36 49.77 58.18
C ILE V 86 50.13 48.40 57.58
N GLN V 87 51.08 47.48 57.74
CA GLN V 87 50.96 46.17 57.11
C GLN V 87 49.80 45.37 57.71
N THR V 88 49.52 45.58 59.01
CA THR V 88 48.33 44.97 59.60
C THR V 88 47.08 45.47 58.89
N ALA V 89 47.01 46.78 58.63
CA ALA V 89 45.86 47.35 57.94
C ALA V 89 45.72 46.79 56.54
N LEU V 90 46.82 46.71 55.79
CA LEU V 90 46.76 46.19 54.43
C LEU V 90 46.36 44.71 54.42
N ASP V 91 46.93 43.93 55.33
CA ASP V 91 46.59 42.51 55.41
C ASP V 91 45.11 42.32 55.72
N PHE V 92 44.57 43.12 56.64
CA PHE V 92 43.14 43.04 56.93
C PHE V 92 42.31 43.46 55.72
N LEU V 93 42.70 44.55 55.06
CA LEU V 93 41.87 45.10 53.98
C LEU V 93 41.88 44.20 52.76
N GLU V 94 42.91 43.35 52.62
CA GLU V 94 42.95 42.38 51.52
C GLU V 94 41.64 41.60 51.44
N THR V 95 40.97 41.40 52.58
CA THR V 95 39.78 40.56 52.63
C THR V 95 38.59 41.20 51.93
N LYS V 96 38.30 42.46 52.25
CA LYS V 96 37.01 43.06 51.90
C LYS V 96 36.94 43.38 50.41
N GLU V 97 35.72 43.69 49.94
CA GLU V 97 35.51 44.18 48.58
C GLU V 97 35.32 45.69 48.62
N PHE V 98 36.03 46.38 47.74
CA PHE V 98 35.97 47.84 47.67
C PHE V 98 36.57 48.28 46.36
N ASN V 99 36.46 49.57 46.07
CA ASN V 99 36.95 50.10 44.81
C ASN V 99 38.20 50.96 44.98
N TYR V 100 38.19 51.91 45.90
CA TYR V 100 39.29 52.85 46.04
C TYR V 100 39.72 52.93 47.49
N LEU V 101 41.01 53.19 47.70
CA LEU V 101 41.61 53.27 49.02
C LEU V 101 42.36 54.59 49.14
N CYS V 102 42.20 55.26 50.29
CA CYS V 102 42.87 56.53 50.54
C CYS V 102 43.30 56.60 52.00
N MET V 103 44.47 57.19 52.24
CA MET V 103 44.98 57.44 53.58
C MET V 103 45.45 58.89 53.65
N PRO V 104 44.61 59.82 54.13
CA PRO V 104 44.97 61.25 54.07
C PRO V 104 46.22 61.60 54.85
N LYS V 105 46.53 60.86 55.91
CA LYS V 105 47.74 61.04 56.67
C LYS V 105 48.70 59.93 56.30
N ALA V 106 49.77 60.27 55.58
CA ALA V 106 50.66 59.26 55.03
C ALA V 106 52.08 59.82 54.94
N VAL V 107 53.05 58.89 55.00
CA VAL V 107 54.46 59.19 54.90
C VAL V 107 54.99 58.40 53.72
N GLU V 108 56.20 58.73 53.26
CA GLU V 108 56.74 58.13 52.05
C GLU V 108 56.82 56.61 52.15
N ALA V 109 57.26 56.09 53.29
CA ALA V 109 57.28 54.64 53.48
C ALA V 109 55.87 54.07 53.42
N ASP V 110 54.91 54.79 54.00
CA ASP V 110 53.51 54.36 53.93
C ASP V 110 53.03 54.31 52.49
N LYS V 111 53.35 55.34 51.70
CA LYS V 111 52.92 55.39 50.31
C LYS V 111 53.57 54.28 49.49
N THR V 112 54.86 54.03 49.72
CA THR V 112 55.54 52.91 49.04
C THR V 112 54.88 51.58 49.40
N ALA V 113 54.54 51.39 50.67
CA ALA V 113 53.90 50.14 51.08
C ALA V 113 52.54 49.98 50.40
N ILE V 114 51.72 51.04 50.39
CA ILE V 114 50.40 50.95 49.77
C ILE V 114 50.53 50.66 48.28
N LYS V 115 51.49 51.31 47.61
CA LYS V 115 51.65 51.14 46.18
C LYS V 115 52.10 49.72 45.84
N ASN V 116 53.11 49.22 46.56
CA ASN V 116 53.56 47.85 46.33
C ASN V 116 52.44 46.87 46.60
N TRP V 117 51.62 47.14 47.63
CA TRP V 117 50.50 46.28 47.96
C TRP V 117 49.46 46.26 46.83
N ILE V 118 49.11 47.43 46.31
CA ILE V 118 48.12 47.50 45.23
C ILE V 118 48.63 46.77 44.00
N ILE V 119 49.89 46.98 43.65
CA ILE V 119 50.47 46.30 42.48
C ILE V 119 50.45 44.79 42.69
N LYS V 120 50.86 44.33 43.87
CA LYS V 120 50.91 42.90 44.13
C LYS V 120 49.53 42.28 44.06
N LEU V 121 48.54 42.95 44.64
CA LEU V 121 47.17 42.43 44.59
C LEU V 121 46.69 42.31 43.15
N ARG V 122 46.78 43.41 42.39
CA ARG V 122 46.28 43.41 41.02
C ARG V 122 47.03 42.41 40.13
N ASP V 123 48.32 42.22 40.36
CA ASP V 123 49.14 41.46 39.42
C ASP V 123 49.26 39.98 39.81
N ILE V 124 49.06 39.64 41.08
CA ILE V 124 49.21 38.27 41.56
C ILE V 124 47.91 37.74 42.16
N ASP V 125 47.29 38.48 43.08
CA ASP V 125 46.08 37.99 43.73
C ASP V 125 44.88 38.02 42.80
N LYS V 126 45.02 38.62 41.62
CA LYS V 126 43.93 38.72 40.63
C LYS V 126 42.70 39.39 41.24
N VAL V 127 42.93 40.47 41.97
CA VAL V 127 41.88 41.28 42.57
C VAL V 127 42.03 42.70 42.06
N LYS V 128 40.92 43.28 41.57
CA LYS V 128 40.95 44.57 40.90
C LYS V 128 40.63 45.67 41.90
N VAL V 129 41.66 46.27 42.48
CA VAL V 129 41.50 47.36 43.43
C VAL V 129 42.39 48.51 43.00
N LYS V 130 41.99 49.73 43.37
CA LYS V 130 42.74 50.93 43.05
C LYS V 130 42.93 51.76 44.31
N ALA V 131 43.94 52.65 44.27
CA ALA V 131 44.21 53.59 45.35
C ALA V 131 44.47 54.97 44.76
N VAL V 132 44.02 56.00 45.49
CA VAL V 132 44.31 57.39 45.16
C VAL V 132 45.39 57.86 46.13
N LEU V 133 46.54 58.26 45.59
CA LEU V 133 47.68 58.66 46.41
C LEU V 133 48.19 60.02 45.95
N GLY V 134 48.78 60.76 46.88
CA GLY V 134 49.38 62.05 46.57
C GLY V 134 50.89 61.95 46.48
N LYS V 135 51.43 62.52 45.39
CA LYS V 135 52.88 62.58 45.16
C LYS V 135 53.50 61.19 45.09
N VAL V 136 52.85 60.28 44.38
CA VAL V 136 53.36 58.94 44.16
C VAL V 136 53.45 58.69 42.66
N VAL V 137 54.68 58.48 42.17
CA VAL V 137 54.94 58.39 40.74
C VAL V 137 54.44 57.08 40.15
N GLY V 138 54.04 56.12 40.99
CA GLY V 138 53.83 54.74 40.60
C GLY V 138 53.28 54.51 39.20
N ASN V 139 54.03 53.74 38.42
CA ASN V 139 53.82 53.57 36.99
C ASN V 139 52.69 52.60 36.65
N HIS V 140 51.74 52.38 37.56
CA HIS V 140 50.69 51.41 37.33
C HIS V 140 49.33 52.07 37.11
N GLU V 141 48.51 51.46 36.27
CA GLU V 141 47.14 51.91 36.09
C GLU V 141 46.29 51.69 37.34
N GLY V 142 46.77 50.91 38.31
CA GLY V 142 46.00 50.66 39.51
C GLY V 142 46.09 51.76 40.54
N ILE V 143 47.04 52.68 40.38
CA ILE V 143 47.17 53.82 41.29
C ILE V 143 47.10 55.11 40.47
N ILE V 144 46.47 56.13 41.04
CA ILE V 144 46.33 57.43 40.39
C ILE V 144 47.05 58.48 41.23
N ASN V 145 47.75 59.38 40.55
CA ASN V 145 48.58 60.39 41.20
C ASN V 145 47.91 61.76 41.21
N PHE V 146 47.54 62.23 42.39
CA PHE V 146 46.98 63.57 42.58
C PHE V 146 48.10 64.48 43.05
N THR V 147 48.25 65.63 42.38
CA THR V 147 49.31 66.60 42.68
C THR V 147 48.72 68.01 42.64
N THR V 148 48.40 68.56 43.82
CA THR V 148 48.03 69.96 43.96
C THR V 148 48.14 70.34 45.43
N GLU V 149 48.81 71.46 45.69
CA GLU V 149 49.14 71.90 47.04
C GLU V 149 48.16 72.97 47.51
N ASP V 150 48.00 73.09 48.83
CA ASP V 150 47.27 74.19 49.47
C ASP V 150 45.89 74.42 48.85
N VAL V 151 45.01 73.44 49.01
CA VAL V 151 43.63 73.57 48.53
C VAL V 151 42.78 74.20 49.63
N LEU V 152 42.22 75.37 49.33
CA LEU V 152 41.36 76.10 50.27
C LEU V 152 39.91 75.69 50.05
N VAL V 153 39.33 75.05 51.05
CA VAL V 153 37.92 74.66 51.05
C VAL V 153 37.29 75.14 52.36
N GLY V 154 36.22 75.92 52.25
CA GLY V 154 35.55 76.44 53.43
C GLY V 154 36.48 77.28 54.27
N GLU V 155 37.25 78.16 53.60
CA GLU V 155 38.33 78.96 54.16
C GLU V 155 39.20 78.16 55.14
N LYS V 156 39.38 76.87 54.86
CA LYS V 156 40.24 75.99 55.66
C LYS V 156 41.34 75.43 54.78
N LYS V 157 42.57 75.45 55.29
CA LYS V 157 43.71 74.98 54.53
C LYS V 157 43.76 73.45 54.50
N TYR V 158 43.92 72.89 53.31
CA TYR V 158 43.99 71.45 53.10
C TYR V 158 45.21 71.13 52.26
N SER V 159 45.88 70.02 52.59
CA SER V 159 47.10 69.62 51.91
C SER V 159 46.79 68.53 50.88
N VAL V 160 47.80 68.24 50.04
CA VAL V 160 47.59 67.33 48.92
C VAL V 160 47.23 65.93 49.40
N ASP V 161 47.86 65.47 50.48
CA ASP V 161 47.50 64.19 51.05
C ASP V 161 46.09 64.19 51.61
N GLU V 162 45.66 65.31 52.19
CA GLU V 162 44.35 65.39 52.84
C GLU V 162 43.22 65.52 51.84
N PHE V 163 43.45 66.13 50.69
CA PHE V 163 42.41 66.26 49.66
C PHE V 163 42.22 64.98 48.87
N THR V 164 43.07 63.97 49.10
CA THR V 164 42.92 62.67 48.46
C THR V 164 41.57 62.03 48.81
N SER V 165 41.06 62.29 50.01
CA SER V 165 39.75 61.75 50.39
C SER V 165 38.65 62.30 49.48
N ARG V 166 38.65 63.61 49.25
CA ARG V 166 37.66 64.22 48.36
C ARG V 166 37.78 63.69 46.94
N VAL V 167 39.01 63.53 46.45
CA VAL V 167 39.22 63.03 45.10
C VAL V 167 38.73 61.60 44.95
N ALA V 168 39.03 60.74 45.92
CA ALA V 168 38.59 59.36 45.87
C ALA V 168 37.06 59.28 45.89
N GLY V 169 36.43 60.06 46.75
CA GLY V 169 34.98 60.10 46.76
C GLY V 169 34.39 60.57 45.44
N LEU V 170 35.00 61.60 44.84
CA LEU V 170 34.49 62.11 43.57
C LEU V 170 34.63 61.08 42.47
N ILE V 171 35.77 60.39 42.40
CA ILE V 171 35.97 59.39 41.36
C ILE V 171 34.99 58.24 41.53
N ALA V 172 34.81 57.76 42.77
CA ALA V 172 33.85 56.69 43.00
C ALA V 172 32.40 57.14 42.81
N GLY V 173 32.16 58.47 42.82
CA GLY V 173 30.81 58.95 42.61
C GLY V 173 30.39 59.03 41.16
N THR V 174 31.34 58.93 40.23
CA THR V 174 31.02 59.09 38.81
C THR V 174 30.34 57.84 38.26
N PRO V 175 29.21 57.99 37.55
CA PRO V 175 28.56 56.82 36.95
C PRO V 175 29.37 56.19 35.82
N LEU V 176 28.98 54.96 35.44
CA LEU V 176 29.84 54.12 34.60
C LEU V 176 30.09 54.73 33.22
N SER V 177 29.07 55.32 32.61
CA SER V 177 29.23 55.81 31.23
C SER V 177 30.10 57.06 31.14
N GLN V 178 30.46 57.67 32.27
CA GLN V 178 30.98 59.03 32.26
C GLN V 178 32.42 59.10 32.75
N SER V 179 32.96 60.31 32.73
CA SER V 179 34.36 60.59 33.04
C SER V 179 34.43 61.81 33.95
N VAL V 180 35.56 61.93 34.66
CA VAL V 180 35.75 63.07 35.55
C VAL V 180 36.47 64.23 34.88
N THR V 181 36.67 64.18 33.58
CA THR V 181 37.24 65.32 32.87
C THR V 181 36.33 66.54 33.00
N TYR V 182 36.92 67.65 33.41
CA TYR V 182 36.24 68.94 33.55
C TYR V 182 35.11 68.91 34.56
N THR V 183 35.10 67.94 35.48
CA THR V 183 34.14 67.98 36.57
C THR V 183 34.57 69.04 37.59
N LYS V 184 33.62 69.82 38.07
CA LYS V 184 33.92 71.00 38.88
C LYS V 184 33.61 70.73 40.34
N LEU V 185 34.43 71.32 41.22
CA LEU V 185 34.25 71.23 42.66
C LEU V 185 33.84 72.60 43.20
N SER V 186 32.57 72.72 43.59
CA SER V 186 32.04 74.00 44.04
C SER V 186 32.45 74.32 45.47
N ASP V 187 32.87 73.32 46.24
CA ASP V 187 33.36 73.57 47.58
C ASP V 187 34.68 74.34 47.57
N VAL V 188 35.55 74.06 46.60
CA VAL V 188 36.83 74.74 46.52
C VAL V 188 36.63 76.16 46.00
N VAL V 189 37.30 77.12 46.64
CA VAL V 189 37.22 78.51 46.22
C VAL V 189 38.56 79.10 45.81
N ASP V 190 39.69 78.58 46.30
CA ASP V 190 40.99 79.05 45.88
C ASP V 190 41.89 77.87 45.53
N ILE V 191 42.81 78.10 44.60
CA ILE V 191 43.80 77.12 44.19
C ILE V 191 45.01 77.88 43.66
N PRO V 192 46.23 77.37 43.81
CA PRO V 192 47.40 78.09 43.30
C PRO V 192 47.36 78.28 41.79
N LYS V 193 47.84 79.43 41.35
CA LYS V 193 47.94 79.73 39.92
C LYS V 193 48.88 78.75 39.23
N MET V 194 48.58 78.43 37.97
CA MET V 194 49.40 77.52 37.19
C MET V 194 49.46 77.99 35.74
N THR V 195 50.59 77.71 35.09
CA THR V 195 50.79 78.04 33.69
C THR V 195 50.39 76.87 32.79
N LYS V 196 49.87 77.19 31.61
CA LYS V 196 49.29 76.17 30.75
C LYS V 196 50.32 75.15 30.29
N VAL V 197 51.54 75.58 29.97
CA VAL V 197 52.55 74.62 29.51
C VAL V 197 52.95 73.67 30.64
N ASP V 198 53.05 74.17 31.87
CA ASP V 198 53.37 73.30 32.99
C ASP V 198 52.21 72.35 33.29
N ALA V 199 50.97 72.81 33.12
CA ALA V 199 49.82 71.93 33.28
C ALA V 199 49.84 70.81 32.24
N GLU V 200 50.14 71.14 30.99
CA GLU V 200 50.23 70.13 29.94
C GLU V 200 51.33 69.11 30.26
N SER V 201 52.49 69.60 30.72
CA SER V 201 53.56 68.69 31.09
C SER V 201 53.14 67.76 32.23
N ARG V 202 52.49 68.31 33.25
CA ARG V 202 52.04 67.49 34.37
C ARG V 202 51.05 66.43 33.92
N VAL V 203 50.12 66.79 33.02
CA VAL V 203 49.17 65.81 32.51
C VAL V 203 49.90 64.72 31.75
N ASN V 204 50.84 65.10 30.90
CA ASN V 204 51.58 64.09 30.13
C ASN V 204 52.46 63.21 31.01
N LYS V 205 52.88 63.69 32.18
CA LYS V 205 53.66 62.86 33.10
C LYS V 205 52.79 61.85 33.84
N GLY V 206 51.48 61.96 33.74
CA GLY V 206 50.57 61.02 34.36
C GLY V 206 49.96 61.47 35.68
N GLU V 207 49.78 62.76 35.91
CA GLU V 207 49.25 63.23 37.17
C GLU V 207 47.83 63.79 36.99
N LEU V 208 47.01 63.59 38.02
CA LEU V 208 45.71 64.21 38.14
C LEU V 208 45.87 65.53 38.89
N ILE V 209 45.31 66.61 38.34
CA ILE V 209 45.54 67.95 38.86
C ILE V 209 44.22 68.72 38.90
N LEU V 210 44.21 69.81 39.67
CA LEU V 210 43.14 70.79 39.58
C LEU V 210 43.63 71.99 38.78
N ILE V 211 42.72 72.63 38.04
CA ILE V 211 43.07 73.76 37.19
C ILE V 211 42.10 74.91 37.41
N LYS V 212 42.51 76.09 37.00
CA LYS V 212 41.70 77.30 37.16
C LYS V 212 41.03 77.65 35.84
N GLU V 213 39.74 77.97 35.91
CA GLU V 213 38.97 78.29 34.71
C GLU V 213 37.84 79.23 35.10
N ALA V 214 37.31 79.92 34.09
CA ALA V 214 36.21 80.85 34.33
C ALA V 214 35.08 80.16 35.08
N GLY V 215 34.65 80.76 36.17
CA GLY V 215 33.76 80.09 37.10
C GLY V 215 34.52 79.39 38.21
N ALA V 216 34.27 78.09 38.31
CA ALA V 216 34.82 77.30 39.41
C ALA V 216 36.18 76.68 39.04
N ILE V 217 36.69 75.88 39.97
CA ILE V 217 37.85 75.03 39.73
C ILE V 217 37.39 73.64 39.30
N ARG V 218 38.10 73.05 38.35
CA ARG V 218 37.71 71.75 37.84
C ARG V 218 38.91 70.83 37.70
N ILE V 219 38.63 69.53 37.60
CA ILE V 219 39.64 68.54 37.26
C ILE V 219 40.03 68.69 35.79
N ALA V 220 41.32 68.55 35.49
CA ALA V 220 41.77 68.72 34.11
C ALA V 220 41.40 67.54 33.23
N ARG V 221 41.94 66.37 33.53
CA ARG V 221 41.79 65.19 32.68
C ARG V 221 41.89 63.94 33.55
N GLY V 222 41.01 62.97 33.26
CA GLY V 222 40.96 61.75 34.04
C GLY V 222 41.98 60.70 33.62
N VAL V 223 43.26 60.96 33.92
CA VAL V 223 44.33 60.06 33.51
C VAL V 223 44.83 59.22 34.68
N ASN V 224 45.50 58.13 34.34
CA ASN V 224 46.18 57.27 35.29
C ASN V 224 47.59 57.78 35.55
N SER V 225 48.33 57.07 36.39
CA SER V 225 49.76 57.33 36.52
C SER V 225 50.60 56.46 35.59
N LEU V 226 49.97 55.62 34.77
CA LEU V 226 50.72 54.81 33.81
C LEU V 226 51.32 55.70 32.73
N THR V 227 52.61 55.51 32.45
CA THR V 227 53.32 56.36 31.50
C THR V 227 54.09 55.62 30.42
N GLU V 228 54.59 54.40 30.67
CA GLU V 228 55.30 53.64 29.64
C GLU V 228 54.35 52.68 28.96
N LEU V 229 54.20 52.82 27.65
CA LEU V 229 53.24 52.06 26.86
C LEU V 229 53.97 50.99 26.06
N THR V 230 53.49 49.76 26.15
CA THR V 230 54.04 48.62 25.44
C THR V 230 53.04 48.13 24.39
N ALA V 231 53.46 47.14 23.60
CA ALA V 231 52.59 46.59 22.58
C ALA V 231 51.43 45.79 23.18
N GLU V 232 51.51 45.48 24.48
CA GLU V 232 50.41 44.86 25.17
C GLU V 232 49.50 45.86 25.85
N LYS V 233 50.04 47.03 26.21
CA LYS V 233 49.34 48.06 26.96
C LYS V 233 49.28 49.34 26.13
N GLY V 234 48.12 49.61 25.54
CA GLY V 234 47.93 50.76 24.69
C GLY V 234 47.59 52.01 25.47
N GLU V 235 47.30 53.08 24.72
CA GLU V 235 46.97 54.36 25.32
C GLU V 235 45.65 54.32 26.08
N MET V 236 44.72 53.45 25.67
CA MET V 236 43.43 53.37 26.34
C MET V 236 43.55 52.99 27.82
N PHE V 237 44.65 52.33 28.21
CA PHE V 237 44.82 51.92 29.59
C PHE V 237 45.22 53.05 30.52
N GLN V 238 45.43 54.27 30.00
CA GLN V 238 45.73 55.40 30.87
C GLN V 238 44.49 56.16 31.32
N LYS V 239 43.30 55.78 30.85
CA LYS V 239 42.10 56.53 31.17
C LYS V 239 41.33 55.85 32.31
N ILE V 240 40.90 56.65 33.29
CA ILE V 240 40.19 56.12 34.46
C ILE V 240 38.89 55.45 34.04
N LYS V 241 38.13 56.08 33.14
CA LYS V 241 36.83 55.54 32.75
C LYS V 241 36.95 54.15 32.14
N ILE V 242 37.94 53.96 31.25
CA ILE V 242 38.14 52.67 30.58
C ILE V 242 38.51 51.60 31.60
N VAL V 243 39.48 51.91 32.46
CA VAL V 243 39.95 50.93 33.45
C VAL V 243 38.82 50.55 34.39
N ASP V 244 37.99 51.53 34.76
CA ASP V 244 36.86 51.26 35.66
C ASP V 244 35.85 50.32 35.02
N THR V 245 35.53 50.53 33.74
CA THR V 245 34.64 49.61 33.04
C THR V 245 35.24 48.21 32.95
N LEU V 246 36.55 48.12 32.66
CA LEU V 246 37.19 46.81 32.58
C LEU V 246 37.15 46.09 33.93
N ASP V 247 37.32 46.84 35.02
CA ASP V 247 37.26 46.23 36.34
C ASP V 247 35.85 45.72 36.65
N ILE V 248 34.82 46.44 36.23
CA ILE V 248 33.46 45.97 36.51
C ILE V 248 33.16 44.70 35.69
N ILE V 249 33.64 44.64 34.45
CA ILE V 249 33.49 43.40 33.67
C ILE V 249 34.20 42.24 34.36
N HIS V 250 35.43 42.49 34.84
CA HIS V 250 36.18 41.47 35.54
C HIS V 250 35.41 40.92 36.75
N SER V 251 34.89 41.81 37.58
CA SER V 251 34.20 41.36 38.79
C SER V 251 32.93 40.59 38.45
N ASP V 252 32.16 41.03 37.46
CA ASP V 252 30.94 40.32 37.11
C ASP V 252 31.24 38.91 36.58
N ILE V 253 32.21 38.78 35.69
CA ILE V 253 32.52 37.46 35.14
C ILE V 253 33.05 36.53 36.23
N ARG V 254 33.88 37.07 37.14
CA ARG V 254 34.36 36.25 38.25
C ARG V 254 33.21 35.77 39.12
N LYS V 255 32.24 36.64 39.40
CA LYS V 255 31.11 36.23 40.22
C LYS V 255 30.34 35.09 39.57
N VAL V 256 30.11 35.19 38.25
CA VAL V 256 29.39 34.12 37.56
C VAL V 256 30.16 32.82 37.65
N ILE V 257 31.47 32.87 37.40
CA ILE V 257 32.30 31.65 37.40
C ILE V 257 32.26 31.00 38.78
N ILE V 258 32.41 31.79 39.84
CA ILE V 258 32.42 31.22 41.19
C ILE V 258 31.06 30.64 41.54
N ASP V 259 29.99 31.37 41.21
CA ASP V 259 28.66 30.95 41.65
C ASP V 259 28.25 29.64 40.99
N ASP V 260 28.55 29.47 39.70
CA ASP V 260 27.90 28.40 38.95
C ASP V 260 28.79 27.25 38.53
N TYR V 261 30.12 27.37 38.58
CA TYR V 261 30.95 26.36 37.93
C TYR V 261 32.07 25.77 38.77
N ILE V 262 32.77 26.55 39.60
CA ILE V 262 33.97 26.06 40.28
C ILE V 262 33.58 24.94 41.23
N GLY V 263 34.08 23.73 40.95
CA GLY V 263 33.79 22.56 41.76
C GLY V 263 32.42 21.95 41.55
N LYS V 264 31.60 22.52 40.68
CA LYS V 264 30.21 22.11 40.52
C LYS V 264 29.98 21.14 39.37
N VAL V 265 30.80 21.19 38.32
CA VAL V 265 30.61 20.36 37.13
C VAL V 265 31.93 19.69 36.77
N THR V 266 31.82 18.57 36.05
CA THR V 266 33.00 17.88 35.54
C THR V 266 33.60 18.67 34.38
N ASN V 267 34.92 18.54 34.23
CA ASN V 267 35.67 19.29 33.23
C ASN V 267 35.72 18.51 31.92
N SER V 268 34.59 18.43 31.22
CA SER V 268 34.54 17.83 29.89
C SER V 268 34.31 18.95 28.88
N TYR V 269 34.51 18.62 27.60
CA TYR V 269 34.36 19.61 26.54
C TYR V 269 32.94 20.17 26.47
N ASP V 270 31.93 19.31 26.67
CA ASP V 270 30.54 19.77 26.63
C ASP V 270 30.26 20.83 27.70
N ASN V 271 30.76 20.61 28.91
CA ASN V 271 30.57 21.61 29.97
C ASN V 271 31.34 22.90 29.68
N LYS V 272 32.51 22.80 29.04
CA LYS V 272 33.21 23.99 28.58
C LYS V 272 32.36 24.78 27.60
N CYS V 273 31.67 24.09 26.69
CA CYS V 273 30.77 24.78 25.76
C CYS V 273 29.64 25.49 26.51
N LEU V 274 29.08 24.85 27.54
CA LEU V 274 28.04 25.51 28.33
C LEU V 274 28.57 26.79 28.99
N LEU V 275 29.79 26.73 29.54
CA LEU V 275 30.39 27.93 30.13
C LEU V 275 30.59 29.03 29.09
N ILE V 276 31.03 28.66 27.88
CA ILE V 276 31.21 29.64 26.81
C ILE V 276 29.88 30.32 26.50
N VAL V 277 28.80 29.55 26.45
CA VAL V 277 27.48 30.13 26.17
C VAL V 277 27.09 31.12 27.26
N ALA V 278 27.30 30.76 28.53
CA ALA V 278 26.94 31.67 29.61
C ALA V 278 27.70 33.00 29.53
N ILE V 279 29.01 32.92 29.28
CA ILE V 279 29.81 34.16 29.18
C ILE V 279 29.35 34.99 27.98
N LYS V 280 29.04 34.34 26.86
CA LYS V 280 28.56 35.07 25.69
C LYS V 280 27.26 35.81 26.00
N SER V 281 26.35 35.17 26.74
CA SER V 281 25.08 35.83 27.06
C SER V 281 25.32 37.04 27.98
N TYR V 282 26.25 36.92 28.93
CA TYR V 282 26.57 38.09 29.75
C TYR V 282 27.11 39.24 28.88
N LEU V 283 27.99 38.93 27.92
CA LEU V 283 28.52 39.98 27.06
C LEU V 283 27.42 40.62 26.21
N GLU V 284 26.48 39.81 25.73
CA GLU V 284 25.34 40.35 24.97
C GLU V 284 24.52 41.31 25.82
N GLU V 285 24.30 40.95 27.09
CA GLU V 285 23.58 41.85 27.98
C GLU V 285 24.34 43.16 28.17
N LEU V 286 25.67 43.09 28.26
CA LEU V 286 26.47 44.32 28.31
C LEU V 286 26.29 45.14 27.04
N GLU V 287 26.22 44.48 25.88
CA GLU V 287 26.03 45.18 24.62
C GLU V 287 24.70 45.92 24.60
N LYS V 288 23.64 45.28 25.12
CA LYS V 288 22.32 45.89 25.08
C LYS V 288 22.27 47.20 25.85
N SER V 289 23.07 47.32 26.90
CA SER V 289 23.11 48.53 27.71
C SER V 289 24.04 49.61 27.15
N ALA V 290 24.73 49.32 26.05
CA ALA V 290 25.66 50.24 25.39
C ALA V 290 26.89 50.56 26.24
N LEU V 291 27.30 49.64 27.12
CA LEU V 291 28.59 49.81 27.80
C LEU V 291 29.74 49.41 26.88
N ILE V 292 29.51 48.45 25.99
CA ILE V 292 30.51 47.99 25.01
C ILE V 292 29.85 47.97 23.64
N GLU V 293 30.69 47.89 22.60
CA GLU V 293 30.19 47.85 21.24
C GLU V 293 29.74 46.43 20.87
N SER V 294 29.00 46.34 19.77
CA SER V 294 28.38 45.09 19.34
C SER V 294 29.40 44.15 18.71
N ASP V 295 28.97 42.92 18.46
CA ASP V 295 29.76 41.89 17.78
C ASP V 295 30.99 41.48 18.61
N SER V 296 30.77 41.13 19.87
CA SER V 296 31.82 40.54 20.69
C SER V 296 31.76 39.02 20.59
N THR V 297 32.91 38.37 20.81
CA THR V 297 33.06 36.93 20.60
C THR V 297 33.74 36.27 21.80
N VAL V 298 33.44 34.98 22.00
CA VAL V 298 34.09 34.14 23.00
C VAL V 298 34.27 32.74 22.41
N GLU V 299 35.43 32.12 22.67
CA GLU V 299 35.69 30.77 22.17
C GLU V 299 36.84 30.12 22.94
N ILE V 300 37.15 28.88 22.54
CA ILE V 300 38.25 28.12 23.13
C ILE V 300 39.58 28.71 22.67
N ASP V 301 40.52 28.84 23.60
CA ASP V 301 41.88 29.30 23.28
C ASP V 301 42.71 28.09 22.87
N PHE V 302 42.83 27.88 21.55
CA PHE V 302 43.42 26.64 21.03
C PHE V 302 44.94 26.60 21.23
N GLU V 303 45.63 27.71 20.98
CA GLU V 303 47.08 27.74 21.14
C GLU V 303 47.48 27.47 22.60
N ALA V 304 46.75 28.06 23.54
CA ALA V 304 47.04 27.84 24.96
C ALA V 304 46.82 26.38 25.36
N GLN V 305 45.73 25.77 24.88
CA GLN V 305 45.49 24.37 25.17
C GLN V 305 46.60 23.49 24.59
N LYS V 306 47.05 23.81 23.37
CA LYS V 306 48.16 23.07 22.78
C LYS V 306 49.44 23.20 23.61
N SER V 307 49.76 24.42 24.06
CA SER V 307 50.98 24.61 24.84
C SER V 307 50.91 23.85 26.15
N TYR V 308 49.75 23.87 26.81
CA TYR V 308 49.60 23.11 28.05
C TYR V 308 49.76 21.61 27.80
N LEU V 309 49.16 21.10 26.73
CA LEU V 309 49.26 19.67 26.45
C LEU V 309 50.70 19.28 26.13
N LYS V 310 51.42 20.14 25.39
CA LYS V 310 52.84 19.91 25.15
C LYS V 310 53.62 19.89 26.45
N SER V 311 53.32 20.81 27.36
CA SER V 311 53.98 20.84 28.66
C SER V 311 53.69 19.58 29.47
N LYS V 312 52.52 18.95 29.25
CA LYS V 312 52.21 17.71 29.95
C LYS V 312 52.91 16.49 29.34
N GLY V 313 53.53 16.64 28.18
CA GLY V 313 54.24 15.55 27.54
C GLY V 313 53.50 14.82 26.43
N VAL V 314 52.44 15.40 25.89
CA VAL V 314 51.64 14.77 24.85
C VAL V 314 52.31 14.98 23.49
N ASP V 315 52.43 13.90 22.70
CA ASP V 315 52.97 13.99 21.36
C ASP V 315 51.86 14.47 20.42
N LEU V 316 51.95 15.74 20.01
CA LEU V 316 50.89 16.37 19.24
C LEU V 316 50.73 15.79 17.84
N SER V 317 51.81 15.31 17.23
CA SER V 317 51.74 14.89 15.83
C SER V 317 50.78 13.72 15.66
N TYR V 318 50.15 13.67 14.49
CA TYR V 318 49.16 12.64 14.15
C TYR V 318 47.93 12.74 15.05
N MET V 319 47.62 13.97 15.48
CA MET V 319 46.39 14.28 16.20
C MET V 319 45.64 15.34 15.40
N THR V 320 44.36 15.09 15.13
CA THR V 320 43.59 16.05 14.35
C THR V 320 43.27 17.30 15.17
N LEU V 321 42.79 18.33 14.47
CA LEU V 321 42.40 19.57 15.15
C LEU V 321 41.30 19.31 16.17
N GLN V 322 40.32 18.50 15.81
CA GLN V 322 39.21 18.20 16.71
C GLN V 322 39.69 17.46 17.95
N GLU V 323 40.62 16.52 17.78
CA GLU V 323 41.13 15.76 18.93
C GLU V 323 41.85 16.66 19.91
N ILE V 324 42.62 17.63 19.42
CA ILE V 324 43.30 18.57 20.31
C ILE V 324 42.30 19.50 20.98
N LYS V 325 41.28 19.95 20.24
CA LYS V 325 40.30 20.87 20.83
C LYS V 325 39.56 20.23 22.00
N GLU V 326 39.27 18.93 21.92
CA GLU V 326 38.43 18.27 22.91
C GLU V 326 39.22 17.46 23.94
N ALA V 327 40.54 17.57 23.97
CA ALA V 327 41.34 16.74 24.86
C ALA V 327 41.14 17.12 26.33
N ASN V 328 41.35 16.16 27.22
CA ASN V 328 41.29 16.37 28.66
C ASN V 328 42.41 17.32 29.10
N THR V 329 42.09 18.22 30.01
CA THR V 329 43.03 19.22 30.53
C THR V 329 43.01 19.28 32.05
N GLY V 330 42.77 18.13 32.69
CA GLY V 330 42.75 18.11 34.15
C GLY V 330 41.63 18.97 34.70
N SER V 331 42.02 20.01 35.44
CA SER V 331 41.07 20.95 36.02
C SER V 331 41.08 22.31 35.32
N LYS V 332 41.79 22.44 34.20
CA LYS V 332 42.02 23.73 33.55
C LYS V 332 41.01 23.99 32.44
N VAL V 333 40.74 25.28 32.20
CA VAL V 333 39.92 25.75 31.08
C VAL V 333 40.63 26.95 30.46
N PHE V 334 40.81 26.91 29.13
CA PHE V 334 41.46 27.99 28.40
C PHE V 334 40.47 28.63 27.43
N LEU V 335 40.22 29.93 27.60
CA LEU V 335 39.25 30.66 26.78
C LEU V 335 39.84 32.02 26.38
N LYS V 336 39.29 32.58 25.30
CA LYS V 336 39.65 33.93 24.83
C LYS V 336 38.41 34.64 24.29
N ALA V 337 38.49 35.97 24.25
CA ALA V 337 37.35 36.81 23.89
C ALA V 337 37.82 38.13 23.28
N LYS V 338 36.90 38.80 22.58
CA LYS V 338 37.16 40.13 22.01
C LYS V 338 36.03 41.09 22.38
N ILE V 339 36.39 42.30 22.79
CA ILE V 339 35.44 43.37 23.09
C ILE V 339 35.99 44.69 22.56
N LYS V 340 35.12 45.70 22.49
CA LYS V 340 35.49 47.04 22.06
C LYS V 340 34.80 48.07 22.95
N VAL V 341 35.55 49.11 23.36
CA VAL V 341 35.04 50.18 24.20
C VAL V 341 35.34 51.52 23.53
N LEU V 342 34.40 52.46 23.63
CA LEU V 342 34.53 53.76 22.99
C LEU V 342 34.82 54.85 24.03
N ASP V 343 35.37 55.96 23.56
CA ASP V 343 35.73 57.08 24.42
C ASP V 343 34.57 58.07 24.54
N ALA V 344 34.69 58.94 25.53
CA ALA V 344 33.74 60.02 25.74
C ALA V 344 34.20 61.29 25.02
N MET V 345 33.26 62.24 24.87
CA MET V 345 33.54 63.52 24.22
C MET V 345 34.38 64.39 25.15
N GLU V 346 35.56 64.81 24.71
CA GLU V 346 36.48 65.53 25.58
C GLU V 346 36.91 66.89 25.02
N ASP V 347 37.13 67.00 23.72
CA ASP V 347 37.54 68.28 23.13
C ASP V 347 36.71 68.58 21.89
N ILE V 348 36.39 69.86 21.72
CA ILE V 348 35.49 70.33 20.67
C ILE V 348 36.16 71.48 19.92
N ASP V 349 36.10 71.44 18.59
CA ASP V 349 36.48 72.55 17.74
C ASP V 349 35.23 73.09 17.05
N LEU V 350 34.95 74.38 17.24
CA LEU V 350 33.85 75.03 16.54
C LEU V 350 34.35 76.31 15.89
N SER V 351 34.39 76.32 14.56
CA SER V 351 34.87 77.45 13.77
C SER V 351 33.67 78.24 13.25
N ILE V 352 33.61 79.52 13.61
CA ILE V 352 32.47 80.38 13.28
C ILE V 352 32.98 81.49 12.37
N GLU V 353 32.34 81.63 11.20
CA GLU V 353 32.63 82.71 10.26
C GLU V 353 31.51 83.73 10.36
N ILE V 354 31.85 85.01 10.37
CA ILE V 354 30.85 86.04 10.59
C ILE V 354 30.69 86.91 9.35
N ASN W 3 47.93 -25.24 5.41
CA ASN W 3 47.64 -25.15 6.83
C ASN W 3 46.15 -25.33 7.13
N MET W 4 45.35 -25.48 6.10
CA MET W 4 43.93 -25.77 6.28
C MET W 4 43.67 -27.26 6.11
N GLU W 5 43.16 -27.90 7.16
CA GLU W 5 42.82 -29.31 7.13
C GLU W 5 41.36 -29.49 7.48
N ALA W 6 40.78 -30.58 6.96
CA ALA W 6 39.38 -30.90 7.23
C ALA W 6 39.11 -31.09 8.72
N ARG W 7 40.08 -31.61 9.48
CA ARG W 7 39.89 -31.79 10.92
C ARG W 7 39.76 -30.47 11.68
N ASN W 8 40.17 -29.35 11.10
CA ASN W 8 40.12 -28.07 11.79
C ASN W 8 38.72 -27.46 11.85
N VAL W 9 37.77 -27.94 11.05
CA VAL W 9 36.42 -27.38 11.04
C VAL W 9 35.73 -27.70 12.35
N MET W 10 35.09 -26.69 12.96
CA MET W 10 34.50 -26.84 14.27
C MET W 10 33.18 -27.60 14.20
N SER W 11 33.03 -28.62 15.04
CA SER W 11 31.81 -29.39 15.13
C SER W 11 30.87 -28.82 16.19
N GLY W 12 29.60 -28.67 15.84
CA GLY W 12 28.60 -28.14 16.75
C GLY W 12 28.31 -28.99 17.98
N THR W 13 28.67 -30.28 17.97
CA THR W 13 28.52 -31.11 19.16
C THR W 13 29.39 -30.64 20.32
N TRP W 14 30.45 -29.87 20.04
CA TRP W 14 31.33 -29.36 21.08
C TRP W 14 30.94 -27.96 21.55
N GLY W 15 29.66 -27.61 21.49
CA GLY W 15 29.17 -26.34 22.00
C GLY W 15 28.61 -26.44 23.42
N GLU W 16 28.75 -25.36 24.18
CA GLU W 16 28.19 -25.25 25.53
C GLU W 16 27.54 -23.88 25.69
N LEU W 17 26.58 -23.79 26.62
CA LEU W 17 25.78 -22.58 26.80
C LEU W 17 25.44 -22.34 28.26
N TRP W 18 25.61 -21.11 28.72
CA TRP W 18 25.13 -20.63 30.01
C TRP W 18 24.05 -19.57 29.78
N LEU W 19 22.97 -19.64 30.54
CA LEU W 19 21.87 -18.68 30.46
C LEU W 19 21.54 -18.22 31.87
N ASP W 20 21.57 -16.90 32.10
CA ASP W 20 21.31 -16.32 33.42
C ASP W 20 22.23 -16.92 34.48
N GLY W 21 23.45 -17.28 34.08
CA GLY W 21 24.44 -17.85 34.97
C GLY W 21 24.37 -19.36 35.16
N ASN W 22 23.41 -20.05 34.56
CA ASN W 22 23.22 -21.48 34.77
C ASN W 22 23.51 -22.25 33.49
N LYS W 23 24.18 -23.40 33.63
CA LYS W 23 24.50 -24.24 32.48
C LYS W 23 23.22 -24.85 31.90
N VAL W 24 23.17 -24.95 30.57
CA VAL W 24 22.02 -25.53 29.87
C VAL W 24 22.46 -26.82 29.21
N ALA W 25 22.31 -27.93 29.93
CA ALA W 25 22.79 -29.23 29.45
C ALA W 25 21.97 -29.77 28.27
N GLU W 26 20.77 -29.25 28.04
CA GLU W 26 19.84 -29.83 27.08
C GLU W 26 19.78 -29.01 25.79
N VAL W 27 20.83 -28.22 25.55
CA VAL W 27 20.87 -27.30 24.42
C VAL W 27 21.07 -28.09 23.13
N LYS W 28 20.32 -27.73 22.09
CA LYS W 28 20.42 -28.33 20.76
C LYS W 28 21.07 -27.41 19.73
N LYS W 29 20.76 -26.11 19.76
CA LYS W 29 21.45 -25.16 18.87
C LYS W 29 21.40 -23.76 19.47
N PHE W 30 22.34 -22.92 19.05
CA PHE W 30 22.46 -21.54 19.50
C PHE W 30 22.92 -20.67 18.34
N GLN W 31 22.27 -19.53 18.17
CA GLN W 31 22.57 -18.63 17.07
C GLN W 31 22.41 -17.18 17.53
N ALA W 32 23.30 -16.31 17.05
CA ALA W 32 23.25 -14.88 17.35
C ALA W 32 23.95 -14.11 16.23
N LYS W 33 23.27 -13.12 15.67
CA LYS W 33 23.75 -12.41 14.50
C LYS W 33 23.32 -10.94 14.57
N MET W 34 24.20 -10.06 14.08
CA MET W 34 23.91 -8.63 13.95
C MET W 34 23.60 -8.31 12.49
N GLU W 35 22.38 -7.88 12.21
CA GLU W 35 21.96 -7.48 10.88
C GLU W 35 22.05 -5.97 10.75
N PHE W 36 22.89 -5.49 9.83
CA PHE W 36 23.16 -4.06 9.72
C PHE W 36 22.01 -3.36 9.00
N THR W 37 21.71 -2.14 9.44
CA THR W 37 20.80 -1.24 8.73
C THR W 37 21.63 -0.39 7.76
N LYS W 38 21.36 -0.54 6.47
CA LYS W 38 22.07 0.17 5.42
C LYS W 38 21.07 0.90 4.52
N GLU W 39 21.40 2.12 4.14
CA GLU W 39 20.51 2.92 3.30
C GLU W 39 21.24 3.37 2.04
N ASP W 40 20.58 3.24 0.89
CA ASP W 40 21.19 3.57 -0.39
C ASP W 40 21.44 5.08 -0.53
N ILE W 41 22.56 5.42 -1.16
CA ILE W 41 22.91 6.81 -1.45
C ILE W 41 23.51 6.87 -2.85
N ILE W 42 22.82 7.58 -3.76
CA ILE W 42 23.29 7.77 -5.13
C ILE W 42 24.12 9.04 -5.19
N ILE W 43 25.36 8.92 -5.66
CA ILE W 43 26.29 10.03 -5.77
C ILE W 43 26.29 10.54 -7.20
N ALA W 44 26.16 11.86 -7.36
CA ALA W 44 26.16 12.45 -8.70
C ALA W 44 27.45 12.11 -9.44
N GLY W 45 27.31 11.63 -10.67
CA GLY W 45 28.45 11.23 -11.49
C GLY W 45 28.98 9.83 -11.28
N GLN W 46 28.36 9.02 -10.41
CA GLN W 46 28.83 7.66 -10.16
C GLN W 46 27.72 6.67 -10.49
N MET W 47 28.04 5.69 -11.34
CA MET W 47 27.04 4.71 -11.78
C MET W 47 26.70 3.68 -10.70
N GLY W 48 27.66 3.31 -9.86
CA GLY W 48 27.42 2.36 -8.80
C GLY W 48 26.83 2.98 -7.54
N THR W 49 25.66 2.49 -7.13
CA THR W 49 24.99 2.98 -5.92
C THR W 49 25.73 2.52 -4.67
N ASP W 50 26.01 3.48 -3.78
CA ASP W 50 26.72 3.24 -2.52
C ASP W 50 25.73 3.18 -1.35
N THR W 51 26.25 2.91 -0.15
CA THR W 51 25.44 2.75 1.06
C THR W 51 26.06 3.48 2.24
N LYS W 52 25.21 3.86 3.20
CA LYS W 52 25.63 4.45 4.47
C LYS W 52 25.19 3.55 5.62
N TYR W 53 26.13 3.19 6.49
CA TYR W 53 25.83 2.35 7.64
C TYR W 53 25.14 3.17 8.74
N MET W 54 23.99 2.68 9.22
CA MET W 54 23.20 3.42 10.20
C MET W 54 23.06 2.73 11.56
N GLY W 55 23.42 1.47 11.71
CA GLY W 55 23.23 0.77 12.97
C GLY W 55 22.98 -0.70 12.71
N TYR W 56 22.54 -1.39 13.76
CA TYR W 56 22.32 -2.84 13.66
C TYR W 56 21.20 -3.29 14.59
N LYS W 57 20.65 -4.46 14.29
CA LYS W 57 19.65 -5.14 15.12
C LYS W 57 20.12 -6.56 15.42
N GLY W 58 20.24 -6.89 16.70
CA GLY W 58 20.69 -8.21 17.12
C GLY W 58 19.53 -9.19 17.18
N LYS W 59 19.71 -10.33 16.50
CA LYS W 59 18.69 -11.38 16.46
C LYS W 59 19.34 -12.74 16.71
N GLY W 60 18.60 -13.61 17.40
CA GLY W 60 19.11 -14.92 17.77
C GLY W 60 17.99 -15.90 18.11
N SER W 61 18.40 -17.13 18.41
CA SER W 61 17.47 -18.20 18.79
C SER W 61 18.20 -19.28 19.57
N ILE W 62 17.44 -19.98 20.43
CA ILE W 62 17.89 -21.15 21.16
C ILE W 62 16.89 -22.28 20.93
N THR W 63 17.39 -23.49 20.71
CA THR W 63 16.56 -24.69 20.67
C THR W 63 16.98 -25.63 21.79
N LEU W 64 16.00 -26.20 22.50
CA LEU W 64 16.26 -27.08 23.63
C LEU W 64 15.45 -28.37 23.48
N TYR W 65 16.02 -29.48 23.96
CA TYR W 65 15.20 -30.65 24.24
C TYR W 65 14.31 -30.34 25.46
N HIS W 66 13.07 -30.81 25.41
CA HIS W 66 12.10 -30.53 26.48
C HIS W 66 12.30 -31.52 27.63
N VAL W 67 13.02 -31.11 28.66
CA VAL W 67 13.25 -31.95 29.82
C VAL W 67 12.75 -31.29 31.10
N SER W 68 12.51 -29.98 31.07
CA SER W 68 12.08 -29.26 32.26
C SER W 68 11.31 -28.01 31.85
N SER W 69 10.87 -27.24 32.85
CA SER W 69 10.15 -25.98 32.63
C SER W 69 11.08 -24.77 32.82
N ARG W 70 12.19 -24.74 32.07
CA ARG W 70 13.18 -23.67 32.25
C ARG W 70 12.62 -22.30 31.88
N MET W 71 12.05 -22.16 30.67
CA MET W 71 11.61 -20.85 30.20
C MET W 71 10.38 -20.36 30.96
N HIS W 72 9.47 -21.29 31.31
CA HIS W 72 8.31 -20.93 32.13
C HIS W 72 8.77 -20.21 33.39
N LYS W 73 9.69 -20.82 34.13
CA LYS W 73 10.19 -20.22 35.36
C LYS W 73 10.93 -18.91 35.09
N LEU W 74 11.67 -18.83 33.98
CA LEU W 74 12.43 -17.61 33.72
C LEU W 74 11.51 -16.40 33.50
N ILE W 75 10.43 -16.54 32.72
CA ILE W 75 9.73 -15.32 32.31
C ILE W 75 8.22 -15.27 32.52
N GLY W 76 7.58 -16.41 32.85
CA GLY W 76 6.12 -16.48 32.73
C GLY W 76 5.38 -15.50 33.62
N GLU W 77 5.65 -15.53 34.93
CA GLU W 77 4.90 -14.68 35.85
C GLU W 77 5.21 -13.19 35.63
N LYS W 78 6.47 -12.86 35.35
CA LYS W 78 6.85 -11.47 35.15
C LYS W 78 6.21 -10.87 33.90
N ILE W 79 6.13 -11.64 32.80
CA ILE W 79 5.58 -11.11 31.56
C ILE W 79 4.12 -10.71 31.74
N LYS W 80 3.34 -11.50 32.47
CA LYS W 80 1.92 -11.21 32.67
C LYS W 80 1.72 -9.92 33.47
N ARG W 81 2.67 -9.58 34.35
CA ARG W 81 2.53 -8.39 35.18
C ARG W 81 3.08 -7.13 34.52
N GLY W 82 3.68 -7.22 33.35
CA GLY W 82 4.24 -6.08 32.67
C GLY W 82 5.67 -5.73 33.01
N SER W 83 6.39 -6.61 33.71
CA SER W 83 7.82 -6.44 33.98
C SER W 83 8.59 -7.36 33.04
N GLU W 84 9.38 -6.77 32.16
CA GLU W 84 10.09 -7.60 31.20
C GLU W 84 11.53 -7.82 31.67
N PRO W 85 11.96 -9.05 31.89
CA PRO W 85 13.33 -9.31 32.31
C PRO W 85 14.31 -9.40 31.14
N ARG W 86 15.58 -9.11 31.43
CA ARG W 86 16.66 -9.15 30.46
C ARG W 86 17.77 -10.07 30.97
N PHE W 87 18.49 -10.71 30.05
CA PHE W 87 19.40 -11.80 30.42
C PHE W 87 20.75 -11.68 29.73
N VAL W 88 21.70 -12.46 30.22
CA VAL W 88 23.04 -12.61 29.64
C VAL W 88 23.24 -14.08 29.29
N ALA W 89 23.75 -14.35 28.09
CA ALA W 89 24.09 -15.71 27.66
C ALA W 89 25.57 -15.77 27.27
N ILE W 90 26.20 -16.90 27.56
CA ILE W 90 27.59 -17.16 27.19
C ILE W 90 27.65 -18.45 26.37
N SER W 91 28.14 -18.35 25.15
CA SER W 91 28.29 -19.52 24.27
C SER W 91 29.76 -19.83 24.06
N LYS W 92 30.11 -21.10 24.20
CA LYS W 92 31.48 -21.57 24.03
C LYS W 92 31.52 -22.70 23.01
N LEU W 93 32.48 -22.63 22.10
CA LEU W 93 32.72 -23.67 21.09
C LEU W 93 34.18 -24.09 21.20
N ASN W 94 34.42 -25.31 21.68
CA ASN W 94 35.79 -25.78 21.94
C ASN W 94 35.96 -27.19 21.37
N ASP W 95 36.26 -27.26 20.08
CA ASP W 95 36.52 -28.54 19.41
C ASP W 95 37.96 -28.95 19.65
N PRO W 96 38.22 -30.14 20.20
CA PRO W 96 39.61 -30.54 20.49
C PRO W 96 40.52 -30.58 19.28
N ASP W 97 39.98 -30.79 18.08
CA ASP W 97 40.81 -30.81 16.87
C ASP W 97 40.93 -29.45 16.19
N SER W 98 40.31 -28.40 16.73
CA SER W 98 40.39 -27.07 16.14
C SER W 98 41.59 -26.29 16.69
N TYR W 99 41.82 -25.10 16.12
CA TYR W 99 42.96 -24.27 16.51
C TYR W 99 42.83 -23.80 17.95
N GLY W 100 41.64 -23.39 18.36
CA GLY W 100 41.42 -22.89 19.71
C GLY W 100 39.94 -22.86 20.03
N ALA W 101 39.58 -22.06 21.03
CA ALA W 101 38.19 -21.94 21.47
C ALA W 101 37.64 -20.57 21.14
N GLU W 102 36.32 -20.51 20.98
CA GLU W 102 35.60 -19.27 20.68
C GLU W 102 34.49 -19.11 21.73
N ARG W 103 34.61 -18.09 22.57
CA ARG W 103 33.66 -17.85 23.66
C ARG W 103 33.16 -16.41 23.55
N ILE W 104 31.85 -16.23 23.58
CA ILE W 104 31.24 -14.92 23.37
C ILE W 104 30.08 -14.74 24.36
N ALA W 105 30.02 -13.56 24.98
CA ALA W 105 28.90 -13.19 25.85
C ALA W 105 27.93 -12.33 25.05
N VAL W 106 26.65 -12.69 25.11
CA VAL W 106 25.57 -11.94 24.46
C VAL W 106 24.70 -11.33 25.56
N LYS W 107 24.49 -10.02 25.51
CA LYS W 107 23.90 -9.30 26.62
C LYS W 107 22.63 -8.53 26.24
N ASN W 108 21.87 -8.16 27.28
CA ASN W 108 20.59 -7.45 27.13
C ASN W 108 19.63 -8.24 26.23
N ILE W 109 19.50 -9.53 26.52
CA ILE W 109 18.66 -10.44 25.74
C ILE W 109 17.20 -10.29 26.17
N ALA W 110 16.30 -10.11 25.21
CA ALA W 110 14.86 -10.13 25.44
C ALA W 110 14.23 -11.18 24.53
N PHE W 111 13.52 -12.14 25.13
CA PHE W 111 12.92 -13.22 24.37
C PHE W 111 11.68 -12.74 23.61
N ASP W 112 11.38 -13.42 22.50
CA ASP W 112 10.32 -13.01 21.60
C ASP W 112 8.96 -13.60 21.97
N ASP W 113 8.91 -14.71 22.72
CA ASP W 113 7.67 -15.40 22.99
C ASP W 113 7.87 -16.34 24.17
N LEU W 114 6.84 -17.14 24.47
CA LEU W 114 6.90 -18.19 25.49
C LEU W 114 5.98 -19.35 25.10
N THR W 115 6.54 -20.55 24.99
CA THR W 115 5.77 -21.75 24.67
C THR W 115 5.24 -22.35 25.97
N LEU W 116 3.92 -22.41 26.11
CA LEU W 116 3.32 -23.05 27.26
C LEU W 116 3.20 -24.56 27.06
N ALA W 117 2.72 -24.99 25.89
CA ALA W 117 2.64 -26.42 25.57
C ALA W 117 2.75 -26.59 24.06
N ASP W 118 3.47 -27.63 23.64
CA ASP W 118 3.53 -28.02 22.23
C ASP W 118 3.87 -29.50 22.18
N TRP W 119 2.85 -30.37 22.13
CA TRP W 119 3.12 -31.79 22.09
C TRP W 119 2.21 -32.48 21.07
N GLU W 120 2.71 -33.60 20.56
CA GLU W 120 2.04 -34.44 19.57
C GLU W 120 2.36 -35.90 19.86
N VAL W 121 1.35 -36.76 19.74
CA VAL W 121 1.54 -38.19 19.99
C VAL W 121 2.57 -38.75 19.01
N GLY W 122 3.52 -39.53 19.54
CA GLY W 122 4.56 -40.12 18.73
C GLY W 122 5.72 -39.21 18.36
N VAL W 123 5.80 -38.01 18.94
CA VAL W 123 6.84 -37.04 18.62
C VAL W 123 7.51 -36.60 19.91
N LYS W 124 8.84 -36.56 19.90
CA LYS W 124 9.59 -36.10 21.06
C LYS W 124 9.57 -34.56 21.14
N GLY W 125 9.57 -34.05 22.38
CA GLY W 125 9.39 -32.63 22.60
C GLY W 125 10.66 -31.81 22.41
N GLU W 126 10.50 -30.64 21.77
CA GLU W 126 11.56 -29.66 21.58
C GLU W 126 10.96 -28.26 21.74
N ILE W 127 11.80 -27.29 22.07
CA ILE W 127 11.38 -25.90 22.28
C ILE W 127 12.28 -24.95 21.49
N GLU W 128 11.67 -24.08 20.70
CA GLU W 128 12.38 -23.05 19.94
C GLU W 128 12.06 -21.68 20.52
N ALA W 129 13.09 -20.94 20.93
CA ALA W 129 12.93 -19.67 21.63
C ALA W 129 13.73 -18.54 20.98
N PRO W 130 13.13 -17.78 20.07
CA PRO W 130 13.83 -16.64 19.45
C PRO W 130 13.96 -15.47 20.42
N PHE W 131 14.94 -14.59 20.15
CA PHE W 131 15.21 -13.44 21.00
C PHE W 131 15.90 -12.33 20.21
N THR W 132 16.01 -11.17 20.85
CA THR W 132 16.78 -10.02 20.36
C THR W 132 17.79 -9.60 21.44
N PHE W 133 18.79 -8.82 21.04
CA PHE W 133 19.86 -8.41 21.94
C PHE W 133 20.53 -7.15 21.39
N THR W 134 21.32 -6.48 22.24
CA THR W 134 21.94 -5.22 21.79
C THR W 134 23.45 -5.14 22.00
N GLU W 135 24.04 -5.97 22.87
CA GLU W 135 25.46 -5.87 23.20
C GLU W 135 26.13 -7.25 23.21
N TYR W 136 27.47 -7.25 23.19
CA TYR W 136 28.27 -8.47 23.26
C TYR W 136 29.72 -8.15 23.64
N ASP W 137 30.44 -9.20 24.06
CA ASP W 137 31.88 -9.13 24.31
C ASP W 137 32.58 -10.40 23.85
N PHE W 138 33.82 -10.22 23.39
CA PHE W 138 34.68 -11.31 22.94
C PHE W 138 35.54 -11.76 24.12
N LEU W 139 35.39 -13.02 24.51
CA LEU W 139 36.33 -13.67 25.43
C LEU W 139 36.88 -14.91 24.72
N ASP W 140 38.19 -14.94 24.48
CA ASP W 140 38.80 -16.07 23.75
C ASP W 140 38.23 -16.20 22.33
N ILE W 141 38.65 -15.29 21.47
CA ILE W 141 38.48 -15.52 20.03
C ILE W 141 39.72 -16.23 19.48
N ILE W 142 39.56 -16.80 18.28
CA ILE W 142 40.64 -17.55 17.64
C ILE W 142 41.36 -16.65 16.63
N ASN X 3 36.71 12.81 -2.73
CA ASN X 3 36.51 13.50 -1.45
C ASN X 3 35.11 13.20 -0.89
N MET X 4 34.08 13.25 -1.73
CA MET X 4 32.73 12.99 -1.26
C MET X 4 32.42 11.51 -1.37
N GLU X 5 32.11 10.88 -0.24
CA GLU X 5 31.79 9.47 -0.19
C GLU X 5 30.57 9.30 0.71
N ALA X 6 29.81 8.23 0.48
CA ALA X 6 28.59 7.97 1.23
C ALA X 6 28.81 7.94 2.74
N ARG X 7 29.97 7.50 3.22
CA ARG X 7 30.21 7.45 4.66
C ARG X 7 30.22 8.84 5.31
N ASN X 8 30.46 9.90 4.55
CA ASN X 8 30.53 11.25 5.11
C ASN X 8 29.15 11.82 5.49
N VAL X 9 28.06 11.26 4.99
CA VAL X 9 26.73 11.79 5.32
C VAL X 9 26.44 11.59 6.80
N MET X 10 25.99 12.66 7.46
CA MET X 10 25.79 12.62 8.92
C MET X 10 24.52 11.86 9.28
N SER X 11 24.66 10.89 10.18
CA SER X 11 23.52 10.14 10.69
C SER X 11 22.92 10.81 11.93
N GLY X 12 21.60 10.85 11.99
CA GLY X 12 20.88 11.43 13.11
C GLY X 12 21.01 10.69 14.43
N THR X 13 21.41 9.42 14.42
CA THR X 13 21.63 8.70 15.67
C THR X 13 22.77 9.28 16.50
N TRP X 14 23.67 10.05 15.88
CA TRP X 14 24.79 10.66 16.59
C TRP X 14 24.49 12.09 17.06
N GLY X 15 23.21 12.43 17.22
CA GLY X 15 22.81 13.73 17.74
C GLY X 15 22.64 13.73 19.25
N GLU X 16 22.91 14.89 19.85
CA GLU X 16 22.74 15.10 21.29
C GLU X 16 22.16 16.49 21.54
N LEU X 17 21.47 16.64 22.66
CA LEU X 17 20.72 17.86 22.97
C LEU X 17 20.86 18.24 24.44
N TRP X 18 21.11 19.52 24.69
CA TRP X 18 21.04 20.12 26.02
C TRP X 18 19.92 21.16 26.05
N LEU X 19 19.11 21.15 27.10
CA LEU X 19 18.00 22.10 27.26
C LEU X 19 18.06 22.72 28.64
N ASP X 20 18.21 24.05 28.68
CA ASP X 20 18.31 24.80 29.94
C ASP X 20 19.46 24.29 30.80
N GLY X 21 20.55 23.86 30.15
CA GLY X 21 21.72 23.35 30.83
C GLY X 21 21.72 21.87 31.16
N ASN X 22 20.62 21.17 30.96
CA ASN X 22 20.49 19.76 31.34
C ASN X 22 20.39 18.88 30.09
N LYS X 23 21.14 17.79 30.09
CA LYS X 23 21.17 16.90 28.94
C LYS X 23 19.85 16.12 28.81
N VAL X 24 19.40 15.93 27.59
CA VAL X 24 18.12 15.27 27.31
C VAL X 24 18.40 13.93 26.64
N ALA X 25 18.55 12.89 27.45
CA ALA X 25 18.90 11.56 26.93
C ALA X 25 17.79 10.93 26.10
N GLU X 26 16.55 11.42 26.19
CA GLU X 26 15.39 10.75 25.58
C GLU X 26 14.97 11.45 24.28
N VAL X 27 15.87 12.23 23.70
CA VAL X 27 15.56 13.04 22.52
C VAL X 27 15.40 12.09 21.32
N LYS X 28 14.36 12.33 20.52
CA LYS X 28 14.13 11.62 19.26
C LYS X 28 14.50 12.44 18.03
N LYS X 29 14.16 13.73 17.99
CA LYS X 29 14.56 14.59 16.89
C LYS X 29 14.57 16.04 17.32
N PHE X 30 15.33 16.86 16.58
CA PHE X 30 15.50 18.28 16.86
C PHE X 30 15.55 19.06 15.55
N GLN X 31 14.84 20.19 15.52
CA GLN X 31 14.72 21.01 14.32
C GLN X 31 14.83 22.49 14.69
N ALA X 32 15.47 23.27 13.82
CA ALA X 32 15.49 24.72 13.97
C ALA X 32 15.83 25.37 12.63
N LYS X 33 14.96 26.27 12.16
CA LYS X 33 15.12 26.96 10.88
C LYS X 33 14.76 28.44 11.01
N MET X 34 15.38 29.25 10.16
CA MET X 34 15.06 30.67 10.02
C MET X 34 14.34 30.89 8.70
N GLU X 35 13.07 31.29 8.77
CA GLU X 35 12.25 31.55 7.58
C GLU X 35 12.27 33.05 7.27
N PHE X 36 12.74 33.41 6.09
CA PHE X 36 12.92 34.82 5.74
C PHE X 36 11.61 35.45 5.27
N THR X 37 11.46 36.73 5.59
CA THR X 37 10.33 37.54 5.11
C THR X 37 10.78 38.32 3.88
N LYS X 38 10.12 38.09 2.75
CA LYS X 38 10.47 38.72 1.48
C LYS X 38 9.25 39.36 0.84
N GLU X 39 9.42 40.57 0.32
CA GLU X 39 8.37 41.31 -0.35
C GLU X 39 8.70 41.50 -1.83
N ASP X 40 7.72 41.24 -2.70
CA ASP X 40 7.91 41.42 -4.13
C ASP X 40 8.07 42.88 -4.49
N ILE X 41 8.94 43.16 -5.46
CA ILE X 41 9.17 44.50 -5.97
C ILE X 41 9.33 44.41 -7.48
N ILE X 42 8.47 45.11 -8.22
CA ILE X 42 8.52 45.15 -9.68
C ILE X 42 9.21 46.44 -10.11
N ILE X 43 10.27 46.30 -10.90
CA ILE X 43 11.05 47.43 -11.39
C ILE X 43 10.59 47.78 -12.80
N ALA X 44 10.37 49.07 -13.06
CA ALA X 44 9.98 49.52 -14.39
C ALA X 44 11.05 49.14 -15.42
N GLY X 45 10.60 48.55 -16.51
CA GLY X 45 11.48 48.11 -17.57
C GLY X 45 12.07 46.72 -17.41
N GLN X 46 11.70 45.98 -16.37
CA GLN X 46 12.26 44.66 -16.09
C GLN X 46 11.14 43.63 -15.98
N MET X 47 11.25 42.54 -16.76
CA MET X 47 10.22 41.51 -16.75
C MET X 47 10.28 40.61 -15.51
N GLY X 48 11.48 40.33 -14.99
CA GLY X 48 11.60 39.50 -13.81
C GLY X 48 11.38 40.26 -12.52
N THR X 49 10.40 39.83 -11.71
CA THR X 49 10.13 40.48 -10.43
C THR X 49 11.17 40.09 -9.38
N ASP X 50 11.67 41.07 -8.65
CA ASP X 50 12.70 40.89 -7.63
C ASP X 50 12.08 40.98 -6.24
N THR X 51 12.93 40.83 -5.21
CA THR X 51 12.48 40.80 -3.82
C THR X 51 13.41 41.62 -2.93
N LYS X 52 12.85 42.09 -1.82
CA LYS X 52 13.61 42.80 -0.79
C LYS X 52 13.52 42.02 0.51
N TYR X 53 14.67 41.72 1.11
CA TYR X 53 14.72 41.00 2.37
C TYR X 53 14.33 41.93 3.52
N MET X 54 13.44 41.48 4.39
CA MET X 54 12.94 42.30 5.48
C MET X 54 13.17 41.75 6.89
N GLY X 55 13.52 40.48 7.04
CA GLY X 55 13.71 39.91 8.37
C GLY X 55 13.50 38.41 8.33
N TYR X 56 13.42 37.81 9.53
CA TYR X 56 13.27 36.37 9.65
C TYR X 56 12.49 35.99 10.90
N LYS X 57 11.87 34.82 10.86
CA LYS X 57 11.17 34.23 11.98
C LYS X 57 11.72 32.84 12.25
N GLY X 58 12.22 32.60 13.46
CA GLY X 58 12.81 31.33 13.83
C GLY X 58 11.74 30.37 14.33
N LYS X 59 11.73 29.17 13.74
CA LYS X 59 10.78 28.12 14.10
C LYS X 59 11.51 26.80 14.27
N GLY X 60 11.03 25.96 15.19
CA GLY X 60 11.65 24.69 15.48
C GLY X 60 10.73 23.76 16.26
N SER X 61 11.24 22.57 16.57
CA SER X 61 10.50 21.61 17.40
C SER X 61 11.45 20.53 17.93
N ILE X 62 11.02 19.92 19.03
CA ILE X 62 11.70 18.81 19.69
C ILE X 62 10.70 17.68 19.87
N THR X 63 11.13 16.44 19.61
CA THR X 63 10.35 15.25 19.92
C THR X 63 11.11 14.39 20.91
N LEU X 64 10.42 13.95 21.97
CA LEU X 64 11.02 13.12 23.00
C LEU X 64 10.20 11.86 23.24
N TYR X 65 10.89 10.77 23.60
CA TYR X 65 10.22 9.65 24.23
C TYR X 65 9.74 10.06 25.61
N HIS X 66 8.53 9.60 25.98
CA HIS X 66 7.91 10.00 27.24
C HIS X 66 8.42 9.11 28.38
N VAL X 67 9.39 9.61 29.14
CA VAL X 67 9.97 8.87 30.25
C VAL X 67 9.79 9.62 31.57
N SER X 68 9.50 10.92 31.52
CA SER X 68 9.34 11.73 32.72
C SER X 68 8.50 12.96 32.40
N SER X 69 8.31 13.81 33.42
CA SER X 69 7.53 15.04 33.29
C SER X 69 8.43 16.26 33.13
N ARG X 70 9.29 16.23 32.10
CA ARG X 70 10.27 17.30 31.92
C ARG X 70 9.61 18.65 31.60
N MET X 71 8.75 18.68 30.59
CA MET X 71 8.15 19.95 30.17
C MET X 71 7.15 20.48 31.20
N HIS X 72 6.44 19.58 31.88
CA HIS X 72 5.56 20.01 32.96
C HIS X 72 6.34 20.85 33.98
N LYS X 73 7.46 20.32 34.46
CA LYS X 73 8.28 21.03 35.43
C LYS X 73 8.90 22.29 34.85
N LEU X 74 9.23 22.29 33.56
CA LEU X 74 9.85 23.48 32.98
C LEU X 74 8.87 24.66 32.89
N ILE X 75 7.62 24.43 32.48
CA ILE X 75 6.80 25.59 32.13
C ILE X 75 5.40 25.67 32.76
N GLY X 76 4.88 24.58 33.33
CA GLY X 76 3.45 24.52 33.61
C GLY X 76 2.97 25.57 34.59
N GLU X 77 3.65 25.69 35.73
CA GLU X 77 3.18 26.61 36.76
C GLU X 77 3.36 28.05 36.34
N LYS X 78 4.50 28.37 35.72
CA LYS X 78 4.76 29.74 35.28
C LYS X 78 3.76 30.22 34.23
N ILE X 79 3.40 29.35 33.29
CA ILE X 79 2.48 29.76 32.23
C ILE X 79 1.11 30.13 32.80
N LYS X 80 0.67 29.41 33.83
CA LYS X 80 -0.63 29.71 34.43
C LYS X 80 -0.66 31.07 35.11
N ARG X 81 0.45 31.46 35.75
CA ARG X 81 0.52 32.74 36.44
C ARG X 81 0.79 33.92 35.51
N GLY X 82 1.14 33.67 34.25
CA GLY X 82 1.36 34.73 33.29
C GLY X 82 2.81 35.15 33.07
N SER X 83 3.78 34.46 33.66
CA SER X 83 5.19 34.80 33.49
C SER X 83 5.87 33.75 32.60
N GLU X 84 6.09 34.12 31.33
CA GLU X 84 6.60 33.21 30.31
C GLU X 84 8.11 33.07 30.42
N PRO X 85 8.64 31.86 30.58
CA PRO X 85 10.09 31.68 30.62
C PRO X 85 10.69 31.48 29.23
N ARG X 86 11.99 31.75 29.14
CA ARG X 86 12.76 31.61 27.90
C ARG X 86 13.99 30.75 28.16
N PHE X 87 14.42 30.01 27.14
CA PHE X 87 15.40 28.94 27.32
C PHE X 87 16.51 29.03 26.27
N VAL X 88 17.57 28.26 26.52
CA VAL X 88 18.68 28.07 25.60
C VAL X 88 18.84 26.57 25.34
N ALA X 89 18.98 26.20 24.07
CA ALA X 89 19.22 24.81 23.70
C ALA X 89 20.50 24.70 22.87
N ILE X 90 21.23 23.62 23.08
CA ILE X 90 22.46 23.33 22.35
C ILE X 90 22.31 21.97 21.66
N SER X 91 22.51 21.94 20.35
CA SER X 91 22.46 20.72 19.57
C SER X 91 23.83 20.38 19.03
N LYS X 92 24.22 19.11 19.16
CA LYS X 92 25.50 18.62 18.67
C LYS X 92 25.29 17.42 17.77
N LEU X 93 25.95 17.42 16.63
CA LEU X 93 25.93 16.30 15.68
C LEU X 93 27.37 15.89 15.43
N ASN X 94 27.77 14.73 15.95
CA ASN X 94 29.16 14.26 15.86
C ASN X 94 29.20 12.81 15.37
N ASP X 95 29.12 12.63 14.06
CA ASP X 95 29.21 11.30 13.45
C ASP X 95 30.68 10.93 13.25
N PRO X 96 31.16 9.81 13.81
CA PRO X 96 32.60 9.50 13.70
C PRO X 96 33.11 9.35 12.28
N ASP X 97 32.26 9.02 11.31
CA ASP X 97 32.67 8.89 9.92
C ASP X 97 32.56 10.19 9.11
N SER X 98 32.16 11.30 9.72
CA SER X 98 32.05 12.57 9.01
C SER X 98 33.32 13.40 9.18
N TYR X 99 33.35 14.57 8.53
CA TYR X 99 34.52 15.45 8.59
C TYR X 99 34.73 15.99 10.01
N GLY X 100 33.66 16.34 10.69
CA GLY X 100 33.77 16.94 12.01
C GLY X 100 32.43 17.09 12.71
N ALA X 101 32.43 17.85 13.80
CA ALA X 101 31.23 18.06 14.60
C ALA X 101 30.56 19.39 14.25
N GLU X 102 29.24 19.40 14.37
CA GLU X 102 28.42 20.61 14.19
C GLU X 102 27.69 20.85 15.51
N ARG X 103 28.03 21.95 16.19
CA ARG X 103 27.43 22.32 17.47
C ARG X 103 26.84 23.73 17.35
N ILE X 104 25.60 23.89 17.76
CA ILE X 104 24.90 25.16 17.61
C ILE X 104 24.08 25.45 18.87
N ALA X 105 24.13 26.69 19.35
CA ALA X 105 23.27 27.15 20.43
C ALA X 105 22.09 27.93 19.85
N VAL X 106 20.87 27.56 20.27
CA VAL X 106 19.64 28.23 19.87
C VAL X 106 19.07 28.94 21.10
N LYS X 107 18.88 30.25 21.01
CA LYS X 107 18.64 31.09 22.17
C LYS X 107 17.29 31.82 22.10
N ASN X 108 16.82 32.26 23.29
CA ASN X 108 15.53 32.95 23.45
C ASN X 108 14.37 32.10 22.93
N ILE X 109 14.35 30.83 23.34
CA ILE X 109 13.34 29.87 22.91
C ILE X 109 12.07 30.07 23.72
N ALA X 110 10.93 30.16 23.04
CA ALA X 110 9.61 30.15 23.66
C ALA X 110 8.78 29.01 23.08
N PHE X 111 8.31 28.11 23.93
CA PHE X 111 7.54 26.96 23.48
C PHE X 111 6.11 27.37 23.10
N ASP X 112 5.55 26.65 22.13
CA ASP X 112 4.23 26.97 21.58
C ASP X 112 3.07 26.37 22.37
N ASP X 113 3.29 25.30 23.14
CA ASP X 113 2.19 24.63 23.84
C ASP X 113 2.74 23.78 24.98
N LEU X 114 1.86 23.04 25.65
CA LEU X 114 2.24 22.08 26.67
C LEU X 114 1.28 20.90 26.64
N THR X 115 1.82 19.70 26.52
CA THR X 115 1.03 18.47 26.53
C THR X 115 0.94 17.95 27.96
N LEU X 116 -0.27 17.91 28.50
CA LEU X 116 -0.50 17.34 29.83
C LEU X 116 -0.62 15.82 29.78
N ALA X 117 -1.37 15.29 28.81
CA ALA X 117 -1.50 13.85 28.63
C ALA X 117 -1.79 13.53 27.17
N ASP X 118 -1.16 12.46 26.67
CA ASP X 118 -1.48 11.92 25.34
C ASP X 118 -1.12 10.44 25.35
N TRP X 119 -2.11 9.58 25.67
CA TRP X 119 -1.85 8.14 25.72
C TRP X 119 -2.99 7.38 25.03
N GLU X 120 -2.61 6.23 24.46
CA GLU X 120 -3.53 5.32 23.79
C GLU X 120 -3.11 3.89 24.08
N VAL X 121 -4.09 3.02 24.36
CA VAL X 121 -3.80 1.63 24.67
C VAL X 121 -3.06 0.99 23.50
N GLY X 122 -2.01 0.24 23.81
CA GLY X 122 -1.20 -0.40 22.78
C GLY X 122 -0.23 0.50 22.04
N VAL X 123 -0.02 1.73 22.49
CA VAL X 123 0.86 2.68 21.82
C VAL X 123 1.87 3.21 22.83
N LYS X 124 3.15 3.26 22.45
CA LYS X 124 4.16 3.86 23.31
C LYS X 124 4.08 5.39 23.25
N GLY X 125 4.42 6.03 24.37
CA GLY X 125 4.24 7.46 24.52
C GLY X 125 5.35 8.29 23.90
N GLU X 126 4.96 9.36 23.22
CA GLU X 126 5.88 10.33 22.62
C GLU X 126 5.31 11.73 22.81
N ILE X 127 6.21 12.73 22.84
CA ILE X 127 5.84 14.12 23.04
C ILE X 127 6.44 14.99 21.94
N GLU X 128 5.62 15.84 21.34
CA GLU X 128 6.06 16.79 20.32
C GLU X 128 5.90 18.22 20.84
N ALA X 129 6.99 18.98 20.84
CA ALA X 129 7.02 20.30 21.46
C ALA X 129 7.56 21.37 20.49
N PRO X 130 6.69 22.02 19.71
CA PRO X 130 7.15 23.10 18.83
C PRO X 130 7.52 24.36 19.62
N PHE X 131 8.38 25.19 19.02
CA PHE X 131 8.85 26.41 19.67
C PHE X 131 9.21 27.47 18.62
N THR X 132 9.45 28.69 19.10
CA THR X 132 9.99 29.80 18.32
C THR X 132 11.24 30.34 19.01
N PHE X 133 12.09 31.05 18.25
CA PHE X 133 13.35 31.55 18.78
C PHE X 133 13.80 32.77 17.95
N THR X 134 14.78 33.52 18.49
CA THR X 134 15.24 34.71 17.77
C THR X 134 16.75 34.75 17.53
N GLU X 135 17.56 34.04 18.31
CA GLU X 135 19.00 34.17 18.23
C GLU X 135 19.68 32.81 18.13
N TYR X 136 20.92 32.80 17.66
CA TYR X 136 21.73 31.58 17.62
C TYR X 136 23.22 31.93 17.62
N ASP X 137 24.06 30.92 17.88
CA ASP X 137 25.51 31.07 17.83
C ASP X 137 26.17 29.77 17.35
N PHE X 138 27.23 29.93 16.57
CA PHE X 138 27.97 28.81 15.98
C PHE X 138 29.14 28.45 16.88
N LEU X 139 29.19 27.20 17.34
CA LEU X 139 30.36 26.62 17.99
C LEU X 139 30.70 25.33 17.27
N ASP X 140 31.92 25.20 16.73
CA ASP X 140 32.29 24.01 15.96
C ASP X 140 31.39 23.84 14.72
N ILE X 141 31.66 24.66 13.72
CA ILE X 141 31.15 24.40 12.38
C ILE X 141 32.18 23.60 11.58
N ILE X 142 31.72 23.01 10.48
CA ILE X 142 32.61 22.23 9.61
C ILE X 142 33.10 23.07 8.43
N ASN Y 3 21.37 50.71 -11.94
CA ASN Y 3 21.70 51.40 -10.70
C ASN Y 3 20.69 51.04 -9.60
N MET Y 4 19.40 51.07 -9.93
CA MET Y 4 18.38 50.69 -8.96
C MET Y 4 18.23 49.18 -8.89
N GLU Y 5 18.21 48.67 -7.66
CA GLU Y 5 17.97 47.26 -7.39
C GLU Y 5 17.01 47.21 -6.21
N ALA Y 6 16.26 46.10 -6.12
CA ALA Y 6 15.30 45.93 -5.05
C ALA Y 6 15.92 46.08 -3.65
N ARG Y 7 17.18 45.68 -3.47
CA ARG Y 7 17.83 45.79 -2.16
C ARG Y 7 17.99 47.23 -1.69
N ASN Y 8 18.01 48.21 -2.61
CA ASN Y 8 18.22 49.59 -2.23
C ASN Y 8 17.01 50.24 -1.56
N VAL Y 9 15.83 49.63 -1.65
CA VAL Y 9 14.63 50.20 -1.01
C VAL Y 9 14.78 50.11 0.50
N MET Y 10 14.53 51.22 1.20
CA MET Y 10 14.77 51.28 2.63
C MET Y 10 13.66 50.57 3.42
N SER Y 11 14.06 49.69 4.34
CA SER Y 11 13.13 49.00 5.22
C SER Y 11 12.90 49.80 6.50
N GLY Y 12 11.64 49.87 6.92
CA GLY Y 12 11.26 50.55 8.14
C GLY Y 12 11.77 49.95 9.43
N THR Y 13 12.18 48.67 9.41
CA THR Y 13 12.79 48.07 10.60
C THR Y 13 14.11 48.75 10.98
N TRP Y 14 14.73 49.49 10.07
CA TRP Y 14 15.97 50.19 10.36
C TRP Y 14 15.74 51.66 10.75
N GLY Y 15 14.56 51.99 11.28
CA GLY Y 15 14.28 53.32 11.79
C GLY Y 15 14.64 53.48 13.26
N GLU Y 16 15.06 54.70 13.63
CA GLU Y 16 15.35 55.06 15.01
C GLU Y 16 14.78 56.44 15.31
N LEU Y 17 14.48 56.70 16.58
CA LEU Y 17 13.80 57.93 16.98
C LEU Y 17 14.31 58.45 18.32
N TRP Y 18 14.59 59.75 18.38
CA TRP Y 18 14.86 60.46 19.62
C TRP Y 18 13.73 61.47 19.84
N LEU Y 19 13.26 61.58 21.08
CA LEU Y 19 12.22 62.53 21.46
C LEU Y 19 12.64 63.27 22.72
N ASP Y 20 12.74 64.60 22.65
CA ASP Y 20 13.16 65.42 23.78
C ASP Y 20 14.55 64.99 24.29
N GLY Y 21 15.41 64.56 23.36
CA GLY Y 21 16.75 64.13 23.67
C GLY Y 21 16.91 62.68 24.12
N ASN Y 22 15.82 61.93 24.24
CA ASN Y 22 15.85 60.56 24.76
C ASN Y 22 15.48 59.58 23.65
N LYS Y 23 16.21 58.48 23.57
CA LYS Y 23 15.93 57.46 22.57
C LYS Y 23 14.64 56.71 22.91
N VAL Y 24 13.85 56.41 21.88
CA VAL Y 24 12.56 55.75 22.04
C VAL Y 24 12.67 54.35 21.45
N ALA Y 25 13.03 53.37 22.29
CA ALA Y 25 13.26 52.02 21.80
C ALA Y 25 11.99 51.29 21.38
N GLU Y 26 10.81 51.75 21.82
CA GLU Y 26 9.58 50.99 21.64
C GLU Y 26 8.78 51.55 20.46
N VAL Y 27 9.47 52.18 19.52
CA VAL Y 27 8.81 52.93 18.45
C VAL Y 27 8.37 51.94 17.38
N LYS Y 28 7.13 52.10 16.90
CA LYS Y 28 6.54 51.27 15.86
C LYS Y 28 6.45 51.97 14.51
N LYS Y 29 6.10 53.26 14.47
CA LYS Y 29 6.13 54.03 13.23
C LYS Y 29 6.28 55.52 13.54
N PHE Y 30 6.79 56.25 12.55
CA PHE Y 30 6.98 57.69 12.64
C PHE Y 30 6.64 58.33 11.31
N GLN Y 31 5.89 59.43 11.38
CA GLN Y 31 5.31 60.12 10.23
C GLN Y 31 5.47 61.62 10.42
N ALA Y 32 5.76 62.33 9.33
CA ALA Y 32 5.83 63.80 9.35
C ALA Y 32 5.74 64.33 7.92
N LYS Y 33 4.73 65.15 7.65
CA LYS Y 33 4.46 65.65 6.31
C LYS Y 33 4.05 67.12 6.37
N MET Y 34 4.47 67.89 5.36
CA MET Y 34 4.07 69.29 5.20
C MET Y 34 2.99 69.39 4.13
N GLU Y 35 1.80 69.84 4.52
CA GLU Y 35 0.66 69.95 3.63
C GLU Y 35 0.52 71.40 3.16
N PHE Y 36 0.68 71.63 1.86
CA PHE Y 36 0.70 73.00 1.35
C PHE Y 36 -0.73 73.56 1.26
N THR Y 37 -0.84 74.86 1.48
CA THR Y 37 -2.08 75.59 1.30
C THR Y 37 -2.04 76.29 -0.06
N LYS Y 38 -2.96 75.93 -0.95
CA LYS Y 38 -2.99 76.45 -2.31
C LYS Y 38 -4.35 77.07 -2.62
N GLU Y 39 -4.33 78.26 -3.21
CA GLU Y 39 -5.53 78.99 -3.58
C GLU Y 39 -5.69 79.03 -5.10
N ASP Y 40 -6.89 78.71 -5.58
CA ASP Y 40 -7.17 78.71 -7.01
C ASP Y 40 -7.13 80.13 -7.57
N ILE Y 41 -6.53 80.27 -8.75
CA ILE Y 41 -6.48 81.54 -9.48
C ILE Y 41 -6.86 81.27 -10.93
N ILE Y 42 -7.91 81.94 -11.41
CA ILE Y 42 -8.35 81.84 -12.79
C ILE Y 42 -7.82 83.07 -13.54
N ILE Y 43 -7.07 82.83 -14.61
CA ILE Y 43 -6.43 83.89 -15.39
C ILE Y 43 -7.25 84.12 -16.66
N ALA Y 44 -7.57 85.38 -16.93
CA ALA Y 44 -8.36 85.73 -18.11
C ALA Y 44 -7.64 85.29 -19.39
N GLY Y 45 -8.35 84.54 -20.23
CA GLY Y 45 -7.81 84.01 -21.45
C GLY Y 45 -7.16 82.65 -21.37
N GLN Y 46 -7.12 82.03 -20.19
CA GLN Y 46 -6.48 80.72 -20.00
C GLN Y 46 -7.50 79.73 -19.48
N MET Y 47 -7.60 78.57 -20.14
CA MET Y 47 -8.58 77.55 -19.74
C MET Y 47 -8.14 76.76 -18.51
N GLY Y 48 -6.85 76.53 -18.32
CA GLY Y 48 -6.40 75.79 -17.16
C GLY Y 48 -6.27 76.65 -15.92
N THR Y 49 -7.02 76.35 -14.87
CA THR Y 49 -6.91 77.06 -13.61
C THR Y 49 -5.56 76.82 -12.95
N ASP Y 50 -4.92 77.89 -12.49
CA ASP Y 50 -3.63 77.85 -11.81
C ASP Y 50 -3.83 78.01 -10.30
N THR Y 51 -2.73 77.92 -9.55
CA THR Y 51 -2.74 77.99 -8.10
C THR Y 51 -1.63 78.91 -7.59
N LYS Y 52 -1.85 79.46 -6.40
CA LYS Y 52 -0.86 80.28 -5.68
C LYS Y 52 -0.54 79.61 -4.36
N TYR Y 53 0.75 79.47 -4.06
CA TYR Y 53 1.19 78.86 -2.81
C TYR Y 53 1.16 79.87 -1.67
N MET Y 54 0.46 79.52 -0.59
CA MET Y 54 0.26 80.43 0.53
C MET Y 54 0.97 80.05 1.83
N GLY Y 55 1.38 78.80 2.01
CA GLY Y 55 1.98 78.37 3.25
C GLY Y 55 1.79 76.87 3.42
N TYR Y 56 2.11 76.39 4.64
CA TYR Y 56 2.01 74.96 4.91
C TYR Y 56 1.61 74.69 6.36
N LYS Y 57 1.05 73.51 6.56
CA LYS Y 57 0.68 72.98 7.88
C LYS Y 57 1.39 71.66 8.11
N GLY Y 58 2.18 71.58 9.18
CA GLY Y 58 2.93 70.37 9.49
C GLY Y 58 2.13 69.43 10.36
N LYS Y 59 1.98 68.18 9.90
CA LYS Y 59 1.28 67.15 10.63
C LYS Y 59 2.08 65.85 10.65
N GLY Y 60 1.98 65.13 11.74
CA GLY Y 60 2.65 63.85 11.92
C GLY Y 60 2.00 63.01 13.00
N SER Y 61 2.59 61.85 13.25
CA SER Y 61 2.14 60.96 14.31
C SER Y 61 3.25 60.00 14.71
N ILE Y 62 3.11 59.43 15.91
CA ILE Y 62 4.02 58.42 16.44
C ILE Y 62 3.18 57.28 17.00
N THR Y 63 3.60 56.04 16.73
CA THR Y 63 2.99 54.87 17.33
C THR Y 63 4.03 54.11 18.14
N LEU Y 64 3.68 53.72 19.36
CA LEU Y 64 4.58 53.03 20.28
C LEU Y 64 3.93 51.78 20.84
N TYR Y 65 4.75 50.76 21.10
CA TYR Y 65 4.32 49.67 21.97
C TYR Y 65 4.19 50.20 23.39
N HIS Y 66 3.12 49.83 24.08
CA HIS Y 66 2.86 50.34 25.43
C HIS Y 66 3.74 49.59 26.42
N VAL Y 67 4.84 50.22 26.83
CA VAL Y 67 5.81 49.57 27.71
C VAL Y 67 6.02 50.41 28.97
N SER Y 68 5.73 51.71 28.91
CA SER Y 68 5.90 52.60 30.06
C SER Y 68 4.91 53.76 29.95
N SER Y 69 5.05 54.72 30.88
CA SER Y 69 4.18 55.91 30.89
C SER Y 69 4.89 57.14 30.31
N ARG Y 70 5.42 57.02 29.09
CA ARG Y 70 6.27 58.07 28.54
C ARG Y 70 5.50 59.37 28.28
N MET Y 71 4.39 59.29 27.55
CA MET Y 71 3.63 60.49 27.22
C MET Y 71 2.98 61.11 28.45
N HIS Y 72 2.51 60.27 29.38
CA HIS Y 72 1.97 60.75 30.64
C HIS Y 72 2.94 61.71 31.31
N LYS Y 73 4.17 61.24 31.57
CA LYS Y 73 5.16 62.07 32.23
C LYS Y 73 5.53 63.27 31.40
N LEU Y 74 5.55 63.14 30.06
CA LEU Y 74 5.94 64.29 29.24
C LEU Y 74 4.94 65.44 29.34
N ILE Y 75 3.64 65.15 29.31
CA ILE Y 75 2.71 66.28 29.10
C ILE Y 75 1.53 66.40 30.08
N GLY Y 76 1.24 65.35 30.85
CA GLY Y 76 -0.03 65.31 31.57
C GLY Y 76 -0.19 66.42 32.59
N GLU Y 77 0.82 66.61 33.45
CA GLU Y 77 0.69 67.57 34.54
C GLU Y 77 0.63 69.00 34.00
N LYS Y 78 1.39 69.29 32.94
CA LYS Y 78 1.44 70.65 32.40
C LYS Y 78 0.17 71.01 31.65
N ILE Y 79 -0.42 70.06 30.92
CA ILE Y 79 -1.61 70.35 30.13
C ILE Y 79 -2.77 70.81 31.03
N LYS Y 80 -2.91 70.19 32.21
CA LYS Y 80 -3.98 70.57 33.13
C LYS Y 80 -3.84 72.00 33.63
N ARG Y 81 -2.60 72.45 33.86
CA ARG Y 81 -2.38 73.80 34.39
C ARG Y 81 -2.47 74.88 33.32
N GLY Y 82 -2.49 74.51 32.04
CA GLY Y 82 -2.57 75.49 30.98
C GLY Y 82 -1.26 75.94 30.36
N SER Y 83 -0.16 75.24 30.63
CA SER Y 83 1.14 75.57 30.05
C SER Y 83 1.57 74.45 29.11
N GLU Y 84 1.46 74.70 27.80
CA GLU Y 84 1.68 73.68 26.79
C GLU Y 84 3.17 73.56 26.44
N PRO Y 85 3.74 72.37 26.50
CA PRO Y 85 5.15 72.19 26.14
C PRO Y 85 5.32 71.89 24.66
N ARG Y 86 6.52 72.19 24.16
CA ARG Y 86 6.93 71.94 22.79
C ARG Y 86 8.21 71.11 22.79
N PHE Y 87 8.39 70.28 21.76
CA PHE Y 87 9.48 69.31 21.74
C PHE Y 87 10.21 69.30 20.39
N VAL Y 88 11.36 68.63 20.39
CA VAL Y 88 12.15 68.36 19.18
C VAL Y 88 12.28 66.86 19.03
N ALA Y 89 12.06 66.35 17.81
CA ALA Y 89 12.25 64.94 17.52
C ALA Y 89 13.28 64.78 16.40
N ILE Y 90 14.07 63.71 16.48
CA ILE Y 90 15.04 63.36 15.45
C ILE Y 90 14.71 61.97 14.93
N SER Y 91 14.57 61.85 13.61
CA SER Y 91 14.25 60.59 12.95
C SER Y 91 15.42 60.17 12.07
N LYS Y 92 15.84 58.90 12.19
CA LYS Y 92 16.95 58.38 11.41
C LYS Y 92 16.56 57.07 10.75
N LEU Y 93 16.85 56.97 9.45
CA LEU Y 93 16.62 55.75 8.68
C LEU Y 93 17.95 55.33 8.05
N ASN Y 94 18.52 54.21 8.51
CA ASN Y 94 19.84 53.78 8.06
C ASN Y 94 19.81 52.28 7.73
N ASP Y 95 19.37 51.95 6.52
CA ASP Y 95 19.34 50.58 6.04
C ASP Y 95 20.72 50.17 5.54
N PRO Y 96 21.31 49.09 6.03
CA PRO Y 96 22.67 48.71 5.59
C PRO Y 96 22.78 48.46 4.10
N ASP Y 97 21.70 48.05 3.44
CA ASP Y 97 21.73 47.76 2.00
C ASP Y 97 21.34 48.96 1.12
N SER Y 98 21.07 50.13 1.69
CA SER Y 98 20.68 51.30 0.91
C SER Y 98 21.89 52.19 0.60
N TYR Y 99 21.65 53.24 -0.20
CA TYR Y 99 22.72 54.15 -0.61
C TYR Y 99 23.34 54.86 0.57
N GLY Y 100 22.53 55.34 1.51
CA GLY Y 100 23.02 56.07 2.65
C GLY Y 100 21.97 56.18 3.73
N ALA Y 101 22.02 57.27 4.48
CA ALA Y 101 21.13 57.49 5.61
C ALA Y 101 20.31 58.77 5.43
N GLU Y 102 19.13 58.79 6.03
CA GLU Y 102 18.25 59.95 6.05
C GLU Y 102 17.98 60.31 7.50
N ARG Y 103 18.47 61.47 7.93
CA ARG Y 103 18.30 61.94 9.31
C ARG Y 103 17.68 63.34 9.28
N ILE Y 104 16.60 63.53 10.01
CA ILE Y 104 15.83 64.77 9.96
C ILE Y 104 15.43 65.18 11.37
N ALA Y 105 15.60 66.47 11.68
CA ALA Y 105 15.12 67.04 12.93
C ALA Y 105 13.79 67.74 12.70
N VAL Y 106 12.79 67.39 13.50
CA VAL Y 106 11.45 67.99 13.44
C VAL Y 106 11.24 68.78 14.72
N LYS Y 107 10.97 70.08 14.59
CA LYS Y 107 11.01 71.00 15.72
C LYS Y 107 9.68 71.70 15.95
N ASN Y 108 9.53 72.21 17.19
CA ASN Y 108 8.31 72.90 17.64
C ASN Y 108 7.08 71.99 17.54
N ILE Y 109 7.19 70.79 18.12
CA ILE Y 109 6.14 69.78 18.05
C ILE Y 109 5.15 70.01 19.19
N ALA Y 110 3.86 70.06 18.85
CA ALA Y 110 2.78 70.08 19.82
C ALA Y 110 1.87 68.88 19.60
N PHE Y 111 1.69 68.07 20.64
CA PHE Y 111 0.90 66.86 20.53
C PHE Y 111 -0.60 67.18 20.54
N ASP Y 112 -1.38 66.32 19.87
CA ASP Y 112 -2.79 66.58 19.65
C ASP Y 112 -3.68 66.05 20.79
N ASP Y 113 -3.20 65.12 21.59
CA ASP Y 113 -4.02 64.49 22.63
C ASP Y 113 -3.13 63.80 23.65
N LEU Y 114 -3.76 63.15 24.62
CA LEU Y 114 -3.08 62.30 25.59
C LEU Y 114 -3.97 61.10 25.90
N THR Y 115 -3.43 59.90 25.76
CA THR Y 115 -4.14 58.67 26.07
C THR Y 115 -3.86 58.28 27.52
N LEU Y 116 -4.88 58.39 28.37
CA LEU Y 116 -4.73 57.94 29.75
C LEU Y 116 -4.79 56.41 29.86
N ALA Y 117 -5.73 55.77 29.18
CA ALA Y 117 -5.85 54.32 29.22
C ALA Y 117 -6.52 53.82 27.95
N ASP Y 118 -6.00 52.72 27.41
CA ASP Y 118 -6.64 52.01 26.30
C ASP Y 118 -6.24 50.53 26.39
N TRP Y 119 -7.05 49.73 27.08
CA TRP Y 119 -6.75 48.31 27.18
C TRP Y 119 -8.00 47.47 26.93
N GLU Y 120 -7.78 46.28 26.39
CA GLU Y 120 -8.81 45.30 26.07
C GLU Y 120 -8.28 43.90 26.33
N VAL Y 121 -9.12 43.06 26.93
CA VAL Y 121 -8.71 41.70 27.26
C VAL Y 121 -8.34 40.95 25.99
N GLY Y 122 -7.21 40.26 26.00
CA GLY Y 122 -6.73 39.54 24.85
C GLY Y 122 -6.01 40.36 23.79
N VAL Y 123 -5.76 41.64 24.03
CA VAL Y 123 -5.14 42.52 23.04
C VAL Y 123 -3.89 43.16 23.65
N LYS Y 124 -2.80 43.15 22.89
CA LYS Y 124 -1.57 43.81 23.33
C LYS Y 124 -1.70 45.33 23.20
N GLY Y 125 -1.04 46.04 24.10
CA GLY Y 125 -1.19 47.50 24.19
C GLY Y 125 -0.32 48.27 23.20
N GLU Y 126 -0.93 49.29 22.59
CA GLU Y 126 -0.24 50.20 21.69
C GLU Y 126 -0.78 51.61 21.92
N ILE Y 127 0.04 52.61 21.59
CA ILE Y 127 -0.33 54.01 21.76
C ILE Y 127 -0.10 54.76 20.46
N GLU Y 128 -1.09 55.55 20.05
CA GLU Y 128 -0.99 56.39 18.86
C GLU Y 128 -1.12 57.85 19.26
N ALA Y 129 -0.12 58.65 18.91
CA ALA Y 129 -0.02 60.05 19.35
C ALA Y 129 0.20 60.99 18.17
N PRO Y 130 -0.87 61.58 17.62
CA PRO Y 130 -0.69 62.58 16.56
C PRO Y 130 -0.12 63.89 17.11
N PHE Y 131 0.47 64.68 16.20
CA PHE Y 131 1.08 65.95 16.56
C PHE Y 131 1.09 66.90 15.36
N THR Y 132 1.44 68.16 15.63
CA THR Y 132 1.72 69.17 14.60
C THR Y 132 3.07 69.82 14.88
N PHE Y 133 3.61 70.51 13.88
CA PHE Y 133 4.94 71.10 13.95
C PHE Y 133 5.07 72.21 12.90
N THR Y 134 6.12 73.02 13.04
CA THR Y 134 6.29 74.15 12.11
C THR Y 134 7.64 74.19 11.40
N GLU Y 135 8.71 73.63 11.98
CA GLU Y 135 10.03 73.74 11.38
C GLU Y 135 10.73 72.38 11.29
N TYR Y 136 11.82 72.36 10.51
CA TYR Y 136 12.63 71.16 10.34
C TYR Y 136 14.02 71.55 9.85
N ASP Y 137 14.98 70.63 10.06
CA ASP Y 137 16.33 70.76 9.53
C ASP Y 137 16.78 69.41 8.95
N PHE Y 138 17.59 69.51 7.89
CA PHE Y 138 18.13 68.35 7.20
C PHE Y 138 19.51 68.02 7.78
N LEU Y 139 19.73 66.76 8.13
CA LEU Y 139 21.06 66.26 8.48
C LEU Y 139 21.25 64.92 7.78
N ASP Y 140 22.24 64.83 6.88
CA ASP Y 140 22.47 63.58 6.14
C ASP Y 140 21.25 63.17 5.32
N ILE Y 141 21.01 63.90 4.25
CA ILE Y 141 20.12 63.42 3.21
C ILE Y 141 20.90 62.62 2.16
N ILE Y 142 20.16 61.86 1.35
CA ILE Y 142 20.79 61.01 0.34
C ILE Y 142 20.75 61.68 -1.02
N ILE Z 3 49.39 21.97 44.68
CA ILE Z 3 48.70 22.28 43.44
C ILE Z 3 48.26 23.74 43.46
N GLY Z 4 48.32 24.36 44.64
CA GLY Z 4 47.99 25.76 44.79
C GLY Z 4 46.51 26.03 44.96
N LEU Z 5 46.20 27.30 45.11
CA LEU Z 5 44.82 27.77 45.18
C LEU Z 5 44.18 27.75 43.80
N PRO Z 6 42.86 27.68 43.73
CA PRO Z 6 42.18 27.78 42.42
C PRO Z 6 42.47 29.13 41.77
N SER Z 7 42.64 29.10 40.45
CA SER Z 7 43.03 30.28 39.69
C SER Z 7 41.91 30.66 38.71
N ILE Z 8 41.36 31.85 38.87
CA ILE Z 8 40.49 32.46 37.89
C ILE Z 8 41.20 33.72 37.40
N ASN Z 9 41.96 33.58 36.32
CA ASN Z 9 42.81 34.64 35.84
C ASN Z 9 42.18 35.24 34.59
N ILE Z 10 41.60 36.44 34.75
CA ILE Z 10 40.95 37.18 33.68
C ILE Z 10 41.81 38.41 33.40
N SER Z 11 42.38 38.47 32.20
CA SER Z 11 43.34 39.51 31.85
C SER Z 11 42.90 40.26 30.59
N PHE Z 12 43.43 41.47 30.41
CA PHE Z 12 43.08 42.35 29.31
C PHE Z 12 44.33 42.79 28.55
N LYS Z 13 44.18 42.97 27.25
CA LYS Z 13 45.29 43.34 26.35
C LYS Z 13 44.69 43.84 25.04
N GLU Z 14 45.54 44.43 24.19
CA GLU Z 14 45.05 44.88 22.90
C GLU Z 14 45.21 43.80 21.83
N LEU Z 15 44.71 44.08 20.64
CA LEU Z 15 44.67 43.09 19.57
C LEU Z 15 46.07 42.73 19.12
N ALA Z 16 46.26 41.46 18.76
CA ALA Z 16 47.53 40.94 18.29
C ALA Z 16 47.44 40.66 16.80
N THR Z 17 48.58 40.82 16.12
CA THR Z 17 48.63 40.59 14.68
C THR Z 17 48.43 39.12 14.35
N THR Z 18 47.68 38.88 13.28
CA THR Z 18 47.33 37.54 12.84
C THR Z 18 48.53 36.88 12.17
N VAL Z 19 48.62 35.55 12.28
CA VAL Z 19 49.66 34.79 11.60
C VAL Z 19 49.04 34.02 10.44
N LYS Z 20 49.76 33.99 9.32
CA LYS Z 20 49.32 33.22 8.15
C LYS Z 20 49.35 31.72 8.45
N GLU Z 21 48.43 31.00 7.81
CA GLU Z 21 48.22 29.59 8.09
C GLU Z 21 49.37 28.72 7.57
N ARG Z 22 49.63 27.62 8.27
CA ARG Z 22 50.67 26.67 7.88
C ARG Z 22 50.19 25.74 6.78
N SER Z 23 51.12 25.39 5.88
CA SER Z 23 50.87 24.43 4.82
C SER Z 23 51.29 23.04 5.28
N ALA Z 24 50.47 22.04 4.95
CA ALA Z 24 50.84 20.65 5.24
C ALA Z 24 51.98 20.19 4.34
N ARG Z 25 52.22 20.88 3.25
CA ARG Z 25 53.22 20.52 2.25
C ARG Z 25 54.37 21.51 2.25
N GLY Z 26 55.52 21.06 1.75
CA GLY Z 26 56.61 21.97 1.46
C GLY Z 26 57.65 22.06 2.56
N ILE Z 27 58.79 21.41 2.38
CA ILE Z 27 59.87 21.39 3.35
C ILE Z 27 61.11 22.02 2.71
N ILE Z 28 61.68 23.03 3.37
CA ILE Z 28 62.80 23.77 2.83
C ILE Z 28 64.02 23.54 3.70
N ALA Z 29 65.13 23.18 3.08
CA ALA Z 29 66.43 23.11 3.73
C ALA Z 29 67.31 24.23 3.19
N MET Z 30 67.92 25.00 4.08
CA MET Z 30 68.75 26.12 3.67
C MET Z 30 70.04 26.13 4.48
N VAL Z 31 71.17 26.31 3.79
CA VAL Z 31 72.50 26.21 4.36
C VAL Z 31 73.01 27.62 4.62
N LEU Z 32 73.43 27.89 5.86
CA LEU Z 32 74.01 29.16 6.25
C LEU Z 32 75.38 28.94 6.87
N LYS Z 33 76.17 30.00 6.91
CA LYS Z 33 77.47 30.00 7.57
C LYS Z 33 77.44 30.95 8.76
N ASP Z 34 77.82 30.44 9.92
CA ASP Z 34 78.11 31.28 11.08
C ASP Z 34 79.08 30.53 11.98
N ALA Z 35 79.90 31.28 12.72
CA ALA Z 35 80.89 30.67 13.60
C ALA Z 35 80.28 30.02 14.83
N LYS Z 36 78.98 30.22 15.08
CA LYS Z 36 78.37 29.85 16.34
C LYS Z 36 77.03 29.15 16.10
N ALA Z 37 76.73 28.20 16.99
CA ALA Z 37 75.48 27.42 16.96
C ALA Z 37 75.38 26.56 15.69
N LEU Z 38 76.41 25.73 15.48
CA LEU Z 38 76.44 24.83 14.34
C LEU Z 38 75.48 23.66 14.54
N GLY Z 39 75.31 22.87 13.48
CA GLY Z 39 74.49 21.69 13.51
C GLY Z 39 73.27 21.85 12.64
N LEU Z 40 72.21 21.12 12.99
CA LEU Z 40 70.93 21.21 12.33
C LEU Z 40 69.91 21.79 13.30
N ASN Z 41 69.13 22.78 12.84
CA ASN Z 41 68.08 23.40 13.63
C ASN Z 41 66.77 23.36 12.85
N GLU Z 42 65.71 22.91 13.51
CA GLU Z 42 64.39 22.82 12.92
C GLU Z 42 63.56 24.02 13.38
N ILE Z 43 63.06 24.80 12.42
CA ILE Z 43 62.33 26.03 12.69
C ILE Z 43 60.90 25.85 12.24
N HIS Z 44 59.94 26.21 13.10
CA HIS Z 44 58.54 26.08 12.77
C HIS Z 44 57.84 27.42 12.63
N GLU Z 45 58.08 28.34 13.56
CA GLU Z 45 57.50 29.68 13.56
C GLU Z 45 58.59 30.73 13.45
N LYS Z 46 58.17 31.94 13.07
CA LYS Z 46 59.14 32.99 12.78
C LYS Z 46 59.91 33.42 14.02
N GLU Z 47 59.28 33.36 15.19
CA GLU Z 47 59.94 33.84 16.40
C GLU Z 47 61.03 32.87 16.87
N ASP Z 48 60.84 31.56 16.63
CA ASP Z 48 61.78 30.56 17.11
C ASP Z 48 63.02 30.56 16.21
N ILE Z 49 63.96 31.45 16.52
CA ILE Z 49 65.23 31.51 15.82
C ILE Z 49 66.34 31.65 16.85
N PRO Z 50 67.33 30.75 16.85
CA PRO Z 50 68.38 30.83 17.88
C PRO Z 50 69.12 32.16 17.81
N VAL Z 51 69.24 32.80 18.98
CA VAL Z 51 69.85 34.13 19.06
C VAL Z 51 71.33 34.14 18.75
N ASP Z 52 71.95 32.96 18.60
CA ASP Z 52 73.38 32.89 18.36
C ASP Z 52 73.75 33.34 16.95
N LEU Z 53 72.86 33.13 15.99
CA LEU Z 53 73.12 33.54 14.61
C LEU Z 53 73.23 35.06 14.52
N SER Z 54 74.02 35.53 13.56
CA SER Z 54 74.13 36.95 13.32
C SER Z 54 72.82 37.48 12.73
N ALA Z 55 72.70 38.82 12.73
CA ALA Z 55 71.45 39.46 12.29
C ALA Z 55 71.15 39.15 10.83
N GLU Z 56 72.17 39.06 9.99
CA GLU Z 56 71.97 38.79 8.57
C GLU Z 56 71.32 37.42 8.36
N ASN Z 57 71.78 36.41 9.10
CA ASN Z 57 71.18 35.09 9.01
C ASN Z 57 69.74 35.10 9.52
N LYS Z 58 69.47 35.91 10.54
CA LYS Z 58 68.10 36.08 11.01
C LYS Z 58 67.21 36.64 9.90
N GLU Z 59 67.72 37.63 9.16
CA GLU Z 59 66.94 38.16 8.03
C GLU Z 59 66.72 37.12 6.95
N TYR Z 60 67.74 36.30 6.66
CA TYR Z 60 67.56 35.25 5.65
C TYR Z 60 66.48 34.26 6.05
N ILE Z 61 66.49 33.84 7.32
CA ILE Z 61 65.48 32.91 7.80
C ILE Z 61 64.10 33.55 7.72
N ASN Z 62 64.01 34.83 8.12
CA ASN Z 62 62.73 35.53 8.06
C ASN Z 62 62.22 35.66 6.64
N LEU Z 63 63.13 35.80 5.67
CA LEU Z 63 62.75 35.79 4.27
C LEU Z 63 62.16 34.45 3.88
N ALA Z 64 62.81 33.34 4.27
CA ALA Z 64 62.30 32.03 3.88
C ALA Z 64 60.96 31.73 4.51
N LEU Z 65 60.70 32.29 5.70
CA LEU Z 65 59.44 31.99 6.39
C LEU Z 65 58.23 32.55 5.65
N MET Z 66 58.41 33.59 4.85
CA MET Z 66 57.30 34.15 4.10
C MET Z 66 56.87 33.18 3.00
N GLY Z 67 55.58 32.85 2.99
CA GLY Z 67 55.01 31.98 1.98
C GLY Z 67 54.12 32.78 1.05
N ASN Z 68 53.60 32.09 0.02
CA ASN Z 68 52.66 32.74 -0.90
C ASN Z 68 51.26 32.78 -0.29
N VAL Z 69 50.63 31.62 -0.13
CA VAL Z 69 49.27 31.53 0.37
C VAL Z 69 49.34 30.96 1.79
N ASN Z 70 50.35 30.13 2.02
CA ASN Z 70 50.59 29.53 3.32
C ASN Z 70 52.09 29.60 3.60
N THR Z 71 52.45 29.53 4.88
CA THR Z 71 53.85 29.43 5.23
C THR Z 71 54.36 28.01 4.98
N PRO Z 72 55.65 27.85 4.65
CA PRO Z 72 56.18 26.51 4.40
C PRO Z 72 56.11 25.64 5.65
N ASN Z 73 55.94 24.33 5.42
CA ASN Z 73 55.69 23.40 6.53
C ASN Z 73 56.85 23.38 7.53
N LYS Z 74 58.09 23.39 7.04
CA LYS Z 74 59.21 23.22 7.95
C LYS Z 74 60.48 23.74 7.29
N LEU Z 75 61.36 24.34 8.09
CA LEU Z 75 62.66 24.80 7.65
C LEU Z 75 63.73 23.98 8.37
N LEU Z 76 64.66 23.42 7.60
CA LEU Z 76 65.82 22.72 8.14
C LEU Z 76 67.04 23.59 7.89
N VAL Z 77 67.70 24.02 8.97
CA VAL Z 77 68.83 24.93 8.89
C VAL Z 77 70.09 24.18 9.31
N TYR Z 78 71.06 24.11 8.41
CA TYR Z 78 72.37 23.54 8.68
C TYR Z 78 73.41 24.66 8.67
N VAL Z 79 74.23 24.72 9.70
CA VAL Z 79 75.20 25.80 9.89
C VAL Z 79 76.61 25.22 9.79
N ILE Z 80 77.49 25.92 9.07
CA ILE Z 80 78.90 25.57 8.97
C ILE Z 80 79.72 26.82 9.29
N GLU Z 81 80.85 26.63 10.00
CA GLU Z 81 81.67 27.77 10.38
C GLU Z 81 82.29 28.46 9.16
N GLY Z 82 82.92 27.70 8.29
CA GLY Z 82 83.64 28.24 7.16
C GLY Z 82 85.00 27.60 7.01
N GLU Z 83 85.72 28.05 5.98
CA GLU Z 83 87.01 27.48 5.60
C GLU Z 83 86.90 25.97 5.40
N ALA Z 84 85.81 25.56 4.77
CA ALA Z 84 85.51 24.15 4.56
C ALA Z 84 84.63 23.99 3.33
N ASP Z 85 84.63 22.79 2.78
CA ASP Z 85 83.83 22.50 1.59
C ASP Z 85 82.35 22.46 1.94
N ILE Z 86 81.52 22.88 0.98
CA ILE Z 86 80.06 22.72 1.12
C ILE Z 86 79.67 21.25 1.05
N GLN Z 87 80.56 20.41 0.52
CA GLN Z 87 80.32 18.98 0.47
C GLN Z 87 80.04 18.41 1.85
N THR Z 88 80.60 19.03 2.89
CA THR Z 88 80.35 18.56 4.25
C THR Z 88 78.87 18.67 4.62
N ALA Z 89 78.22 19.78 4.24
CA ALA Z 89 76.79 19.90 4.51
C ALA Z 89 75.97 19.06 3.53
N LEU Z 90 76.44 18.92 2.29
CA LEU Z 90 75.71 18.11 1.31
C LEU Z 90 75.65 16.65 1.73
N ASP Z 91 76.78 16.11 2.23
CA ASP Z 91 76.80 14.72 2.69
C ASP Z 91 75.82 14.49 3.82
N PHE Z 92 75.73 15.44 4.75
CA PHE Z 92 74.74 15.34 5.82
C PHE Z 92 73.33 15.41 5.28
N LEU Z 93 73.07 16.32 4.34
CA LEU Z 93 71.72 16.47 3.81
C LEU Z 93 71.28 15.27 2.97
N GLU Z 94 72.23 14.46 2.50
CA GLU Z 94 71.84 13.24 1.77
C GLU Z 94 70.95 12.35 2.62
N THR Z 95 70.98 12.50 3.95
CA THR Z 95 70.19 11.65 4.83
C THR Z 95 68.79 12.22 5.08
N LYS Z 96 68.66 13.54 5.17
CA LYS Z 96 67.39 14.15 5.58
C LYS Z 96 66.40 14.18 4.42
N GLU Z 97 65.14 14.50 4.76
CA GLU Z 97 64.05 14.56 3.80
C GLU Z 97 63.57 15.99 3.64
N PHE Z 98 63.58 16.49 2.40
CA PHE Z 98 63.21 17.86 2.11
C PHE Z 98 62.81 17.97 0.65
N ASN Z 99 62.28 19.14 0.28
CA ASN Z 99 61.84 19.39 -1.09
C ASN Z 99 62.69 20.40 -1.85
N TYR Z 100 63.08 21.51 -1.21
CA TYR Z 100 63.85 22.56 -1.86
C TYR Z 100 65.10 22.89 -1.05
N LEU Z 101 66.16 23.29 -1.74
CA LEU Z 101 67.44 23.62 -1.13
C LEU Z 101 67.92 24.97 -1.64
N CYS Z 102 68.33 25.84 -0.73
CA CYS Z 102 68.85 27.15 -1.07
C CYS Z 102 69.98 27.51 -0.12
N MET Z 103 70.81 28.45 -0.53
CA MET Z 103 71.93 28.91 0.30
C MET Z 103 72.25 30.36 -0.07
N PRO Z 104 71.85 31.32 0.77
CA PRO Z 104 71.96 32.74 0.38
C PRO Z 104 73.37 33.20 0.04
N LYS Z 105 74.39 32.69 0.74
CA LYS Z 105 75.80 33.00 0.45
C LYS Z 105 76.39 31.86 -0.36
N ALA Z 106 76.86 32.17 -1.57
CA ALA Z 106 77.45 31.18 -2.45
C ALA Z 106 78.43 31.82 -3.42
N VAL Z 107 79.28 30.99 -4.03
CA VAL Z 107 80.18 31.40 -5.10
C VAL Z 107 80.09 30.38 -6.23
N GLU Z 108 80.76 30.70 -7.34
CA GLU Z 108 80.56 29.95 -8.58
C GLU Z 108 80.87 28.46 -8.39
N ALA Z 109 81.97 28.16 -7.70
CA ALA Z 109 82.31 26.76 -7.43
C ALA Z 109 81.31 26.12 -6.48
N ASP Z 110 80.82 26.88 -5.49
CA ASP Z 110 79.83 26.35 -4.56
C ASP Z 110 78.52 26.05 -5.28
N LYS Z 111 78.10 26.94 -6.18
CA LYS Z 111 76.91 26.67 -7.00
C LYS Z 111 77.15 25.46 -7.89
N THR Z 112 78.35 25.30 -8.42
CA THR Z 112 78.67 24.11 -9.20
C THR Z 112 78.51 22.85 -8.36
N ALA Z 113 78.98 22.89 -7.12
CA ALA Z 113 78.83 21.74 -6.23
C ALA Z 113 77.36 21.41 -6.00
N ILE Z 114 76.55 22.42 -5.70
CA ILE Z 114 75.12 22.16 -5.46
C ILE Z 114 74.44 21.61 -6.70
N LYS Z 115 74.76 22.19 -7.87
CA LYS Z 115 74.20 21.74 -9.13
C LYS Z 115 74.51 20.27 -9.38
N ASN Z 116 75.79 19.91 -9.30
CA ASN Z 116 76.19 18.53 -9.53
C ASN Z 116 75.55 17.59 -8.50
N TRP Z 117 75.47 18.03 -7.25
CA TRP Z 117 74.92 17.19 -6.19
C TRP Z 117 73.44 16.89 -6.42
N ILE Z 118 72.67 17.90 -6.80
CA ILE Z 118 71.24 17.68 -7.00
C ILE Z 118 70.99 16.85 -8.26
N ILE Z 119 71.76 17.09 -9.33
CA ILE Z 119 71.62 16.25 -10.51
C ILE Z 119 71.98 14.81 -10.18
N LYS Z 120 73.02 14.61 -9.37
CA LYS Z 120 73.38 13.27 -8.92
C LYS Z 120 72.24 12.62 -8.15
N LEU Z 121 71.69 13.32 -7.16
CA LEU Z 121 70.59 12.76 -6.39
C LEU Z 121 69.44 12.33 -7.31
N ARG Z 122 68.99 13.23 -8.17
CA ARG Z 122 67.82 12.96 -9.01
C ARG Z 122 68.08 11.82 -10.00
N ASP Z 123 69.26 11.79 -10.63
CA ASP Z 123 69.45 10.83 -11.71
C ASP Z 123 69.96 9.48 -11.20
N ILE Z 124 70.83 9.48 -10.20
CA ILE Z 124 71.49 8.25 -9.73
C ILE Z 124 70.86 7.74 -8.44
N ASP Z 125 70.59 8.62 -7.47
CA ASP Z 125 70.09 8.15 -6.19
C ASP Z 125 68.56 8.03 -6.16
N LYS Z 126 67.88 8.47 -7.23
CA LYS Z 126 66.43 8.36 -7.35
C LYS Z 126 65.70 9.03 -6.20
N VAL Z 127 66.12 10.25 -5.86
CA VAL Z 127 65.43 11.09 -4.90
C VAL Z 127 65.17 12.44 -5.56
N LYS Z 128 63.89 12.81 -5.67
CA LYS Z 128 63.48 14.00 -6.41
C LYS Z 128 63.59 15.22 -5.48
N VAL Z 129 64.64 16.01 -5.68
CA VAL Z 129 64.86 17.25 -4.94
C VAL Z 129 65.21 18.35 -5.93
N LYS Z 130 65.02 19.60 -5.50
CA LYS Z 130 65.26 20.77 -6.35
C LYS Z 130 66.01 21.84 -5.56
N ALA Z 131 66.74 22.67 -6.29
CA ALA Z 131 67.45 23.81 -5.71
C ALA Z 131 67.11 25.09 -6.46
N VAL Z 132 67.06 26.19 -5.72
CA VAL Z 132 66.91 27.53 -6.27
C VAL Z 132 68.25 28.23 -6.15
N LEU Z 133 68.87 28.52 -7.29
CA LEU Z 133 70.21 29.09 -7.34
C LEU Z 133 70.18 30.42 -8.09
N GLY Z 134 71.14 31.29 -7.78
CA GLY Z 134 71.18 32.62 -8.32
C GLY Z 134 71.50 32.72 -9.79
N LYS Z 135 72.73 32.38 -10.17
CA LYS Z 135 73.18 32.47 -11.56
C LYS Z 135 73.77 31.12 -11.96
N VAL Z 136 72.90 30.19 -12.35
CA VAL Z 136 73.31 28.86 -12.79
C VAL Z 136 72.54 28.51 -14.05
N VAL Z 137 73.24 27.95 -15.03
CA VAL Z 137 72.68 27.67 -16.34
C VAL Z 137 72.28 26.19 -16.47
N GLY Z 138 71.89 25.57 -15.36
CA GLY Z 138 71.55 24.15 -15.40
C GLY Z 138 70.58 23.81 -16.52
N ASN Z 139 70.89 22.72 -17.22
CA ASN Z 139 70.01 22.16 -18.23
C ASN Z 139 69.01 21.18 -17.64
N HIS Z 140 68.71 21.29 -16.36
CA HIS Z 140 67.91 20.29 -15.65
C HIS Z 140 66.60 20.90 -15.14
N GLU Z 141 65.59 20.03 -14.98
CA GLU Z 141 64.35 20.45 -14.34
C GLU Z 141 64.49 20.53 -12.82
N GLY Z 142 65.56 19.98 -12.26
CA GLY Z 142 65.81 20.09 -10.84
C GLY Z 142 66.47 21.39 -10.40
N ILE Z 143 66.79 22.28 -11.33
CA ILE Z 143 67.44 23.55 -11.02
C ILE Z 143 66.54 24.69 -11.46
N ILE Z 144 66.24 25.60 -10.53
CA ILE Z 144 65.43 26.78 -10.79
C ILE Z 144 66.35 28.01 -10.73
N ASN Z 145 66.50 28.69 -11.86
CA ASN Z 145 67.46 29.79 -12.02
C ASN Z 145 66.76 31.12 -11.80
N PHE Z 146 66.99 31.73 -10.65
CA PHE Z 146 66.41 33.03 -10.30
C PHE Z 146 67.45 34.11 -10.56
N THR Z 147 67.24 34.92 -11.60
CA THR Z 147 68.21 35.91 -12.05
C THR Z 147 67.57 37.30 -12.01
N THR Z 148 67.61 37.94 -10.84
CA THR Z 148 67.19 39.32 -10.71
C THR Z 148 68.16 40.04 -9.76
N GLU Z 149 68.67 41.18 -10.21
CA GLU Z 149 69.73 41.90 -9.52
C GLU Z 149 69.15 42.93 -8.56
N ASP Z 150 69.79 43.07 -7.40
CA ASP Z 150 69.59 44.21 -6.49
C ASP Z 150 68.11 44.42 -6.16
N VAL Z 151 67.52 43.41 -5.51
CA VAL Z 151 66.14 43.51 -5.06
C VAL Z 151 66.08 44.36 -3.81
N LEU Z 152 65.21 45.37 -3.82
CA LEU Z 152 65.17 46.36 -2.75
C LEU Z 152 63.90 46.15 -1.92
N VAL Z 153 64.08 45.84 -0.64
CA VAL Z 153 62.98 45.65 0.29
C VAL Z 153 63.22 46.58 1.48
N GLY Z 154 62.31 47.52 1.69
CA GLY Z 154 62.40 48.43 2.82
C GLY Z 154 63.69 49.21 2.87
N GLU Z 155 64.09 49.75 1.72
CA GLU Z 155 65.34 50.49 1.59
C GLU Z 155 66.53 49.63 2.02
N LYS Z 156 66.69 48.48 1.35
CA LYS Z 156 67.83 47.61 1.55
C LYS Z 156 68.31 47.09 0.20
N LYS Z 157 69.49 46.48 0.21
CA LYS Z 157 70.10 45.93 -0.99
C LYS Z 157 70.24 44.43 -0.84
N TYR Z 158 69.46 43.68 -1.63
CA TYR Z 158 69.58 42.22 -1.70
C TYR Z 158 70.18 41.87 -3.05
N SER Z 159 71.30 41.16 -3.06
CA SER Z 159 71.80 40.65 -4.32
C SER Z 159 70.99 39.43 -4.75
N VAL Z 160 71.33 38.90 -5.93
CA VAL Z 160 70.54 37.83 -6.52
C VAL Z 160 70.64 36.55 -5.70
N ASP Z 161 71.82 36.26 -5.14
CA ASP Z 161 72.01 34.99 -4.45
C ASP Z 161 71.32 34.97 -3.09
N GLU Z 162 71.20 36.11 -2.43
CA GLU Z 162 70.63 36.16 -1.09
C GLU Z 162 69.11 36.27 -1.07
N PHE Z 163 68.48 36.50 -2.22
CA PHE Z 163 67.02 36.61 -2.27
C PHE Z 163 66.34 35.28 -2.62
N THR Z 164 67.11 34.22 -2.88
CA THR Z 164 66.50 32.95 -3.24
C THR Z 164 65.79 32.30 -2.06
N SER Z 165 66.07 32.75 -0.84
CA SER Z 165 65.33 32.27 0.32
C SER Z 165 63.86 32.67 0.23
N ARG Z 166 63.60 33.92 -0.16
CA ARG Z 166 62.22 34.37 -0.36
C ARG Z 166 61.54 33.58 -1.47
N VAL Z 167 62.26 33.32 -2.57
CA VAL Z 167 61.68 32.58 -3.69
C VAL Z 167 61.35 31.15 -3.27
N ALA Z 168 62.24 30.52 -2.50
CA ALA Z 168 62.00 29.16 -2.05
C ALA Z 168 60.80 29.08 -1.11
N GLY Z 169 60.68 30.04 -0.18
CA GLY Z 169 59.49 30.09 0.65
C GLY Z 169 58.22 30.30 -0.16
N LEU Z 170 58.29 31.18 -1.15
CA LEU Z 170 57.16 31.44 -2.04
C LEU Z 170 56.70 30.16 -2.73
N ILE Z 171 57.65 29.43 -3.33
CA ILE Z 171 57.28 28.21 -4.05
C ILE Z 171 56.73 27.16 -3.10
N ALA Z 172 57.36 26.99 -1.93
CA ALA Z 172 56.89 25.97 -1.00
C ALA Z 172 55.51 26.32 -0.44
N GLY Z 173 55.15 27.60 -0.40
CA GLY Z 173 53.89 28.00 0.18
C GLY Z 173 52.71 27.97 -0.77
N THR Z 174 52.88 27.42 -1.96
CA THR Z 174 51.82 27.50 -2.97
C THR Z 174 51.06 26.18 -3.08
N PRO Z 175 49.73 26.20 -3.03
CA PRO Z 175 48.96 24.96 -3.20
C PRO Z 175 49.20 24.33 -4.57
N LEU Z 176 49.09 23.00 -4.59
CA LEU Z 176 49.46 22.24 -5.78
C LEU Z 176 48.50 22.50 -6.94
N SER Z 177 47.27 22.93 -6.66
CA SER Z 177 46.33 23.23 -7.73
C SER Z 177 46.68 24.54 -8.46
N GLN Z 178 47.59 25.34 -7.93
CA GLN Z 178 47.91 26.65 -8.48
C GLN Z 178 49.35 26.70 -8.97
N SER Z 179 49.68 27.81 -9.61
CA SER Z 179 51.00 28.05 -10.16
C SER Z 179 51.50 29.37 -9.61
N VAL Z 180 52.83 29.57 -9.67
CA VAL Z 180 53.42 30.81 -9.16
C VAL Z 180 53.45 31.93 -10.20
N THR Z 181 53.00 31.66 -11.42
CA THR Z 181 52.97 32.70 -12.45
C THR Z 181 52.10 33.87 -12.02
N TYR Z 182 52.67 35.07 -12.08
CA TYR Z 182 52.01 36.34 -11.75
C TYR Z 182 51.68 36.47 -10.25
N THR Z 183 52.34 35.72 -9.39
CA THR Z 183 52.21 35.93 -7.95
C THR Z 183 52.99 37.18 -7.56
N LYS Z 184 52.35 38.07 -6.80
CA LYS Z 184 52.93 39.36 -6.47
C LYS Z 184 53.52 39.35 -5.07
N LEU Z 185 54.65 40.05 -4.92
CA LEU Z 185 55.37 40.16 -3.66
C LEU Z 185 55.20 41.59 -3.14
N SER Z 186 54.31 41.76 -2.16
CA SER Z 186 53.97 43.09 -1.66
C SER Z 186 55.15 43.76 -0.96
N ASP Z 187 56.08 42.99 -0.40
CA ASP Z 187 57.18 43.58 0.35
C ASP Z 187 58.23 44.17 -0.57
N VAL Z 188 58.28 43.72 -1.83
CA VAL Z 188 59.24 44.28 -2.78
C VAL Z 188 58.78 45.66 -3.21
N VAL Z 189 59.72 46.60 -3.29
CA VAL Z 189 59.44 47.99 -3.63
C VAL Z 189 60.03 48.38 -4.98
N ASP Z 190 61.30 48.04 -5.21
CA ASP Z 190 61.99 48.49 -6.41
C ASP Z 190 62.83 47.37 -6.98
N ILE Z 191 62.89 47.33 -8.32
CA ILE Z 191 63.81 46.47 -9.06
C ILE Z 191 64.39 47.27 -10.21
N PRO Z 192 65.56 46.87 -10.71
CA PRO Z 192 66.19 47.60 -11.82
C PRO Z 192 65.31 47.63 -13.06
N LYS Z 193 65.44 48.71 -13.82
CA LYS Z 193 64.61 48.92 -15.00
C LYS Z 193 64.84 47.82 -16.02
N MET Z 194 63.77 47.44 -16.71
CA MET Z 194 63.77 46.25 -17.54
C MET Z 194 62.73 46.40 -18.64
N THR Z 195 63.11 46.07 -19.87
CA THR Z 195 62.19 46.15 -20.99
C THR Z 195 61.56 44.79 -21.27
N LYS Z 196 60.39 44.82 -21.92
CA LYS Z 196 59.63 43.60 -22.12
C LYS Z 196 60.35 42.63 -23.05
N VAL Z 197 61.08 43.15 -24.04
CA VAL Z 197 61.84 42.28 -24.94
C VAL Z 197 62.91 41.52 -24.18
N ASP Z 198 63.60 42.20 -23.26
CA ASP Z 198 64.61 41.53 -22.45
C ASP Z 198 63.99 40.47 -21.55
N ALA Z 199 62.84 40.78 -20.95
CA ALA Z 199 62.17 39.80 -20.09
C ALA Z 199 61.75 38.58 -20.89
N GLU Z 200 61.22 38.79 -22.09
CA GLU Z 200 60.87 37.67 -22.96
C GLU Z 200 62.09 36.83 -23.30
N SER Z 201 63.21 37.48 -23.61
CA SER Z 201 64.42 36.72 -23.93
C SER Z 201 64.88 35.88 -22.73
N ARG Z 202 64.87 36.46 -21.54
CA ARG Z 202 65.32 35.71 -20.37
C ARG Z 202 64.38 34.55 -20.05
N VAL Z 203 63.06 34.77 -20.16
CA VAL Z 203 62.13 33.67 -19.93
C VAL Z 203 62.36 32.56 -20.95
N ASN Z 204 62.60 32.94 -22.21
CA ASN Z 204 62.92 31.94 -23.24
C ASN Z 204 64.18 31.17 -22.89
N LYS Z 205 65.15 31.80 -22.24
CA LYS Z 205 66.38 31.12 -21.87
C LYS Z 205 66.24 30.28 -20.60
N GLY Z 206 65.10 30.33 -19.91
CA GLY Z 206 64.86 29.49 -18.77
C GLY Z 206 65.06 30.12 -17.40
N GLU Z 207 64.82 31.42 -17.26
CA GLU Z 207 65.09 32.10 -16.02
C GLU Z 207 63.79 32.49 -15.31
N LEU Z 208 63.82 32.43 -13.98
CA LEU Z 208 62.71 32.86 -13.14
C LEU Z 208 63.01 34.28 -12.66
N ILE Z 209 62.18 35.25 -13.08
CA ILE Z 209 62.48 36.66 -12.91
C ILE Z 209 61.28 37.39 -12.34
N LEU Z 210 61.53 38.57 -11.79
CA LEU Z 210 60.49 39.49 -11.41
C LEU Z 210 60.26 40.51 -12.53
N ILE Z 211 59.01 40.96 -12.65
CA ILE Z 211 58.66 42.04 -13.57
C ILE Z 211 57.76 43.01 -12.86
N LYS Z 212 57.74 44.24 -13.37
CA LYS Z 212 56.80 45.25 -12.92
C LYS Z 212 55.65 45.30 -13.91
N GLU Z 213 54.45 44.99 -13.44
CA GLU Z 213 53.26 44.92 -14.25
C GLU Z 213 52.20 45.82 -13.63
N ALA Z 214 50.97 45.69 -14.12
CA ALA Z 214 49.88 46.52 -13.61
C ALA Z 214 49.67 46.23 -12.13
N GLY Z 215 50.04 47.18 -11.29
CA GLY Z 215 49.98 46.98 -9.87
C GLY Z 215 51.37 46.92 -9.23
N ALA Z 216 51.61 45.82 -8.55
CA ALA Z 216 52.86 45.64 -7.81
C ALA Z 216 53.91 44.90 -8.64
N ILE Z 217 54.96 44.46 -7.93
CA ILE Z 217 55.96 43.57 -8.49
C ILE Z 217 55.43 42.14 -8.44
N ARG Z 218 55.69 41.36 -9.50
CA ARG Z 218 55.21 39.99 -9.56
C ARG Z 218 56.20 39.12 -10.34
N ILE Z 219 56.02 37.80 -10.21
CA ILE Z 219 56.82 36.84 -10.96
C ILE Z 219 56.31 36.77 -12.39
N ALA Z 220 57.22 36.60 -13.35
CA ALA Z 220 56.85 36.60 -14.76
C ALA Z 220 56.23 35.26 -15.18
N ARG Z 221 56.98 34.18 -15.05
CA ARG Z 221 56.54 32.87 -15.51
C ARG Z 221 57.16 31.81 -14.59
N GLY Z 222 56.54 30.64 -14.56
CA GLY Z 222 56.88 29.60 -13.60
C GLY Z 222 57.75 28.49 -14.17
N VAL Z 223 58.81 28.86 -14.89
CA VAL Z 223 59.59 27.87 -15.63
C VAL Z 223 60.77 27.37 -14.80
N ASN Z 224 61.29 26.21 -15.20
CA ASN Z 224 62.52 25.65 -14.68
C ASN Z 224 63.70 26.20 -15.51
N SER Z 225 64.88 25.62 -15.31
CA SER Z 225 66.03 25.95 -16.14
C SER Z 225 66.15 25.05 -17.37
N LEU Z 226 65.28 24.05 -17.52
CA LEU Z 226 65.35 23.15 -18.66
C LEU Z 226 65.10 23.91 -19.96
N THR Z 227 65.92 23.64 -20.98
CA THR Z 227 65.78 24.32 -22.26
C THR Z 227 65.74 23.35 -23.43
N GLU Z 228 66.53 22.28 -23.39
CA GLU Z 228 66.59 21.33 -24.50
C GLU Z 228 65.47 20.30 -24.35
N LEU Z 229 64.64 20.20 -25.38
CA LEU Z 229 63.47 19.35 -25.38
C LEU Z 229 63.65 18.20 -26.35
N THR Z 230 63.40 16.99 -25.87
CA THR Z 230 63.47 15.77 -26.67
C THR Z 230 62.08 15.14 -26.73
N ALA Z 231 62.01 13.96 -27.36
CA ALA Z 231 60.74 13.25 -27.47
C ALA Z 231 60.28 12.75 -26.11
N GLU Z 232 61.19 12.24 -25.30
CA GLU Z 232 60.83 11.78 -23.97
C GLU Z 232 60.48 12.94 -23.05
N LYS Z 233 61.13 14.09 -23.24
CA LYS Z 233 60.94 15.25 -22.36
C LYS Z 233 60.45 16.43 -23.18
N GLY Z 234 59.14 16.69 -23.12
CA GLY Z 234 58.53 17.80 -23.82
C GLY Z 234 58.44 19.05 -22.98
N GLU Z 235 57.61 19.99 -23.45
CA GLU Z 235 57.51 21.30 -22.82
C GLU Z 235 56.83 21.26 -21.46
N MET Z 236 56.06 20.20 -21.17
CA MET Z 236 55.43 20.09 -19.86
C MET Z 236 56.47 20.01 -18.75
N PHE Z 237 57.64 19.45 -19.04
CA PHE Z 237 58.69 19.31 -18.04
C PHE Z 237 59.39 20.62 -17.72
N GLN Z 238 59.08 21.70 -18.44
CA GLN Z 238 59.66 23.01 -18.15
C GLN Z 238 58.93 23.77 -17.05
N LYS Z 239 57.73 23.35 -16.69
CA LYS Z 239 56.90 24.08 -15.74
C LYS Z 239 57.12 23.56 -14.32
N ILE Z 240 57.16 24.49 -13.36
CA ILE Z 240 57.39 24.13 -11.96
C ILE Z 240 56.25 23.28 -11.42
N LYS Z 241 55.00 23.65 -11.72
CA LYS Z 241 53.83 22.99 -11.14
C LYS Z 241 53.78 21.50 -11.52
N ILE Z 242 54.00 21.21 -12.80
CA ILE Z 242 53.96 19.83 -13.28
C ILE Z 242 55.03 18.98 -12.60
N VAL Z 243 56.25 19.52 -12.50
CA VAL Z 243 57.35 18.79 -11.90
C VAL Z 243 57.11 18.55 -10.41
N ASP Z 244 56.49 19.52 -9.74
CA ASP Z 244 56.12 19.32 -8.34
C ASP Z 244 55.15 18.15 -8.19
N THR Z 245 54.12 18.10 -9.04
CA THR Z 245 53.16 16.98 -8.96
C THR Z 245 53.85 15.65 -9.24
N LEU Z 246 54.71 15.61 -10.25
CA LEU Z 246 55.40 14.36 -10.59
C LEU Z 246 56.31 13.89 -9.46
N ASP Z 247 56.99 14.83 -8.78
CA ASP Z 247 57.86 14.45 -7.67
C ASP Z 247 57.06 13.90 -6.50
N ILE Z 248 55.88 14.48 -6.23
CA ILE Z 248 55.04 13.93 -5.17
C ILE Z 248 54.61 12.50 -5.50
N ILE Z 249 54.21 12.26 -6.76
CA ILE Z 249 53.82 10.91 -7.17
C ILE Z 249 54.98 9.94 -7.00
N HIS Z 250 56.17 10.35 -7.44
CA HIS Z 250 57.35 9.49 -7.34
C HIS Z 250 57.63 9.11 -5.89
N SER Z 251 57.61 10.10 -4.99
CA SER Z 251 57.93 9.85 -3.59
C SER Z 251 56.90 8.94 -2.93
N ASP Z 252 55.61 9.15 -3.20
CA ASP Z 252 54.59 8.32 -2.56
C ASP Z 252 54.66 6.86 -3.04
N ILE Z 253 54.79 6.65 -4.35
CA ILE Z 253 54.85 5.29 -4.86
C ILE Z 253 56.10 4.58 -4.35
N ARG Z 254 57.23 5.30 -4.30
CA ARG Z 254 58.45 4.72 -3.77
C ARG Z 254 58.29 4.32 -2.30
N LYS Z 255 57.62 5.16 -1.50
CA LYS Z 255 57.39 4.81 -0.11
C LYS Z 255 56.60 3.51 0.00
N VAL Z 256 55.51 3.39 -0.76
CA VAL Z 256 54.68 2.18 -0.68
C VAL Z 256 55.53 0.95 -1.03
N ILE Z 257 56.26 1.03 -2.15
CA ILE Z 257 57.02 -0.12 -2.62
C ILE Z 257 58.07 -0.53 -1.60
N ILE Z 258 58.84 0.44 -1.09
CA ILE Z 258 59.96 0.10 -0.22
C ILE Z 258 59.47 -0.40 1.13
N ASP Z 259 58.39 0.21 1.66
CA ASP Z 259 57.92 -0.20 2.98
C ASP Z 259 57.26 -1.57 2.96
N ASP Z 260 56.45 -1.88 1.94
CA ASP Z 260 55.63 -3.07 2.00
C ASP Z 260 56.14 -4.26 1.19
N TYR Z 261 57.02 -4.07 0.20
CA TYR Z 261 57.25 -5.16 -0.74
C TYR Z 261 58.71 -5.58 -0.88
N ILE Z 262 59.65 -4.62 -0.90
CA ILE Z 262 61.04 -4.95 -1.18
C ILE Z 262 61.61 -5.83 -0.08
N GLY Z 263 61.95 -7.08 -0.42
CA GLY Z 263 62.51 -8.02 0.52
C GLY Z 263 61.52 -8.66 1.47
N LYS Z 264 60.23 -8.40 1.31
CA LYS Z 264 59.25 -8.88 2.27
C LYS Z 264 58.47 -10.08 1.74
N VAL Z 265 58.23 -10.14 0.44
CA VAL Z 265 57.38 -11.15 -0.17
C VAL Z 265 58.15 -11.89 -1.25
N THR Z 266 57.73 -13.13 -1.49
CA THR Z 266 58.29 -13.91 -2.59
C THR Z 266 57.83 -13.33 -3.92
N ASN Z 267 58.68 -13.45 -4.93
CA ASN Z 267 58.42 -12.84 -6.24
C ASN Z 267 57.62 -13.80 -7.11
N SER Z 268 56.33 -13.96 -6.78
CA SER Z 268 55.42 -14.79 -7.55
C SER Z 268 54.38 -13.90 -8.23
N TYR Z 269 53.63 -14.50 -9.17
CA TYR Z 269 52.66 -13.74 -9.94
C TYR Z 269 51.52 -13.19 -9.07
N ASP Z 270 51.09 -13.98 -8.07
CA ASP Z 270 50.04 -13.50 -7.17
C ASP Z 270 50.47 -12.23 -6.42
N ASN Z 271 51.71 -12.19 -5.93
CA ASN Z 271 52.20 -11.01 -5.23
C ASN Z 271 52.36 -9.82 -6.16
N LYS Z 272 52.76 -10.05 -7.41
CA LYS Z 272 52.77 -8.99 -8.40
C LYS Z 272 51.38 -8.39 -8.58
N CYS Z 273 50.35 -9.24 -8.65
CA CYS Z 273 48.98 -8.74 -8.79
C CYS Z 273 48.57 -7.90 -7.57
N LEU Z 274 48.96 -8.35 -6.38
CA LEU Z 274 48.66 -7.56 -5.18
C LEU Z 274 49.34 -6.18 -5.23
N LEU Z 275 50.59 -6.13 -5.69
CA LEU Z 275 51.28 -4.85 -5.85
C LEU Z 275 50.55 -3.95 -6.85
N ILE Z 276 50.09 -4.52 -7.96
CA ILE Z 276 49.35 -3.75 -8.96
C ILE Z 276 48.10 -3.13 -8.34
N VAL Z 277 47.37 -3.92 -7.53
CA VAL Z 277 46.16 -3.40 -6.90
C VAL Z 277 46.49 -2.25 -5.95
N ALA Z 278 47.57 -2.38 -5.17
CA ALA Z 278 47.95 -1.30 -4.25
C ALA Z 278 48.25 0.00 -5.01
N ILE Z 279 49.05 -0.08 -6.09
CA ILE Z 279 49.40 1.12 -6.84
C ILE Z 279 48.16 1.73 -7.48
N LYS Z 280 47.26 0.90 -8.00
CA LYS Z 280 46.03 1.41 -8.59
C LYS Z 280 45.18 2.15 -7.56
N SER Z 281 45.12 1.63 -6.34
CA SER Z 281 44.34 2.31 -5.30
C SER Z 281 44.96 3.67 -4.96
N TYR Z 282 46.29 3.75 -4.92
CA TYR Z 282 46.92 5.05 -4.71
C TYR Z 282 46.57 6.04 -5.83
N LEU Z 283 46.59 5.58 -7.07
CA LEU Z 283 46.24 6.46 -8.18
C LEU Z 283 44.79 6.91 -8.11
N GLU Z 284 43.88 6.00 -7.71
CA GLU Z 284 42.48 6.38 -7.53
C GLU Z 284 42.31 7.45 -6.46
N GLU Z 285 43.04 7.31 -5.36
CA GLU Z 285 43.03 8.34 -4.33
C GLU Z 285 43.48 9.68 -4.88
N LEU Z 286 44.53 9.68 -5.71
CA LEU Z 286 44.95 10.93 -6.35
C LEU Z 286 43.86 11.50 -7.25
N GLU Z 287 43.17 10.65 -7.99
CA GLU Z 287 42.09 11.12 -8.87
C GLU Z 287 40.96 11.75 -8.06
N LYS Z 288 40.71 11.25 -6.85
CA LYS Z 288 39.62 11.80 -6.04
C LYS Z 288 39.90 13.22 -5.58
N SER Z 289 41.16 13.64 -5.60
CA SER Z 289 41.55 14.99 -5.20
C SER Z 289 41.76 15.93 -6.38
N ALA Z 290 41.60 15.44 -7.61
CA ALA Z 290 41.78 16.21 -8.84
C ALA Z 290 43.23 16.67 -9.05
N LEU Z 291 44.21 15.98 -8.48
CA LEU Z 291 45.61 16.24 -8.84
C LEU Z 291 45.91 15.73 -10.24
N ILE Z 292 45.29 14.62 -10.65
CA ILE Z 292 45.41 14.06 -11.98
C ILE Z 292 44.01 13.80 -12.52
N GLU Z 293 43.92 13.61 -13.84
CA GLU Z 293 42.63 13.35 -14.47
C GLU Z 293 42.16 11.92 -14.20
N SER Z 294 40.94 11.64 -14.63
CA SER Z 294 40.34 10.33 -14.44
C SER Z 294 40.85 9.35 -15.50
N ASP Z 295 40.51 8.07 -15.29
CA ASP Z 295 40.82 6.99 -16.25
C ASP Z 295 42.32 6.74 -16.39
N SER Z 296 43.00 6.57 -15.24
CA SER Z 296 44.40 6.17 -15.23
C SER Z 296 44.50 4.67 -14.99
N THR Z 297 45.58 4.06 -15.50
CA THR Z 297 45.73 2.61 -15.53
C THR Z 297 47.12 2.17 -15.04
N VAL Z 298 47.18 0.95 -14.50
CA VAL Z 298 48.42 0.27 -14.12
C VAL Z 298 48.32 -1.18 -14.57
N GLU Z 299 49.42 -1.74 -15.10
CA GLU Z 299 49.40 -3.11 -15.59
C GLU Z 299 50.82 -3.65 -15.73
N ILE Z 300 50.90 -4.97 -15.94
CA ILE Z 300 52.16 -5.64 -16.24
C ILE Z 300 52.72 -5.15 -17.57
N ASP Z 301 54.02 -4.84 -17.60
CA ASP Z 301 54.70 -4.43 -18.82
C ASP Z 301 55.12 -5.67 -19.60
N PHE Z 302 54.35 -6.01 -20.62
CA PHE Z 302 54.51 -7.29 -21.31
C PHE Z 302 55.74 -7.28 -22.22
N GLU Z 303 55.97 -6.19 -22.95
CA GLU Z 303 57.12 -6.12 -23.86
C GLU Z 303 58.42 -6.22 -23.09
N ALA Z 304 58.53 -5.51 -21.96
CA ALA Z 304 59.76 -5.54 -21.18
C ALA Z 304 60.02 -6.93 -20.60
N GLN Z 305 58.96 -7.60 -20.13
CA GLN Z 305 59.12 -8.95 -19.61
C GLN Z 305 59.54 -9.93 -20.70
N LYS Z 306 58.95 -9.81 -21.89
CA LYS Z 306 59.39 -10.63 -23.01
C LYS Z 306 60.86 -10.41 -23.32
N SER Z 307 61.29 -9.15 -23.31
CA SER Z 307 62.70 -8.86 -23.59
C SER Z 307 63.62 -9.47 -22.53
N TYR Z 308 63.26 -9.34 -21.25
CA TYR Z 308 64.08 -9.96 -20.20
C TYR Z 308 64.12 -11.48 -20.35
N LEU Z 309 62.98 -12.10 -20.62
CA LEU Z 309 62.96 -13.55 -20.76
C LEU Z 309 63.81 -14.00 -21.94
N LYS Z 310 63.75 -13.27 -23.05
CA LYS Z 310 64.58 -13.60 -24.21
C LYS Z 310 66.06 -13.42 -23.92
N SER Z 311 66.41 -12.41 -23.12
CA SER Z 311 67.80 -12.10 -22.88
C SER Z 311 68.49 -13.19 -22.06
N LYS Z 312 67.72 -14.08 -21.45
CA LYS Z 312 68.29 -15.12 -20.59
C LYS Z 312 68.23 -16.52 -21.20
N GLY Z 313 67.86 -16.66 -22.47
CA GLY Z 313 67.90 -17.96 -23.11
C GLY Z 313 66.63 -18.77 -23.03
N VAL Z 314 65.50 -18.15 -22.68
CA VAL Z 314 64.23 -18.83 -22.73
C VAL Z 314 63.72 -18.87 -24.17
N ASP Z 315 63.13 -19.99 -24.56
CA ASP Z 315 62.65 -20.19 -25.93
C ASP Z 315 61.16 -19.87 -26.00
N LEU Z 316 60.84 -18.73 -26.60
CA LEU Z 316 59.45 -18.28 -26.73
C LEU Z 316 58.80 -18.89 -27.99
N SER Z 317 58.80 -20.22 -28.05
CA SER Z 317 58.23 -20.94 -29.17
C SER Z 317 57.09 -21.81 -28.68
N TYR Z 318 55.90 -21.62 -29.28
CA TYR Z 318 54.68 -22.32 -28.85
C TYR Z 318 54.44 -22.12 -27.35
N MET Z 319 54.73 -20.90 -26.89
CA MET Z 319 54.51 -20.51 -25.49
C MET Z 319 53.34 -19.56 -25.45
N THR Z 320 52.32 -19.91 -24.67
CA THR Z 320 51.11 -19.10 -24.61
C THR Z 320 51.38 -17.77 -23.93
N LEU Z 321 50.62 -16.75 -24.34
CA LEU Z 321 50.79 -15.42 -23.75
C LEU Z 321 50.55 -15.44 -22.25
N GLN Z 322 49.60 -16.26 -21.79
CA GLN Z 322 49.39 -16.41 -20.35
C GLN Z 322 50.63 -16.97 -19.67
N GLU Z 323 51.27 -17.97 -20.30
CA GLU Z 323 52.48 -18.55 -19.73
C GLU Z 323 53.61 -17.53 -19.66
N ILE Z 324 53.75 -16.69 -20.70
CA ILE Z 324 54.77 -15.65 -20.68
C ILE Z 324 54.48 -14.63 -19.58
N LYS Z 325 53.20 -14.25 -19.44
CA LYS Z 325 52.82 -13.26 -18.44
C LYS Z 325 53.16 -13.72 -17.03
N GLU Z 326 53.01 -15.01 -16.75
CA GLU Z 326 53.20 -15.55 -15.41
C GLU Z 326 54.59 -16.12 -15.17
N ALA Z 327 55.49 -16.05 -16.15
CA ALA Z 327 56.79 -16.70 -16.03
C ALA Z 327 57.65 -16.04 -14.95
N ASN Z 328 58.42 -16.87 -14.25
CA ASN Z 328 59.28 -16.39 -13.18
C ASN Z 328 60.39 -15.52 -13.75
N THR Z 329 60.64 -14.38 -13.09
CA THR Z 329 61.61 -13.40 -13.55
C THR Z 329 62.64 -13.06 -12.47
N GLY Z 330 63.15 -14.08 -11.79
CA GLY Z 330 64.14 -13.84 -10.75
C GLY Z 330 63.57 -12.97 -9.65
N SER Z 331 64.23 -11.84 -9.38
CA SER Z 331 63.80 -10.89 -8.38
C SER Z 331 63.30 -9.58 -8.98
N LYS Z 332 62.96 -9.57 -10.27
CA LYS Z 332 62.62 -8.35 -10.99
C LYS Z 332 61.12 -8.29 -11.27
N VAL Z 333 60.60 -7.07 -11.38
CA VAL Z 333 59.18 -6.81 -11.70
C VAL Z 333 59.13 -5.72 -12.76
N PHE Z 334 58.30 -5.93 -13.79
CA PHE Z 334 58.13 -4.97 -14.88
C PHE Z 334 56.67 -4.51 -14.94
N LEU Z 335 56.46 -3.22 -14.69
CA LEU Z 335 55.13 -2.60 -14.69
C LEU Z 335 55.13 -1.33 -15.54
N LYS Z 336 53.94 -0.94 -15.99
CA LYS Z 336 53.74 0.31 -16.72
C LYS Z 336 52.41 0.93 -16.30
N ALA Z 337 52.29 2.24 -16.52
CA ALA Z 337 51.13 3.00 -16.09
C ALA Z 337 50.95 4.22 -16.99
N LYS Z 338 49.76 4.83 -16.92
CA LYS Z 338 49.44 5.99 -17.71
C LYS Z 338 48.61 6.96 -16.88
N ILE Z 339 48.99 8.24 -16.88
CA ILE Z 339 48.31 9.29 -16.13
C ILE Z 339 48.22 10.55 -16.98
N LYS Z 340 47.53 11.56 -16.47
CA LYS Z 340 47.36 12.83 -17.17
C LYS Z 340 47.24 13.96 -16.16
N VAL Z 341 47.96 15.06 -16.41
CA VAL Z 341 47.99 16.22 -15.53
C VAL Z 341 47.67 17.46 -16.35
N LEU Z 342 46.90 18.37 -15.77
CA LEU Z 342 46.48 19.61 -16.43
C LEU Z 342 47.31 20.79 -15.94
N ASP Z 343 47.41 21.82 -16.78
CA ASP Z 343 48.16 23.02 -16.49
C ASP Z 343 47.20 24.12 -16.05
N ALA Z 344 47.76 25.22 -15.55
CA ALA Z 344 46.95 26.33 -15.10
C ALA Z 344 46.59 27.26 -16.27
N MET Z 345 45.60 28.12 -16.05
CA MET Z 345 45.25 29.19 -16.97
C MET Z 345 46.33 30.27 -16.92
N GLU Z 346 46.98 30.55 -18.04
CA GLU Z 346 47.99 31.59 -18.07
C GLU Z 346 47.88 32.55 -19.26
N ASP Z 347 47.21 32.14 -20.34
CA ASP Z 347 47.15 32.92 -21.56
C ASP Z 347 45.72 32.97 -22.09
N ILE Z 348 45.22 34.18 -22.37
CA ILE Z 348 43.83 34.40 -22.72
C ILE Z 348 43.75 35.33 -23.92
N ASP Z 349 43.05 34.90 -24.97
CA ASP Z 349 42.73 35.74 -26.12
C ASP Z 349 41.24 36.02 -26.15
N LEU Z 350 40.87 37.29 -26.28
CA LEU Z 350 39.47 37.70 -26.35
C LEU Z 350 39.31 38.73 -27.47
N SER Z 351 38.56 38.36 -28.51
CA SER Z 351 38.33 39.21 -29.67
C SER Z 351 36.94 39.83 -29.61
N ILE Z 352 36.88 41.15 -29.57
CA ILE Z 352 35.65 41.89 -29.35
C ILE Z 352 35.25 42.60 -30.63
N GLU Z 353 34.08 42.25 -31.16
CA GLU Z 353 33.47 42.99 -32.27
C GLU Z 353 32.64 44.12 -31.70
N ILE Z 354 32.74 45.30 -32.31
CA ILE Z 354 31.93 46.43 -31.87
C ILE Z 354 30.91 46.80 -32.93
N ILE AA 3 47.41 62.94 28.20
CA ILE AA 3 47.03 62.99 26.80
C ILE AA 3 46.69 64.43 26.41
N GLY AA 4 47.26 65.37 27.16
CA GLY AA 4 46.99 66.78 26.95
C GLY AA 4 45.72 67.25 27.64
N LEU AA 5 45.60 68.58 27.73
CA LEU AA 5 44.43 69.16 28.34
C LEU AA 5 43.25 69.17 27.36
N PRO AA 6 42.02 69.18 27.86
CA PRO AA 6 40.86 69.31 26.97
C PRO AA 6 40.88 70.67 26.28
N SER AA 7 40.55 70.66 24.99
CA SER AA 7 40.55 71.88 24.18
C SER AA 7 39.12 72.20 23.76
N ILE AA 8 38.57 73.27 24.32
CA ILE AA 8 37.27 73.80 23.93
C ILE AA 8 37.52 75.15 23.28
N ASN AA 9 37.62 75.17 21.95
CA ASN AA 9 37.97 76.40 21.25
C ASN AA 9 36.84 76.79 20.30
N ILE AA 10 36.15 77.87 20.63
CA ILE AA 10 35.20 78.54 19.75
C ILE AA 10 35.91 79.76 19.17
N SER AA 11 36.14 79.76 17.87
CA SER AA 11 36.91 80.81 17.21
C SER AA 11 36.03 81.57 16.22
N PHE AA 12 36.35 82.85 16.03
CA PHE AA 12 35.64 83.72 15.10
C PHE AA 12 36.62 84.25 14.06
N LYS AA 13 36.17 84.30 12.81
CA LYS AA 13 37.03 84.67 11.69
C LYS AA 13 36.16 85.22 10.57
N GLU AA 14 36.83 85.82 9.57
CA GLU AA 14 36.17 86.34 8.38
C GLU AA 14 35.76 85.20 7.45
N LEU AA 15 34.93 85.53 6.45
CA LEU AA 15 34.41 84.54 5.53
C LEU AA 15 35.48 84.12 4.52
N ALA AA 16 35.33 82.92 3.98
CA ALA AA 16 36.35 82.32 3.11
C ALA AA 16 35.72 81.57 1.95
N THR AA 17 36.54 81.27 0.94
CA THR AA 17 36.07 80.56 -0.26
C THR AA 17 36.32 79.06 -0.16
N THR AA 18 35.45 78.30 -0.82
CA THR AA 18 35.56 76.85 -0.93
C THR AA 18 35.69 76.45 -2.40
N VAL AA 19 36.68 75.60 -2.69
CA VAL AA 19 37.09 75.29 -4.07
C VAL AA 19 36.20 74.23 -4.71
N LYS AA 20 36.34 74.09 -6.04
CA LYS AA 20 35.57 73.10 -6.78
C LYS AA 20 35.96 71.68 -6.39
N GLU AA 21 34.97 70.80 -6.40
CA GLU AA 21 35.20 69.40 -6.03
C GLU AA 21 36.06 68.70 -7.08
N ARG AA 22 36.85 67.73 -6.62
CA ARG AA 22 37.80 67.00 -7.46
C ARG AA 22 37.10 65.88 -8.24
N SER AA 23 37.85 65.32 -9.20
CA SER AA 23 37.42 64.13 -9.94
C SER AA 23 38.55 63.11 -9.95
N ALA AA 24 38.19 61.83 -9.76
CA ALA AA 24 39.21 60.79 -9.66
C ALA AA 24 39.61 60.24 -11.03
N ARG AA 25 38.95 60.65 -12.10
CA ARG AA 25 39.35 60.26 -13.44
C ARG AA 25 40.44 61.18 -13.97
N GLY AA 26 41.46 60.59 -14.60
CA GLY AA 26 42.47 61.35 -15.30
C GLY AA 26 43.84 61.30 -14.67
N ILE AA 27 44.71 60.45 -15.21
CA ILE AA 27 46.11 60.39 -14.80
C ILE AA 27 46.95 60.71 -16.03
N ILE AA 28 47.79 61.74 -15.92
CA ILE AA 28 48.46 62.34 -17.07
C ILE AA 28 49.97 62.30 -16.85
N ALA AA 29 50.70 61.96 -17.90
CA ALA AA 29 52.15 61.85 -17.86
C ALA AA 29 52.77 63.02 -18.59
N MET AA 30 53.96 63.42 -18.13
CA MET AA 30 54.62 64.63 -18.60
C MET AA 30 56.12 64.47 -18.41
N VAL AA 31 56.91 64.75 -19.44
CA VAL AA 31 58.36 64.72 -19.34
C VAL AA 31 58.92 66.05 -19.82
N LEU AA 32 59.79 66.64 -19.01
CA LEU AA 32 60.38 67.93 -19.33
C LEU AA 32 61.85 67.90 -18.96
N LYS AA 33 62.64 68.70 -19.68
CA LYS AA 33 64.08 68.77 -19.50
C LYS AA 33 64.41 69.96 -18.61
N ASP AA 34 65.07 69.70 -17.48
CA ASP AA 34 65.48 70.72 -16.54
C ASP AA 34 66.89 70.44 -16.06
N ALA AA 35 67.63 71.50 -15.75
CA ALA AA 35 69.00 71.32 -15.26
C ALA AA 35 69.03 70.90 -13.79
N LYS AA 36 67.90 70.98 -13.10
CA LYS AA 36 67.86 70.74 -11.66
C LYS AA 36 66.62 69.94 -11.30
N ALA AA 37 66.70 69.22 -10.18
CA ALA AA 37 65.57 68.45 -9.63
C ALA AA 37 65.17 67.31 -10.56
N LEU AA 38 66.15 66.48 -10.92
CA LEU AA 38 65.90 65.33 -11.78
C LEU AA 38 65.16 64.24 -11.02
N GLY AA 39 64.51 63.36 -11.77
CA GLY AA 39 63.84 62.20 -11.24
C GLY AA 39 62.38 62.20 -11.61
N LEU AA 40 61.60 61.40 -10.89
CA LEU AA 40 60.15 61.33 -11.05
C LEU AA 40 59.50 62.11 -9.92
N ASN AA 41 58.67 63.07 -10.28
CA ASN AA 41 57.96 63.89 -9.30
C ASN AA 41 56.47 63.71 -9.53
N GLU AA 42 55.77 63.23 -8.51
CA GLU AA 42 54.32 63.18 -8.51
C GLU AA 42 53.81 64.53 -8.05
N ILE AA 43 52.95 65.15 -8.85
CA ILE AA 43 52.35 66.43 -8.52
C ILE AA 43 50.84 66.23 -8.46
N HIS AA 44 50.26 66.49 -7.29
CA HIS AA 44 48.84 66.20 -7.09
C HIS AA 44 47.98 67.44 -7.27
N GLU AA 45 48.57 68.62 -7.07
CA GLU AA 45 47.81 69.87 -7.15
C GLU AA 45 48.74 71.00 -7.60
N LYS AA 46 48.12 72.05 -8.13
CA LYS AA 46 48.87 73.21 -8.59
C LYS AA 46 49.29 74.12 -7.45
N GLU AA 47 48.71 73.94 -6.27
CA GLU AA 47 49.15 74.70 -5.11
C GLU AA 47 50.54 74.28 -4.67
N ASP AA 48 50.84 72.98 -4.75
CA ASP AA 48 52.14 72.46 -4.32
C ASP AA 48 52.91 71.96 -5.54
N ILE AA 49 53.95 72.70 -5.92
CA ILE AA 49 54.84 72.33 -7.02
C ILE AA 49 56.26 72.47 -6.47
N PRO AA 50 57.20 71.61 -6.86
CA PRO AA 50 58.58 71.80 -6.40
C PRO AA 50 59.12 73.17 -6.80
N VAL AA 51 59.70 73.86 -5.81
CA VAL AA 51 60.19 75.22 -6.03
C VAL AA 51 61.56 75.25 -6.69
N ASP AA 52 62.10 74.08 -7.05
CA ASP AA 52 63.33 74.05 -7.84
C ASP AA 52 63.06 74.26 -9.32
N LEU AA 53 61.87 73.86 -9.78
CA LEU AA 53 61.54 73.92 -11.20
C LEU AA 53 61.45 75.37 -11.67
N SER AA 54 61.78 75.58 -12.94
CA SER AA 54 61.79 76.91 -13.52
C SER AA 54 60.37 77.46 -13.64
N ALA AA 55 60.28 78.79 -13.67
CA ALA AA 55 58.99 79.45 -13.82
C ALA AA 55 58.35 79.08 -15.16
N GLU AA 56 59.16 78.97 -16.21
CA GLU AA 56 58.65 78.56 -17.51
C GLU AA 56 58.13 77.13 -17.45
N ASN AA 57 58.86 76.23 -16.78
CA ASN AA 57 58.33 74.89 -16.52
C ASN AA 57 57.28 74.91 -15.41
N LYS AA 58 57.25 75.95 -14.58
CA LYS AA 58 56.22 76.04 -13.56
C LYS AA 58 54.84 76.23 -14.17
N GLU AA 59 54.73 77.16 -15.13
CA GLU AA 59 53.41 77.50 -15.67
C GLU AA 59 52.80 76.35 -16.46
N TYR AA 60 53.63 75.46 -17.01
CA TYR AA 60 53.09 74.34 -17.77
C TYR AA 60 52.34 73.37 -16.88
N ILE AA 61 52.79 73.20 -15.64
CA ILE AA 61 52.09 72.33 -14.69
C ILE AA 61 50.72 72.90 -14.37
N ASN AA 62 50.64 74.21 -14.14
CA ASN AA 62 49.34 74.83 -13.94
C ASN AA 62 48.47 74.74 -15.19
N LEU AA 63 49.10 74.76 -16.37
CA LEU AA 63 48.35 74.58 -17.62
C LEU AA 63 47.72 73.19 -17.68
N ALA AA 64 48.49 72.15 -17.36
CA ALA AA 64 47.98 70.80 -17.47
C ALA AA 64 46.99 70.44 -16.36
N LEU AA 65 46.99 71.20 -15.27
CA LEU AA 65 46.25 70.81 -14.07
C LEU AA 65 44.84 71.36 -14.03
N MET AA 66 44.40 72.13 -15.01
CA MET AA 66 43.00 72.51 -15.11
C MET AA 66 42.36 71.73 -16.25
N GLY AA 67 41.21 71.13 -15.96
CA GLY AA 67 40.43 70.45 -16.98
C GLY AA 67 39.07 71.11 -17.10
N ASN AA 68 38.39 70.82 -18.20
CA ASN AA 68 37.13 71.51 -18.47
C ASN AA 68 36.08 71.18 -17.40
N VAL AA 69 35.64 69.93 -17.37
CA VAL AA 69 34.59 69.53 -16.43
C VAL AA 69 35.14 69.39 -15.02
N ASN AA 70 36.32 68.78 -14.88
CA ASN AA 70 36.98 68.72 -13.59
C ASN AA 70 38.48 68.46 -13.77
N THR AA 71 39.19 68.62 -12.67
CA THR AA 71 40.65 68.51 -12.64
C THR AA 71 41.09 67.06 -12.89
N PRO AA 72 42.23 66.85 -13.53
CA PRO AA 72 42.82 65.50 -13.58
C PRO AA 72 43.12 64.97 -12.19
N ASN AA 73 42.99 63.66 -12.04
CA ASN AA 73 43.19 63.02 -10.74
C ASN AA 73 44.64 63.14 -10.28
N LYS AA 74 45.59 62.99 -11.19
CA LYS AA 74 47.00 62.93 -10.83
C LYS AA 74 47.85 63.37 -12.01
N LEU AA 75 49.06 63.84 -11.73
CA LEU AA 75 49.99 64.34 -12.73
C LEU AA 75 51.35 63.70 -12.50
N LEU AA 76 51.93 63.15 -13.57
CA LEU AA 76 53.20 62.45 -13.49
C LEU AA 76 54.24 63.23 -14.30
N VAL AA 77 55.06 64.02 -13.61
CA VAL AA 77 56.09 64.83 -14.24
C VAL AA 77 57.43 64.15 -14.02
N TYR AA 78 58.06 63.74 -15.12
CA TYR AA 78 59.36 63.06 -15.10
C TYR AA 78 60.39 64.04 -15.64
N VAL AA 79 61.38 64.37 -14.80
CA VAL AA 79 62.34 65.43 -15.11
C VAL AA 79 63.68 64.77 -15.42
N ILE AA 80 64.20 65.04 -16.62
CA ILE AA 80 65.52 64.57 -17.01
C ILE AA 80 66.39 65.78 -17.32
N GLU AA 81 67.69 65.60 -17.14
CA GLU AA 81 68.63 66.71 -17.30
C GLU AA 81 68.69 67.14 -18.76
N GLY AA 82 69.19 68.35 -18.98
CA GLY AA 82 69.33 68.85 -20.33
C GLY AA 82 70.32 68.05 -21.13
N GLU AA 83 70.10 67.99 -22.44
CA GLU AA 83 70.96 67.24 -23.36
C GLU AA 83 71.07 65.78 -22.93
N ALA AA 84 69.93 65.20 -22.56
CA ALA AA 84 69.85 63.82 -22.13
C ALA AA 84 69.04 63.02 -23.13
N ASP AA 85 69.03 61.69 -22.95
CA ASP AA 85 68.33 60.82 -23.88
C ASP AA 85 66.87 60.65 -23.49
N ILE AA 86 66.01 60.51 -24.49
CA ILE AA 86 64.59 60.31 -24.26
C ILE AA 86 64.26 58.86 -24.02
N GLN AA 87 65.12 57.94 -24.48
CA GLN AA 87 64.82 56.52 -24.38
C GLN AA 87 64.81 56.06 -22.93
N THR AA 88 65.65 56.66 -22.09
CA THR AA 88 65.57 56.36 -20.66
C THR AA 88 64.20 56.74 -20.10
N ALA AA 89 63.70 57.90 -20.50
CA ALA AA 89 62.39 58.34 -20.06
C ALA AA 89 61.29 57.39 -20.52
N LEU AA 90 61.33 56.99 -21.79
CA LEU AA 90 60.30 56.08 -22.30
C LEU AA 90 60.38 54.72 -21.63
N ASP AA 91 61.61 54.20 -21.42
CA ASP AA 91 61.78 52.91 -20.75
C ASP AA 91 61.23 52.96 -19.34
N PHE AA 92 61.50 54.05 -18.61
CA PHE AA 92 60.95 54.18 -17.26
C PHE AA 92 59.43 54.31 -17.29
N LEU AA 93 58.89 55.07 -18.23
CA LEU AA 93 57.46 55.35 -18.25
C LEU AA 93 56.66 54.14 -18.69
N GLU AA 94 57.32 53.17 -19.35
CA GLU AA 94 56.64 51.93 -19.72
C GLU AA 94 56.02 51.26 -18.50
N THR AA 95 56.61 51.48 -17.33
CA THR AA 95 56.17 50.80 -16.11
C THR AA 95 54.82 51.30 -15.61
N LYS AA 96 54.65 52.62 -15.51
CA LYS AA 96 53.55 53.20 -14.76
C LYS AA 96 52.22 53.05 -15.51
N GLU AA 97 51.13 53.33 -14.81
CA GLU AA 97 49.81 53.41 -15.42
C GLU AA 97 49.43 54.87 -15.60
N PHE AA 98 48.97 55.21 -16.79
CA PHE AA 98 48.58 56.58 -17.11
C PHE AA 98 47.74 56.54 -18.38
N ASN AA 99 47.18 57.70 -18.73
CA ASN AA 99 46.32 57.78 -19.91
C ASN AA 99 46.95 58.53 -21.06
N TYR AA 100 47.51 59.71 -20.81
CA TYR AA 100 48.03 60.56 -21.88
C TYR AA 100 49.44 61.02 -21.52
N LEU AA 101 50.25 61.22 -22.55
CA LEU AA 101 51.64 61.64 -22.42
C LEU AA 101 51.88 62.87 -23.28
N CYS AA 102 52.57 63.86 -22.72
CA CYS AA 102 52.87 65.08 -23.45
C CYS AA 102 54.27 65.57 -23.09
N MET AA 103 54.98 66.07 -24.09
CA MET AA 103 56.31 66.67 -23.90
C MET AA 103 56.29 68.06 -24.52
N PRO AA 104 56.04 69.12 -23.74
CA PRO AA 104 55.86 70.45 -24.35
C PRO AA 104 57.07 70.93 -25.12
N LYS AA 105 58.27 70.52 -24.73
CA LYS AA 105 59.48 70.82 -25.46
C LYS AA 105 59.90 69.55 -26.19
N ALA AA 106 59.98 69.61 -27.52
CA ALA AA 106 60.20 68.41 -28.30
C ALA AA 106 60.82 68.76 -29.64
N VAL AA 107 61.52 67.78 -30.22
CA VAL AA 107 62.20 67.91 -31.50
C VAL AA 107 61.70 66.77 -32.38
N GLU AA 108 61.91 66.87 -33.69
CA GLU AA 108 61.35 65.91 -34.62
C GLU AA 108 61.80 64.48 -34.31
N ALA AA 109 63.08 64.29 -33.99
CA ALA AA 109 63.54 62.97 -33.59
C ALA AA 109 62.86 62.53 -32.30
N ASP AA 110 62.69 63.46 -31.36
CA ASP AA 110 61.97 63.16 -30.13
C ASP AA 110 60.55 62.71 -30.42
N LYS AA 111 59.86 63.43 -31.31
CA LYS AA 111 58.48 63.10 -31.65
C LYS AA 111 58.39 61.74 -32.34
N THR AA 112 59.32 61.46 -33.25
CA THR AA 112 59.35 60.15 -33.89
C THR AA 112 59.56 59.04 -32.86
N ALA AA 113 60.46 59.26 -31.90
CA ALA AA 113 60.69 58.26 -30.87
C ALA AA 113 59.43 58.03 -30.03
N ILE AA 114 58.77 59.10 -29.60
CA ILE AA 114 57.56 58.96 -28.80
C ILE AA 114 56.48 58.22 -29.59
N LYS AA 115 56.32 58.56 -30.86
CA LYS AA 115 55.28 57.95 -31.68
C LYS AA 115 55.53 56.46 -31.88
N ASN AA 116 56.76 56.11 -32.25
CA ASN AA 116 57.11 54.69 -32.41
C ASN AA 116 56.91 53.94 -31.10
N TRP AA 117 57.26 54.58 -29.98
CA TRP AA 117 57.09 53.95 -28.68
C TRP AA 117 55.62 53.69 -28.37
N ILE AA 118 54.75 54.68 -28.62
CA ILE AA 118 53.33 54.52 -28.36
C ILE AA 118 52.76 53.40 -29.22
N ILE AA 119 53.12 53.37 -30.50
CA ILE AA 119 52.62 52.35 -31.40
C ILE AA 119 53.07 50.97 -30.94
N LYS AA 120 54.36 50.85 -30.58
CA LYS AA 120 54.88 49.56 -30.14
C LYS AA 120 54.18 49.09 -28.88
N LEU AA 121 53.97 49.99 -27.91
CA LEU AA 121 53.27 49.61 -26.69
C LEU AA 121 51.87 49.10 -27.01
N ARG AA 122 51.09 49.88 -27.76
CA ARG AA 122 49.70 49.51 -28.02
C ARG AA 122 49.59 48.22 -28.82
N ASP AA 123 50.46 48.01 -29.81
CA ASP AA 123 50.29 46.89 -30.72
C ASP AA 123 51.03 45.62 -30.29
N ILE AA 124 52.08 45.74 -29.49
CA ILE AA 124 52.86 44.58 -29.06
C ILE AA 124 52.73 44.34 -27.56
N ASP AA 125 52.94 45.37 -26.73
CA ASP AA 125 52.90 45.17 -25.29
C ASP AA 125 51.50 45.01 -24.75
N LYS AA 126 50.47 45.23 -25.58
CA LYS AA 126 49.07 45.12 -25.19
C LYS AA 126 48.76 46.06 -24.01
N VAL AA 127 49.25 47.28 -24.10
CA VAL AA 127 49.00 48.32 -23.10
C VAL AA 127 48.37 49.50 -23.82
N LYS AA 128 47.25 50.00 -23.27
CA LYS AA 128 46.46 51.04 -23.93
C LYS AA 128 46.87 52.41 -23.42
N VAL AA 129 47.79 53.06 -24.11
CA VAL AA 129 48.26 54.39 -23.76
C VAL AA 129 48.16 55.28 -24.99
N LYS AA 130 47.99 56.58 -24.76
CA LYS AA 130 47.90 57.57 -25.82
C LYS AA 130 48.86 58.73 -25.53
N ALA AA 131 49.20 59.47 -26.57
CA ALA AA 131 50.03 60.67 -26.45
C ALA AA 131 49.42 61.80 -27.27
N VAL AA 132 49.55 63.02 -26.75
CA VAL AA 132 49.16 64.24 -27.46
C VAL AA 132 50.44 64.86 -28.01
N LEU AA 133 50.54 64.96 -29.33
CA LEU AA 133 51.72 65.48 -30.00
C LEU AA 133 51.33 66.58 -30.97
N GLY AA 134 52.27 67.50 -31.19
CA GLY AA 134 52.07 68.58 -32.14
C GLY AA 134 52.85 68.36 -33.42
N LYS AA 135 52.17 68.52 -34.56
CA LYS AA 135 52.77 68.38 -35.89
C LYS AA 135 53.35 66.98 -36.11
N VAL AA 136 52.58 65.96 -35.74
CA VAL AA 136 52.96 64.58 -35.96
C VAL AA 136 51.86 63.90 -36.75
N VAL AA 137 52.19 63.44 -37.97
CA VAL AA 137 51.19 62.92 -38.90
C VAL AA 137 50.71 61.53 -38.52
N GLY AA 138 51.34 60.88 -37.53
CA GLY AA 138 51.18 59.46 -37.26
C GLY AA 138 49.80 58.88 -37.47
N ASN AA 139 49.75 57.82 -38.25
CA ASN AA 139 48.50 57.24 -38.75
C ASN AA 139 47.80 56.32 -37.75
N HIS AA 140 48.01 56.53 -36.45
CA HIS AA 140 47.46 55.64 -35.45
C HIS AA 140 46.41 56.33 -34.58
N GLU AA 141 45.41 55.54 -34.14
CA GLU AA 141 44.43 56.03 -33.19
C GLU AA 141 45.04 56.28 -31.80
N GLY AA 142 46.26 55.79 -31.55
CA GLY AA 142 46.87 55.96 -30.25
C GLY AA 142 47.52 57.33 -30.06
N ILE AA 143 47.71 58.08 -31.14
CA ILE AA 143 48.29 59.42 -31.05
C ILE AA 143 47.33 60.40 -31.72
N ILE AA 144 47.26 61.61 -31.19
CA ILE AA 144 46.39 62.65 -31.73
C ILE AA 144 47.23 63.85 -32.13
N ASN AA 145 46.91 64.44 -33.27
CA ASN AA 145 47.67 65.55 -33.84
C ASN AA 145 46.99 66.89 -33.58
N PHE AA 146 47.65 67.73 -32.78
CA PHE AA 146 47.22 69.11 -32.56
C PHE AA 146 48.06 70.02 -33.44
N THR AA 147 47.41 70.91 -34.17
CA THR AA 147 48.05 71.82 -35.12
C THR AA 147 47.41 73.21 -35.02
N THR AA 148 48.03 74.09 -34.23
CA THR AA 148 47.66 75.49 -34.19
C THR AA 148 48.83 76.29 -33.63
N GLU AA 149 49.16 77.39 -34.31
CA GLU AA 149 50.33 78.19 -34.03
C GLU AA 149 49.96 79.45 -33.25
N ASP AA 150 50.91 79.98 -32.47
CA ASP AA 150 50.79 81.28 -31.80
C ASP AA 150 49.48 81.42 -31.03
N VAL AA 151 49.30 80.59 -30.01
CA VAL AA 151 48.14 80.71 -29.14
C VAL AA 151 48.46 81.68 -28.02
N LEU AA 152 47.68 82.77 -27.91
CA LEU AA 152 47.87 83.79 -26.89
C LEU AA 152 46.97 83.47 -25.71
N VAL AA 153 47.60 83.22 -24.56
CA VAL AA 153 46.90 82.98 -23.30
C VAL AA 153 47.53 83.87 -22.24
N GLY AA 154 46.70 84.68 -21.58
CA GLY AA 154 47.19 85.58 -20.55
C GLY AA 154 48.23 86.54 -21.09
N GLU AA 155 47.95 87.11 -22.26
CA GLU AA 155 48.85 87.95 -23.06
C GLU AA 155 50.27 87.39 -23.11
N LYS AA 156 50.39 86.06 -23.13
CA LYS AA 156 51.68 85.38 -23.24
C LYS AA 156 51.67 84.50 -24.48
N LYS AA 157 52.77 84.55 -25.24
CA LYS AA 157 52.86 83.76 -26.47
C LYS AA 157 53.16 82.30 -26.15
N TYR AA 158 52.37 81.40 -26.75
CA TYR AA 158 52.52 79.96 -26.56
C TYR AA 158 52.56 79.29 -27.93
N SER AA 159 53.44 78.30 -28.06
CA SER AA 159 53.63 77.62 -29.34
C SER AA 159 52.88 76.29 -29.35
N VAL AA 160 52.83 75.67 -30.54
CA VAL AA 160 51.99 74.48 -30.73
C VAL AA 160 52.47 73.33 -29.86
N ASP AA 161 53.78 73.16 -29.72
CA ASP AA 161 54.30 72.13 -28.84
C ASP AA 161 53.98 72.41 -27.37
N GLU AA 162 53.99 73.69 -26.99
CA GLU AA 162 53.78 74.07 -25.60
C GLU AA 162 52.32 74.01 -25.17
N PHE AA 163 51.39 74.23 -26.10
CA PHE AA 163 49.97 74.14 -25.78
C PHE AA 163 49.47 72.71 -25.75
N THR AA 164 50.31 71.75 -26.12
CA THR AA 164 49.97 70.34 -26.02
C THR AA 164 49.65 69.93 -24.58
N SER AA 165 50.29 70.57 -23.60
CA SER AA 165 50.00 70.26 -22.20
C SER AA 165 48.56 70.61 -21.84
N ARG AA 166 48.11 71.80 -22.25
CA ARG AA 166 46.73 72.21 -22.00
C ARG AA 166 45.73 71.28 -22.68
N VAL AA 167 46.04 70.87 -23.92
CA VAL AA 167 45.14 69.97 -24.66
C VAL AA 167 45.07 68.60 -23.99
N ALA AA 168 46.20 68.07 -23.53
CA ALA AA 168 46.19 66.79 -22.84
C ALA AA 168 45.37 66.86 -21.57
N GLY AA 169 45.54 67.94 -20.80
CA GLY AA 169 44.71 68.11 -19.61
C GLY AA 169 43.23 68.21 -19.93
N LEU AA 170 42.88 68.94 -20.98
CA LEU AA 170 41.49 69.07 -21.37
C LEU AA 170 40.90 67.72 -21.77
N ILE AA 171 41.62 66.94 -22.58
CA ILE AA 171 41.09 65.65 -23.02
C ILE AA 171 40.93 64.71 -21.84
N ALA AA 172 41.92 64.66 -20.94
CA ALA AA 172 41.80 63.79 -19.77
C ALA AA 172 40.76 64.30 -18.78
N GLY AA 173 40.36 65.57 -18.87
CA GLY AA 173 39.36 66.09 -17.96
C GLY AA 173 37.93 65.76 -18.36
N THR AA 174 37.72 65.30 -19.58
CA THR AA 174 36.36 65.07 -20.08
C THR AA 174 35.79 63.78 -19.49
N PRO AA 175 34.56 63.80 -18.97
CA PRO AA 175 33.96 62.56 -18.44
C PRO AA 175 33.60 61.55 -19.53
N LEU AA 176 33.28 60.32 -19.12
CA LEU AA 176 33.23 59.19 -20.04
C LEU AA 176 32.15 59.35 -21.11
N SER AA 177 30.96 59.82 -20.73
CA SER AA 177 29.86 59.87 -21.67
C SER AA 177 30.02 60.94 -22.74
N GLN AA 178 31.01 61.83 -22.60
CA GLN AA 178 31.03 63.09 -23.33
C GLN AA 178 32.19 63.15 -24.32
N SER AA 179 32.25 64.26 -25.05
CA SER AA 179 33.21 64.49 -26.12
C SER AA 179 33.76 65.91 -25.99
N VAL AA 180 34.92 66.14 -26.61
CA VAL AA 180 35.53 67.47 -26.59
C VAL AA 180 35.14 68.31 -27.80
N THR AA 181 34.17 67.87 -28.59
CA THR AA 181 33.68 68.70 -29.68
C THR AA 181 33.04 69.97 -29.13
N TYR AA 182 33.50 71.12 -29.65
CA TYR AA 182 32.97 72.44 -29.31
C TYR AA 182 33.15 72.80 -27.83
N THR AA 183 34.09 72.17 -27.14
CA THR AA 183 34.43 72.64 -25.79
C THR AA 183 35.26 73.91 -25.89
N LYS AA 184 34.93 74.90 -25.08
CA LYS AA 184 35.51 76.23 -25.21
C LYS AA 184 36.60 76.44 -24.17
N LEU AA 185 37.66 77.14 -24.58
CA LEU AA 185 38.76 77.50 -23.70
C LEU AA 185 38.65 78.98 -23.35
N SER AA 186 38.28 79.27 -22.11
CA SER AA 186 38.09 80.65 -21.69
C SER AA 186 39.40 81.36 -21.39
N ASP AA 187 40.48 80.60 -21.19
CA ASP AA 187 41.79 81.22 -20.98
C ASP AA 187 42.33 81.84 -22.25
N VAL AA 188 42.06 81.23 -23.40
CA VAL AA 188 42.58 81.74 -24.66
C VAL AA 188 41.78 82.96 -25.09
N VAL AA 189 42.48 83.99 -25.54
CA VAL AA 189 41.83 85.21 -26.03
C VAL AA 189 42.14 85.51 -27.49
N ASP AA 190 43.25 85.03 -28.05
CA ASP AA 190 43.57 85.26 -29.45
C ASP AA 190 43.96 83.95 -30.12
N ILE AA 191 43.63 83.85 -31.40
CA ILE AA 191 43.96 82.72 -32.26
C ILE AA 191 44.09 83.23 -33.68
N PRO AA 192 45.00 82.70 -34.50
CA PRO AA 192 45.09 83.13 -35.90
C PRO AA 192 43.80 82.85 -36.68
N LYS AA 193 43.49 83.77 -37.61
CA LYS AA 193 42.33 83.60 -38.48
C LYS AA 193 42.47 82.36 -39.35
N MET AA 194 41.33 81.76 -39.67
CA MET AA 194 41.29 80.51 -40.44
C MET AA 194 40.08 80.52 -41.36
N THR AA 195 40.26 79.98 -42.57
CA THR AA 195 39.18 79.84 -43.53
C THR AA 195 38.45 78.50 -43.33
N LYS AA 196 37.14 78.51 -43.59
CA LYS AA 196 36.31 77.34 -43.30
C LYS AA 196 36.72 76.14 -44.15
N VAL AA 197 37.03 76.35 -45.43
CA VAL AA 197 37.41 75.22 -46.28
C VAL AA 197 38.74 74.63 -45.82
N ASP AA 198 39.69 75.47 -45.41
CA ASP AA 198 40.95 74.98 -44.88
C ASP AA 198 40.75 74.23 -43.57
N ALA AA 199 39.83 74.71 -42.73
CA ALA AA 199 39.50 74.00 -41.49
C ALA AA 199 38.92 72.63 -41.77
N GLU AA 200 38.01 72.55 -42.75
CA GLU AA 200 37.42 71.26 -43.12
C GLU AA 200 38.49 70.30 -43.64
N SER AA 201 39.41 70.82 -44.47
CA SER AA 201 40.49 69.98 -44.97
C SER AA 201 41.37 69.46 -43.82
N ARG AA 202 41.73 70.34 -42.89
CA ARG AA 202 42.57 69.92 -41.77
C ARG AA 202 41.86 68.87 -40.90
N VAL AA 203 40.55 69.04 -40.69
CA VAL AA 203 39.81 68.03 -39.93
C VAL AA 203 39.81 66.70 -40.66
N ASN AA 204 39.56 66.73 -41.97
CA ASN AA 204 39.56 65.48 -42.73
C ASN AA 204 40.94 64.83 -42.81
N LYS AA 205 42.02 65.61 -42.66
CA LYS AA 205 43.36 65.03 -42.64
C LYS AA 205 43.69 64.35 -41.33
N GLY AA 206 42.86 64.50 -40.32
CA GLY AA 206 43.06 63.88 -39.03
C GLY AA 206 43.70 64.75 -37.96
N GLU AA 207 43.52 66.06 -38.02
CA GLU AA 207 44.16 66.96 -37.06
C GLU AA 207 43.14 67.57 -36.11
N LEU AA 208 43.53 67.70 -34.86
CA LEU AA 208 42.79 68.44 -33.85
C LEU AA 208 43.22 69.90 -33.91
N ILE AA 209 42.25 70.82 -33.98
CA ILE AA 209 42.51 72.23 -34.22
C ILE AA 209 41.66 73.07 -33.27
N LEU AA 210 42.05 74.33 -33.12
CA LEU AA 210 41.20 75.33 -32.48
C LEU AA 210 40.58 76.21 -33.57
N ILE AA 211 39.37 76.71 -33.32
CA ILE AA 211 38.65 77.49 -34.31
C ILE AA 211 38.07 78.74 -33.66
N LYS AA 212 37.72 79.72 -34.50
CA LYS AA 212 37.16 80.98 -34.05
C LYS AA 212 35.65 80.97 -34.25
N GLU AA 213 34.93 81.38 -33.21
CA GLU AA 213 33.48 81.42 -33.25
C GLU AA 213 33.00 82.53 -32.33
N ALA AA 214 31.77 82.98 -32.56
CA ALA AA 214 31.18 84.04 -31.76
C ALA AA 214 31.26 83.69 -30.28
N GLY AA 215 31.78 84.61 -29.49
CA GLY AA 215 32.13 84.30 -28.12
C GLY AA 215 33.61 83.93 -27.98
N ALA AA 216 33.84 82.74 -27.42
CA ALA AA 216 35.18 82.30 -27.11
C ALA AA 216 35.79 81.47 -28.25
N ILE AA 217 37.00 80.97 -27.98
CA ILE AA 217 37.66 80.03 -28.85
C ILE AA 217 37.35 78.61 -28.39
N ARG AA 218 37.24 77.68 -29.35
CA ARG AA 218 36.79 76.34 -29.00
C ARG AA 218 37.38 75.28 -29.92
N ILE AA 219 37.39 74.04 -29.43
CA ILE AA 219 37.86 72.90 -30.20
C ILE AA 219 36.85 72.57 -31.30
N ALA AA 220 37.36 72.22 -32.48
CA ALA AA 220 36.48 71.92 -33.60
C ALA AA 220 35.78 70.57 -33.46
N ARG AA 221 36.56 69.48 -33.48
CA ARG AA 221 36.01 68.14 -33.50
C ARG AA 221 37.01 67.19 -32.83
N GLY AA 222 36.48 66.31 -31.97
CA GLY AA 222 37.31 65.40 -31.22
C GLY AA 222 37.77 64.22 -32.03
N VAL AA 223 38.68 64.46 -32.97
CA VAL AA 223 39.05 63.46 -33.96
C VAL AA 223 40.46 62.94 -33.70
N ASN AA 224 40.73 61.75 -34.25
CA ASN AA 224 42.01 61.09 -34.12
C ASN AA 224 42.94 61.48 -35.27
N SER AA 225 44.13 60.90 -35.22
CA SER AA 225 45.13 61.04 -36.25
C SER AA 225 44.98 59.91 -37.28
N LEU AA 226 44.12 58.93 -36.99
CA LEU AA 226 43.91 57.82 -37.92
C LEU AA 226 43.19 58.30 -39.17
N THR AA 227 43.73 57.93 -40.33
CA THR AA 227 43.19 58.41 -41.61
C THR AA 227 42.90 57.33 -42.64
N GLU AA 228 43.64 56.22 -42.68
CA GLU AA 228 43.36 55.14 -43.62
C GLU AA 228 42.49 54.08 -42.95
N LEU AA 229 41.31 53.85 -43.52
CA LEU AA 229 40.30 52.96 -42.93
C LEU AA 229 40.25 51.65 -43.70
N THR AA 230 40.32 50.54 -42.98
CA THR AA 230 40.26 49.20 -43.54
C THR AA 230 38.96 48.52 -43.10
N ALA AA 231 38.74 47.32 -43.64
CA ALA AA 231 37.52 46.57 -43.32
C ALA AA 231 37.54 46.08 -41.87
N GLU AA 232 38.69 46.09 -41.21
CA GLU AA 232 38.75 45.79 -39.79
C GLU AA 232 38.63 47.02 -38.91
N LYS AA 233 38.96 48.20 -39.45
CA LYS AA 233 39.02 49.45 -38.70
C LYS AA 233 38.09 50.47 -39.36
N GLY AA 234 36.91 50.65 -38.78
CA GLY AA 234 35.91 51.53 -39.34
C GLY AA 234 36.07 52.97 -38.92
N GLU AA 235 35.10 53.79 -39.31
CA GLU AA 235 35.13 55.21 -39.03
C GLU AA 235 35.01 55.50 -37.53
N MET AA 236 34.36 54.61 -36.77
CA MET AA 236 34.21 54.83 -35.34
C MET AA 236 35.55 54.91 -34.62
N PHE AA 237 36.61 54.32 -35.17
CA PHE AA 237 37.91 54.33 -34.51
C PHE AA 237 38.64 55.66 -34.67
N GLN AA 238 38.07 56.63 -35.38
CA GLN AA 238 38.68 57.95 -35.50
C GLN AA 238 38.23 58.91 -34.40
N LYS AA 239 37.33 58.50 -33.52
CA LYS AA 239 36.78 59.42 -32.52
C LYS AA 239 37.41 59.17 -31.15
N ILE AA 240 37.81 60.27 -30.49
CA ILE AA 240 38.47 60.19 -29.19
C ILE AA 240 37.56 59.52 -28.16
N LYS AA 241 36.29 59.92 -28.13
CA LYS AA 241 35.37 59.40 -27.12
C LYS AA 241 35.22 57.89 -27.21
N ILE AA 242 35.08 57.36 -28.43
CA ILE AA 242 34.92 55.92 -28.62
C ILE AA 242 36.18 55.18 -28.18
N VAL AA 243 37.34 55.66 -28.60
CA VAL AA 243 38.59 55.00 -28.27
C VAL AA 243 38.82 55.00 -26.77
N ASP AA 244 38.49 56.11 -26.10
CA ASP AA 244 38.64 56.18 -24.65
C ASP AA 244 37.74 55.18 -23.94
N THR AA 245 36.49 55.05 -24.39
CA THR AA 245 35.62 54.03 -23.79
C THR AA 245 36.16 52.62 -24.01
N LEU AA 246 36.66 52.34 -25.21
CA LEU AA 246 37.22 51.01 -25.49
C LEU AA 246 38.43 50.72 -24.61
N ASP AA 247 39.28 51.74 -24.39
CA ASP AA 247 40.43 51.55 -23.52
C ASP AA 247 39.99 51.27 -22.08
N ILE AA 248 38.92 51.93 -21.63
CA ILE AA 248 38.48 51.71 -20.26
C ILE AA 248 37.94 50.28 -20.10
N ILE AA 249 37.21 49.79 -21.11
CA ILE AA 249 36.75 48.40 -21.08
C ILE AA 249 37.95 47.45 -21.04
N HIS AA 250 38.96 47.72 -21.87
CA HIS AA 250 40.16 46.90 -21.92
C HIS AA 250 40.81 46.79 -20.55
N SER AA 251 41.03 47.94 -19.89
CA SER AA 251 41.71 47.93 -18.61
C SER AA 251 40.91 47.21 -17.53
N ASP AA 252 39.58 47.41 -17.51
CA ASP AA 252 38.78 46.72 -16.50
C ASP AA 252 38.80 45.20 -16.68
N ILE AA 253 38.62 44.73 -17.92
CA ILE AA 253 38.62 43.28 -18.14
C ILE AA 253 39.99 42.69 -17.82
N ARG AA 254 41.07 43.40 -18.18
CA ARG AA 254 42.40 42.91 -17.85
C ARG AA 254 42.59 42.80 -16.34
N LYS AA 255 42.13 43.79 -15.58
CA LYS AA 255 42.29 43.74 -14.14
C LYS AA 255 41.56 42.54 -13.55
N VAL AA 256 40.34 42.28 -14.03
CA VAL AA 256 39.59 41.13 -13.53
C VAL AA 256 40.34 39.83 -13.82
N ILE AA 257 40.83 39.68 -15.06
CA ILE AA 257 41.51 38.46 -15.45
C ILE AA 257 42.75 38.24 -14.59
N ILE AA 258 43.54 39.30 -14.38
CA ILE AA 258 44.76 39.15 -13.59
C ILE AA 258 44.43 38.81 -12.15
N ASP AA 259 43.46 39.50 -11.57
CA ASP AA 259 43.18 39.34 -10.15
C ASP AA 259 42.66 37.95 -9.83
N ASP AA 260 41.80 37.39 -10.68
CA ASP AA 260 41.03 36.22 -10.27
C ASP AA 260 41.42 34.91 -10.96
N TYR AA 261 42.16 34.93 -12.07
CA TYR AA 261 42.31 33.70 -12.85
C TYR AA 261 43.73 33.30 -13.21
N ILE AA 262 44.61 34.22 -13.56
CA ILE AA 262 45.92 33.86 -14.11
C ILE AA 262 46.73 33.11 -13.05
N GLY AA 263 47.00 31.84 -13.32
CA GLY AA 263 47.76 30.98 -12.43
C GLY AA 263 46.99 30.44 -11.24
N LYS AA 264 45.72 30.82 -11.07
CA LYS AA 264 44.97 30.47 -9.88
C LYS AA 264 44.08 29.25 -10.05
N VAL AA 265 43.64 28.93 -11.27
CA VAL AA 265 42.73 27.82 -11.53
C VAL AA 265 43.29 26.96 -12.65
N THR AA 266 42.91 25.68 -12.61
CA THR AA 266 43.28 24.75 -13.68
C THR AA 266 42.49 25.06 -14.95
N ASN AA 267 43.09 24.77 -16.09
CA ASN AA 267 42.54 25.14 -17.40
C ASN AA 267 41.67 24.02 -17.94
N SER AA 268 40.48 23.84 -17.37
CA SER AA 268 39.50 22.89 -17.87
C SER AA 268 38.33 23.66 -18.45
N TYR AA 269 37.48 22.96 -19.19
CA TYR AA 269 36.34 23.59 -19.84
C TYR AA 269 35.38 24.22 -18.83
N ASP AA 270 35.15 23.55 -17.70
CA ASP AA 270 34.26 24.10 -16.66
C ASP AA 270 34.75 25.45 -16.14
N ASN AA 271 36.05 25.58 -15.89
CA ASN AA 271 36.60 26.85 -15.42
C ASN AA 271 36.55 27.92 -16.51
N LYS AA 272 36.69 27.52 -17.78
CA LYS AA 272 36.47 28.46 -18.87
C LYS AA 272 35.05 29.00 -18.84
N CYS AA 273 34.06 28.13 -18.56
CA CYS AA 273 32.68 28.59 -18.44
C CYS AA 273 32.52 29.58 -17.30
N LEU AA 274 33.18 29.33 -16.16
CA LEU AA 274 33.12 30.28 -15.05
C LEU AA 274 33.68 31.65 -15.45
N LEU AA 275 34.81 31.65 -16.16
CA LEU AA 275 35.37 32.92 -16.64
C LEU AA 275 34.41 33.64 -17.59
N ILE AA 276 33.76 32.88 -18.48
CA ILE AA 276 32.79 33.48 -19.40
C ILE AA 276 31.66 34.15 -18.62
N VAL AA 277 31.18 33.50 -17.56
CA VAL AA 277 30.10 34.08 -16.74
C VAL AA 277 30.57 35.39 -16.09
N ALA AA 278 31.79 35.40 -15.56
CA ALA AA 278 32.30 36.62 -14.92
C ALA AA 278 32.38 37.79 -15.91
N ILE AA 279 32.90 37.53 -17.11
CA ILE AA 279 33.00 38.59 -18.11
C ILE AA 279 31.61 39.08 -18.52
N LYS AA 280 30.66 38.15 -18.68
CA LYS AA 280 29.31 38.54 -19.04
C LYS AA 280 28.70 39.45 -17.97
N SER AA 281 28.92 39.14 -16.69
CA SER AA 281 28.37 39.98 -15.63
C SER AA 281 28.99 41.38 -15.64
N TYR AA 282 30.30 41.47 -15.91
CA TYR AA 282 30.89 42.80 -16.05
C TYR AA 282 30.26 43.58 -17.20
N LEU AA 283 30.01 42.93 -18.33
CA LEU AA 283 29.39 43.62 -19.46
C LEU AA 283 27.96 44.06 -19.12
N GLU AA 284 27.22 43.24 -18.38
CA GLU AA 284 25.88 43.62 -17.95
C GLU AA 284 25.92 44.86 -17.06
N GLU AA 285 26.90 44.92 -16.15
CA GLU AA 285 27.06 46.10 -15.31
C GLU AA 285 27.35 47.34 -16.15
N LEU AA 286 28.18 47.19 -17.20
CA LEU AA 286 28.40 48.29 -18.13
C LEU AA 286 27.09 48.71 -18.81
N GLU AA 287 26.26 47.73 -19.15
CA GLU AA 287 24.98 48.04 -19.78
C GLU AA 287 24.08 48.85 -18.85
N LYS AA 288 24.06 48.51 -17.56
CA LYS AA 288 23.18 49.19 -16.62
C LYS AA 288 23.49 50.68 -16.53
N SER AA 289 24.75 51.06 -16.68
CA SER AA 289 25.17 52.45 -16.61
C SER AA 289 25.01 53.20 -17.93
N ALA AA 290 24.56 52.52 -18.98
CA ALA AA 290 24.36 53.09 -20.31
C ALA AA 290 25.65 53.56 -20.97
N LEU AA 291 26.78 52.91 -20.66
CA LEU AA 291 28.00 53.15 -21.43
C LEU AA 291 27.96 52.42 -22.76
N ILE AA 292 27.31 51.26 -22.80
CA ILE AA 292 27.18 50.45 -24.01
C ILE AA 292 25.71 50.08 -24.20
N GLU AA 293 25.39 49.61 -25.41
CA GLU AA 293 24.03 49.18 -25.72
C GLU AA 293 23.74 47.81 -25.10
N SER AA 294 22.46 47.47 -25.06
CA SER AA 294 21.99 46.24 -24.44
C SER AA 294 22.22 45.04 -25.37
N ASP AA 295 22.03 43.85 -24.81
CA ASP AA 295 22.14 42.58 -25.54
C ASP AA 295 23.56 42.33 -26.06
N SER AA 296 24.54 42.38 -25.15
CA SER AA 296 25.90 41.96 -25.49
C SER AA 296 26.09 40.49 -25.16
N THR AA 297 27.03 39.85 -25.86
CA THR AA 297 27.23 38.40 -25.77
C THR AA 297 28.71 38.07 -25.56
N VAL AA 298 28.97 36.93 -24.92
CA VAL AA 298 30.32 36.37 -24.76
C VAL AA 298 30.24 34.85 -24.88
N GLU AA 299 31.21 34.25 -25.57
CA GLU AA 299 31.23 32.80 -25.73
C GLU AA 299 32.61 32.32 -26.16
N ILE AA 300 32.71 30.99 -26.32
CA ILE AA 300 33.96 30.35 -26.77
C ILE AA 300 34.18 30.66 -28.25
N ASP AA 301 35.42 30.97 -28.61
CA ASP AA 301 35.81 31.19 -30.01
C ASP AA 301 36.18 29.85 -30.63
N PHE AA 302 35.23 29.24 -31.34
CA PHE AA 302 35.38 27.85 -31.79
C PHE AA 302 36.38 27.73 -32.94
N GLU AA 303 36.32 28.66 -33.91
CA GLU AA 303 37.24 28.59 -35.04
C GLU AA 303 38.68 28.75 -34.60
N ALA AA 304 38.94 29.66 -33.65
CA ALA AA 304 40.29 29.84 -33.13
C ALA AA 304 40.79 28.59 -32.41
N GLN AA 305 39.92 27.96 -31.62
CA GLN AA 305 40.30 26.72 -30.95
C GLN AA 305 40.62 25.63 -31.97
N LYS AA 306 39.83 25.54 -33.05
CA LYS AA 306 40.14 24.61 -34.13
C LYS AA 306 41.50 24.88 -34.75
N SER AA 307 41.79 26.15 -35.04
CA SER AA 307 43.06 26.46 -35.69
C SER AA 307 44.24 26.13 -34.79
N TYR AA 308 44.12 26.41 -33.49
CA TYR AA 308 45.18 26.06 -32.56
C TYR AA 308 45.36 24.54 -32.48
N LEU AA 309 44.26 23.79 -32.42
CA LEU AA 309 44.37 22.34 -32.33
C LEU AA 309 44.98 21.75 -33.59
N LYS AA 310 44.62 22.28 -34.75
CA LYS AA 310 45.24 21.84 -35.99
C LYS AA 310 46.73 22.15 -36.00
N SER AA 311 47.10 23.34 -35.51
CA SER AA 311 48.52 23.70 -35.43
C SER AA 311 49.27 22.78 -34.48
N LYS AA 312 48.59 22.22 -33.46
CA LYS AA 312 49.23 21.26 -32.57
C LYS AA 312 49.35 19.87 -33.16
N GLY AA 313 48.75 19.63 -34.33
CA GLY AA 313 48.84 18.33 -34.99
C GLY AA 313 47.70 17.37 -34.74
N VAL AA 314 46.57 17.84 -34.22
CA VAL AA 314 45.43 16.97 -33.92
C VAL AA 314 44.64 16.70 -35.19
N ASP AA 315 44.32 15.44 -35.45
CA ASP AA 315 43.50 15.06 -36.60
C ASP AA 315 42.04 15.35 -36.26
N LEU AA 316 41.50 16.44 -36.80
CA LEU AA 316 40.17 16.91 -36.42
C LEU AA 316 39.04 16.01 -36.94
N SER AA 317 39.27 15.25 -38.01
CA SER AA 317 38.19 14.47 -38.59
C SER AA 317 37.71 13.39 -37.63
N TYR AA 318 36.42 13.05 -37.75
CA TYR AA 318 35.77 12.08 -36.88
C TYR AA 318 35.80 12.53 -35.42
N MET AA 319 35.75 13.85 -35.22
CA MET AA 319 35.59 14.44 -33.90
C MET AA 319 34.32 15.27 -33.90
N THR AA 320 33.45 15.00 -32.94
CA THR AA 320 32.19 15.74 -32.84
C THR AA 320 32.43 17.19 -32.38
N LEU AA 321 31.44 18.04 -32.64
CA LEU AA 321 31.53 19.44 -32.25
C LEU AA 321 31.82 19.59 -30.76
N GLN AA 322 31.15 18.77 -29.94
CA GLN AA 322 31.31 18.88 -28.49
C GLN AA 322 32.73 18.52 -28.05
N GLU AA 323 33.32 17.49 -28.67
CA GLU AA 323 34.69 17.11 -28.34
C GLU AA 323 35.69 18.20 -28.70
N ILE AA 324 35.47 18.90 -29.83
CA ILE AA 324 36.35 19.99 -30.21
C ILE AA 324 36.16 21.17 -29.25
N LYS AA 325 34.92 21.46 -28.86
CA LYS AA 325 34.68 22.59 -27.96
C LYS AA 325 35.36 22.40 -26.61
N GLU AA 326 35.40 21.17 -26.11
CA GLU AA 326 35.87 20.90 -24.75
C GLU AA 326 37.30 20.36 -24.70
N ALA AA 327 38.03 20.36 -25.81
CA ALA AA 327 39.35 19.77 -25.84
C ALA AA 327 40.36 20.58 -25.03
N ASN AA 328 41.39 19.90 -24.54
CA ASN AA 328 42.49 20.54 -23.82
C ASN AA 328 43.26 21.47 -24.74
N THR AA 329 43.65 22.64 -24.22
CA THR AA 329 44.36 23.65 -24.98
C THR AA 329 45.57 24.17 -24.21
N GLY AA 330 46.20 23.30 -23.42
CA GLY AA 330 47.37 23.69 -22.67
C GLY AA 330 47.07 24.78 -21.66
N SER AA 331 47.66 25.96 -21.87
CA SER AA 331 47.42 27.11 -21.02
C SER AA 331 46.54 28.17 -21.67
N LYS AA 332 46.03 27.94 -22.88
CA LYS AA 332 45.35 28.95 -23.68
C LYS AA 332 43.84 28.95 -23.44
N VAL AA 333 43.24 30.13 -23.64
CA VAL AA 333 41.79 30.29 -23.62
C VAL AA 333 41.41 31.19 -24.80
N PHE AA 334 40.45 30.75 -25.61
CA PHE AA 334 39.99 31.51 -26.77
C PHE AA 334 38.53 31.91 -26.58
N LEU AA 335 38.26 33.21 -26.58
CA LEU AA 335 36.92 33.74 -26.36
C LEU AA 335 36.64 34.87 -27.36
N LYS AA 336 35.34 35.14 -27.55
CA LYS AA 336 34.90 36.25 -28.40
C LYS AA 336 33.63 36.87 -27.82
N ALA AA 337 33.35 38.12 -28.22
CA ALA AA 337 32.25 38.89 -27.65
C ALA AA 337 31.75 39.93 -28.65
N LYS AA 338 30.55 40.46 -28.40
CA LYS AA 338 29.97 41.52 -29.21
C LYS AA 338 29.45 42.64 -28.30
N ILE AA 339 29.74 43.90 -28.68
CA ILE AA 339 29.24 45.09 -27.99
C ILE AA 339 28.83 46.12 -29.02
N LYS AA 340 28.10 47.14 -28.57
CA LYS AA 340 27.69 48.26 -29.40
C LYS AA 340 27.81 49.57 -28.62
N VAL AA 341 28.35 50.60 -29.28
CA VAL AA 341 28.53 51.92 -28.67
C VAL AA 341 27.88 52.96 -29.57
N LEU AA 342 27.24 53.96 -28.94
CA LEU AA 342 26.55 55.02 -29.66
C LEU AA 342 27.36 56.31 -29.64
N ASP AA 343 27.07 57.19 -30.60
CA ASP AA 343 27.75 58.47 -30.71
C ASP AA 343 27.00 59.55 -29.94
N ALA AA 344 27.69 60.68 -29.74
CA ALA AA 344 27.10 61.84 -29.10
C ALA AA 344 26.47 62.77 -30.13
N MET AA 345 25.68 63.73 -29.64
CA MET AA 345 25.01 64.71 -30.49
C MET AA 345 26.03 65.76 -30.96
N GLU AA 346 26.21 65.87 -32.27
CA GLU AA 346 27.24 66.75 -32.83
C GLU AA 346 26.69 67.74 -33.84
N ASP AA 347 25.69 67.35 -34.62
CA ASP AA 347 25.16 68.19 -35.68
C ASP AA 347 23.65 68.34 -35.52
N ILE AA 348 23.18 69.58 -35.67
CA ILE AA 348 21.76 69.92 -35.51
C ILE AA 348 21.30 70.72 -36.72
N ASP AA 349 20.16 70.33 -37.28
CA ASP AA 349 19.47 71.09 -38.31
C ASP AA 349 18.11 71.51 -37.77
N LEU AA 350 17.85 72.82 -37.74
CA LEU AA 350 16.54 73.34 -37.33
C LEU AA 350 16.04 74.32 -38.37
N SER AA 351 14.99 73.94 -39.08
CA SER AA 351 14.38 74.75 -40.13
C SER AA 351 13.15 75.45 -39.57
N ILE AA 352 13.15 76.78 -39.61
CA ILE AA 352 12.09 77.59 -39.01
C ILE AA 352 11.36 78.30 -40.15
N GLU AA 353 10.04 78.16 -40.16
CA GLU AA 353 9.17 78.81 -41.15
C GLU AA 353 8.50 80.00 -40.47
N ILE AA 354 8.45 81.13 -41.17
CA ILE AA 354 7.91 82.34 -40.57
C ILE AA 354 6.61 82.74 -41.25
N ASN BA 3 35.76 -26.54 -31.35
CA ASN BA 3 36.75 -26.01 -30.42
C ASN BA 3 36.22 -25.95 -28.99
N MET BA 4 34.96 -26.33 -28.78
CA MET BA 4 34.41 -26.39 -27.43
C MET BA 4 34.41 -27.83 -26.95
N GLU BA 5 35.12 -28.09 -25.85
CA GLU BA 5 35.20 -29.42 -25.27
C GLU BA 5 34.73 -29.37 -23.82
N ALA BA 6 34.21 -30.50 -23.35
CA ALA BA 6 33.75 -30.61 -21.98
C ALA BA 6 34.85 -30.32 -20.95
N ARG BA 7 36.09 -30.67 -21.26
CA ARG BA 7 37.20 -30.41 -20.35
C ARG BA 7 37.47 -28.92 -20.14
N ASN BA 8 36.99 -28.06 -21.04
CA ASN BA 8 37.26 -26.62 -20.95
C ASN BA 8 36.42 -25.91 -19.89
N VAL BA 9 35.35 -26.53 -19.39
CA VAL BA 9 34.49 -25.88 -18.41
C VAL BA 9 35.24 -25.72 -17.09
N MET BA 10 35.19 -24.51 -16.51
CA MET BA 10 35.95 -24.23 -15.31
C MET BA 10 35.31 -24.86 -14.08
N SER BA 11 36.12 -25.56 -13.29
CA SER BA 11 35.67 -26.17 -12.05
C SER BA 11 35.92 -25.22 -10.86
N GLY BA 12 34.90 -25.09 -10.00
CA GLY BA 12 35.00 -24.23 -8.84
C GLY BA 12 36.01 -24.65 -7.79
N THR BA 13 36.46 -25.90 -7.80
CA THR BA 13 37.52 -26.34 -6.89
C THR BA 13 38.84 -25.61 -7.15
N TRP BA 14 39.04 -25.06 -8.35
CA TRP BA 14 40.26 -24.34 -8.68
C TRP BA 14 40.14 -22.83 -8.42
N GLY BA 15 39.31 -22.43 -7.46
CA GLY BA 15 39.19 -21.02 -7.09
C GLY BA 15 40.06 -20.64 -5.91
N GLU BA 16 40.51 -19.38 -5.90
CA GLU BA 16 41.30 -18.82 -4.81
C GLU BA 16 40.79 -17.42 -4.49
N LEU BA 17 41.00 -16.98 -3.25
CA LEU BA 17 40.46 -15.72 -2.76
C LEU BA 17 41.41 -15.03 -1.79
N TRP BA 18 41.62 -13.74 -2.01
CA TRP BA 18 42.32 -12.85 -1.06
C TRP BA 18 41.33 -11.82 -0.53
N LEU BA 19 41.38 -11.56 0.77
CA LEU BA 19 40.53 -10.57 1.41
C LEU BA 19 41.39 -9.69 2.31
N ASP BA 20 41.34 -8.37 2.07
CA ASP BA 20 42.15 -7.40 2.83
C ASP BA 20 43.64 -7.73 2.73
N GLY BA 21 44.04 -8.30 1.59
CA GLY BA 21 45.43 -8.67 1.35
C GLY BA 21 45.84 -10.03 1.86
N ASN BA 22 44.96 -10.79 2.52
CA ASN BA 22 45.29 -12.07 3.12
C ASN BA 22 44.57 -13.21 2.40
N LYS BA 23 45.29 -14.31 2.19
CA LYS BA 23 44.71 -15.48 1.54
C LYS BA 23 43.66 -16.14 2.45
N VAL BA 24 42.57 -16.62 1.85
CA VAL BA 24 41.50 -17.28 2.59
C VAL BA 24 41.46 -18.76 2.20
N ALA BA 25 42.21 -19.58 2.94
CA ALA BA 25 42.33 -20.99 2.61
C ALA BA 25 41.05 -21.78 2.83
N GLU BA 26 40.11 -21.25 3.61
CA GLU BA 26 38.93 -22.01 4.03
C GLU BA 26 37.69 -21.60 3.23
N VAL BA 27 37.91 -21.03 2.05
CA VAL BA 27 36.84 -20.48 1.22
C VAL BA 27 36.05 -21.64 0.60
N LYS BA 28 34.72 -21.54 0.62
CA LYS BA 28 33.82 -22.51 0.01
C LYS BA 28 33.16 -21.99 -1.26
N LYS BA 29 32.76 -20.72 -1.31
CA LYS BA 29 32.24 -20.14 -2.54
C LYS BA 29 32.40 -18.63 -2.53
N PHE BA 30 32.39 -18.04 -3.72
CA PHE BA 30 32.50 -16.60 -3.91
C PHE BA 30 31.65 -16.17 -5.10
N GLN BA 31 30.91 -15.09 -4.89
CA GLN BA 31 29.99 -14.59 -5.91
C GLN BA 31 29.98 -13.06 -5.88
N ALA BA 32 29.90 -12.45 -7.06
CA ALA BA 32 29.84 -11.00 -7.19
C ALA BA 32 29.15 -10.65 -8.51
N LYS BA 33 28.14 -9.79 -8.45
CA LYS BA 33 27.31 -9.52 -9.61
C LYS BA 33 26.83 -8.07 -9.57
N MET BA 34 26.75 -7.45 -10.74
CA MET BA 34 26.24 -6.09 -10.90
C MET BA 34 24.81 -6.15 -11.45
N GLU BA 35 23.86 -5.68 -10.66
CA GLU BA 35 22.44 -5.70 -11.01
C GLU BA 35 22.03 -4.33 -11.54
N PHE BA 36 21.64 -4.27 -12.81
CA PHE BA 36 21.39 -2.98 -13.45
C PHE BA 36 20.03 -2.42 -13.03
N THR BA 37 19.98 -1.11 -12.85
CA THR BA 37 18.72 -0.38 -12.66
C THR BA 37 18.22 0.07 -14.03
N LYS BA 38 17.05 -0.44 -14.42
CA LYS BA 38 16.44 -0.14 -15.70
C LYS BA 38 15.01 0.35 -15.49
N GLU BA 39 14.60 1.36 -16.24
CA GLU BA 39 13.29 1.96 -16.06
C GLU BA 39 12.56 1.98 -17.41
N ASP BA 40 11.28 1.61 -17.41
CA ASP BA 40 10.51 1.48 -18.63
C ASP BA 40 10.25 2.84 -19.29
N ILE BA 41 10.29 2.87 -20.62
CA ILE BA 41 9.97 4.07 -21.39
C ILE BA 41 9.14 3.65 -22.61
N ILE BA 42 7.89 4.12 -22.66
CA ILE BA 42 6.99 3.85 -23.77
C ILE BA 42 7.12 4.97 -24.79
N ILE BA 43 7.44 4.62 -26.03
CA ILE BA 43 7.62 5.58 -27.12
C ILE BA 43 6.35 5.62 -27.95
N ALA BA 44 5.87 6.83 -28.23
CA ALA BA 44 4.67 6.99 -29.05
C ALA BA 44 4.86 6.34 -30.42
N GLY BA 45 3.90 5.53 -30.83
CA GLY BA 45 3.94 4.82 -32.09
C GLY BA 45 4.68 3.50 -32.10
N GLN BA 46 5.19 3.03 -30.97
CA GLN BA 46 5.95 1.78 -30.91
C GLN BA 46 5.29 0.83 -29.91
N MET BA 47 4.98 -0.38 -30.37
CA MET BA 47 4.26 -1.36 -29.53
C MET BA 47 5.14 -1.97 -28.45
N GLY BA 48 6.43 -2.20 -28.73
CA GLY BA 48 7.32 -2.76 -27.74
C GLY BA 48 7.94 -1.72 -26.82
N THR BA 49 7.71 -1.84 -25.52
CA THR BA 49 8.25 -0.85 -24.58
C THR BA 49 9.74 -1.07 -24.36
N ASP BA 50 10.50 0.03 -24.40
CA ASP BA 50 11.95 0.05 -24.28
C ASP BA 50 12.35 0.42 -22.85
N THR BA 51 13.66 0.47 -22.59
CA THR BA 51 14.22 0.75 -21.27
C THR BA 51 15.36 1.75 -21.36
N LYS BA 52 15.60 2.47 -20.26
CA LYS BA 52 16.73 3.36 -20.11
C LYS BA 52 17.60 2.89 -18.95
N TYR BA 53 18.90 2.76 -19.20
CA TYR BA 53 19.84 2.33 -18.18
C TYR BA 53 20.20 3.49 -17.26
N MET BA 54 20.02 3.29 -15.94
CA MET BA 54 20.27 4.33 -14.94
C MET BA 54 21.46 4.08 -14.02
N GLY BA 55 22.00 2.88 -13.94
CA GLY BA 55 23.07 2.59 -13.02
C GLY BA 55 23.03 1.13 -12.59
N TYR BA 56 23.79 0.83 -11.53
CA TYR BA 56 23.87 -0.55 -11.06
C TYR BA 56 24.12 -0.60 -9.55
N LYS BA 57 23.81 -1.76 -8.97
CA LYS BA 57 24.08 -2.06 -7.57
C LYS BA 57 24.88 -3.36 -7.49
N GLY BA 58 26.04 -3.31 -6.85
CA GLY BA 58 26.90 -4.47 -6.71
C GLY BA 58 26.52 -5.30 -5.50
N LYS BA 59 26.29 -6.60 -5.73
CA LYS BA 59 25.91 -7.54 -4.68
C LYS BA 59 26.75 -8.81 -4.77
N GLY BA 60 27.08 -9.38 -3.61
CA GLY BA 60 27.93 -10.55 -3.54
C GLY BA 60 27.80 -11.27 -2.21
N SER BA 61 28.53 -12.38 -2.09
CA SER BA 61 28.53 -13.21 -0.89
C SER BA 61 29.78 -14.08 -0.84
N ILE BA 62 30.18 -14.44 0.37
CA ILE BA 62 31.28 -15.35 0.65
C ILE BA 62 30.79 -16.41 1.64
N THR BA 63 31.14 -17.66 1.40
CA THR BA 63 30.89 -18.75 2.35
C THR BA 63 32.23 -19.35 2.77
N LEU BA 64 32.41 -19.58 4.07
CA LEU BA 64 33.63 -20.17 4.61
C LEU BA 64 33.30 -21.33 5.53
N TYR BA 65 34.20 -22.31 5.57
CA TYR BA 65 34.22 -23.25 6.69
C TYR BA 65 34.67 -22.52 7.95
N HIS BA 66 34.07 -22.87 9.07
CA HIS BA 66 34.36 -22.20 10.35
C HIS BA 66 35.60 -22.82 10.98
N VAL BA 67 36.76 -22.18 10.78
CA VAL BA 67 38.01 -22.65 11.36
C VAL BA 67 38.63 -21.60 12.28
N SER BA 68 38.19 -20.34 12.15
CA SER BA 68 38.79 -19.25 12.92
C SER BA 68 37.77 -18.12 13.06
N SER BA 69 38.18 -17.06 13.75
CA SER BA 69 37.35 -15.86 13.95
C SER BA 69 37.76 -14.74 13.00
N ARG BA 70 37.76 -15.01 11.70
CA ARG BA 70 38.22 -14.03 10.71
C ARG BA 70 37.32 -12.79 10.67
N MET BA 71 36.01 -12.99 10.51
CA MET BA 71 35.09 -11.86 10.36
C MET BA 71 34.98 -11.05 11.64
N HIS BA 72 34.96 -11.74 12.80
CA HIS BA 72 34.92 -11.04 14.08
C HIS BA 72 36.05 -10.02 14.17
N LYS BA 73 37.29 -10.47 13.91
CA LYS BA 73 38.42 -9.57 13.98
C LYS BA 73 38.35 -8.48 12.92
N LEU BA 74 37.82 -8.79 11.73
CA LEU BA 74 37.79 -7.77 10.68
C LEU BA 74 36.84 -6.61 11.06
N ILE BA 75 35.66 -6.90 11.60
CA ILE BA 75 34.69 -5.80 11.69
C ILE BA 75 34.01 -5.57 13.05
N GLY BA 76 34.13 -6.50 14.00
CA GLY BA 76 33.26 -6.48 15.16
C GLY BA 76 33.37 -5.22 16.00
N GLU BA 77 34.60 -4.88 16.43
CA GLU BA 77 34.77 -3.74 17.32
C GLU BA 77 34.47 -2.42 16.63
N LYS BA 78 34.86 -2.29 15.36
CA LYS BA 78 34.63 -1.05 14.63
C LYS BA 78 33.14 -0.79 14.37
N ILE BA 79 32.36 -1.84 14.08
CA ILE BA 79 30.95 -1.65 13.77
C ILE BA 79 30.21 -1.08 14.99
N LYS BA 80 30.53 -1.57 16.19
CA LYS BA 80 29.86 -1.09 17.39
C LYS BA 80 30.14 0.38 17.66
N ARG BA 81 31.32 0.87 17.26
CA ARG BA 81 31.68 2.26 17.51
C ARG BA 81 31.16 3.22 16.44
N GLY BA 82 30.56 2.72 15.37
CA GLY BA 82 30.05 3.57 14.32
C GLY BA 82 31.01 3.90 13.19
N SER BA 83 32.18 3.26 13.13
CA SER BA 83 33.11 3.44 12.03
C SER BA 83 33.07 2.19 11.17
N GLU BA 84 32.60 2.33 9.94
CA GLU BA 84 32.41 1.20 9.03
C GLU BA 84 33.62 1.01 8.14
N PRO BA 85 34.29 -0.14 8.18
CA PRO BA 85 35.43 -0.40 7.30
C PRO BA 85 35.02 -0.90 5.92
N ARG BA 86 35.89 -0.65 4.95
CA ARG BA 86 35.72 -1.07 3.56
C ARG BA 86 36.92 -1.89 3.11
N PHE BA 87 36.70 -2.83 2.20
CA PHE BA 87 37.71 -3.83 1.87
C PHE BA 87 37.86 -4.03 0.36
N VAL BA 88 38.93 -4.72 -0.01
CA VAL BA 88 39.22 -5.15 -1.37
C VAL BA 88 39.36 -6.67 -1.39
N ALA BA 89 38.72 -7.33 -2.34
CA ALA BA 89 38.84 -8.77 -2.53
C ALA BA 89 39.33 -9.08 -3.93
N ILE BA 90 40.14 -10.13 -4.05
CA ILE BA 90 40.66 -10.59 -5.34
C ILE BA 90 40.29 -12.07 -5.50
N SER BA 91 39.53 -12.39 -6.55
CA SER BA 91 39.16 -13.77 -6.83
C SER BA 91 39.88 -14.25 -8.09
N LYS BA 92 40.44 -15.45 -8.01
CA LYS BA 92 41.16 -16.07 -9.12
C LYS BA 92 40.57 -17.44 -9.41
N LEU BA 93 40.36 -17.73 -10.69
CA LEU BA 93 39.87 -19.02 -11.17
C LEU BA 93 40.85 -19.52 -12.22
N ASN BA 94 41.61 -20.57 -11.89
CA ASN BA 94 42.67 -21.06 -12.78
C ASN BA 94 42.58 -22.58 -12.88
N ASP BA 95 41.72 -23.07 -13.76
CA ASP BA 95 41.57 -24.50 -14.01
C ASP BA 95 42.64 -24.95 -15.00
N PRO BA 96 43.46 -25.95 -14.67
CA PRO BA 96 44.54 -26.36 -15.58
C PRO BA 96 44.06 -26.82 -16.95
N ASP BA 97 42.83 -27.32 -17.07
CA ASP BA 97 42.31 -27.77 -18.36
C ASP BA 97 41.54 -26.70 -19.12
N SER BA 98 41.43 -25.48 -18.59
CA SER BA 98 40.74 -24.40 -19.27
C SER BA 98 41.69 -23.61 -20.16
N TYR BA 99 41.13 -22.69 -20.96
CA TYR BA 99 41.93 -21.87 -21.87
C TYR BA 99 42.91 -20.98 -21.10
N GLY BA 100 42.46 -20.36 -20.03
CA GLY BA 100 43.30 -19.46 -19.27
C GLY BA 100 42.76 -19.20 -17.88
N ALA BA 101 43.21 -18.11 -17.27
CA ALA BA 101 42.79 -17.74 -15.92
C ALA BA 101 41.92 -16.50 -15.95
N GLU BA 102 41.06 -16.38 -14.94
CA GLU BA 102 40.18 -15.24 -14.76
C GLU BA 102 40.40 -14.67 -13.36
N ARG BA 103 40.93 -13.45 -13.27
CA ARG BA 103 41.26 -12.81 -12.01
C ARG BA 103 40.60 -11.44 -11.97
N ILE BA 104 39.88 -11.15 -10.89
CA ILE BA 104 39.10 -9.91 -10.78
C ILE BA 104 39.24 -9.35 -9.38
N ALA BA 105 39.47 -8.04 -9.29
CA ALA BA 105 39.49 -7.32 -8.02
C ALA BA 105 38.13 -6.65 -7.80
N VAL BA 106 37.54 -6.88 -6.63
CA VAL BA 106 36.27 -6.28 -6.23
C VAL BA 106 36.57 -5.29 -5.11
N LYS BA 107 36.15 -4.04 -5.27
CA LYS BA 107 36.60 -2.96 -4.40
C LYS BA 107 35.45 -2.24 -3.70
N ASN BA 108 35.79 -1.53 -2.61
CA ASN BA 108 34.85 -0.79 -1.77
C ASN BA 108 33.76 -1.72 -1.23
N ILE BA 109 34.17 -2.85 -0.66
CA ILE BA 109 33.25 -3.87 -0.16
C ILE BA 109 32.78 -3.48 1.23
N ALA BA 110 31.46 -3.51 1.44
CA ALA BA 110 30.85 -3.35 2.76
C ALA BA 110 29.98 -4.56 3.06
N PHE BA 111 30.28 -5.23 4.18
CA PHE BA 111 29.54 -6.43 4.55
C PHE BA 111 28.15 -6.10 5.09
N ASP BA 112 27.24 -7.06 4.96
CA ASP BA 112 25.84 -6.84 5.31
C ASP BA 112 25.51 -7.17 6.76
N ASP BA 113 26.32 -7.99 7.42
CA ASP BA 113 26.00 -8.48 8.77
C ASP BA 113 27.26 -9.03 9.42
N LEU BA 114 27.10 -9.61 10.61
CA LEU BA 114 28.17 -10.30 11.31
C LEU BA 114 27.59 -11.45 12.15
N THR BA 115 28.03 -12.67 11.89
CA THR BA 115 27.61 -13.84 12.64
C THR BA 115 28.52 -13.99 13.86
N LEU BA 116 27.92 -13.87 15.05
CA LEU BA 116 28.67 -14.09 16.28
C LEU BA 116 28.75 -15.58 16.63
N ALA BA 117 27.63 -16.29 16.53
CA ALA BA 117 27.62 -17.73 16.76
C ALA BA 117 26.49 -18.36 15.95
N ASP BA 118 26.76 -19.54 15.39
CA ASP BA 118 25.72 -20.34 14.73
C ASP BA 118 26.17 -21.80 14.79
N TRP BA 119 25.75 -22.54 15.80
CA TRP BA 119 26.15 -23.93 15.91
C TRP BA 119 24.97 -24.82 16.30
N GLU BA 120 25.06 -26.07 15.88
CA GLU BA 120 24.05 -27.10 16.14
C GLU BA 120 24.77 -28.43 16.36
N VAL BA 121 24.30 -29.19 17.35
CA VAL BA 121 24.91 -30.49 17.64
C VAL BA 121 24.78 -31.41 16.43
N GLY BA 122 25.88 -32.07 16.07
CA GLY BA 122 25.90 -32.97 14.93
C GLY BA 122 26.04 -32.31 13.57
N VAL BA 123 26.30 -31.00 13.50
CA VAL BA 123 26.41 -30.26 12.25
C VAL BA 123 27.73 -29.52 12.24
N LYS BA 124 28.46 -29.60 11.12
CA LYS BA 124 29.72 -28.88 10.98
C LYS BA 124 29.48 -27.40 10.70
N GLY BA 125 30.39 -26.57 11.19
CA GLY BA 125 30.19 -25.12 11.15
C GLY BA 125 30.53 -24.50 9.80
N GLU BA 126 29.69 -23.55 9.38
CA GLU BA 126 29.87 -22.79 8.16
C GLU BA 126 29.41 -21.35 8.41
N ILE BA 127 29.95 -20.41 7.63
CA ILE BA 127 29.62 -18.99 7.75
C ILE BA 127 29.31 -18.40 6.38
N GLU BA 128 28.18 -17.72 6.28
CA GLU BA 128 27.76 -17.04 5.06
C GLU BA 128 27.74 -15.54 5.29
N ALA BA 129 28.49 -14.79 4.47
CA ALA BA 129 28.71 -13.36 4.66
C ALA BA 129 28.35 -12.57 3.39
N PRO BA 130 27.12 -12.07 3.27
CA PRO BA 130 26.76 -11.23 2.13
C PRO BA 130 27.37 -9.83 2.23
N PHE BA 131 27.51 -9.17 1.07
CA PHE BA 131 28.12 -7.85 1.02
C PHE BA 131 27.62 -7.08 -0.20
N THR BA 132 27.97 -5.79 -0.25
CA THR BA 132 27.76 -4.91 -1.39
C THR BA 132 29.09 -4.27 -1.78
N PHE BA 133 29.15 -3.74 -3.01
CA PHE BA 133 30.39 -3.17 -3.55
C PHE BA 133 30.05 -2.21 -4.69
N THR BA 134 31.04 -1.36 -5.06
CA THR BA 134 30.75 -0.37 -6.09
C THR BA 134 31.73 -0.36 -7.27
N GLU BA 135 32.93 -0.93 -7.14
CA GLU BA 135 33.95 -0.85 -8.19
C GLU BA 135 34.60 -2.21 -8.43
N TYR BA 136 35.30 -2.34 -9.57
CA TYR BA 136 36.01 -3.56 -9.91
C TYR BA 136 37.09 -3.28 -10.97
N ASP BA 137 38.01 -4.24 -11.12
CA ASP BA 137 39.06 -4.18 -12.12
C ASP BA 137 39.33 -5.57 -12.70
N PHE BA 138 39.59 -5.61 -14.00
CA PHE BA 138 39.92 -6.85 -14.71
C PHE BA 138 41.44 -7.01 -14.74
N LEU BA 139 41.93 -8.08 -14.13
CA LEU BA 139 43.32 -8.53 -14.32
C LEU BA 139 43.27 -9.96 -14.84
N ASP BA 140 43.78 -10.19 -16.06
CA ASP BA 140 43.76 -11.54 -16.66
C ASP BA 140 42.33 -12.03 -16.87
N ILE BA 141 41.68 -11.49 -17.87
CA ILE BA 141 40.47 -12.11 -18.40
C ILE BA 141 40.85 -13.06 -19.53
N ILE BA 142 39.92 -13.94 -19.88
CA ILE BA 142 40.15 -14.94 -20.92
C ILE BA 142 39.57 -14.46 -22.26
N ASN CA 3 15.28 8.19 -34.87
CA ASN CA 3 16.05 9.27 -34.23
C ASN CA 3 15.80 9.29 -32.71
N MET CA 4 14.54 9.16 -32.30
CA MET CA 4 14.21 9.15 -30.88
C MET CA 4 14.26 7.73 -30.34
N GLU CA 5 15.15 7.49 -29.38
CA GLU CA 5 15.31 6.19 -28.75
C GLU CA 5 15.40 6.42 -27.25
N ALA CA 6 15.03 5.40 -26.48
CA ALA CA 6 15.02 5.49 -25.02
C ALA CA 6 16.38 5.90 -24.44
N ARG CA 7 17.49 5.52 -25.07
CA ARG CA 7 18.80 5.90 -24.53
C ARG CA 7 19.05 7.40 -24.55
N ASN CA 8 18.35 8.16 -25.38
CA ASN CA 8 18.56 9.61 -25.47
C ASN CA 8 17.99 10.38 -24.28
N VAL CA 9 17.11 9.78 -23.48
CA VAL CA 9 16.53 10.49 -22.33
C VAL CA 9 17.62 10.78 -21.31
N MET CA 10 17.67 12.02 -20.83
CA MET CA 10 18.74 12.44 -19.94
C MET CA 10 18.52 11.94 -18.52
N SER CA 11 19.53 11.27 -17.97
CA SER CA 11 19.49 10.80 -16.59
C SER CA 11 20.02 11.87 -15.63
N GLY CA 12 19.34 12.02 -14.50
CA GLY CA 12 19.74 12.97 -13.47
C GLY CA 12 21.03 12.66 -12.74
N THR CA 13 21.50 11.42 -12.79
CA THR CA 13 22.78 11.08 -12.16
C THR CA 13 23.96 11.78 -12.84
N TRP CA 14 23.79 12.25 -14.08
CA TRP CA 14 24.84 12.95 -14.81
C TRP CA 14 24.76 14.47 -14.64
N GLY CA 15 24.13 14.95 -13.57
CA GLY CA 15 24.06 16.37 -13.29
C GLY CA 15 25.20 16.85 -12.40
N GLU CA 16 25.57 18.11 -12.57
CA GLU CA 16 26.62 18.75 -11.78
C GLU CA 16 26.23 20.19 -11.49
N LEU CA 17 26.75 20.73 -10.38
CA LEU CA 17 26.34 22.04 -9.88
C LEU CA 17 27.52 22.83 -9.33
N TRP CA 18 27.60 24.10 -9.71
CA TRP CA 18 28.52 25.07 -9.12
C TRP CA 18 27.72 26.16 -8.43
N LEU CA 19 28.11 26.52 -7.21
CA LEU CA 19 27.45 27.58 -6.44
C LEU CA 19 28.48 28.58 -5.94
N ASP CA 20 28.32 29.84 -6.34
CA ASP CA 20 29.23 30.91 -5.98
C ASP CA 20 30.68 30.58 -6.38
N GLY CA 21 30.82 29.90 -7.52
CA GLY CA 21 32.12 29.51 -8.04
C GLY CA 21 32.70 28.21 -7.53
N ASN CA 22 32.07 27.57 -6.54
CA ASN CA 22 32.60 26.36 -5.92
C ASN CA 22 31.72 25.17 -6.26
N LYS CA 23 32.35 24.06 -6.65
CA LYS CA 23 31.61 22.86 -7.04
C LYS CA 23 30.96 22.21 -5.82
N VAL CA 24 29.75 21.69 -6.00
CA VAL CA 24 28.97 21.09 -4.92
C VAL CA 24 28.85 19.59 -5.19
N ALA CA 25 29.78 18.83 -4.65
CA ALA CA 25 29.83 17.38 -4.92
C ALA CA 25 28.70 16.61 -4.25
N GLU CA 26 28.00 17.20 -3.29
CA GLU CA 26 27.01 16.48 -2.48
C GLU CA 26 25.58 16.79 -2.93
N VAL CA 27 25.43 17.31 -4.14
CA VAL CA 27 24.14 17.74 -4.66
C VAL CA 27 23.26 16.51 -4.92
N LYS CA 28 21.99 16.59 -4.53
CA LYS CA 28 20.98 15.58 -4.80
C LYS CA 28 20.02 15.96 -5.92
N LYS CA 29 19.53 17.21 -5.95
CA LYS CA 29 18.68 17.65 -7.04
C LYS CA 29 18.75 19.17 -7.18
N PHE CA 30 18.38 19.66 -8.37
CA PHE CA 30 18.41 21.08 -8.70
C PHE CA 30 17.21 21.42 -9.58
N GLN CA 31 16.55 22.53 -9.25
CA GLN CA 31 15.34 22.97 -9.94
C GLN CA 31 15.43 24.47 -10.19
N ALA CA 32 14.95 24.90 -11.36
CA ALA CA 32 14.82 26.34 -11.65
C ALA CA 32 13.79 26.52 -12.75
N LYS CA 33 12.83 27.42 -12.52
CA LYS CA 33 11.67 27.55 -13.39
C LYS CA 33 11.14 28.98 -13.32
N MET CA 34 10.66 29.47 -14.46
CA MET CA 34 10.07 30.80 -14.59
C MET CA 34 8.55 30.71 -14.69
N GLU CA 35 7.85 31.24 -13.70
CA GLU CA 35 6.39 31.25 -13.67
C GLU CA 35 5.87 32.56 -14.25
N PHE CA 36 5.08 32.49 -15.31
CA PHE CA 36 4.59 33.69 -15.98
C PHE CA 36 3.38 34.27 -15.26
N THR CA 37 3.28 35.60 -15.28
CA THR CA 37 2.12 36.32 -14.76
C THR CA 37 1.20 36.66 -15.93
N LYS CA 38 -0.03 36.16 -15.89
CA LYS CA 38 -1.00 36.33 -16.97
C LYS CA 38 -2.31 36.88 -16.42
N GLU CA 39 -2.88 37.86 -17.13
CA GLU CA 39 -4.15 38.47 -16.74
C GLU CA 39 -5.21 38.19 -17.80
N ASP CA 40 -6.39 37.77 -17.35
CA ASP CA 40 -7.50 37.48 -18.26
C ASP CA 40 -8.01 38.76 -18.93
N ILE CA 41 -8.38 38.64 -20.19
CA ILE CA 41 -8.94 39.75 -20.97
C ILE CA 41 -10.07 39.19 -21.84
N ILE CA 42 -11.27 39.72 -21.67
CA ILE CA 42 -12.43 39.31 -22.45
C ILE CA 42 -12.68 40.34 -23.54
N ILE CA 43 -12.70 39.90 -24.79
CA ILE CA 43 -12.91 40.76 -25.95
C ILE CA 43 -14.38 40.70 -26.35
N ALA CA 44 -14.97 41.88 -26.60
CA ALA CA 44 -16.35 41.94 -27.05
C ALA CA 44 -16.52 41.19 -28.37
N GLY CA 45 -17.54 40.35 -28.40
CA GLY CA 45 -17.83 39.53 -29.57
C GLY CA 45 -17.09 38.20 -29.65
N GLN CA 46 -16.30 37.84 -28.64
CA GLN CA 46 -15.50 36.61 -28.67
C GLN CA 46 -15.83 35.76 -27.45
N MET CA 47 -16.16 34.50 -27.69
CA MET CA 47 -16.53 33.58 -26.61
C MET CA 47 -15.30 33.10 -25.81
N GLY CA 48 -14.16 32.89 -26.47
CA GLY CA 48 -12.97 32.45 -25.79
C GLY CA 48 -12.18 33.58 -25.13
N THR CA 49 -11.98 33.51 -23.82
CA THR CA 49 -11.22 34.54 -23.11
C THR CA 49 -9.72 34.37 -23.35
N ASP CA 50 -9.06 35.48 -23.66
CA ASP CA 50 -7.63 35.53 -23.95
C ASP CA 50 -6.85 36.07 -22.74
N THR CA 51 -5.53 36.16 -22.89
CA THR CA 51 -4.65 36.58 -21.81
C THR CA 51 -3.58 37.55 -22.32
N LYS CA 52 -3.08 38.37 -21.40
CA LYS CA 52 -1.99 39.29 -21.66
C LYS CA 52 -0.81 38.94 -20.76
N TYR CA 53 0.36 38.74 -21.36
CA TYR CA 53 1.58 38.44 -20.61
C TYR CA 53 2.11 39.70 -19.93
N MET CA 54 2.43 39.59 -18.64
CA MET CA 54 2.87 40.75 -17.85
C MET CA 54 4.26 40.63 -17.24
N GLY CA 55 4.85 39.44 -17.16
CA GLY CA 55 6.14 39.28 -16.52
C GLY CA 55 6.31 37.86 -16.01
N TYR CA 56 7.35 37.66 -15.20
CA TYR CA 56 7.65 36.33 -14.67
C TYR CA 56 8.32 36.43 -13.30
N LYS CA 57 8.18 35.33 -12.55
CA LYS CA 57 8.84 35.15 -11.25
C LYS CA 57 9.64 33.86 -11.27
N GLY CA 58 10.94 33.97 -11.01
CA GLY CA 58 11.83 32.81 -11.01
C GLY CA 58 11.85 32.14 -9.65
N LYS CA 59 11.63 30.83 -9.66
CA LYS CA 59 11.60 30.01 -8.44
C LYS CA 59 12.42 28.75 -8.66
N GLY CA 60 13.06 28.27 -7.59
CA GLY CA 60 13.90 27.09 -7.67
C GLY CA 60 14.21 26.52 -6.30
N SER CA 61 14.99 25.43 -6.29
CA SER CA 61 15.46 24.84 -5.05
C SER CA 61 16.62 23.89 -5.29
N ILE CA 62 17.40 23.66 -4.23
CA ILE CA 62 18.53 22.75 -4.21
C ILE CA 62 18.36 21.80 -3.03
N THR CA 63 18.66 20.52 -3.24
CA THR CA 63 18.71 19.55 -2.15
C THR CA 63 20.11 18.96 -2.09
N LEU CA 64 20.68 18.89 -0.88
CA LEU CA 64 22.02 18.34 -0.67
C LEU CA 64 22.01 17.30 0.43
N TYR CA 65 22.89 16.31 0.30
CA TYR CA 65 23.26 15.49 1.45
C TYR CA 65 24.04 16.35 2.45
N HIS CA 66 23.80 16.12 3.74
CA HIS CA 66 24.41 16.93 4.79
C HIS CA 66 25.80 16.38 5.14
N VAL CA 67 26.84 17.01 4.58
CA VAL CA 67 28.21 16.58 4.82
C VAL CA 67 29.03 17.69 5.46
N SER CA 68 28.55 18.94 5.38
CA SER CA 68 29.28 20.08 5.92
C SER CA 68 28.32 21.24 6.17
N SER CA 69 28.87 22.36 6.65
CA SER CA 69 28.09 23.56 6.95
C SER CA 69 28.19 24.60 5.83
N ARG CA 70 27.83 24.19 4.61
CA ARG CA 70 27.99 25.08 3.45
C ARG CA 70 27.10 26.31 3.54
N MET CA 71 25.79 26.11 3.73
CA MET CA 71 24.86 27.23 3.73
C MET CA 71 25.05 28.13 4.94
N HIS CA 72 25.40 27.55 6.10
CA HIS CA 72 25.71 28.35 7.28
C HIS CA 72 26.79 29.39 6.94
N LYS CA 73 27.90 28.93 6.37
CA LYS CA 73 28.99 29.83 6.02
C LYS CA 73 28.59 30.81 4.92
N LEU CA 74 27.73 30.39 3.99
CA LEU CA 74 27.35 31.29 2.90
C LEU CA 74 26.50 32.47 3.40
N ILE CA 75 25.54 32.23 4.29
CA ILE CA 75 24.56 33.31 4.53
C ILE CA 75 24.29 33.69 5.99
N GLY CA 76 24.70 32.87 6.97
CA GLY CA 76 24.16 33.02 8.32
C GLY CA 76 24.47 34.36 8.96
N GLU CA 77 25.75 34.73 8.99
CA GLU CA 77 26.14 35.96 9.68
C GLU CA 77 25.58 37.19 8.98
N LYS CA 78 25.61 37.20 7.64
CA LYS CA 78 25.15 38.35 6.88
C LYS CA 78 23.65 38.58 7.05
N ILE CA 79 22.85 37.51 7.07
CA ILE CA 79 21.40 37.67 7.20
C ILE CA 79 21.05 38.32 8.54
N LYS CA 80 21.81 38.00 9.59
CA LYS CA 80 21.53 38.57 10.91
C LYS CA 80 21.80 40.07 10.94
N ARG CA 81 22.83 40.54 10.22
CA ARG CA 81 23.17 41.95 10.19
C ARG CA 81 22.30 42.77 9.23
N GLY CA 82 21.49 42.13 8.40
CA GLY CA 82 20.63 42.82 7.47
C GLY CA 82 21.17 43.02 6.07
N SER CA 83 22.34 42.49 5.75
CA SER CA 83 22.93 42.63 4.41
C SER CA 83 22.77 41.33 3.65
N GLU CA 84 21.83 41.29 2.70
CA GLU CA 84 21.44 40.09 1.97
C GLU CA 84 22.37 39.84 0.80
N PRO CA 85 23.02 38.68 0.74
CA PRO CA 85 23.90 38.37 -0.40
C PRO CA 85 23.13 37.72 -1.55
N ARG CA 86 23.73 37.83 -2.75
CA ARG CA 86 23.16 37.27 -3.97
C ARG CA 86 24.22 36.42 -4.67
N PHE CA 87 23.77 35.36 -5.35
CA PHE CA 87 24.67 34.31 -5.83
C PHE CA 87 24.40 33.99 -7.30
N VAL CA 88 25.36 33.26 -7.88
CA VAL CA 88 25.27 32.71 -9.22
C VAL CA 88 25.45 31.19 -9.12
N ALA CA 89 24.56 30.45 -9.80
CA ALA CA 89 24.68 28.99 -9.87
C ALA CA 89 24.74 28.54 -11.32
N ILE CA 90 25.54 27.51 -11.58
CA ILE CA 90 25.67 26.91 -12.91
C ILE CA 90 25.32 25.44 -12.82
N SER CA 91 24.36 25.00 -13.64
CA SER CA 91 23.94 23.61 -13.68
C SER CA 91 24.30 23.00 -15.03
N LYS CA 92 24.85 21.78 -14.99
CA LYS CA 92 25.27 21.07 -16.18
C LYS CA 92 24.68 19.68 -16.19
N LEU CA 93 24.12 19.29 -17.32
CA LEU CA 93 23.57 17.95 -17.53
C LEU CA 93 24.23 17.35 -18.76
N ASN CA 94 25.12 16.37 -18.56
CA ASN CA 94 25.91 15.77 -19.64
C ASN CA 94 25.83 14.25 -19.56
N ASP CA 95 24.77 13.69 -20.12
CA ASP CA 95 24.59 12.24 -20.20
C ASP CA 95 25.30 11.71 -21.44
N PRO CA 96 26.24 10.77 -21.30
CA PRO CA 96 27.02 10.30 -22.48
C PRO CA 96 26.16 9.71 -23.59
N ASP CA 97 24.98 9.17 -23.29
CA ASP CA 97 24.11 8.59 -24.31
C ASP CA 97 23.12 9.60 -24.91
N SER CA 98 23.18 10.88 -24.52
CA SER CA 98 22.27 11.88 -25.08
C SER CA 98 22.94 12.62 -26.24
N TYR CA 99 22.18 13.53 -26.87
CA TYR CA 99 22.69 14.28 -28.02
C TYR CA 99 23.85 15.19 -27.62
N GLY CA 100 23.76 15.84 -26.46
CA GLY CA 100 24.76 16.78 -26.03
C GLY CA 100 24.55 17.26 -24.61
N ALA CA 101 25.28 18.31 -24.24
CA ALA CA 101 25.24 18.85 -22.89
C ALA CA 101 24.31 20.05 -22.81
N GLU CA 102 23.68 20.22 -21.65
CA GLU CA 102 22.84 21.37 -21.34
C GLU CA 102 23.45 22.07 -20.11
N ARG CA 103 23.99 23.27 -20.31
CA ARG CA 103 24.62 24.05 -19.25
C ARG CA 103 23.91 25.39 -19.13
N ILE CA 104 23.52 25.78 -17.93
CA ILE CA 104 22.77 27.02 -17.73
C ILE CA 104 23.29 27.73 -16.48
N ALA CA 105 23.44 29.05 -16.57
CA ALA CA 105 23.77 29.89 -15.43
C ALA CA 105 22.49 30.57 -14.93
N VAL CA 106 22.23 30.45 -13.63
CA VAL CA 106 21.10 31.07 -12.95
C VAL CA 106 21.64 32.15 -12.03
N LYS CA 107 21.18 33.39 -12.20
CA LYS CA 107 21.82 34.55 -11.60
C LYS CA 107 20.88 35.35 -10.70
N ASN CA 108 21.49 36.17 -9.82
CA ASN CA 108 20.79 36.97 -8.82
C ASN CA 108 19.91 36.11 -7.91
N ILE CA 109 20.50 35.03 -7.40
CA ILE CA 109 19.78 34.07 -6.55
C ILE CA 109 19.71 34.61 -5.12
N ALA CA 110 18.51 34.58 -4.54
CA ALA CA 110 18.29 34.87 -3.13
C ALA CA 110 17.59 33.68 -2.48
N PHE CA 111 18.20 33.12 -1.44
CA PHE CA 111 17.66 31.96 -0.76
C PHE CA 111 16.48 32.36 0.14
N ASP CA 112 15.53 31.42 0.30
CA ASP CA 112 14.31 31.69 1.05
C ASP CA 112 14.45 31.47 2.55
N ASP CA 113 15.40 30.66 3.01
CA ASP CA 113 15.51 30.32 4.43
C ASP CA 113 16.91 29.81 4.72
N LEU CA 114 17.12 29.37 5.97
CA LEU CA 114 18.35 28.73 6.39
C LEU CA 114 18.04 27.68 7.45
N THR CA 115 18.48 26.45 7.21
CA THR CA 115 18.31 25.36 8.17
C THR CA 115 19.53 25.30 9.09
N LEU CA 116 19.31 25.53 10.38
CA LEU CA 116 20.39 25.41 11.35
C LEU CA 116 20.59 23.95 11.80
N ALA CA 117 19.49 23.22 12.05
CA ALA CA 117 19.57 21.81 12.42
C ALA CA 117 18.30 21.10 11.99
N ASP CA 118 18.45 19.88 11.49
CA ASP CA 118 17.31 18.99 11.22
C ASP CA 118 17.83 17.55 11.27
N TRP CA 119 17.75 16.92 12.45
CA TRP CA 119 18.21 15.54 12.60
C TRP CA 119 17.19 14.72 13.36
N GLU CA 120 17.15 13.42 13.03
CA GLU CA 120 16.29 12.43 13.66
C GLU CA 120 17.06 11.12 13.79
N VAL CA 121 16.92 10.47 14.95
CA VAL CA 121 17.60 9.20 15.19
C VAL CA 121 17.17 8.19 14.13
N GLY CA 122 18.14 7.48 13.56
CA GLY CA 122 17.88 6.50 12.53
C GLY CA 122 17.64 7.05 11.13
N VAL CA 123 17.87 8.33 10.90
CA VAL CA 123 17.61 8.97 9.60
C VAL CA 123 18.88 9.68 9.15
N LYS CA 124 19.25 9.50 7.89
CA LYS CA 124 20.39 10.22 7.32
C LYS CA 124 20.00 11.67 7.00
N GLY CA 125 20.97 12.57 7.15
CA GLY CA 125 20.71 14.00 7.04
C GLY CA 125 20.63 14.51 5.61
N GLU CA 126 19.66 15.40 5.37
CA GLU CA 126 19.47 16.05 4.08
C GLU CA 126 19.02 17.49 4.32
N ILE CA 127 19.30 18.37 3.36
CA ILE CA 127 18.98 19.78 3.45
C ILE CA 127 18.25 20.23 2.19
N GLU CA 128 17.14 20.94 2.37
CA GLU CA 128 16.36 21.51 1.27
C GLU CA 128 16.40 23.02 1.33
N ALA CA 129 16.85 23.66 0.24
CA ALA CA 129 17.09 25.11 0.21
C ALA CA 129 16.40 25.77 -0.98
N PRO CA 130 15.16 26.23 -0.81
CA PRO CA 130 14.48 26.95 -1.90
C PRO CA 130 15.05 28.35 -2.11
N PHE CA 131 14.84 28.89 -3.32
CA PHE CA 131 15.38 30.20 -3.66
C PHE CA 131 14.51 30.87 -4.75
N THR CA 132 14.78 32.15 -4.97
CA THR CA 132 14.22 32.93 -6.08
C THR CA 132 15.37 33.54 -6.88
N PHE CA 133 15.08 33.92 -8.14
CA PHE CA 133 16.09 34.44 -9.05
C PHE CA 133 15.43 35.32 -10.12
N THR CA 134 16.24 36.11 -10.83
CA THR CA 134 15.67 36.99 -11.86
C THR CA 134 16.30 36.84 -13.24
N GLU CA 135 17.52 36.32 -13.36
CA GLU CA 135 18.22 36.28 -14.64
C GLU CA 135 18.78 34.90 -14.92
N TYR CA 136 19.10 34.65 -16.19
CA TYR CA 136 19.76 33.42 -16.60
C TYR CA 136 20.49 33.62 -17.93
N ASP CA 137 21.37 32.66 -18.26
CA ASP CA 137 22.09 32.66 -19.53
C ASP CA 137 22.31 31.23 -20.00
N PHE CA 138 22.23 31.04 -21.32
CA PHE CA 138 22.36 29.74 -21.97
C PHE CA 138 23.80 29.56 -22.42
N LEU CA 139 24.48 28.53 -21.91
CA LEU CA 139 25.76 28.07 -22.43
C LEU CA 139 25.63 26.59 -22.78
N ASP CA 140 25.89 26.21 -24.02
CA ASP CA 140 25.70 24.81 -24.44
C ASP CA 140 24.24 24.36 -24.30
N ILE CA 141 23.42 24.82 -25.23
CA ILE CA 141 22.11 24.21 -25.43
C ILE CA 141 22.19 23.12 -26.48
N ILE CA 142 21.17 22.27 -26.53
CA ILE CA 142 21.11 21.19 -27.51
C ILE CA 142 20.28 21.59 -28.73
N ASN DA 3 -8.38 42.73 -35.54
CA ASN DA 3 -7.36 43.74 -35.33
C ASN DA 3 -7.00 43.83 -33.85
N MET DA 4 -8.02 43.88 -32.99
CA MET DA 4 -7.80 43.94 -31.55
C MET DA 4 -7.46 42.55 -31.00
N GLU DA 5 -6.34 42.45 -30.29
CA GLU DA 5 -5.89 41.23 -29.65
C GLU DA 5 -5.44 41.59 -28.24
N ALA DA 6 -5.55 40.63 -27.32
CA ALA DA 6 -5.16 40.85 -25.93
C ALA DA 6 -3.72 41.35 -25.79
N ARG DA 7 -2.82 40.90 -26.68
CA ARG DA 7 -1.42 41.32 -26.61
C ARG DA 7 -1.23 42.81 -26.81
N ASN DA 8 -2.15 43.49 -27.51
CA ASN DA 8 -2.00 44.90 -27.81
C ASN DA 8 -2.27 45.81 -26.61
N VAL DA 9 -2.85 45.30 -25.53
CA VAL DA 9 -3.12 46.13 -24.35
C VAL DA 9 -1.79 46.51 -23.69
N MET DA 10 -1.64 47.79 -23.36
CA MET DA 10 -0.37 48.30 -22.85
C MET DA 10 -0.15 47.93 -21.39
N SER DA 11 1.00 47.35 -21.09
CA SER DA 11 1.38 47.02 -19.72
C SER DA 11 2.13 48.17 -19.05
N GLY DA 12 1.74 48.46 -17.81
CA GLY DA 12 2.39 49.51 -17.04
C GLY DA 12 3.85 49.27 -16.69
N THR DA 13 4.32 48.03 -16.74
CA THR DA 13 5.74 47.76 -16.50
C THR DA 13 6.64 48.40 -17.56
N TRP DA 14 6.09 48.78 -18.72
CA TRP DA 14 6.86 49.43 -19.76
C TRP DA 14 6.77 50.97 -19.71
N GLY DA 15 6.46 51.53 -18.55
CA GLY DA 15 6.45 52.97 -18.36
C GLY DA 15 7.81 53.54 -17.99
N GLU DA 16 8.05 54.77 -18.41
CA GLU DA 16 9.29 55.50 -18.11
C GLU DA 16 8.92 56.94 -17.72
N LEU DA 17 9.77 57.59 -16.93
CA LEU DA 17 9.47 58.93 -16.44
C LEU DA 17 10.73 59.78 -16.29
N TRP DA 18 10.66 61.01 -16.80
CA TRP DA 18 11.67 62.04 -16.57
C TRP DA 18 11.03 63.15 -15.75
N LEU DA 19 11.76 63.68 -14.77
CA LEU DA 19 11.30 64.79 -13.94
C LEU DA 19 12.41 65.83 -13.83
N ASP DA 20 12.12 67.06 -14.25
CA ASP DA 20 13.11 68.15 -14.23
C ASP DA 20 14.35 67.77 -15.03
N GLY DA 21 14.15 67.02 -16.12
CA GLY DA 21 15.22 66.57 -16.98
C GLY DA 21 15.98 65.33 -16.53
N ASN DA 22 15.63 64.75 -15.39
CA ASN DA 22 16.36 63.62 -14.83
C ASN DA 22 15.48 62.38 -14.86
N LYS DA 23 16.07 61.24 -15.23
CA LYS DA 23 15.34 59.98 -15.25
C LYS DA 23 15.00 59.55 -13.84
N VAL DA 24 13.82 58.96 -13.66
CA VAL DA 24 13.37 58.49 -12.36
C VAL DA 24 13.22 56.98 -12.43
N ALA DA 25 14.29 56.27 -12.10
CA ALA DA 25 14.29 54.81 -12.23
C ALA DA 25 13.41 54.12 -11.19
N GLU DA 26 13.05 54.78 -10.10
CA GLU DA 26 12.38 54.12 -8.97
C GLU DA 26 10.88 54.37 -9.01
N VAL DA 27 10.35 54.63 -10.20
CA VAL DA 27 8.96 55.07 -10.36
C VAL DA 27 8.07 53.84 -10.29
N LYS DA 28 6.94 53.98 -9.59
CA LYS DA 28 5.95 52.91 -9.44
C LYS DA 28 4.65 53.18 -10.19
N LYS DA 29 4.16 54.42 -10.21
CA LYS DA 29 3.01 54.77 -11.03
C LYS DA 29 3.04 56.27 -11.35
N PHE DA 30 2.40 56.63 -12.45
CA PHE DA 30 2.28 58.01 -12.89
C PHE DA 30 0.87 58.27 -13.41
N GLN DA 31 0.32 59.40 -13.00
CA GLN DA 31 -1.07 59.78 -13.25
C GLN DA 31 -1.15 61.25 -13.65
N ALA DA 32 -2.03 61.56 -14.60
CA ALA DA 32 -2.29 62.95 -14.98
C ALA DA 32 -3.60 63.02 -15.76
N LYS DA 33 -4.57 63.79 -15.24
CA LYS DA 33 -5.87 63.94 -15.86
C LYS DA 33 -6.34 65.38 -15.80
N MET DA 34 -7.12 65.79 -16.80
CA MET DA 34 -7.76 67.10 -16.85
C MET DA 34 -9.24 66.98 -16.49
N GLU DA 35 -9.64 67.60 -15.38
CA GLU DA 35 -11.02 67.59 -14.90
C GLU DA 35 -11.75 68.82 -15.43
N PHE DA 36 -12.77 68.60 -16.26
CA PHE DA 36 -13.47 69.72 -16.87
C PHE DA 36 -14.44 70.35 -15.87
N THR DA 37 -14.57 71.67 -15.95
CA THR DA 37 -15.56 72.43 -15.18
C THR DA 37 -16.77 72.69 -16.07
N LYS DA 38 -17.93 72.16 -15.66
CA LYS DA 38 -19.16 72.26 -16.44
C LYS DA 38 -20.28 72.89 -15.62
N GLU DA 39 -21.01 73.80 -16.24
CA GLU DA 39 -22.12 74.51 -15.61
C GLU DA 39 -23.44 74.10 -16.24
N ASP DA 40 -24.40 73.73 -15.39
CA ASP DA 40 -25.72 73.31 -15.89
C ASP DA 40 -26.47 74.49 -16.50
N ILE DA 41 -27.13 74.24 -17.64
CA ILE DA 41 -27.96 75.23 -18.31
C ILE DA 41 -29.30 74.58 -18.64
N ILE DA 42 -30.38 75.17 -18.16
CA ILE DA 42 -31.74 74.73 -18.49
C ILE DA 42 -32.28 75.62 -19.59
N ILE DA 43 -32.67 75.02 -20.71
CA ILE DA 43 -33.17 75.74 -21.87
C ILE DA 43 -34.69 75.65 -21.89
N ALA DA 44 -35.35 76.80 -22.06
CA ALA DA 44 -36.81 76.85 -22.08
C ALA DA 44 -37.37 75.99 -23.21
N GLY DA 45 -38.27 75.08 -22.85
CA GLY DA 45 -38.88 74.18 -23.80
C GLY DA 45 -38.18 72.85 -23.99
N GLN DA 46 -37.07 72.61 -23.32
CA GLN DA 46 -36.29 71.38 -23.46
C GLN DA 46 -36.23 70.66 -22.13
N MET DA 47 -36.58 69.36 -22.13
CA MET DA 47 -36.63 68.60 -20.89
C MET DA 47 -35.25 68.19 -20.40
N GLY DA 48 -34.31 67.91 -21.30
CA GLY DA 48 -32.98 67.51 -20.89
C GLY DA 48 -32.05 68.67 -20.58
N THR DA 49 -31.55 68.74 -19.35
CA THR DA 49 -30.60 69.78 -18.97
C THR DA 49 -29.28 69.64 -19.72
N ASP DA 50 -28.78 70.74 -20.27
CA ASP DA 50 -27.53 70.81 -20.99
C ASP DA 50 -26.43 71.43 -20.12
N THR DA 51 -25.21 71.48 -20.65
CA THR DA 51 -24.05 71.98 -19.92
C THR DA 51 -23.22 72.90 -20.80
N LYS DA 52 -22.47 73.79 -20.14
CA LYS DA 52 -21.53 74.70 -20.79
C LYS DA 52 -20.13 74.44 -20.23
N TYR DA 53 -19.15 74.29 -21.11
CA TYR DA 53 -17.77 74.04 -20.71
C TYR DA 53 -17.08 75.35 -20.36
N MET DA 54 -16.49 75.42 -19.16
CA MET DA 54 -15.87 76.64 -18.67
C MET DA 54 -14.34 76.59 -18.52
N GLY DA 55 -13.73 75.42 -18.45
CA GLY DA 55 -12.30 75.32 -18.21
C GLY DA 55 -11.97 73.96 -17.63
N TYR DA 56 -10.72 73.82 -17.16
CA TYR DA 56 -10.26 72.55 -16.63
C TYR DA 56 -9.25 72.75 -15.50
N LYS DA 57 -9.17 71.72 -14.65
CA LYS DA 57 -8.18 71.58 -13.59
C LYS DA 57 -7.28 70.37 -13.84
N GLY DA 58 -5.98 70.60 -13.87
CA GLY DA 58 -5.01 69.52 -14.07
C GLY DA 58 -4.58 68.93 -12.74
N LYS DA 59 -4.76 67.62 -12.61
CA LYS DA 59 -4.40 66.90 -11.38
C LYS DA 59 -3.70 65.59 -11.73
N GLY DA 60 -2.69 65.25 -10.92
CA GLY DA 60 -1.96 64.01 -11.09
C GLY DA 60 -1.26 63.61 -9.81
N SER DA 61 -0.49 62.52 -9.89
CA SER DA 61 0.31 62.04 -8.77
C SER DA 61 1.43 61.13 -9.28
N ILE DA 62 2.45 60.98 -8.43
CA ILE DA 62 3.59 60.11 -8.68
C ILE DA 62 3.83 59.25 -7.44
N THR DA 63 4.11 57.97 -7.64
CA THR DA 63 4.51 57.08 -6.55
C THR DA 63 5.89 56.50 -6.84
N LEU DA 64 6.77 56.54 -5.84
CA LEU DA 64 8.13 56.05 -5.98
C LEU DA 64 8.47 55.09 -4.85
N TYR DA 65 9.35 54.13 -5.15
CA TYR DA 65 10.04 53.39 -4.10
C TYR DA 65 11.01 54.34 -3.41
N HIS DA 66 11.05 54.28 -2.08
CA HIS DA 66 11.91 55.18 -1.31
C HIS DA 66 13.34 54.69 -1.38
N VAL DA 67 14.15 55.32 -2.23
CA VAL DA 67 15.53 54.89 -2.45
C VAL DA 67 16.50 56.05 -2.17
N SER DA 68 16.03 57.29 -2.25
CA SER DA 68 16.88 58.46 -2.02
C SER DA 68 16.03 59.61 -1.47
N SER DA 69 16.56 60.83 -1.57
CA SER DA 69 15.90 62.02 -1.02
C SER DA 69 15.55 63.01 -2.14
N ARG DA 70 14.98 62.47 -3.23
CA ARG DA 70 14.77 63.24 -4.45
C ARG DA 70 13.85 64.44 -4.22
N MET DA 71 12.67 64.22 -3.64
CA MET DA 71 11.71 65.31 -3.44
C MET DA 71 12.23 66.33 -2.42
N HIS DA 72 12.88 65.83 -1.35
CA HIS DA 72 13.52 66.72 -0.38
C HIS DA 72 14.40 67.75 -1.08
N LYS DA 73 15.38 67.27 -1.86
CA LYS DA 73 16.29 68.17 -2.55
C LYS DA 73 15.56 69.05 -3.55
N LEU DA 74 14.52 68.54 -4.21
CA LEU DA 74 13.84 69.34 -5.21
C LEU DA 74 13.13 70.55 -4.60
N ILE DA 75 12.44 70.38 -3.46
CA ILE DA 75 11.53 71.46 -3.06
C ILE DA 75 11.65 71.95 -1.62
N GLY DA 76 12.33 71.20 -0.74
CA GLY DA 76 12.21 71.47 0.69
C GLY DA 76 12.72 72.85 1.08
N GLU DA 77 13.93 73.20 0.63
CA GLU DA 77 14.54 74.45 1.06
C GLU DA 77 13.80 75.66 0.49
N LYS DA 78 13.30 75.56 -0.75
CA LYS DA 78 12.63 76.68 -1.38
C LYS DA 78 11.25 76.92 -0.80
N ILE DA 79 10.54 75.84 -0.41
CA ILE DA 79 9.18 76.01 0.13
C ILE DA 79 9.20 76.81 1.42
N LYS DA 80 10.20 76.58 2.28
CA LYS DA 80 10.29 77.30 3.54
C LYS DA 80 10.49 78.80 3.34
N ARG DA 81 11.25 79.19 2.33
CA ARG DA 81 11.53 80.60 2.10
C ARG DA 81 10.40 81.33 1.39
N GLY DA 82 9.42 80.62 0.82
CA GLY DA 82 8.30 81.24 0.16
C GLY DA 82 8.40 81.36 -1.35
N SER DA 83 9.35 80.70 -1.98
CA SER DA 83 9.48 80.72 -3.44
C SER DA 83 9.21 79.33 -3.99
N GLU DA 84 8.03 79.15 -4.61
CA GLU DA 84 7.57 77.84 -5.06
C GLU DA 84 8.12 77.51 -6.44
N PRO DA 85 8.73 76.35 -6.62
CA PRO DA 85 9.25 75.97 -7.93
C PRO DA 85 8.21 75.22 -8.77
N ARG DA 86 8.42 75.27 -10.09
CA ARG DA 86 7.57 74.59 -11.06
C ARG DA 86 8.44 73.69 -11.94
N PHE DA 87 7.87 72.58 -12.40
CA PHE DA 87 8.64 71.54 -13.09
C PHE DA 87 7.94 71.07 -14.36
N VAL DA 88 8.70 70.35 -15.19
CA VAL DA 88 8.22 69.67 -16.38
C VAL DA 88 8.48 68.18 -16.21
N ALA DA 89 7.49 67.34 -16.52
CA ALA DA 89 7.63 65.90 -16.51
C ALA DA 89 7.32 65.32 -17.89
N ILE DA 90 8.03 64.27 -18.26
CA ILE DA 90 7.80 63.55 -19.51
C ILE DA 90 7.47 62.10 -19.18
N SER DA 91 6.34 61.61 -19.71
CA SER DA 91 5.89 60.25 -19.49
C SER DA 91 5.93 59.48 -20.80
N LYS DA 92 6.48 58.28 -20.77
CA LYS DA 92 6.58 57.45 -21.97
C LYS DA 92 6.11 56.03 -21.67
N LEU DA 93 5.25 55.52 -22.54
CA LEU DA 93 4.74 54.15 -22.45
C LEU DA 93 5.04 53.44 -23.76
N ASN DA 94 5.99 52.49 -23.76
CA ASN DA 94 6.43 51.82 -24.97
C ASN DA 94 6.44 50.30 -24.75
N ASP DA 95 5.28 49.67 -24.91
CA ASP DA 95 5.15 48.22 -24.81
C ASP DA 95 5.57 47.58 -26.12
N PRO DA 96 6.52 46.64 -26.12
CA PRO DA 96 6.98 46.04 -27.38
C PRO DA 96 5.87 45.34 -28.18
N ASP DA 97 4.82 44.85 -27.52
CA ASP DA 97 3.74 44.15 -28.20
C ASP DA 97 2.57 45.06 -28.61
N SER DA 98 2.64 46.36 -28.36
CA SER DA 98 1.55 47.27 -28.70
C SER DA 98 1.78 47.93 -30.06
N TYR DA 99 0.79 48.71 -30.50
CA TYR DA 99 0.84 49.36 -31.82
C TYR DA 99 2.00 50.34 -31.91
N GLY DA 100 2.23 51.13 -30.87
CA GLY DA 100 3.27 52.14 -30.89
C GLY DA 100 3.54 52.65 -29.50
N ALA DA 101 3.99 53.90 -29.42
CA ALA DA 101 4.37 54.52 -28.16
C ALA DA 101 3.52 55.76 -27.87
N GLU DA 102 3.34 56.05 -26.59
CA GLU DA 102 2.62 57.22 -26.11
C GLU DA 102 3.57 58.02 -25.22
N ARG DA 103 3.95 59.21 -25.68
CA ARG DA 103 4.87 60.09 -24.96
C ARG DA 103 4.22 61.45 -24.78
N ILE DA 104 4.21 61.96 -23.55
CA ILE DA 104 3.49 63.19 -23.23
C ILE DA 104 4.34 64.04 -22.29
N ALA DA 105 4.41 65.34 -22.57
CA ALA DA 105 5.04 66.31 -21.69
C ALA DA 105 3.97 67.00 -20.85
N VAL DA 106 4.16 67.00 -19.53
CA VAL DA 106 3.25 67.65 -18.59
C VAL DA 106 4.02 68.81 -17.96
N LYS DA 107 3.49 70.02 -18.09
CA LYS DA 107 4.25 71.24 -17.77
C LYS DA 107 3.57 72.09 -16.71
N ASN DA 108 4.38 72.97 -16.10
CA ASN DA 108 3.95 73.86 -15.01
C ASN DA 108 3.37 73.06 -13.83
N ILE DA 109 4.15 72.08 -13.35
CA ILE DA 109 3.72 71.19 -12.27
C ILE DA 109 4.04 71.83 -10.92
N ALA DA 110 3.05 71.87 -10.04
CA ALA DA 110 3.23 72.29 -8.65
C ALA DA 110 2.80 71.15 -7.73
N PHE DA 111 3.72 70.71 -6.86
CA PHE DA 111 3.45 69.60 -5.97
C PHE DA 111 2.58 70.03 -4.80
N ASP DA 112 1.80 69.09 -4.28
CA ASP DA 112 0.80 69.39 -3.26
C ASP DA 112 1.34 69.30 -1.83
N ASP DA 113 2.45 68.62 -1.61
CA ASP DA 113 2.97 68.40 -0.26
C ASP DA 113 4.43 67.97 -0.33
N LEU DA 114 5.01 67.69 0.83
CA LEU DA 114 6.34 67.11 0.95
C LEU DA 114 6.37 66.15 2.13
N THR DA 115 6.78 64.91 1.87
CA THR DA 115 6.90 63.90 2.92
C THR DA 115 8.31 63.94 3.49
N LEU DA 116 8.44 64.39 4.75
CA LEU DA 116 9.72 64.35 5.43
C LEU DA 116 10.09 62.94 5.88
N ALA DA 117 9.15 62.22 6.48
CA ALA DA 117 9.41 60.86 6.94
C ALA DA 117 8.12 60.06 6.96
N ASP DA 118 8.20 58.80 6.54
CA ASP DA 118 7.09 57.86 6.68
C ASP DA 118 7.66 56.45 6.74
N TRP DA 119 7.92 55.94 7.93
CA TRP DA 119 8.45 54.59 8.05
C TRP DA 119 7.73 53.84 9.17
N GLU DA 120 7.68 52.51 9.00
CA GLU DA 120 7.06 51.58 9.92
C GLU DA 120 7.86 50.29 9.95
N VAL DA 121 8.05 49.74 11.14
CA VAL DA 121 8.83 48.52 11.28
C VAL DA 121 8.16 47.39 10.50
N GLY DA 122 8.95 46.66 9.72
CA GLY DA 122 8.43 45.58 8.89
C GLY DA 122 7.78 45.98 7.59
N VAL DA 123 7.85 47.25 7.19
CA VAL DA 123 7.20 47.74 5.97
C VAL DA 123 8.25 48.40 5.08
N LYS DA 124 8.22 48.09 3.79
CA LYS DA 124 9.11 48.72 2.82
C LYS DA 124 8.63 50.14 2.51
N GLY DA 125 9.57 51.03 2.23
CA GLY DA 125 9.26 52.45 2.07
C GLY DA 125 8.79 52.82 0.68
N GLU DA 126 7.76 53.68 0.64
CA GLU DA 126 7.22 54.23 -0.60
C GLU DA 126 6.83 55.68 -0.35
N ILE DA 127 6.79 56.47 -1.43
CA ILE DA 127 6.44 57.89 -1.36
C ILE DA 127 5.35 58.18 -2.39
N GLU DA 128 4.30 58.88 -1.94
CA GLU DA 128 3.22 59.31 -2.81
C GLU DA 128 3.16 60.82 -2.85
N ALA DA 129 3.26 61.39 -4.05
CA ALA DA 129 3.39 62.84 -4.24
C ALA DA 129 2.36 63.38 -5.23
N PRO DA 130 1.21 63.87 -4.76
CA PRO DA 130 0.24 64.50 -5.66
C PRO DA 130 0.74 65.84 -6.18
N PHE DA 131 0.15 66.28 -7.30
CA PHE DA 131 0.51 67.55 -7.93
C PHE DA 131 -0.64 68.09 -8.76
N THR DA 132 -0.49 69.34 -9.21
CA THR DA 132 -1.38 69.97 -10.19
C THR DA 132 -0.54 70.56 -11.33
N PHE DA 133 -1.20 70.86 -12.45
CA PHE DA 133 -0.53 71.34 -13.65
C PHE DA 133 -1.54 72.07 -14.54
N THR DA 134 -1.01 72.79 -15.55
CA THR DA 134 -1.88 73.58 -16.43
C THR DA 134 -1.67 73.32 -17.93
N GLU DA 135 -0.49 72.87 -18.36
CA GLU DA 135 -0.22 72.69 -19.79
C GLU DA 135 0.23 71.26 -20.09
N TYR DA 136 0.19 70.91 -21.38
CA TYR DA 136 0.68 69.63 -21.87
C TYR DA 136 0.99 69.73 -23.36
N ASP DA 137 1.86 68.84 -23.83
CA ASP DA 137 2.17 68.69 -25.24
C ASP DA 137 2.21 67.22 -25.62
N PHE DA 138 1.79 66.93 -26.85
CA PHE DA 138 1.76 65.57 -27.39
C PHE DA 138 3.04 65.31 -28.17
N LEU DA 139 3.72 64.20 -27.87
CA LEU DA 139 4.84 63.71 -28.67
C LEU DA 139 4.64 62.21 -28.88
N ASP DA 140 4.48 61.77 -30.12
CA ASP DA 140 4.27 60.34 -30.40
C ASP DA 140 3.01 59.82 -29.71
N ILE DA 141 1.87 60.20 -30.25
CA ILE DA 141 0.62 59.52 -29.92
C ILE DA 141 0.38 58.36 -30.90
N ILE DA 142 -0.53 57.46 -30.51
CA ILE DA 142 -0.83 56.30 -31.32
C ILE DA 142 -2.09 56.53 -32.15
N ILE EA 3 36.02 -18.09 -65.00
CA ILE EA 3 35.10 -17.79 -63.90
C ILE EA 3 34.70 -16.32 -63.91
N GLY EA 4 35.38 -15.51 -64.72
CA GLY EA 4 35.01 -14.12 -64.89
C GLY EA 4 35.37 -13.25 -63.70
N LEU EA 5 35.04 -11.97 -63.83
CA LEU EA 5 35.26 -11.02 -62.75
C LEU EA 5 34.14 -11.11 -61.72
N PRO EA 6 34.41 -10.70 -60.47
CA PRO EA 6 33.33 -10.64 -59.48
C PRO EA 6 32.24 -9.67 -59.90
N SER EA 7 31.00 -10.07 -59.69
CA SER EA 7 29.83 -9.30 -60.11
C SER EA 7 29.04 -8.92 -58.87
N ILE EA 8 29.17 -7.67 -58.44
CA ILE EA 8 28.35 -7.10 -57.38
C ILE EA 8 27.41 -6.10 -58.03
N ASN EA 9 26.16 -6.49 -58.25
CA ASN EA 9 25.21 -5.61 -58.93
C ASN EA 9 23.97 -5.44 -58.06
N ILE EA 10 23.71 -4.21 -57.67
CA ILE EA 10 22.51 -3.80 -56.97
C ILE EA 10 21.69 -2.98 -57.94
N SER EA 11 20.50 -3.46 -58.27
CA SER EA 11 19.66 -2.86 -59.29
C SER EA 11 18.35 -2.35 -58.68
N PHE EA 12 17.81 -1.30 -59.27
CA PHE EA 12 16.53 -0.72 -58.87
C PHE EA 12 15.54 -0.82 -60.01
N LYS EA 13 14.30 -1.16 -59.69
CA LYS EA 13 13.32 -1.48 -60.72
C LYS EA 13 11.91 -1.32 -60.15
N GLU EA 14 10.94 -1.16 -61.05
CA GLU EA 14 9.55 -0.93 -60.69
C GLU EA 14 8.90 -2.20 -60.14
N LEU EA 15 7.72 -2.03 -59.56
CA LEU EA 15 7.03 -3.13 -58.88
C LEU EA 15 6.56 -4.21 -59.85
N ALA EA 16 6.43 -5.43 -59.35
CA ALA EA 16 6.08 -6.60 -60.16
C ALA EA 16 5.17 -7.55 -59.39
N THR EA 17 4.46 -8.41 -60.12
CA THR EA 17 3.49 -9.35 -59.56
C THR EA 17 4.03 -10.77 -59.47
N THR EA 18 3.22 -11.66 -58.91
CA THR EA 18 3.55 -13.07 -58.71
C THR EA 18 2.39 -13.97 -59.14
N VAL EA 19 2.71 -15.04 -59.86
CA VAL EA 19 1.73 -16.03 -60.31
C VAL EA 19 1.47 -17.09 -59.24
N LYS EA 20 0.41 -17.88 -59.44
CA LYS EA 20 0.02 -18.89 -58.47
C LYS EA 20 1.05 -20.02 -58.41
N GLU EA 21 1.20 -20.59 -57.22
CA GLU EA 21 2.08 -21.75 -57.03
C GLU EA 21 1.52 -22.96 -57.76
N ARG EA 22 2.40 -23.89 -58.13
CA ARG EA 22 2.02 -24.99 -58.98
C ARG EA 22 1.70 -26.25 -58.19
N SER EA 23 0.98 -27.16 -58.84
CA SER EA 23 0.57 -28.44 -58.26
C SER EA 23 1.24 -29.58 -59.01
N ALA EA 24 1.67 -30.59 -58.26
CA ALA EA 24 2.21 -31.81 -58.86
C ALA EA 24 1.13 -32.82 -59.14
N ARG EA 25 -0.15 -32.41 -59.10
CA ARG EA 25 -1.27 -33.29 -59.40
C ARG EA 25 -1.97 -32.86 -60.68
N GLY EA 26 -2.13 -33.80 -61.61
CA GLY EA 26 -2.94 -33.58 -62.79
C GLY EA 26 -2.20 -33.64 -64.11
N ILE EA 27 -2.43 -34.69 -64.89
CA ILE EA 27 -1.84 -34.82 -66.23
C ILE EA 27 -2.95 -35.12 -67.21
N ILE EA 28 -3.03 -34.32 -68.27
CA ILE EA 28 -4.09 -34.45 -69.27
C ILE EA 28 -3.46 -34.74 -70.63
N ALA EA 29 -4.05 -35.69 -71.35
CA ALA EA 29 -3.67 -36.00 -72.71
C ALA EA 29 -4.71 -35.42 -73.66
N MET EA 30 -4.26 -34.59 -74.60
CA MET EA 30 -5.15 -33.91 -75.54
C MET EA 30 -4.66 -34.19 -76.94
N VAL EA 31 -5.53 -34.71 -77.80
CA VAL EA 31 -5.19 -35.02 -79.18
C VAL EA 31 -5.92 -34.03 -80.08
N LEU EA 32 -5.19 -33.39 -80.97
CA LEU EA 32 -5.77 -32.41 -81.88
C LEU EA 32 -5.16 -32.60 -83.25
N LYS EA 33 -5.99 -32.42 -84.28
CA LYS EA 33 -5.56 -32.53 -85.67
C LYS EA 33 -5.08 -31.18 -86.14
N ASP EA 34 -3.90 -31.15 -86.75
CA ASP EA 34 -3.35 -29.94 -87.35
C ASP EA 34 -2.71 -30.28 -88.69
N ALA EA 35 -2.59 -29.27 -89.54
CA ALA EA 35 -1.97 -29.49 -90.85
C ALA EA 35 -0.47 -29.22 -90.81
N LYS EA 36 0.08 -28.85 -89.66
CA LYS EA 36 1.50 -28.51 -89.55
C LYS EA 36 2.04 -28.97 -88.21
N ALA EA 37 3.31 -29.40 -88.21
CA ALA EA 37 4.05 -29.75 -87.00
C ALA EA 37 3.44 -30.94 -86.26
N LEU EA 38 3.20 -32.01 -87.01
CA LEU EA 38 2.67 -33.24 -86.43
C LEU EA 38 3.68 -33.85 -85.47
N GLY EA 39 3.17 -34.55 -84.46
CA GLY EA 39 4.02 -35.27 -83.54
C GLY EA 39 3.50 -35.17 -82.13
N LEU EA 40 4.40 -35.38 -81.17
CA LEU EA 40 4.11 -35.34 -79.75
C LEU EA 40 4.73 -34.10 -79.14
N ASN EA 41 3.92 -33.28 -78.48
CA ASN EA 41 4.37 -32.04 -77.86
C ASN EA 41 3.95 -32.02 -76.41
N GLU EA 42 4.93 -31.98 -75.51
CA GLU EA 42 4.67 -31.83 -74.08
C GLU EA 42 4.65 -30.34 -73.77
N ILE EA 43 3.65 -29.90 -73.02
CA ILE EA 43 3.46 -28.49 -72.70
C ILE EA 43 3.51 -28.32 -71.20
N HIS EA 44 4.37 -27.41 -70.74
CA HIS EA 44 4.53 -27.18 -69.32
C HIS EA 44 3.73 -25.96 -68.87
N GLU EA 45 3.61 -24.96 -69.72
CA GLU EA 45 2.88 -23.74 -69.37
C GLU EA 45 2.28 -23.10 -70.61
N LYS EA 46 1.28 -22.25 -70.38
CA LYS EA 46 0.59 -21.56 -71.45
C LYS EA 46 1.40 -20.40 -72.01
N GLU EA 47 2.42 -19.94 -71.29
CA GLU EA 47 3.30 -18.91 -71.82
C GLU EA 47 4.16 -19.47 -72.96
N ASP EA 48 4.51 -20.75 -72.89
CA ASP EA 48 5.39 -21.38 -73.86
C ASP EA 48 4.61 -22.43 -74.65
N ILE EA 49 3.94 -22.00 -75.70
CA ILE EA 49 3.28 -22.89 -76.65
C ILE EA 49 3.96 -22.68 -78.00
N PRO EA 50 4.37 -23.74 -78.70
CA PRO EA 50 5.05 -23.54 -79.99
C PRO EA 50 4.18 -22.81 -81.00
N VAL EA 51 4.84 -21.95 -81.79
CA VAL EA 51 4.14 -21.01 -82.66
C VAL EA 51 3.45 -21.65 -83.86
N ASP EA 52 3.57 -22.96 -84.05
CA ASP EA 52 3.06 -23.56 -85.28
C ASP EA 52 1.54 -23.72 -85.26
N LEU EA 53 0.96 -23.99 -84.09
CA LEU EA 53 -0.46 -24.31 -84.02
C LEU EA 53 -1.33 -23.11 -84.39
N SER EA 54 -2.51 -23.40 -84.92
CA SER EA 54 -3.47 -22.37 -85.27
C SER EA 54 -3.95 -21.63 -84.03
N ALA EA 55 -4.50 -20.44 -84.24
CA ALA EA 55 -5.06 -19.69 -83.13
C ALA EA 55 -6.21 -20.45 -82.48
N GLU EA 56 -7.02 -21.12 -83.29
CA GLU EA 56 -8.14 -21.91 -82.78
C GLU EA 56 -7.65 -23.07 -81.91
N ASN EA 57 -6.59 -23.76 -82.34
CA ASN EA 57 -6.03 -24.81 -81.51
C ASN EA 57 -5.18 -24.24 -80.37
N LYS EA 58 -4.59 -23.07 -80.56
CA LYS EA 58 -3.82 -22.43 -79.50
C LYS EA 58 -4.70 -22.10 -78.30
N GLU EA 59 -5.91 -21.60 -78.57
CA GLU EA 59 -6.79 -21.17 -77.48
C GLU EA 59 -7.33 -22.36 -76.69
N TYR EA 60 -7.43 -23.53 -77.33
CA TYR EA 60 -7.86 -24.74 -76.62
C TYR EA 60 -6.88 -25.13 -75.53
N ILE EA 61 -5.57 -25.03 -75.81
CA ILE EA 61 -4.55 -25.38 -74.82
C ILE EA 61 -4.64 -24.43 -73.63
N ASN EA 62 -4.78 -23.13 -73.90
CA ASN EA 62 -4.97 -22.16 -72.83
C ASN EA 62 -6.26 -22.44 -72.05
N LEU EA 63 -7.28 -22.94 -72.73
CA LEU EA 63 -8.52 -23.33 -72.05
C LEU EA 63 -8.28 -24.50 -71.09
N ALA EA 64 -7.44 -25.45 -71.50
CA ALA EA 64 -7.22 -26.65 -70.69
C ALA EA 64 -6.19 -26.44 -69.60
N LEU EA 65 -5.36 -25.41 -69.69
CA LEU EA 65 -4.33 -25.17 -68.68
C LEU EA 65 -4.83 -24.37 -67.49
N MET EA 66 -6.12 -24.08 -67.39
CA MET EA 66 -6.69 -23.50 -66.18
C MET EA 66 -7.56 -24.53 -65.47
N GLY EA 67 -7.24 -24.78 -64.20
CA GLY EA 67 -8.06 -25.64 -63.37
C GLY EA 67 -8.46 -24.89 -62.11
N ASN EA 68 -9.46 -25.43 -61.42
CA ASN EA 68 -10.10 -24.68 -60.34
C ASN EA 68 -9.09 -24.30 -59.26
N VAL EA 69 -8.57 -25.29 -58.54
CA VAL EA 69 -7.69 -25.00 -57.41
C VAL EA 69 -6.25 -24.82 -57.87
N ASN EA 70 -5.81 -25.60 -58.85
CA ASN EA 70 -4.47 -25.43 -59.37
C ASN EA 70 -4.41 -25.91 -60.82
N THR EA 71 -3.34 -25.52 -61.49
CA THR EA 71 -3.13 -25.87 -62.89
C THR EA 71 -2.78 -27.35 -63.02
N PRO EA 72 -3.12 -27.99 -64.14
CA PRO EA 72 -2.60 -29.34 -64.40
C PRO EA 72 -1.08 -29.36 -64.43
N ASN EA 73 -0.53 -30.48 -63.94
CA ASN EA 73 0.92 -30.64 -63.88
C ASN EA 73 1.55 -30.64 -65.27
N LYS EA 74 0.89 -31.29 -66.24
CA LYS EA 74 1.50 -31.49 -67.54
C LYS EA 74 0.42 -31.71 -68.59
N LEU EA 75 0.68 -31.24 -69.80
CA LEU EA 75 -0.20 -31.43 -70.94
C LEU EA 75 0.55 -32.23 -72.01
N LEU EA 76 -0.10 -33.27 -72.53
CA LEU EA 76 0.48 -34.12 -73.57
C LEU EA 76 -0.34 -33.94 -74.84
N VAL EA 77 0.06 -32.99 -75.68
CA VAL EA 77 -0.64 -32.70 -76.92
C VAL EA 77 0.00 -33.54 -78.02
N TYR EA 78 -0.77 -34.48 -78.56
CA TYR EA 78 -0.35 -35.30 -79.69
C TYR EA 78 -1.04 -34.76 -80.93
N VAL EA 79 -0.26 -34.44 -81.96
CA VAL EA 79 -0.78 -33.80 -83.15
C VAL EA 79 -0.79 -34.84 -84.26
N ILE EA 80 -1.96 -35.03 -84.89
CA ILE EA 80 -2.09 -35.92 -86.04
C ILE EA 80 -2.53 -35.09 -87.23
N GLU EA 81 -2.28 -35.63 -88.41
CA GLU EA 81 -2.54 -34.87 -89.64
C GLU EA 81 -4.02 -34.84 -89.96
N GLY EA 82 -4.36 -34.05 -90.98
CA GLY EA 82 -5.73 -34.02 -91.45
C GLY EA 82 -6.11 -35.33 -92.11
N GLU EA 83 -7.36 -35.74 -91.90
CA GLU EA 83 -7.89 -37.00 -92.42
C GLU EA 83 -6.98 -38.17 -92.04
N ALA EA 84 -6.57 -38.17 -90.77
CA ALA EA 84 -5.66 -39.17 -90.25
C ALA EA 84 -6.45 -40.26 -89.55
N ASP EA 85 -5.76 -41.35 -89.21
CA ASP EA 85 -6.40 -42.42 -88.47
C ASP EA 85 -6.21 -42.20 -86.97
N ILE EA 86 -7.29 -42.38 -86.22
CA ILE EA 86 -7.27 -42.16 -84.78
C ILE EA 86 -6.54 -43.31 -84.07
N GLN EA 87 -6.49 -44.48 -84.71
CA GLN EA 87 -5.94 -45.66 -84.06
C GLN EA 87 -4.46 -45.51 -83.77
N THR EA 88 -3.71 -44.85 -84.66
CA THR EA 88 -2.28 -44.64 -84.39
C THR EA 88 -2.09 -43.69 -83.20
N ALA EA 89 -2.96 -42.69 -83.08
CA ALA EA 89 -2.90 -41.81 -81.92
C ALA EA 89 -3.15 -42.59 -80.63
N LEU EA 90 -4.18 -43.45 -80.62
CA LEU EA 90 -4.47 -44.21 -79.41
C LEU EA 90 -3.36 -45.22 -79.12
N ASP EA 91 -2.77 -45.82 -80.15
CA ASP EA 91 -1.69 -46.76 -79.96
C ASP EA 91 -0.47 -46.07 -79.35
N PHE EA 92 -0.14 -44.87 -79.81
CA PHE EA 92 0.96 -44.14 -79.21
C PHE EA 92 0.63 -43.75 -77.76
N LEU EA 93 -0.62 -43.35 -77.51
CA LEU EA 93 -0.98 -42.91 -76.16
C LEU EA 93 -1.06 -44.08 -75.18
N GLU EA 94 -1.15 -45.31 -75.69
CA GLU EA 94 -1.10 -46.47 -74.80
C GLU EA 94 0.18 -46.49 -73.96
N THR EA 95 1.27 -45.92 -74.49
CA THR EA 95 2.56 -46.02 -73.83
C THR EA 95 2.65 -45.11 -72.60
N LYS EA 96 2.09 -43.91 -72.68
CA LYS EA 96 2.31 -42.89 -71.67
C LYS EA 96 1.45 -43.13 -70.43
N GLU EA 97 1.69 -42.32 -69.40
CA GLU EA 97 0.84 -42.30 -68.21
C GLU EA 97 0.15 -40.96 -68.10
N PHE EA 98 -1.18 -41.00 -67.92
CA PHE EA 98 -2.00 -39.80 -67.91
C PHE EA 98 -3.33 -40.13 -67.24
N ASN EA 99 -4.09 -39.08 -66.94
CA ASN EA 99 -5.34 -39.23 -66.20
C ASN EA 99 -6.60 -39.16 -67.08
N TYR EA 100 -6.80 -38.05 -67.80
CA TYR EA 100 -7.99 -37.86 -68.60
C TYR EA 100 -7.60 -37.54 -70.05
N LEU EA 101 -8.44 -37.99 -70.98
CA LEU EA 101 -8.21 -37.80 -72.41
C LEU EA 101 -9.38 -37.07 -73.04
N CYS EA 102 -9.10 -36.12 -73.93
CA CYS EA 102 -10.14 -35.42 -74.66
C CYS EA 102 -9.63 -34.99 -76.03
N MET EA 103 -10.52 -35.06 -77.03
CA MET EA 103 -10.26 -34.54 -78.37
C MET EA 103 -11.20 -33.39 -78.64
N PRO EA 104 -10.70 -32.15 -78.70
CA PRO EA 104 -11.62 -31.01 -78.91
C PRO EA 104 -12.49 -31.13 -80.15
N LYS EA 105 -11.95 -31.65 -81.25
CA LYS EA 105 -12.71 -31.87 -82.47
C LYS EA 105 -12.77 -33.36 -82.75
N ALA EA 106 -13.93 -33.95 -82.53
CA ALA EA 106 -14.09 -35.39 -82.66
C ALA EA 106 -15.36 -35.70 -83.42
N VAL EA 107 -15.30 -36.76 -84.21
CA VAL EA 107 -16.43 -37.21 -85.04
C VAL EA 107 -17.02 -38.42 -84.34
N GLU EA 108 -18.26 -38.76 -84.68
CA GLU EA 108 -18.97 -39.88 -84.06
C GLU EA 108 -18.13 -41.16 -84.08
N ALA EA 109 -17.54 -41.47 -85.23
CA ALA EA 109 -16.66 -42.63 -85.32
C ALA EA 109 -15.45 -42.49 -84.41
N ASP EA 110 -14.86 -41.29 -84.36
CA ASP EA 110 -13.75 -41.05 -83.45
C ASP EA 110 -14.19 -41.25 -82.00
N LYS EA 111 -15.38 -40.75 -81.66
CA LYS EA 111 -15.89 -40.90 -80.29
C LYS EA 111 -16.05 -42.36 -79.93
N THR EA 112 -16.62 -43.17 -80.83
CA THR EA 112 -16.81 -44.58 -80.51
C THR EA 112 -15.47 -45.31 -80.43
N ALA EA 113 -14.49 -44.90 -81.25
CA ALA EA 113 -13.17 -45.51 -81.18
C ALA EA 113 -12.51 -45.22 -79.84
N ILE EA 114 -12.57 -43.96 -79.40
CA ILE EA 114 -12.01 -43.59 -78.10
C ILE EA 114 -12.72 -44.33 -76.97
N LYS EA 115 -14.04 -44.42 -77.04
CA LYS EA 115 -14.79 -45.12 -76.00
C LYS EA 115 -14.38 -46.57 -75.89
N ASN EA 116 -14.33 -47.26 -77.05
CA ASN EA 116 -13.96 -48.67 -77.04
C ASN EA 116 -12.53 -48.85 -76.53
N TRP EA 117 -11.62 -47.94 -76.92
CA TRP EA 117 -10.25 -48.02 -76.46
C TRP EA 117 -10.14 -47.82 -74.94
N ILE EA 118 -10.88 -46.86 -74.40
CA ILE EA 118 -10.85 -46.61 -72.95
C ILE EA 118 -11.38 -47.82 -72.20
N ILE EA 119 -12.49 -48.40 -72.68
CA ILE EA 119 -13.05 -49.57 -72.03
C ILE EA 119 -12.07 -50.73 -72.08
N LYS EA 120 -11.46 -50.96 -73.24
CA LYS EA 120 -10.51 -52.06 -73.37
C LYS EA 120 -9.32 -51.86 -72.44
N LEU EA 121 -8.79 -50.64 -72.37
CA LEU EA 121 -7.69 -50.36 -71.45
C LEU EA 121 -8.08 -50.70 -70.01
N ARG EA 122 -9.19 -50.11 -69.55
CA ARG EA 122 -9.59 -50.25 -68.15
C ARG EA 122 -9.93 -51.70 -67.81
N ASP EA 123 -10.42 -52.48 -68.78
CA ASP EA 123 -10.92 -53.81 -68.45
C ASP EA 123 -9.87 -54.90 -68.67
N ILE EA 124 -9.18 -54.88 -69.81
CA ILE EA 124 -8.18 -55.89 -70.12
C ILE EA 124 -6.77 -55.45 -69.72
N ASP EA 125 -6.40 -54.21 -70.04
CA ASP EA 125 -5.03 -53.78 -69.79
C ASP EA 125 -4.78 -53.43 -68.33
N LYS EA 126 -5.84 -53.29 -67.54
CA LYS EA 126 -5.73 -52.98 -66.11
C LYS EA 126 -4.96 -51.68 -65.87
N VAL EA 127 -5.15 -50.71 -66.75
CA VAL EA 127 -4.66 -49.35 -66.55
C VAL EA 127 -5.89 -48.45 -66.44
N LYS EA 128 -5.98 -47.71 -65.33
CA LYS EA 128 -7.17 -46.93 -65.01
C LYS EA 128 -7.06 -45.55 -65.64
N VAL EA 129 -7.66 -45.40 -66.83
CA VAL EA 129 -7.66 -44.13 -67.56
C VAL EA 129 -9.09 -43.73 -67.84
N LYS EA 130 -9.30 -42.44 -68.09
CA LYS EA 130 -10.63 -41.91 -68.30
C LYS EA 130 -10.63 -40.94 -69.48
N ALA EA 131 -11.81 -40.80 -70.12
CA ALA EA 131 -11.98 -39.89 -71.25
C ALA EA 131 -13.19 -39.00 -71.01
N VAL EA 132 -13.05 -37.72 -71.34
CA VAL EA 132 -14.13 -36.75 -71.28
C VAL EA 132 -14.57 -36.45 -72.71
N LEU EA 133 -15.77 -36.86 -73.07
CA LEU EA 133 -16.28 -36.71 -74.43
C LEU EA 133 -17.70 -36.17 -74.40
N GLY EA 134 -18.10 -35.51 -75.49
CA GLY EA 134 -19.42 -34.91 -75.57
C GLY EA 134 -20.42 -35.81 -76.26
N LYS EA 135 -21.61 -35.93 -75.64
CA LYS EA 135 -22.75 -36.62 -76.22
C LYS EA 135 -22.45 -38.08 -76.54
N VAL EA 136 -21.75 -38.75 -75.63
CA VAL EA 136 -21.42 -40.16 -75.77
C VAL EA 136 -22.07 -40.94 -74.63
N VAL EA 137 -22.89 -41.92 -74.98
CA VAL EA 137 -23.77 -42.58 -74.02
C VAL EA 137 -23.10 -43.79 -73.36
N GLY EA 138 -21.79 -43.93 -73.49
CA GLY EA 138 -21.04 -45.02 -72.86
C GLY EA 138 -21.42 -45.29 -71.42
N ASN EA 139 -21.83 -46.53 -71.14
CA ASN EA 139 -22.30 -46.94 -69.82
C ASN EA 139 -21.17 -47.28 -68.86
N HIS EA 140 -19.99 -46.67 -69.00
CA HIS EA 140 -18.84 -47.03 -68.20
C HIS EA 140 -18.44 -45.90 -67.24
N GLU EA 141 -17.87 -46.30 -66.10
CA GLU EA 141 -17.34 -45.32 -65.15
C GLU EA 141 -16.09 -44.62 -65.65
N GLY EA 142 -15.39 -45.18 -66.65
CA GLY EA 142 -14.22 -44.52 -67.19
C GLY EA 142 -14.55 -43.45 -68.22
N ILE EA 143 -15.83 -43.30 -68.57
CA ILE EA 143 -16.28 -42.30 -69.50
C ILE EA 143 -17.29 -41.39 -68.80
N ILE EA 144 -17.10 -40.08 -68.93
CA ILE EA 144 -18.06 -39.11 -68.42
C ILE EA 144 -18.62 -38.32 -69.60
N ASN EA 145 -19.95 -38.24 -69.66
CA ASN EA 145 -20.64 -37.58 -70.75
C ASN EA 145 -20.93 -36.11 -70.41
N PHE EA 146 -20.39 -35.22 -71.23
CA PHE EA 146 -20.66 -33.79 -71.10
C PHE EA 146 -21.67 -33.39 -72.18
N THR EA 147 -22.83 -32.91 -71.75
CA THR EA 147 -23.94 -32.57 -72.65
C THR EA 147 -24.37 -31.13 -72.37
N THR EA 148 -23.80 -30.19 -73.11
CA THR EA 148 -24.22 -28.80 -73.07
C THR EA 148 -23.81 -28.13 -74.38
N GLU EA 149 -24.74 -27.40 -74.98
CA GLU EA 149 -24.55 -26.82 -76.30
C GLU EA 149 -24.34 -25.32 -76.18
N ASP EA 150 -23.55 -24.77 -77.10
CA ASP EA 150 -23.45 -23.32 -77.32
C ASP EA 150 -23.03 -22.58 -76.04
N VAL EA 151 -21.92 -23.01 -75.45
CA VAL EA 151 -21.34 -22.32 -74.31
C VAL EA 151 -20.48 -21.17 -74.82
N LEU EA 152 -20.71 -19.96 -74.31
CA LEU EA 152 -20.09 -18.77 -74.85
C LEU EA 152 -19.02 -18.27 -73.88
N VAL EA 153 -17.77 -18.18 -74.35
CA VAL EA 153 -16.63 -17.75 -73.55
C VAL EA 153 -15.88 -16.68 -74.33
N GLY EA 154 -15.54 -15.59 -73.67
CA GLY EA 154 -14.80 -14.52 -74.31
C GLY EA 154 -15.53 -14.02 -75.53
N GLU EA 155 -16.84 -13.76 -75.36
CA GLU EA 155 -17.77 -13.42 -76.42
C GLU EA 155 -17.61 -14.29 -77.67
N LYS EA 156 -17.13 -15.52 -77.49
CA LYS EA 156 -16.96 -16.47 -78.59
C LYS EA 156 -17.83 -17.70 -78.31
N LYS EA 157 -18.54 -18.16 -79.33
CA LYS EA 157 -19.34 -19.37 -79.21
C LYS EA 157 -18.42 -20.58 -79.12
N TYR EA 158 -18.74 -21.51 -78.23
CA TYR EA 158 -17.98 -22.75 -78.11
C TYR EA 158 -18.94 -23.93 -78.16
N SER EA 159 -18.60 -24.92 -78.97
CA SER EA 159 -19.44 -26.08 -79.18
C SER EA 159 -19.17 -27.12 -78.08
N VAL EA 160 -20.00 -28.15 -78.03
CA VAL EA 160 -19.93 -29.10 -76.92
C VAL EA 160 -18.61 -29.86 -76.95
N ASP EA 161 -18.18 -30.31 -78.13
CA ASP EA 161 -16.90 -31.01 -78.23
C ASP EA 161 -15.73 -30.12 -77.87
N GLU EA 162 -15.76 -28.86 -78.29
CA GLU EA 162 -14.65 -27.95 -78.03
C GLU EA 162 -14.48 -27.61 -76.56
N PHE EA 163 -15.58 -27.43 -75.83
CA PHE EA 163 -15.50 -27.05 -74.42
C PHE EA 163 -15.14 -28.23 -73.52
N THR EA 164 -15.06 -29.44 -74.09
CA THR EA 164 -14.66 -30.60 -73.30
C THR EA 164 -13.21 -30.49 -72.82
N SER EA 165 -12.40 -29.67 -73.50
CA SER EA 165 -11.05 -29.42 -73.00
C SER EA 165 -11.08 -28.67 -71.67
N ARG EA 166 -11.95 -27.66 -71.55
CA ARG EA 166 -12.09 -26.93 -70.30
C ARG EA 166 -12.61 -27.85 -69.20
N VAL EA 167 -13.57 -28.72 -69.53
CA VAL EA 167 -14.11 -29.66 -68.55
C VAL EA 167 -13.01 -30.62 -68.07
N ALA EA 168 -12.21 -31.14 -69.00
CA ALA EA 168 -11.13 -32.05 -68.61
C ALA EA 168 -10.13 -31.34 -67.71
N GLY EA 169 -9.76 -30.10 -68.04
CA GLY EA 169 -8.86 -29.35 -67.17
C GLY EA 169 -9.45 -29.11 -65.80
N LEU EA 170 -10.73 -28.73 -65.74
CA LEU EA 170 -11.37 -28.46 -64.45
C LEU EA 170 -11.40 -29.71 -63.58
N ILE EA 171 -11.73 -30.86 -64.17
CA ILE EA 171 -11.78 -32.09 -63.39
C ILE EA 171 -10.39 -32.51 -62.95
N ALA EA 172 -9.40 -32.42 -63.84
CA ALA EA 172 -8.04 -32.81 -63.48
C ALA EA 172 -7.43 -31.87 -62.45
N GLY EA 173 -7.95 -30.65 -62.32
CA GLY EA 173 -7.38 -29.71 -61.37
C GLY EA 173 -7.97 -29.79 -59.97
N THR EA 174 -8.93 -30.68 -59.76
CA THR EA 174 -9.61 -30.76 -58.46
C THR EA 174 -8.82 -31.62 -57.49
N PRO EA 175 -8.54 -31.13 -56.27
CA PRO EA 175 -7.76 -31.94 -55.32
C PRO EA 175 -8.50 -33.16 -54.82
N LEU EA 176 -7.75 -34.13 -54.26
CA LEU EA 176 -8.31 -35.44 -53.94
C LEU EA 176 -9.39 -35.37 -52.88
N SER EA 177 -9.30 -34.39 -51.97
CA SER EA 177 -10.27 -34.30 -50.89
C SER EA 177 -11.65 -33.83 -51.36
N GLN EA 178 -11.78 -33.37 -52.61
CA GLN EA 178 -12.92 -32.55 -53.00
C GLN EA 178 -13.65 -33.13 -54.21
N SER EA 179 -14.75 -32.47 -54.55
CA SER EA 179 -15.61 -32.82 -55.67
C SER EA 179 -15.84 -31.58 -56.52
N VAL EA 180 -16.22 -31.79 -57.79
CA VAL EA 180 -16.49 -30.65 -58.67
C VAL EA 180 -17.93 -30.19 -58.62
N THR EA 181 -18.74 -30.75 -57.73
CA THR EA 181 -20.12 -30.33 -57.59
C THR EA 181 -20.21 -28.85 -57.22
N TYR EA 182 -21.07 -28.11 -57.92
CA TYR EA 182 -21.28 -26.68 -57.71
C TYR EA 182 -20.01 -25.84 -57.90
N THR EA 183 -19.00 -26.38 -58.57
CA THR EA 183 -17.84 -25.56 -58.90
C THR EA 183 -18.22 -24.54 -59.98
N LYS EA 184 -17.77 -23.30 -59.81
CA LYS EA 184 -18.20 -22.20 -60.66
C LYS EA 184 -17.14 -21.92 -61.71
N LEU EA 185 -17.59 -21.54 -62.91
CA LEU EA 185 -16.72 -21.15 -63.99
C LEU EA 185 -16.91 -19.66 -64.27
N SER EA 186 -15.90 -18.87 -63.90
CA SER EA 186 -16.00 -17.42 -64.08
C SER EA 186 -15.86 -17.00 -65.52
N ASP EA 187 -15.23 -17.82 -66.37
CA ASP EA 187 -15.10 -17.45 -67.78
C ASP EA 187 -16.46 -17.38 -68.47
N VAL EA 188 -17.35 -18.33 -68.16
CA VAL EA 188 -18.61 -18.44 -68.88
C VAL EA 188 -19.57 -17.35 -68.41
N VAL EA 189 -20.27 -16.73 -69.35
CA VAL EA 189 -21.21 -15.67 -69.02
C VAL EA 189 -22.60 -15.89 -69.61
N ASP EA 190 -22.82 -16.92 -70.42
CA ASP EA 190 -24.13 -17.20 -70.99
C ASP EA 190 -24.27 -18.69 -71.28
N ILE EA 191 -25.48 -19.21 -71.06
CA ILE EA 191 -25.79 -20.63 -71.22
C ILE EA 191 -27.23 -20.77 -71.69
N PRO EA 192 -27.55 -21.74 -72.56
CA PRO EA 192 -28.95 -21.97 -72.93
C PRO EA 192 -29.81 -22.27 -71.72
N LYS EA 193 -31.04 -21.76 -71.73
CA LYS EA 193 -31.96 -22.00 -70.63
C LYS EA 193 -32.35 -23.48 -70.57
N MET EA 194 -32.62 -23.95 -69.36
CA MET EA 194 -33.09 -25.32 -69.15
C MET EA 194 -33.90 -25.38 -67.86
N THR EA 195 -35.04 -26.07 -67.93
CA THR EA 195 -35.93 -26.19 -66.79
C THR EA 195 -35.38 -27.20 -65.77
N LYS EA 196 -35.95 -27.15 -64.56
CA LYS EA 196 -35.40 -27.92 -63.45
C LYS EA 196 -35.63 -29.42 -63.63
N VAL EA 197 -36.82 -29.81 -64.06
CA VAL EA 197 -37.12 -31.23 -64.23
C VAL EA 197 -36.27 -31.82 -65.34
N ASP EA 198 -36.00 -31.06 -66.40
CA ASP EA 198 -35.13 -31.54 -67.47
C ASP EA 198 -33.71 -31.77 -66.96
N ALA EA 199 -33.19 -30.85 -66.15
CA ALA EA 199 -31.86 -31.04 -65.57
C ALA EA 199 -31.81 -32.25 -64.66
N GLU EA 200 -32.85 -32.42 -63.82
CA GLU EA 200 -32.95 -33.62 -62.99
C GLU EA 200 -32.88 -34.88 -63.83
N SER EA 201 -33.68 -34.95 -64.90
CA SER EA 201 -33.72 -36.15 -65.72
C SER EA 201 -32.37 -36.40 -66.39
N ARG EA 202 -31.71 -35.34 -66.87
CA ARG EA 202 -30.41 -35.51 -67.52
C ARG EA 202 -29.37 -36.02 -66.53
N VAL EA 203 -29.35 -35.47 -65.31
CA VAL EA 203 -28.39 -35.95 -64.31
C VAL EA 203 -28.67 -37.41 -63.99
N ASN EA 204 -29.94 -37.78 -63.82
CA ASN EA 204 -30.26 -39.18 -63.55
C ASN EA 204 -29.96 -40.08 -64.74
N LYS EA 205 -29.88 -39.53 -65.95
CA LYS EA 205 -29.52 -40.33 -67.12
C LYS EA 205 -28.02 -40.54 -67.24
N GLY EA 206 -27.22 -39.76 -66.52
CA GLY EA 206 -25.78 -39.93 -66.51
C GLY EA 206 -24.96 -38.85 -67.19
N GLU EA 207 -25.43 -37.60 -67.23
CA GLU EA 207 -24.73 -36.54 -67.93
C GLU EA 207 -24.21 -35.48 -66.95
N LEU EA 208 -23.05 -34.94 -67.29
CA LEU EA 208 -22.47 -33.79 -66.59
C LEU EA 208 -22.89 -32.52 -67.32
N ILE EA 209 -23.61 -31.64 -66.64
CA ILE EA 209 -24.22 -30.47 -67.27
C ILE EA 209 -23.85 -29.21 -66.51
N LEU EA 210 -23.96 -28.07 -67.18
CA LEU EA 210 -23.86 -26.77 -66.53
C LEU EA 210 -25.26 -26.24 -66.21
N ILE EA 211 -25.36 -25.44 -65.15
CA ILE EA 211 -26.63 -24.83 -64.76
C ILE EA 211 -26.41 -23.36 -64.44
N LYS EA 212 -27.51 -22.60 -64.47
CA LYS EA 212 -27.46 -21.16 -64.28
C LYS EA 212 -27.84 -20.82 -62.84
N GLU EA 213 -27.16 -19.82 -62.29
CA GLU EA 213 -27.42 -19.42 -60.91
C GLU EA 213 -27.06 -17.95 -60.72
N ALA EA 214 -27.65 -17.36 -59.67
CA ALA EA 214 -27.29 -16.00 -59.29
C ALA EA 214 -25.79 -15.92 -59.09
N GLY EA 215 -25.16 -14.98 -59.79
CA GLY EA 215 -23.73 -15.04 -59.98
C GLY EA 215 -23.38 -15.83 -61.23
N ALA EA 216 -22.28 -16.56 -61.16
CA ALA EA 216 -21.78 -17.21 -62.36
C ALA EA 216 -22.50 -18.52 -62.63
N ILE EA 217 -21.98 -19.23 -63.63
CA ILE EA 217 -22.46 -20.56 -64.00
C ILE EA 217 -21.69 -21.61 -63.21
N ARG EA 218 -22.29 -22.80 -63.06
CA ARG EA 218 -21.62 -23.82 -62.27
C ARG EA 218 -21.97 -25.22 -62.75
N ILE EA 219 -21.12 -26.19 -62.34
CA ILE EA 219 -21.38 -27.60 -62.59
C ILE EA 219 -22.48 -28.08 -61.66
N ALA EA 220 -23.38 -28.93 -62.18
CA ALA EA 220 -24.52 -29.37 -61.38
C ALA EA 220 -24.13 -30.45 -60.37
N ARG EA 221 -23.70 -31.61 -60.86
CA ARG EA 221 -23.38 -32.76 -60.01
C ARG EA 221 -22.25 -33.55 -60.65
N GLY EA 222 -21.30 -33.98 -59.82
CA GLY EA 222 -20.11 -34.68 -60.30
C GLY EA 222 -20.36 -36.15 -60.59
N VAL EA 223 -21.19 -36.42 -61.58
CA VAL EA 223 -21.71 -37.77 -61.81
C VAL EA 223 -21.00 -38.43 -62.99
N ASN EA 224 -21.10 -39.76 -63.05
CA ASN EA 224 -20.52 -40.58 -64.10
C ASN EA 224 -21.55 -40.84 -65.19
N SER EA 225 -21.11 -41.54 -66.24
CA SER EA 225 -22.03 -42.05 -67.26
C SER EA 225 -22.50 -43.46 -66.96
N LEU EA 226 -22.07 -44.06 -65.85
CA LEU EA 226 -22.56 -45.37 -65.46
C LEU EA 226 -23.99 -45.26 -64.94
N THR EA 227 -24.90 -46.02 -65.52
CA THR EA 227 -26.30 -45.98 -65.14
C THR EA 227 -26.88 -47.32 -64.71
N GLU EA 228 -26.46 -48.43 -65.32
CA GLU EA 228 -26.95 -49.76 -64.96
C GLU EA 228 -26.11 -50.32 -63.82
N LEU EA 229 -26.70 -50.38 -62.63
CA LEU EA 229 -26.01 -50.79 -61.42
C LEU EA 229 -26.34 -52.23 -61.09
N THR EA 230 -25.36 -52.98 -60.58
CA THR EA 230 -25.50 -54.39 -60.26
C THR EA 230 -25.14 -54.66 -58.79
N ALA EA 231 -25.20 -55.93 -58.42
CA ALA EA 231 -24.88 -56.32 -57.06
C ALA EA 231 -23.41 -56.11 -56.73
N GLU EA 232 -22.56 -56.05 -57.75
CA GLU EA 232 -21.13 -55.81 -57.53
C GLU EA 232 -20.73 -54.36 -57.72
N LYS EA 233 -21.48 -53.60 -58.55
CA LYS EA 233 -21.21 -52.19 -58.81
C LYS EA 233 -22.36 -51.37 -58.24
N GLY EA 234 -22.11 -50.68 -57.13
CA GLY EA 234 -23.12 -49.89 -56.47
C GLY EA 234 -23.13 -48.44 -56.95
N GLU EA 235 -23.88 -47.61 -56.21
CA GLU EA 235 -24.06 -46.22 -56.60
C GLU EA 235 -22.82 -45.38 -56.29
N MET EA 236 -21.92 -45.89 -55.45
CA MET EA 236 -20.68 -45.16 -55.17
C MET EA 236 -19.81 -45.04 -56.41
N PHE EA 237 -19.93 -45.97 -57.36
CA PHE EA 237 -19.13 -45.97 -58.57
C PHE EA 237 -19.60 -44.95 -59.60
N GLN EA 238 -20.70 -44.24 -59.34
CA GLN EA 238 -21.19 -43.22 -60.27
C GLN EA 238 -20.58 -41.85 -59.99
N LYS EA 239 -19.74 -41.71 -58.97
CA LYS EA 239 -19.24 -40.40 -58.55
C LYS EA 239 -17.78 -40.22 -58.94
N ILE EA 240 -17.45 -39.06 -59.51
CA ILE EA 240 -16.12 -38.81 -60.05
C ILE EA 240 -15.07 -38.87 -58.95
N LYS EA 241 -15.34 -38.24 -57.80
CA LYS EA 241 -14.35 -38.19 -56.73
C LYS EA 241 -14.00 -39.60 -56.22
N ILE EA 242 -15.01 -40.47 -56.09
CA ILE EA 242 -14.78 -41.83 -55.59
C ILE EA 242 -13.91 -42.60 -56.57
N VAL EA 243 -14.25 -42.53 -57.86
CA VAL EA 243 -13.50 -43.27 -58.87
C VAL EA 243 -12.06 -42.75 -58.95
N ASP EA 244 -11.89 -41.43 -58.80
CA ASP EA 244 -10.54 -40.84 -58.80
C ASP EA 244 -9.70 -41.38 -57.65
N THR EA 245 -10.27 -41.43 -56.44
CA THR EA 245 -9.50 -41.95 -55.31
C THR EA 245 -9.21 -43.44 -55.47
N LEU EA 246 -10.16 -44.22 -56.00
CA LEU EA 246 -9.87 -45.63 -56.24
C LEU EA 246 -8.75 -45.80 -57.26
N ASP EA 247 -8.73 -44.96 -58.29
CA ASP EA 247 -7.67 -45.03 -59.30
C ASP EA 247 -6.31 -44.70 -58.70
N ILE EA 248 -6.24 -43.71 -57.81
CA ILE EA 248 -4.94 -43.37 -57.23
C ILE EA 248 -4.45 -44.48 -56.30
N ILE EA 249 -5.37 -45.12 -55.56
CA ILE EA 249 -4.96 -46.26 -54.74
C ILE EA 249 -4.42 -47.39 -55.62
N HIS EA 250 -5.15 -47.68 -56.71
CA HIS EA 250 -4.71 -48.70 -57.66
C HIS EA 250 -3.30 -48.42 -58.16
N SER EA 251 -3.02 -47.19 -58.57
CA SER EA 251 -1.70 -46.86 -59.13
C SER EA 251 -0.60 -46.97 -58.06
N ASP EA 252 -0.86 -46.49 -56.85
CA ASP EA 252 0.15 -46.59 -55.80
C ASP EA 252 0.51 -48.06 -55.50
N ILE EA 253 -0.51 -48.92 -55.35
CA ILE EA 253 -0.24 -50.32 -55.03
C ILE EA 253 0.48 -51.00 -56.18
N ARG EA 254 0.06 -50.73 -57.42
CA ARG EA 254 0.75 -51.30 -58.57
C ARG EA 254 2.22 -50.89 -58.59
N LYS EA 255 2.50 -49.62 -58.29
CA LYS EA 255 3.88 -49.14 -58.30
C LYS EA 255 4.71 -49.89 -57.25
N VAL EA 256 4.18 -50.03 -56.04
CA VAL EA 256 4.94 -50.71 -54.99
C VAL EA 256 5.21 -52.16 -55.40
N ILE EA 257 4.18 -52.86 -55.88
CA ILE EA 257 4.35 -54.28 -56.24
C ILE EA 257 5.40 -54.42 -57.33
N ILE EA 258 5.33 -53.56 -58.36
CA ILE EA 258 6.28 -53.68 -59.47
C ILE EA 258 7.70 -53.37 -59.01
N ASP EA 259 7.87 -52.35 -58.16
CA ASP EA 259 9.21 -51.91 -57.84
C ASP EA 259 9.90 -52.82 -56.84
N ASP EA 260 9.14 -53.50 -55.96
CA ASP EA 260 9.78 -54.24 -54.90
C ASP EA 260 9.68 -55.77 -54.99
N TYR EA 261 8.79 -56.32 -55.81
CA TYR EA 261 8.53 -57.76 -55.72
C TYR EA 261 8.56 -58.54 -57.02
N ILE EA 262 8.18 -57.96 -58.16
CA ILE EA 262 8.04 -58.73 -59.39
C ILE EA 262 9.43 -59.14 -59.88
N GLY EA 263 9.71 -60.43 -59.83
CA GLY EA 263 10.98 -60.98 -60.25
C GLY EA 263 12.09 -60.87 -59.24
N LYS EA 264 11.83 -60.31 -58.06
CA LYS EA 264 12.87 -60.07 -57.07
C LYS EA 264 12.89 -61.10 -55.95
N VAL EA 265 11.78 -61.78 -55.68
CA VAL EA 265 11.67 -62.69 -54.54
C VAL EA 265 11.08 -64.01 -54.99
N THR EA 266 11.42 -65.06 -54.23
CA THR EA 266 10.83 -66.38 -54.46
C THR EA 266 9.38 -66.38 -53.98
N ASN EA 267 8.59 -67.29 -54.53
CA ASN EA 267 7.15 -67.33 -54.25
C ASN EA 267 6.85 -68.38 -53.19
N SER EA 268 7.18 -68.07 -51.94
CA SER EA 268 6.87 -68.93 -50.80
C SER EA 268 5.87 -68.20 -49.91
N TYR EA 269 5.26 -68.95 -48.99
CA TYR EA 269 4.26 -68.36 -48.10
C TYR EA 269 4.85 -67.22 -47.25
N ASP EA 270 6.11 -67.36 -46.83
CA ASP EA 270 6.75 -66.31 -46.03
C ASP EA 270 6.85 -64.99 -46.79
N ASN EA 271 7.26 -65.05 -48.07
CA ASN EA 271 7.35 -63.85 -48.88
C ASN EA 271 5.99 -63.24 -49.14
N LYS EA 272 4.96 -64.07 -49.30
CA LYS EA 272 3.59 -63.56 -49.40
C LYS EA 272 3.20 -62.80 -48.13
N CYS EA 273 3.59 -63.30 -46.96
CA CYS EA 273 3.30 -62.58 -45.71
C CYS EA 273 4.01 -61.22 -45.67
N LEU EA 274 5.26 -61.18 -46.15
CA LEU EA 274 5.97 -59.90 -46.23
C LEU EA 274 5.23 -58.90 -47.15
N LEU EA 275 4.75 -59.39 -48.29
CA LEU EA 275 3.98 -58.53 -49.20
C LEU EA 275 2.70 -58.02 -48.54
N ILE EA 276 2.01 -58.89 -47.80
CA ILE EA 276 0.81 -58.49 -47.08
C ILE EA 276 1.12 -57.37 -46.10
N VAL EA 277 2.23 -57.50 -45.36
CA VAL EA 277 2.58 -56.46 -44.38
C VAL EA 277 2.86 -55.13 -45.09
N ALA EA 278 3.55 -55.17 -46.23
CA ALA EA 278 3.83 -53.94 -46.96
C ALA EA 278 2.55 -53.24 -47.42
N ILE EA 279 1.61 -54.01 -47.97
CA ILE EA 279 0.35 -53.42 -48.43
C ILE EA 279 -0.46 -52.85 -47.26
N LYS EA 280 -0.47 -53.57 -46.14
CA LYS EA 280 -1.18 -53.07 -44.95
C LYS EA 280 -0.58 -51.76 -44.47
N SER EA 281 0.74 -51.64 -44.47
CA SER EA 281 1.37 -50.38 -44.06
C SER EA 281 0.98 -49.24 -44.99
N TYR EA 282 0.91 -49.51 -46.31
CA TYR EA 282 0.45 -48.47 -47.22
C TYR EA 282 -0.98 -48.02 -46.89
N LEU EA 283 -1.86 -48.99 -46.61
CA LEU EA 283 -3.25 -48.64 -46.27
C LEU EA 283 -3.30 -47.83 -44.96
N GLU EA 284 -2.44 -48.16 -44.00
CA GLU EA 284 -2.38 -47.38 -42.75
C GLU EA 284 -1.94 -45.94 -43.01
N GLU EA 285 -0.96 -45.76 -43.89
CA GLU EA 285 -0.53 -44.41 -44.24
C GLU EA 285 -1.67 -43.64 -44.90
N LEU EA 286 -2.45 -44.31 -45.75
CA LEU EA 286 -3.63 -43.65 -46.33
C LEU EA 286 -4.62 -43.26 -45.25
N GLU EA 287 -4.81 -44.12 -44.25
CA GLU EA 287 -5.75 -43.85 -43.18
C GLU EA 287 -5.35 -42.62 -42.38
N LYS EA 288 -4.05 -42.47 -42.10
CA LYS EA 288 -3.58 -41.31 -41.35
C LYS EA 288 -3.86 -40.00 -42.08
N SER EA 289 -3.82 -40.02 -43.41
CA SER EA 289 -4.10 -38.83 -44.21
C SER EA 289 -5.60 -38.57 -44.38
N ALA EA 290 -6.45 -39.39 -43.76
CA ALA EA 290 -7.91 -39.23 -43.75
C ALA EA 290 -8.53 -39.40 -45.14
N LEU EA 291 -7.81 -40.04 -46.06
CA LEU EA 291 -8.37 -40.31 -47.39
C LEU EA 291 -9.35 -41.47 -47.35
N ILE EA 292 -9.14 -42.44 -46.47
CA ILE EA 292 -10.06 -43.55 -46.25
C ILE EA 292 -10.32 -43.67 -44.75
N GLU EA 293 -11.38 -44.39 -44.40
CA GLU EA 293 -11.73 -44.61 -43.00
C GLU EA 293 -10.81 -45.64 -42.36
N SER EA 294 -10.85 -45.69 -41.02
CA SER EA 294 -9.95 -46.54 -40.25
C SER EA 294 -10.37 -48.01 -40.30
N ASP EA 295 -9.46 -48.87 -39.85
CA ASP EA 295 -9.69 -50.30 -39.65
C ASP EA 295 -9.88 -51.06 -40.97
N SER EA 296 -8.98 -50.80 -41.92
CA SER EA 296 -8.91 -51.62 -43.14
C SER EA 296 -8.02 -52.84 -42.90
N THR EA 297 -8.23 -53.88 -43.71
CA THR EA 297 -7.55 -55.15 -43.55
C THR EA 297 -7.03 -55.68 -44.88
N VAL EA 298 -6.01 -56.55 -44.80
CA VAL EA 298 -5.46 -57.29 -45.94
C VAL EA 298 -5.18 -58.72 -45.47
N GLU EA 299 -5.46 -59.70 -46.34
CA GLU EA 299 -5.27 -61.10 -45.99
C GLU EA 299 -5.20 -61.96 -47.25
N ILE EA 300 -4.92 -63.25 -47.04
CA ILE EA 300 -4.86 -64.21 -48.13
C ILE EA 300 -6.29 -64.56 -48.59
N ASP EA 301 -6.51 -64.55 -49.90
CA ASP EA 301 -7.79 -64.95 -50.48
C ASP EA 301 -7.86 -66.47 -50.54
N PHE EA 302 -8.31 -67.08 -49.45
CA PHE EA 302 -8.25 -68.53 -49.30
C PHE EA 302 -9.12 -69.25 -50.33
N GLU EA 303 -10.30 -68.69 -50.64
CA GLU EA 303 -11.19 -69.30 -51.62
C GLU EA 303 -10.57 -69.31 -53.02
N ALA EA 304 -9.93 -68.21 -53.43
CA ALA EA 304 -9.30 -68.17 -54.74
C ALA EA 304 -8.16 -69.17 -54.83
N GLN EA 305 -7.37 -69.29 -53.75
CA GLN EA 305 -6.32 -70.29 -53.72
C GLN EA 305 -6.89 -71.70 -53.85
N LYS EA 306 -7.99 -71.98 -53.14
CA LYS EA 306 -8.64 -73.28 -53.28
C LYS EA 306 -9.12 -73.54 -54.70
N SER EA 307 -9.72 -72.55 -55.35
CA SER EA 307 -10.22 -72.75 -56.71
C SER EA 307 -9.06 -72.99 -57.69
N TYR EA 308 -7.96 -72.23 -57.53
CA TYR EA 308 -6.80 -72.47 -58.38
C TYR EA 308 -6.23 -73.87 -58.15
N LEU EA 309 -6.13 -74.29 -56.88
CA LEU EA 309 -5.63 -75.63 -56.57
C LEU EA 309 -6.53 -76.71 -57.16
N LYS EA 310 -7.85 -76.53 -57.06
CA LYS EA 310 -8.79 -77.45 -57.70
C LYS EA 310 -8.55 -77.49 -59.20
N SER EA 311 -8.36 -76.33 -59.83
CA SER EA 311 -8.14 -76.28 -61.27
C SER EA 311 -6.86 -77.00 -61.68
N LYS EA 312 -5.86 -77.03 -60.80
CA LYS EA 312 -4.64 -77.76 -61.13
C LYS EA 312 -4.74 -79.25 -60.85
N GLY EA 313 -5.66 -79.69 -59.98
CA GLY EA 313 -5.91 -81.10 -59.77
C GLY EA 313 -5.49 -81.70 -58.44
N VAL EA 314 -5.08 -80.88 -57.46
CA VAL EA 314 -4.68 -81.40 -56.17
C VAL EA 314 -5.92 -81.87 -55.40
N ASP EA 315 -5.71 -82.59 -54.30
CA ASP EA 315 -6.81 -83.09 -53.47
C ASP EA 315 -7.10 -82.11 -52.34
N LEU EA 316 -8.38 -81.84 -52.11
CA LEU EA 316 -8.79 -80.99 -51.01
C LEU EA 316 -9.29 -81.78 -49.80
N SER EA 317 -9.72 -83.02 -50.00
CA SER EA 317 -10.08 -83.85 -48.86
C SER EA 317 -8.82 -84.37 -48.16
N TYR EA 318 -8.88 -84.43 -46.84
CA TYR EA 318 -7.77 -84.88 -46.01
C TYR EA 318 -6.57 -83.94 -46.12
N MET EA 319 -6.84 -82.67 -46.40
CA MET EA 319 -5.83 -81.61 -46.36
C MET EA 319 -6.23 -80.61 -45.28
N THR EA 320 -5.31 -80.34 -44.36
CA THR EA 320 -5.56 -79.36 -43.32
C THR EA 320 -5.73 -77.98 -43.95
N LEU EA 321 -6.48 -77.11 -43.27
CA LEU EA 321 -6.63 -75.74 -43.72
C LEU EA 321 -5.28 -75.04 -43.77
N GLN EA 322 -4.42 -75.27 -42.78
CA GLN EA 322 -3.07 -74.74 -42.83
C GLN EA 322 -2.32 -75.26 -44.05
N GLU EA 323 -2.54 -76.54 -44.39
CA GLU EA 323 -1.91 -77.13 -45.57
C GLU EA 323 -2.37 -76.45 -46.85
N ILE EA 324 -3.67 -76.14 -46.96
CA ILE EA 324 -4.17 -75.44 -48.14
C ILE EA 324 -3.59 -74.02 -48.21
N LYS EA 325 -3.55 -73.34 -47.06
CA LYS EA 325 -3.14 -71.93 -47.06
C LYS EA 325 -1.69 -71.76 -47.51
N GLU EA 326 -0.82 -72.67 -47.12
CA GLU EA 326 0.62 -72.55 -47.38
C GLU EA 326 1.07 -73.29 -48.63
N ALA EA 327 0.14 -73.78 -49.45
CA ALA EA 327 0.50 -74.59 -50.60
C ALA EA 327 1.22 -73.76 -51.68
N ASN EA 328 2.05 -74.44 -52.46
CA ASN EA 328 2.76 -73.81 -53.57
C ASN EA 328 1.79 -73.48 -54.68
N THR EA 329 1.97 -72.31 -55.30
CA THR EA 329 1.09 -71.81 -56.36
C THR EA 329 1.89 -71.28 -57.54
N GLY EA 330 3.03 -71.88 -57.82
CA GLY EA 330 3.80 -71.48 -59.00
C GLY EA 330 4.25 -70.04 -58.92
N SER EA 331 3.63 -69.19 -59.72
CA SER EA 331 3.95 -67.78 -59.78
C SER EA 331 2.80 -66.86 -59.34
N LYS EA 332 1.70 -67.42 -58.88
CA LYS EA 332 0.49 -66.65 -58.57
C LYS EA 332 0.42 -66.33 -57.07
N VAL EA 333 -0.16 -65.16 -56.76
CA VAL EA 333 -0.43 -64.72 -55.40
C VAL EA 333 -1.87 -64.22 -55.34
N PHE EA 334 -2.66 -64.78 -54.41
CA PHE EA 334 -4.07 -64.41 -54.27
C PHE EA 334 -4.27 -63.68 -52.94
N LEU EA 335 -4.82 -62.47 -53.02
CA LEU EA 335 -5.00 -61.61 -51.85
C LEU EA 335 -6.36 -60.92 -51.90
N LYS EA 336 -6.80 -60.43 -50.75
CA LYS EA 336 -8.04 -59.65 -50.66
C LYS EA 336 -7.92 -58.63 -49.53
N ALA EA 337 -8.74 -57.58 -49.61
CA ALA EA 337 -8.67 -56.46 -48.69
C ALA EA 337 -10.04 -55.80 -48.59
N LYS EA 338 -10.18 -54.89 -47.63
CA LYS EA 338 -11.45 -54.19 -47.41
C LYS EA 338 -11.17 -52.78 -46.94
N ILE EA 339 -11.86 -51.80 -47.54
CA ILE EA 339 -11.67 -50.38 -47.22
C ILE EA 339 -13.04 -49.70 -47.18
N LYS EA 340 -13.05 -48.47 -46.67
CA LYS EA 340 -14.25 -47.65 -46.63
C LYS EA 340 -13.93 -46.22 -47.08
N VAL EA 341 -14.83 -45.64 -47.89
CA VAL EA 341 -14.70 -44.28 -48.39
C VAL EA 341 -15.96 -43.51 -48.07
N LEU EA 342 -15.81 -42.23 -47.72
CA LEU EA 342 -16.92 -41.39 -47.33
C LEU EA 342 -17.25 -40.36 -48.42
N ASP EA 343 -18.48 -39.86 -48.39
CA ASP EA 343 -18.95 -38.89 -49.36
C ASP EA 343 -18.74 -37.47 -48.85
N ALA EA 344 -18.73 -36.53 -49.78
CA ALA EA 344 -18.58 -35.13 -49.43
C ALA EA 344 -19.95 -34.49 -49.14
N MET EA 345 -19.91 -33.28 -48.60
CA MET EA 345 -21.12 -32.50 -48.31
C MET EA 345 -21.65 -31.88 -49.60
N GLU EA 346 -22.86 -32.28 -50.01
CA GLU EA 346 -23.50 -31.69 -51.19
C GLU EA 346 -24.85 -31.04 -50.89
N ASP EA 347 -25.70 -31.68 -50.08
CA ASP EA 347 -27.06 -31.22 -49.87
C ASP EA 347 -27.25 -30.79 -48.42
N ILE EA 348 -27.86 -29.61 -48.24
CA ILE EA 348 -28.07 -29.00 -46.93
C ILE EA 348 -29.53 -28.58 -46.80
N ASP EA 349 -30.15 -28.90 -45.66
CA ASP EA 349 -31.47 -28.42 -45.31
C ASP EA 349 -31.39 -27.64 -44.00
N LEU EA 350 -31.78 -26.37 -44.03
CA LEU EA 350 -31.82 -25.53 -42.84
C LEU EA 350 -33.20 -24.92 -42.69
N SER EA 351 -33.91 -25.31 -41.64
CA SER EA 351 -35.27 -24.85 -41.37
C SER EA 351 -35.23 -23.76 -40.30
N ILE EA 352 -35.60 -22.54 -40.68
CA ILE EA 352 -35.52 -21.39 -39.80
C ILE EA 352 -36.92 -21.01 -39.34
N GLU EA 353 -37.10 -20.91 -38.02
CA GLU EA 353 -38.37 -20.52 -37.41
C GLU EA 353 -38.25 -19.07 -36.95
N ILE EA 354 -39.23 -18.25 -37.33
CA ILE EA 354 -39.17 -16.82 -37.04
C ILE EA 354 -40.17 -16.46 -35.95
N ASN FA 3 -7.92 -83.95 -25.06
CA ASN FA 3 -7.71 -82.83 -25.97
C ASN FA 3 -6.40 -82.09 -25.68
N MET FA 4 -6.14 -81.80 -24.40
CA MET FA 4 -4.84 -81.24 -24.03
C MET FA 4 -3.84 -82.36 -23.84
N GLU FA 5 -2.79 -82.34 -24.68
CA GLU FA 5 -1.71 -83.31 -24.60
C GLU FA 5 -0.40 -82.56 -24.45
N ALA FA 6 0.57 -83.22 -23.81
CA ALA FA 6 1.89 -82.61 -23.63
C ALA FA 6 2.55 -82.25 -24.95
N ARG FA 7 2.29 -83.02 -26.02
CA ARG FA 7 2.89 -82.73 -27.31
C ARG FA 7 2.43 -81.41 -27.89
N ASN FA 8 1.26 -80.91 -27.50
CA ASN FA 8 0.73 -79.68 -28.06
C ASN FA 8 1.49 -78.43 -27.62
N VAL FA 9 2.29 -78.50 -26.55
CA VAL FA 9 2.98 -77.32 -26.05
C VAL FA 9 4.04 -76.87 -27.06
N MET FA 10 4.09 -75.57 -27.33
CA MET FA 10 4.94 -75.06 -28.39
C MET FA 10 6.39 -74.97 -27.94
N SER FA 11 7.28 -75.64 -28.68
CA SER FA 11 8.71 -75.59 -28.42
C SER FA 11 9.32 -74.36 -29.10
N GLY FA 12 10.20 -73.67 -28.36
CA GLY FA 12 10.89 -72.49 -28.87
C GLY FA 12 11.94 -72.75 -29.93
N THR FA 13 12.37 -74.00 -30.10
CA THR FA 13 13.30 -74.33 -31.19
C THR FA 13 12.66 -74.10 -32.56
N TRP FA 14 11.34 -74.12 -32.66
CA TRP FA 14 10.64 -73.95 -33.94
C TRP FA 14 10.25 -72.48 -34.21
N GLY FA 15 11.00 -71.52 -33.67
CA GLY FA 15 10.77 -70.11 -33.93
C GLY FA 15 11.61 -69.58 -35.07
N GLU FA 16 11.06 -68.61 -35.80
CA GLU FA 16 11.74 -67.94 -36.90
C GLU FA 16 11.47 -66.44 -36.84
N LEU FA 17 12.42 -65.65 -37.32
CA LEU FA 17 12.34 -64.20 -37.21
C LEU FA 17 12.81 -63.51 -38.49
N TRP FA 18 12.05 -62.49 -38.92
CA TRP FA 18 12.44 -61.58 -39.99
C TRP FA 18 12.60 -60.19 -39.39
N LEU FA 19 13.68 -59.51 -39.76
CA LEU FA 19 13.93 -58.14 -39.31
C LEU FA 19 14.22 -57.26 -40.51
N ASP FA 20 13.39 -56.23 -40.71
CA ASP FA 20 13.55 -55.28 -41.82
C ASP FA 20 13.52 -56.01 -43.16
N GLY FA 21 12.68 -57.05 -43.27
CA GLY FA 21 12.55 -57.82 -44.48
C GLY FA 21 13.57 -58.92 -44.69
N ASN FA 22 14.56 -59.07 -43.80
CA ASN FA 22 15.64 -60.03 -43.98
C ASN FA 22 15.57 -61.09 -42.88
N LYS FA 23 15.79 -62.34 -43.26
CA LYS FA 23 15.77 -63.45 -42.31
C LYS FA 23 16.95 -63.37 -41.34
N VAL FA 24 16.69 -63.76 -40.09
CA VAL FA 24 17.71 -63.75 -39.05
C VAL FA 24 17.94 -65.18 -38.57
N ALA FA 25 18.89 -65.87 -39.21
CA ALA FA 25 19.10 -67.29 -38.93
C ALA FA 25 19.78 -67.53 -37.59
N GLU FA 26 20.41 -66.53 -36.99
CA GLU FA 26 21.23 -66.71 -35.79
C GLU FA 26 20.46 -66.29 -34.55
N VAL FA 27 19.13 -66.30 -34.62
CA VAL FA 27 18.27 -65.82 -33.54
C VAL FA 27 18.24 -66.84 -32.42
N LYS FA 28 18.36 -66.37 -31.19
CA LYS FA 28 18.29 -67.20 -29.98
C LYS FA 28 16.95 -67.06 -29.25
N LYS FA 29 16.42 -65.85 -29.13
CA LYS FA 29 15.13 -65.66 -28.46
C LYS FA 29 14.50 -64.36 -28.95
N PHE FA 30 13.18 -64.25 -28.78
CA PHE FA 30 12.42 -63.09 -29.19
C PHE FA 30 11.25 -62.86 -28.23
N GLN FA 31 11.06 -61.60 -27.85
CA GLN FA 31 10.09 -61.23 -26.82
C GLN FA 31 9.41 -59.93 -27.23
N ALA FA 32 8.08 -59.86 -27.04
CA ALA FA 32 7.32 -58.63 -27.27
C ALA FA 32 6.08 -58.66 -26.40
N LYS FA 33 5.85 -57.58 -25.64
CA LYS FA 33 4.78 -57.54 -24.66
C LYS FA 33 4.26 -56.11 -24.51
N MET FA 34 2.94 -55.98 -24.36
CA MET FA 34 2.27 -54.71 -24.11
C MET FA 34 1.93 -54.58 -22.63
N GLU FA 35 2.51 -53.57 -21.97
CA GLU FA 35 2.28 -53.30 -20.56
C GLU FA 35 1.25 -52.19 -20.40
N PHE FA 36 0.14 -52.49 -19.73
CA PHE FA 36 -0.95 -51.52 -19.63
C PHE FA 36 -0.67 -50.49 -18.54
N THR FA 37 -1.14 -49.26 -18.79
CA THR FA 37 -1.10 -48.18 -17.80
C THR FA 37 -2.47 -48.09 -17.13
N LYS FA 38 -2.48 -48.23 -15.80
CA LYS FA 38 -3.72 -48.26 -15.01
C LYS FA 38 -3.61 -47.29 -13.84
N GLU FA 39 -4.73 -46.64 -13.50
CA GLU FA 39 -4.81 -45.72 -12.38
C GLU FA 39 -5.89 -46.19 -11.41
N ASP FA 40 -5.56 -46.15 -10.11
CA ASP FA 40 -6.51 -46.54 -9.08
C ASP FA 40 -7.63 -45.52 -8.95
N ILE FA 41 -8.86 -46.00 -8.73
CA ILE FA 41 -10.01 -45.15 -8.49
C ILE FA 41 -10.80 -45.73 -7.33
N ILE FA 42 -10.92 -44.97 -6.24
CA ILE FA 42 -11.72 -45.33 -5.07
C ILE FA 42 -13.13 -44.79 -5.27
N ILE FA 43 -14.13 -45.67 -5.21
CA ILE FA 43 -15.53 -45.29 -5.35
C ILE FA 43 -16.17 -45.18 -3.97
N ALA FA 44 -16.85 -44.07 -3.71
CA ALA FA 44 -17.53 -43.88 -2.44
C ALA FA 44 -18.52 -45.01 -2.18
N GLY FA 45 -18.43 -45.61 -1.00
CA GLY FA 45 -19.30 -46.71 -0.62
C GLY FA 45 -18.82 -48.09 -1.02
N GLN FA 46 -17.66 -48.21 -1.67
CA GLN FA 46 -17.15 -49.48 -2.14
C GLN FA 46 -15.79 -49.76 -1.50
N MET FA 47 -15.64 -50.92 -0.87
CA MET FA 47 -14.41 -51.27 -0.19
C MET FA 47 -13.28 -51.65 -1.16
N GLY FA 48 -13.60 -52.33 -2.25
CA GLY FA 48 -12.58 -52.74 -3.21
C GLY FA 48 -12.20 -51.68 -4.22
N THR FA 49 -10.94 -51.25 -4.23
CA THR FA 49 -10.49 -50.22 -5.16
C THR FA 49 -10.43 -50.76 -6.58
N ASP FA 50 -10.97 -49.98 -7.52
CA ASP FA 50 -11.03 -50.31 -8.94
C ASP FA 50 -9.96 -49.55 -9.72
N THR FA 51 -9.89 -49.78 -11.04
CA THR FA 51 -8.87 -49.15 -11.88
C THR FA 51 -9.47 -48.68 -13.21
N LYS FA 52 -8.79 -47.72 -13.83
CA LYS FA 52 -9.14 -47.21 -15.15
C LYS FA 52 -7.99 -47.43 -16.12
N TYR FA 53 -8.27 -48.08 -17.24
CA TYR FA 53 -7.27 -48.33 -18.27
C TYR FA 53 -6.99 -47.05 -19.06
N MET FA 54 -5.71 -46.69 -19.18
CA MET FA 54 -5.32 -45.45 -19.85
C MET FA 54 -4.46 -45.63 -21.11
N GLY FA 55 -3.88 -46.79 -21.35
CA GLY FA 55 -3.04 -46.99 -22.50
C GLY FA 55 -2.06 -48.12 -22.26
N TYR FA 56 -1.07 -48.21 -23.17
CA TYR FA 56 -0.09 -49.28 -23.09
C TYR FA 56 1.26 -48.81 -23.61
N LYS FA 57 2.32 -49.48 -23.15
CA LYS FA 57 3.69 -49.29 -23.60
C LYS FA 57 4.24 -50.62 -24.07
N GLY FA 58 4.67 -50.68 -25.33
CA GLY FA 58 5.20 -51.91 -25.91
C GLY FA 58 6.70 -52.04 -25.67
N LYS FA 59 7.09 -53.20 -25.13
CA LYS FA 59 8.49 -53.48 -24.80
C LYS FA 59 8.86 -54.87 -25.30
N GLY FA 60 10.12 -55.02 -25.72
CA GLY FA 60 10.58 -56.29 -26.24
C GLY FA 60 12.08 -56.42 -26.23
N SER FA 61 12.56 -57.57 -26.70
CA SER FA 61 14.00 -57.83 -26.77
C SER FA 61 14.27 -58.95 -27.77
N ILE FA 62 15.46 -58.88 -28.37
CA ILE FA 62 15.97 -59.93 -29.26
C ILE FA 62 17.35 -60.34 -28.74
N THR FA 63 17.66 -61.63 -28.84
CA THR FA 63 18.99 -62.14 -28.53
C THR FA 63 19.51 -62.92 -29.74
N LEU FA 64 20.79 -62.71 -30.07
CA LEU FA 64 21.41 -63.24 -31.26
C LEU FA 64 22.74 -63.90 -30.91
N TYR FA 65 23.06 -65.00 -31.58
CA TYR FA 65 24.44 -65.46 -31.64
C TYR FA 65 25.25 -64.48 -32.49
N HIS FA 66 26.46 -64.16 -32.03
CA HIS FA 66 27.29 -63.17 -32.72
C HIS FA 66 28.03 -63.83 -33.88
N VAL FA 67 27.55 -63.59 -35.10
CA VAL FA 67 28.15 -64.15 -36.31
C VAL FA 67 28.52 -63.04 -37.30
N SER FA 68 27.91 -61.87 -37.16
CA SER FA 68 28.12 -60.78 -38.10
C SER FA 68 27.82 -59.43 -37.42
N SER FA 69 27.98 -58.35 -38.18
CA SER FA 69 27.74 -57.00 -37.68
C SER FA 69 26.36 -56.47 -38.12
N ARG FA 70 25.31 -57.23 -37.81
CA ARG FA 70 23.97 -56.89 -38.29
C ARG FA 70 23.49 -55.56 -37.70
N MET FA 71 23.52 -55.43 -36.37
CA MET FA 71 22.99 -54.24 -35.72
C MET FA 71 23.82 -53.00 -36.03
N HIS FA 72 25.15 -53.16 -36.11
CA HIS FA 72 26.01 -52.05 -36.52
C HIS FA 72 25.53 -51.46 -37.84
N LYS FA 73 25.38 -52.33 -38.85
CA LYS FA 73 24.96 -51.87 -40.17
C LYS FA 73 23.56 -51.27 -40.14
N LEU FA 74 22.67 -51.79 -39.28
CA LEU FA 74 21.31 -51.27 -39.26
C LEU FA 74 21.25 -49.84 -38.69
N ILE FA 75 21.96 -49.57 -37.59
CA ILE FA 75 21.67 -48.30 -36.90
C ILE FA 75 22.85 -47.38 -36.60
N GLY FA 76 24.09 -47.85 -36.75
CA GLY FA 76 25.22 -47.13 -36.19
C GLY FA 76 25.40 -45.73 -36.75
N GLU FA 77 25.60 -45.62 -38.06
CA GLU FA 77 25.89 -44.33 -38.67
C GLU FA 77 24.72 -43.37 -38.54
N LYS FA 78 23.49 -43.87 -38.66
CA LYS FA 78 22.31 -43.02 -38.56
C LYS FA 78 22.14 -42.45 -37.16
N ILE FA 79 22.39 -43.24 -36.12
CA ILE FA 79 22.17 -42.78 -34.75
C ILE FA 79 23.09 -41.60 -34.44
N LYS FA 80 24.34 -41.65 -34.89
CA LYS FA 80 25.29 -40.57 -34.61
C LYS FA 80 24.86 -39.25 -35.25
N ARG FA 81 24.26 -39.31 -36.45
CA ARG FA 81 23.84 -38.09 -37.13
C ARG FA 81 22.51 -37.54 -36.63
N GLY FA 82 21.79 -38.27 -35.80
CA GLY FA 82 20.55 -37.79 -35.24
C GLY FA 82 19.27 -38.21 -35.95
N SER FA 83 19.35 -39.13 -36.91
CA SER FA 83 18.18 -39.66 -37.60
C SER FA 83 17.88 -41.06 -37.09
N GLU FA 84 16.78 -41.21 -36.34
CA GLU FA 84 16.44 -42.49 -35.73
C GLU FA 84 15.64 -43.35 -36.69
N PRO FA 85 16.11 -44.54 -37.05
CA PRO FA 85 15.33 -45.44 -37.90
C PRO FA 85 14.32 -46.26 -37.13
N ARG FA 86 13.27 -46.69 -37.83
CA ARG FA 86 12.24 -47.55 -37.28
C ARG FA 86 12.09 -48.79 -38.16
N PHE FA 87 11.69 -49.90 -37.56
CA PHE FA 87 11.74 -51.21 -38.23
C PHE FA 87 10.45 -51.99 -38.01
N VAL FA 88 10.31 -53.06 -38.78
CA VAL FA 88 9.21 -54.01 -38.69
C VAL FA 88 9.81 -55.41 -38.51
N ALA FA 89 9.31 -56.15 -37.53
CA ALA FA 89 9.75 -57.52 -37.28
C ALA FA 89 8.56 -58.47 -37.39
N ILE FA 90 8.81 -59.66 -37.93
CA ILE FA 90 7.81 -60.71 -38.04
C ILE FA 90 8.33 -61.95 -37.32
N SER FA 91 7.55 -62.45 -36.37
CA SER FA 91 7.91 -63.64 -35.62
C SER FA 91 6.93 -64.77 -35.91
N LYS FA 92 7.47 -65.96 -36.15
CA LYS FA 92 6.68 -67.13 -36.52
C LYS FA 92 7.05 -68.29 -35.60
N LEU FA 93 6.03 -68.93 -35.02
CA LEU FA 93 6.22 -70.11 -34.18
C LEU FA 93 5.38 -71.24 -34.79
N ASN FA 94 6.04 -72.24 -35.37
CA ASN FA 94 5.36 -73.33 -36.08
C ASN FA 94 5.91 -74.68 -35.61
N ASP FA 95 5.40 -75.17 -34.49
CA ASP FA 95 5.74 -76.50 -33.99
C ASP FA 95 4.91 -77.54 -34.74
N PRO FA 96 5.54 -78.54 -35.38
CA PRO FA 96 4.76 -79.54 -36.12
C PRO FA 96 3.77 -80.33 -35.28
N ASP FA 97 4.01 -80.46 -33.97
CA ASP FA 97 3.11 -81.20 -33.10
C ASP FA 97 2.02 -80.35 -32.46
N SER FA 98 1.93 -79.06 -32.79
CA SER FA 98 0.92 -78.18 -32.23
C SER FA 98 -0.29 -78.06 -33.17
N TYR FA 99 -1.30 -77.30 -32.74
CA TYR FA 99 -2.50 -77.10 -33.54
C TYR FA 99 -2.18 -76.40 -34.86
N GLY FA 100 -1.35 -75.37 -34.80
CA GLY FA 100 -1.02 -74.60 -35.99
C GLY FA 100 0.03 -73.56 -35.71
N ALA FA 101 0.14 -72.59 -36.62
CA ALA FA 101 1.18 -71.58 -36.56
C ALA FA 101 0.65 -70.30 -35.93
N GLU FA 102 1.55 -69.56 -35.29
CA GLU FA 102 1.29 -68.23 -34.73
C GLU FA 102 2.31 -67.27 -35.34
N ARG FA 103 1.85 -66.34 -36.17
CA ARG FA 103 2.71 -65.38 -36.85
C ARG FA 103 2.24 -63.96 -36.53
N ILE FA 104 3.16 -63.11 -36.08
CA ILE FA 104 2.80 -61.76 -35.65
C ILE FA 104 3.82 -60.76 -36.19
N ALA FA 105 3.33 -59.63 -36.68
CA ALA FA 105 4.17 -58.51 -37.09
C ALA FA 105 4.20 -57.45 -36.00
N VAL FA 106 5.41 -57.04 -35.62
CA VAL FA 106 5.63 -56.00 -34.62
C VAL FA 106 6.21 -54.79 -35.33
N LYS FA 107 5.55 -53.64 -35.22
CA LYS FA 107 5.83 -52.49 -36.07
C LYS FA 107 6.23 -51.26 -35.27
N ASN FA 108 6.84 -50.29 -35.97
CA ASN FA 108 7.37 -49.06 -35.37
C ASN FA 108 8.34 -49.37 -34.23
N ILE FA 109 9.31 -50.25 -34.51
CA ILE FA 109 10.29 -50.70 -33.53
C ILE FA 109 11.43 -49.69 -33.46
N ALA FA 110 11.77 -49.27 -32.24
CA ALA FA 110 12.93 -48.44 -31.97
C ALA FA 110 13.84 -49.15 -30.97
N PHE FA 111 15.08 -49.39 -31.35
CA PHE FA 111 16.02 -50.10 -30.49
C PHE FA 111 16.53 -49.21 -29.36
N ASP FA 112 16.88 -49.84 -28.25
CA ASP FA 112 17.24 -49.13 -27.03
C ASP FA 112 18.72 -48.81 -26.92
N ASP FA 113 19.59 -49.56 -27.59
CA ASP FA 113 21.03 -49.34 -27.49
C ASP FA 113 21.71 -49.94 -28.72
N LEU FA 114 23.05 -49.91 -28.71
CA LEU FA 114 23.87 -50.57 -29.72
C LEU FA 114 25.16 -51.07 -29.07
N THR FA 115 25.42 -52.37 -29.19
CA THR FA 115 26.63 -52.98 -28.66
C THR FA 115 27.72 -52.95 -29.73
N LEU FA 116 28.80 -52.23 -29.46
CA LEU FA 116 29.95 -52.20 -30.37
C LEU FA 116 30.85 -53.42 -30.17
N ALA FA 117 31.15 -53.77 -28.93
CA ALA FA 117 31.94 -54.96 -28.63
C ALA FA 117 31.57 -55.48 -27.25
N ASP FA 118 31.52 -56.80 -27.10
CA ASP FA 118 31.40 -57.43 -25.78
C ASP FA 118 31.98 -58.84 -25.87
N TRP FA 119 33.27 -58.99 -25.57
CA TRP FA 119 33.91 -60.29 -25.66
C TRP FA 119 34.75 -60.56 -24.40
N GLU FA 120 34.88 -61.85 -24.09
CA GLU FA 120 35.66 -62.33 -22.95
C GLU FA 120 36.33 -63.65 -23.35
N VAL FA 121 37.60 -63.81 -22.94
CA VAL FA 121 38.36 -65.00 -23.31
C VAL FA 121 37.66 -66.24 -22.77
N GLY FA 122 37.51 -67.26 -23.61
CA GLY FA 122 36.85 -68.48 -23.22
C GLY FA 122 35.34 -68.45 -23.18
N VAL FA 123 34.71 -67.44 -23.79
CA VAL FA 123 33.26 -67.28 -23.79
C VAL FA 123 32.80 -67.05 -25.24
N LYS FA 124 31.73 -67.75 -25.63
CA LYS FA 124 31.14 -67.54 -26.95
C LYS FA 124 30.35 -66.23 -26.99
N GLY FA 125 30.33 -65.60 -28.17
CA GLY FA 125 29.73 -64.27 -28.31
C GLY FA 125 28.22 -64.29 -28.47
N GLU FA 126 27.55 -63.37 -27.78
CA GLU FA 126 26.12 -63.18 -27.87
C GLU FA 126 25.80 -61.69 -27.79
N ILE FA 127 24.67 -61.30 -28.38
CA ILE FA 127 24.21 -59.90 -28.39
C ILE FA 127 22.78 -59.83 -27.88
N GLU FA 128 22.53 -58.92 -26.94
CA GLU FA 128 21.21 -58.69 -26.37
C GLU FA 128 20.73 -57.30 -26.77
N ALA FA 129 19.58 -57.21 -27.44
CA ALA FA 129 19.10 -55.95 -28.02
C ALA FA 129 17.66 -55.64 -27.62
N PRO FA 130 17.46 -54.84 -26.57
CA PRO FA 130 16.11 -54.43 -26.18
C PRO FA 130 15.54 -53.37 -27.13
N PHE FA 131 14.21 -53.27 -27.15
CA PHE FA 131 13.55 -52.30 -28.03
C PHE FA 131 12.18 -51.93 -27.46
N THR FA 132 11.55 -50.94 -28.10
CA THR FA 132 10.16 -50.54 -27.86
C THR FA 132 9.41 -50.53 -29.19
N PHE FA 133 8.07 -50.52 -29.11
CA PHE FA 133 7.23 -50.58 -30.31
C PHE FA 133 5.83 -50.04 -29.98
N THR FA 134 5.04 -49.75 -31.02
CA THR FA 134 3.70 -49.21 -30.78
C THR FA 134 2.56 -49.98 -31.46
N GLU FA 135 2.84 -50.74 -32.51
CA GLU FA 135 1.77 -51.39 -33.28
C GLU FA 135 2.08 -52.86 -33.53
N TYR FA 136 1.03 -53.62 -33.86
CA TYR FA 136 1.16 -55.03 -34.19
C TYR FA 136 -0.02 -55.47 -35.07
N ASP FA 137 0.15 -56.63 -35.72
CA ASP FA 137 -0.89 -57.23 -36.52
C ASP FA 137 -0.82 -58.76 -36.40
N PHE FA 138 -2.00 -59.38 -36.39
CA PHE FA 138 -2.14 -60.82 -36.26
C PHE FA 138 -2.23 -61.43 -37.67
N LEU FA 139 -1.28 -62.30 -38.01
CA LEU FA 139 -1.35 -63.09 -39.23
C LEU FA 139 -1.25 -64.55 -38.81
N ASP FA 140 -2.30 -65.34 -39.03
CA ASP FA 140 -2.31 -66.76 -38.60
C ASP FA 140 -2.22 -66.89 -37.08
N ILE FA 141 -3.33 -66.58 -36.42
CA ILE FA 141 -3.50 -66.93 -35.01
C ILE FA 141 -4.12 -68.32 -34.88
N ILE FA 142 -4.04 -68.88 -33.68
CA ILE FA 142 -4.66 -70.17 -33.40
C ILE FA 142 -5.98 -69.99 -32.65
N ILE GA 3 -29.37 -39.57 -58.49
CA ILE GA 3 -29.03 -38.90 -57.24
C ILE GA 3 -29.53 -37.46 -57.24
N GLY GA 4 -30.02 -37.01 -58.40
CA GLY GA 4 -30.61 -35.68 -58.51
C GLY GA 4 -29.60 -34.55 -58.40
N LEU GA 5 -30.13 -33.34 -58.50
CA LEU GA 5 -29.30 -32.14 -58.35
C LEU GA 5 -29.09 -31.81 -56.88
N PRO GA 6 -28.02 -31.08 -56.55
CA PRO GA 6 -27.83 -30.65 -55.16
C PRO GA 6 -28.98 -29.77 -54.70
N SER GA 7 -29.40 -30.00 -53.46
CA SER GA 7 -30.56 -29.32 -52.88
C SER GA 7 -30.08 -28.51 -51.69
N ILE GA 8 -29.96 -27.19 -51.88
CA ILE GA 8 -29.67 -26.27 -50.80
C ILE GA 8 -30.92 -25.43 -50.59
N ASN GA 9 -31.69 -25.77 -49.56
CA ASN GA 9 -32.93 -25.05 -49.30
C ASN GA 9 -32.94 -24.52 -47.87
N ILE GA 10 -32.99 -23.20 -47.75
CA ILE GA 10 -33.16 -22.50 -46.49
C ILE GA 10 -34.57 -21.94 -46.49
N SER GA 11 -35.38 -22.40 -45.55
CA SER GA 11 -36.80 -22.06 -45.51
C SER GA 11 -37.12 -21.29 -44.24
N PHE GA 12 -38.11 -20.40 -44.34
CA PHE GA 12 -38.60 -19.63 -43.20
C PHE GA 12 -40.05 -20.00 -42.92
N LYS GA 13 -40.40 -20.05 -41.63
CA LYS GA 13 -41.63 -20.69 -41.21
C LYS GA 13 -42.02 -20.14 -39.83
N GLU GA 14 -43.32 -20.24 -39.52
CA GLU GA 14 -43.84 -19.78 -38.25
C GLU GA 14 -43.50 -20.77 -37.13
N LEU GA 15 -43.66 -20.32 -35.89
CA LEU GA 15 -43.25 -21.10 -34.73
C LEU GA 15 -44.11 -22.34 -34.55
N ALA GA 16 -43.53 -23.38 -33.93
CA ALA GA 16 -44.18 -24.68 -33.75
C ALA GA 16 -43.84 -25.28 -32.39
N THR GA 17 -44.65 -26.26 -31.98
CA THR GA 17 -44.53 -26.89 -30.67
C THR GA 17 -43.87 -28.27 -30.74
N THR GA 18 -43.67 -28.87 -29.57
CA THR GA 18 -43.02 -30.17 -29.40
C THR GA 18 -43.82 -31.05 -28.45
N VAL GA 19 -43.97 -32.33 -28.81
CA VAL GA 19 -44.69 -33.32 -28.01
C VAL GA 19 -43.76 -34.00 -27.00
N LYS GA 20 -44.34 -34.71 -26.03
CA LYS GA 20 -43.56 -35.37 -24.99
C LYS GA 20 -42.73 -36.51 -25.56
N GLU GA 21 -41.55 -36.71 -24.96
CA GLU GA 21 -40.69 -37.82 -25.34
C GLU GA 21 -41.33 -39.16 -24.97
N ARG GA 22 -40.95 -40.21 -25.69
CA ARG GA 22 -41.65 -41.47 -25.55
C ARG GA 22 -40.94 -42.42 -24.59
N SER GA 23 -41.69 -43.40 -24.10
CA SER GA 23 -41.21 -44.41 -23.16
C SER GA 23 -41.20 -45.77 -23.82
N ALA GA 24 -40.14 -46.55 -23.54
CA ALA GA 24 -40.08 -47.92 -24.01
C ALA GA 24 -40.72 -48.89 -23.02
N ARG GA 25 -41.47 -48.38 -22.05
CA ARG GA 25 -42.15 -49.20 -21.06
C ARG GA 25 -43.67 -49.10 -21.20
N GLY GA 26 -44.32 -50.26 -21.32
CA GLY GA 26 -45.77 -50.34 -21.32
C GLY GA 26 -46.40 -50.90 -22.58
N ILE GA 27 -46.98 -52.08 -22.51
CA ILE GA 27 -47.71 -52.68 -23.63
C ILE GA 27 -49.06 -53.17 -23.11
N ILE GA 28 -50.14 -52.72 -23.76
CA ILE GA 28 -51.49 -53.08 -23.37
C ILE GA 28 -52.18 -53.79 -24.52
N ALA GA 29 -52.86 -54.88 -24.22
CA ALA GA 29 -53.71 -55.58 -25.17
C ALA GA 29 -55.17 -55.27 -24.85
N MET GA 30 -55.88 -54.76 -25.86
CA MET GA 30 -57.28 -54.40 -25.70
C MET GA 30 -58.09 -55.04 -26.81
N VAL GA 31 -59.14 -55.77 -26.42
CA VAL GA 31 -60.00 -56.45 -27.39
C VAL GA 31 -61.33 -55.74 -27.43
N LEU GA 32 -61.76 -55.37 -28.64
CA LEU GA 32 -63.03 -54.68 -28.81
C LEU GA 32 -63.78 -55.31 -29.97
N LYS GA 33 -65.09 -55.39 -29.83
CA LYS GA 33 -65.96 -55.95 -30.86
C LYS GA 33 -66.37 -54.85 -31.81
N ASP GA 34 -66.18 -55.10 -33.11
CA ASP GA 34 -66.61 -54.18 -34.16
C ASP GA 34 -67.28 -54.97 -35.28
N ALA GA 35 -68.11 -54.27 -36.05
CA ALA GA 35 -68.79 -54.91 -37.17
C ALA GA 35 -67.98 -54.77 -38.47
N LYS GA 36 -66.81 -54.12 -38.42
CA LYS GA 36 -66.02 -53.89 -39.61
C LYS GA 36 -64.54 -53.99 -39.28
N ALA GA 37 -63.76 -54.50 -40.23
CA ALA GA 37 -62.29 -54.54 -40.16
C ALA GA 37 -61.79 -55.40 -39.00
N LEU GA 38 -62.30 -56.62 -38.93
CA LEU GA 38 -61.87 -57.57 -37.90
C LEU GA 38 -60.41 -57.94 -38.12
N GLY GA 39 -59.72 -58.26 -37.03
CA GLY GA 39 -58.37 -58.75 -37.10
C GLY GA 39 -57.52 -58.18 -35.99
N LEU GA 40 -56.22 -58.19 -36.21
CA LEU GA 40 -55.22 -57.70 -35.27
C LEU GA 40 -54.65 -56.38 -35.77
N ASN GA 41 -54.75 -55.35 -34.95
CA ASN GA 41 -54.25 -54.02 -35.32
C ASN GA 41 -53.31 -53.52 -34.23
N GLU GA 42 -52.06 -53.30 -34.59
CA GLU GA 42 -51.08 -52.71 -33.69
C GLU GA 42 -51.14 -51.21 -33.88
N ILE GA 43 -51.20 -50.47 -32.77
CA ILE GA 43 -51.35 -49.02 -32.80
C ILE GA 43 -50.14 -48.40 -32.13
N HIS GA 44 -49.50 -47.46 -32.83
CA HIS GA 44 -48.31 -46.82 -32.29
C HIS GA 44 -48.64 -45.46 -31.69
N GLU GA 45 -49.64 -44.76 -32.24
CA GLU GA 45 -50.01 -43.44 -31.75
C GLU GA 45 -51.45 -43.13 -32.10
N LYS GA 46 -52.00 -42.13 -31.40
CA LYS GA 46 -53.38 -41.70 -31.58
C LYS GA 46 -53.58 -40.85 -32.83
N GLU GA 47 -52.50 -40.28 -33.37
CA GLU GA 47 -52.61 -39.55 -34.62
C GLU GA 47 -52.92 -40.51 -35.76
N ASP GA 48 -52.46 -41.75 -35.66
CA ASP GA 48 -52.63 -42.75 -36.71
C ASP GA 48 -53.48 -43.91 -36.17
N ILE GA 49 -54.79 -43.77 -36.26
CA ILE GA 49 -55.74 -44.84 -35.96
C ILE GA 49 -56.52 -45.11 -37.24
N PRO GA 50 -56.64 -46.36 -37.69
CA PRO GA 50 -57.35 -46.63 -38.95
C PRO GA 50 -58.81 -46.16 -38.91
N VAL GA 51 -59.26 -45.65 -40.05
CA VAL GA 51 -60.54 -44.94 -40.13
C VAL GA 51 -61.77 -45.85 -40.05
N ASP GA 52 -61.60 -47.16 -39.89
CA ASP GA 52 -62.77 -48.04 -39.93
C ASP GA 52 -63.55 -48.05 -38.63
N LEU GA 53 -62.86 -47.89 -37.50
CA LEU GA 53 -63.52 -48.06 -36.21
C LEU GA 53 -64.52 -46.95 -35.94
N SER GA 54 -65.54 -47.28 -35.14
CA SER GA 54 -66.56 -46.32 -34.77
C SER GA 54 -65.96 -45.22 -33.91
N ALA GA 55 -66.67 -44.10 -33.81
CA ALA GA 55 -66.23 -43.00 -32.95
C ALA GA 55 -66.17 -43.46 -31.50
N GLU GA 56 -67.15 -44.26 -31.08
CA GLU GA 56 -67.18 -44.77 -29.71
C GLU GA 56 -65.97 -45.64 -29.41
N ASN GA 57 -65.60 -46.52 -30.35
CA ASN GA 57 -64.40 -47.32 -30.16
C ASN GA 57 -63.13 -46.53 -30.42
N LYS GA 58 -63.19 -45.52 -31.29
CA LYS GA 58 -62.03 -44.68 -31.55
C LYS GA 58 -61.61 -43.92 -30.30
N GLU GA 59 -62.58 -43.41 -29.54
CA GLU GA 59 -62.26 -42.63 -28.35
C GLU GA 59 -61.70 -43.50 -27.23
N TYR GA 60 -62.02 -44.79 -27.23
CA TYR GA 60 -61.44 -45.72 -26.27
C TYR GA 60 -59.95 -45.85 -26.45
N ILE GA 61 -59.46 -45.86 -27.70
CA ILE GA 61 -58.03 -45.96 -27.94
C ILE GA 61 -57.34 -44.73 -27.37
N ASN GA 62 -57.89 -43.54 -27.66
CA ASN GA 62 -57.33 -42.31 -27.13
C ASN GA 62 -57.37 -42.27 -25.61
N LEU GA 63 -58.41 -42.85 -25.01
CA LEU GA 63 -58.49 -42.94 -23.56
C LEU GA 63 -57.41 -43.83 -22.99
N ALA GA 64 -57.17 -44.98 -23.63
CA ALA GA 64 -56.25 -45.97 -23.07
C ALA GA 64 -54.79 -45.66 -23.41
N LEU GA 65 -54.55 -44.78 -24.37
CA LEU GA 65 -53.20 -44.52 -24.84
C LEU GA 65 -52.50 -43.41 -24.07
N MET GA 66 -53.19 -42.74 -23.15
CA MET GA 66 -52.55 -41.71 -22.34
C MET GA 66 -52.31 -42.25 -20.93
N GLY GA 67 -51.06 -42.15 -20.47
CA GLY GA 67 -50.69 -42.60 -19.15
C GLY GA 67 -50.06 -41.46 -18.37
N ASN GA 68 -49.90 -41.68 -17.07
CA ASN GA 68 -49.54 -40.57 -16.17
C ASN GA 68 -48.19 -39.99 -16.55
N VAL GA 69 -47.12 -40.73 -16.34
CA VAL GA 69 -45.78 -40.19 -16.52
C VAL GA 69 -45.35 -40.27 -17.98
N ASN GA 70 -45.74 -41.34 -18.67
CA ASN GA 70 -45.42 -41.43 -20.09
C ASN GA 70 -46.43 -42.33 -20.79
N THR GA 71 -46.44 -42.22 -22.12
CA THR GA 71 -47.36 -42.97 -22.95
C THR GA 71 -46.97 -44.45 -22.98
N PRO GA 72 -47.92 -45.36 -23.15
CA PRO GA 72 -47.57 -46.76 -23.42
C PRO GA 72 -46.73 -46.92 -24.68
N ASN GA 73 -45.83 -47.92 -24.63
CA ASN GA 73 -44.97 -48.21 -25.76
C ASN GA 73 -45.75 -48.69 -26.97
N LYS GA 74 -46.75 -49.53 -26.75
CA LYS GA 74 -47.46 -50.16 -27.87
C LYS GA 74 -48.85 -50.57 -27.44
N LEU GA 75 -49.78 -50.55 -28.40
CA LEU GA 75 -51.16 -50.93 -28.16
C LEU GA 75 -51.52 -52.06 -29.12
N LEU GA 76 -52.13 -53.12 -28.60
CA LEU GA 76 -52.51 -54.29 -29.38
C LEU GA 76 -54.03 -54.43 -29.38
N VAL GA 77 -54.69 -53.87 -30.39
CA VAL GA 77 -56.14 -53.93 -30.51
C VAL GA 77 -56.50 -55.10 -31.39
N TYR GA 78 -57.13 -56.11 -30.81
CA TYR GA 78 -57.65 -57.26 -31.53
C TYR GA 78 -59.15 -57.06 -31.69
N VAL GA 79 -59.63 -57.15 -32.94
CA VAL GA 79 -61.02 -56.84 -33.25
C VAL GA 79 -61.73 -58.15 -33.57
N ILE GA 80 -62.84 -58.40 -32.89
CA ILE GA 80 -63.68 -59.56 -33.16
C ILE GA 80 -65.05 -59.07 -33.58
N GLU GA 81 -65.78 -59.94 -34.27
CA GLU GA 81 -67.06 -59.54 -34.83
C GLU GA 81 -68.13 -59.43 -33.75
N GLY GA 82 -69.31 -58.99 -34.17
CA GLY GA 82 -70.44 -58.97 -33.25
C GLY GA 82 -70.92 -60.37 -32.94
N GLU GA 83 -71.35 -60.57 -31.69
CA GLU GA 83 -71.81 -61.87 -31.21
C GLU GA 83 -70.75 -62.94 -31.49
N ALA GA 84 -69.50 -62.60 -31.22
CA ALA GA 84 -68.37 -63.45 -31.57
C ALA GA 84 -67.96 -64.31 -30.40
N ASP GA 85 -67.00 -65.18 -30.64
CA ASP GA 85 -66.47 -66.01 -29.56
C ASP GA 85 -65.27 -65.31 -28.91
N ILE GA 86 -65.25 -65.34 -27.58
CA ILE GA 86 -64.15 -64.76 -26.82
C ILE GA 86 -62.96 -65.72 -26.76
N GLN GA 87 -63.23 -67.03 -26.89
CA GLN GA 87 -62.17 -68.01 -26.74
C GLN GA 87 -61.13 -67.88 -27.83
N THR GA 88 -61.56 -67.57 -29.07
CA THR GA 88 -60.59 -67.38 -30.15
C THR GA 88 -59.75 -66.15 -29.92
N ALA GA 89 -60.34 -65.09 -29.34
CA ALA GA 89 -59.56 -63.91 -28.99
C ALA GA 89 -58.49 -64.24 -27.97
N LEU GA 90 -58.85 -64.96 -26.92
CA LEU GA 90 -57.87 -65.31 -25.89
C LEU GA 90 -56.80 -66.26 -26.44
N ASP GA 91 -57.21 -67.19 -27.30
CA ASP GA 91 -56.27 -68.12 -27.92
C ASP GA 91 -55.24 -67.38 -28.77
N PHE GA 92 -55.69 -66.40 -29.56
CA PHE GA 92 -54.75 -65.61 -30.34
C PHE GA 92 -53.85 -64.79 -29.43
N LEU GA 93 -54.40 -64.22 -28.36
CA LEU GA 93 -53.60 -63.37 -27.48
C LEU GA 93 -52.59 -64.18 -26.67
N GLU GA 94 -52.79 -65.49 -26.57
CA GLU GA 94 -51.80 -66.33 -25.89
C GLU GA 94 -50.42 -66.21 -26.54
N THR GA 95 -50.37 -65.91 -27.83
CA THR GA 95 -49.10 -65.91 -28.55
C THR GA 95 -48.24 -64.69 -28.20
N LYS GA 96 -48.86 -63.52 -28.08
CA LYS GA 96 -48.11 -62.27 -28.00
C LYS GA 96 -47.55 -62.06 -26.58
N GLU GA 97 -46.73 -61.02 -26.46
CA GLU GA 97 -46.23 -60.58 -25.16
C GLU GA 97 -46.82 -59.21 -24.82
N PHE GA 98 -47.40 -59.09 -23.63
CA PHE GA 98 -48.09 -57.88 -23.20
C PHE GA 98 -48.20 -57.89 -21.68
N ASN GA 99 -48.58 -56.74 -21.13
CA ASN GA 99 -48.63 -56.56 -19.68
C ASN GA 99 -50.04 -56.65 -19.09
N TYR GA 100 -50.96 -55.79 -19.53
CA TYR GA 100 -52.30 -55.74 -18.98
C TYR GA 100 -53.33 -55.90 -20.11
N LEU GA 101 -54.45 -56.54 -19.78
CA LEU GA 101 -55.53 -56.80 -20.74
C LEU GA 101 -56.82 -56.17 -20.24
N CYS GA 102 -57.56 -55.55 -21.15
CA CYS GA 102 -58.87 -54.99 -20.83
C CYS GA 102 -59.79 -55.06 -22.03
N MET GA 103 -61.08 -55.34 -21.76
CA MET GA 103 -62.12 -55.32 -22.77
C MET GA 103 -63.11 -54.22 -22.43
N PRO GA 104 -63.13 -53.11 -23.16
CA PRO GA 104 -64.03 -51.99 -22.77
C PRO GA 104 -65.48 -52.40 -22.65
N LYS GA 105 -65.98 -53.26 -23.53
CA LYS GA 105 -67.35 -53.75 -23.45
C LYS GA 105 -67.31 -55.25 -23.19
N ALA GA 106 -67.72 -55.65 -21.99
CA ALA GA 106 -67.61 -57.05 -21.59
C ALA GA 106 -68.86 -57.43 -20.82
N VAL GA 107 -69.25 -58.69 -20.96
CA VAL GA 107 -70.43 -59.26 -20.33
C VAL GA 107 -69.94 -60.17 -19.22
N GLU GA 108 -70.82 -60.50 -18.27
CA GLU GA 108 -70.46 -61.31 -17.12
C GLU GA 108 -69.76 -62.60 -17.53
N ALA GA 109 -70.32 -63.29 -18.54
CA ALA GA 109 -69.68 -64.50 -19.04
C ALA GA 109 -68.31 -64.19 -19.63
N ASP GA 110 -68.19 -63.10 -20.38
CA ASP GA 110 -66.89 -62.69 -20.91
C ASP GA 110 -65.91 -62.40 -19.78
N LYS GA 111 -66.38 -61.73 -18.73
CA LYS GA 111 -65.51 -61.42 -17.59
C LYS GA 111 -65.00 -62.69 -16.94
N THR GA 112 -65.87 -63.67 -16.72
CA THR GA 112 -65.43 -64.90 -16.07
C THR GA 112 -64.49 -65.69 -16.98
N ALA GA 113 -64.71 -65.64 -18.30
CA ALA GA 113 -63.81 -66.30 -19.23
C ALA GA 113 -62.42 -65.68 -19.17
N ILE GA 114 -62.35 -64.35 -19.20
CA ILE GA 114 -61.06 -63.67 -19.10
C ILE GA 114 -60.37 -63.97 -17.78
N LYS GA 115 -61.14 -63.97 -16.68
CA LYS GA 115 -60.56 -64.25 -15.37
C LYS GA 115 -59.95 -65.65 -15.33
N ASN GA 116 -60.72 -66.65 -15.78
CA ASN GA 116 -60.21 -68.01 -15.78
C ASN GA 116 -58.98 -68.14 -16.66
N TRP GA 117 -58.99 -67.47 -17.82
CA TRP GA 117 -57.85 -67.52 -18.72
C TRP GA 117 -56.61 -66.91 -18.09
N ILE GA 118 -56.76 -65.76 -17.43
CA ILE GA 118 -55.62 -65.10 -16.79
C ILE GA 118 -55.06 -65.98 -15.68
N ILE GA 119 -55.93 -66.57 -14.86
CA ILE GA 119 -55.47 -67.45 -13.79
C ILE GA 119 -54.73 -68.65 -14.37
N LYS GA 120 -55.29 -69.27 -15.41
CA LYS GA 120 -54.64 -70.43 -16.01
C LYS GA 120 -53.29 -70.05 -16.59
N LEU GA 121 -53.20 -68.92 -17.27
CA LEU GA 121 -51.92 -68.47 -17.81
C LEU GA 121 -50.89 -68.32 -16.69
N ARG GA 122 -51.23 -67.54 -15.67
CA ARG GA 122 -50.27 -67.23 -14.60
C ARG GA 122 -49.88 -68.47 -13.80
N ASP GA 123 -50.79 -69.45 -13.70
CA ASP GA 123 -50.53 -70.58 -12.81
C ASP GA 123 -49.92 -71.78 -13.53
N ILE GA 124 -50.47 -72.18 -14.68
CA ILE GA 124 -49.97 -73.31 -15.43
C ILE GA 124 -48.97 -72.88 -16.50
N ASP GA 125 -49.28 -71.83 -17.25
CA ASP GA 125 -48.41 -71.46 -18.37
C ASP GA 125 -47.15 -70.72 -17.92
N LYS GA 126 -47.10 -70.28 -16.67
CA LYS GA 126 -45.95 -69.57 -16.11
C LYS GA 126 -45.59 -68.33 -16.93
N VAL GA 127 -46.62 -67.64 -17.43
CA VAL GA 127 -46.47 -66.32 -18.04
C VAL GA 127 -47.26 -65.34 -17.18
N LYS GA 128 -46.56 -64.31 -16.69
CA LYS GA 128 -47.14 -63.37 -15.73
C LYS GA 128 -47.86 -62.25 -16.49
N VAL GA 129 -49.19 -62.38 -16.60
CA VAL GA 129 -50.01 -61.39 -17.30
C VAL GA 129 -51.11 -60.94 -16.35
N LYS GA 130 -51.67 -59.76 -16.63
CA LYS GA 130 -52.68 -59.16 -15.77
C LYS GA 130 -53.86 -58.67 -16.60
N ALA GA 131 -55.02 -58.62 -15.95
CA ALA GA 131 -56.25 -58.10 -16.56
C ALA GA 131 -56.90 -57.09 -15.63
N VAL GA 132 -57.36 -55.97 -16.20
CA VAL GA 132 -58.09 -54.94 -15.48
C VAL GA 132 -59.55 -55.05 -15.89
N LEU GA 133 -60.41 -55.45 -14.96
CA LEU GA 133 -61.83 -55.67 -15.24
C LEU GA 133 -62.68 -55.01 -14.17
N GLY GA 134 -63.91 -54.67 -14.56
CA GLY GA 134 -64.84 -54.01 -13.65
C GLY GA 134 -65.77 -54.99 -12.95
N LYS GA 135 -65.87 -54.83 -11.63
CA LYS GA 135 -66.82 -55.57 -10.80
C LYS GA 135 -66.60 -57.08 -10.87
N VAL GA 136 -65.34 -57.50 -10.81
CA VAL GA 136 -64.97 -58.92 -10.84
C VAL GA 136 -64.27 -59.26 -9.53
N VAL GA 137 -64.81 -60.26 -8.82
CA VAL GA 137 -64.40 -60.55 -7.45
C VAL GA 137 -63.27 -61.58 -7.39
N GLY GA 138 -62.61 -61.87 -8.51
CA GLY GA 138 -61.51 -62.80 -8.54
C GLY GA 138 -60.47 -62.55 -7.46
N ASN GA 139 -60.15 -63.59 -6.71
CA ASN GA 139 -59.24 -63.51 -5.57
C ASN GA 139 -57.77 -63.66 -5.96
N HIS GA 140 -57.37 -63.18 -7.14
CA HIS GA 140 -56.01 -63.37 -7.62
C HIS GA 140 -55.27 -62.04 -7.74
N GLU GA 141 -53.95 -62.09 -7.56
CA GLU GA 141 -53.11 -60.92 -7.79
C GLU GA 141 -53.00 -60.56 -9.27
N GLY GA 142 -53.35 -61.47 -10.18
CA GLY GA 142 -53.24 -61.17 -11.59
C GLY GA 142 -54.40 -60.37 -12.13
N ILE GA 143 -55.45 -60.18 -11.33
CA ILE GA 143 -56.57 -59.34 -11.73
C ILE GA 143 -56.74 -58.24 -10.68
N ILE GA 144 -57.07 -57.03 -11.15
CA ILE GA 144 -57.40 -55.93 -10.27
C ILE GA 144 -58.83 -55.50 -10.55
N ASN GA 145 -59.63 -55.40 -9.50
CA ASN GA 145 -61.04 -55.02 -9.60
C ASN GA 145 -61.20 -53.50 -9.53
N PHE GA 146 -61.76 -52.93 -10.59
CA PHE GA 146 -62.09 -51.51 -10.63
C PHE GA 146 -63.59 -51.35 -10.41
N THR GA 147 -63.97 -50.68 -9.32
CA THR GA 147 -65.37 -50.52 -8.93
C THR GA 147 -65.68 -49.03 -8.79
N THR GA 148 -66.23 -48.44 -9.83
CA THR GA 148 -66.73 -47.07 -9.81
C THR GA 148 -67.77 -46.93 -10.92
N GLU GA 149 -68.80 -46.15 -10.67
CA GLU GA 149 -69.90 -46.01 -11.62
C GLU GA 149 -70.00 -44.58 -12.10
N ASP GA 150 -70.46 -44.41 -13.35
CA ASP GA 150 -70.88 -43.10 -13.87
C ASP GA 150 -69.75 -42.06 -13.77
N VAL GA 151 -68.57 -42.42 -14.27
CA VAL GA 151 -67.46 -41.48 -14.37
C VAL GA 151 -67.67 -40.62 -15.61
N LEU GA 152 -67.58 -39.30 -15.45
CA LEU GA 152 -67.91 -38.37 -16.53
C LEU GA 152 -66.64 -37.70 -17.03
N VAL GA 153 -66.36 -37.88 -18.32
CA VAL GA 153 -65.18 -37.30 -18.97
C VAL GA 153 -65.61 -36.61 -20.24
N GLY GA 154 -65.11 -35.39 -20.46
CA GLY GA 154 -65.42 -34.66 -21.66
C GLY GA 154 -66.91 -34.46 -21.79
N GLU GA 155 -67.55 -34.04 -20.70
CA GLU GA 155 -69.00 -33.93 -20.55
C GLU GA 155 -69.74 -35.14 -21.10
N LYS GA 156 -69.10 -36.31 -21.09
CA LYS GA 156 -69.70 -37.55 -21.55
C LYS GA 156 -69.71 -38.56 -20.40
N LYS GA 157 -70.82 -39.26 -20.25
CA LYS GA 157 -70.91 -40.30 -19.24
C LYS GA 157 -70.09 -41.52 -19.66
N TYR GA 158 -69.38 -42.12 -18.71
CA TYR GA 158 -68.61 -43.33 -18.98
C TYR GA 158 -68.93 -44.38 -17.94
N SER GA 159 -69.18 -45.61 -18.40
CA SER GA 159 -69.56 -46.70 -17.52
C SER GA 159 -68.32 -47.38 -16.97
N VAL GA 160 -68.53 -48.30 -16.03
CA VAL GA 160 -67.39 -48.89 -15.31
C VAL GA 160 -66.51 -49.69 -16.27
N ASP GA 161 -67.12 -50.49 -17.15
CA ASP GA 161 -66.34 -51.30 -18.08
C ASP GA 161 -65.61 -50.44 -19.10
N GLU GA 162 -66.25 -49.37 -19.57
CA GLU GA 162 -65.62 -48.52 -20.58
C GLU GA 162 -64.40 -47.77 -20.03
N PHE GA 163 -64.47 -47.30 -18.78
CA PHE GA 163 -63.36 -46.56 -18.21
C PHE GA 163 -62.21 -47.45 -17.75
N THR GA 164 -62.37 -48.77 -17.86
CA THR GA 164 -61.27 -49.67 -17.51
C THR GA 164 -60.11 -49.54 -18.50
N SER GA 165 -60.37 -49.03 -19.70
CA SER GA 165 -59.28 -48.76 -20.64
C SER GA 165 -58.38 -47.65 -20.12
N ARG GA 166 -58.97 -46.58 -19.59
CA ARG GA 166 -58.17 -45.51 -19.01
C ARG GA 166 -57.38 -46.01 -17.80
N VAL GA 167 -57.99 -46.84 -16.96
CA VAL GA 167 -57.29 -47.39 -15.80
C VAL GA 167 -56.11 -48.25 -16.24
N ALA GA 168 -56.31 -49.11 -17.24
CA ALA GA 168 -55.23 -49.94 -17.74
C ALA GA 168 -54.09 -49.09 -18.29
N GLY GA 169 -54.42 -48.06 -19.06
CA GLY GA 169 -53.37 -47.17 -19.56
C GLY GA 169 -52.62 -46.47 -18.45
N LEU GA 170 -53.35 -45.97 -17.44
CA LEU GA 170 -52.70 -45.27 -16.32
C LEU GA 170 -51.75 -46.20 -15.57
N ILE GA 171 -52.19 -47.42 -15.30
CA ILE GA 171 -51.34 -48.36 -14.56
C ILE GA 171 -50.12 -48.74 -15.40
N ALA GA 172 -50.32 -49.01 -16.69
CA ALA GA 172 -49.18 -49.40 -17.54
C ALA GA 172 -48.22 -48.24 -17.76
N GLY GA 173 -48.67 -47.00 -17.56
CA GLY GA 173 -47.79 -45.86 -17.77
C GLY GA 173 -46.97 -45.47 -16.55
N THR GA 174 -47.14 -46.16 -15.44
CA THR GA 174 -46.45 -45.80 -14.21
C THR GA 174 -45.04 -46.38 -14.18
N PRO GA 175 -44.01 -45.56 -13.94
CA PRO GA 175 -42.63 -46.08 -13.95
C PRO GA 175 -42.35 -47.06 -12.82
N LEU GA 176 -41.27 -47.84 -12.99
CA LEU GA 176 -41.03 -49.01 -12.14
C LEU GA 176 -40.83 -48.65 -10.67
N SER GA 177 -40.27 -47.46 -10.40
CA SER GA 177 -39.97 -47.10 -9.02
C SER GA 177 -41.19 -46.60 -8.25
N GLN GA 178 -42.34 -46.44 -8.89
CA GLN GA 178 -43.44 -45.68 -8.31
C GLN GA 178 -44.72 -46.51 -8.18
N SER GA 179 -45.72 -45.88 -7.57
CA SER GA 179 -47.03 -46.46 -7.34
C SER GA 179 -48.09 -45.50 -7.85
N VAL GA 180 -49.28 -46.05 -8.13
CA VAL GA 180 -50.38 -45.21 -8.61
C VAL GA 180 -51.22 -44.62 -7.48
N THR GA 181 -50.83 -44.84 -6.23
CA THR GA 181 -51.57 -44.26 -5.11
C THR GA 181 -51.60 -42.74 -5.20
N TYR GA 182 -52.79 -42.18 -5.04
CA TYR GA 182 -53.02 -40.73 -5.07
C TYR GA 182 -52.66 -40.08 -6.41
N THR GA 183 -52.53 -40.86 -7.47
CA THR GA 183 -52.32 -40.26 -8.78
C THR GA 183 -53.61 -39.58 -9.25
N LYS GA 184 -53.48 -38.38 -9.79
CA LYS GA 184 -54.63 -37.56 -10.13
C LYS GA 184 -54.96 -37.68 -11.61
N LEU GA 185 -56.26 -37.69 -11.90
CA LEU GA 185 -56.75 -37.70 -13.27
C LEU GA 185 -57.39 -36.35 -13.57
N SER GA 186 -56.74 -35.57 -14.44
CA SER GA 186 -57.24 -34.23 -14.75
C SER GA 186 -58.48 -34.26 -15.64
N ASP GA 187 -58.61 -35.28 -16.49
CA ASP GA 187 -59.75 -35.32 -17.43
C ASP GA 187 -61.07 -35.48 -16.70
N VAL GA 188 -61.07 -36.22 -15.59
CA VAL GA 188 -62.29 -36.45 -14.84
C VAL GA 188 -62.66 -35.20 -14.06
N VAL GA 189 -63.94 -34.84 -14.09
CA VAL GA 189 -64.42 -33.67 -13.36
C VAL GA 189 -65.61 -33.97 -12.45
N ASP GA 190 -66.18 -35.17 -12.47
CA ASP GA 190 -67.30 -35.50 -11.58
C ASP GA 190 -67.33 -36.99 -11.30
N ILE GA 191 -67.69 -37.34 -10.07
CA ILE GA 191 -67.75 -38.71 -9.56
C ILE GA 191 -68.87 -38.83 -8.52
N PRO GA 192 -69.59 -39.95 -8.45
CA PRO GA 192 -70.60 -40.11 -7.40
C PRO GA 192 -70.01 -39.96 -6.01
N LYS GA 193 -70.75 -39.31 -5.12
CA LYS GA 193 -70.29 -39.09 -3.76
C LYS GA 193 -70.22 -40.42 -3.00
N MET GA 194 -69.30 -40.49 -2.03
CA MET GA 194 -69.10 -41.70 -1.26
C MET GA 194 -68.48 -41.34 0.08
N THR GA 195 -69.00 -41.95 1.15
CA THR GA 195 -68.53 -41.67 2.50
C THR GA 195 -67.20 -42.39 2.76
N LYS GA 196 -66.53 -41.97 3.84
CA LYS GA 196 -65.17 -42.42 4.07
C LYS GA 196 -65.12 -43.87 4.54
N VAL GA 197 -66.05 -44.26 5.42
CA VAL GA 197 -66.07 -45.64 5.91
C VAL GA 197 -66.38 -46.61 4.77
N ASP GA 198 -67.25 -46.21 3.84
CA ASP GA 198 -67.54 -47.08 2.69
C ASP GA 198 -66.32 -47.26 1.80
N ALA GA 199 -65.57 -46.18 1.54
CA ALA GA 199 -64.35 -46.30 0.76
C ALA GA 199 -63.32 -47.17 1.47
N GLU GA 200 -63.19 -47.01 2.78
CA GLU GA 200 -62.29 -47.86 3.56
C GLU GA 200 -62.66 -49.33 3.40
N SER GA 201 -63.95 -49.65 3.57
CA SER GA 201 -64.39 -51.04 3.48
C SER GA 201 -64.14 -51.59 2.09
N ARG GA 202 -64.40 -50.79 1.05
CA ARG GA 202 -64.17 -51.27 -0.31
C ARG GA 202 -62.69 -51.53 -0.57
N VAL GA 203 -61.82 -50.64 -0.09
CA VAL GA 203 -60.39 -50.88 -0.27
C VAL GA 203 -59.96 -52.15 0.44
N ASN GA 204 -60.44 -52.34 1.68
CA ASN GA 204 -60.11 -53.57 2.40
C ASN GA 204 -60.73 -54.80 1.76
N LYS GA 205 -61.79 -54.64 0.96
CA LYS GA 205 -62.38 -55.77 0.25
C LYS GA 205 -61.63 -56.13 -1.02
N GLY GA 206 -60.76 -55.26 -1.51
CA GLY GA 206 -59.93 -55.54 -2.66
C GLY GA 206 -60.26 -54.79 -3.94
N GLU GA 207 -60.78 -53.56 -3.86
CA GLU GA 207 -61.18 -52.83 -5.04
C GLU GA 207 -60.33 -51.58 -5.24
N LEU GA 208 -60.08 -51.26 -6.51
CA LEU GA 208 -59.44 -50.02 -6.91
C LEU GA 208 -60.54 -49.00 -7.22
N ILE GA 209 -60.55 -47.88 -6.49
CA ILE GA 209 -61.63 -46.90 -6.56
C ILE GA 209 -61.07 -45.51 -6.78
N LEU GA 210 -61.91 -44.62 -7.28
CA LEU GA 210 -61.59 -43.19 -7.34
C LEU GA 210 -62.20 -42.48 -6.14
N ILE GA 211 -61.56 -41.40 -5.70
CA ILE GA 211 -62.06 -40.59 -4.58
C ILE GA 211 -61.98 -39.12 -4.94
N LYS GA 212 -62.74 -38.31 -4.20
CA LYS GA 212 -62.85 -36.88 -4.48
C LYS GA 212 -61.95 -36.11 -3.53
N GLU GA 213 -61.34 -35.03 -4.04
CA GLU GA 213 -60.45 -34.22 -3.22
C GLU GA 213 -60.39 -32.81 -3.76
N ALA GA 214 -59.98 -31.89 -2.88
CA ALA GA 214 -59.74 -30.51 -3.31
C ALA GA 214 -58.77 -30.50 -4.48
N GLY GA 215 -59.19 -29.89 -5.57
CA GLY GA 215 -58.55 -30.15 -6.84
C GLY GA 215 -59.24 -31.27 -7.57
N ALA GA 216 -58.44 -32.06 -8.29
CA ALA GA 216 -59.03 -33.07 -9.16
C ALA GA 216 -59.38 -34.35 -8.39
N ILE GA 217 -59.78 -35.36 -9.17
CA ILE GA 217 -60.06 -36.69 -8.66
C ILE GA 217 -58.78 -37.51 -8.68
N ARG GA 218 -58.75 -38.56 -7.85
CA ARG GA 218 -57.51 -39.35 -7.77
C ARG GA 218 -57.80 -40.79 -7.35
N ILE GA 219 -56.82 -41.67 -7.64
CA ILE GA 219 -56.87 -43.05 -7.20
C ILE GA 219 -56.62 -43.13 -5.70
N ALA GA 220 -57.35 -44.01 -5.02
CA ALA GA 220 -57.24 -44.10 -3.57
C ALA GA 220 -55.99 -44.86 -3.14
N ARG GA 221 -55.91 -46.15 -3.47
CA ARG GA 221 -54.81 -47.00 -3.03
C ARG GA 221 -54.54 -48.04 -4.11
N GLY GA 222 -53.25 -48.28 -4.39
CA GLY GA 222 -52.86 -49.19 -5.46
C GLY GA 222 -52.93 -50.65 -5.06
N VAL GA 223 -54.13 -51.14 -4.83
CA VAL GA 223 -54.33 -52.44 -4.19
C VAL GA 223 -54.76 -53.48 -5.23
N ASN GA 224 -54.58 -54.76 -4.88
CA ASN GA 224 -54.95 -55.89 -5.70
C ASN GA 224 -56.34 -56.39 -5.35
N SER GA 225 -56.80 -57.41 -6.07
CA SER GA 225 -58.03 -58.12 -5.72
C SER GA 225 -57.77 -59.32 -4.83
N LEU GA 226 -56.52 -59.58 -4.47
CA LEU GA 226 -56.21 -60.68 -3.56
C LEU GA 226 -56.60 -60.28 -2.13
N THR GA 227 -57.39 -61.13 -1.48
CA THR GA 227 -57.87 -60.86 -0.14
C THR GA 227 -57.56 -61.95 0.88
N GLU GA 228 -57.57 -63.22 0.49
CA GLU GA 228 -57.27 -64.32 1.40
C GLU GA 228 -55.78 -64.58 1.41
N LEU GA 229 -55.12 -64.23 2.51
CA LEU GA 229 -53.68 -64.30 2.63
C LEU GA 229 -53.29 -65.55 3.42
N THR GA 230 -52.22 -66.20 2.99
CA THR GA 230 -51.75 -67.46 3.57
C THR GA 230 -50.31 -67.32 4.07
N ALA GA 231 -49.79 -68.41 4.62
CA ALA GA 231 -48.43 -68.41 5.14
C ALA GA 231 -47.40 -68.22 4.03
N GLU GA 232 -47.77 -68.54 2.79
CA GLU GA 232 -46.84 -68.37 1.67
C GLU GA 232 -47.11 -67.10 0.87
N LYS GA 233 -48.32 -66.53 0.97
CA LYS GA 233 -48.69 -65.30 0.27
C LYS GA 233 -49.05 -64.25 1.32
N GLY GA 234 -48.15 -63.29 1.53
CA GLY GA 234 -48.35 -62.25 2.52
C GLY GA 234 -49.00 -61.01 1.94
N GLU GA 235 -48.99 -59.94 2.74
CA GLU GA 235 -49.66 -58.70 2.35
C GLU GA 235 -48.89 -57.93 1.28
N MET GA 236 -47.62 -58.27 1.08
CA MET GA 236 -46.84 -57.60 0.05
C MET GA 236 -47.38 -57.91 -1.35
N PHE GA 237 -48.06 -59.05 -1.52
CA PHE GA 237 -48.60 -59.48 -2.80
C PHE GA 237 -49.90 -58.79 -3.17
N GLN GA 238 -50.45 -57.95 -2.29
CA GLN GA 238 -51.67 -57.21 -2.59
C GLN GA 238 -51.40 -55.87 -3.27
N LYS GA 239 -50.13 -55.50 -3.47
CA LYS GA 239 -49.79 -54.18 -4.00
C LYS GA 239 -49.35 -54.26 -5.46
N ILE GA 240 -49.88 -53.35 -6.28
CA ILE GA 240 -49.64 -53.39 -7.72
C ILE GA 240 -48.16 -53.21 -8.03
N LYS GA 241 -47.50 -52.24 -7.37
CA LYS GA 241 -46.10 -51.96 -7.67
C LYS GA 241 -45.20 -53.18 -7.38
N ILE GA 242 -45.47 -53.87 -6.27
CA ILE GA 242 -44.65 -55.02 -5.89
C ILE GA 242 -44.80 -56.13 -6.91
N VAL GA 243 -46.04 -56.44 -7.29
CA VAL GA 243 -46.28 -57.54 -8.23
C VAL GA 243 -45.71 -57.18 -9.60
N ASP GA 244 -45.77 -55.90 -9.98
CA ASP GA 244 -45.18 -55.46 -11.24
C ASP GA 244 -43.67 -55.68 -11.27
N THR GA 245 -42.98 -55.31 -10.18
CA THR GA 245 -41.54 -55.54 -10.13
C THR GA 245 -41.19 -57.03 -10.11
N LEU GA 246 -41.97 -57.83 -9.40
CA LEU GA 246 -41.74 -59.27 -9.43
C LEU GA 246 -41.91 -59.83 -10.84
N ASP GA 247 -42.91 -59.34 -11.57
CA ASP GA 247 -43.12 -59.79 -12.94
C ASP GA 247 -41.96 -59.41 -13.85
N ILE GA 248 -41.39 -58.21 -13.68
CA ILE GA 248 -40.29 -57.84 -14.56
C ILE GA 248 -39.05 -58.67 -14.24
N ILE GA 249 -38.82 -58.98 -12.96
CA ILE GA 249 -37.70 -59.86 -12.61
C ILE GA 249 -37.90 -61.24 -13.24
N HIS GA 250 -39.12 -61.77 -13.13
CA HIS GA 250 -39.43 -63.06 -13.73
C HIS GA 250 -39.12 -63.07 -15.22
N SER GA 251 -39.55 -62.04 -15.94
CA SER GA 251 -39.35 -62.01 -17.39
C SER GA 251 -37.87 -61.89 -17.75
N ASP GA 252 -37.11 -61.05 -17.04
CA ASP GA 252 -35.68 -60.92 -17.33
C ASP GA 252 -34.96 -62.25 -17.13
N ILE GA 253 -35.21 -62.94 -16.01
CA ILE GA 253 -34.52 -64.20 -15.75
C ILE GA 253 -34.91 -65.25 -16.77
N ARG GA 254 -36.20 -65.33 -17.11
CA ARG GA 254 -36.64 -66.27 -18.12
C ARG GA 254 -35.94 -66.02 -19.45
N LYS GA 255 -35.80 -64.75 -19.83
CA LYS GA 255 -35.15 -64.43 -21.10
C LYS GA 255 -33.70 -64.88 -21.10
N VAL GA 256 -32.97 -64.59 -20.01
CA VAL GA 256 -31.57 -65.00 -19.96
C VAL GA 256 -31.44 -66.52 -20.05
N ILE GA 257 -32.25 -67.25 -19.28
CA ILE GA 257 -32.16 -68.70 -19.27
C ILE GA 257 -32.44 -69.26 -20.67
N ILE GA 258 -33.48 -68.75 -21.32
CA ILE GA 258 -33.84 -69.27 -22.64
C ILE GA 258 -32.76 -68.95 -23.67
N ASP GA 259 -32.18 -67.75 -23.61
CA ASP GA 259 -31.27 -67.34 -24.67
C ASP GA 259 -29.90 -67.99 -24.53
N ASP GA 260 -29.46 -68.32 -23.31
CA ASP GA 260 -28.09 -68.77 -23.15
C ASP GA 260 -27.90 -70.22 -22.72
N TYR GA 261 -28.94 -70.93 -22.28
CA TYR GA 261 -28.72 -72.23 -21.68
C TYR GA 261 -29.60 -73.37 -22.17
N ILE GA 262 -30.85 -73.12 -22.55
CA ILE GA 262 -31.78 -74.21 -22.88
C ILE GA 262 -31.35 -74.86 -24.18
N GLY GA 263 -30.88 -76.11 -24.10
CA GLY GA 263 -30.42 -76.85 -25.24
C GLY GA 263 -29.01 -76.55 -25.69
N LYS GA 264 -28.31 -75.63 -25.02
CA LYS GA 264 -26.98 -75.21 -25.44
C LYS GA 264 -25.86 -75.85 -24.64
N VAL GA 265 -26.11 -76.32 -23.42
CA VAL GA 265 -25.07 -76.84 -22.54
C VAL GA 265 -25.49 -78.19 -21.97
N THR GA 266 -24.50 -78.99 -21.62
CA THR GA 266 -24.73 -80.25 -20.92
C THR GA 266 -25.13 -79.99 -19.48
N ASN GA 267 -25.83 -80.95 -18.89
CA ASN GA 267 -26.37 -80.79 -17.54
C ASN GA 267 -25.45 -81.45 -16.52
N SER GA 268 -24.32 -80.81 -16.23
CA SER GA 268 -23.40 -81.26 -15.20
C SER GA 268 -23.37 -80.21 -14.10
N TYR GA 269 -22.80 -80.59 -12.96
CA TYR GA 269 -22.73 -79.69 -11.81
C TYR GA 269 -21.97 -78.40 -12.14
N ASP GA 270 -20.91 -78.51 -12.96
CA ASP GA 270 -20.13 -77.33 -13.32
C ASP GA 270 -20.96 -76.31 -14.12
N ASN GA 271 -21.75 -76.79 -15.07
CA ASN GA 271 -22.59 -75.88 -15.85
C ASN GA 271 -23.69 -75.27 -14.99
N LYS GA 272 -24.20 -76.02 -14.01
CA LYS GA 272 -25.13 -75.45 -13.04
C LYS GA 272 -24.47 -74.30 -12.26
N CYS GA 273 -23.20 -74.47 -11.87
CA CYS GA 273 -22.50 -73.39 -11.19
C CYS GA 273 -22.37 -72.15 -12.07
N LEU GA 274 -22.08 -72.36 -13.37
CA LEU GA 274 -22.03 -71.23 -14.29
C LEU GA 274 -23.36 -70.50 -14.37
N LEU GA 275 -24.47 -71.25 -14.43
CA LEU GA 275 -25.80 -70.65 -14.44
C LEU GA 275 -26.06 -69.84 -13.16
N ILE GA 276 -25.65 -70.39 -12.01
CA ILE GA 276 -25.80 -69.69 -10.74
C ILE GA 276 -25.07 -68.36 -10.78
N VAL GA 277 -23.84 -68.36 -11.29
CA VAL GA 277 -23.07 -67.11 -11.34
C VAL GA 277 -23.76 -66.07 -12.23
N ALA GA 278 -24.30 -66.51 -13.37
CA ALA GA 278 -25.00 -65.58 -14.25
C ALA GA 278 -26.22 -64.96 -13.57
N ILE GA 279 -27.01 -65.78 -12.88
CA ILE GA 279 -28.20 -65.25 -12.19
C ILE GA 279 -27.79 -64.29 -11.08
N LYS GA 280 -26.75 -64.63 -10.33
CA LYS GA 280 -26.28 -63.74 -9.26
C LYS GA 280 -25.83 -62.40 -9.82
N SER GA 281 -25.14 -62.40 -10.96
CA SER GA 281 -24.73 -61.14 -11.57
C SER GA 281 -25.94 -60.30 -11.97
N TYR GA 282 -26.98 -60.94 -12.52
CA TYR GA 282 -28.21 -60.19 -12.81
C TYR GA 282 -28.78 -59.55 -11.55
N LEU GA 283 -28.84 -60.30 -10.45
CA LEU GA 283 -29.38 -59.74 -9.21
C LEU GA 283 -28.52 -58.57 -8.72
N GLU GA 284 -27.20 -58.67 -8.87
CA GLU GA 284 -26.31 -57.57 -8.47
C GLU GA 284 -26.58 -56.31 -9.30
N GLU GA 285 -26.78 -56.49 -10.61
CA GLU GA 285 -27.11 -55.33 -11.45
C GLU GA 285 -28.44 -54.70 -11.02
N LEU GA 286 -29.41 -55.53 -10.62
CA LEU GA 286 -30.65 -54.98 -10.09
C LEU GA 286 -30.40 -54.19 -8.81
N GLU GA 287 -29.53 -54.71 -7.95
CA GLU GA 287 -29.24 -54.04 -6.68
C GLU GA 287 -28.60 -52.67 -6.92
N LYS GA 288 -27.74 -52.56 -7.92
CA LYS GA 288 -27.09 -51.28 -8.21
C LYS GA 288 -28.11 -50.22 -8.62
N SER GA 289 -29.16 -50.63 -9.33
CA SER GA 289 -30.19 -49.69 -9.77
C SER GA 289 -31.22 -49.40 -8.68
N ALA GA 290 -31.01 -49.91 -7.46
CA ALA GA 290 -31.84 -49.64 -6.29
C ALA GA 290 -33.27 -50.16 -6.43
N LEU GA 291 -33.49 -51.11 -7.33
CA LEU GA 291 -34.82 -51.72 -7.46
C LEU GA 291 -35.08 -52.73 -6.34
N ILE GA 292 -34.03 -53.38 -5.84
CA ILE GA 292 -34.13 -54.30 -4.71
C ILE GA 292 -33.03 -53.94 -3.71
N GLU GA 293 -33.17 -54.45 -2.49
CA GLU GA 293 -32.20 -54.21 -1.43
C GLU GA 293 -30.95 -55.07 -1.64
N SER GA 294 -29.90 -54.73 -0.90
CA SER GA 294 -28.60 -55.38 -1.05
C SER GA 294 -28.59 -56.76 -0.40
N ASP GA 295 -27.54 -57.53 -0.72
CA ASP GA 295 -27.24 -58.82 -0.09
C ASP GA 295 -28.25 -59.90 -0.46
N SER GA 296 -28.48 -60.04 -1.76
CA SER GA 296 -29.31 -61.11 -2.33
C SER GA 296 -28.39 -62.33 -2.53
N THR GA 297 -28.96 -63.53 -2.59
CA THR GA 297 -28.18 -64.75 -2.77
C THR GA 297 -28.87 -65.70 -3.74
N VAL GA 298 -28.07 -66.58 -4.35
CA VAL GA 298 -28.54 -67.67 -5.21
C VAL GA 298 -27.72 -68.92 -4.86
N GLU GA 299 -28.37 -70.08 -4.85
CA GLU GA 299 -27.69 -71.32 -4.50
C GLU GA 299 -28.50 -72.53 -4.99
N ILE GA 300 -27.91 -73.72 -4.83
CA ILE GA 300 -28.57 -74.96 -5.21
C ILE GA 300 -29.64 -75.30 -4.18
N ASP GA 301 -30.83 -75.68 -4.66
CA ASP GA 301 -31.92 -76.11 -3.79
C ASP GA 301 -31.70 -77.57 -3.40
N PHE GA 302 -30.97 -77.77 -2.29
CA PHE GA 302 -30.54 -79.11 -1.91
C PHE GA 302 -31.71 -80.03 -1.59
N GLU GA 303 -32.73 -79.50 -0.91
CA GLU GA 303 -33.89 -80.31 -0.53
C GLU GA 303 -34.68 -80.79 -1.76
N ALA GA 304 -34.88 -79.91 -2.74
CA ALA GA 304 -35.61 -80.31 -3.94
C ALA GA 304 -34.84 -81.37 -4.71
N GLN GA 305 -33.52 -81.23 -4.79
CA GLN GA 305 -32.69 -82.26 -5.44
C GLN GA 305 -32.81 -83.58 -4.70
N LYS GA 306 -32.77 -83.55 -3.36
CA LYS GA 306 -32.96 -84.77 -2.59
C LYS GA 306 -34.31 -85.41 -2.83
N SER GA 307 -35.38 -84.62 -2.87
CA SER GA 307 -36.71 -85.19 -3.09
C SER GA 307 -36.84 -85.79 -4.48
N TYR GA 308 -36.28 -85.12 -5.49
CA TYR GA 308 -36.28 -85.69 -6.83
C TYR GA 308 -35.51 -87.01 -6.88
N LEU GA 309 -34.33 -87.04 -6.25
CA LEU GA 309 -33.53 -88.26 -6.24
C LEU GA 309 -34.25 -89.38 -5.51
N LYS GA 310 -34.90 -89.07 -4.38
CA LYS GA 310 -35.74 -90.06 -3.69
C LYS GA 310 -36.84 -90.56 -4.61
N SER GA 311 -37.49 -89.67 -5.36
CA SER GA 311 -38.58 -90.07 -6.25
C SER GA 311 -38.06 -90.97 -7.37
N LYS GA 312 -36.79 -90.85 -7.74
CA LYS GA 312 -36.24 -91.75 -8.75
C LYS GA 312 -35.77 -93.08 -8.17
N GLY GA 313 -35.44 -93.15 -6.89
CA GLY GA 313 -35.10 -94.41 -6.24
C GLY GA 313 -33.68 -94.60 -5.77
N VAL GA 314 -32.84 -93.56 -5.79
CA VAL GA 314 -31.46 -93.69 -5.32
C VAL GA 314 -31.46 -93.79 -3.79
N ASP GA 315 -30.30 -94.14 -3.22
CA ASP GA 315 -30.13 -94.27 -1.77
C ASP GA 315 -29.56 -92.99 -1.18
N LEU GA 316 -30.15 -92.52 -0.09
CA LEU GA 316 -29.62 -91.36 0.60
C LEU GA 316 -28.75 -91.74 1.80
N SER GA 317 -28.88 -92.95 2.32
CA SER GA 317 -27.98 -93.39 3.38
C SER GA 317 -26.63 -93.78 2.80
N TYR GA 318 -25.57 -93.45 3.55
CA TYR GA 318 -24.19 -93.74 3.15
C TYR GA 318 -23.81 -92.97 1.88
N MET GA 319 -24.47 -91.84 1.65
CA MET GA 319 -24.08 -90.91 0.58
C MET GA 319 -23.63 -89.61 1.22
N THR GA 320 -22.46 -89.13 0.80
CA THR GA 320 -21.95 -87.86 1.28
C THR GA 320 -22.88 -86.73 0.80
N LEU GA 321 -22.91 -85.65 1.59
CA LEU GA 321 -23.65 -84.47 1.16
C LEU GA 321 -23.09 -83.93 -0.15
N GLN GA 322 -21.77 -83.93 -0.30
CA GLN GA 322 -21.17 -83.56 -1.58
C GLN GA 322 -21.65 -84.49 -2.68
N GLU GA 323 -21.77 -85.79 -2.38
CA GLU GA 323 -22.27 -86.75 -3.35
C GLU GA 323 -23.69 -86.44 -3.78
N ILE GA 324 -24.55 -86.06 -2.83
CA ILE GA 324 -25.92 -85.71 -3.18
C ILE GA 324 -25.95 -84.43 -4.03
N LYS GA 325 -25.16 -83.44 -3.65
CA LYS GA 325 -25.21 -82.13 -4.30
C LYS GA 325 -24.82 -82.22 -5.77
N GLU GA 326 -23.84 -83.04 -6.11
CA GLU GA 326 -23.29 -83.12 -7.45
C GLU GA 326 -23.89 -84.24 -8.29
N ALA GA 327 -24.97 -84.86 -7.82
CA ALA GA 327 -25.53 -86.02 -8.51
C ALA GA 327 -26.17 -85.62 -9.83
N ASN GA 328 -26.22 -86.57 -10.76
CA ASN GA 328 -26.86 -86.37 -12.05
C ASN GA 328 -28.37 -86.30 -11.88
N THR GA 329 -29.02 -85.39 -12.60
CA THR GA 329 -30.45 -85.14 -12.50
C THR GA 329 -31.11 -85.07 -13.88
N GLY GA 330 -30.59 -85.83 -14.83
CA GLY GA 330 -31.22 -85.89 -16.15
C GLY GA 330 -31.20 -84.54 -16.83
N SER GA 331 -32.36 -83.91 -16.91
CA SER GA 331 -32.51 -82.61 -17.55
C SER GA 331 -32.95 -81.50 -16.61
N LYS GA 332 -33.07 -81.78 -15.31
CA LYS GA 332 -33.62 -80.84 -14.33
C LYS GA 332 -32.52 -80.09 -13.60
N VAL GA 333 -32.82 -78.83 -13.25
CA VAL GA 333 -31.95 -77.99 -12.44
C VAL GA 333 -32.79 -77.37 -11.32
N PHE GA 334 -32.37 -77.56 -10.06
CA PHE GA 334 -33.09 -77.04 -8.91
C PHE GA 334 -32.28 -75.93 -8.24
N LEU GA 335 -32.89 -74.76 -8.10
CA LEU GA 335 -32.21 -73.58 -7.55
C LEU GA 335 -33.15 -72.83 -6.63
N LYS GA 336 -32.57 -71.98 -5.77
CA LYS GA 336 -33.33 -71.11 -4.89
C LYS GA 336 -32.55 -69.81 -4.66
N ALA GA 337 -33.29 -68.77 -4.26
CA ALA GA 337 -32.74 -67.43 -4.12
C ALA GA 337 -33.54 -66.67 -3.06
N LYS GA 338 -33.03 -65.49 -2.69
CA LYS GA 338 -33.65 -64.65 -1.66
C LYS GA 338 -33.41 -63.19 -2.00
N ILE GA 339 -34.48 -62.39 -1.98
CA ILE GA 339 -34.42 -60.96 -2.29
C ILE GA 339 -35.29 -60.19 -1.30
N LYS GA 340 -35.12 -58.87 -1.28
CA LYS GA 340 -35.92 -57.99 -0.45
C LYS GA 340 -36.38 -56.78 -1.25
N VAL GA 341 -37.64 -56.38 -1.04
CA VAL GA 341 -38.25 -55.24 -1.72
C VAL GA 341 -38.83 -54.30 -0.68
N LEU GA 342 -38.77 -53.00 -0.96
CA LEU GA 342 -39.23 -51.97 -0.04
C LEU GA 342 -40.50 -51.30 -0.56
N ASP GA 343 -41.26 -50.71 0.36
CA ASP GA 343 -42.48 -50.00 0.03
C ASP GA 343 -42.21 -48.53 -0.23
N ALA GA 344 -43.17 -47.88 -0.88
CA ALA GA 344 -43.10 -46.46 -1.16
C ALA GA 344 -43.75 -45.65 -0.03
N MET GA 345 -43.61 -44.33 -0.14
CA MET GA 345 -44.15 -43.36 0.82
C MET GA 345 -45.55 -42.95 0.38
N GLU GA 346 -46.58 -43.23 1.20
CA GLU GA 346 -47.90 -42.65 0.94
C GLU GA 346 -48.68 -42.26 2.20
N ASP GA 347 -48.26 -42.69 3.38
CA ASP GA 347 -48.87 -42.22 4.63
C ASP GA 347 -47.90 -41.37 5.43
N ILE GA 348 -48.34 -40.17 5.81
CA ILE GA 348 -47.52 -39.18 6.50
C ILE GA 348 -48.30 -38.62 7.70
N ASP GA 349 -47.63 -38.49 8.83
CA ASP GA 349 -48.16 -37.81 10.00
C ASP GA 349 -47.21 -36.68 10.41
N LEU GA 350 -47.72 -35.46 10.45
CA LEU GA 350 -46.94 -34.30 10.89
C LEU GA 350 -47.71 -33.56 11.98
N SER GA 351 -47.15 -33.53 13.18
CA SER GA 351 -47.77 -32.90 14.35
C SER GA 351 -47.10 -31.56 14.59
N ILE GA 352 -47.87 -30.48 14.46
CA ILE GA 352 -47.35 -29.11 14.56
C ILE GA 352 -47.82 -28.51 15.87
N GLU GA 353 -46.86 -28.03 16.66
CA GLU GA 353 -47.11 -27.38 17.94
C GLU GA 353 -47.00 -25.87 17.75
N ILE GA 354 -48.00 -25.13 18.20
CA ILE GA 354 -48.05 -23.69 17.96
C ILE GA 354 -47.80 -22.94 19.27
N ASN HA 3 -7.61 -86.61 13.45
CA ASN HA 3 -8.40 -85.76 12.56
C ASN HA 3 -7.54 -85.11 11.47
N MET HA 4 -6.47 -84.44 11.88
CA MET HA 4 -5.51 -83.91 10.92
C MET HA 4 -4.61 -85.02 10.40
N GLU HA 5 -4.71 -85.29 9.11
CA GLU HA 5 -3.90 -86.31 8.44
C GLU HA 5 -3.20 -85.69 7.25
N ALA HA 6 -2.03 -86.23 6.93
CA ALA HA 6 -1.25 -85.72 5.80
C ALA HA 6 -2.01 -85.82 4.48
N ARG HA 7 -2.83 -86.86 4.29
CA ARG HA 7 -3.57 -87.01 3.04
C ARG HA 7 -4.63 -85.94 2.86
N ASN HA 8 -5.01 -85.24 3.93
CA ASN HA 8 -6.03 -84.19 3.86
C ASN HA 8 -5.55 -82.94 3.15
N VAL HA 9 -4.23 -82.72 3.01
CA VAL HA 9 -3.70 -81.51 2.41
C VAL HA 9 -4.04 -81.49 0.92
N MET HA 10 -4.53 -80.36 0.45
CA MET HA 10 -5.00 -80.27 -0.94
C MET HA 10 -3.84 -80.18 -1.92
N SER HA 11 -3.83 -81.09 -2.89
CA SER HA 11 -2.85 -81.09 -3.96
C SER HA 11 -3.30 -80.17 -5.10
N GLY HA 12 -2.36 -79.37 -5.61
CA GLY HA 12 -2.62 -78.46 -6.70
C GLY HA 12 -2.85 -79.11 -8.05
N THR HA 13 -2.52 -80.39 -8.20
CA THR HA 13 -2.83 -81.10 -9.45
C THR HA 13 -4.34 -81.23 -9.68
N TRP HA 14 -5.15 -81.16 -8.62
CA TRP HA 14 -6.60 -81.32 -8.72
C TRP HA 14 -7.34 -79.99 -8.87
N GLY HA 15 -6.69 -78.97 -9.43
CA GLY HA 15 -7.33 -77.70 -9.68
C GLY HA 15 -7.90 -77.60 -11.09
N GLU HA 16 -8.98 -76.83 -11.24
CA GLU HA 16 -9.61 -76.58 -12.52
C GLU HA 16 -10.02 -75.11 -12.62
N LEU HA 17 -10.06 -74.59 -13.84
CA LEU HA 17 -10.31 -73.17 -14.06
C LEU HA 17 -11.24 -72.93 -15.23
N TRP HA 18 -12.20 -72.03 -15.06
CA TRP HA 18 -13.05 -71.51 -16.13
C TRP HA 18 -12.78 -70.02 -16.29
N LEU HA 19 -12.63 -69.57 -17.53
CA LEU HA 19 -12.41 -68.17 -17.84
C LEU HA 19 -13.42 -67.71 -18.89
N ASP HA 20 -14.23 -66.72 -18.54
CA ASP HA 20 -15.24 -66.18 -19.45
C ASP HA 20 -16.21 -67.25 -19.93
N GLY HA 21 -16.51 -68.21 -19.04
CA GLY HA 21 -17.41 -69.30 -19.35
C GLY HA 21 -16.80 -70.49 -20.06
N ASN HA 22 -15.52 -70.44 -20.41
CA ASN HA 22 -14.86 -71.50 -21.16
C ASN HA 22 -13.78 -72.16 -20.33
N LYS HA 23 -13.71 -73.49 -20.39
CA LYS HA 23 -12.76 -74.25 -19.58
C LYS HA 23 -11.33 -74.09 -20.12
N VAL HA 24 -10.37 -73.99 -19.21
CA VAL HA 24 -8.97 -73.75 -19.55
C VAL HA 24 -8.17 -75.00 -19.18
N ALA HA 25 -8.04 -75.93 -20.13
CA ALA HA 25 -7.39 -77.20 -19.84
C ALA HA 25 -5.88 -77.09 -19.66
N GLU HA 26 -5.25 -76.01 -20.10
CA GLU HA 26 -3.80 -75.90 -20.14
C GLU HA 26 -3.29 -75.06 -18.97
N VAL HA 27 -4.08 -74.97 -17.90
CA VAL HA 27 -3.78 -74.12 -16.75
C VAL HA 27 -2.66 -74.76 -15.94
N LYS HA 28 -1.69 -73.96 -15.53
CA LYS HA 28 -0.59 -74.39 -14.66
C LYS HA 28 -0.76 -73.93 -13.22
N LYS HA 29 -1.17 -72.68 -12.99
CA LYS HA 29 -1.36 -72.18 -11.64
C LYS HA 29 -2.38 -71.04 -11.67
N PHE HA 30 -2.98 -70.78 -10.52
CA PHE HA 30 -3.98 -69.74 -10.34
C PHE HA 30 -3.88 -69.15 -8.94
N GLN HA 31 -3.92 -67.82 -8.85
CA GLN HA 31 -3.76 -67.13 -7.58
C GLN HA 31 -4.66 -65.91 -7.55
N ALA HA 32 -5.28 -65.66 -6.39
CA ALA HA 32 -6.09 -64.47 -6.18
C ALA HA 32 -6.09 -64.13 -4.70
N LYS HA 33 -5.78 -62.88 -4.36
CA LYS HA 33 -5.57 -62.49 -2.98
C LYS HA 33 -6.03 -61.04 -2.77
N MET HA 34 -6.61 -60.79 -1.60
CA MET HA 34 -7.10 -59.47 -1.22
C MET HA 34 -6.13 -58.81 -0.24
N GLU HA 35 -5.49 -57.72 -0.67
CA GLU HA 35 -4.52 -57.00 0.15
C GLU HA 35 -5.22 -55.82 0.83
N PHE HA 36 -5.19 -55.79 2.17
CA PHE HA 36 -5.90 -54.75 2.91
C PHE HA 36 -5.09 -53.47 2.98
N THR HA 37 -5.79 -52.34 2.97
CA THR HA 37 -5.19 -51.03 3.17
C THR HA 37 -5.42 -50.62 4.63
N LYS HA 38 -4.32 -50.35 5.35
CA LYS HA 38 -4.34 -50.04 6.78
C LYS HA 38 -3.52 -48.79 7.05
N GLU HA 39 -4.00 -47.96 7.98
CA GLU HA 39 -3.31 -46.74 8.39
C GLU HA 39 -3.00 -46.78 9.89
N ASP HA 40 -1.78 -46.40 10.24
CA ASP HA 40 -1.37 -46.38 11.65
C ASP HA 40 -2.10 -45.29 12.42
N ILE HA 41 -2.50 -45.60 13.64
CA ILE HA 41 -3.11 -44.62 14.53
C ILE HA 41 -2.48 -44.77 15.92
N ILE HA 42 -1.84 -43.71 16.41
CA ILE HA 42 -1.25 -43.67 17.74
C ILE HA 42 -2.27 -43.05 18.69
N ILE HA 43 -2.60 -43.77 19.76
CA ILE HA 43 -3.56 -43.31 20.75
C ILE HA 43 -2.82 -42.75 21.95
N ALA HA 44 -3.21 -41.55 22.39
CA ALA HA 44 -2.59 -40.93 23.55
C ALA HA 44 -2.67 -41.84 24.77
N GLY HA 45 -1.53 -42.06 25.42
CA GLY HA 45 -1.47 -42.91 26.59
C GLY HA 45 -1.28 -44.39 26.34
N GLN HA 46 -1.11 -44.81 25.09
CA GLN HA 46 -0.96 -46.22 24.73
C GLN HA 46 0.34 -46.42 23.97
N MET HA 47 1.17 -47.35 24.43
CA MET HA 47 2.47 -47.61 23.81
C MET HA 47 2.37 -48.34 22.48
N GLY HA 48 1.44 -49.30 22.35
CA GLY HA 48 1.30 -50.04 21.12
C GLY HA 48 0.47 -49.35 20.04
N THR HA 49 1.07 -49.04 18.89
CA THR HA 49 0.36 -48.37 17.81
C THR HA 49 -0.66 -49.31 17.16
N ASP HA 50 -1.89 -48.82 16.99
CA ASP HA 50 -3.01 -49.56 16.41
C ASP HA 50 -3.20 -49.15 14.94
N THR HA 51 -4.17 -49.76 14.27
CA THR HA 51 -4.43 -49.50 12.85
C THR HA 51 -5.93 -49.40 12.58
N LYS HA 52 -6.26 -48.74 11.46
CA LYS HA 52 -7.63 -48.61 10.99
C LYS HA 52 -7.75 -49.21 9.59
N TYR HA 53 -8.68 -50.13 9.42
CA TYR HA 53 -8.92 -50.77 8.13
C TYR HA 53 -9.65 -49.80 7.19
N MET HA 54 -9.12 -49.62 5.98
CA MET HA 54 -9.65 -48.65 5.03
C MET HA 54 -10.20 -49.26 3.74
N GLY HA 55 -9.88 -50.50 3.41
CA GLY HA 55 -10.33 -51.11 2.17
C GLY HA 55 -9.37 -52.18 1.72
N TYR HA 56 -9.56 -52.64 0.48
CA TYR HA 56 -8.73 -53.72 -0.05
C TYR HA 56 -8.50 -53.56 -1.55
N LYS HA 57 -7.42 -54.16 -2.02
CA LYS HA 57 -7.03 -54.21 -3.42
C LYS HA 57 -6.85 -55.67 -3.84
N GLY HA 58 -7.63 -56.12 -4.81
CA GLY HA 58 -7.58 -57.51 -5.27
C GLY HA 58 -6.55 -57.71 -6.36
N LYS HA 59 -5.65 -58.67 -6.15
CA LYS HA 59 -4.58 -58.97 -7.09
C LYS HA 59 -4.47 -60.47 -7.31
N GLY HA 60 -4.07 -60.85 -8.52
CA GLY HA 60 -3.99 -62.25 -8.88
C GLY HA 60 -3.12 -62.49 -10.10
N SER HA 61 -3.03 -63.76 -10.48
CA SER HA 61 -2.25 -64.15 -11.65
C SER HA 61 -2.68 -65.54 -12.13
N ILE HA 62 -2.50 -65.77 -13.43
CA ILE HA 62 -2.73 -67.06 -14.08
C ILE HA 62 -1.47 -67.41 -14.86
N THR HA 63 -1.10 -68.69 -14.87
CA THR HA 63 -0.02 -69.19 -15.73
C THR HA 63 -0.56 -70.35 -16.56
N LEU HA 64 -0.22 -70.35 -17.85
CA LEU HA 64 -0.71 -71.35 -18.79
C LEU HA 64 0.44 -71.94 -19.60
N TYR HA 65 0.32 -73.21 -19.95
CA TYR HA 65 1.12 -73.76 -21.05
C TYR HA 65 0.66 -73.15 -22.37
N HIS HA 66 1.61 -72.83 -23.23
CA HIS HA 66 1.30 -72.15 -24.50
C HIS HA 66 0.89 -73.20 -25.54
N VAL HA 67 -0.42 -73.27 -25.81
CA VAL HA 67 -0.95 -74.22 -26.78
C VAL HA 67 -1.77 -73.49 -27.85
N SER HA 68 -2.25 -72.28 -27.54
CA SER HA 68 -3.12 -71.54 -28.44
C SER HA 68 -2.99 -70.04 -28.16
N SER HA 69 -3.75 -69.25 -28.92
CA SER HA 69 -3.76 -67.79 -28.76
C SER HA 69 -4.97 -67.31 -27.96
N ARG HA 70 -5.13 -67.84 -26.76
CA ARG HA 70 -6.32 -67.54 -25.96
C ARG HA 70 -6.39 -66.06 -25.57
N MET HA 71 -5.32 -65.53 -24.98
CA MET HA 71 -5.34 -64.16 -24.49
C MET HA 71 -5.38 -63.15 -25.63
N HIS HA 72 -4.68 -63.45 -26.73
CA HIS HA 72 -4.76 -62.59 -27.92
C HIS HA 72 -6.21 -62.38 -28.32
N LYS HA 73 -6.94 -63.48 -28.50
CA LYS HA 73 -8.34 -63.41 -28.91
C LYS HA 73 -9.20 -62.70 -27.86
N LEU HA 74 -8.88 -62.88 -26.58
CA LEU HA 74 -9.71 -62.27 -25.55
C LEU HA 74 -9.58 -60.74 -25.54
N ILE HA 75 -8.36 -60.20 -25.66
CA ILE HA 75 -8.23 -58.77 -25.35
C ILE HA 75 -7.52 -57.90 -26.40
N GLY HA 76 -6.87 -58.50 -27.40
CA GLY HA 76 -5.94 -57.73 -28.21
C GLY HA 76 -6.60 -56.59 -28.97
N GLU HA 77 -7.59 -56.91 -29.81
CA GLU HA 77 -8.19 -55.89 -30.67
C GLU HA 77 -8.91 -54.82 -29.84
N LYS HA 78 -9.58 -55.22 -28.75
CA LYS HA 78 -10.31 -54.27 -27.93
C LYS HA 78 -9.39 -53.30 -27.20
N ILE HA 79 -8.24 -53.78 -26.71
CA ILE HA 79 -7.34 -52.92 -25.95
C ILE HA 79 -6.82 -51.79 -26.82
N LYS HA 80 -6.47 -52.08 -28.08
CA LYS HA 80 -5.96 -51.05 -28.97
C LYS HA 80 -7.01 -49.98 -29.27
N ARG HA 81 -8.29 -50.36 -29.27
CA ARG HA 81 -9.37 -49.42 -29.57
C ARG HA 81 -9.75 -48.53 -28.40
N GLY HA 82 -9.33 -48.86 -27.18
CA GLY HA 82 -9.70 -48.11 -26.01
C GLY HA 82 -10.85 -48.65 -25.20
N SER HA 83 -11.39 -49.82 -25.55
CA SER HA 83 -12.49 -50.44 -24.82
C SER HA 83 -11.95 -51.61 -24.00
N GLU HA 84 -11.89 -51.43 -22.67
CA GLU HA 84 -11.33 -52.45 -21.77
C GLU HA 84 -12.38 -53.49 -21.41
N PRO HA 85 -12.15 -54.76 -21.69
CA PRO HA 85 -13.08 -55.81 -21.26
C PRO HA 85 -12.83 -56.26 -19.83
N ARG HA 86 -13.89 -56.78 -19.22
CA ARG HA 86 -13.82 -57.36 -17.87
C ARG HA 86 -14.36 -58.78 -17.91
N PHE HA 87 -13.88 -59.63 -17.00
CA PHE HA 87 -14.13 -61.06 -17.07
C PHE HA 87 -14.50 -61.64 -15.70
N VAL HA 88 -14.98 -62.87 -15.74
CA VAL HA 88 -15.31 -63.66 -14.55
C VAL HA 88 -14.56 -64.98 -14.64
N ALA HA 89 -13.87 -65.35 -13.55
CA ALA HA 89 -13.17 -66.63 -13.48
C ALA HA 89 -13.72 -67.46 -12.34
N ILE HA 90 -13.76 -68.78 -12.52
CA ILE HA 90 -14.19 -69.72 -11.50
C ILE HA 90 -13.06 -70.72 -11.27
N SER HA 91 -12.62 -70.85 -10.02
CA SER HA 91 -11.55 -71.76 -9.66
C SER HA 91 -12.10 -72.85 -8.74
N LYS HA 92 -11.75 -74.10 -9.03
CA LYS HA 92 -12.25 -75.25 -8.30
C LYS HA 92 -11.07 -76.13 -7.88
N LEU HA 93 -11.03 -76.49 -6.60
CA LEU HA 93 -10.01 -77.38 -6.06
C LEU HA 93 -10.71 -78.55 -5.40
N ASN HA 94 -10.63 -79.73 -6.01
CA ASN HA 94 -11.36 -80.93 -5.54
C ASN HA 94 -10.40 -82.12 -5.47
N ASP HA 95 -9.66 -82.19 -4.37
CA ASP HA 95 -8.80 -83.34 -4.09
C ASP HA 95 -9.64 -84.49 -3.54
N PRO HA 96 -9.60 -85.67 -4.15
CA PRO HA 96 -10.43 -86.79 -3.65
C PRO HA 96 -10.14 -87.20 -2.22
N ASP HA 97 -8.94 -86.95 -1.71
CA ASP HA 97 -8.58 -87.33 -0.35
C ASP HA 97 -8.82 -86.23 0.68
N SER HA 98 -9.39 -85.08 0.29
CA SER HA 98 -9.65 -83.99 1.21
C SER HA 98 -11.09 -84.06 1.74
N TYR HA 99 -11.45 -83.11 2.61
CA TYR HA 99 -12.80 -83.07 3.17
C TYR HA 99 -13.84 -82.82 2.09
N GLY HA 100 -13.57 -81.91 1.17
CA GLY HA 100 -14.51 -81.56 0.13
C GLY HA 100 -13.92 -80.58 -0.85
N ALA HA 101 -14.80 -79.96 -1.63
CA ALA HA 101 -14.39 -79.06 -2.70
C ALA HA 101 -14.43 -77.61 -2.23
N GLU HA 102 -13.60 -76.78 -2.86
CA GLU HA 102 -13.57 -75.33 -2.65
C GLU HA 102 -13.68 -74.68 -4.02
N ARG HA 103 -14.80 -74.00 -4.29
CA ARG HA 103 -15.07 -73.37 -5.58
C ARG HA 103 -15.36 -71.89 -5.36
N ILE HA 104 -14.66 -71.02 -6.09
CA ILE HA 104 -14.77 -69.58 -5.89
C ILE HA 104 -14.83 -68.88 -7.24
N ALA HA 105 -15.72 -67.89 -7.34
CA ALA HA 105 -15.83 -67.03 -8.51
C ALA HA 105 -15.15 -65.70 -8.24
N VAL HA 106 -14.28 -65.28 -9.15
CA VAL HA 106 -13.56 -64.01 -9.08
C VAL HA 106 -14.09 -63.13 -10.20
N LYS HA 107 -14.61 -61.95 -9.85
CA LYS HA 107 -15.39 -61.13 -10.77
C LYS HA 107 -14.76 -59.77 -11.00
N ASN HA 108 -15.18 -59.12 -12.09
CA ASN HA 108 -14.66 -57.81 -12.51
C ASN HA 108 -13.13 -57.86 -12.67
N ILE HA 109 -12.65 -58.86 -13.41
CA ILE HA 109 -11.23 -59.07 -13.63
C ILE HA 109 -10.75 -58.19 -14.77
N ALA HA 110 -9.65 -57.47 -14.54
CA ALA HA 110 -8.97 -56.69 -15.57
C ALA HA 110 -7.51 -57.13 -15.64
N PHE HA 111 -7.08 -57.59 -16.82
CA PHE HA 111 -5.73 -58.08 -17.00
C PHE HA 111 -4.72 -56.93 -17.08
N ASP HA 112 -3.49 -57.23 -16.65
CA ASP HA 112 -2.45 -56.22 -16.51
C ASP HA 112 -1.63 -56.01 -17.77
N ASP HA 113 -1.54 -57.01 -18.65
CA ASP HA 113 -0.73 -56.90 -19.87
C ASP HA 113 -1.23 -57.90 -20.91
N LEU HA 114 -0.50 -57.98 -22.02
CA LEU HA 114 -0.74 -58.98 -23.06
C LEU HA 114 0.59 -59.38 -23.69
N THR HA 115 0.89 -60.67 -23.67
CA THR HA 115 2.12 -61.19 -24.27
C THR HA 115 1.85 -61.58 -25.71
N LEU HA 116 2.51 -60.90 -26.64
CA LEU HA 116 2.41 -61.25 -28.06
C LEU HA 116 3.31 -62.41 -28.44
N ALA HA 117 4.56 -62.41 -27.98
CA ALA HA 117 5.47 -63.52 -28.22
C ALA HA 117 6.48 -63.57 -27.09
N ASP HA 118 6.85 -64.79 -26.68
CA ASP HA 118 7.97 -64.98 -25.75
C ASP HA 118 8.50 -66.40 -25.95
N TRP HA 119 9.50 -66.56 -26.84
CA TRP HA 119 10.06 -67.87 -27.11
C TRP HA 119 11.58 -67.83 -27.10
N GLU HA 120 12.17 -68.98 -26.77
CA GLU HA 120 13.62 -69.16 -26.75
C GLU HA 120 13.94 -70.59 -27.21
N VAL HA 121 14.98 -70.73 -28.02
CA VAL HA 121 15.34 -72.04 -28.56
C VAL HA 121 15.66 -73.00 -27.42
N GLY HA 122 15.10 -74.20 -27.48
CA GLY HA 122 15.32 -75.20 -26.44
C GLY HA 122 14.52 -75.01 -25.18
N VAL HA 123 13.48 -74.18 -25.18
CA VAL HA 123 12.65 -73.91 -24.01
C VAL HA 123 11.18 -74.08 -24.39
N LYS HA 124 10.42 -74.77 -23.54
CA LYS HA 124 8.99 -74.91 -23.76
C LYS HA 124 8.26 -73.61 -23.43
N GLY HA 125 7.17 -73.35 -24.14
CA GLY HA 125 6.46 -72.07 -24.03
C GLY HA 125 5.48 -72.02 -22.87
N GLU HA 126 5.51 -70.90 -22.15
CA GLU HA 126 4.56 -70.63 -21.07
C GLU HA 126 4.19 -69.16 -21.09
N ILE HA 127 3.00 -68.85 -20.56
CA ILE HA 127 2.48 -67.49 -20.48
C ILE HA 127 2.06 -67.18 -19.05
N GLU HA 128 2.50 -66.04 -18.53
CA GLU HA 128 2.09 -65.57 -17.20
C GLU HA 128 1.31 -64.27 -17.35
N ALA HA 129 0.10 -64.24 -16.79
CA ALA HA 129 -0.83 -63.12 -16.98
C ALA HA 129 -1.36 -62.58 -15.66
N PRO HA 130 -0.77 -61.52 -15.12
CA PRO HA 130 -1.29 -60.90 -13.89
C PRO HA 130 -2.59 -60.13 -14.16
N PHE HA 131 -3.37 -59.95 -13.09
CA PHE HA 131 -4.64 -59.23 -13.19
C PHE HA 131 -5.01 -58.59 -11.86
N THR HA 132 -6.07 -57.77 -11.89
CA THR HA 132 -6.72 -57.21 -10.71
C THR HA 132 -8.21 -57.53 -10.75
N PHE HA 133 -8.88 -57.40 -9.60
CA PHE HA 133 -10.31 -57.74 -9.48
C PHE HA 133 -10.90 -57.00 -8.29
N THR HA 134 -12.25 -56.95 -8.23
CA THR HA 134 -12.89 -56.24 -7.12
C THR HA 134 -13.89 -57.09 -6.34
N GLU HA 135 -14.45 -58.15 -6.91
CA GLU HA 135 -15.51 -58.91 -6.26
C GLU HA 135 -15.24 -60.41 -6.30
N TYR HA 136 -15.93 -61.13 -5.43
CA TYR HA 136 -15.82 -62.59 -5.36
C TYR HA 136 -17.08 -63.18 -4.73
N ASP HA 137 -17.27 -64.49 -4.92
CA ASP HA 137 -18.39 -65.21 -4.34
C ASP HA 137 -17.97 -66.62 -3.98
N PHE HA 138 -18.45 -67.10 -2.84
CA PHE HA 138 -18.15 -68.44 -2.34
C PHE HA 138 -19.22 -69.41 -2.83
N LEU HA 139 -18.80 -70.44 -3.55
CA LEU HA 139 -19.67 -71.56 -3.92
C LEU HA 139 -18.98 -72.83 -3.45
N ASP HA 140 -19.58 -73.55 -2.49
CA ASP HA 140 -18.96 -74.76 -1.93
C ASP HA 140 -17.64 -74.44 -1.20
N ILE HA 141 -17.77 -73.84 -0.03
CA ILE HA 141 -16.64 -73.75 0.89
C ILE HA 141 -16.59 -74.98 1.79
N ILE HA 142 -15.46 -75.17 2.46
CA ILE HA 142 -15.31 -76.27 3.40
C ILE HA 142 -15.48 -75.79 4.83
N ILE IA 3 -55.33 -52.61 4.32
CA ILE IA 3 -54.27 -51.62 4.45
C ILE IA 3 -54.86 -50.22 4.57
N GLY IA 4 -56.16 -50.10 4.30
CA GLY IA 4 -56.87 -48.85 4.50
C GLY IA 4 -56.53 -47.79 3.47
N LEU IA 5 -57.13 -46.61 3.67
CA LEU IA 5 -56.88 -45.47 2.81
C LEU IA 5 -55.62 -44.74 3.22
N PRO IA 6 -54.97 -44.04 2.28
CA PRO IA 6 -53.80 -43.22 2.66
C PRO IA 6 -54.21 -42.12 3.63
N SER IA 7 -53.36 -41.91 4.63
CA SER IA 7 -53.64 -40.96 5.71
C SER IA 7 -52.57 -39.89 5.69
N ILE IA 8 -52.92 -38.70 5.20
CA ILE IA 8 -52.06 -37.53 5.28
C ILE IA 8 -52.73 -36.56 6.23
N ASN IA 9 -52.27 -36.52 7.48
CA ASN IA 9 -52.90 -35.67 8.48
C ASN IA 9 -51.86 -34.74 9.09
N ILE IA 10 -52.07 -33.44 8.89
CA ILE IA 10 -51.28 -32.39 9.51
C ILE IA 10 -52.16 -31.72 10.55
N SER IA 11 -51.76 -31.81 11.81
CA SER IA 11 -52.56 -31.34 12.93
C SER IA 11 -51.85 -30.21 13.66
N PHE IA 12 -52.65 -29.30 14.23
CA PHE IA 12 -52.14 -28.19 15.03
C PHE IA 12 -52.62 -28.33 16.46
N LYS IA 13 -51.75 -28.00 17.41
CA LYS IA 13 -51.99 -28.34 18.81
C LYS IA 13 -51.13 -27.44 19.70
N GLU IA 14 -51.55 -27.33 20.96
CA GLU IA 14 -50.89 -26.47 21.94
C GLU IA 14 -49.59 -27.10 22.44
N LEU IA 15 -48.82 -26.32 23.18
CA LEU IA 15 -47.49 -26.73 23.62
C LEU IA 15 -47.55 -27.82 24.68
N ALA IA 16 -46.49 -28.63 24.78
CA ALA IA 16 -46.45 -29.80 25.65
C ALA IA 16 -45.08 -29.96 26.31
N THR IA 17 -45.04 -30.74 27.39
CA THR IA 17 -43.83 -30.96 28.17
C THR IA 17 -43.26 -32.36 27.93
N THR IA 18 -41.93 -32.50 28.12
CA THR IA 18 -41.21 -33.75 27.96
C THR IA 18 -40.61 -34.21 29.28
N VAL IA 19 -40.78 -35.49 29.61
CA VAL IA 19 -40.28 -36.09 30.85
C VAL IA 19 -38.82 -36.52 30.73
N LYS IA 20 -38.22 -36.86 31.87
CA LYS IA 20 -36.82 -37.27 31.90
C LYS IA 20 -36.61 -38.61 31.20
N GLU IA 21 -35.44 -38.76 30.57
CA GLU IA 21 -35.06 -40.01 29.93
C GLU IA 21 -34.84 -41.10 30.99
N ARG IA 22 -35.02 -42.35 30.57
CA ARG IA 22 -35.00 -43.45 31.51
C ARG IA 22 -33.64 -44.13 31.60
N SER IA 23 -33.43 -44.84 32.71
CA SER IA 23 -32.20 -45.57 32.98
C SER IA 23 -32.46 -47.07 32.98
N ALA IA 24 -31.53 -47.82 32.40
CA ALA IA 24 -31.60 -49.28 32.46
C ALA IA 24 -30.91 -49.83 33.70
N ARG IA 25 -30.64 -48.99 34.68
CA ARG IA 25 -30.04 -49.42 35.94
C ARG IA 25 -31.01 -49.25 37.11
N GLY IA 26 -31.23 -50.34 37.85
CA GLY IA 26 -31.96 -50.28 39.10
C GLY IA 26 -33.25 -51.08 39.12
N ILE IA 27 -33.27 -52.19 39.86
CA ILE IA 27 -34.47 -53.01 40.03
C ILE IA 27 -34.71 -53.20 41.51
N ILE IA 28 -35.92 -52.88 41.97
CA ILE IA 28 -36.28 -52.95 43.38
C ILE IA 28 -37.42 -53.92 43.57
N ALA IA 29 -37.31 -54.78 44.58
CA ALA IA 29 -38.37 -55.67 44.99
C ALA IA 29 -39.01 -55.14 46.26
N MET IA 30 -40.32 -54.91 46.20
CA MET IA 30 -41.08 -54.35 47.32
C MET IA 30 -42.24 -55.26 47.63
N VAL IA 31 -42.33 -55.72 48.88
CA VAL IA 31 -43.40 -56.61 49.31
C VAL IA 31 -44.32 -55.85 50.25
N LEU IA 32 -45.61 -55.87 49.94
CA LEU IA 32 -46.60 -55.15 50.73
C LEU IA 32 -47.82 -56.03 50.91
N LYS IA 33 -48.45 -55.92 52.07
CA LYS IA 33 -49.64 -56.66 52.41
C LYS IA 33 -50.86 -55.87 51.99
N ASP IA 34 -51.78 -56.52 51.29
CA ASP IA 34 -53.05 -55.93 50.91
C ASP IA 34 -54.17 -56.95 51.10
N ALA IA 35 -55.39 -56.45 51.25
CA ALA IA 35 -56.54 -57.34 51.41
C ALA IA 35 -57.18 -57.68 50.06
N LYS IA 36 -56.64 -57.14 48.97
CA LYS IA 36 -57.24 -57.36 47.65
C LYS IA 36 -56.13 -57.46 46.60
N ALA IA 37 -56.38 -58.31 45.59
CA ALA IA 37 -55.52 -58.43 44.40
C ALA IA 37 -54.13 -58.95 44.76
N LEU IA 38 -54.09 -60.04 45.50
CA LEU IA 38 -52.82 -60.67 45.86
C LEU IA 38 -52.12 -61.22 44.62
N GLY IA 39 -50.79 -61.26 44.67
CA GLY IA 39 -50.02 -61.86 43.61
C GLY IA 39 -48.76 -61.07 43.35
N LEU IA 40 -48.22 -61.27 42.15
CA LEU IA 40 -47.00 -60.60 41.69
C LEU IA 40 -47.37 -59.55 40.65
N ASN IA 41 -46.97 -58.31 40.90
CA ASN IA 41 -47.26 -57.19 40.01
C ASN IA 41 -45.98 -56.48 39.65
N GLU IA 42 -45.64 -56.49 38.36
CA GLU IA 42 -44.50 -55.74 37.84
C GLU IA 42 -44.99 -54.36 37.45
N ILE IA 43 -44.25 -53.33 37.86
CA ILE IA 43 -44.62 -51.94 37.61
C ILE IA 43 -43.54 -51.27 36.78
N HIS IA 44 -43.94 -50.68 35.67
CA HIS IA 44 -42.99 -50.02 34.79
C HIS IA 44 -42.94 -48.52 35.05
N GLU IA 45 -44.08 -47.92 35.40
CA GLU IA 45 -44.14 -46.49 35.63
C GLU IA 45 -45.23 -46.17 36.65
N LYS IA 46 -45.11 -44.98 37.24
CA LYS IA 46 -46.04 -44.53 38.26
C LYS IA 46 -47.36 -44.04 37.66
N GLU IA 47 -47.40 -43.77 36.36
CA GLU IA 47 -48.65 -43.41 35.72
C GLU IA 47 -49.58 -44.61 35.63
N ASP IA 48 -49.02 -45.81 35.50
CA ASP IA 48 -49.80 -47.02 35.34
C ASP IA 48 -49.61 -47.91 36.56
N ILE IA 49 -50.42 -47.69 37.59
CA ILE IA 49 -50.47 -48.54 38.77
C ILE IA 49 -51.87 -49.12 38.85
N PRO IA 50 -52.04 -50.43 39.05
CA PRO IA 50 -53.39 -51.00 39.09
C PRO IA 50 -54.24 -50.41 40.21
N VAL IA 51 -55.53 -50.23 39.90
CA VAL IA 51 -56.43 -49.46 40.76
C VAL IA 51 -56.84 -50.18 42.05
N ASP IA 52 -56.40 -51.42 42.25
CA ASP IA 52 -56.91 -52.17 43.41
C ASP IA 52 -56.26 -51.74 44.71
N LEU IA 53 -55.00 -51.31 44.67
CA LEU IA 53 -54.27 -51.04 45.90
C LEU IA 53 -54.83 -49.82 46.62
N SER IA 54 -54.65 -49.80 47.94
CA SER IA 54 -55.10 -48.68 48.76
C SER IA 54 -54.31 -47.42 48.42
N ALA IA 55 -54.86 -46.27 48.79
CA ALA IA 55 -54.15 -45.01 48.58
C ALA IA 55 -52.84 -45.01 49.37
N GLU IA 56 -52.87 -45.57 50.58
CA GLU IA 56 -51.67 -45.63 51.41
C GLU IA 56 -50.58 -46.48 50.76
N ASN IA 57 -50.96 -47.63 50.19
CA ASN IA 57 -49.98 -48.44 49.47
C ASN IA 57 -49.67 -47.87 48.09
N LYS IA 58 -50.62 -47.15 47.50
CA LYS IA 58 -50.37 -46.52 46.21
C LYS IA 58 -49.27 -45.47 46.31
N GLU IA 59 -49.29 -44.68 47.38
CA GLU IA 59 -48.33 -43.59 47.52
C GLU IA 59 -46.92 -44.11 47.79
N TYR IA 60 -46.80 -45.30 48.37
CA TYR IA 60 -45.50 -45.92 48.60
C TYR IA 60 -44.79 -46.23 47.28
N ILE IA 61 -45.53 -46.72 46.30
CA ILE IA 61 -44.93 -47.03 45.00
C ILE IA 61 -44.41 -45.75 44.36
N ASN IA 62 -45.22 -44.69 44.39
CA ASN IA 62 -44.78 -43.40 43.86
C ASN IA 62 -43.58 -42.88 44.64
N LEU IA 63 -43.49 -43.21 45.93
CA LEU IA 63 -42.31 -42.86 46.72
C LEU IA 63 -41.09 -43.62 46.24
N ALA IA 64 -41.26 -44.89 45.86
CA ALA IA 64 -40.12 -45.71 45.44
C ALA IA 64 -39.74 -45.48 43.98
N LEU IA 65 -40.64 -44.95 43.17
CA LEU IA 65 -40.36 -44.76 41.74
C LEU IA 65 -39.63 -43.45 41.45
N MET IA 66 -39.14 -42.76 42.47
CA MET IA 66 -38.30 -41.59 42.27
C MET IA 66 -36.90 -41.89 42.77
N GLY IA 67 -35.91 -41.67 41.90
CA GLY IA 67 -34.52 -41.85 42.27
C GLY IA 67 -33.74 -40.60 41.94
N ASN IA 68 -32.57 -40.47 42.59
CA ASN IA 68 -31.85 -39.19 42.54
C ASN IA 68 -31.50 -38.80 41.12
N VAL IA 69 -30.65 -39.58 40.46
CA VAL IA 69 -30.22 -39.23 39.12
C VAL IA 69 -31.18 -39.78 38.07
N ASN IA 70 -31.73 -40.96 38.29
CA ASN IA 70 -32.71 -41.50 37.36
C ASN IA 70 -33.63 -42.47 38.09
N THR IA 71 -34.74 -42.80 37.44
CA THR IA 71 -35.76 -43.66 38.01
C THR IA 71 -35.26 -45.10 38.04
N PRO IA 72 -35.71 -45.92 38.99
CA PRO IA 72 -35.46 -47.36 38.91
C PRO IA 72 -36.02 -47.97 37.64
N ASN IA 73 -35.28 -48.96 37.12
CA ASN IA 73 -35.69 -49.63 35.89
C ASN IA 73 -37.00 -50.37 36.05
N LYS IA 74 -37.20 -51.01 37.20
CA LYS IA 74 -38.35 -51.89 37.36
C LYS IA 74 -38.66 -52.08 38.84
N LEU IA 75 -39.95 -52.22 39.15
CA LEU IA 75 -40.41 -52.51 40.50
C LEU IA 75 -41.14 -53.85 40.49
N LEU IA 76 -40.85 -54.68 41.49
CA LEU IA 76 -41.47 -55.99 41.64
C LEU IA 76 -42.28 -56.00 42.93
N VAL IA 77 -43.57 -55.66 42.82
CA VAL IA 77 -44.45 -55.58 43.97
C VAL IA 77 -45.15 -56.93 44.11
N TYR IA 78 -44.79 -57.66 45.17
CA TYR IA 78 -45.43 -58.93 45.51
C TYR IA 78 -46.43 -58.65 46.62
N VAL IA 79 -47.68 -59.02 46.41
CA VAL IA 79 -48.76 -58.70 47.33
C VAL IA 79 -49.13 -59.98 48.07
N ILE IA 80 -49.09 -59.93 49.41
CA ILE IA 80 -49.53 -61.03 50.24
C ILE IA 80 -50.72 -60.57 51.05
N GLU IA 81 -51.51 -61.53 51.53
CA GLU IA 81 -52.76 -61.21 52.19
C GLU IA 81 -52.50 -60.68 53.60
N GLY IA 82 -53.58 -60.28 54.27
CA GLY IA 82 -53.47 -59.90 55.66
C GLY IA 82 -53.19 -61.11 56.54
N GLU IA 83 -52.38 -60.90 57.56
CA GLU IA 83 -51.96 -61.97 58.47
C GLU IA 83 -51.39 -63.15 57.69
N ALA IA 84 -50.57 -62.83 56.70
CA ALA IA 84 -50.04 -63.83 55.78
C ALA IA 84 -48.69 -64.32 56.27
N ASP IA 85 -48.17 -65.31 55.56
CA ASP IA 85 -46.84 -65.84 55.89
C ASP IA 85 -45.78 -65.13 55.04
N ILE IA 86 -44.71 -64.72 55.70
CA ILE IA 86 -43.60 -64.05 55.02
C ILE IA 86 -42.72 -65.04 54.29
N GLN IA 87 -42.71 -66.30 54.73
CA GLN IA 87 -41.81 -67.28 54.16
C GLN IA 87 -42.15 -67.57 52.70
N THR IA 88 -43.44 -67.62 52.38
CA THR IA 88 -43.84 -67.84 50.98
C THR IA 88 -43.44 -66.67 50.10
N ALA IA 89 -43.50 -65.45 50.64
CA ALA IA 89 -43.05 -64.29 49.90
C ALA IA 89 -41.56 -64.39 49.59
N LEU IA 90 -40.75 -64.72 50.59
CA LEU IA 90 -39.31 -64.82 50.37
C LEU IA 90 -38.98 -65.99 49.44
N ASP IA 91 -39.72 -67.10 49.56
CA ASP IA 91 -39.50 -68.24 48.67
C ASP IA 91 -39.78 -67.88 47.22
N PHE IA 92 -40.86 -67.14 46.97
CA PHE IA 92 -41.14 -66.70 45.61
C PHE IA 92 -40.08 -65.72 45.13
N LEU IA 93 -39.62 -64.83 46.01
CA LEU IA 93 -38.64 -63.83 45.58
C LEU IA 93 -37.25 -64.43 45.35
N GLU IA 94 -37.00 -65.63 45.88
CA GLU IA 94 -35.74 -66.31 45.59
C GLU IA 94 -35.53 -66.50 44.10
N THR IA 95 -36.61 -66.62 43.33
CA THR IA 95 -36.49 -66.96 41.91
C THR IA 95 -35.99 -65.77 41.09
N LYS IA 96 -36.46 -64.56 41.39
CA LYS IA 96 -36.25 -63.41 40.53
C LYS IA 96 -34.85 -62.84 40.71
N GLU IA 97 -34.51 -61.89 39.83
CA GLU IA 97 -33.27 -61.12 39.95
C GLU IA 97 -33.60 -59.67 40.28
N PHE IA 98 -32.99 -59.16 41.35
CA PHE IA 98 -33.28 -57.82 41.85
C PHE IA 98 -32.11 -57.37 42.72
N ASN IA 99 -32.11 -56.08 43.03
CA ASN IA 99 -31.00 -55.46 43.77
C ASN IA 99 -31.29 -55.25 45.26
N TYR IA 100 -32.33 -54.48 45.59
CA TYR IA 100 -32.64 -54.15 46.97
C TYR IA 100 -34.08 -54.55 47.30
N LEU IA 101 -34.31 -54.95 48.54
CA LEU IA 101 -35.60 -55.40 49.02
C LEU IA 101 -36.04 -54.55 50.22
N CYS IA 102 -37.32 -54.20 50.26
CA CYS IA 102 -37.88 -53.47 51.39
C CYS IA 102 -39.36 -53.81 51.58
N MET IA 103 -39.77 -53.89 52.84
CA MET IA 103 -41.17 -54.02 53.22
C MET IA 103 -41.61 -52.74 53.91
N PRO IA 104 -42.48 -51.93 53.31
CA PRO IA 104 -42.90 -50.70 53.98
C PRO IA 104 -43.50 -50.92 55.35
N LYS IA 105 -44.28 -51.98 55.53
CA LYS IA 105 -44.86 -52.30 56.83
C LYS IA 105 -44.34 -53.66 57.27
N ALA IA 106 -43.45 -53.66 58.27
CA ALA IA 106 -42.81 -54.89 58.71
C ALA IA 106 -42.78 -54.91 60.22
N VAL IA 107 -42.89 -56.11 60.77
CA VAL IA 107 -42.90 -56.35 62.21
C VAL IA 107 -41.54 -56.94 62.57
N GLU IA 108 -41.19 -56.87 63.85
CA GLU IA 108 -39.88 -57.34 64.33
C GLU IA 108 -39.58 -58.75 63.83
N ALA IA 109 -40.56 -59.65 63.96
CA ALA IA 109 -40.38 -61.01 63.45
C ALA IA 109 -40.16 -61.02 61.94
N ASP IA 110 -40.94 -60.20 61.22
CA ASP IA 110 -40.73 -60.08 59.77
C ASP IA 110 -39.33 -59.56 59.46
N LYS IA 111 -38.87 -58.56 60.23
CA LYS IA 111 -37.54 -58.01 60.01
C LYS IA 111 -36.47 -59.06 60.20
N THR IA 112 -36.56 -59.85 61.27
CA THR IA 112 -35.54 -60.86 61.51
C THR IA 112 -35.61 -61.98 60.47
N ALA IA 113 -36.81 -62.29 59.97
CA ALA IA 113 -36.93 -63.29 58.91
C ALA IA 113 -36.25 -62.80 57.63
N ILE IA 114 -36.51 -61.55 57.25
CA ILE IA 114 -35.87 -60.99 56.07
C ILE IA 114 -34.35 -60.94 56.23
N LYS IA 115 -33.88 -60.54 57.41
CA LYS IA 115 -32.44 -60.45 57.66
C LYS IA 115 -31.78 -61.82 57.51
N ASN IA 116 -32.36 -62.84 58.14
CA ASN IA 116 -31.80 -64.18 58.04
C ASN IA 116 -31.82 -64.67 56.60
N TRP IA 117 -32.91 -64.38 55.88
CA TRP IA 117 -33.01 -64.79 54.48
C TRP IA 117 -31.94 -64.14 53.62
N ILE IA 118 -31.71 -62.83 53.81
CA ILE IA 118 -30.70 -62.12 53.03
C ILE IA 118 -29.31 -62.68 53.32
N ILE IA 119 -29.01 -62.90 54.60
CA ILE IA 119 -27.71 -63.46 54.96
C ILE IA 119 -27.52 -64.84 54.34
N LYS IA 120 -28.54 -65.69 54.44
CA LYS IA 120 -28.44 -67.03 53.87
C LYS IA 120 -28.23 -66.97 52.37
N LEU IA 121 -28.98 -66.10 51.68
CA LEU IA 121 -28.81 -65.96 50.24
C LEU IA 121 -27.38 -65.58 49.91
N ARG IA 122 -26.88 -64.49 50.51
CA ARG IA 122 -25.57 -63.97 50.18
C ARG IA 122 -24.46 -64.95 50.54
N ASP IA 123 -24.65 -65.76 51.59
CA ASP IA 123 -23.56 -66.58 52.08
C ASP IA 123 -23.56 -67.99 51.48
N ILE IA 124 -24.71 -68.64 51.40
CA ILE IA 124 -24.81 -69.99 50.87
C ILE IA 124 -25.22 -69.99 49.39
N ASP IA 125 -26.24 -69.22 49.03
CA ASP IA 125 -26.75 -69.27 47.67
C ASP IA 125 -25.86 -68.53 46.69
N LYS IA 126 -24.91 -67.73 47.17
CA LYS IA 126 -23.96 -66.99 46.32
C LYS IA 126 -24.69 -66.10 45.33
N VAL IA 127 -25.80 -65.51 45.76
CA VAL IA 127 -26.49 -64.46 45.03
C VAL IA 127 -26.41 -63.19 45.88
N LYS IA 128 -25.87 -62.12 45.30
CA LYS IA 128 -25.60 -60.89 46.06
C LYS IA 128 -26.84 -60.00 46.03
N VAL IA 129 -27.60 -60.02 47.11
CA VAL IA 129 -28.82 -59.21 47.24
C VAL IA 129 -28.74 -58.42 48.54
N LYS IA 130 -29.51 -57.34 48.59
CA LYS IA 130 -29.50 -56.43 49.73
C LYS IA 130 -30.91 -56.11 50.18
N ALA IA 131 -31.05 -55.77 51.46
CA ALA IA 131 -32.32 -55.35 52.03
C ALA IA 131 -32.14 -54.05 52.81
N VAL IA 132 -33.06 -53.11 52.62
CA VAL IA 132 -33.10 -51.85 53.35
C VAL IA 132 -34.21 -51.96 54.38
N LEU IA 133 -33.86 -51.99 55.66
CA LEU IA 133 -34.81 -52.16 56.74
C LEU IA 133 -34.56 -51.14 57.84
N GLY IA 134 -35.60 -50.84 58.60
CA GLY IA 134 -35.51 -49.86 59.68
C GLY IA 134 -35.23 -50.50 61.03
N LYS IA 135 -34.25 -49.93 61.74
CA LYS IA 135 -33.96 -50.31 63.14
C LYS IA 135 -33.60 -51.79 63.26
N VAL IA 136 -32.79 -52.28 62.32
CA VAL IA 136 -32.32 -53.66 62.34
C VAL IA 136 -30.81 -53.67 62.49
N VAL IA 137 -30.33 -54.29 63.58
CA VAL IA 137 -28.90 -54.23 63.93
C VAL IA 137 -28.10 -55.34 63.23
N GLY IA 138 -28.56 -55.80 62.07
CA GLY IA 138 -27.81 -56.77 61.29
C GLY IA 138 -26.36 -56.35 61.06
N ASN IA 139 -25.42 -57.21 61.43
CA ASN IA 139 -24.01 -56.90 61.29
C ASN IA 139 -23.44 -57.30 59.92
N HIS IA 140 -24.25 -57.27 58.87
CA HIS IA 140 -23.83 -57.73 57.56
C HIS IA 140 -23.79 -56.59 56.54
N GLU IA 141 -22.90 -56.72 55.56
CA GLU IA 141 -22.84 -55.77 54.46
C GLU IA 141 -24.05 -55.84 53.54
N GLY IA 142 -24.83 -56.92 53.59
CA GLY IA 142 -26.02 -57.02 52.76
C GLY IA 142 -27.22 -56.31 53.35
N ILE IA 143 -27.10 -55.82 54.59
CA ILE IA 143 -28.16 -55.07 55.26
C ILE IA 143 -27.65 -53.68 55.59
N ILE IA 144 -28.47 -52.67 55.31
CA ILE IA 144 -28.20 -51.31 55.72
C ILE IA 144 -29.33 -50.84 56.64
N ASN IA 145 -28.94 -50.35 57.82
CA ASN IA 145 -29.88 -49.92 58.84
C ASN IA 145 -30.23 -48.44 58.66
N PHE IA 146 -31.52 -48.17 58.45
CA PHE IA 146 -32.03 -46.81 58.37
C PHE IA 146 -32.71 -46.48 59.69
N THR IA 147 -32.21 -45.46 60.38
CA THR IA 147 -32.69 -45.08 61.73
C THR IA 147 -33.06 -43.60 61.73
N THR IA 148 -34.33 -43.31 61.47
CA THR IA 148 -34.87 -41.96 61.59
C THR IA 148 -36.36 -42.06 61.84
N GLU IA 149 -36.89 -41.15 62.64
CA GLU IA 149 -38.29 -41.17 63.03
C GLU IA 149 -38.97 -39.90 62.52
N ASP IA 150 -40.27 -39.99 62.28
CA ASP IA 150 -41.13 -38.83 62.01
C ASP IA 150 -40.61 -37.98 60.86
N VAL IA 151 -40.40 -38.61 59.70
CA VAL IA 151 -40.02 -37.90 58.49
C VAL IA 151 -41.28 -37.41 57.79
N LEU IA 152 -41.42 -36.11 57.63
CA LEU IA 152 -42.68 -35.52 57.17
C LEU IA 152 -42.55 -35.15 55.69
N VAL IA 153 -43.40 -35.75 54.86
CA VAL IA 153 -43.41 -35.53 53.42
C VAL IA 153 -44.82 -35.18 52.98
N GLY IA 154 -44.96 -34.14 52.18
CA GLY IA 154 -46.26 -33.74 51.69
C GLY IA 154 -47.22 -33.48 52.82
N GLU IA 155 -46.75 -32.71 53.82
CA GLU IA 155 -47.44 -32.45 55.08
C GLU IA 155 -48.05 -33.71 55.70
N LYS IA 156 -47.45 -34.87 55.43
CA LYS IA 156 -47.90 -36.14 55.98
C LYS IA 156 -46.77 -36.76 56.79
N LYS IA 157 -47.10 -37.27 57.97
CA LYS IA 157 -46.12 -37.95 58.80
C LYS IA 157 -45.77 -39.31 58.19
N TYR IA 158 -44.49 -39.67 58.24
CA TYR IA 158 -44.06 -40.97 57.74
C TYR IA 158 -43.18 -41.64 58.79
N SER IA 159 -43.42 -42.92 59.03
CA SER IA 159 -42.70 -43.68 60.04
C SER IA 159 -41.42 -44.25 59.43
N VAL IA 160 -40.58 -44.82 60.28
CA VAL IA 160 -39.27 -45.27 59.84
C VAL IA 160 -39.40 -46.40 58.81
N ASP IA 161 -40.29 -47.36 59.06
CA ASP IA 161 -40.48 -48.47 58.14
C ASP IA 161 -41.06 -48.00 56.82
N GLU IA 162 -42.01 -47.06 56.85
CA GLU IA 162 -42.64 -46.58 55.63
C GLU IA 162 -41.67 -45.86 54.71
N PHE IA 163 -40.80 -45.02 55.26
CA PHE IA 163 -39.89 -44.23 54.43
C PHE IA 163 -38.73 -45.05 53.89
N THR IA 164 -38.61 -46.31 54.30
CA THR IA 164 -37.56 -47.17 53.77
C THR IA 164 -37.75 -47.44 52.28
N SER IA 165 -38.98 -47.29 51.77
CA SER IA 165 -39.20 -47.40 50.33
C SER IA 165 -38.50 -46.27 49.58
N ARG IA 166 -38.60 -45.04 50.09
CA ARG IA 166 -37.91 -43.92 49.47
C ARG IA 166 -36.41 -44.10 49.52
N VAL IA 167 -35.89 -44.59 50.65
CA VAL IA 167 -34.46 -44.83 50.80
C VAL IA 167 -33.99 -45.88 49.78
N ALA IA 168 -34.74 -46.98 49.65
CA ALA IA 168 -34.39 -48.01 48.69
C ALA IA 168 -34.38 -47.47 47.27
N GLY IA 169 -35.39 -46.66 46.92
CA GLY IA 169 -35.40 -46.05 45.60
C GLY IA 169 -34.21 -45.13 45.37
N LEU IA 170 -33.89 -44.30 46.36
CA LEU IA 170 -32.77 -43.37 46.23
C LEU IA 170 -31.46 -44.12 46.03
N ILE IA 171 -31.24 -45.18 46.81
CA ILE IA 171 -30.00 -45.94 46.68
C ILE IA 171 -29.95 -46.65 45.33
N ALA IA 172 -31.06 -47.26 44.90
CA ALA IA 172 -31.08 -47.96 43.62
C ALA IA 172 -30.94 -47.01 42.44
N GLY IA 173 -31.25 -45.72 42.62
CA GLY IA 173 -31.16 -44.78 41.51
C GLY IA 173 -29.80 -44.14 41.34
N THR IA 174 -28.86 -44.45 42.21
CA THR IA 174 -27.55 -43.80 42.17
C THR IA 174 -26.63 -44.49 41.15
N PRO IA 175 -26.03 -43.74 40.23
CA PRO IA 175 -25.16 -44.37 39.23
C PRO IA 175 -23.88 -44.94 39.82
N LEU IA 176 -23.23 -45.84 39.07
CA LEU IA 176 -22.13 -46.64 39.62
C LEU IA 176 -20.93 -45.78 40.00
N SER IA 177 -20.72 -44.66 39.33
CA SER IA 177 -19.55 -43.83 39.60
C SER IA 177 -19.67 -43.07 40.93
N GLN IA 178 -20.84 -43.06 41.56
CA GLN IA 178 -21.15 -42.09 42.60
C GLN IA 178 -21.56 -42.75 43.92
N SER IA 179 -21.72 -41.91 44.93
CA SER IA 179 -22.14 -42.31 46.27
C SER IA 179 -23.36 -41.49 46.66
N VAL IA 180 -24.12 -42.00 47.63
CA VAL IA 180 -25.29 -41.27 48.11
C VAL IA 180 -24.97 -40.30 49.24
N THR IA 181 -23.70 -40.16 49.60
CA THR IA 181 -23.31 -39.21 50.63
C THR IA 181 -23.72 -37.80 50.25
N TYR IA 182 -24.34 -37.10 51.20
CA TYR IA 182 -24.79 -35.72 51.05
C TYR IA 182 -25.82 -35.53 49.95
N THR IA 183 -26.49 -36.59 49.52
CA THR IA 183 -27.59 -36.42 48.57
C THR IA 183 -28.78 -35.78 49.25
N LYS IA 184 -29.34 -34.77 48.61
CA LYS IA 184 -30.42 -33.98 49.20
C LYS IA 184 -31.77 -34.54 48.77
N LEU IA 185 -32.70 -34.57 49.72
CA LEU IA 185 -34.08 -34.95 49.45
C LEU IA 185 -34.95 -33.71 49.56
N SER IA 186 -35.46 -33.24 48.42
CA SER IA 186 -36.18 -31.97 48.38
C SER IA 186 -37.55 -32.05 49.05
N ASP IA 187 -38.29 -33.14 48.83
CA ASP IA 187 -39.68 -33.18 49.30
C ASP IA 187 -39.76 -33.28 50.82
N VAL IA 188 -38.70 -33.74 51.47
CA VAL IA 188 -38.65 -33.69 52.92
C VAL IA 188 -38.45 -32.25 53.38
N VAL IA 189 -39.27 -31.82 54.33
CA VAL IA 189 -39.20 -30.44 54.82
C VAL IA 189 -39.06 -30.33 56.33
N ASP IA 190 -39.11 -31.43 57.09
CA ASP IA 190 -38.91 -31.37 58.53
C ASP IA 190 -38.39 -32.71 59.05
N ILE IA 191 -37.50 -32.64 60.04
CA ILE IA 191 -36.85 -33.80 60.63
C ILE IA 191 -36.63 -33.53 62.12
N PRO IA 192 -36.74 -34.54 62.99
CA PRO IA 192 -36.41 -34.33 64.41
C PRO IA 192 -34.99 -33.83 64.59
N LYS IA 193 -34.81 -32.91 65.53
CA LYS IA 193 -33.50 -32.34 65.79
C LYS IA 193 -32.58 -33.40 66.40
N MET IA 194 -31.29 -33.28 66.12
CA MET IA 194 -30.28 -34.19 66.65
C MET IA 194 -28.93 -33.48 66.70
N THR IA 195 -28.23 -33.67 67.80
CA THR IA 195 -26.94 -33.02 68.01
C THR IA 195 -25.84 -33.73 67.21
N LYS IA 196 -24.71 -33.04 67.07
CA LYS IA 196 -23.67 -33.50 66.15
C LYS IA 196 -22.94 -34.73 66.68
N VAL IA 197 -22.64 -34.75 67.99
CA VAL IA 197 -21.97 -35.91 68.55
C VAL IA 197 -22.86 -37.15 68.48
N ASP IA 198 -24.17 -36.98 68.67
CA ASP IA 198 -25.09 -38.10 68.54
C ASP IA 198 -25.09 -38.64 67.11
N ALA IA 199 -25.12 -37.75 66.11
CA ALA IA 199 -25.07 -38.21 64.73
C ALA IA 199 -23.76 -38.93 64.42
N GLU IA 200 -22.64 -38.41 64.92
CA GLU IA 200 -21.36 -39.09 64.76
C GLU IA 200 -21.42 -40.50 65.34
N SER IA 201 -21.94 -40.63 66.56
CA SER IA 201 -22.00 -41.94 67.20
C SER IA 201 -22.90 -42.90 66.42
N ARG IA 202 -24.04 -42.42 65.94
CA ARG IA 202 -24.92 -43.28 65.17
C ARG IA 202 -24.26 -43.74 63.87
N VAL IA 203 -23.55 -42.84 63.18
CA VAL IA 203 -22.87 -43.25 61.96
C VAL IA 203 -21.79 -44.29 62.27
N ASN IA 204 -21.03 -44.08 63.34
CA ASN IA 204 -20.03 -45.07 63.72
C ASN IA 204 -20.66 -46.37 64.20
N LYS IA 205 -21.94 -46.35 64.59
CA LYS IA 205 -22.65 -47.57 64.96
C LYS IA 205 -23.07 -48.40 63.75
N GLY IA 206 -23.18 -47.78 62.58
CA GLY IA 206 -23.60 -48.47 61.38
C GLY IA 206 -24.97 -48.11 60.85
N GLU IA 207 -25.45 -46.89 61.08
CA GLU IA 207 -26.77 -46.49 60.66
C GLU IA 207 -26.71 -45.43 59.57
N LEU IA 208 -27.65 -45.53 58.63
CA LEU IA 208 -27.88 -44.50 57.62
C LEU IA 208 -28.92 -43.52 58.16
N ILE IA 209 -28.56 -42.25 58.27
CA ILE IA 209 -29.41 -41.25 58.92
C ILE IA 209 -29.57 -40.04 58.01
N LEU IA 210 -30.62 -39.26 58.26
CA LEU IA 210 -30.78 -37.96 57.63
C LEU IA 210 -30.29 -36.87 58.59
N ILE IA 211 -29.80 -35.76 58.02
CA ILE IA 211 -29.34 -34.63 58.81
C ILE IA 211 -29.91 -33.34 58.23
N LYS IA 212 -29.90 -32.29 59.05
CA LYS IA 212 -30.47 -31.00 58.68
C LYS IA 212 -29.36 -30.05 58.24
N GLU IA 213 -29.65 -29.24 57.22
CA GLU IA 213 -28.66 -28.31 56.71
C GLU IA 213 -29.36 -27.13 56.07
N ALA IA 214 -28.63 -26.01 55.98
CA ALA IA 214 -29.11 -24.85 55.26
C ALA IA 214 -29.48 -25.26 53.85
N GLY IA 215 -30.71 -24.96 53.47
CA GLY IA 215 -31.31 -25.64 52.34
C GLY IA 215 -32.07 -26.88 52.80
N ALA IA 216 -32.07 -27.90 51.95
CA ALA IA 216 -32.90 -29.06 52.22
C ALA IA 216 -32.22 -30.02 53.20
N ILE IA 217 -32.85 -31.18 53.35
CA ILE IA 217 -32.34 -32.28 54.16
C ILE IA 217 -31.48 -33.19 53.28
N ARG IA 218 -30.57 -33.93 53.92
CA ARG IA 218 -29.67 -34.77 53.13
C ARG IA 218 -29.22 -35.99 53.90
N ILE IA 219 -28.73 -36.99 53.15
CA ILE IA 219 -28.12 -38.18 53.73
C ILE IA 219 -26.75 -37.83 54.31
N ALA IA 220 -26.43 -38.40 55.46
CA ALA IA 220 -25.17 -38.07 56.13
C ALA IA 220 -23.99 -38.77 55.47
N ARG IA 221 -23.95 -40.10 55.52
CA ARG IA 221 -22.83 -40.89 55.01
C ARG IA 221 -23.34 -42.24 54.54
N GLY IA 222 -22.86 -42.66 53.37
CA GLY IA 222 -23.34 -43.88 52.74
C GLY IA 222 -22.72 -45.13 53.33
N VAL IA 223 -23.04 -45.41 54.59
CA VAL IA 223 -22.35 -46.45 55.35
C VAL IA 223 -23.21 -47.71 55.42
N ASN IA 224 -22.55 -48.84 55.73
CA ASN IA 224 -23.20 -50.12 55.90
C ASN IA 224 -23.57 -50.35 57.36
N SER IA 225 -24.22 -51.47 57.62
CA SER IA 225 -24.45 -51.92 59.00
C SER IA 225 -23.35 -52.84 59.50
N LEU IA 226 -22.35 -53.13 58.68
CA LEU IA 226 -21.21 -53.93 59.13
C LEU IA 226 -20.34 -53.09 60.06
N THR IA 227 -20.08 -53.62 61.26
CA THR IA 227 -19.29 -52.91 62.25
C THR IA 227 -18.10 -53.70 62.78
N GLU IA 228 -18.17 -55.02 62.83
CA GLU IA 228 -17.06 -55.85 63.29
C GLU IA 228 -16.16 -56.21 62.12
N LEU IA 229 -14.98 -55.61 62.07
CA LEU IA 229 -14.05 -55.75 60.95
C LEU IA 229 -12.96 -56.74 61.33
N THR IA 230 -12.56 -57.58 60.38
CA THR IA 230 -11.56 -58.62 60.59
C THR IA 230 -10.40 -58.46 59.62
N ALA IA 231 -9.45 -59.39 59.70
CA ALA IA 231 -8.29 -59.34 58.81
C ALA IA 231 -8.67 -59.60 57.37
N GLU IA 232 -9.82 -60.24 57.13
CA GLU IA 232 -10.27 -60.50 55.77
C GLU IA 232 -11.30 -59.50 55.28
N LYS IA 233 -12.02 -58.84 56.19
CA LYS IA 233 -13.03 -57.83 55.85
C LYS IA 233 -12.59 -56.49 56.41
N GLY IA 234 -12.15 -55.59 55.53
CA GLY IA 234 -11.67 -54.28 55.93
C GLY IA 234 -12.75 -53.22 55.92
N GLU IA 235 -12.30 -51.97 56.04
CA GLU IA 235 -13.23 -50.84 56.14
C GLU IA 235 -13.82 -50.47 54.78
N MET IA 236 -13.24 -50.97 53.68
CA MET IA 236 -13.82 -50.73 52.38
C MET IA 236 -15.18 -51.40 52.22
N PHE IA 237 -15.43 -52.47 52.98
CA PHE IA 237 -16.68 -53.23 52.90
C PHE IA 237 -17.83 -52.57 53.66
N GLN IA 238 -17.57 -51.45 54.35
CA GLN IA 238 -18.63 -50.72 55.05
C GLN IA 238 -19.32 -49.69 54.17
N LYS IA 239 -18.87 -49.50 52.93
CA LYS IA 239 -19.38 -48.43 52.08
C LYS IA 239 -20.29 -48.96 50.99
N ILE IA 240 -21.44 -48.30 50.79
CA ILE IA 240 -22.47 -48.81 49.89
C ILE IA 240 -21.97 -48.86 48.46
N LYS IA 241 -21.28 -47.81 48.00
CA LYS IA 241 -20.83 -47.75 46.61
C LYS IA 241 -19.85 -48.89 46.30
N ILE IA 242 -18.94 -49.19 47.23
CA ILE IA 242 -17.95 -50.23 47.02
C ILE IA 242 -18.63 -51.59 46.87
N VAL IA 243 -19.56 -51.89 47.78
CA VAL IA 243 -20.22 -53.19 47.77
C VAL IA 243 -21.09 -53.31 46.52
N ASP IA 244 -21.71 -52.21 46.08
CA ASP IA 244 -22.49 -52.21 44.85
C ASP IA 244 -21.62 -52.55 43.64
N THR IA 245 -20.44 -51.93 43.54
CA THR IA 245 -19.56 -52.25 42.41
C THR IA 245 -19.05 -53.70 42.47
N LEU IA 246 -18.75 -54.20 43.68
CA LEU IA 246 -18.34 -55.59 43.79
C LEU IA 246 -19.46 -56.53 43.36
N ASP IA 247 -20.70 -56.19 43.71
CA ASP IA 247 -21.84 -57.02 43.31
C ASP IA 247 -22.01 -57.03 41.80
N ILE IA 248 -21.83 -55.89 41.13
CA ILE IA 248 -22.03 -55.89 39.68
C ILE IA 248 -20.91 -56.68 38.99
N ILE IA 249 -19.69 -56.60 39.52
CA ILE IA 249 -18.61 -57.43 38.96
C ILE IA 249 -18.94 -58.91 39.13
N HIS IA 250 -19.41 -59.28 40.33
CA HIS IA 250 -19.80 -60.66 40.58
C HIS IA 250 -20.84 -61.15 39.58
N SER IA 251 -21.88 -60.34 39.35
CA SER IA 251 -22.95 -60.76 38.44
C SER IA 251 -22.45 -60.88 37.00
N ASP IA 252 -21.63 -59.94 36.54
CA ASP IA 252 -21.10 -60.03 35.17
C ASP IA 252 -20.28 -61.30 34.97
N ILE IA 253 -19.37 -61.60 35.91
CA ILE IA 253 -18.52 -62.78 35.75
C ILE IA 253 -19.36 -64.05 35.80
N ARG IA 254 -20.32 -64.11 36.72
CA ARG IA 254 -21.20 -65.27 36.79
C ARG IA 254 -21.94 -65.48 35.48
N LYS IA 255 -22.44 -64.39 34.88
CA LYS IA 255 -23.17 -64.50 33.63
C LYS IA 255 -22.29 -65.06 32.53
N VAL IA 256 -21.06 -64.55 32.41
CA VAL IA 256 -20.16 -65.05 31.36
C VAL IA 256 -19.86 -66.53 31.57
N ILE IA 257 -19.53 -66.92 32.80
CA ILE IA 257 -19.18 -68.31 33.07
C ILE IA 257 -20.35 -69.23 32.74
N ILE IA 258 -21.56 -68.85 33.16
CA ILE IA 258 -22.71 -69.70 32.92
C ILE IA 258 -23.02 -69.80 31.43
N ASP IA 259 -22.92 -68.68 30.71
CA ASP IA 259 -23.36 -68.69 29.31
C ASP IA 259 -22.36 -69.39 28.40
N ASP IA 260 -21.07 -69.42 28.76
CA ASP IA 260 -20.08 -69.90 27.80
C ASP IA 260 -19.33 -71.17 28.21
N TYR IA 261 -19.38 -71.61 29.46
CA TYR IA 261 -18.50 -72.70 29.88
C TYR IA 261 -19.15 -73.84 30.63
N ILE IA 262 -20.20 -73.62 31.40
CA ILE IA 262 -20.77 -74.67 32.26
C ILE IA 262 -21.44 -75.71 31.37
N GLY IA 263 -20.86 -76.91 31.32
CA GLY IA 263 -21.40 -78.00 30.53
C GLY IA 263 -21.04 -77.96 29.05
N LYS IA 264 -20.28 -76.97 28.60
CA LYS IA 264 -19.98 -76.81 27.19
C LYS IA 264 -18.58 -77.27 26.80
N VAL IA 265 -17.64 -77.33 27.74
CA VAL IA 265 -16.25 -77.63 27.42
C VAL IA 265 -15.74 -78.71 28.37
N THR IA 266 -14.73 -79.45 27.89
CA THR IA 266 -14.04 -80.41 28.73
C THR IA 266 -13.15 -79.69 29.74
N ASN IA 267 -12.86 -80.37 30.84
CA ASN IA 267 -12.11 -79.77 31.94
C ASN IA 267 -10.64 -80.18 31.83
N SER IA 268 -9.92 -79.58 30.89
CA SER IA 268 -8.49 -79.77 30.74
C SER IA 268 -7.79 -78.45 31.02
N TYR IA 269 -6.46 -78.52 31.19
CA TYR IA 269 -5.70 -77.31 31.51
C TYR IA 269 -5.81 -76.27 30.40
N ASP IA 270 -5.86 -76.70 29.14
CA ASP IA 270 -5.98 -75.76 28.02
C ASP IA 270 -7.28 -74.95 28.09
N ASN IA 271 -8.40 -75.62 28.39
CA ASN IA 271 -9.68 -74.93 28.50
C ASN IA 271 -9.70 -73.99 29.71
N LYS IA 272 -9.03 -74.37 30.81
CA LYS IA 272 -8.87 -73.46 31.94
C LYS IA 272 -8.11 -72.20 31.51
N CYS IA 273 -7.07 -72.35 30.70
CA CYS IA 273 -6.35 -71.17 30.20
C CYS IA 273 -7.24 -70.27 29.35
N LEU IA 274 -8.09 -70.87 28.51
CA LEU IA 274 -9.04 -70.08 27.73
C LEU IA 274 -9.99 -69.30 28.63
N LEU IA 275 -10.49 -69.94 29.69
CA LEU IA 275 -11.36 -69.25 30.65
C LEU IA 275 -10.63 -68.09 31.33
N ILE IA 276 -9.37 -68.30 31.70
CA ILE IA 276 -8.56 -67.24 32.30
C ILE IA 276 -8.45 -66.05 31.36
N VAL IA 277 -8.21 -66.31 30.07
CA VAL IA 277 -8.08 -65.21 29.12
C VAL IA 277 -9.40 -64.43 29.00
N ALA IA 278 -10.53 -65.15 28.99
CA ALA IA 278 -11.82 -64.46 28.90
C ALA IA 278 -12.07 -63.55 30.12
N ILE IA 279 -11.77 -64.06 31.32
CA ILE IA 279 -11.97 -63.25 32.52
C ILE IA 279 -11.05 -62.04 32.53
N LYS IA 280 -9.79 -62.23 32.11
CA LYS IA 280 -8.86 -61.11 32.05
C LYS IA 280 -9.34 -60.04 31.08
N SER IA 281 -9.89 -60.44 29.93
CA SER IA 281 -10.42 -59.46 29.00
C SER IA 281 -11.59 -58.68 29.60
N TYR IA 282 -12.46 -59.37 30.35
CA TYR IA 282 -13.52 -58.64 31.05
C TYR IA 282 -12.94 -57.59 32.01
N LEU IA 283 -11.92 -57.97 32.79
CA LEU IA 283 -11.34 -57.03 33.73
C LEU IA 283 -10.69 -55.84 33.00
N GLU IA 284 -10.09 -56.10 31.84
CA GLU IA 284 -9.50 -55.01 31.04
C GLU IA 284 -10.57 -54.05 30.55
N GLU IA 285 -11.72 -54.58 30.11
CA GLU IA 285 -12.81 -53.72 29.69
C GLU IA 285 -13.34 -52.87 30.85
N LEU IA 286 -13.38 -53.46 32.06
CA LEU IA 286 -13.75 -52.67 33.23
C LEU IA 286 -12.74 -51.56 33.48
N GLU IA 287 -11.45 -51.86 33.28
CA GLU IA 287 -10.40 -50.87 33.52
C GLU IA 287 -10.52 -49.70 32.55
N LYS IA 288 -10.90 -49.98 31.30
CA LYS IA 288 -11.07 -48.91 30.31
C LYS IA 288 -12.13 -47.91 30.76
N SER IA 289 -13.22 -48.40 31.35
CA SER IA 289 -14.30 -47.55 31.81
C SER IA 289 -14.01 -46.85 33.13
N ALA IA 290 -12.80 -47.02 33.67
CA ALA IA 290 -12.34 -46.35 34.88
C ALA IA 290 -13.12 -46.76 36.13
N LEU IA 291 -13.79 -47.91 36.08
CA LEU IA 291 -14.50 -48.40 37.26
C LEU IA 291 -13.55 -49.02 38.27
N ILE IA 292 -12.44 -49.59 37.80
CA ILE IA 292 -11.38 -50.11 38.66
C ILE IA 292 -10.04 -49.57 38.17
N GLU IA 293 -9.02 -49.66 39.02
CA GLU IA 293 -7.69 -49.19 38.67
C GLU IA 293 -6.98 -50.20 37.77
N SER IA 294 -5.91 -49.74 37.12
CA SER IA 294 -5.19 -50.52 36.13
C SER IA 294 -4.36 -51.63 36.78
N ASP IA 295 -3.87 -52.55 35.94
CA ASP IA 295 -2.91 -53.59 36.31
C ASP IA 295 -3.54 -54.66 37.22
N SER IA 296 -4.68 -55.17 36.79
CA SER IA 296 -5.36 -56.28 37.45
C SER IA 296 -4.79 -57.58 36.88
N THR IA 297 -4.90 -58.69 37.60
CA THR IA 297 -4.39 -59.97 37.15
C THR IA 297 -5.36 -61.10 37.45
N VAL IA 298 -5.23 -62.18 36.68
CA VAL IA 298 -5.96 -63.44 36.88
C VAL IA 298 -4.99 -64.60 36.67
N GLU IA 299 -5.10 -65.64 37.47
CA GLU IA 299 -4.19 -66.78 37.37
C GLU IA 299 -4.80 -68.00 38.09
N ILE IA 300 -4.12 -69.14 37.92
CA ILE IA 300 -4.53 -70.38 38.59
C ILE IA 300 -4.19 -70.30 40.06
N ASP IA 301 -5.13 -70.69 40.91
CA ASP IA 301 -4.92 -70.75 42.36
C ASP IA 301 -4.19 -72.05 42.70
N PHE IA 302 -2.87 -72.00 42.67
CA PHE IA 302 -2.05 -73.20 42.81
C PHE IA 302 -2.23 -73.88 44.16
N GLU IA 303 -2.32 -73.08 45.23
CA GLU IA 303 -2.44 -73.63 46.58
C GLU IA 303 -3.77 -74.35 46.79
N ALA IA 304 -4.86 -73.80 46.26
CA ALA IA 304 -6.15 -74.47 46.36
C ALA IA 304 -6.15 -75.78 45.59
N GLN IA 305 -5.52 -75.79 44.40
CA GLN IA 305 -5.40 -77.02 43.64
C GLN IA 305 -4.61 -78.06 44.42
N LYS IA 306 -3.51 -77.64 45.07
CA LYS IA 306 -2.74 -78.56 45.90
C LYS IA 306 -3.55 -79.11 47.06
N SER IA 307 -4.34 -78.27 47.73
CA SER IA 307 -5.14 -78.74 48.86
C SER IA 307 -6.20 -79.74 48.38
N TYR IA 308 -6.84 -79.46 47.25
CA TYR IA 308 -7.80 -80.41 46.70
C TYR IA 308 -7.14 -81.74 46.34
N LEU IA 309 -5.97 -81.67 45.71
CA LEU IA 309 -5.25 -82.89 45.35
C LEU IA 309 -4.86 -83.69 46.58
N LYS IA 310 -4.40 -83.01 47.63
CA LYS IA 310 -4.12 -83.67 48.90
C LYS IA 310 -5.36 -84.34 49.46
N SER IA 311 -6.50 -83.64 49.41
CA SER IA 311 -7.74 -84.20 49.93
C SER IA 311 -8.18 -85.43 49.15
N LYS IA 312 -7.84 -85.51 47.86
CA LYS IA 312 -8.18 -86.71 47.09
C LYS IA 312 -7.21 -87.86 47.29
N GLY IA 313 -5.96 -87.58 47.70
CA GLY IA 313 -5.00 -88.63 48.02
C GLY IA 313 -3.80 -88.78 47.12
N VAL IA 314 -3.58 -87.86 46.18
CA VAL IA 314 -2.41 -87.95 45.30
C VAL IA 314 -1.16 -87.54 46.07
N ASP IA 315 0.02 -87.80 45.51
CA ASP IA 315 1.29 -87.50 46.14
C ASP IA 315 1.83 -86.17 45.65
N LEU IA 316 2.36 -85.37 46.58
CA LEU IA 316 2.99 -84.11 46.20
C LEU IA 316 4.51 -84.18 46.16
N SER IA 317 5.11 -85.14 46.85
CA SER IA 317 6.55 -85.34 46.72
C SER IA 317 6.86 -86.05 45.41
N TYR IA 318 7.97 -85.65 44.79
CA TYR IA 318 8.42 -86.21 43.51
C TYR IA 318 7.43 -85.89 42.39
N MET IA 319 6.70 -84.78 42.54
CA MET IA 319 5.85 -84.23 41.48
C MET IA 319 6.36 -82.85 41.13
N THR IA 320 6.59 -82.62 39.84
CA THR IA 320 7.00 -81.31 39.37
C THR IA 320 5.90 -80.28 39.62
N LEU IA 321 6.30 -79.02 39.77
CA LEU IA 321 5.33 -77.95 39.90
C LEU IA 321 4.45 -77.87 38.66
N GLN IA 322 5.03 -78.02 37.47
CA GLN IA 322 4.24 -78.09 36.25
C GLN IA 322 3.27 -79.27 36.30
N GLU IA 323 3.73 -80.40 36.85
CA GLU IA 323 2.86 -81.57 37.00
C GLU IA 323 1.67 -81.27 37.89
N ILE IA 324 1.89 -80.55 39.00
CA ILE IA 324 0.78 -80.21 39.88
C ILE IA 324 -0.17 -79.24 39.21
N LYS IA 325 0.38 -78.25 38.49
CA LYS IA 325 -0.45 -77.20 37.89
C LYS IA 325 -1.43 -77.77 36.86
N GLU IA 326 -0.98 -78.73 36.07
CA GLU IA 326 -1.76 -79.26 34.96
C GLU IA 326 -2.55 -80.52 35.32
N ALA IA 327 -2.61 -80.89 36.59
CA ALA IA 327 -3.27 -82.12 37.00
C ALA IA 327 -4.77 -82.04 36.77
N ASN IA 328 -5.37 -83.19 36.47
CA ASN IA 328 -6.81 -83.28 36.24
C ASN IA 328 -7.55 -83.18 37.58
N THR IA 329 -8.65 -82.43 37.60
CA THR IA 329 -9.37 -82.12 38.83
C THR IA 329 -10.87 -82.37 38.67
N GLY IA 330 -11.24 -83.44 37.96
CA GLY IA 330 -12.64 -83.81 37.86
C GLY IA 330 -13.44 -82.72 37.17
N SER IA 331 -14.27 -82.03 37.95
CA SER IA 331 -15.11 -80.95 37.43
C SER IA 331 -14.83 -79.59 38.06
N LYS IA 332 -13.76 -79.46 38.84
CA LYS IA 332 -13.47 -78.24 39.58
C LYS IA 332 -12.42 -77.39 38.86
N VAL IA 333 -12.55 -76.07 39.00
CA VAL IA 333 -11.60 -75.10 38.49
C VAL IA 333 -11.28 -74.10 39.60
N PHE IA 334 -10.00 -73.95 39.92
CA PHE IA 334 -9.56 -73.05 40.99
C PHE IA 334 -8.80 -71.88 40.39
N LEU IA 335 -9.25 -70.66 40.69
CA LEU IA 335 -8.68 -69.44 40.13
C LEU IA 335 -8.58 -68.37 41.21
N LYS IA 336 -7.75 -67.36 40.95
CA LYS IA 336 -7.61 -66.21 41.82
C LYS IA 336 -7.27 -64.96 41.01
N ALA IA 337 -7.56 -63.79 41.58
CA ALA IA 337 -7.42 -62.52 40.88
C ALA IA 337 -7.14 -61.41 41.89
N LYS IA 338 -6.79 -60.23 41.37
CA LYS IA 338 -6.48 -59.07 42.20
C LYS IA 338 -6.94 -57.80 41.49
N ILE IA 339 -7.66 -56.94 42.21
CA ILE IA 339 -8.19 -55.68 41.68
C ILE IA 339 -8.01 -54.58 42.72
N LYS IA 340 -8.19 -53.34 42.28
CA LYS IA 340 -8.14 -52.18 43.16
C LYS IA 340 -9.27 -51.23 42.81
N VAL IA 341 -9.88 -50.63 43.83
CA VAL IA 341 -11.00 -49.71 43.67
C VAL IA 341 -10.78 -48.49 44.57
N LEU IA 342 -11.07 -47.30 44.04
CA LEU IA 342 -10.79 -46.04 44.70
C LEU IA 342 -12.06 -45.47 45.35
N ASP IA 343 -11.85 -44.57 46.30
CA ASP IA 343 -12.94 -43.93 47.03
C ASP IA 343 -13.35 -42.63 46.34
N ALA IA 344 -14.53 -42.15 46.70
CA ALA IA 344 -15.04 -40.89 46.18
C ALA IA 344 -14.61 -39.72 47.09
N MET IA 345 -14.90 -38.51 46.62
CA MET IA 345 -14.58 -37.28 47.34
C MET IA 345 -15.72 -36.94 48.30
N GLU IA 346 -15.47 -36.98 49.60
CA GLU IA 346 -16.51 -36.62 50.58
C GLU IA 346 -16.03 -35.68 51.69
N ASP IA 347 -14.72 -35.51 51.88
CA ASP IA 347 -14.20 -34.57 52.87
C ASP IA 347 -13.23 -33.58 52.23
N ILE IA 348 -13.43 -32.30 52.51
CA ILE IA 348 -12.64 -31.20 51.94
C ILE IA 348 -12.22 -30.25 53.06
N ASP IA 349 -10.94 -29.87 53.07
CA ASP IA 349 -10.43 -28.82 53.95
C ASP IA 349 -9.83 -27.72 53.09
N LEU IA 350 -10.33 -26.50 53.25
CA LEU IA 350 -9.79 -25.33 52.55
C LEU IA 350 -9.50 -24.23 53.55
N SER IA 351 -8.22 -23.90 53.71
CA SER IA 351 -7.75 -22.91 54.67
C SER IA 351 -7.45 -21.61 53.93
N ILE IA 352 -8.23 -20.57 54.20
CA ILE IA 352 -8.13 -19.30 53.49
C ILE IA 352 -7.43 -18.30 54.39
N GLU IA 353 -6.36 -17.69 53.87
CA GLU IA 353 -5.60 -16.68 54.57
C GLU IA 353 -6.02 -15.31 54.04
N ILE IA 354 -6.37 -14.40 54.95
CA ILE IA 354 -6.87 -13.09 54.54
C ILE IA 354 -5.81 -12.02 54.81
N ASN JA 3 24.61 -77.78 33.08
CA ASN JA 3 23.27 -77.22 33.19
C ASN JA 3 22.67 -76.94 31.82
N MET JA 4 23.42 -76.27 30.95
CA MET JA 4 22.97 -76.08 29.58
C MET JA 4 23.29 -77.34 28.77
N GLU JA 5 22.24 -78.01 28.31
CA GLU JA 5 22.38 -79.23 27.52
C GLU JA 5 21.66 -79.05 26.19
N ALA JA 6 22.16 -79.75 25.17
CA ALA JA 6 21.54 -79.68 23.86
C ALA JA 6 20.08 -80.12 23.87
N ARG JA 7 19.72 -81.07 24.75
CA ARG JA 7 18.34 -81.52 24.85
C ARG JA 7 17.40 -80.42 25.32
N ASN JA 8 17.91 -79.41 26.02
CA ASN JA 8 17.06 -78.34 26.56
C ASN JA 8 16.51 -77.42 25.47
N VAL JA 9 17.09 -77.40 24.27
CA VAL JA 9 16.65 -76.48 23.23
C VAL JA 9 15.25 -76.86 22.76
N MET JA 10 14.38 -75.87 22.63
CA MET JA 10 12.97 -76.13 22.34
C MET JA 10 12.76 -76.43 20.87
N SER JA 11 12.18 -77.60 20.59
CA SER JA 11 11.83 -78.00 19.23
C SER JA 11 10.48 -77.44 18.83
N GLY JA 12 10.40 -76.93 17.60
CA GLY JA 12 9.17 -76.37 17.07
C GLY JA 12 8.07 -77.37 16.72
N THR JA 13 8.39 -78.66 16.67
CA THR JA 13 7.37 -79.68 16.48
C THR JA 13 6.40 -79.74 17.65
N TRP JA 14 6.80 -79.29 18.84
CA TRP JA 14 5.95 -79.34 20.02
C TRP JA 14 5.17 -78.05 20.24
N GLY JA 15 4.85 -77.32 19.19
CA GLY JA 15 4.03 -76.12 19.29
C GLY JA 15 2.55 -76.40 19.03
N GLU JA 16 1.70 -75.62 19.70
CA GLU JA 16 0.25 -75.72 19.52
C GLU JA 16 -0.35 -74.31 19.47
N LEU JA 17 -1.48 -74.17 18.78
CA LEU JA 17 -2.08 -72.86 18.54
C LEU JA 17 -3.60 -72.91 18.66
N TRP JA 18 -4.16 -71.92 19.34
CA TRP JA 18 -5.60 -71.68 19.39
C TRP JA 18 -5.90 -70.32 18.73
N LEU JA 19 -6.91 -70.28 17.87
CA LEU JA 19 -7.32 -69.06 17.20
C LEU JA 19 -8.81 -68.85 17.40
N ASP JA 20 -9.18 -67.73 18.02
CA ASP JA 20 -10.58 -67.38 18.27
C ASP JA 20 -11.28 -68.48 19.08
N GLY JA 21 -10.55 -69.07 20.02
CA GLY JA 21 -11.07 -70.11 20.88
C GLY JA 21 -11.06 -71.52 20.31
N ASN JA 22 -10.62 -71.71 19.07
CA ASN JA 22 -10.67 -73.02 18.40
C ASN JA 22 -9.26 -73.49 18.07
N LYS JA 23 -9.01 -74.78 18.25
CA LYS JA 23 -7.68 -75.34 18.04
C LYS JA 23 -7.37 -75.44 16.54
N VAL JA 24 -6.13 -75.15 16.18
CA VAL JA 24 -5.67 -75.15 14.79
C VAL JA 24 -4.69 -76.29 14.60
N ALA JA 25 -5.20 -77.47 14.25
CA ALA JA 25 -4.34 -78.64 14.14
C ALA JA 25 -3.38 -78.59 12.95
N GLU JA 26 -3.73 -77.86 11.89
CA GLU JA 26 -2.92 -77.84 10.68
C GLU JA 26 -1.94 -76.67 10.68
N VAL JA 27 -1.30 -76.40 11.82
CA VAL JA 27 -0.43 -75.24 11.96
C VAL JA 27 0.99 -75.66 11.60
N LYS JA 28 1.67 -74.84 10.81
CA LYS JA 28 3.06 -75.05 10.42
C LYS JA 28 4.04 -74.17 11.17
N LYS JA 29 3.71 -72.89 11.35
CA LYS JA 29 4.59 -71.98 12.09
C LYS JA 29 3.77 -70.84 12.65
N PHE JA 30 4.32 -70.18 13.67
CA PHE JA 30 3.70 -69.04 14.34
C PHE JA 30 4.76 -68.07 14.81
N GLN JA 31 4.51 -66.78 14.60
CA GLN JA 31 5.48 -65.74 14.86
C GLN JA 31 4.77 -64.51 15.43
N ALA JA 32 5.37 -63.88 16.43
CA ALA JA 32 4.86 -62.64 16.99
C ALA JA 32 6.00 -61.86 17.63
N LYS JA 33 6.15 -60.59 17.28
CA LYS JA 33 7.29 -59.79 17.70
C LYS JA 33 6.88 -58.33 17.84
N MET JA 34 7.42 -57.67 18.88
CA MET JA 34 7.22 -56.25 19.10
C MET JA 34 8.45 -55.47 18.65
N GLU JA 35 8.28 -54.60 17.65
CA GLU JA 35 9.35 -53.76 17.11
C GLU JA 35 9.27 -52.37 17.72
N PHE JA 36 10.35 -51.95 18.38
CA PHE JA 36 10.35 -50.68 19.10
C PHE JA 36 10.58 -49.50 18.16
N THR JA 37 9.96 -48.38 18.49
CA THR JA 37 10.19 -47.11 17.80
C THR JA 37 11.17 -46.28 18.60
N LYS JA 38 12.30 -45.90 17.97
CA LYS JA 38 13.38 -45.19 18.63
C LYS JA 38 13.79 -43.98 17.79
N GLU JA 39 14.10 -42.87 18.48
CA GLU JA 39 14.57 -41.65 17.83
C GLU JA 39 15.96 -41.28 18.34
N ASP JA 40 16.86 -40.91 17.44
CA ASP JA 40 18.21 -40.51 17.82
C ASP JA 40 18.21 -39.17 18.54
N ILE JA 41 19.05 -39.06 19.57
CA ILE JA 41 19.24 -37.81 20.29
C ILE JA 41 20.73 -37.58 20.48
N ILE JA 42 21.25 -36.48 19.94
CA ILE JA 42 22.64 -36.08 20.11
C ILE JA 42 22.73 -35.15 21.32
N ILE JA 43 23.55 -35.51 22.29
CA ILE JA 43 23.75 -34.70 23.49
C ILE JA 43 25.02 -33.88 23.33
N ALA JA 44 24.92 -32.58 23.61
CA ALA JA 44 26.08 -31.70 23.51
C ALA JA 44 27.20 -32.18 24.41
N GLY JA 45 28.40 -32.30 23.84
CA GLY JA 45 29.56 -32.77 24.57
C GLY JA 45 29.76 -34.27 24.60
N GLN JA 46 28.90 -35.04 23.93
CA GLN JA 46 28.98 -36.50 23.92
C GLN JA 46 29.14 -37.00 22.49
N MET JA 47 30.16 -37.83 22.26
CA MET JA 47 30.41 -38.38 20.93
C MET JA 47 29.43 -39.48 20.54
N GLY JA 48 29.02 -40.33 21.48
CA GLY JA 48 28.09 -41.41 21.16
C GLY JA 48 26.62 -41.00 21.16
N THR JA 49 25.96 -41.10 20.02
CA THR JA 49 24.55 -40.72 19.92
C THR JA 49 23.66 -41.73 20.65
N ASP JA 50 22.76 -41.21 21.47
CA ASP JA 50 21.81 -41.99 22.28
C ASP JA 50 20.44 -42.02 21.60
N THR JA 51 19.48 -42.73 22.22
CA THR JA 51 18.14 -42.86 21.66
C THR JA 51 17.08 -42.72 22.74
N LYS JA 52 15.85 -42.40 22.31
CA LYS JA 52 14.69 -42.30 23.17
C LYS JA 52 13.61 -43.27 22.70
N TYR JA 53 13.16 -44.14 23.60
CA TYR JA 53 12.10 -45.09 23.29
C TYR JA 53 10.75 -44.38 23.23
N MET JA 54 10.00 -44.61 22.15
CA MET JA 54 8.72 -43.94 21.96
C MET JA 54 7.51 -44.87 21.85
N GLY JA 55 7.69 -46.17 21.66
CA GLY JA 55 6.57 -47.08 21.54
C GLY JA 55 6.97 -48.32 20.77
N TYR JA 56 5.94 -49.11 20.40
CA TYR JA 56 6.18 -50.36 19.70
C TYR JA 56 5.06 -50.66 18.72
N LYS JA 57 5.40 -51.46 17.71
CA LYS JA 57 4.48 -51.96 16.70
C LYS JA 57 4.54 -53.48 16.69
N GLY JA 58 3.41 -54.14 16.95
CA GLY JA 58 3.34 -55.59 17.01
C GLY JA 58 3.06 -56.19 15.65
N LYS JA 59 3.91 -57.14 15.25
CA LYS JA 59 3.82 -57.78 13.95
C LYS JA 59 3.99 -59.29 14.10
N GLY JA 60 3.29 -60.05 13.26
CA GLY JA 60 3.34 -61.49 13.33
C GLY JA 60 2.86 -62.16 12.06
N SER JA 61 2.88 -63.49 12.08
CA SER JA 61 2.43 -64.28 10.93
C SER JA 61 2.10 -65.70 11.37
N ILE JA 62 1.17 -66.32 10.63
CA ILE JA 62 0.80 -67.72 10.80
C ILE JA 62 0.92 -68.39 9.43
N THR JA 63 1.37 -69.64 9.41
CA THR JA 63 1.37 -70.47 8.21
C THR JA 63 0.64 -71.78 8.50
N LEU JA 64 -0.22 -72.19 7.57
CA LEU JA 64 -1.05 -73.38 7.73
C LEU JA 64 -0.94 -74.27 6.50
N TYR JA 65 -1.04 -75.58 6.72
CA TYR JA 65 -1.37 -76.49 5.64
C TYR JA 65 -2.82 -76.27 5.22
N HIS JA 66 -3.07 -76.29 3.91
CA HIS JA 66 -4.40 -76.00 3.37
C HIS JA 66 -5.26 -77.26 3.43
N VAL JA 67 -6.17 -77.31 4.41
CA VAL JA 67 -7.06 -78.45 4.58
C VAL JA 67 -8.53 -78.01 4.58
N SER JA 68 -8.79 -76.72 4.83
CA SER JA 68 -10.15 -76.21 4.92
C SER JA 68 -10.16 -74.71 4.61
N SER JA 69 -11.34 -74.11 4.68
CA SER JA 69 -11.54 -72.68 4.41
C SER JA 69 -11.64 -71.88 5.72
N ARG JA 70 -10.65 -72.02 6.59
CA ARG JA 70 -10.71 -71.40 7.91
C ARG JA 70 -10.74 -69.88 7.84
N MET JA 71 -9.77 -69.28 7.13
CA MET JA 71 -9.66 -67.83 7.09
C MET JA 71 -10.82 -67.20 6.32
N HIS JA 72 -11.28 -67.87 5.25
CA HIS JA 72 -12.46 -67.40 4.52
C HIS JA 72 -13.62 -67.20 5.48
N LYS JA 73 -13.95 -68.24 6.24
CA LYS JA 73 -15.07 -68.17 7.18
C LYS JA 73 -14.83 -67.12 8.26
N LEU JA 74 -13.58 -66.94 8.69
CA LEU JA 74 -13.32 -65.97 9.75
C LEU JA 74 -13.54 -64.53 9.29
N ILE JA 75 -13.09 -64.16 8.09
CA ILE JA 75 -13.05 -62.73 7.80
C ILE JA 75 -13.69 -62.27 6.49
N GLY JA 76 -14.03 -63.18 5.58
CA GLY JA 76 -14.33 -62.77 4.21
C GLY JA 76 -15.53 -61.85 4.10
N GLU JA 77 -16.69 -62.31 4.57
CA GLU JA 77 -17.93 -61.54 4.40
C GLU JA 77 -17.87 -60.23 5.17
N LYS JA 78 -17.29 -60.24 6.38
CA LYS JA 78 -17.21 -59.03 7.19
C LYS JA 78 -16.31 -57.97 6.56
N ILE JA 79 -15.19 -58.39 5.97
CA ILE JA 79 -14.26 -57.42 5.39
C ILE JA 79 -14.92 -56.64 4.25
N LYS JA 80 -15.69 -57.33 3.41
CA LYS JA 80 -16.33 -56.66 2.28
C LYS JA 80 -17.35 -55.62 2.73
N ARG JA 81 -18.02 -55.86 3.87
CA ARG JA 81 -19.02 -54.93 4.37
C ARG JA 81 -18.43 -53.73 5.10
N GLY JA 82 -17.16 -53.77 5.47
CA GLY JA 82 -16.54 -52.68 6.18
C GLY JA 82 -16.43 -52.84 7.68
N SER JA 83 -16.78 -53.99 8.24
CA SER JA 83 -16.65 -54.26 9.66
C SER JA 83 -15.46 -55.18 9.89
N GLU JA 84 -14.37 -54.63 10.46
CA GLU JA 84 -13.13 -55.38 10.64
C GLU JA 84 -13.16 -56.15 11.96
N PRO JA 85 -13.03 -57.47 11.94
CA PRO JA 85 -13.00 -58.25 13.18
C PRO JA 85 -11.60 -58.29 13.79
N ARG JA 86 -11.57 -58.53 15.11
CA ARG JA 86 -10.34 -58.68 15.87
C ARG JA 86 -10.38 -59.99 16.64
N PHE JA 87 -9.20 -60.57 16.89
CA PHE JA 87 -9.10 -61.93 17.40
C PHE JA 87 -8.08 -62.04 18.52
N VAL JA 88 -8.10 -63.18 19.20
CA VAL JA 88 -7.16 -63.54 20.25
C VAL JA 88 -6.54 -64.89 19.88
N ALA JA 89 -5.21 -64.98 19.96
CA ALA JA 89 -4.51 -66.23 19.68
C ALA JA 89 -3.68 -66.63 20.90
N ILE JA 90 -3.60 -67.93 21.16
CA ILE JA 90 -2.81 -68.49 22.25
C ILE JA 90 -1.82 -69.49 21.66
N SER JA 91 -0.54 -69.27 21.94
CA SER JA 91 0.52 -70.15 21.46
C SER JA 91 1.19 -70.85 22.63
N LYS JA 92 1.40 -72.15 22.48
CA LYS JA 92 1.96 -72.99 23.52
C LYS JA 92 3.13 -73.80 22.95
N LEU JA 93 4.26 -73.75 23.63
CA LEU JA 93 5.45 -74.52 23.27
C LEU JA 93 5.85 -75.38 24.46
N ASN JA 94 5.63 -76.70 24.36
CA ASN JA 94 5.87 -77.61 25.48
C ASN JA 94 6.70 -78.81 25.01
N ASP JA 95 8.02 -78.62 24.95
CA ASP JA 95 8.94 -79.70 24.64
C ASP JA 95 9.16 -80.55 25.88
N PRO JA 96 8.93 -81.86 25.81
CA PRO JA 96 9.11 -82.71 27.02
C PRO JA 96 10.52 -82.69 27.60
N ASP JA 97 11.54 -82.41 26.78
CA ASP JA 97 12.92 -82.40 27.26
C ASP JA 97 13.40 -81.03 27.72
N SER JA 98 12.53 -80.01 27.73
CA SER JA 98 12.92 -78.68 28.17
C SER JA 98 12.57 -78.45 29.64
N TYR JA 99 12.89 -77.26 30.15
CA TYR JA 99 12.60 -76.93 31.54
C TYR JA 99 11.10 -76.91 31.82
N GLY JA 100 10.33 -76.35 30.91
CA GLY JA 100 8.90 -76.23 31.10
C GLY JA 100 8.20 -75.67 29.89
N ALA JA 101 6.97 -75.22 30.08
CA ALA JA 101 6.15 -74.71 28.99
C ALA JA 101 6.20 -73.20 28.92
N GLU JA 102 5.97 -72.68 27.72
CA GLU JA 102 5.86 -71.24 27.46
C GLU JA 102 4.54 -71.03 26.72
N ARG JA 103 3.58 -70.36 27.37
CA ARG JA 103 2.25 -70.12 26.80
C ARG JA 103 1.97 -68.63 26.81
N ILE JA 104 1.60 -68.07 25.65
CA ILE JA 104 1.40 -66.63 25.51
C ILE JA 104 0.12 -66.37 24.73
N ALA JA 105 -0.66 -65.39 25.20
CA ALA JA 105 -1.85 -64.91 24.52
C ALA JA 105 -1.52 -63.61 23.77
N VAL JA 106 -1.87 -63.57 22.49
CA VAL JA 106 -1.69 -62.40 21.64
C VAL JA 106 -3.07 -61.85 21.30
N LYS JA 107 -3.31 -60.58 21.62
CA LYS JA 107 -4.65 -60.01 21.60
C LYS JA 107 -4.76 -58.83 20.64
N ASN JA 108 -6.01 -58.49 20.30
CA ASN JA 108 -6.34 -57.42 19.35
C ASN JA 108 -5.63 -57.63 18.01
N ILE JA 109 -5.75 -58.86 17.49
CA ILE JA 109 -5.11 -59.25 16.23
C ILE JA 109 -5.98 -58.80 15.06
N ALA JA 110 -5.34 -58.14 14.08
CA ALA JA 110 -5.96 -57.78 12.82
C ALA JA 110 -5.14 -58.35 11.68
N PHE JA 111 -5.77 -59.16 10.82
CA PHE JA 111 -5.07 -59.80 9.73
C PHE JA 111 -4.81 -58.82 8.59
N ASP JA 112 -3.72 -59.08 7.85
CA ASP JA 112 -3.24 -58.16 6.82
C ASP JA 112 -3.86 -58.41 5.45
N ASP JA 113 -4.35 -59.62 5.18
CA ASP JA 113 -4.87 -59.96 3.86
C ASP JA 113 -5.79 -61.17 3.97
N LEU JA 114 -6.28 -61.63 2.82
CA LEU JA 114 -7.06 -62.87 2.73
C LEU JA 114 -6.75 -63.55 1.40
N THR JA 115 -6.29 -64.80 1.46
CA THR JA 115 -6.00 -65.59 0.27
C THR JA 115 -7.25 -66.37 -0.14
N LEU JA 116 -7.78 -66.07 -1.32
CA LEU JA 116 -8.92 -66.80 -1.85
C LEU JA 116 -8.50 -68.11 -2.52
N ALA JA 117 -7.46 -68.06 -3.35
CA ALA JA 117 -6.91 -69.26 -3.98
C ALA JA 117 -5.43 -69.06 -4.24
N ASP JA 118 -4.65 -70.13 -4.06
CA ASP JA 118 -3.25 -70.13 -4.48
C ASP JA 118 -2.83 -71.58 -4.70
N TRP JA 119 -2.96 -72.08 -5.92
CA TRP JA 119 -2.60 -73.46 -6.22
C TRP JA 119 -1.79 -73.56 -7.50
N GLU JA 120 -0.95 -74.59 -7.56
CA GLU JA 120 -0.09 -74.89 -8.71
C GLU JA 120 -0.01 -76.41 -8.87
N VAL JA 121 -0.05 -76.87 -10.13
CA VAL JA 121 -0.03 -78.30 -10.40
C VAL JA 121 1.26 -78.91 -9.85
N GLY JA 122 1.13 -80.02 -9.14
CA GLY JA 122 2.28 -80.68 -8.55
C GLY JA 122 2.84 -80.06 -7.29
N VAL JA 123 2.09 -79.18 -6.62
CA VAL JA 123 2.54 -78.50 -5.41
C VAL JA 123 1.46 -78.65 -4.34
N LYS JA 124 1.87 -79.00 -3.13
CA LYS JA 124 0.94 -79.07 -2.00
C LYS JA 124 0.56 -77.67 -1.53
N GLY JA 125 -0.67 -77.54 -1.03
CA GLY JA 125 -1.23 -76.25 -0.68
C GLY JA 125 -0.82 -75.76 0.71
N GLU JA 126 -0.47 -74.48 0.78
CA GLU JA 126 -0.13 -73.81 2.04
C GLU JA 126 -0.67 -72.39 2.00
N ILE JA 127 -0.93 -71.82 3.19
CA ILE JA 127 -1.46 -70.48 3.34
C ILE JA 127 -0.58 -69.69 4.31
N GLU JA 128 -0.19 -68.48 3.91
CA GLU JA 128 0.57 -67.56 4.75
C GLU JA 128 -0.27 -66.34 5.08
N ALA JA 129 -0.45 -66.05 6.37
CA ALA JA 129 -1.35 -65.01 6.83
C ALA JA 129 -0.67 -64.05 7.82
N PRO JA 130 -0.14 -62.93 7.35
CA PRO JA 130 0.45 -61.94 8.26
C PRO JA 130 -0.61 -61.17 9.02
N PHE JA 131 -0.21 -60.59 10.16
CA PHE JA 131 -1.13 -59.84 11.01
C PHE JA 131 -0.38 -58.81 11.85
N THR JA 132 -1.15 -57.95 12.53
CA THR JA 132 -0.66 -57.01 13.53
C THR JA 132 -1.44 -57.21 14.83
N PHE JA 133 -0.90 -56.67 15.93
CA PHE JA 133 -1.52 -56.83 17.26
C PHE JA 133 -1.02 -55.73 18.18
N THR JA 134 -1.72 -55.55 19.32
CA THR JA 134 -1.31 -54.50 20.26
C THR JA 134 -1.06 -54.98 21.68
N GLU JA 135 -1.62 -56.11 22.09
CA GLU JA 135 -1.52 -56.55 23.49
C GLU JA 135 -1.10 -58.01 23.59
N TYR JA 136 -0.59 -58.37 24.77
CA TYR JA 136 -0.17 -59.74 25.06
C TYR JA 136 -0.23 -60.00 26.57
N ASP JA 137 -0.23 -61.29 26.92
CA ASP JA 137 -0.23 -61.70 28.32
C ASP JA 137 0.59 -62.99 28.47
N PHE JA 138 1.33 -63.07 29.57
CA PHE JA 138 2.18 -64.22 29.87
C PHE JA 138 1.41 -65.21 30.73
N LEU JA 139 1.26 -66.43 30.25
CA LEU JA 139 0.71 -67.53 31.04
C LEU JA 139 1.72 -68.66 31.01
N ASP JA 140 2.33 -69.00 32.15
CA ASP JA 140 3.38 -70.04 32.20
C ASP JA 140 4.60 -69.63 31.38
N ILE JA 141 5.37 -68.70 31.94
CA ILE JA 141 6.72 -68.45 31.44
C ILE JA 141 7.73 -69.36 32.14
N ILE JA 142 8.94 -69.43 31.59
CA ILE JA 142 10.00 -70.24 32.20
C ILE JA 142 10.95 -69.35 32.98
N ILE KA 3 -16.03 -43.92 60.49
CA ILE KA 3 -15.51 -43.00 59.49
C ILE KA 3 -16.04 -41.59 59.70
N GLY KA 4 -17.02 -41.44 60.60
CA GLY KA 4 -17.54 -40.14 60.97
C GLY KA 4 -18.37 -39.49 59.88
N LEU KA 5 -18.86 -38.29 60.20
CA LEU KA 5 -19.64 -37.51 59.24
C LEU KA 5 -18.72 -36.80 58.25
N PRO KA 6 -19.22 -36.47 57.06
CA PRO KA 6 -18.42 -35.67 56.13
C PRO KA 6 -18.08 -34.32 56.72
N SER KA 7 -16.84 -33.90 56.49
CA SER KA 7 -16.32 -32.65 57.06
C SER KA 7 -15.95 -31.72 55.92
N ILE KA 8 -16.80 -30.73 55.67
CA ILE KA 8 -16.50 -29.66 54.73
C ILE KA 8 -16.29 -28.38 55.54
N ASN KA 9 -15.02 -28.01 55.75
CA ASN KA 9 -14.74 -26.84 56.58
C ASN KA 9 -13.86 -25.87 55.81
N ILE KA 10 -14.41 -24.67 55.59
CA ILE KA 10 -13.70 -23.55 54.99
C ILE KA 10 -13.47 -22.55 56.11
N SER KA 11 -12.20 -22.29 56.41
CA SER KA 11 -11.83 -21.45 57.55
C SER KA 11 -11.08 -20.21 57.06
N PHE KA 12 -11.23 -19.12 57.81
CA PHE KA 12 -10.54 -17.87 57.55
C PHE KA 12 -9.61 -17.53 58.71
N LYS KA 13 -8.42 -17.03 58.39
CA LYS KA 13 -7.38 -16.85 59.39
C LYS KA 13 -6.40 -15.78 58.91
N GLU KA 14 -5.68 -15.20 59.86
CA GLU KA 14 -4.70 -14.18 59.59
C GLU KA 14 -3.46 -14.77 58.90
N LEU KA 15 -2.59 -13.89 58.43
CA LEU KA 15 -1.44 -14.27 57.62
C LEU KA 15 -0.39 -15.01 58.46
N ALA KA 16 0.41 -15.85 57.80
CA ALA KA 16 1.41 -16.69 58.46
C ALA KA 16 2.68 -16.81 57.61
N THR KA 17 3.78 -17.21 58.26
CA THR KA 17 5.08 -17.31 57.61
C THR KA 17 5.46 -18.77 57.33
N THR KA 18 6.62 -18.93 56.68
CA THR KA 18 7.17 -20.24 56.30
C THR KA 18 8.65 -20.32 56.65
N VAL KA 19 9.05 -21.47 57.22
CA VAL KA 19 10.44 -21.74 57.58
C VAL KA 19 11.23 -22.30 56.40
N LYS KA 20 12.55 -22.34 56.54
CA LYS KA 20 13.42 -22.82 55.45
C LYS KA 20 13.23 -24.30 55.21
N GLU KA 21 13.39 -24.71 53.94
CA GLU KA 21 13.34 -26.11 53.57
C GLU KA 21 14.53 -26.86 54.16
N ARG KA 22 14.35 -28.17 54.36
CA ARG KA 22 15.35 -28.93 55.09
C ARG KA 22 16.31 -29.67 54.15
N SER KA 23 17.46 -30.04 54.71
CA SER KA 23 18.50 -30.76 53.99
C SER KA 23 18.67 -32.17 54.55
N ALA KA 24 18.85 -33.13 53.65
CA ALA KA 24 19.15 -34.50 54.07
C ALA KA 24 20.64 -34.73 54.28
N ARG KA 25 21.42 -33.65 54.34
CA ARG KA 25 22.86 -33.75 54.57
C ARG KA 25 23.24 -33.16 55.93
N GLY KA 26 23.93 -33.96 56.73
CA GLY KA 26 24.53 -33.49 57.98
C GLY KA 26 24.03 -34.15 59.24
N ILE KA 27 24.87 -34.99 59.85
CA ILE KA 27 24.56 -35.61 61.14
C ILE KA 27 25.67 -35.26 62.11
N ILE KA 28 25.29 -34.72 63.27
CA ILE KA 28 26.24 -34.32 64.31
C ILE KA 28 25.97 -35.10 65.58
N ALA KA 29 27.02 -35.63 66.18
CA ALA KA 29 26.95 -36.26 67.49
C ALA KA 29 27.51 -35.31 68.55
N MET KA 30 26.69 -35.03 69.56
CA MET KA 30 27.06 -34.09 70.62
C MET KA 30 26.89 -34.79 71.95
N VAL KA 31 27.94 -34.79 72.77
CA VAL KA 31 27.90 -35.42 74.08
C VAL KA 31 27.96 -34.33 75.13
N LEU KA 32 27.01 -34.33 76.06
CA LEU KA 32 26.96 -33.34 77.11
C LEU KA 32 26.63 -34.03 78.43
N LYS KA 33 27.23 -33.53 79.50
CA LYS KA 33 27.00 -34.05 80.84
C LYS KA 33 25.83 -33.30 81.46
N ASP KA 34 24.87 -34.04 82.01
CA ASP KA 34 23.76 -33.47 82.73
C ASP KA 34 23.50 -34.29 83.99
N ALA KA 35 22.86 -33.65 84.97
CA ALA KA 35 22.53 -34.34 86.21
C ALA KA 35 21.16 -35.01 86.15
N LYS KA 36 20.44 -34.87 85.04
CA LYS KA 36 19.11 -35.43 84.92
C LYS KA 36 18.87 -35.94 83.50
N ALA KA 37 18.09 -37.03 83.40
CA ALA KA 37 17.63 -37.58 82.13
C ALA KA 37 18.80 -38.09 81.27
N LEU KA 38 19.65 -38.90 81.88
CA LEU KA 38 20.76 -39.51 81.16
C LEU KA 38 20.26 -40.45 80.08
N GLY KA 39 21.03 -40.60 79.02
CA GLY KA 39 20.72 -41.55 77.98
C GLY KA 39 21.03 -40.99 76.61
N LEU KA 40 20.37 -41.56 75.61
CA LEU KA 40 20.53 -41.17 74.22
C LEU KA 40 19.28 -40.46 73.74
N ASN KA 41 19.45 -39.23 73.24
CA ASN KA 41 18.33 -38.43 72.76
C ASN KA 41 18.62 -37.97 71.34
N GLU KA 42 17.76 -38.38 70.41
CA GLU KA 42 17.81 -37.93 69.02
C GLU KA 42 16.95 -36.69 68.92
N ILE KA 43 17.48 -35.65 68.28
CA ILE KA 43 16.80 -34.37 68.15
C ILE KA 43 16.58 -34.07 66.68
N HIS KA 44 15.34 -33.79 66.30
CA HIS KA 44 15.01 -33.51 64.92
C HIS KA 44 14.94 -32.00 64.66
N GLU KA 45 14.50 -31.23 65.65
CA GLU KA 45 14.37 -29.80 65.49
C GLU KA 45 14.53 -29.09 66.83
N LYS KA 46 14.86 -27.80 66.75
CA LYS KA 46 15.07 -26.99 67.94
C LYS KA 46 13.75 -26.60 68.61
N GLU KA 47 12.63 -26.73 67.90
CA GLU KA 47 11.33 -26.47 68.53
C GLU KA 47 11.00 -27.55 69.54
N ASP KA 48 11.47 -28.78 69.30
CA ASP KA 48 11.14 -29.92 70.16
C ASP KA 48 12.42 -30.42 70.83
N ILE KA 49 12.75 -29.83 71.96
CA ILE KA 49 13.85 -30.28 72.81
C ILE KA 49 13.22 -30.69 74.15
N PRO KA 50 13.53 -31.87 74.69
CA PRO KA 50 12.92 -32.27 75.95
C PRO KA 50 13.24 -31.31 77.09
N VAL KA 51 12.24 -31.10 77.96
CA VAL KA 51 12.30 -30.05 78.97
C VAL KA 51 13.28 -30.32 80.10
N ASP KA 52 13.95 -31.47 80.12
CA ASP KA 52 14.77 -31.82 81.27
C ASP KA 52 16.09 -31.06 81.29
N LEU KA 53 16.67 -30.78 80.13
CA LEU KA 53 18.00 -30.20 80.07
C LEU KA 53 18.03 -28.78 80.63
N SER KA 54 19.19 -28.41 81.16
CA SER KA 54 19.38 -27.07 81.69
C SER KA 54 19.29 -26.03 80.57
N ALA KA 55 19.05 -24.78 80.95
CA ALA KA 55 19.04 -23.70 79.96
C ALA KA 55 20.38 -23.57 79.28
N GLU KA 56 21.47 -23.74 80.03
CA GLU KA 56 22.81 -23.66 79.47
C GLU KA 56 23.05 -24.75 78.43
N ASN KA 57 22.62 -25.98 78.73
CA ASN KA 57 22.73 -27.05 77.73
C ASN KA 57 21.67 -26.93 76.65
N LYS KA 58 20.51 -26.35 76.97
CA LYS KA 58 19.47 -26.16 75.97
C LYS KA 58 19.94 -25.22 74.87
N GLU KA 59 20.65 -24.15 75.23
CA GLU KA 59 21.06 -23.15 74.25
C GLU KA 59 22.16 -23.69 73.34
N TYR KA 60 22.93 -24.68 73.81
CA TYR KA 60 23.94 -25.32 72.98
C TYR KA 60 23.32 -26.04 71.78
N ILE KA 61 22.19 -26.73 72.02
CA ILE KA 61 21.53 -27.44 70.93
C ILE KA 61 21.05 -26.45 69.87
N ASN KA 62 20.40 -25.37 70.31
CA ASN KA 62 19.98 -24.32 69.40
C ASN KA 62 21.16 -23.71 68.67
N LEU KA 63 22.31 -23.63 69.34
CA LEU KA 63 23.53 -23.16 68.68
C LEU KA 63 23.96 -24.11 67.57
N ALA KA 64 23.84 -25.42 67.81
CA ALA KA 64 24.30 -26.40 66.82
C ALA KA 64 23.26 -26.70 65.75
N LEU KA 65 22.01 -26.32 65.97
CA LEU KA 65 20.94 -26.56 65.01
C LEU KA 65 20.87 -25.51 63.91
N MET KA 66 21.77 -24.56 63.88
CA MET KA 66 21.85 -23.61 62.77
C MET KA 66 23.12 -23.85 61.97
N GLY KA 67 22.96 -24.06 60.66
CA GLY KA 67 24.09 -24.16 59.76
C GLY KA 67 23.92 -23.18 58.63
N ASN KA 68 25.02 -22.95 57.91
CA ASN KA 68 25.06 -21.84 56.97
C ASN KA 68 23.99 -21.97 55.90
N VAL KA 69 24.11 -22.97 55.03
CA VAL KA 69 23.18 -23.10 53.92
C VAL KA 69 21.93 -23.85 54.33
N ASN KA 70 22.07 -24.85 55.19
CA ASN KA 70 20.89 -25.55 55.68
C ASN KA 70 21.19 -26.17 57.05
N THR KA 71 20.11 -26.55 57.73
CA THR KA 71 20.21 -27.13 59.06
C THR KA 71 20.80 -28.54 58.99
N PRO KA 72 21.50 -28.99 60.04
CA PRO KA 72 21.87 -30.40 60.11
C PRO KA 72 20.66 -31.31 60.08
N ASN KA 73 20.83 -32.47 59.44
CA ASN KA 73 19.74 -33.43 59.31
C ASN KA 73 19.30 -33.97 60.66
N LYS KA 74 20.24 -34.21 61.56
CA LYS KA 74 19.91 -34.90 62.80
C LYS KA 74 20.97 -34.61 63.85
N LEU KA 75 20.56 -34.56 65.11
CA LEU KA 75 21.46 -34.44 66.25
C LEU KA 75 21.39 -35.71 67.08
N LEU KA 76 22.53 -36.18 67.55
CA LEU KA 76 22.61 -37.34 68.44
C LEU KA 76 23.19 -36.88 69.77
N VAL KA 77 22.33 -36.40 70.67
CA VAL KA 77 22.77 -35.92 71.97
C VAL KA 77 22.79 -37.11 72.92
N TYR KA 78 23.98 -37.49 73.36
CA TYR KA 78 24.17 -38.54 74.36
C TYR KA 78 24.46 -37.87 75.69
N VAL KA 79 23.67 -38.19 76.71
CA VAL KA 79 23.76 -37.53 78.01
C VAL KA 79 24.43 -38.50 78.98
N ILE KA 80 25.51 -38.06 79.61
CA ILE KA 80 26.18 -38.84 80.63
C ILE KA 80 26.11 -38.08 81.94
N GLU KA 81 26.27 -38.81 83.04
CA GLU KA 81 26.08 -38.22 84.36
C GLU KA 81 27.28 -37.36 84.74
N GLY KA 82 27.14 -36.66 85.87
CA GLY KA 82 28.26 -35.91 86.40
C GLY KA 82 29.35 -36.82 86.90
N GLU KA 83 30.60 -36.40 86.69
CA GLU KA 83 31.79 -37.17 87.07
C GLU KA 83 31.70 -38.59 86.49
N ALA KA 84 31.31 -38.66 85.22
CA ALA KA 84 31.13 -39.92 84.54
C ALA KA 84 32.39 -40.26 83.75
N ASP KA 85 32.41 -41.48 83.22
CA ASP KA 85 33.54 -41.88 82.38
C ASP KA 85 33.21 -41.63 80.91
N ILE KA 86 34.16 -41.02 80.20
CA ILE KA 86 33.98 -40.69 78.80
C ILE KA 86 34.01 -41.94 77.92
N GLN KA 87 34.66 -43.00 78.41
CA GLN KA 87 34.89 -44.18 77.59
C GLN KA 87 33.57 -44.89 77.25
N THR KA 88 32.62 -44.91 78.18
CA THR KA 88 31.33 -45.53 77.87
C THR KA 88 30.57 -44.73 76.82
N ALA KA 89 30.70 -43.41 76.86
CA ALA KA 89 30.09 -42.57 75.82
C ALA KA 89 30.69 -42.88 74.46
N LEU KA 90 32.03 -42.97 74.38
CA LEU KA 90 32.66 -43.26 73.10
C LEU KA 90 32.33 -44.67 72.63
N ASP KA 91 32.25 -45.63 73.55
CA ASP KA 91 31.90 -47.00 73.18
C ASP KA 91 30.49 -47.07 72.61
N PHE KA 92 29.54 -46.36 73.22
CA PHE KA 92 28.19 -46.32 72.67
C PHE KA 92 28.18 -45.64 71.31
N LEU KA 93 28.94 -44.55 71.16
CA LEU KA 93 28.93 -43.82 69.90
C LEU KA 93 29.62 -44.58 68.78
N GLU KA 94 30.44 -45.58 69.13
CA GLU KA 94 31.04 -46.43 68.09
C GLU KA 94 29.97 -47.07 67.20
N THR KA 95 28.78 -47.32 67.75
CA THR KA 95 27.76 -48.06 67.02
C THR KA 95 27.12 -47.23 65.92
N LYS KA 96 26.86 -45.96 66.18
CA LYS KA 96 26.03 -45.14 65.30
C LYS KA 96 26.83 -44.66 64.08
N GLU KA 97 26.12 -44.03 63.15
CA GLU KA 97 26.75 -43.36 62.02
C GLU KA 97 26.53 -41.85 62.12
N PHE KA 98 27.63 -41.10 62.00
CA PHE KA 98 27.60 -39.65 62.19
C PHE KA 98 28.84 -39.06 61.53
N ASN KA 99 28.84 -37.73 61.39
CA ASN KA 99 29.91 -37.04 60.70
C ASN KA 99 30.92 -36.37 61.62
N TYR KA 100 30.49 -35.45 62.48
CA TYR KA 100 31.38 -34.71 63.36
C TYR KA 100 30.94 -34.87 64.80
N LEU KA 101 31.92 -34.86 65.72
CA LEU KA 101 31.68 -35.03 67.15
C LEU KA 101 32.24 -33.84 67.91
N CYS KA 102 31.49 -33.36 68.91
CA CYS KA 102 31.95 -32.29 69.78
C CYS KA 102 31.36 -32.43 71.16
N MET KA 103 32.16 -32.10 72.18
CA MET KA 103 31.72 -32.01 73.56
C MET KA 103 31.81 -30.55 74.01
N PRO KA 104 30.68 -29.86 74.21
CA PRO KA 104 30.76 -28.44 74.59
C PRO KA 104 31.59 -28.20 75.84
N LYS KA 105 31.49 -29.06 76.85
CA LYS KA 105 32.30 -28.95 78.06
C LYS KA 105 33.21 -30.16 78.15
N ALA KA 106 34.51 -29.93 77.94
CA ALA KA 106 35.46 -31.02 77.88
C ALA KA 106 36.71 -30.61 78.64
N VAL KA 107 37.35 -31.61 79.25
CA VAL KA 107 38.55 -31.42 80.06
C VAL KA 107 39.71 -31.96 79.25
N GLU KA 108 40.93 -31.56 79.59
CA GLU KA 108 42.13 -31.96 78.86
C GLU KA 108 42.19 -33.47 78.68
N ALA KA 109 41.94 -34.22 79.76
CA ALA KA 109 41.90 -35.68 79.67
C ALA KA 109 40.80 -36.14 78.73
N ASP KA 110 39.62 -35.52 78.82
CA ASP KA 110 38.54 -35.85 77.89
C ASP KA 110 38.95 -35.57 76.45
N LYS KA 111 39.62 -34.43 76.23
CA LYS KA 111 40.05 -34.08 74.88
C LYS KA 111 41.02 -35.12 74.32
N THR KA 112 41.99 -35.55 75.14
CA THR KA 112 42.95 -36.53 74.66
C THR KA 112 42.28 -37.89 74.42
N ALA KA 113 41.28 -38.22 75.24
CA ALA KA 113 40.56 -39.47 75.04
C ALA KA 113 39.79 -39.45 73.73
N ILE KA 114 39.09 -38.35 73.45
CA ILE KA 114 38.36 -38.21 72.20
C ILE KA 114 39.32 -38.25 71.01
N LYS KA 115 40.45 -37.56 71.13
CA LYS KA 115 41.42 -37.54 70.03
C LYS KA 115 41.95 -38.94 69.73
N ASN KA 116 42.35 -39.67 70.77
CA ASN KA 116 42.86 -41.02 70.56
C ASN KA 116 41.79 -41.92 69.98
N TRP KA 117 40.54 -41.77 70.45
CA TRP KA 117 39.45 -42.58 69.92
C TRP KA 117 39.19 -42.29 68.44
N ILE KA 118 39.20 -41.01 68.05
CA ILE KA 118 38.97 -40.66 66.66
C ILE KA 118 40.08 -41.21 65.77
N ILE KA 119 41.33 -41.08 66.22
CA ILE KA 119 42.44 -41.62 65.44
C ILE KA 119 42.32 -43.12 65.30
N LYS KA 120 42.01 -43.82 66.40
CA LYS KA 120 41.88 -45.27 66.34
C LYS KA 120 40.76 -45.68 65.40
N LEU KA 121 39.62 -44.99 65.47
CA LEU KA 121 38.52 -45.29 64.56
C LEU KA 121 38.96 -45.14 63.12
N ARG KA 122 39.50 -43.97 62.76
CA ARG KA 122 39.84 -43.69 61.37
C ARG KA 122 40.95 -44.60 60.86
N ASP KA 123 41.84 -45.06 61.73
CA ASP KA 123 43.01 -45.79 61.26
C ASP KA 123 42.83 -47.30 61.31
N ILE KA 124 42.27 -47.84 62.39
CA ILE KA 124 42.06 -49.27 62.53
C ILE KA 124 40.64 -49.68 62.13
N ASP KA 125 39.63 -48.95 62.59
CA ASP KA 125 38.26 -49.37 62.34
C ASP KA 125 37.80 -49.04 60.93
N LYS KA 126 38.55 -48.21 60.20
CA LYS KA 126 38.23 -47.84 58.82
C LYS KA 126 36.83 -47.22 58.71
N VAL KA 127 36.46 -46.44 59.72
CA VAL KA 127 35.27 -45.60 59.69
C VAL KA 127 35.73 -44.15 59.74
N LYS KA 128 35.34 -43.36 58.75
CA LYS KA 128 35.83 -42.00 58.58
C LYS KA 128 34.97 -41.04 59.39
N VAL KA 129 35.42 -40.72 60.61
CA VAL KA 129 34.71 -39.80 61.50
C VAL KA 129 35.65 -38.68 61.89
N LYS KA 130 35.09 -37.56 62.32
CA LYS KA 130 35.87 -36.38 62.65
C LYS KA 130 35.36 -35.77 63.94
N ALA KA 131 36.25 -35.05 64.63
CA ALA KA 131 35.92 -34.36 65.87
C ALA KA 131 36.37 -32.91 65.81
N VAL KA 132 35.53 -32.02 66.31
CA VAL KA 132 35.84 -30.59 66.41
C VAL KA 132 36.07 -30.28 67.89
N LEU KA 133 37.30 -29.95 68.25
CA LEU KA 133 37.68 -29.70 69.64
C LEU KA 133 38.53 -28.45 69.74
N GLY KA 134 38.52 -27.84 70.91
CA GLY KA 134 39.25 -26.60 71.14
C GLY KA 134 40.63 -26.83 71.74
N LYS KA 135 41.62 -26.15 71.15
CA LYS KA 135 42.98 -26.12 71.68
C LYS KA 135 43.60 -27.51 71.80
N VAL KA 136 43.38 -28.34 70.78
CA VAL KA 136 43.93 -29.68 70.72
C VAL KA 136 44.86 -29.78 69.52
N VAL KA 137 46.13 -30.14 69.78
CA VAL KA 137 47.19 -30.06 68.78
C VAL KA 137 47.31 -31.33 67.94
N GLY KA 138 46.31 -32.22 68.00
CA GLY KA 138 46.30 -33.44 67.20
C GLY KA 138 46.71 -33.24 65.76
N ASN KA 139 47.74 -33.97 65.34
CA ASN KA 139 48.31 -33.85 64.00
C ASN KA 139 47.56 -34.67 62.95
N HIS KA 140 46.24 -34.83 63.09
CA HIS KA 140 45.47 -35.68 62.20
C HIS KA 140 44.44 -34.88 61.40
N GLU KA 141 44.14 -35.36 60.19
CA GLU KA 141 43.08 -34.76 59.38
C GLU KA 141 41.69 -35.03 59.94
N GLY KA 142 41.53 -36.01 60.83
CA GLY KA 142 40.24 -36.25 61.45
C GLY KA 142 39.95 -35.31 62.61
N ILE KA 143 40.93 -34.50 63.00
CA ILE KA 143 40.79 -33.51 64.06
C ILE KA 143 41.01 -32.12 63.47
N ILE KA 144 40.10 -31.20 63.77
CA ILE KA 144 40.28 -29.81 63.43
C ILE KA 144 40.33 -29.00 64.72
N ASN KA 145 41.38 -28.20 64.87
CA ASN KA 145 41.62 -27.39 66.06
C ASN KA 145 40.96 -26.02 65.92
N PHE KA 146 40.03 -25.72 66.82
CA PHE KA 146 39.40 -24.41 66.89
C PHE KA 146 40.04 -23.64 68.04
N THR KA 147 40.71 -22.53 67.72
CA THR KA 147 41.45 -21.73 68.70
C THR KA 147 40.95 -20.30 68.62
N THR KA 148 39.99 -19.95 69.47
CA THR KA 148 39.50 -18.58 69.60
C THR KA 148 38.82 -18.44 70.96
N GLU KA 149 39.22 -17.41 71.70
CA GLU KA 149 38.75 -17.23 73.07
C GLU KA 149 37.71 -16.13 73.10
N ASP KA 150 36.77 -16.24 74.04
CA ASP KA 150 35.88 -15.15 74.43
C ASP KA 150 35.05 -14.64 73.25
N VAL KA 151 34.28 -15.54 72.66
CA VAL KA 151 33.35 -15.19 71.59
C VAL KA 151 32.02 -14.75 72.22
N LEU KA 152 31.53 -13.58 71.81
CA LEU KA 152 30.36 -12.97 72.43
C LEU KA 152 29.15 -13.12 71.52
N VAL KA 153 28.14 -13.86 71.98
CA VAL KA 153 26.92 -14.12 71.22
C VAL KA 153 25.72 -13.81 72.12
N GLY KA 154 24.77 -13.06 71.58
CA GLY KA 154 23.56 -12.73 72.31
C GLY KA 154 23.89 -12.05 73.62
N GLU KA 155 24.79 -11.06 73.56
CA GLU KA 155 25.39 -10.39 74.71
C GLU KA 155 25.80 -11.34 75.82
N LYS KA 156 26.11 -12.60 75.47
CA LYS KA 156 26.57 -13.61 76.41
C LYS KA 156 27.97 -14.04 76.03
N LYS KA 157 28.84 -14.15 77.03
CA LYS KA 157 30.19 -14.64 76.79
C LYS KA 157 30.17 -16.13 76.50
N TYR KA 158 31.00 -16.56 75.54
CA TYR KA 158 31.09 -17.97 75.21
C TYR KA 158 32.56 -18.38 75.14
N SER KA 159 32.87 -19.50 75.77
CA SER KA 159 34.23 -20.00 75.87
C SER KA 159 34.57 -20.81 74.62
N VAL KA 160 35.85 -21.14 74.46
CA VAL KA 160 36.31 -21.79 73.24
C VAL KA 160 35.70 -23.19 73.11
N ASP KA 161 35.66 -23.94 74.21
CA ASP KA 161 35.04 -25.26 74.17
C ASP KA 161 33.55 -25.17 73.88
N GLU KA 162 32.86 -24.20 74.49
CA GLU KA 162 31.42 -24.07 74.31
C GLU KA 162 31.03 -23.72 72.89
N PHE KA 163 31.79 -22.85 72.22
CA PHE KA 163 31.44 -22.42 70.87
C PHE KA 163 31.80 -23.46 69.82
N THR KA 164 32.45 -24.55 70.21
CA THR KA 164 32.77 -25.60 69.25
C THR KA 164 31.51 -26.30 68.73
N SER KA 165 30.39 -26.20 69.47
CA SER KA 165 29.13 -26.71 68.95
C SER KA 165 28.67 -25.93 67.72
N ARG KA 166 28.79 -24.59 67.78
CA ARG KA 166 28.42 -23.77 66.63
C ARG KA 166 29.34 -24.05 65.45
N VAL KA 167 30.64 -24.24 65.70
CA VAL KA 167 31.58 -24.56 64.64
C VAL KA 167 31.23 -25.90 63.99
N ALA KA 168 30.92 -26.91 64.80
CA ALA KA 168 30.54 -28.21 64.26
C ALA KA 168 29.29 -28.11 63.41
N GLY KA 169 28.28 -27.37 63.89
CA GLY KA 169 27.08 -27.18 63.08
C GLY KA 169 27.36 -26.47 61.78
N LEU KA 170 28.17 -25.41 61.83
CA LEU KA 170 28.49 -24.65 60.63
C LEU KA 170 29.20 -25.53 59.59
N ILE KA 171 30.17 -26.33 60.04
CA ILE KA 171 30.89 -27.19 59.11
C ILE KA 171 29.98 -28.28 58.56
N ALA KA 172 29.16 -28.90 59.41
CA ALA KA 172 28.27 -29.95 58.95
C ALA KA 172 27.18 -29.42 58.02
N GLY KA 173 26.89 -28.12 58.07
CA GLY KA 173 25.85 -27.56 57.23
C GLY KA 173 26.32 -27.10 55.86
N THR KA 174 27.60 -27.24 55.57
CA THR KA 174 28.14 -26.74 54.31
C THR KA 174 27.96 -27.76 53.20
N PRO KA 175 27.39 -27.38 52.05
CA PRO KA 175 27.19 -28.35 50.96
C PRO KA 175 28.48 -28.84 50.34
N LEU KA 176 28.41 -29.98 49.63
CA LEU KA 176 29.62 -30.66 49.17
C LEU KA 176 30.40 -29.84 48.17
N SER KA 177 29.73 -28.99 47.39
CA SER KA 177 30.41 -28.21 46.37
C SER KA 177 31.28 -27.09 46.96
N GLN KA 178 31.17 -26.80 48.25
CA GLN KA 178 31.64 -25.54 48.80
C GLN KA 178 32.62 -25.74 49.95
N SER KA 179 33.15 -24.62 50.43
CA SER KA 179 34.09 -24.56 51.53
C SER KA 179 33.60 -23.53 52.54
N VAL KA 180 34.07 -23.65 53.78
CA VAL KA 180 33.68 -22.70 54.81
C VAL KA 180 34.58 -21.48 54.89
N THR KA 181 35.54 -21.35 53.97
CA THR KA 181 36.42 -20.19 53.94
C THR KA 181 35.60 -18.91 53.77
N TYR KA 182 35.91 -17.92 54.60
CA TYR KA 182 35.25 -16.61 54.58
C TYR KA 182 33.74 -16.67 54.84
N THR KA 183 33.24 -17.77 55.39
CA THR KA 183 31.84 -17.82 55.76
C THR KA 183 31.60 -16.93 56.97
N LYS KA 184 30.50 -16.18 56.94
CA LYS KA 184 30.23 -15.16 57.93
C LYS KA 184 29.25 -15.67 58.97
N LEU KA 185 29.45 -15.28 60.22
CA LEU KA 185 28.55 -15.60 61.31
C LEU KA 185 27.85 -14.33 61.78
N SER KA 186 26.55 -14.24 61.50
CA SER KA 186 25.79 -13.05 61.85
C SER KA 186 25.49 -12.97 63.35
N ASP KA 187 25.50 -14.10 64.05
CA ASP KA 187 25.24 -14.06 65.48
C ASP KA 187 26.34 -13.32 66.24
N VAL KA 188 27.59 -13.54 65.85
CA VAL KA 188 28.72 -12.99 66.59
C VAL KA 188 28.83 -11.50 66.34
N VAL KA 189 29.08 -10.73 67.40
CA VAL KA 189 29.19 -9.29 67.28
C VAL KA 189 30.49 -8.73 67.86
N ASP KA 190 31.33 -9.54 68.51
CA ASP KA 190 32.59 -9.07 69.04
C ASP KA 190 33.57 -10.23 69.20
N ILE KA 191 34.85 -9.95 68.93
CA ILE KA 191 35.93 -10.94 68.97
C ILE KA 191 37.20 -10.25 69.46
N PRO KA 192 38.07 -10.95 70.21
CA PRO KA 192 39.35 -10.33 70.60
C PRO KA 192 40.18 -9.92 69.40
N LYS KA 193 40.88 -8.80 69.52
CA LYS KA 193 41.71 -8.32 68.43
C LYS KA 193 42.88 -9.26 68.20
N MET KA 194 43.35 -9.30 66.95
CA MET KA 194 44.51 -10.12 66.59
C MET KA 194 45.16 -9.52 65.35
N THR KA 195 46.48 -9.43 65.38
CA THR KA 195 47.23 -8.86 64.26
C THR KA 195 47.33 -9.86 63.12
N LYS KA 196 47.70 -9.34 61.95
CA LYS KA 196 47.64 -10.15 60.72
C LYS KA 196 48.71 -11.22 60.69
N VAL KA 197 49.94 -10.89 61.11
CA VAL KA 197 51.01 -11.87 61.11
C VAL KA 197 50.71 -12.99 62.10
N ASP KA 198 50.09 -12.67 63.23
CA ASP KA 198 49.71 -13.71 64.19
C ASP KA 198 48.67 -14.66 63.60
N ALA KA 199 47.68 -14.10 62.90
CA ALA KA 199 46.68 -14.96 62.25
C ALA KA 199 47.31 -15.84 61.17
N GLU KA 200 48.22 -15.26 60.37
CA GLU KA 200 48.96 -16.06 59.40
C GLU KA 200 49.66 -17.23 60.06
N SER KA 201 50.40 -16.95 61.15
CA SER KA 201 51.16 -18.00 61.81
C SER KA 201 50.24 -19.08 62.39
N ARG KA 202 49.12 -18.67 62.97
CA ARG KA 202 48.19 -19.65 63.53
C ARG KA 202 47.59 -20.53 62.45
N VAL KA 203 47.21 -19.94 61.31
CA VAL KA 203 46.67 -20.75 60.22
C VAL KA 203 47.72 -21.73 59.71
N ASN KA 204 48.96 -21.26 59.55
CA ASN KA 204 50.03 -22.16 59.12
C ASN KA 204 50.36 -23.22 60.17
N LYS KA 205 50.03 -22.98 61.44
CA LYS KA 205 50.24 -23.98 62.46
C LYS KA 205 49.15 -25.04 62.51
N GLY KA 206 48.02 -24.79 61.86
CA GLY KA 206 46.95 -25.76 61.76
C GLY KA 206 45.68 -25.45 62.54
N GLU KA 207 45.34 -24.19 62.76
CA GLU KA 207 44.18 -23.83 63.56
C GLU KA 207 43.11 -23.16 62.72
N LEU KA 208 41.85 -23.44 63.05
CA LEU KA 208 40.70 -22.76 62.49
C LEU KA 208 40.34 -21.59 63.41
N ILE KA 209 40.38 -20.37 62.88
CA ILE KA 209 40.22 -19.16 63.69
C ILE KA 209 39.16 -18.26 63.08
N LEU KA 210 38.62 -17.37 63.90
CA LEU KA 210 37.74 -16.30 63.42
C LEU KA 210 38.55 -15.02 63.23
N ILE KA 211 38.13 -14.19 62.29
CA ILE KA 211 38.78 -12.91 62.03
C ILE KA 211 37.75 -11.80 61.91
N LYS KA 212 38.19 -10.56 62.08
CA LYS KA 212 37.31 -9.41 62.06
C LYS KA 212 37.35 -8.72 60.70
N GLU KA 213 36.20 -8.25 60.25
CA GLU KA 213 36.12 -7.60 58.95
C GLU KA 213 34.98 -6.60 58.94
N ALA KA 214 35.06 -5.65 58.01
CA ALA KA 214 33.96 -4.72 57.78
C ALA KA 214 32.69 -5.50 57.53
N GLY KA 215 31.66 -5.20 58.32
CA GLY KA 215 30.54 -6.12 58.44
C GLY KA 215 30.77 -7.10 59.56
N ALA KA 216 30.28 -8.32 59.36
CA ALA KA 216 30.31 -9.30 60.45
C ALA KA 216 31.68 -9.97 60.57
N ILE KA 217 31.71 -10.96 61.45
CA ILE KA 217 32.88 -11.80 61.67
C ILE KA 217 32.83 -12.99 60.71
N ARG KA 218 34.00 -13.58 60.44
CA ARG KA 218 34.02 -14.69 59.49
C ARG KA 218 35.14 -15.67 59.80
N ILE KA 219 35.00 -16.88 59.24
CA ILE KA 219 36.04 -17.90 59.31
C ILE KA 219 37.17 -17.53 58.36
N ALA KA 220 38.41 -17.74 58.81
CA ALA KA 220 39.56 -17.33 58.01
C ALA KA 220 39.82 -18.31 56.85
N ARG KA 221 40.17 -19.55 57.17
CA ARG KA 221 40.53 -20.55 56.17
C ARG KA 221 40.12 -21.93 56.66
N GLY KA 222 39.52 -22.71 55.76
CA GLY KA 222 39.01 -24.02 56.11
C GLY KA 222 40.08 -25.09 56.19
N VAL KA 223 40.97 -24.97 57.16
CA VAL KA 223 42.18 -25.79 57.22
C VAL KA 223 42.05 -26.87 58.28
N ASN KA 224 42.89 -27.90 58.16
CA ASN KA 224 42.94 -29.02 59.07
C ASN KA 224 43.97 -28.78 60.17
N SER KA 225 44.05 -29.73 61.10
CA SER KA 225 45.13 -29.73 62.07
C SER KA 225 46.33 -30.56 61.63
N LEU KA 226 46.28 -31.14 60.43
CA LEU KA 226 47.42 -31.86 59.89
C LEU KA 226 48.49 -30.87 59.45
N THR KA 227 49.71 -31.04 59.97
CA THR KA 227 50.81 -30.15 59.65
C THR KA 227 52.03 -30.86 59.07
N GLU KA 228 52.30 -32.10 59.50
CA GLU KA 228 53.44 -32.86 59.01
C GLU KA 228 53.05 -33.61 57.74
N LEU KA 229 53.57 -33.15 56.60
CA LEU KA 229 53.20 -33.69 55.29
C LEU KA 229 54.32 -34.61 54.80
N THR KA 230 53.93 -35.71 54.15
CA THR KA 230 54.86 -36.72 53.67
C THR KA 230 54.66 -36.95 52.17
N ALA KA 231 55.44 -37.88 51.63
CA ALA KA 231 55.35 -38.20 50.21
C ALA KA 231 54.02 -38.86 49.86
N GLU KA 232 53.34 -39.44 50.84
CA GLU KA 232 52.03 -40.05 50.60
C GLU KA 232 50.86 -39.13 50.97
N LYS KA 233 51.08 -38.19 51.90
CA LYS KA 233 50.04 -37.25 52.34
C LYS KA 233 50.47 -35.85 51.93
N GLY KA 234 49.82 -35.30 50.90
CA GLY KA 234 50.15 -33.99 50.39
C GLY KA 234 49.35 -32.89 51.06
N GLU KA 235 49.44 -31.69 50.48
CA GLU KA 235 48.78 -30.52 51.06
C GLU KA 235 47.28 -30.52 50.80
N MET KA 236 46.81 -31.35 49.87
CA MET KA 236 45.37 -31.44 49.64
C MET KA 236 44.64 -32.02 50.84
N PHE KA 237 45.32 -32.82 51.66
CA PHE KA 237 44.71 -33.45 52.83
C PHE KA 237 44.55 -32.49 54.01
N GLN KA 238 45.03 -31.24 53.88
CA GLN KA 238 44.88 -30.26 54.95
C GLN KA 238 43.58 -29.47 54.84
N LYS KA 239 42.77 -29.71 53.81
CA LYS KA 239 41.58 -28.90 53.55
C LYS KA 239 40.30 -29.66 53.89
N ILE KA 240 39.39 -28.98 54.60
CA ILE KA 240 38.18 -29.63 55.11
C ILE KA 240 37.31 -30.14 53.97
N LYS KA 241 37.12 -29.34 52.92
CA LYS KA 241 36.25 -29.74 51.83
C LYS KA 241 36.76 -31.00 51.12
N ILE KA 242 38.07 -31.09 50.92
CA ILE KA 242 38.66 -32.25 50.24
C ILE KA 242 38.45 -33.50 51.07
N VAL KA 243 38.73 -33.42 52.37
CA VAL KA 243 38.59 -34.58 53.24
C VAL KA 243 37.13 -35.01 53.33
N ASP KA 244 36.21 -34.03 53.35
CA ASP KA 244 34.77 -34.34 53.37
C ASP KA 244 34.35 -35.11 52.12
N THR KA 245 34.79 -34.66 50.95
CA THR KA 245 34.43 -35.39 49.72
C THR KA 245 35.06 -36.77 49.68
N LEU KA 246 36.31 -36.91 50.14
CA LEU KA 246 36.91 -38.24 50.19
C LEU KA 246 36.13 -39.16 51.12
N ASP KA 247 35.67 -38.63 52.25
CA ASP KA 247 34.89 -39.44 53.20
C ASP KA 247 33.57 -39.89 52.59
N ILE KA 248 32.90 -39.01 51.83
CA ILE KA 248 31.62 -39.43 51.25
C ILE KA 248 31.83 -40.48 50.17
N ILE KA 249 32.91 -40.36 49.39
CA ILE KA 249 33.22 -41.40 48.41
C ILE KA 249 33.47 -42.74 49.11
N HIS KA 250 34.26 -42.70 50.18
CA HIS KA 250 34.55 -43.89 50.96
C HIS KA 250 33.26 -44.56 51.45
N SER KA 251 32.34 -43.78 52.00
CA SER KA 251 31.10 -44.35 52.54
C SER KA 251 30.23 -44.94 51.42
N ASP KA 252 30.11 -44.25 50.29
CA ASP KA 252 29.30 -44.79 49.20
C ASP KA 252 29.85 -46.13 48.69
N ILE KA 253 31.17 -46.20 48.47
CA ILE KA 253 31.74 -47.45 47.97
C ILE KA 253 31.60 -48.57 48.99
N ARG KA 254 31.85 -48.27 50.27
CA ARG KA 254 31.66 -49.28 51.31
C ARG KA 254 30.23 -49.80 51.32
N LYS KA 255 29.25 -48.90 51.17
CA LYS KA 255 27.85 -49.32 51.17
C LYS KA 255 27.55 -50.26 50.02
N VAL KA 256 28.02 -49.91 48.81
CA VAL KA 256 27.76 -50.77 47.66
C VAL KA 256 28.39 -52.15 47.86
N ILE KA 257 29.65 -52.18 48.29
CA ILE KA 257 30.35 -53.45 48.46
C ILE KA 257 29.63 -54.33 49.49
N ILE KA 258 29.22 -53.73 50.61
CA ILE KA 258 28.57 -54.52 51.65
C ILE KA 258 27.21 -55.02 51.18
N ASP KA 259 26.45 -54.19 50.46
CA ASP KA 259 25.08 -54.58 50.13
C ASP KA 259 25.02 -55.61 49.01
N ASP KA 260 25.99 -55.60 48.09
CA ASP KA 260 25.85 -56.44 46.91
C ASP KA 260 26.84 -57.60 46.79
N TYR KA 261 27.93 -57.63 47.58
CA TYR KA 261 28.98 -58.61 47.30
C TYR KA 261 29.46 -59.43 48.50
N ILE KA 262 29.49 -58.89 49.71
CA ILE KA 262 30.09 -59.58 50.84
C ILE KA 262 29.22 -60.79 51.22
N GLY KA 263 29.75 -61.98 50.99
CA GLY KA 263 29.05 -63.21 51.28
C GLY KA 263 28.04 -63.64 50.25
N LYS KA 264 27.87 -62.88 49.16
CA LYS KA 264 26.85 -63.16 48.17
C LYS KA 264 27.38 -63.86 46.92
N VAL KA 265 28.67 -63.73 46.61
CA VAL KA 265 29.24 -64.24 45.37
C VAL KA 265 30.51 -65.03 45.67
N THR KA 266 30.81 -65.97 44.77
CA THR KA 266 32.07 -66.71 44.85
C THR KA 266 33.22 -65.81 44.43
N ASN KA 267 34.42 -66.15 44.89
CA ASN KA 267 35.60 -65.30 44.67
C ASN KA 267 36.41 -65.84 43.50
N SER KA 268 35.91 -65.62 42.28
CA SER KA 268 36.62 -65.98 41.07
C SER KA 268 36.96 -64.70 40.30
N TYR KA 269 37.85 -64.82 39.33
CA TYR KA 269 38.29 -63.66 38.56
C TYR KA 269 37.11 -62.97 37.85
N ASP KA 270 36.15 -63.75 37.36
CA ASP KA 270 35.00 -63.18 36.67
C ASP KA 270 34.17 -62.28 37.60
N ASN KA 271 33.93 -62.74 38.84
CA ASN KA 271 33.18 -61.93 39.79
C ASN KA 271 33.95 -60.68 40.19
N LYS KA 272 35.28 -60.77 40.28
CA LYS KA 272 36.09 -59.58 40.50
C LYS KA 272 35.92 -58.57 39.37
N CYS KA 273 35.84 -59.05 38.12
CA CYS KA 273 35.60 -58.14 36.99
C CYS KA 273 34.24 -57.46 37.10
N LEU KA 274 33.22 -58.21 37.52
CA LEU KA 274 31.90 -57.61 37.74
C LEU KA 274 31.96 -56.50 38.81
N LEU KA 275 32.68 -56.76 39.90
CA LEU KA 275 32.85 -55.75 40.95
C LEU KA 275 33.56 -54.50 40.41
N ILE KA 276 34.60 -54.71 39.60
CA ILE KA 276 35.32 -53.59 38.98
C ILE KA 276 34.36 -52.74 38.15
N VAL KA 277 33.51 -53.39 37.35
CA VAL KA 277 32.58 -52.64 36.50
C VAL KA 277 31.61 -51.82 37.36
N ALA KA 278 31.12 -52.41 38.46
CA ALA KA 278 30.20 -51.67 39.33
C ALA KA 278 30.87 -50.43 39.94
N ILE KA 279 32.11 -50.57 40.41
CA ILE KA 279 32.80 -49.43 41.00
C ILE KA 279 33.06 -48.35 39.95
N LYS KA 280 33.45 -48.77 38.74
CA LYS KA 280 33.69 -47.80 37.67
C LYS KA 280 32.42 -47.02 37.33
N SER KA 281 31.27 -47.70 37.31
CA SER KA 281 30.01 -47.01 37.03
C SER KA 281 29.70 -45.98 38.13
N TYR KA 282 29.97 -46.33 39.39
CA TYR KA 282 29.79 -45.34 40.46
C TYR KA 282 30.68 -44.12 40.23
N LEU KA 283 31.94 -44.33 39.87
CA LEU KA 283 32.84 -43.21 39.63
C LEU KA 283 32.36 -42.35 38.46
N GLU KA 284 31.80 -42.99 37.42
CA GLU KA 284 31.25 -42.23 36.28
C GLU KA 284 30.08 -41.38 36.72
N GLU KA 285 29.20 -41.92 37.57
CA GLU KA 285 28.08 -41.14 38.09
C GLU KA 285 28.58 -39.94 38.89
N LEU KA 286 29.66 -40.13 39.66
CA LEU KA 286 30.25 -38.99 40.35
C LEU KA 286 30.78 -37.95 39.37
N GLU KA 287 31.38 -38.42 38.27
CA GLU KA 287 31.96 -37.51 37.29
C GLU KA 287 30.90 -36.64 36.63
N LYS KA 288 29.74 -37.23 36.30
CA LYS KA 288 28.69 -36.43 35.67
C LYS KA 288 28.16 -35.35 36.61
N SER KA 289 28.19 -35.60 37.92
CA SER KA 289 27.76 -34.61 38.89
C SER KA 289 28.82 -33.55 39.18
N ALA KA 290 29.96 -33.60 38.48
CA ALA KA 290 31.05 -32.61 38.57
C ALA KA 290 31.71 -32.57 39.94
N LEU KA 291 31.55 -33.63 40.74
CA LEU KA 291 32.21 -33.68 42.03
C LEU KA 291 33.69 -34.04 41.89
N ILE KA 292 34.04 -34.84 40.89
CA ILE KA 292 35.43 -35.16 40.56
C ILE KA 292 35.65 -34.91 39.07
N GLU KA 293 36.91 -34.83 38.68
CA GLU KA 293 37.26 -34.62 37.28
C GLU KA 293 37.08 -35.90 36.47
N SER KA 294 37.09 -35.74 35.14
CA SER KA 294 36.82 -36.85 34.24
C SER KA 294 38.02 -37.79 34.11
N ASP KA 295 37.75 -38.96 33.51
CA ASP KA 295 38.78 -39.94 33.13
C ASP KA 295 39.42 -40.61 34.35
N SER KA 296 38.59 -41.05 35.28
CA SER KA 296 39.05 -41.91 36.38
C SER KA 296 39.03 -43.37 35.95
N THR KA 297 39.84 -44.19 36.63
CA THR KA 297 40.02 -45.59 36.27
C THR KA 297 39.95 -46.49 37.50
N VAL KA 298 39.63 -47.77 37.27
CA VAL KA 298 39.66 -48.83 38.27
C VAL KA 298 40.25 -50.08 37.62
N GLU KA 299 41.07 -50.82 38.36
CA GLU KA 299 41.72 -52.01 37.82
C GLU KA 299 42.22 -52.90 38.95
N ILE KA 300 42.73 -54.07 38.57
CA ILE KA 300 43.30 -55.02 39.52
C ILE KA 300 44.67 -54.54 39.98
N ASP KA 301 44.91 -54.58 41.30
CA ASP KA 301 46.20 -54.22 41.87
C ASP KA 301 47.14 -55.41 41.73
N PHE KA 302 47.82 -55.50 40.60
CA PHE KA 302 48.60 -56.67 40.26
C PHE KA 302 49.77 -56.88 41.22
N GLU KA 303 50.42 -55.79 41.64
CA GLU KA 303 51.53 -55.89 42.58
C GLU KA 303 51.10 -56.44 43.94
N ALA KA 304 49.96 -55.98 44.45
CA ALA KA 304 49.47 -56.48 45.74
C ALA KA 304 49.13 -57.97 45.65
N GLN KA 305 48.52 -58.38 44.53
CA GLN KA 305 48.24 -59.79 44.33
C GLN KA 305 49.54 -60.60 44.29
N LYS KA 306 50.56 -60.10 43.60
CA LYS KA 306 51.85 -60.79 43.59
C LYS KA 306 52.45 -60.90 44.98
N SER KA 307 52.38 -59.84 45.79
CA SER KA 307 52.97 -59.89 47.13
C SER KA 307 52.21 -60.88 48.02
N TYR KA 308 50.87 -60.89 47.92
CA TYR KA 308 50.10 -61.87 48.67
C TYR KA 308 50.43 -63.30 48.24
N LEU KA 309 50.55 -63.52 46.93
CA LEU KA 309 50.90 -64.84 46.42
C LEU KA 309 52.29 -65.27 46.90
N LYS KA 310 53.25 -64.34 46.88
CA LYS KA 310 54.58 -64.62 47.44
C LYS KA 310 54.48 -64.99 48.90
N SER KA 311 53.67 -64.25 49.67
CA SER KA 311 53.53 -64.53 51.10
C SER KA 311 52.92 -65.90 51.36
N LYS KA 312 52.08 -66.39 50.44
CA LYS KA 312 51.53 -67.73 50.62
C LYS KA 312 52.47 -68.83 50.16
N GLY KA 313 53.41 -68.55 49.27
CA GLY KA 313 54.43 -69.51 48.89
C GLY KA 313 54.37 -70.06 47.47
N VAL KA 314 53.55 -69.51 46.60
CA VAL KA 314 53.47 -70.00 45.22
C VAL KA 314 54.71 -69.54 44.46
N ASP KA 315 54.93 -70.09 43.26
CA ASP KA 315 56.08 -69.75 42.43
C ASP KA 315 55.70 -68.65 41.45
N LEU KA 316 56.56 -67.65 41.33
CA LEU KA 316 56.34 -66.58 40.35
C LEU KA 316 57.17 -66.77 39.08
N SER KA 317 58.24 -67.55 39.12
CA SER KA 317 58.97 -67.85 37.90
C SER KA 317 58.22 -68.91 37.10
N TYR KA 318 58.26 -68.76 35.77
CA TYR KA 318 57.57 -69.67 34.85
C TYR KA 318 56.05 -69.62 35.04
N MET KA 319 55.55 -68.48 35.48
CA MET KA 319 54.12 -68.21 35.53
C MET KA 319 53.81 -67.04 34.61
N THR KA 320 52.87 -67.23 33.70
CA THR KA 320 52.46 -66.16 32.81
C THR KA 320 51.82 -65.04 33.62
N LEU KA 321 51.90 -63.81 33.08
CA LEU KA 321 51.24 -62.68 33.72
C LEU KA 321 49.73 -62.91 33.81
N GLN KA 322 49.13 -63.47 32.76
CA GLN KA 322 47.72 -63.83 32.82
C GLN KA 322 47.47 -64.84 33.93
N GLU KA 323 48.40 -65.79 34.11
CA GLU KA 323 48.28 -66.77 35.18
C GLU KA 323 48.32 -66.12 36.55
N ILE KA 324 49.20 -65.14 36.75
CA ILE KA 324 49.25 -64.44 38.02
C ILE KA 324 47.97 -63.65 38.26
N LYS KA 325 47.48 -62.97 37.23
CA LYS KA 325 46.34 -62.07 37.38
C LYS KA 325 45.09 -62.83 37.79
N GLU KA 326 44.87 -64.03 37.25
CA GLU KA 326 43.65 -64.79 37.45
C GLU KA 326 43.77 -65.83 38.57
N ALA KA 327 44.83 -65.78 39.37
CA ALA KA 327 45.05 -66.79 40.39
C ALA KA 327 44.05 -66.69 41.52
N ASN KA 328 43.79 -67.82 42.18
CA ASN KA 328 42.90 -67.88 43.32
C ASN KA 328 43.54 -67.19 44.52
N THR KA 329 42.75 -66.43 45.28
CA THR KA 329 43.21 -65.66 46.42
C THR KA 329 42.31 -65.85 47.64
N GLY KA 330 41.74 -67.04 47.79
CA GLY KA 330 40.94 -67.33 48.97
C GLY KA 330 39.73 -66.41 49.06
N SER KA 331 39.77 -65.47 50.00
CA SER KA 331 38.68 -64.53 50.23
C SER KA 331 39.07 -63.08 49.97
N LYS KA 332 40.27 -62.82 49.46
CA LYS KA 332 40.79 -61.46 49.30
C LYS KA 332 40.60 -60.96 47.87
N VAL KA 333 40.37 -59.65 47.75
CA VAL KA 333 40.29 -58.95 46.46
C VAL KA 333 41.17 -57.71 46.53
N PHE KA 334 42.10 -57.57 45.58
CA PHE KA 334 43.01 -56.44 45.54
C PHE KA 334 42.70 -55.56 44.33
N LEU KA 335 42.45 -54.29 44.58
CA LEU KA 335 42.04 -53.34 43.54
C LEU KA 335 42.75 -52.00 43.75
N LYS KA 336 42.78 -51.20 42.69
CA LYS KA 336 43.33 -49.84 42.75
C LYS KA 336 42.60 -48.95 41.76
N ALA KA 337 42.65 -47.64 42.01
CA ALA KA 337 41.91 -46.66 41.25
C ALA KA 337 42.63 -45.32 41.28
N LYS KA 338 42.18 -44.38 40.46
CA LYS KA 338 42.79 -43.05 40.39
C LYS KA 338 41.72 -42.02 40.08
N ILE KA 339 41.73 -40.91 40.84
CA ILE KA 339 40.76 -39.84 40.70
C ILE KA 339 41.46 -38.49 40.81
N LYS KA 340 40.74 -37.43 40.47
CA LYS KA 340 41.23 -36.05 40.59
C LYS KA 340 40.17 -35.17 41.20
N VAL KA 341 40.59 -34.28 42.11
CA VAL KA 341 39.71 -33.33 42.79
C VAL KA 341 40.28 -31.93 42.62
N LEU KA 342 39.40 -30.95 42.43
CA LEU KA 342 39.80 -29.57 42.21
C LEU KA 342 39.51 -28.70 43.43
N ASP KA 343 40.22 -27.59 43.53
CA ASP KA 343 40.08 -26.66 44.64
C ASP KA 343 39.05 -25.59 44.29
N ALA KA 344 38.58 -24.91 45.33
CA ALA KA 344 37.62 -23.82 45.17
C ALA KA 344 38.36 -22.48 45.02
N MET KA 345 37.59 -21.43 44.71
CA MET KA 345 38.10 -20.08 44.55
C MET KA 345 38.17 -19.41 45.93
N GLU KA 346 39.38 -19.08 46.39
CA GLU KA 346 39.54 -18.36 47.66
C GLU KA 346 40.56 -17.22 47.63
N ASP KA 347 41.36 -17.10 46.57
CA ASP KA 347 42.24 -15.95 46.42
C ASP KA 347 42.06 -15.27 45.07
N ILE KA 348 41.91 -13.94 45.10
CA ILE KA 348 41.65 -13.14 43.90
C ILE KA 348 42.59 -11.93 43.89
N ASP KA 349 43.20 -11.66 42.74
CA ASP KA 349 43.98 -10.45 42.51
C ASP KA 349 43.41 -9.71 41.31
N LEU KA 350 43.01 -8.45 41.53
CA LEU KA 350 42.50 -7.60 40.46
C LEU KA 350 43.26 -6.28 40.45
N SER KA 351 44.00 -6.04 39.38
CA SER KA 351 44.84 -4.85 39.24
C SER KA 351 44.13 -3.85 38.31
N ILE KA 352 43.72 -2.72 38.86
CA ILE KA 352 42.93 -1.72 38.13
C ILE KA 352 43.84 -0.56 37.77
N GLU KA 353 43.87 -0.23 36.49
CA GLU KA 353 44.66 0.88 35.96
C GLU KA 353 43.72 2.06 35.70
N ILE KA 354 44.07 3.22 36.24
CA ILE KA 354 43.19 4.38 36.15
C ILE KA 354 43.76 5.40 35.16
N ASN LA 3 56.26 -65.92 14.26
CA ASN LA 3 55.42 -65.28 15.27
C ASN LA 3 53.94 -65.45 14.96
N MET LA 4 53.53 -65.18 13.72
CA MET LA 4 52.18 -65.49 13.30
C MET LA 4 52.02 -66.98 13.02
N GLU LA 5 51.14 -67.62 13.77
CA GLU LA 5 50.84 -69.04 13.63
C GLU LA 5 49.34 -69.21 13.50
N ALA LA 6 48.92 -70.24 12.76
CA ALA LA 6 47.51 -70.52 12.59
C ALA LA 6 46.81 -70.80 13.91
N ARG LA 7 47.48 -71.42 14.87
CA ARG LA 7 46.87 -71.70 16.16
C ARG LA 7 46.50 -70.44 16.94
N ASN LA 8 47.15 -69.31 16.64
CA ASN LA 8 46.89 -68.07 17.37
C ASN LA 8 45.53 -67.46 17.07
N VAL LA 9 44.87 -67.84 15.97
CA VAL LA 9 43.60 -67.23 15.61
C VAL LA 9 42.53 -67.62 16.62
N MET LA 10 41.75 -66.64 17.06
CA MET LA 10 40.80 -66.86 18.14
C MET LA 10 39.55 -67.57 17.65
N SER LA 11 39.25 -68.72 18.25
CA SER LA 11 38.04 -69.48 17.95
C SER LA 11 36.86 -68.94 18.74
N GLY LA 12 35.72 -68.81 18.07
CA GLY LA 12 34.51 -68.32 18.70
C GLY LA 12 33.83 -69.28 19.67
N THR LA 13 34.21 -70.56 19.66
CA THR LA 13 33.70 -71.50 20.66
C THR LA 13 34.14 -71.12 22.07
N TRP LA 14 35.23 -70.38 22.23
CA TRP LA 14 35.76 -70.00 23.54
C TRP LA 14 35.23 -68.64 24.01
N GLY LA 15 34.04 -68.23 23.57
CA GLY LA 15 33.42 -67.00 24.02
C GLY LA 15 32.48 -67.21 25.19
N GLU LA 16 32.39 -66.20 26.06
CA GLU LA 16 31.49 -66.21 27.21
C GLU LA 16 30.84 -64.84 27.36
N LEU LA 17 29.63 -64.81 27.90
CA LEU LA 17 28.84 -63.59 27.98
C LEU LA 17 28.12 -63.48 29.32
N TRP LA 18 28.16 -62.27 29.91
CA TRP LA 18 27.36 -61.91 31.07
C TRP LA 18 26.39 -60.80 30.66
N LEU LA 19 25.14 -60.93 31.06
CA LEU LA 19 24.12 -59.92 30.78
C LEU LA 19 23.42 -59.53 32.08
N ASP LA 20 23.51 -58.25 32.44
CA ASP LA 20 22.87 -57.73 33.66
C ASP LA 20 23.37 -58.47 34.90
N GLY LA 21 24.66 -58.83 34.89
CA GLY LA 21 25.28 -59.54 36.00
C GLY LA 21 25.08 -61.04 36.02
N ASN LA 22 24.33 -61.62 35.09
CA ASN LA 22 24.03 -63.04 35.08
C ASN LA 22 24.65 -63.71 33.86
N LYS LA 23 25.21 -64.89 34.06
CA LYS LA 23 25.83 -65.65 32.98
C LYS LA 23 24.79 -66.14 31.98
N VAL LA 24 25.17 -66.14 30.71
CA VAL LA 24 24.30 -66.58 29.63
C VAL LA 24 24.92 -67.81 28.97
N ALA LA 25 24.58 -69.00 29.47
CA ALA LA 25 25.21 -70.22 29.00
C ALA LA 25 24.75 -70.64 27.61
N GLU LA 26 23.63 -70.12 27.12
CA GLU LA 26 23.02 -70.59 25.88
C GLU LA 26 23.35 -69.64 24.73
N VAL LA 27 24.44 -68.89 24.85
CA VAL LA 27 24.81 -67.86 23.89
C VAL LA 27 25.39 -68.52 22.64
N LYS LA 28 24.96 -68.04 21.47
CA LYS LA 28 25.45 -68.51 20.17
C LYS LA 28 26.43 -67.54 19.53
N LYS LA 29 26.15 -66.23 19.59
CA LYS LA 29 27.06 -65.24 19.01
C LYS LA 29 26.83 -63.90 19.69
N PHE LA 30 27.84 -63.02 19.59
CA PHE LA 30 27.80 -61.69 20.18
C PHE LA 30 28.57 -60.71 19.30
N GLN LA 31 27.98 -59.54 19.09
CA GLN LA 31 28.51 -58.54 18.17
C GLN LA 31 28.33 -57.15 18.77
N ALA LA 32 29.36 -56.30 18.65
CA ALA LA 32 29.27 -54.91 19.06
C ALA LA 32 30.26 -54.09 18.25
N LYS LA 33 29.79 -53.00 17.65
CA LYS LA 33 30.59 -52.21 16.72
C LYS LA 33 30.19 -50.74 16.78
N MET LA 34 31.18 -49.86 16.71
CA MET LA 34 30.98 -48.41 16.66
C MET LA 34 31.11 -47.91 15.23
N GLU LA 35 30.03 -47.35 14.69
CA GLU LA 35 29.99 -46.82 13.33
C GLU LA 35 30.17 -45.31 13.36
N PHE LA 36 31.21 -44.82 12.70
CA PHE LA 36 31.54 -43.39 12.77
C PHE LA 36 30.66 -42.58 11.82
N THR LA 37 30.35 -41.36 12.24
CA THR LA 37 29.64 -40.39 11.41
C THR LA 37 30.67 -39.43 10.81
N LYS LA 38 30.71 -39.35 9.48
CA LYS LA 38 31.70 -38.56 8.74
C LYS LA 38 31.00 -37.69 7.70
N GLU LA 39 31.52 -36.48 7.51
CA GLU LA 39 31.00 -35.54 6.51
C GLU LA 39 32.10 -35.17 5.53
N ASP LA 40 31.77 -35.16 4.24
CA ASP LA 40 32.72 -34.78 3.20
C ASP LA 40 33.03 -33.29 3.26
N ILE LA 41 34.30 -32.94 3.04
CA ILE LA 41 34.73 -31.55 2.95
C ILE LA 41 35.66 -31.41 1.75
N ILE LA 42 35.27 -30.59 0.78
CA ILE LA 42 36.09 -30.26 -0.39
C ILE LA 42 36.93 -29.04 -0.06
N ILE LA 43 38.24 -29.15 -0.19
CA ILE LA 43 39.17 -28.05 0.05
C ILE LA 43 39.57 -27.42 -1.27
N ALA LA 44 39.47 -26.09 -1.35
CA ALA LA 44 39.85 -25.38 -2.57
C ALA LA 44 41.30 -25.67 -2.92
N GLY LA 45 41.53 -26.06 -4.17
CA GLY LA 45 42.85 -26.38 -4.66
C GLY LA 45 43.29 -27.83 -4.47
N GLN LA 46 42.45 -28.68 -3.88
CA GLN LA 46 42.78 -30.06 -3.61
C GLN LA 46 41.81 -30.99 -4.34
N MET LA 47 42.35 -31.94 -5.11
CA MET LA 47 41.51 -32.84 -5.88
C MET LA 47 40.86 -33.92 -5.02
N GLY LA 48 41.56 -34.43 -4.01
CA GLY LA 48 41.01 -35.47 -3.16
C GLY LA 48 40.12 -34.98 -2.03
N THR LA 49 38.85 -35.36 -2.03
CA THR LA 49 37.92 -34.91 -1.00
C THR LA 49 38.25 -35.57 0.34
N ASP LA 50 38.28 -34.75 1.40
CA ASP LA 50 38.58 -35.16 2.77
C ASP LA 50 37.30 -35.28 3.59
N THR LA 51 37.43 -35.68 4.86
CA THR LA 51 36.27 -35.87 5.74
C THR LA 51 36.54 -35.32 7.14
N LYS LA 52 35.46 -35.02 7.85
CA LYS LA 52 35.50 -34.58 9.25
C LYS LA 52 34.73 -35.57 10.12
N TYR LA 53 35.39 -36.06 11.16
CA TYR LA 53 34.76 -36.98 12.11
C TYR LA 53 33.83 -36.22 13.04
N MET LA 54 32.58 -36.68 13.16
CA MET LA 54 31.58 -36.00 13.97
C MET LA 54 31.03 -36.81 15.14
N GLY LA 55 31.26 -38.11 15.21
CA GLY LA 55 30.72 -38.91 16.30
C GLY LA 55 30.57 -40.36 15.87
N TYR LA 56 29.86 -41.12 16.71
CA TYR LA 56 29.68 -42.54 16.45
C TYR LA 56 28.32 -43.02 16.98
N LYS LA 57 27.84 -44.11 16.39
CA LYS LA 57 26.64 -44.81 16.80
C LYS LA 57 26.98 -46.27 17.07
N GLY LA 58 26.72 -46.72 18.29
CA GLY LA 58 27.03 -48.10 18.69
C GLY LA 58 25.88 -49.04 18.37
N LYS LA 59 26.21 -50.13 17.66
CA LYS LA 59 25.23 -51.12 17.25
C LYS LA 59 25.75 -52.52 17.54
N GLY LA 60 24.84 -53.43 17.88
CA GLY LA 60 25.22 -54.78 18.22
C GLY LA 60 24.07 -55.76 18.12
N SER LA 61 24.37 -57.02 18.43
CA SER LA 61 23.36 -58.07 18.40
C SER LA 61 23.83 -59.26 19.23
N ILE LA 62 22.85 -59.98 19.78
CA ILE LA 62 23.08 -61.23 20.51
C ILE LA 62 22.18 -62.30 19.88
N THR LA 63 22.68 -63.53 19.80
CA THR LA 63 21.88 -64.67 19.37
C THR LA 63 21.96 -65.76 20.44
N LEU LA 64 20.81 -66.37 20.74
CA LEU LA 64 20.67 -67.33 21.83
C LEU LA 64 19.96 -68.57 21.34
N TYR LA 65 20.36 -69.73 21.85
CA TYR LA 65 19.51 -70.91 21.79
C TYR LA 65 18.32 -70.71 22.73
N HIS LA 66 17.12 -71.09 22.27
CA HIS LA 66 15.89 -70.87 23.04
C HIS LA 66 15.74 -71.97 24.07
N VAL LA 67 16.04 -71.66 25.33
CA VAL LA 67 15.93 -72.62 26.43
C VAL LA 67 15.03 -72.07 27.54
N SER LA 68 14.84 -70.75 27.58
CA SER LA 68 14.07 -70.12 28.65
C SER LA 68 13.50 -68.79 28.16
N SER LA 69 12.78 -68.10 29.04
CA SER LA 69 12.16 -66.81 28.74
C SER LA 69 12.99 -65.64 29.30
N ARG LA 70 14.27 -65.60 28.92
CA ARG LA 70 15.18 -64.61 29.51
C ARG LA 70 14.79 -63.19 29.12
N MET LA 71 14.62 -62.92 27.83
CA MET LA 71 14.34 -61.56 27.38
C MET LA 71 12.94 -61.10 27.79
N HIS LA 72 11.97 -62.02 27.80
CA HIS LA 72 10.64 -61.68 28.30
C HIS LA 72 10.74 -61.11 29.71
N LYS LA 73 11.42 -61.84 30.60
CA LYS LA 73 11.55 -61.39 31.98
C LYS LA 73 12.34 -60.11 32.09
N LEU LA 74 13.31 -59.90 31.21
CA LEU LA 74 14.13 -58.68 31.32
C LEU LA 74 13.32 -57.43 30.94
N ILE LA 75 12.54 -57.48 29.86
CA ILE LA 75 12.02 -56.20 29.36
C ILE LA 75 10.50 -56.10 29.12
N GLY LA 76 9.77 -57.22 29.16
CA GLY LA 76 8.41 -57.23 28.65
C GLY LA 76 7.48 -56.27 29.39
N GLU LA 77 7.31 -56.49 30.69
CA GLU LA 77 6.35 -55.69 31.44
C GLU LA 77 6.74 -54.22 31.48
N LYS LA 78 8.03 -53.93 31.59
CA LYS LA 78 8.49 -52.54 31.66
C LYS LA 78 8.24 -51.80 30.35
N ILE LA 79 8.46 -52.45 29.20
CA ILE LA 79 8.30 -51.78 27.92
C ILE LA 79 6.85 -51.31 27.73
N LYS LA 80 5.88 -52.15 28.12
CA LYS LA 80 4.48 -51.79 27.94
C LYS LA 80 4.09 -50.56 28.77
N ARG LA 81 4.65 -50.42 29.97
CA ARG LA 81 4.32 -49.29 30.82
C ARG LA 81 5.06 -48.01 30.45
N GLY LA 82 6.04 -48.07 29.56
CA GLY LA 82 6.75 -46.89 29.14
C GLY LA 82 8.06 -46.59 29.83
N SER LA 83 8.57 -47.48 30.67
CA SER LA 83 9.86 -47.32 31.33
C SER LA 83 10.88 -48.21 30.65
N GLU LA 84 11.82 -47.60 29.92
CA GLU LA 84 12.82 -48.35 29.15
C GLU LA 84 14.02 -48.69 30.03
N PRO LA 85 14.35 -49.97 30.21
CA PRO LA 85 15.53 -50.34 30.99
C PRO LA 85 16.81 -50.32 30.14
N ARG LA 86 17.93 -50.14 30.83
CA ARG LA 86 19.26 -50.17 30.22
C ARG LA 86 20.13 -51.19 30.94
N PHE LA 87 21.08 -51.77 30.22
CA PHE LA 87 21.83 -52.94 30.70
C PHE LA 87 23.32 -52.78 30.45
N VAL LA 88 24.09 -53.66 31.07
CA VAL LA 88 25.53 -53.78 30.90
C VAL LA 88 25.85 -55.23 30.52
N ALA LA 89 26.64 -55.40 29.47
CA ALA LA 89 27.07 -56.73 29.03
C ALA LA 89 28.59 -56.82 29.06
N ILE LA 90 29.10 -57.99 29.44
CA ILE LA 90 30.53 -58.26 29.44
C ILE LA 90 30.81 -59.47 28.55
N SER LA 91 31.69 -59.29 27.57
CA SER LA 91 32.06 -60.36 26.66
C SER LA 91 33.52 -60.74 26.86
N LYS LA 92 33.79 -62.03 26.91
CA LYS LA 92 35.12 -62.57 27.15
C LYS LA 92 35.46 -63.59 26.08
N LEU LA 93 36.63 -63.44 25.46
CA LEU LA 93 37.13 -64.38 24.46
C LEU LA 93 38.49 -64.88 24.95
N ASN LA 94 38.56 -66.15 25.37
CA ASN LA 94 39.78 -66.72 25.96
C ASN LA 94 40.10 -68.07 25.30
N ASP LA 95 40.75 -68.02 24.15
CA ASP LA 95 41.22 -69.21 23.47
C ASP LA 95 42.53 -69.67 24.11
N PRO LA 96 42.63 -70.91 24.58
CA PRO LA 96 43.87 -71.36 25.22
C PRO LA 96 45.10 -71.31 24.32
N ASP LA 97 44.93 -71.39 23.00
CA ASP LA 97 46.06 -71.35 22.08
C ASP LA 97 46.41 -69.95 21.59
N SER LA 98 45.75 -68.90 22.11
CA SER LA 98 46.04 -67.53 21.70
C SER LA 98 46.99 -66.86 22.70
N TYR LA 99 47.35 -65.61 22.42
CA TYR LA 99 48.25 -64.85 23.30
C TYR LA 99 47.63 -64.64 24.67
N GLY LA 100 46.36 -64.30 24.72
CA GLY LA 100 45.70 -64.01 25.97
C GLY LA 100 44.22 -63.76 25.80
N ALA LA 101 43.61 -63.17 26.82
CA ALA LA 101 42.18 -62.95 26.84
C ALA LA 101 41.84 -61.53 26.40
N GLU LA 102 40.65 -61.38 25.83
CA GLU LA 102 40.08 -60.08 25.47
C GLU LA 102 38.71 -59.98 26.14
N ARG LA 103 38.58 -59.07 27.11
CA ARG LA 103 37.34 -58.89 27.88
C ARG LA 103 36.89 -57.44 27.76
N ILE LA 104 35.64 -57.23 27.39
CA ILE LA 104 35.11 -55.88 27.16
C ILE LA 104 33.73 -55.75 27.77
N ALA LA 105 33.49 -54.61 28.41
CA ALA LA 105 32.18 -54.26 28.94
C ALA LA 105 31.49 -53.28 28.00
N VAL LA 106 30.25 -53.60 27.63
CA VAL LA 106 29.42 -52.76 26.76
C VAL LA 106 28.27 -52.22 27.60
N LYS LA 107 28.15 -50.90 27.66
CA LYS LA 107 27.28 -50.25 28.65
C LYS LA 107 26.20 -49.39 27.99
N ASN LA 108 25.18 -49.06 28.79
CA ASN LA 108 24.01 -48.30 28.34
C ASN LA 108 23.35 -48.96 27.13
N ILE LA 109 23.09 -50.27 27.25
CA ILE LA 109 22.51 -51.07 26.18
C ILE LA 109 20.99 -50.92 26.20
N ALA LA 110 20.42 -50.62 25.04
CA ALA LA 110 18.98 -50.60 24.82
C ALA LA 110 18.62 -51.56 23.70
N PHE LA 111 17.77 -52.53 24.00
CA PHE LA 111 17.38 -53.53 23.01
C PHE LA 111 16.40 -52.96 21.98
N ASP LA 112 16.43 -53.53 20.78
CA ASP LA 112 15.68 -53.00 19.65
C ASP LA 112 14.28 -53.59 19.53
N ASP LA 113 14.04 -54.79 20.06
CA ASP LA 113 12.74 -55.44 19.92
C ASP LA 113 12.58 -56.48 21.03
N LEU LA 114 11.48 -57.22 20.97
CA LEU LA 114 11.23 -58.37 21.86
C LEU LA 114 10.45 -59.43 21.10
N THR LA 115 11.01 -60.64 21.03
CA THR LA 115 10.35 -61.76 20.37
C THR LA 115 9.50 -62.51 21.39
N LEU LA 116 8.19 -62.53 21.17
CA LEU LA 116 7.27 -63.30 22.02
C LEU LA 116 7.24 -64.77 21.63
N ALA LA 117 7.14 -65.07 20.33
CA ALA LA 117 7.18 -66.45 19.86
C ALA LA 117 7.73 -66.46 18.43
N ASP LA 118 8.53 -67.48 18.12
CA ASP LA 118 8.94 -67.74 16.74
C ASP LA 118 9.30 -69.22 16.63
N TRP LA 119 8.32 -70.05 16.25
CA TRP LA 119 8.56 -71.48 16.14
C TRP LA 119 7.98 -72.03 14.83
N GLU LA 120 8.61 -73.09 14.33
CA GLU LA 120 8.21 -73.79 13.12
C GLU LA 120 8.44 -75.29 13.31
N VAL LA 121 7.49 -76.10 12.84
CA VAL LA 121 7.58 -77.54 13.01
C VAL LA 121 8.85 -78.06 12.34
N GLY LA 122 9.59 -78.90 13.05
CA GLY LA 122 10.83 -79.45 12.53
C GLY LA 122 12.04 -78.54 12.57
N VAL LA 123 11.98 -77.44 13.32
CA VAL LA 123 13.07 -76.48 13.41
C VAL LA 123 13.38 -76.21 14.89
N LYS LA 124 14.67 -76.20 15.24
CA LYS LA 124 15.07 -75.86 16.59
C LYS LA 124 14.95 -74.36 16.83
N GLY LA 125 14.66 -73.98 18.08
CA GLY LA 125 14.38 -72.59 18.42
C GLY LA 125 15.63 -71.75 18.64
N GLU LA 126 15.60 -70.53 18.09
CA GLU LA 126 16.67 -69.56 18.28
C GLU LA 126 16.05 -68.17 18.41
N ILE LA 127 16.77 -67.27 19.09
CA ILE LA 127 16.32 -65.89 19.32
C ILE LA 127 17.43 -64.93 18.86
N GLU LA 128 17.05 -63.93 18.06
CA GLU LA 128 17.97 -62.91 17.59
C GLU LA 128 17.58 -61.56 18.19
N ALA LA 129 18.49 -60.91 18.90
CA ALA LA 129 18.17 -59.70 19.66
C ALA LA 129 19.14 -58.54 19.37
N PRO LA 130 18.79 -57.66 18.43
CA PRO LA 130 19.64 -56.49 18.17
C PRO LA 130 19.52 -55.43 19.26
N PHE LA 131 20.55 -54.59 19.36
CA PHE LA 131 20.56 -53.53 20.38
C PHE LA 131 21.44 -52.37 19.92
N THR LA 132 21.40 -51.29 20.71
CA THR LA 132 22.28 -50.13 20.58
C THR LA 132 22.95 -49.86 21.94
N PHE LA 133 24.03 -49.06 21.92
CA PHE LA 133 24.80 -48.78 23.13
C PHE LA 133 25.60 -47.49 22.93
N THR LA 134 26.12 -46.93 24.05
CA THR LA 134 26.88 -45.69 23.93
C THR LA 134 28.28 -45.73 24.55
N GLU LA 135 28.55 -46.64 25.48
CA GLU LA 135 29.82 -46.64 26.19
C GLU LA 135 30.43 -48.04 26.25
N TYR LA 136 31.75 -48.08 26.51
CA TYR LA 136 32.48 -49.34 26.65
C TYR LA 136 33.72 -49.11 27.51
N ASP LA 137 34.28 -50.23 28.00
CA ASP LA 137 35.52 -50.21 28.76
C ASP LA 137 36.35 -51.46 28.44
N PHE LA 138 37.67 -51.28 28.39
CA PHE LA 138 38.61 -52.34 28.09
C PHE LA 138 39.10 -52.95 29.40
N LEU LA 139 38.84 -54.25 29.59
CA LEU LA 139 39.41 -55.01 30.69
C LEU LA 139 40.16 -56.19 30.09
N ASP LA 140 41.49 -56.23 30.25
CA ASP LA 140 42.30 -57.31 29.64
C ASP LA 140 42.25 -57.27 28.11
N ILE LA 141 42.93 -56.29 27.54
CA ILE LA 141 43.21 -56.29 26.11
C ILE LA 141 44.52 -57.03 25.83
N ILE LA 142 44.74 -57.37 24.55
CA ILE LA 142 45.98 -58.01 24.14
C ILE LA 142 46.91 -57.00 23.47
N ILE MA 3 49.32 -22.35 54.00
CA ILE MA 3 48.59 -21.83 52.85
C ILE MA 3 48.17 -20.38 53.07
N GLY MA 4 48.36 -19.89 54.29
CA GLY MA 4 48.08 -18.50 54.59
C GLY MA 4 46.60 -18.17 54.60
N LEU MA 5 46.31 -16.89 54.87
CA LEU MA 5 44.94 -16.39 54.85
C LEU MA 5 44.51 -16.06 53.42
N PRO MA 6 43.21 -16.06 53.15
CA PRO MA 6 42.74 -15.66 51.82
C PRO MA 6 43.14 -14.23 51.49
N SER MA 7 43.53 -14.01 50.24
CA SER MA 7 44.03 -12.72 49.79
C SER MA 7 43.09 -12.19 48.72
N ILE MA 8 42.29 -11.19 49.08
CA ILE MA 8 41.47 -10.44 48.13
C ILE MA 8 42.01 -9.03 48.08
N ASN MA 9 42.80 -8.72 47.07
CA ASN MA 9 43.39 -7.39 46.96
C ASN MA 9 43.04 -6.78 45.62
N ILE MA 10 42.31 -5.67 45.67
CA ILE MA 10 41.98 -4.85 44.51
C ILE MA 10 42.80 -3.58 44.64
N SER MA 11 43.70 -3.36 43.69
CA SER MA 11 44.65 -2.27 43.75
C SER MA 11 44.40 -1.29 42.61
N PHE MA 12 44.70 -0.02 42.86
CA PHE MA 12 44.60 1.04 41.87
C PHE MA 12 45.99 1.62 41.61
N LYS MA 13 46.26 1.94 40.34
CA LYS MA 13 47.62 2.26 39.91
C LYS MA 13 47.56 3.06 38.62
N GLU MA 14 48.63 3.80 38.35
CA GLU MA 14 48.73 4.64 37.16
C GLU MA 14 48.98 3.80 35.91
N LEU MA 15 48.83 4.45 34.75
CA LEU MA 15 48.90 3.76 33.47
C LEU MA 15 50.30 3.23 33.18
N ALA MA 16 50.39 2.15 32.39
CA ALA MA 16 51.64 1.48 32.08
C ALA MA 16 51.66 0.97 30.64
N THR MA 17 52.86 0.71 30.13
CA THR MA 17 53.06 0.29 28.74
C THR MA 17 53.34 -1.21 28.63
N THR MA 18 53.47 -1.67 27.38
CA THR MA 18 53.72 -3.07 27.04
C THR MA 18 54.82 -3.18 26.00
N VAL MA 19 55.72 -4.15 26.20
CA VAL MA 19 56.83 -4.42 25.29
C VAL MA 19 56.42 -5.36 24.16
N LYS MA 20 57.27 -5.47 23.14
CA LYS MA 20 56.98 -6.33 21.99
C LYS MA 20 56.99 -7.80 22.37
N GLU MA 21 56.13 -8.58 21.70
CA GLU MA 21 56.09 -10.02 21.89
C GLU MA 21 57.38 -10.65 21.38
N ARG MA 22 57.72 -11.82 21.93
CA ARG MA 22 59.01 -12.42 21.64
C ARG MA 22 58.94 -13.46 20.52
N SER MA 23 60.11 -13.75 19.96
CA SER MA 23 60.26 -14.71 18.88
C SER MA 23 61.08 -15.92 19.36
N ALA MA 24 60.65 -17.11 18.93
CA ALA MA 24 61.43 -18.31 19.23
C ALA MA 24 62.46 -18.59 18.14
N ARG MA 25 62.73 -17.62 17.29
CA ARG MA 25 63.73 -17.77 16.23
C ARG MA 25 64.92 -16.83 16.44
N GLY MA 26 66.11 -17.40 16.44
CA GLY MA 26 67.33 -16.62 16.48
C GLY MA 26 68.22 -16.85 17.69
N ILE MA 27 69.38 -17.46 17.48
CA ILE MA 27 70.37 -17.67 18.54
C ILE MA 27 71.73 -17.21 18.02
N ILE MA 28 72.37 -16.30 18.76
CA ILE MA 28 73.66 -15.75 18.39
C ILE MA 28 74.67 -16.06 19.48
N ALA MA 29 75.86 -16.50 19.07
CA ALA MA 29 76.99 -16.67 19.96
C ALA MA 29 77.95 -15.49 19.79
N MET MA 30 78.17 -14.74 20.86
CA MET MA 30 79.06 -13.59 20.85
C MET MA 30 80.15 -13.82 21.87
N VAL MA 31 81.41 -13.73 21.43
CA VAL MA 31 82.55 -13.97 22.29
C VAL MA 31 83.31 -12.65 22.47
N LEU MA 32 83.64 -12.33 23.70
CA LEU MA 32 84.29 -11.07 24.02
C LEU MA 32 85.29 -11.28 25.13
N LYS MA 33 86.40 -10.56 25.05
CA LYS MA 33 87.46 -10.62 26.05
C LYS MA 33 87.17 -9.63 27.15
N ASP MA 34 87.20 -10.10 28.40
CA ASP MA 34 87.04 -9.26 29.57
C ASP MA 34 88.08 -9.64 30.61
N ALA MA 35 88.38 -8.69 31.50
CA ALA MA 35 89.35 -8.96 32.56
C ALA MA 35 88.67 -9.47 33.83
N LYS MA 36 87.34 -9.63 33.81
CA LYS MA 36 86.61 -10.08 35.00
C LYS MA 36 85.45 -10.97 34.58
N ALA MA 37 85.16 -11.97 35.44
CA ALA MA 37 83.98 -12.83 35.30
C ALA MA 37 84.04 -13.67 34.01
N LEU MA 38 85.16 -14.35 33.80
CA LEU MA 38 85.31 -15.22 32.65
C LEU MA 38 84.36 -16.41 32.76
N GLY MA 39 83.94 -16.92 31.61
CA GLY MA 39 83.12 -18.11 31.56
C GLY MA 39 82.06 -17.99 30.49
N LEU MA 40 81.01 -18.80 30.66
CA LEU MA 40 79.88 -18.85 29.73
C LEU MA 40 78.68 -18.19 30.39
N ASN MA 41 78.12 -17.19 29.71
CA ASN MA 41 76.96 -16.46 30.21
C ASN MA 41 75.86 -16.46 29.16
N GLU MA 42 74.73 -17.06 29.50
CA GLU MA 42 73.55 -17.04 28.64
C GLU MA 42 72.73 -15.82 29.03
N ILE MA 43 72.31 -15.05 28.03
CA ILE MA 43 71.58 -13.81 28.25
C ILE MA 43 70.21 -13.92 27.61
N HIS MA 44 69.18 -13.62 28.40
CA HIS MA 44 67.82 -13.73 27.91
C HIS MA 44 67.27 -12.37 27.49
N GLU MA 45 67.70 -11.30 28.17
CA GLU MA 45 67.20 -9.97 27.87
C GLU MA 45 68.21 -8.92 28.32
N LYS MA 46 68.04 -7.70 27.78
CA LYS MA 46 68.93 -6.59 28.08
C LYS MA 46 68.66 -5.97 29.44
N GLU MA 47 67.48 -6.19 30.00
CA GLU MA 47 67.19 -5.69 31.34
C GLU MA 47 68.04 -6.43 32.37
N ASP MA 48 68.40 -7.68 32.06
CA ASP MA 48 69.16 -8.52 32.99
C ASP MA 48 70.50 -8.90 32.35
N ILE MA 49 71.49 -8.03 32.51
CA ILE MA 49 72.87 -8.31 32.11
C ILE MA 49 73.72 -8.24 33.38
N PRO MA 50 74.56 -9.23 33.66
CA PRO MA 50 75.35 -9.20 34.91
C PRO MA 50 76.25 -7.97 34.99
N VAL MA 51 76.38 -7.43 36.21
CA VAL MA 51 77.01 -6.14 36.43
C VAL MA 51 78.53 -6.13 36.28
N ASP MA 52 79.14 -7.27 35.95
CA ASP MA 52 80.60 -7.32 35.92
C ASP MA 52 81.18 -6.71 34.65
N LEU MA 53 80.48 -6.83 33.52
CA LEU MA 53 81.06 -6.43 32.25
C LEU MA 53 81.22 -4.92 32.17
N SER MA 54 82.21 -4.49 31.39
CA SER MA 54 82.47 -3.07 31.18
C SER MA 54 81.31 -2.42 30.45
N ALA MA 55 81.23 -1.09 30.55
CA ALA MA 55 80.19 -0.36 29.82
C ALA MA 55 80.34 -0.56 28.32
N GLU MA 56 81.59 -0.59 27.84
CA GLU MA 56 81.85 -0.79 26.42
C GLU MA 56 81.36 -2.17 25.97
N ASN MA 57 81.61 -3.21 26.76
CA ASN MA 57 81.10 -4.53 26.41
C ASN MA 57 79.62 -4.66 26.72
N LYS MA 58 79.12 -3.92 27.72
CA LYS MA 58 77.69 -3.95 28.04
C LYS MA 58 76.87 -3.43 26.88
N GLU MA 59 77.33 -2.35 26.23
CA GLU MA 59 76.56 -1.75 25.15
C GLU MA 59 76.57 -2.63 23.90
N TYR MA 60 77.58 -3.47 23.75
CA TYR MA 60 77.62 -4.42 22.63
C TYR MA 60 76.48 -5.42 22.71
N ILE MA 61 76.17 -5.91 23.92
CA ILE MA 61 75.07 -6.84 24.08
C ILE MA 61 73.76 -6.18 23.68
N ASN MA 62 73.54 -4.95 24.16
CA ASN MA 62 72.35 -4.20 23.79
C ASN MA 62 72.28 -3.94 22.29
N LEU MA 63 73.44 -3.73 21.65
CA LEU MA 63 73.48 -3.56 20.20
C LEU MA 63 73.07 -4.82 19.47
N ALA MA 64 73.59 -5.98 19.92
CA ALA MA 64 73.37 -7.23 19.20
C ALA MA 64 72.03 -7.86 19.52
N LEU MA 65 71.36 -7.40 20.58
CA LEU MA 65 70.13 -8.03 21.03
C LEU MA 65 68.89 -7.46 20.37
N MET MA 66 69.02 -6.39 19.58
CA MET MA 66 67.88 -5.82 18.87
C MET MA 66 67.94 -6.25 17.41
N GLY MA 67 66.84 -6.83 16.93
CA GLY MA 67 66.75 -7.25 15.54
C GLY MA 67 65.53 -6.62 14.89
N ASN MA 68 65.49 -6.71 13.56
CA ASN MA 68 64.53 -5.93 12.80
C ASN MA 68 63.09 -6.27 13.19
N VAL MA 69 62.65 -7.47 12.85
CA VAL MA 69 61.25 -7.84 13.06
C VAL MA 69 61.01 -8.34 14.48
N ASN MA 70 61.97 -9.06 15.04
CA ASN MA 70 61.82 -9.48 16.43
C ASN MA 70 63.20 -9.72 17.04
N THR MA 71 63.20 -9.79 18.37
CA THR MA 71 64.43 -9.98 19.13
C THR MA 71 64.96 -11.39 18.96
N PRO MA 72 66.26 -11.60 19.03
CA PRO MA 72 66.80 -12.97 19.09
C PRO MA 72 66.28 -13.75 20.29
N ASN MA 73 66.13 -15.07 20.07
CA ASN MA 73 65.63 -15.95 21.13
C ASN MA 73 66.61 -16.02 22.29
N LYS MA 74 67.91 -16.10 22.01
CA LYS MA 74 68.88 -16.34 23.06
C LYS MA 74 70.24 -15.79 22.65
N LEU MA 75 71.01 -15.37 23.64
CA LEU MA 75 72.36 -14.84 23.42
C LEU MA 75 73.34 -15.67 24.24
N LEU MA 76 74.43 -16.09 23.61
CA LEU MA 76 75.45 -16.91 24.25
C LEU MA 76 76.76 -16.14 24.29
N VAL MA 77 77.02 -15.46 25.41
CA VAL MA 77 78.23 -14.67 25.58
C VAL MA 77 79.24 -15.52 26.33
N TYR MA 78 80.32 -15.89 25.63
CA TYR MA 78 81.44 -16.60 26.21
C TYR MA 78 82.56 -15.59 26.46
N VAL MA 79 83.06 -15.54 27.68
CA VAL MA 79 84.02 -14.53 28.09
C VAL MA 79 85.37 -15.21 28.27
N ILE MA 80 86.39 -14.68 27.59
CA ILE MA 80 87.76 -15.16 27.75
C ILE MA 80 88.61 -14.02 28.29
N GLU MA 81 89.74 -14.38 28.89
CA GLU MA 81 90.57 -13.40 29.57
C GLU MA 81 91.33 -12.54 28.55
N GLY MA 82 92.05 -11.55 29.07
CA GLY MA 82 92.91 -10.76 28.22
C GLY MA 82 94.11 -11.58 27.74
N GLU MA 83 94.51 -11.31 26.50
CA GLU MA 83 95.62 -12.03 25.87
C GLU MA 83 95.41 -13.54 25.96
N ALA MA 84 94.18 -13.96 25.68
CA ALA MA 84 93.76 -15.34 25.88
C ALA MA 84 93.90 -16.13 24.59
N ASP MA 85 93.62 -17.42 24.69
CA ASP MA 85 93.63 -18.28 23.52
C ASP MA 85 92.23 -18.33 22.90
N ILE MA 86 92.19 -18.21 21.58
CA ILE MA 86 90.91 -18.26 20.86
C ILE MA 86 90.50 -19.71 20.59
N GLN MA 87 91.48 -20.62 20.53
CA GLN MA 87 91.18 -22.01 20.21
C GLN MA 87 90.30 -22.64 21.28
N THR MA 88 90.52 -22.31 22.55
CA THR MA 88 89.68 -22.86 23.61
C THR MA 88 88.25 -22.32 23.51
N ALA MA 89 88.10 -21.05 23.11
CA ALA MA 89 86.77 -20.50 22.89
C ALA MA 89 86.04 -21.25 21.80
N LEU MA 90 86.72 -21.49 20.67
CA LEU MA 90 86.06 -22.21 19.57
C LEU MA 90 85.78 -23.67 19.94
N ASP MA 91 86.70 -24.29 20.69
CA ASP MA 91 86.49 -25.66 21.14
C ASP MA 91 85.27 -25.78 22.04
N PHE MA 92 85.10 -24.83 22.97
CA PHE MA 92 83.89 -24.84 23.80
C PHE MA 92 82.64 -24.58 22.97
N LEU MA 93 82.73 -23.68 21.98
CA LEU MA 93 81.56 -23.36 21.19
C LEU MA 93 81.17 -24.50 20.26
N GLU MA 94 82.09 -25.43 19.99
CA GLU MA 94 81.75 -26.60 19.18
C GLU MA 94 80.59 -27.38 19.78
N THR MA 95 80.42 -27.32 21.11
CA THR MA 95 79.41 -28.14 21.77
C THR MA 95 77.99 -27.62 21.53
N LYS MA 96 77.81 -26.30 21.59
CA LYS MA 96 76.48 -25.71 21.64
C LYS MA 96 75.83 -25.69 20.25
N GLU MA 97 74.56 -25.29 20.22
CA GLU MA 97 73.85 -25.05 18.97
C GLU MA 97 73.50 -23.57 18.83
N PHE MA 98 73.85 -22.99 17.69
CA PHE MA 98 73.69 -21.56 17.45
C PHE MA 98 73.73 -21.32 15.95
N ASN MA 99 73.35 -20.09 15.56
CA ASN MA 99 73.24 -19.74 14.14
C ASN MA 99 74.41 -18.92 13.63
N TYR MA 100 74.66 -17.74 14.21
CA TYR MA 100 75.71 -16.85 13.75
C TYR MA 100 76.67 -16.53 14.89
N LEU MA 101 77.94 -16.34 14.53
CA LEU MA 101 79.00 -16.05 15.49
C LEU MA 101 79.67 -14.73 15.13
N CYS MA 102 79.96 -13.92 16.14
CA CYS MA 102 80.69 -12.67 15.93
C CYS MA 102 81.53 -12.35 17.16
N MET MA 103 82.72 -11.80 16.91
CA MET MA 103 83.61 -11.28 17.95
C MET MA 103 83.71 -9.77 17.78
N PRO MA 104 83.13 -8.98 18.68
CA PRO MA 104 83.19 -7.52 18.51
C PRO MA 104 84.60 -6.97 18.39
N LYS MA 105 85.55 -7.51 19.14
CA LYS MA 105 86.95 -7.09 19.05
C LYS MA 105 87.78 -8.28 18.60
N ALA MA 106 88.29 -8.21 17.37
CA ALA MA 106 89.01 -9.33 16.80
C ALA MA 106 90.21 -8.81 16.03
N VAL MA 107 91.26 -9.62 16.03
CA VAL MA 107 92.53 -9.31 15.38
C VAL MA 107 92.62 -10.19 14.13
N GLU MA 108 93.48 -9.81 13.19
CA GLU MA 108 93.61 -10.52 11.93
C GLU MA 108 93.81 -12.02 12.14
N ALA MA 109 94.72 -12.38 13.07
CA ALA MA 109 94.91 -13.80 13.39
C ALA MA 109 93.65 -14.42 13.95
N ASP MA 110 92.95 -13.70 14.84
CA ASP MA 110 91.69 -14.20 15.36
C ASP MA 110 90.67 -14.39 14.23
N LYS MA 111 90.61 -13.44 13.30
CA LYS MA 111 89.67 -13.56 12.18
C LYS MA 111 89.97 -14.78 11.34
N THR MA 112 91.25 -15.03 11.04
CA THR MA 112 91.58 -16.19 10.22
C THR MA 112 91.32 -17.50 10.98
N ALA MA 113 91.51 -17.49 12.30
CA ALA MA 113 91.21 -18.68 13.09
C ALA MA 113 89.71 -18.98 13.06
N ILE MA 114 88.88 -17.95 13.25
CA ILE MA 114 87.42 -18.14 13.19
C ILE MA 114 87.00 -18.60 11.81
N LYS MA 115 87.57 -18.02 10.76
CA LYS MA 115 87.22 -18.41 9.39
C LYS MA 115 87.54 -19.88 9.14
N ASN MA 116 88.75 -20.30 9.50
CA ASN MA 116 89.14 -21.69 9.29
C ASN MA 116 88.25 -22.63 10.10
N TRP MA 117 87.92 -22.23 11.34
CA TRP MA 117 87.05 -23.06 12.18
C TRP MA 117 85.66 -23.20 11.58
N ILE MA 118 85.08 -22.10 11.08
CA ILE MA 118 83.76 -22.15 10.48
C ILE MA 118 83.76 -23.04 9.24
N ILE MA 119 84.78 -22.89 8.40
CA ILE MA 119 84.86 -23.73 7.21
C ILE MA 119 84.98 -25.20 7.59
N LYS MA 120 85.85 -25.51 8.56
CA LYS MA 120 86.02 -26.90 8.97
C LYS MA 120 84.71 -27.46 9.54
N LEU MA 121 84.02 -26.68 10.36
CA LEU MA 121 82.74 -27.14 10.90
C LEU MA 121 81.77 -27.48 9.76
N ARG MA 122 81.55 -26.51 8.87
CA ARG MA 122 80.55 -26.69 7.82
C ARG MA 122 80.93 -27.80 6.85
N ASP MA 123 82.22 -28.06 6.66
CA ASP MA 123 82.62 -28.99 5.62
C ASP MA 123 82.85 -30.41 6.15
N ILE MA 124 83.58 -30.55 7.25
CA ILE MA 124 83.86 -31.86 7.84
C ILE MA 124 82.84 -32.23 8.91
N ASP MA 125 82.52 -31.31 9.80
CA ASP MA 125 81.64 -31.65 10.92
C ASP MA 125 80.17 -31.74 10.52
N LYS MA 126 79.82 -31.25 9.33
CA LYS MA 126 78.44 -31.28 8.83
C LYS MA 126 77.48 -30.59 9.79
N VAL MA 127 77.92 -29.51 10.42
CA VAL MA 127 77.07 -28.61 11.19
C VAL MA 127 77.09 -27.26 10.49
N LYS MA 128 75.92 -26.77 10.12
CA LYS MA 128 75.80 -25.56 9.31
C LYS MA 128 75.77 -24.34 10.24
N VAL MA 129 76.92 -23.68 10.38
CA VAL MA 129 77.05 -22.50 11.22
C VAL MA 129 77.65 -21.38 10.39
N LYS MA 130 77.44 -20.14 10.84
CA LYS MA 130 77.87 -18.96 10.11
C LYS MA 130 78.58 -17.99 11.04
N ALA MA 131 79.47 -17.18 10.47
CA ALA MA 131 80.17 -16.14 11.20
C ALA MA 131 80.09 -14.82 10.43
N VAL MA 132 79.82 -13.74 11.16
CA VAL MA 132 79.79 -12.39 10.61
C VAL MA 132 81.06 -11.68 11.07
N LEU MA 133 81.95 -11.39 10.14
CA LEU MA 133 83.25 -10.77 10.45
C LEU MA 133 83.51 -9.61 9.52
N GLY MA 134 84.32 -8.66 9.99
CA GLY MA 134 84.66 -7.48 9.22
C GLY MA 134 85.95 -7.65 8.43
N LYS MA 135 85.88 -7.28 7.14
CA LYS MA 135 87.06 -7.22 6.27
C LYS MA 135 87.77 -8.56 6.14
N VAL MA 136 86.97 -9.63 5.98
CA VAL MA 136 87.50 -10.98 5.80
C VAL MA 136 87.07 -11.49 4.43
N VAL MA 137 88.07 -11.82 3.58
CA VAL MA 137 87.82 -12.14 2.19
C VAL MA 137 87.47 -13.62 1.99
N GLY MA 138 87.07 -14.32 3.06
CA GLY MA 138 86.64 -15.70 2.96
C GLY MA 138 85.70 -15.98 1.82
N ASN MA 139 86.04 -16.96 0.98
CA ASN MA 139 85.26 -17.29 -0.20
C ASN MA 139 84.15 -18.30 0.08
N HIS MA 140 83.64 -18.35 1.31
CA HIS MA 140 82.65 -19.35 1.71
C HIS MA 140 81.29 -18.73 2.00
N GLU MA 141 80.23 -19.49 1.71
CA GLU MA 141 78.88 -19.07 2.03
C GLU MA 141 78.59 -19.04 3.53
N GLY MA 142 79.42 -19.71 4.34
CA GLY MA 142 79.24 -19.65 5.78
C GLY MA 142 79.81 -18.39 6.40
N ILE MA 143 80.51 -17.58 5.60
CA ILE MA 143 81.08 -16.31 6.04
C ILE MA 143 80.46 -15.19 5.21
N ILE MA 144 80.05 -14.12 5.89
CA ILE MA 144 79.60 -12.91 5.21
C ILE MA 144 80.51 -11.76 5.63
N ASN MA 145 81.05 -11.05 4.64
CA ASN MA 145 81.97 -9.95 4.87
C ASN MA 145 81.22 -8.63 5.01
N PHE MA 146 81.39 -7.99 6.17
CA PHE MA 146 80.84 -6.67 6.41
C PHE MA 146 81.96 -5.64 6.28
N THR MA 147 81.83 -4.73 5.33
CA THR MA 147 82.87 -3.73 5.01
C THR MA 147 82.24 -2.34 5.07
N THR MA 148 82.40 -1.68 6.22
CA THR MA 148 82.01 -0.28 6.40
C THR MA 148 82.81 0.28 7.56
N GLU MA 149 83.15 1.57 7.47
CA GLU MA 149 83.98 2.20 8.47
C GLU MA 149 83.21 3.36 9.10
N ASP MA 150 83.52 3.66 10.36
CA ASP MA 150 83.06 4.87 11.04
C ASP MA 150 81.53 4.99 11.03
N VAL MA 151 80.86 3.98 11.56
CA VAL MA 151 79.41 4.01 11.70
C VAL MA 151 79.07 4.70 13.02
N LEU MA 152 78.30 5.78 12.95
CA LEU MA 152 78.05 6.64 14.11
C LEU MA 152 76.68 6.33 14.69
N VAL MA 153 76.66 5.83 15.93
CA VAL MA 153 75.44 5.46 16.63
C VAL MA 153 75.45 6.12 18.00
N GLY MA 154 74.33 6.74 18.37
CA GLY MA 154 74.22 7.36 19.68
C GLY MA 154 75.32 8.37 19.90
N GLU MA 155 75.54 9.23 18.89
CA GLU MA 155 76.64 10.18 18.84
C GLU MA 155 77.98 9.57 19.25
N LYS MA 156 78.14 8.26 19.06
CA LYS MA 156 79.37 7.55 19.37
C LYS MA 156 79.91 6.90 18.11
N LYS MA 157 81.22 6.98 17.93
CA LYS MA 157 81.86 6.34 16.79
C LYS MA 157 81.91 4.84 17.01
N TYR MA 158 81.66 4.06 15.95
CA TYR MA 158 81.73 2.62 16.03
C TYR MA 158 82.55 2.09 14.86
N SER MA 159 83.48 1.19 15.17
CA SER MA 159 84.40 0.64 14.19
C SER MA 159 83.76 -0.56 13.51
N VAL MA 160 84.42 -1.06 12.46
CA VAL MA 160 83.82 -2.10 11.63
C VAL MA 160 83.62 -3.38 12.43
N ASP MA 161 84.61 -3.78 13.23
CA ASP MA 161 84.49 -5.00 14.01
C ASP MA 161 83.43 -4.87 15.10
N GLU MA 162 83.35 -3.71 15.74
CA GLU MA 162 82.38 -3.52 16.82
C GLU MA 162 80.95 -3.55 16.33
N PHE MA 163 80.67 -2.99 15.15
CA PHE MA 163 79.31 -2.95 14.63
C PHE MA 163 78.88 -4.28 14.03
N THR MA 164 79.79 -5.26 13.96
CA THR MA 164 79.40 -6.57 13.46
C THR MA 164 78.42 -7.27 14.40
N SER MA 165 78.39 -6.87 15.67
CA SER MA 165 77.38 -7.41 16.59
C SER MA 165 75.98 -6.98 16.18
N ARG MA 166 75.82 -5.70 15.81
CA ARG MA 166 74.52 -5.23 15.33
C ARG MA 166 74.11 -5.93 14.05
N VAL MA 167 75.07 -6.14 13.13
CA VAL MA 167 74.76 -6.83 11.89
C VAL MA 167 74.32 -8.26 12.16
N ALA MA 168 75.03 -8.96 13.05
CA ALA MA 168 74.65 -10.33 13.38
C ALA MA 168 73.25 -10.38 14.00
N GLY MA 169 72.95 -9.46 14.90
CA GLY MA 169 71.62 -9.42 15.47
C GLY MA 169 70.54 -9.15 14.42
N LEU MA 170 70.80 -8.19 13.53
CA LEU MA 170 69.83 -7.86 12.49
C LEU MA 170 69.56 -9.06 11.58
N ILE MA 171 70.62 -9.75 11.16
CA ILE MA 171 70.44 -10.90 10.28
C ILE MA 171 69.70 -12.02 11.00
N ALA MA 172 70.08 -12.30 12.26
CA ALA MA 172 69.42 -13.38 12.99
C ALA MA 172 67.97 -13.04 13.33
N GLY MA 173 67.60 -11.76 13.32
CA GLY MA 173 66.23 -11.38 13.63
C GLY MA 173 65.29 -11.38 12.45
N THR MA 174 65.79 -11.70 11.26
CA THR MA 174 64.97 -11.64 10.06
C THR MA 174 64.15 -12.93 9.90
N PRO MA 175 62.83 -12.83 9.71
CA PRO MA 175 62.02 -14.06 9.60
C PRO MA 175 62.31 -14.86 8.35
N LEU MA 176 61.89 -16.14 8.37
CA LEU MA 176 62.33 -17.11 7.37
C LEU MA 176 61.90 -16.74 5.95
N SER MA 177 60.75 -16.08 5.81
CA SER MA 177 60.24 -15.78 4.47
C SER MA 177 60.90 -14.57 3.83
N GLN MA 178 61.77 -13.85 4.53
CA GLN MA 178 62.20 -12.53 4.11
C GLN MA 178 63.72 -12.44 3.93
N SER MA 179 64.14 -11.27 3.44
CA SER MA 179 65.53 -10.94 3.19
C SER MA 179 65.86 -9.62 3.87
N VAL MA 180 67.15 -9.39 4.12
CA VAL MA 180 67.58 -8.14 4.75
C VAL MA 180 67.88 -7.05 3.75
N THR MA 181 67.63 -7.28 2.46
CA THR MA 181 67.84 -6.24 1.45
C THR MA 181 66.99 -5.02 1.75
N TYR MA 182 67.62 -3.84 1.71
CA TYR MA 182 66.97 -2.56 1.95
C TYR MA 182 66.35 -2.43 3.34
N THR MA 183 66.76 -3.27 4.30
CA THR MA 183 66.29 -3.08 5.65
C THR MA 183 66.96 -1.84 6.26
N LYS MA 184 66.18 -1.02 6.95
CA LYS MA 184 66.64 0.26 7.44
C LYS MA 184 67.04 0.16 8.90
N LEU MA 185 68.10 0.88 9.26
CA LEU MA 185 68.56 0.97 10.64
C LEU MA 185 68.31 2.38 11.16
N SER MA 186 67.37 2.51 12.11
CA SER MA 186 67.02 3.81 12.65
C SER MA 186 68.08 4.35 13.60
N ASP MA 187 68.86 3.48 14.23
CA ASP MA 187 69.89 3.94 15.17
C ASP MA 187 70.97 4.75 14.48
N VAL MA 188 71.34 4.35 13.26
CA VAL MA 188 72.46 4.99 12.58
C VAL MA 188 72.00 6.32 12.00
N VAL MA 189 72.85 7.34 12.14
CA VAL MA 189 72.53 8.67 11.63
C VAL MA 189 73.59 9.24 10.69
N ASP MA 190 74.76 8.61 10.55
CA ASP MA 190 75.79 9.12 9.65
C ASP MA 190 76.68 7.97 9.17
N ILE MA 191 77.12 8.08 7.91
CA ILE MA 191 77.94 7.06 7.24
C ILE MA 191 78.89 7.76 6.26
N PRO MA 192 80.12 7.27 6.08
CA PRO MA 192 81.00 7.85 5.06
C PRO MA 192 80.38 7.78 3.67
N LYS MA 193 80.60 8.84 2.90
CA LYS MA 193 80.05 8.89 1.55
C LYS MA 193 80.72 7.87 0.65
N MET MA 194 79.97 7.38 -0.34
CA MET MA 194 80.47 6.40 -1.29
C MET MA 194 79.68 6.51 -2.58
N THR MA 195 80.40 6.49 -3.71
CA THR MA 195 79.77 6.63 -5.01
C THR MA 195 79.10 5.33 -5.44
N LYS MA 196 78.23 5.44 -6.45
CA LYS MA 196 77.39 4.31 -6.83
C LYS MA 196 78.21 3.20 -7.49
N VAL MA 197 79.16 3.56 -8.36
CA VAL MA 197 79.95 2.54 -9.03
C VAL MA 197 80.82 1.79 -8.02
N ASP MA 198 81.36 2.50 -7.01
CA ASP MA 198 82.13 1.83 -5.98
C ASP MA 198 81.28 0.84 -5.18
N ALA MA 199 80.06 1.26 -4.81
CA ALA MA 199 79.18 0.35 -4.07
C ALA MA 199 78.82 -0.86 -4.91
N GLU MA 200 78.55 -0.65 -6.21
CA GLU MA 200 78.26 -1.77 -7.10
C GLU MA 200 79.43 -2.75 -7.15
N SER MA 201 80.65 -2.22 -7.30
CA SER MA 201 81.82 -3.09 -7.38
C SER MA 201 82.02 -3.87 -6.08
N ARG MA 202 81.82 -3.20 -4.94
CA ARG MA 202 81.98 -3.90 -3.66
C ARG MA 202 80.93 -4.99 -3.48
N VAL MA 203 79.69 -4.73 -3.89
CA VAL MA 203 78.66 -5.77 -3.79
C VAL MA 203 79.03 -6.95 -4.69
N ASN MA 204 79.48 -6.68 -5.91
CA ASN MA 204 79.88 -7.76 -6.81
C ASN MA 204 81.13 -8.47 -6.32
N LYS MA 205 81.94 -7.83 -5.47
CA LYS MA 205 83.10 -8.49 -4.89
C LYS MA 205 82.76 -9.39 -3.71
N GLY MA 206 81.56 -9.26 -3.15
CA GLY MA 206 81.09 -10.12 -2.09
C GLY MA 206 80.98 -9.51 -0.71
N GLU MA 207 80.69 -8.22 -0.60
CA GLU MA 207 80.63 -7.56 0.70
C GLU MA 207 79.22 -7.07 1.00
N LEU MA 208 78.88 -7.11 2.29
CA LEU MA 208 77.66 -6.53 2.82
C LEU MA 208 77.98 -5.12 3.30
N ILE MA 209 77.30 -4.12 2.73
CA ILE MA 209 77.62 -2.71 2.98
C ILE MA 209 76.35 -1.95 3.36
N LEU MA 210 76.54 -0.80 4.01
CA LEU MA 210 75.46 0.14 4.23
C LEU MA 210 75.50 1.22 3.16
N ILE MA 211 74.33 1.78 2.83
CA ILE MA 211 74.22 2.86 1.86
C ILE MA 211 73.31 3.95 2.40
N LYS MA 212 73.43 5.14 1.82
CA LYS MA 212 72.70 6.31 2.28
C LYS MA 212 71.47 6.55 1.40
N GLU MA 213 70.38 6.98 2.01
CA GLU MA 213 69.15 7.22 1.27
C GLU MA 213 68.30 8.25 1.99
N ALA MA 214 67.40 8.87 1.23
CA ALA MA 214 66.43 9.79 1.81
C ALA MA 214 65.68 9.08 2.92
N GLY MA 215 65.70 9.66 4.10
CA GLY MA 215 65.39 8.92 5.30
C GLY MA 215 66.63 8.32 5.91
N ALA MA 216 66.47 7.12 6.48
CA ALA MA 216 67.57 6.55 7.24
C ALA MA 216 68.57 5.83 6.32
N ILE MA 217 69.52 5.15 6.98
CA ILE MA 217 70.50 4.30 6.32
C ILE MA 217 69.93 2.90 6.17
N ARG MA 218 70.49 2.13 5.22
CA ARG MA 218 69.94 0.80 4.99
C ARG MA 218 70.98 -0.13 4.40
N ILE MA 219 70.71 -1.44 4.52
CA ILE MA 219 71.55 -2.46 3.91
C ILE MA 219 71.33 -2.48 2.40
N ALA MA 220 72.41 -2.68 1.65
CA ALA MA 220 72.30 -2.63 0.19
C ALA MA 220 71.70 -3.91 -0.39
N ARG MA 221 72.39 -5.03 -0.22
CA ARG MA 221 71.96 -6.31 -0.77
C ARG MA 221 72.42 -7.44 0.15
N GLY MA 222 71.52 -8.40 0.37
CA GLY MA 222 71.80 -9.50 1.28
C GLY MA 222 72.67 -10.58 0.66
N VAL MA 223 73.92 -10.25 0.40
CA VAL MA 223 74.80 -11.10 -0.39
C VAL MA 223 75.79 -11.82 0.51
N ASN MA 224 76.35 -12.92 -0.02
CA ASN MA 224 77.36 -13.72 0.66
C ASN MA 224 78.76 -13.24 0.29
N SER MA 225 79.73 -13.94 0.87
CA SER MA 225 81.13 -13.72 0.59
C SER MA 225 81.59 -14.67 -0.54
N LEU MA 226 80.75 -15.62 -0.93
CA LEU MA 226 81.09 -16.55 -2.00
C LEU MA 226 81.09 -15.82 -3.33
N THR MA 227 82.20 -15.95 -4.07
CA THR MA 227 82.34 -15.26 -5.34
C THR MA 227 82.73 -16.17 -6.51
N GLU MA 228 83.45 -17.26 -6.28
CA GLU MA 228 83.85 -18.17 -7.35
C GLU MA 228 82.81 -19.28 -7.47
N LEU MA 229 82.03 -19.23 -8.54
CA LEU MA 229 80.89 -20.13 -8.73
C LEU MA 229 81.27 -21.26 -9.68
N THR MA 230 80.78 -22.45 -9.40
CA THR MA 230 81.10 -23.66 -10.16
C THR MA 230 79.82 -24.30 -10.70
N ALA MA 231 80.00 -25.43 -11.40
CA ALA MA 231 78.86 -26.13 -11.98
C ALA MA 231 77.98 -26.74 -10.89
N GLU MA 232 78.51 -26.95 -9.69
CA GLU MA 232 77.70 -27.47 -8.60
C GLU MA 232 77.23 -26.40 -7.63
N LYS MA 233 77.89 -25.24 -7.60
CA LYS MA 233 77.51 -24.12 -6.73
C LYS MA 233 77.14 -22.94 -7.62
N GLY MA 234 75.85 -22.66 -7.74
CA GLY MA 234 75.36 -21.59 -8.57
C GLY MA 234 75.19 -20.29 -7.80
N GLU MA 235 74.54 -19.32 -8.45
CA GLU MA 235 74.38 -17.99 -7.88
C GLU MA 235 73.35 -17.96 -6.77
N MET MA 236 72.52 -19.00 -6.66
CA MET MA 236 71.55 -19.04 -5.57
C MET MA 236 72.22 -19.15 -4.21
N PHE MA 237 73.44 -19.70 -4.17
CA PHE MA 237 74.18 -19.90 -2.93
C PHE MA 237 74.85 -18.63 -2.43
N GLN MA 238 74.78 -17.53 -3.16
CA GLN MA 238 75.34 -16.26 -2.72
C GLN MA 238 74.38 -15.43 -1.88
N LYS MA 239 73.15 -15.90 -1.68
CA LYS MA 239 72.13 -15.11 -1.01
C LYS MA 239 71.87 -15.62 0.40
N ILE MA 240 71.81 -14.69 1.36
CA ILE MA 240 71.70 -15.05 2.77
C ILE MA 240 70.40 -15.80 3.05
N LYS MA 241 69.28 -15.32 2.49
CA LYS MA 241 67.99 -15.95 2.77
C LYS MA 241 67.95 -17.41 2.28
N ILE MA 242 68.52 -17.67 1.10
CA ILE MA 242 68.51 -19.02 0.54
C ILE MA 242 69.32 -19.96 1.42
N VAL MA 243 70.53 -19.53 1.80
CA VAL MA 243 71.39 -20.40 2.60
C VAL MA 243 70.78 -20.62 3.98
N ASP MA 244 70.10 -19.60 4.52
CA ASP MA 244 69.42 -19.76 5.81
C ASP MA 244 68.32 -20.81 5.74
N THR MA 245 67.50 -20.78 4.68
CA THR MA 245 66.45 -21.79 4.55
C THR MA 245 67.03 -23.19 4.32
N LEU MA 246 68.12 -23.29 3.54
CA LEU MA 246 68.76 -24.59 3.37
C LEU MA 246 69.29 -25.11 4.70
N ASP MA 247 69.84 -24.24 5.54
CA ASP MA 247 70.34 -24.66 6.84
C ASP MA 247 69.20 -25.15 7.74
N ILE MA 248 68.04 -24.48 7.71
CA ILE MA 248 66.95 -24.94 8.57
C ILE MA 248 66.42 -26.29 8.10
N ILE MA 249 66.37 -26.51 6.77
CA ILE MA 249 65.95 -27.83 6.27
C ILE MA 249 66.94 -28.90 6.72
N HIS MA 250 68.24 -28.61 6.59
CA HIS MA 250 69.27 -29.53 7.04
C HIS MA 250 69.09 -29.92 8.50
N SER MA 251 68.87 -28.92 9.37
CA SER MA 251 68.75 -29.20 10.80
C SER MA 251 67.49 -30.02 11.11
N ASP MA 252 66.35 -29.69 10.48
CA ASP MA 252 65.14 -30.46 10.72
C ASP MA 252 65.31 -31.92 10.33
N ILE MA 253 65.86 -32.17 9.13
CA ILE MA 253 66.01 -33.56 8.68
C ILE MA 253 66.98 -34.31 9.58
N ARG MA 254 68.10 -33.68 9.95
CA ARG MA 254 69.06 -34.33 10.83
C ARG MA 254 68.41 -34.69 12.16
N LYS MA 255 67.58 -33.79 12.70
CA LYS MA 255 66.92 -34.07 13.98
C LYS MA 255 65.99 -35.27 13.87
N VAL MA 256 65.19 -35.33 12.79
CA VAL MA 256 64.28 -36.46 12.63
C VAL MA 256 65.06 -37.77 12.53
N ILE MA 257 66.10 -37.79 11.69
CA ILE MA 257 66.87 -39.01 11.49
C ILE MA 257 67.49 -39.47 12.81
N ILE MA 258 68.07 -38.54 13.57
CA ILE MA 258 68.71 -38.93 14.82
C ILE MA 258 67.69 -39.43 15.84
N ASP MA 259 66.52 -38.79 15.89
CA ASP MA 259 65.58 -39.13 16.96
C ASP MA 259 64.84 -40.43 16.68
N ASP MA 260 64.61 -40.79 15.42
CA ASP MA 260 63.76 -41.94 15.16
C ASP MA 260 64.44 -43.15 14.53
N TYR MA 261 65.68 -43.05 14.04
CA TYR MA 261 66.23 -44.16 13.27
C TYR MA 261 67.63 -44.62 13.65
N ILE MA 262 68.52 -43.74 14.11
CA ILE MA 262 69.92 -44.12 14.33
C ILE MA 262 70.00 -45.06 15.52
N GLY MA 263 70.34 -46.32 15.25
CA GLY MA 263 70.45 -47.34 16.27
C GLY MA 263 69.14 -47.97 16.70
N LYS MA 264 68.02 -47.56 16.12
CA LYS MA 264 66.71 -48.05 16.53
C LYS MA 264 66.13 -49.11 15.61
N VAL MA 265 66.57 -49.18 14.34
CA VAL MA 265 65.98 -50.09 13.38
C VAL MA 265 67.08 -50.85 12.64
N THR MA 266 66.72 -52.03 12.15
CA THR MA 266 67.62 -52.81 11.31
C THR MA 266 67.72 -52.19 9.93
N ASN MA 267 68.83 -52.48 9.25
CA ASN MA 267 69.12 -51.86 7.96
C ASN MA 267 68.72 -52.79 6.83
N SER MA 268 67.41 -52.89 6.57
CA SER MA 268 66.88 -53.65 5.46
C SER MA 268 66.20 -52.69 4.50
N TYR MA 269 65.90 -53.18 3.28
CA TYR MA 269 65.28 -52.34 2.27
C TYR MA 269 63.93 -51.79 2.75
N ASP MA 270 63.16 -52.60 3.49
CA ASP MA 270 61.86 -52.16 3.97
C ASP MA 270 61.98 -50.96 4.92
N ASN MA 271 62.94 -51.01 5.84
CA ASN MA 271 63.13 -49.89 6.76
C ASN MA 271 63.63 -48.64 6.03
N LYS MA 272 64.44 -48.82 4.99
CA LYS MA 272 64.82 -47.70 4.14
C LYS MA 272 63.60 -47.06 3.49
N CYS MA 273 62.64 -47.88 3.03
CA CYS MA 273 61.40 -47.33 2.47
C CYS MA 273 60.62 -46.53 3.49
N LEU MA 274 60.56 -47.03 4.74
CA LEU MA 274 59.89 -46.28 5.81
C LEU MA 274 60.56 -44.92 6.03
N LEU MA 275 61.90 -44.89 6.04
CA LEU MA 275 62.63 -43.64 6.18
C LEU MA 275 62.32 -42.67 5.03
N ILE MA 276 62.26 -43.21 3.81
CA ILE MA 276 61.92 -42.39 2.64
C ILE MA 276 60.56 -41.74 2.82
N VAL MA 277 59.58 -42.53 3.28
CA VAL MA 277 58.23 -41.97 3.46
C VAL MA 277 58.23 -40.86 4.51
N ALA MA 278 58.97 -41.05 5.60
CA ALA MA 278 59.03 -40.00 6.63
C ALA MA 278 59.63 -38.71 6.08
N ILE MA 279 60.73 -38.82 5.32
CA ILE MA 279 61.35 -37.62 4.76
C ILE MA 279 60.42 -36.93 3.77
N LYS MA 280 59.74 -37.71 2.94
CA LYS MA 280 58.79 -37.13 1.97
C LYS MA 280 57.67 -36.39 2.68
N SER MA 281 57.16 -36.94 3.78
CA SER MA 281 56.11 -36.25 4.53
C SER MA 281 56.63 -34.92 5.10
N TYR MA 282 57.87 -34.90 5.60
CA TYR MA 282 58.44 -33.62 6.03
C TYR MA 282 58.48 -32.61 4.89
N LEU MA 283 58.92 -33.04 3.71
CA LEU MA 283 58.99 -32.11 2.58
C LEU MA 283 57.59 -31.61 2.20
N GLU MA 284 56.58 -32.48 2.29
CA GLU MA 284 55.20 -32.06 2.00
C GLU MA 284 54.72 -31.00 2.99
N GLU MA 285 55.04 -31.19 4.27
CA GLU MA 285 54.67 -30.18 5.27
C GLU MA 285 55.37 -28.85 4.98
N LEU MA 286 56.62 -28.90 4.53
CA LEU MA 286 57.29 -27.66 4.12
C LEU MA 286 56.57 -27.01 2.94
N GLU MA 287 56.13 -27.82 1.99
CA GLU MA 287 55.45 -27.29 0.81
C GLU MA 287 54.15 -26.59 1.19
N LYS MA 288 53.41 -27.14 2.17
CA LYS MA 288 52.16 -26.52 2.58
C LYS MA 288 52.39 -25.13 3.18
N SER MA 289 53.51 -24.93 3.87
CA SER MA 289 53.83 -23.64 4.46
C SER MA 289 54.44 -22.67 3.46
N ALA MA 290 54.52 -23.04 2.19
CA ALA MA 290 54.99 -22.18 1.10
C ALA MA 290 56.46 -21.79 1.23
N LEU MA 291 57.24 -22.55 2.01
CA LEU MA 291 58.67 -22.28 2.12
C LEU MA 291 59.42 -22.80 0.90
N ILE MA 292 58.93 -23.87 0.27
CA ILE MA 292 59.48 -24.40 -0.97
C ILE MA 292 58.33 -24.63 -1.95
N GLU MA 293 58.69 -24.79 -3.23
CA GLU MA 293 57.70 -25.02 -4.27
C GLU MA 293 57.21 -26.47 -4.24
N SER MA 294 56.12 -26.73 -4.96
CA SER MA 294 55.46 -28.03 -4.96
C SER MA 294 56.23 -29.05 -5.79
N ASP MA 295 55.84 -30.32 -5.62
CA ASP MA 295 56.33 -31.44 -6.43
C ASP MA 295 57.81 -31.77 -6.16
N SER MA 296 58.17 -31.84 -4.89
CA SER MA 296 59.47 -32.37 -4.51
C SER MA 296 59.42 -33.88 -4.36
N THR MA 297 60.57 -34.53 -4.50
CA THR MA 297 60.65 -35.99 -4.51
C THR MA 297 61.80 -36.48 -3.64
N VAL MA 298 61.69 -37.73 -3.18
CA VAL MA 298 62.74 -38.46 -2.46
C VAL MA 298 62.79 -39.88 -2.99
N GLU MA 299 63.99 -40.44 -3.13
CA GLU MA 299 64.15 -41.78 -3.67
C GLU MA 299 65.53 -42.34 -3.32
N ILE MA 300 65.73 -43.63 -3.63
CA ILE MA 300 67.00 -44.29 -3.40
C ILE MA 300 68.02 -43.81 -4.43
N ASP MA 301 69.23 -43.49 -3.94
CA ASP MA 301 70.33 -43.08 -4.82
C ASP MA 301 70.97 -44.33 -5.41
N PHE MA 302 70.46 -44.77 -6.56
CA PHE MA 302 70.87 -46.05 -7.13
C PHE MA 302 72.35 -46.07 -7.52
N GLU MA 303 72.84 -44.96 -8.08
CA GLU MA 303 74.24 -44.89 -8.51
C GLU MA 303 75.21 -44.96 -7.33
N ALA MA 304 74.90 -44.26 -6.23
CA ALA MA 304 75.77 -44.32 -5.06
C ALA MA 304 75.80 -45.73 -4.48
N GLN MA 305 74.65 -46.40 -4.44
CA GLN MA 305 74.60 -47.78 -3.96
C GLN MA 305 75.44 -48.68 -4.86
N LYS MA 306 75.34 -48.49 -6.18
CA LYS MA 306 76.15 -49.27 -7.11
C LYS MA 306 77.64 -49.03 -6.89
N SER MA 307 78.05 -47.77 -6.69
CA SER MA 307 79.47 -47.49 -6.50
C SER MA 307 79.98 -48.08 -5.19
N TYR MA 308 79.19 -48.00 -4.13
CA TYR MA 308 79.58 -48.65 -2.88
C TYR MA 308 79.69 -50.16 -3.05
N LEU MA 309 78.74 -50.77 -3.75
CA LEU MA 309 78.78 -52.21 -3.99
C LEU MA 309 80.02 -52.59 -4.80
N LYS MA 310 80.34 -51.81 -5.84
CA LYS MA 310 81.56 -52.03 -6.60
C LYS MA 310 82.78 -51.93 -5.70
N SER MA 311 82.82 -50.92 -4.81
CA SER MA 311 83.96 -50.75 -3.93
C SER MA 311 84.11 -51.90 -2.96
N LYS MA 312 83.01 -52.60 -2.63
CA LYS MA 312 83.13 -53.77 -1.77
C LYS MA 312 83.51 -55.04 -2.53
N GLY MA 313 83.22 -55.13 -3.82
CA GLY MA 313 83.67 -56.25 -4.62
C GLY MA 313 82.59 -57.18 -5.18
N VAL MA 314 81.31 -56.82 -5.08
CA VAL MA 314 80.24 -57.66 -5.62
C VAL MA 314 80.22 -57.54 -7.13
N ASP MA 315 79.46 -58.41 -7.80
CA ASP MA 315 79.35 -58.43 -9.26
C ASP MA 315 78.11 -57.66 -9.69
N LEU MA 316 78.27 -56.81 -10.71
CA LEU MA 316 77.14 -56.10 -11.28
C LEU MA 316 76.60 -56.75 -12.53
N SER MA 317 77.39 -57.58 -13.21
CA SER MA 317 76.87 -58.31 -14.36
C SER MA 317 76.02 -59.49 -13.88
N TYR MA 318 74.94 -59.75 -14.63
CA TYR MA 318 74.01 -60.83 -14.32
C TYR MA 318 73.31 -60.60 -12.97
N MET MA 319 73.19 -59.33 -12.58
CA MET MA 319 72.39 -58.95 -11.41
C MET MA 319 71.24 -58.09 -11.89
N THR MA 320 70.04 -58.45 -11.46
CA THR MA 320 68.85 -57.66 -11.79
C THR MA 320 68.96 -56.28 -11.13
N LEU MA 321 68.34 -55.29 -11.77
CA LEU MA 321 68.26 -53.96 -11.16
C LEU MA 321 67.54 -54.01 -9.82
N GLN MA 322 66.47 -54.81 -9.73
CA GLN MA 322 65.82 -55.02 -8.44
C GLN MA 322 66.80 -55.63 -7.44
N GLU MA 323 67.64 -56.56 -7.90
CA GLU MA 323 68.64 -57.18 -7.04
C GLU MA 323 69.64 -56.16 -6.52
N ILE MA 324 70.08 -55.23 -7.37
CA ILE MA 324 71.01 -54.21 -6.92
C ILE MA 324 70.33 -53.28 -5.92
N LYS MA 325 69.09 -52.88 -6.21
CA LYS MA 325 68.40 -51.88 -5.39
C LYS MA 325 68.20 -52.37 -3.95
N GLU MA 326 67.89 -53.65 -3.77
CA GLU MA 326 67.55 -54.20 -2.46
C GLU MA 326 68.73 -54.86 -1.76
N ALA MA 327 69.95 -54.67 -2.26
CA ALA MA 327 71.11 -55.36 -1.71
C ALA MA 327 71.46 -54.85 -0.31
N ASN MA 328 72.08 -55.70 0.48
CA ASN MA 328 72.53 -55.34 1.82
C ASN MA 328 73.72 -54.38 1.71
N THR MA 329 73.74 -53.37 2.58
CA THR MA 329 74.76 -52.32 2.57
C THR MA 329 75.30 -52.06 3.97
N GLY MA 330 75.38 -53.10 4.80
CA GLY MA 330 75.97 -52.95 6.12
C GLY MA 330 75.18 -51.97 6.97
N SER MA 331 75.76 -50.79 7.18
CA SER MA 331 75.12 -49.75 7.99
C SER MA 331 74.83 -48.47 7.21
N LYS MA 332 75.04 -48.46 5.90
CA LYS MA 332 74.91 -47.27 5.08
C LYS MA 332 73.55 -47.19 4.41
N VAL MA 333 73.04 -45.96 4.23
CA VAL MA 333 71.81 -45.69 3.50
C VAL MA 333 72.09 -44.56 2.51
N PHE MA 334 71.80 -44.79 1.24
CA PHE MA 334 72.04 -43.82 0.18
C PHE MA 334 70.72 -43.32 -0.37
N LEU MA 335 70.52 -41.99 -0.33
CA LEU MA 335 69.26 -41.38 -0.74
C LEU MA 335 69.56 -40.10 -1.53
N LYS MA 336 68.54 -39.64 -2.29
CA LYS MA 336 68.62 -38.39 -3.02
C LYS MA 336 67.23 -37.77 -3.11
N ALA MA 337 67.20 -36.45 -3.34
CA ALA MA 337 65.97 -35.67 -3.33
C ALA MA 337 66.13 -34.46 -4.24
N LYS MA 338 65.02 -33.76 -4.48
CA LYS MA 338 64.99 -32.60 -5.36
C LYS MA 338 63.96 -31.61 -4.85
N ILE MA 339 64.36 -30.33 -4.73
CA ILE MA 339 63.50 -29.26 -4.23
C ILE MA 339 63.72 -28.01 -5.08
N LYS MA 340 62.81 -27.04 -4.92
CA LYS MA 340 62.92 -25.76 -5.61
C LYS MA 340 62.63 -24.63 -4.63
N VAL MA 341 63.41 -23.55 -4.73
CA VAL MA 341 63.26 -22.37 -3.88
C VAL MA 341 63.15 -21.13 -4.76
N LEU MA 342 62.35 -20.17 -4.32
CA LEU MA 342 62.10 -18.95 -5.08
C LEU MA 342 62.75 -17.74 -4.42
N ASP MA 343 62.98 -16.70 -5.22
CA ASP MA 343 63.57 -15.46 -4.75
C ASP MA 343 62.50 -14.47 -4.31
N ALA MA 344 62.91 -13.48 -3.52
CA ALA MA 344 62.04 -12.41 -3.09
C ALA MA 344 62.08 -11.25 -4.08
N MET MA 345 61.21 -10.27 -3.84
CA MET MA 345 61.11 -9.05 -4.66
C MET MA 345 62.15 -8.04 -4.20
N GLU MA 346 63.11 -7.70 -5.07
CA GLU MA 346 64.10 -6.66 -4.73
C GLU MA 346 64.33 -5.63 -5.83
N ASP MA 347 63.91 -5.90 -7.06
CA ASP MA 347 64.04 -4.92 -8.14
C ASP MA 347 62.71 -4.69 -8.84
N ILE MA 348 62.35 -3.40 -8.98
CA ILE MA 348 61.09 -2.99 -9.58
C ILE MA 348 61.35 -1.93 -10.65
N ASP MA 349 60.70 -2.09 -11.80
CA ASP MA 349 60.68 -1.07 -12.85
C ASP MA 349 59.25 -0.67 -13.14
N LEU MA 350 58.94 0.62 -12.98
CA LEU MA 350 57.62 1.16 -13.30
C LEU MA 350 57.77 2.35 -14.23
N SER MA 351 57.26 2.19 -15.45
CA SER MA 351 57.34 3.20 -16.50
C SER MA 351 56.01 3.94 -16.60
N ILE MA 352 56.00 5.22 -16.28
CA ILE MA 352 54.79 6.03 -16.22
C ILE MA 352 54.74 6.95 -17.43
N GLU MA 353 53.65 6.89 -18.16
CA GLU MA 353 53.42 7.72 -19.35
C GLU MA 353 52.46 8.85 -18.97
N ILE MA 354 52.85 10.08 -19.26
CA ILE MA 354 52.05 11.23 -18.86
C ILE MA 354 51.37 11.87 -20.06
N ASN NA 3 56.01 -63.37 -24.21
CA ASN NA 3 56.17 -62.34 -23.19
C ASN NA 3 55.09 -62.44 -22.11
N MET NA 4 53.84 -62.54 -22.52
CA MET NA 4 52.75 -62.80 -21.59
C MET NA 4 52.70 -64.29 -21.23
N GLU NA 5 53.01 -64.59 -19.97
CA GLU NA 5 53.01 -65.95 -19.47
C GLU NA 5 52.13 -66.02 -18.23
N ALA NA 6 51.53 -67.19 -18.02
CA ALA NA 6 50.65 -67.38 -16.86
C ALA NA 6 51.38 -67.20 -15.54
N ARG NA 7 52.67 -67.55 -15.46
CA ARG NA 7 53.42 -67.38 -14.22
C ARG NA 7 53.61 -65.92 -13.84
N ASN NA 8 53.47 -65.00 -14.79
CA ASN NA 8 53.68 -63.57 -14.52
C ASN NA 8 52.56 -62.96 -13.67
N VAL NA 9 51.39 -63.59 -13.58
CA VAL NA 9 50.26 -63.00 -12.85
C VAL NA 9 50.60 -62.99 -11.36
N MET NA 10 50.36 -61.85 -10.71
CA MET NA 10 50.76 -61.70 -9.32
C MET NA 10 49.80 -62.42 -8.38
N SER NA 11 50.37 -63.29 -7.54
CA SER NA 11 49.60 -64.00 -6.52
C SER NA 11 49.49 -63.15 -5.26
N GLY NA 12 48.28 -63.12 -4.69
CA GLY NA 12 48.02 -62.37 -3.48
C GLY NA 12 48.63 -62.94 -2.21
N THR NA 13 49.12 -64.18 -2.23
CA THR NA 13 49.83 -64.73 -1.09
C THR NA 13 51.14 -63.99 -0.81
N TRP NA 14 51.72 -63.32 -1.82
CA TRP NA 14 52.99 -62.63 -1.68
C TRP NA 14 52.83 -61.14 -1.32
N GLY NA 15 51.72 -60.78 -0.66
CA GLY NA 15 51.51 -59.42 -0.22
C GLY NA 15 51.98 -59.19 1.21
N GLU NA 16 52.42 -57.96 1.49
CA GLU NA 16 52.85 -57.56 2.83
C GLU NA 16 52.34 -56.16 3.13
N LEU NA 17 52.10 -55.87 4.41
CA LEU NA 17 51.49 -54.62 4.83
C LEU NA 17 52.17 -54.04 6.06
N TRP NA 18 52.41 -52.73 6.05
CA TRP NA 18 52.85 -51.97 7.21
C TRP NA 18 51.76 -50.94 7.55
N LEU NA 19 51.43 -50.83 8.84
CA LEU NA 19 50.45 -49.87 9.31
C LEU NA 19 51.05 -49.06 10.45
N ASP NA 20 51.12 -47.75 10.27
CA ASP NA 20 51.66 -46.83 11.28
C ASP NA 20 53.09 -47.20 11.66
N GLY NA 21 53.87 -47.67 10.67
CA GLY NA 21 55.24 -48.07 10.87
C GLY NA 21 55.46 -49.47 11.40
N ASN NA 22 54.41 -50.22 11.69
CA ASN NA 22 54.52 -51.56 12.27
C ASN NA 22 53.99 -52.61 11.30
N LYS NA 23 54.72 -53.72 11.21
CA LYS NA 23 54.35 -54.78 10.27
C LYS NA 23 53.12 -55.55 10.76
N VAL NA 24 52.24 -55.90 9.83
CA VAL NA 24 50.97 -56.57 10.13
C VAL NA 24 51.04 -57.99 9.57
N ALA NA 25 51.52 -58.93 10.38
CA ALA NA 25 51.73 -60.29 9.90
C ALA NA 25 50.42 -61.04 9.66
N GLU NA 26 49.31 -60.61 10.25
CA GLU NA 26 48.07 -61.37 10.23
C GLU NA 26 47.10 -60.82 9.17
N VAL NA 27 47.65 -60.25 8.10
CA VAL NA 27 46.87 -59.56 7.07
C VAL NA 27 46.30 -60.62 6.12
N LYS NA 28 45.02 -60.48 5.78
CA LYS NA 28 44.33 -61.34 4.83
C LYS NA 28 44.12 -60.68 3.47
N LYS NA 29 43.75 -59.41 3.44
CA LYS NA 29 43.55 -58.71 2.17
C LYS NA 29 43.70 -57.21 2.40
N PHE NA 30 44.00 -56.49 1.32
CA PHE NA 30 44.19 -55.05 1.34
C PHE NA 30 43.71 -54.45 0.02
N GLN NA 31 42.97 -53.35 0.12
CA GLN NA 31 42.36 -52.70 -1.03
C GLN NA 31 42.44 -51.18 -0.87
N ALA NA 32 42.73 -50.49 -1.98
CA ALA NA 32 42.71 -49.03 -2.02
C ALA NA 32 42.44 -48.59 -3.45
N LYS NA 33 41.43 -47.72 -3.62
CA LYS NA 33 40.98 -47.35 -4.95
C LYS NA 33 40.51 -45.89 -4.95
N MET NA 34 40.77 -45.19 -6.06
CA MET NA 34 40.40 -43.80 -6.26
C MET NA 34 39.19 -43.72 -7.18
N GLU NA 35 38.05 -43.29 -6.65
CA GLU NA 35 36.81 -43.15 -7.42
C GLU NA 35 36.65 -41.72 -7.89
N PHE NA 36 36.55 -41.52 -9.21
CA PHE NA 36 36.49 -40.18 -9.76
C PHE NA 36 35.08 -39.60 -9.70
N THR NA 37 35.00 -38.29 -9.52
CA THR NA 37 33.74 -37.55 -9.57
C THR NA 37 33.63 -36.91 -10.96
N LYS NA 38 32.55 -37.23 -11.68
CA LYS NA 38 32.33 -36.80 -13.05
C LYS NA 38 30.92 -36.23 -13.19
N GLU NA 39 30.79 -35.16 -13.98
CA GLU NA 39 29.50 -34.53 -14.26
C GLU NA 39 29.21 -34.55 -15.75
N ASP NA 40 27.98 -34.90 -16.12
CA ASP NA 40 27.58 -34.94 -17.52
C ASP NA 40 27.50 -33.54 -18.11
N ILE NA 41 27.96 -33.40 -19.36
CA ILE NA 41 27.85 -32.14 -20.08
C ILE NA 41 27.37 -32.44 -21.50
N ILE NA 42 26.22 -31.90 -21.87
CA ILE NA 42 25.65 -32.04 -23.21
C ILE NA 42 26.07 -30.84 -24.02
N ILE NA 43 26.72 -31.08 -25.16
CA ILE NA 43 27.20 -30.02 -26.05
C ILE NA 43 26.21 -29.85 -27.20
N ALA NA 44 25.82 -28.60 -27.46
CA ALA NA 44 24.90 -28.31 -28.56
C ALA NA 44 25.45 -28.83 -29.87
N GLY NA 45 24.63 -29.58 -30.60
CA GLY NA 45 25.02 -30.15 -31.87
C GLY NA 45 25.73 -31.48 -31.82
N GLN NA 46 25.89 -32.08 -30.64
CA GLN NA 46 26.60 -33.35 -30.48
C GLN NA 46 25.69 -34.36 -29.80
N MET NA 47 25.54 -35.54 -30.42
CA MET NA 47 24.66 -36.58 -29.89
C MET NA 47 25.23 -37.28 -28.66
N GLY NA 48 26.54 -37.53 -28.62
CA GLY NA 48 27.15 -38.20 -27.48
C GLY NA 48 27.46 -37.30 -26.30
N THR NA 49 26.83 -37.56 -25.15
CA THR NA 49 27.08 -36.74 -23.96
C THR NA 49 28.47 -37.00 -23.40
N ASP NA 50 29.19 -35.91 -23.11
CA ASP NA 50 30.56 -35.92 -22.59
C ASP NA 50 30.53 -35.68 -21.07
N THR NA 51 31.72 -35.69 -20.44
CA THR NA 51 31.83 -35.51 -18.99
C THR NA 51 33.00 -34.60 -18.64
N LYS NA 52 32.93 -34.02 -17.44
CA LYS NA 52 33.99 -33.18 -16.89
C LYS NA 52 34.49 -33.78 -15.58
N TYR NA 53 35.80 -34.00 -15.49
CA TYR NA 53 36.41 -34.54 -14.29
C TYR NA 53 36.48 -33.46 -13.21
N MET NA 54 36.00 -33.78 -12.01
CA MET NA 54 35.91 -32.82 -10.92
C MET NA 54 36.76 -33.16 -9.69
N GLY NA 55 37.24 -34.38 -9.54
CA GLY NA 55 38.01 -34.77 -8.37
C GLY NA 55 37.87 -36.26 -8.11
N TYR NA 56 38.34 -36.67 -6.93
CA TYR NA 56 38.32 -38.09 -6.59
C TYR NA 56 38.10 -38.28 -5.09
N LYS NA 57 37.58 -39.46 -4.74
CA LYS NA 57 37.37 -39.90 -3.37
C LYS NA 57 38.08 -41.24 -3.16
N GLY NA 58 39.02 -41.28 -2.23
CA GLY NA 58 39.80 -42.48 -1.96
C GLY NA 58 39.12 -43.38 -0.94
N LYS NA 59 38.95 -44.64 -1.31
CA LYS NA 59 38.29 -45.63 -0.47
C LYS NA 59 39.08 -46.92 -0.45
N GLY NA 60 39.04 -47.62 0.69
CA GLY NA 60 39.80 -48.85 0.85
C GLY NA 60 39.28 -49.70 1.99
N SER NA 61 39.97 -50.82 2.21
CA SER NA 61 39.60 -51.74 3.28
C SER NA 61 40.78 -52.67 3.59
N ILE NA 62 40.82 -53.13 4.85
CA ILE NA 62 41.78 -54.12 5.32
C ILE NA 62 41.01 -55.23 6.01
N THR NA 63 41.45 -56.47 5.84
CA THR NA 63 40.90 -57.62 6.57
C THR NA 63 42.03 -58.35 7.26
N LEU NA 64 41.82 -58.71 8.53
CA LEU NA 64 42.83 -59.35 9.36
C LEU NA 64 42.27 -60.59 10.04
N TYR NA 65 43.12 -61.60 10.21
CA TYR NA 65 42.84 -62.65 11.19
C TYR NA 65 42.92 -62.06 12.60
N HIS NA 66 42.00 -62.46 13.46
CA HIS NA 66 41.90 -61.90 14.81
C HIS NA 66 42.88 -62.63 15.72
N VAL NA 67 44.00 -61.97 16.04
CA VAL NA 67 45.03 -62.55 16.90
C VAL NA 67 45.32 -61.63 18.10
N SER NA 68 44.98 -60.34 17.96
CA SER NA 68 45.30 -59.35 19.00
C SER NA 68 44.31 -58.19 18.90
N SER NA 69 44.50 -57.20 19.78
CA SER NA 69 43.66 -56.00 19.83
C SER NA 69 44.33 -54.81 19.14
N ARG NA 70 44.72 -54.99 17.88
CA ARG NA 70 45.48 -53.96 17.18
C ARG NA 70 44.67 -52.68 16.99
N MET NA 71 43.46 -52.80 16.43
CA MET NA 71 42.65 -51.61 16.12
C MET NA 71 42.15 -50.93 17.39
N HIS NA 72 41.80 -51.73 18.41
CA HIS NA 72 41.42 -51.14 19.70
C HIS NA 72 42.49 -50.19 20.19
N LYS NA 73 43.73 -50.67 20.25
CA LYS NA 73 44.84 -49.85 20.73
C LYS NA 73 45.09 -48.65 19.82
N LEU NA 74 44.88 -48.82 18.51
CA LEU NA 74 45.15 -47.70 17.61
C LEU NA 74 44.16 -46.55 17.79
N ILE NA 75 42.86 -46.84 17.93
CA ILE NA 75 41.91 -45.73 17.80
C ILE NA 75 40.87 -45.58 18.91
N GLY NA 76 40.74 -46.57 19.80
CA GLY NA 76 39.56 -46.60 20.68
C GLY NA 76 39.47 -45.39 21.61
N GLU NA 77 40.49 -45.19 22.44
CA GLU NA 77 40.43 -44.13 23.44
C GLU NA 77 40.35 -42.75 22.79
N LYS NA 78 41.09 -42.54 21.69
CA LYS NA 78 41.09 -41.24 21.04
C LYS NA 78 39.75 -40.91 20.40
N ILE NA 79 39.08 -41.89 19.80
CA ILE NA 79 37.81 -41.63 19.12
C ILE NA 79 36.76 -41.13 20.11
N LYS NA 80 36.71 -41.73 21.30
CA LYS NA 80 35.73 -41.32 22.30
C LYS NA 80 35.97 -39.89 22.78
N ARG NA 81 37.23 -39.45 22.78
CA ARG NA 81 37.57 -38.11 23.25
C ARG NA 81 37.31 -37.02 22.22
N GLY NA 82 37.12 -37.37 20.95
CA GLY NA 82 36.92 -36.40 19.91
C GLY NA 82 38.15 -36.06 19.08
N SER NA 83 39.29 -36.72 19.30
CA SER NA 83 40.50 -36.49 18.54
C SER NA 83 40.71 -37.64 17.55
N GLU NA 84 40.50 -37.37 16.26
CA GLU NA 84 40.60 -38.38 15.21
C GLU NA 84 42.05 -38.56 14.77
N PRO NA 85 42.62 -39.75 14.86
CA PRO NA 85 43.96 -40.00 14.35
C PRO NA 85 43.96 -40.32 12.85
N ARG NA 86 45.09 -40.05 12.22
CA ARG NA 86 45.32 -40.37 10.81
C ARG NA 86 46.59 -41.20 10.68
N PHE NA 87 46.64 -42.05 9.66
CA PHE NA 87 47.68 -43.06 9.55
C PHE NA 87 48.26 -43.13 8.13
N VAL NA 88 49.37 -43.85 8.03
CA VAL NA 88 50.05 -44.13 6.77
C VAL NA 88 50.21 -45.64 6.65
N ALA NA 89 49.82 -46.20 5.50
CA ALA NA 89 49.99 -47.62 5.22
C ALA NA 89 50.88 -47.83 4.01
N ILE NA 90 51.68 -48.88 4.03
CA ILE NA 90 52.53 -49.26 2.90
C ILE NA 90 52.19 -50.68 2.50
N SER NA 91 51.85 -50.88 1.23
CA SER NA 91 51.50 -52.19 0.71
C SER NA 91 52.53 -52.61 -0.33
N LYS NA 92 52.98 -53.86 -0.22
CA LYS NA 92 54.03 -54.39 -1.08
C LYS NA 92 53.57 -55.73 -1.65
N LEU NA 93 53.70 -55.88 -2.96
CA LEU NA 93 53.36 -57.13 -3.66
C LEU NA 93 54.59 -57.57 -4.43
N ASN NA 94 55.23 -58.65 -3.98
CA ASN NA 94 56.50 -59.13 -4.57
C ASN NA 94 56.40 -60.62 -4.85
N ASP NA 95 55.80 -60.98 -5.97
CA ASP NA 95 55.76 -62.37 -6.43
C ASP NA 95 57.09 -62.73 -7.09
N PRO NA 96 57.77 -63.78 -6.65
CA PRO NA 96 59.07 -64.13 -7.25
C PRO NA 96 59.01 -64.44 -8.74
N ASP NA 97 57.87 -64.88 -9.26
CA ASP NA 97 57.74 -65.21 -10.68
C ASP NA 97 57.26 -64.05 -11.54
N SER NA 98 57.07 -62.85 -10.97
CA SER NA 98 56.61 -61.70 -11.74
C SER NA 98 57.80 -60.85 -12.21
N TYR NA 99 57.50 -59.77 -12.93
CA TYR NA 99 58.55 -58.88 -13.42
C TYR NA 99 59.29 -58.21 -12.27
N GLY NA 100 58.58 -57.76 -11.26
CA GLY NA 100 59.18 -57.06 -10.15
C GLY NA 100 58.18 -56.74 -9.07
N ALA NA 101 58.55 -55.83 -8.18
CA ALA NA 101 57.74 -55.48 -7.03
C ALA NA 101 56.91 -54.24 -7.29
N GLU NA 102 55.78 -54.15 -6.60
CA GLU NA 102 54.90 -52.98 -6.61
C GLU NA 102 54.69 -52.57 -5.15
N ARG NA 103 55.21 -51.40 -4.77
CA ARG NA 103 55.12 -50.90 -3.39
C ARG NA 103 54.48 -49.52 -3.41
N ILE NA 104 53.44 -49.32 -2.60
CA ILE NA 104 52.69 -48.08 -2.60
C ILE NA 104 52.39 -47.65 -1.16
N ALA NA 105 52.54 -46.35 -0.90
CA ALA NA 105 52.18 -45.75 0.37
C ALA NA 105 50.84 -45.05 0.24
N VAL NA 106 49.93 -45.33 1.17
CA VAL NA 106 48.61 -44.72 1.22
C VAL NA 106 48.57 -43.85 2.47
N LYS NA 107 48.29 -42.55 2.30
CA LYS NA 107 48.49 -41.56 3.35
C LYS NA 107 47.19 -40.86 3.73
N ASN NA 108 47.21 -40.24 4.91
CA ASN NA 108 46.04 -39.55 5.48
C ASN NA 108 44.84 -40.49 5.57
N ILE NA 109 45.06 -41.67 6.14
CA ILE NA 109 44.03 -42.70 6.28
C ILE NA 109 43.17 -42.42 7.51
N ALA NA 110 41.86 -42.45 7.33
CA ALA NA 110 40.89 -42.36 8.42
C ALA NA 110 39.96 -43.57 8.37
N PHE NA 111 39.93 -44.33 9.46
CA PHE NA 111 39.13 -45.55 9.53
C PHE NA 111 37.65 -45.21 9.69
N ASP NA 112 36.80 -46.10 9.19
CA ASP NA 112 35.36 -45.88 9.14
C ASP NA 112 34.62 -46.35 10.38
N ASP NA 113 35.18 -47.31 11.12
CA ASP NA 113 34.50 -47.87 12.29
C ASP NA 113 35.51 -48.52 13.21
N LEU NA 114 35.02 -49.15 14.28
CA LEU NA 114 35.84 -49.95 15.18
C LEU NA 114 35.02 -51.13 15.70
N THR NA 115 35.53 -52.34 15.51
CA THR NA 115 34.86 -53.55 15.98
C THR NA 115 35.37 -53.89 17.37
N LEU NA 116 34.48 -53.85 18.35
CA LEU NA 116 34.82 -54.25 19.72
C LEU NA 116 34.78 -55.76 19.91
N ALA NA 117 33.74 -56.43 19.39
CA ALA NA 117 33.65 -57.88 19.45
C ALA NA 117 32.81 -58.37 18.29
N ASP NA 118 33.20 -59.50 17.70
CA ASP NA 118 32.36 -60.19 16.71
C ASP NA 118 32.76 -61.66 16.71
N TRP NA 119 32.08 -62.48 17.51
CA TRP NA 119 32.41 -63.90 17.59
C TRP NA 119 31.14 -64.76 17.52
N GLU NA 120 31.31 -65.97 17.00
CA GLU NA 120 30.26 -66.96 16.88
C GLU NA 120 30.85 -68.35 17.17
N VAL NA 121 30.11 -69.17 17.91
CA VAL NA 121 30.60 -70.50 18.26
C VAL NA 121 30.85 -71.31 16.99
N GLY NA 122 32.01 -71.96 16.92
CA GLY NA 122 32.38 -72.75 15.76
C GLY NA 122 32.86 -71.97 14.56
N VAL NA 123 33.21 -70.70 14.72
CA VAL NA 123 33.68 -69.85 13.62
C VAL NA 123 34.99 -69.18 14.04
N LYS NA 124 35.97 -69.18 13.14
CA LYS NA 124 37.23 -68.49 13.41
C LYS NA 124 37.05 -66.98 13.27
N GLY NA 125 37.82 -66.23 14.06
CA GLY NA 125 37.65 -64.79 14.14
C GLY NA 125 38.37 -64.02 13.04
N GLU NA 126 37.66 -63.05 12.46
CA GLU NA 126 38.24 -62.14 11.48
C GLU NA 126 37.68 -60.73 11.70
N ILE NA 127 38.44 -59.72 11.28
CA ILE NA 127 38.09 -58.32 11.43
C ILE NA 127 38.14 -57.64 10.07
N GLU NA 128 37.09 -56.89 9.73
CA GLU NA 128 37.00 -56.13 8.49
C GLU NA 128 36.96 -54.64 8.81
N ALA NA 129 37.90 -53.87 8.26
CA ALA NA 129 38.07 -52.47 8.64
C ALA NA 129 38.14 -51.54 7.42
N PRO NA 130 37.02 -50.95 7.00
CA PRO NA 130 37.03 -49.99 5.89
C PRO NA 130 37.65 -48.65 6.30
N PHE NA 131 38.12 -47.90 5.31
CA PHE NA 131 38.75 -46.60 5.56
C PHE NA 131 38.63 -45.71 4.33
N THR NA 132 39.01 -44.43 4.51
CA THR NA 132 39.16 -43.45 3.44
C THR NA 132 40.56 -42.85 3.50
N PHE NA 133 40.98 -42.20 2.41
CA PHE NA 133 42.32 -41.63 2.31
C PHE NA 133 42.34 -40.53 1.25
N THR NA 134 43.40 -39.71 1.25
CA THR NA 134 43.47 -38.61 0.27
C THR NA 134 44.74 -38.62 -0.58
N GLU NA 135 45.83 -39.21 -0.11
CA GLU NA 135 47.11 -39.12 -0.82
C GLU NA 135 47.76 -40.49 -0.98
N TYR NA 136 48.70 -40.56 -1.92
CA TYR NA 136 49.46 -41.78 -2.18
C TYR NA 136 50.80 -41.44 -2.83
N ASP NA 137 51.72 -42.40 -2.80
CA ASP NA 137 53.04 -42.25 -3.42
C ASP NA 137 53.49 -43.59 -3.98
N PHE NA 138 54.13 -43.55 -5.15
CA PHE NA 138 54.62 -44.73 -5.84
C PHE NA 138 56.08 -44.96 -5.43
N LEU NA 139 56.37 -46.13 -4.87
CA LEU NA 139 57.74 -46.56 -4.62
C LEU NA 139 57.90 -47.92 -5.28
N ASP NA 140 58.76 -48.03 -6.29
CA ASP NA 140 58.93 -49.29 -7.04
C ASP NA 140 57.64 -49.70 -7.76
N ILE NA 141 57.36 -48.99 -8.84
CA ILE NA 141 56.35 -49.46 -9.79
C ILE NA 141 56.99 -50.35 -10.84
N ILE NA 142 56.15 -51.08 -11.58
CA ILE NA 142 56.63 -51.93 -12.66
C ILE NA 142 56.43 -51.25 -14.01
N ILE OA 3 75.37 -9.54 -8.77
CA ILE OA 3 73.93 -9.34 -8.84
C ILE OA 3 73.59 -7.85 -8.76
N GLY OA 4 74.58 -7.03 -8.42
CA GLY OA 4 74.42 -5.60 -8.43
C GLY OA 4 73.56 -5.06 -7.30
N LEU OA 5 73.36 -3.76 -7.32
CA LEU OA 5 72.54 -3.09 -6.33
C LEU OA 5 71.06 -3.18 -6.69
N PRO OA 6 70.17 -3.13 -5.70
CA PRO OA 6 68.73 -3.10 -6.01
C PRO OA 6 68.37 -1.86 -6.82
N SER OA 7 67.53 -2.05 -7.82
CA SER OA 7 67.16 -0.98 -8.75
C SER OA 7 65.66 -0.75 -8.63
N ILE OA 8 65.28 0.34 -7.98
CA ILE OA 8 63.90 0.79 -7.94
C ILE OA 8 63.83 2.09 -8.73
N ASN OA 9 63.38 2.02 -9.98
CA ASN OA 9 63.35 3.19 -10.83
C ASN OA 9 61.95 3.42 -11.36
N ILE OA 10 61.37 4.55 -10.97
CA ILE OA 10 60.09 5.02 -11.47
C ILE OA 10 60.39 6.20 -12.39
N SER OA 11 60.06 6.06 -13.67
CA SER OA 11 60.40 7.05 -14.68
C SER OA 11 59.13 7.64 -15.28
N PHE OA 12 59.23 8.91 -15.70
CA PHE OA 12 58.14 9.60 -16.37
C PHE OA 12 58.56 9.96 -17.79
N LYS OA 13 57.64 9.83 -18.73
CA LYS OA 13 57.95 9.90 -20.15
C LYS OA 13 56.71 10.32 -20.93
N GLU OA 14 56.94 10.86 -22.11
CA GLU OA 14 55.85 11.28 -22.99
C GLU OA 14 55.15 10.07 -23.62
N LEU OA 15 54.02 10.33 -24.26
CA LEU OA 15 53.16 9.28 -24.79
C LEU OA 15 53.80 8.56 -25.97
N ALA OA 16 53.41 7.30 -26.19
CA ALA OA 16 53.99 6.45 -27.24
C ALA OA 16 52.91 5.56 -27.87
N THR OA 17 53.21 5.06 -29.08
CA THR OA 17 52.28 4.25 -29.85
C THR OA 17 52.62 2.76 -29.80
N THR OA 18 51.80 1.96 -30.49
CA THR OA 18 51.91 0.51 -30.53
C THR OA 18 51.74 0.00 -31.96
N VAL OA 19 52.57 -0.97 -32.36
CA VAL OA 19 52.50 -1.60 -33.68
C VAL OA 19 51.57 -2.81 -33.66
N LYS OA 20 51.24 -3.30 -34.86
CA LYS OA 20 50.31 -4.43 -34.99
C LYS OA 20 50.92 -5.71 -34.46
N GLU OA 21 50.07 -6.56 -33.89
CA GLU OA 21 50.49 -7.87 -33.42
C GLU OA 21 50.89 -8.75 -34.59
N ARG OA 22 51.78 -9.71 -34.33
CA ARG OA 22 52.38 -10.47 -35.41
C ARG OA 22 51.66 -11.80 -35.64
N SER OA 23 51.87 -12.35 -36.83
CA SER OA 23 51.28 -13.62 -37.25
C SER OA 23 52.36 -14.68 -37.43
N ALA OA 24 52.05 -15.89 -37.00
CA ALA OA 24 52.94 -17.02 -37.23
C ALA OA 24 52.67 -17.70 -38.57
N ARG OA 25 51.90 -17.05 -39.45
CA ARG OA 25 51.62 -17.57 -40.77
C ARG OA 25 52.26 -16.71 -41.86
N GLY OA 26 53.03 -17.35 -42.73
CA GLY OA 26 53.55 -16.71 -43.92
C GLY OA 26 55.06 -16.62 -43.99
N ILE OA 27 55.68 -17.38 -44.90
CA ILE OA 27 57.12 -17.33 -45.11
C ILE OA 27 57.36 -17.17 -46.61
N ILE OA 28 58.14 -16.15 -46.98
CA ILE OA 28 58.41 -15.82 -48.37
C ILE OA 28 59.91 -15.90 -48.64
N ALA OA 29 60.27 -16.53 -49.75
CA ALA OA 29 61.65 -16.57 -50.22
C ALA OA 29 61.82 -15.60 -51.38
N MET OA 30 62.76 -14.67 -51.24
CA MET OA 30 62.98 -13.63 -52.24
C MET OA 30 64.44 -13.63 -52.61
N VAL OA 31 64.73 -13.79 -53.90
CA VAL OA 31 66.10 -13.83 -54.39
C VAL OA 31 66.37 -12.55 -55.18
N LEU OA 32 67.44 -11.86 -54.82
CA LEU OA 32 67.79 -10.60 -55.47
C LEU OA 32 69.29 -10.57 -55.71
N LYS OA 33 69.68 -9.95 -56.82
CA LYS OA 33 71.08 -9.81 -57.20
C LYS OA 33 71.62 -8.52 -56.61
N ASP OA 34 72.78 -8.60 -55.96
CA ASP OA 34 73.49 -7.44 -55.46
C ASP OA 34 74.97 -7.58 -55.74
N ALA OA 35 75.67 -6.45 -55.78
CA ALA OA 35 77.10 -6.48 -56.00
C ALA OA 35 77.88 -6.56 -54.69
N LYS OA 36 77.19 -6.59 -53.55
CA LYS OA 36 77.85 -6.60 -52.25
C LYS OA 36 77.05 -7.47 -51.27
N ALA OA 37 77.79 -8.13 -50.37
CA ALA OA 37 77.20 -8.88 -49.25
C ALA OA 37 76.35 -10.06 -49.73
N LEU OA 38 76.93 -10.87 -50.61
CA LEU OA 38 76.25 -12.06 -51.10
C LEU OA 38 76.06 -13.06 -49.97
N GLY OA 39 75.00 -13.87 -50.08
CA GLY OA 39 74.76 -14.94 -49.14
C GLY OA 39 73.29 -15.07 -48.84
N LEU OA 40 73.01 -15.69 -47.69
CA LEU OA 40 71.66 -15.93 -47.20
C LEU OA 40 71.40 -15.01 -46.02
N ASN OA 41 70.34 -14.20 -46.12
CA ASN OA 41 69.97 -13.26 -45.09
C ASN OA 41 68.52 -13.48 -44.69
N GLU OA 42 68.30 -13.85 -43.43
CA GLU OA 42 66.97 -13.98 -42.87
C GLU OA 42 66.58 -12.63 -42.29
N ILE OA 43 65.36 -12.18 -42.59
CA ILE OA 43 64.88 -10.87 -42.16
C ILE OA 43 63.63 -11.07 -41.31
N HIS OA 44 63.65 -10.50 -40.10
CA HIS OA 44 62.53 -10.64 -39.19
C HIS OA 44 61.61 -9.43 -39.25
N GLU OA 45 62.18 -8.24 -39.48
CA GLU OA 45 61.39 -7.01 -39.52
C GLU OA 45 62.05 -5.99 -40.42
N LYS OA 46 61.23 -5.02 -40.85
CA LYS OA 46 61.69 -3.97 -41.75
C LYS OA 46 62.51 -2.90 -41.03
N GLU OA 47 62.45 -2.86 -39.71
CA GLU OA 47 63.29 -1.92 -38.96
C GLU OA 47 64.74 -2.37 -38.99
N ASP OA 48 64.98 -3.68 -39.06
CA ASP OA 48 66.32 -4.24 -39.02
C ASP OA 48 66.64 -4.91 -40.35
N ILE OA 49 67.11 -4.12 -41.31
CA ILE OA 49 67.59 -4.62 -42.60
C ILE OA 49 69.07 -4.25 -42.69
N PRO OA 50 69.97 -5.17 -43.05
CA PRO OA 50 71.38 -4.84 -43.11
C PRO OA 50 71.68 -3.71 -44.11
N VAL OA 51 72.64 -2.86 -43.73
CA VAL OA 51 72.89 -1.61 -44.45
C VAL OA 51 73.58 -1.79 -45.79
N ASP OA 52 73.95 -3.01 -46.17
CA ASP OA 52 74.74 -3.18 -47.39
C ASP OA 52 73.91 -3.03 -48.66
N LEU OA 53 72.64 -3.44 -48.62
CA LEU OA 53 71.83 -3.47 -49.83
C LEU OA 53 71.55 -2.07 -50.37
N SER OA 54 71.35 -2.00 -51.67
CA SER OA 54 71.03 -0.73 -52.32
C SER OA 54 69.67 -0.22 -51.86
N ALA OA 55 69.44 1.08 -52.05
CA ALA OA 55 68.14 1.64 -51.71
C ALA OA 55 67.04 0.99 -52.54
N GLU OA 56 67.33 0.71 -53.82
CA GLU OA 56 66.36 0.07 -54.69
C GLU OA 56 66.00 -1.33 -54.20
N ASN OA 57 67.00 -2.10 -53.78
CA ASN OA 57 66.71 -3.42 -53.21
C ASN OA 57 66.18 -3.32 -51.79
N LYS OA 58 66.55 -2.27 -51.05
CA LYS OA 58 66.04 -2.07 -49.70
C LYS OA 58 64.54 -1.86 -49.70
N GLU OA 59 64.04 -1.07 -50.67
CA GLU OA 59 62.62 -0.74 -50.69
C GLU OA 59 61.77 -1.95 -51.10
N TYR OA 60 62.34 -2.90 -51.83
CA TYR OA 60 61.63 -4.11 -52.20
C TYR OA 60 61.29 -4.96 -50.98
N ILE OA 61 62.21 -5.04 -50.03
CA ILE OA 61 61.96 -5.80 -48.80
C ILE OA 61 60.81 -5.17 -48.02
N ASN OA 62 60.84 -3.85 -47.89
CA ASN OA 62 59.74 -3.13 -47.24
C ASN OA 62 58.43 -3.32 -48.00
N LEU OA 63 58.51 -3.44 -49.34
CA LEU OA 63 57.32 -3.74 -50.13
C LEU OA 63 56.76 -5.12 -49.81
N ALA OA 64 57.64 -6.10 -49.61
CA ALA OA 64 57.20 -7.47 -49.35
C ALA OA 64 56.86 -7.71 -47.88
N LEU OA 65 57.34 -6.85 -46.98
CA LEU OA 65 57.11 -7.01 -45.55
C LEU OA 65 55.78 -6.44 -45.09
N MET OA 66 54.90 -6.05 -46.00
CA MET OA 66 53.54 -5.64 -45.67
C MET OA 66 52.55 -6.65 -46.24
N GLY OA 67 51.68 -7.17 -45.39
CA GLY OA 67 50.64 -8.07 -45.82
C GLY OA 67 49.29 -7.55 -45.39
N ASN OA 68 48.24 -8.04 -46.06
CA ASN OA 68 46.92 -7.44 -45.90
C ASN OA 68 46.45 -7.51 -44.45
N VAL OA 69 46.23 -8.71 -43.94
CA VAL OA 69 45.72 -8.86 -42.57
C VAL OA 69 46.87 -8.88 -41.57
N ASN OA 70 48.00 -9.48 -41.94
CA ASN OA 70 49.15 -9.47 -41.05
C ASN OA 70 50.43 -9.62 -41.86
N THR OA 71 51.54 -9.32 -41.21
CA THR OA 71 52.85 -9.36 -41.85
C THR OA 71 53.28 -10.81 -42.06
N PRO OA 72 54.09 -11.09 -43.09
CA PRO OA 72 54.71 -12.42 -43.18
C PRO OA 72 55.55 -12.75 -41.97
N ASN OA 73 55.54 -14.03 -41.60
CA ASN OA 73 56.28 -14.50 -40.44
C ASN OA 73 57.78 -14.33 -40.63
N LYS OA 74 58.29 -14.63 -41.83
CA LYS OA 74 59.73 -14.64 -42.03
C LYS OA 74 60.05 -14.38 -43.49
N LEU OA 75 61.18 -13.72 -43.73
CA LEU OA 75 61.64 -13.41 -45.06
C LEU OA 75 63.03 -14.03 -45.26
N LEU OA 76 63.21 -14.69 -46.41
CA LEU OA 76 64.46 -15.37 -46.73
C LEU OA 76 65.05 -14.74 -47.98
N VAL OA 77 65.96 -13.79 -47.81
CA VAL OA 77 66.59 -13.07 -48.91
C VAL OA 77 67.92 -13.75 -49.19
N TYR OA 78 68.01 -14.40 -50.35
CA TYR OA 78 69.26 -14.99 -50.84
C TYR OA 78 69.85 -14.05 -51.86
N VAL OA 79 71.10 -13.66 -51.65
CA VAL OA 79 71.75 -12.65 -52.49
C VAL OA 79 72.77 -13.36 -53.37
N ILE OA 80 72.65 -13.17 -54.69
CA ILE OA 80 73.61 -13.70 -55.63
C ILE OA 80 74.28 -12.52 -56.33
N GLU OA 81 75.46 -12.78 -56.89
CA GLU OA 81 76.26 -11.71 -57.46
C GLU OA 81 75.70 -11.26 -58.79
N GLY OA 82 76.30 -10.21 -59.35
CA GLY OA 82 75.95 -9.79 -60.69
C GLY OA 82 76.38 -10.80 -61.73
N GLU OA 83 75.55 -10.98 -62.74
CA GLU OA 83 75.79 -11.96 -63.81
C GLU OA 83 76.05 -13.34 -63.21
N ALA OA 84 75.23 -13.70 -62.22
CA ALA OA 84 75.42 -14.92 -61.47
C ALA OA 84 74.60 -16.05 -62.08
N ASP OA 85 74.77 -17.24 -61.51
CA ASP OA 85 73.98 -18.37 -61.97
C ASP OA 85 72.75 -18.55 -61.09
N ILE OA 86 71.61 -18.76 -61.74
CA ILE OA 86 70.34 -18.94 -61.03
C ILE OA 86 70.24 -20.35 -60.46
N GLN OA 87 70.94 -21.31 -61.06
CA GLN OA 87 70.81 -22.70 -60.66
C GLN OA 87 71.31 -22.92 -59.24
N THR OA 88 72.41 -22.24 -58.86
CA THR OA 88 72.91 -22.38 -57.50
C THR OA 88 71.95 -21.78 -56.49
N ALA OA 89 71.27 -20.69 -56.86
CA ALA OA 89 70.25 -20.11 -55.99
C ALA OA 89 69.11 -21.10 -55.77
N LEU OA 90 68.61 -21.72 -56.85
CA LEU OA 90 67.51 -22.66 -56.69
C LEU OA 90 67.95 -23.91 -55.93
N ASP OA 91 69.20 -24.36 -56.16
CA ASP OA 91 69.72 -25.52 -55.44
C ASP OA 91 69.80 -25.25 -53.94
N PHE OA 92 70.26 -24.07 -53.55
CA PHE OA 92 70.29 -23.72 -52.14
C PHE OA 92 68.87 -23.61 -51.58
N LEU OA 93 67.94 -23.06 -52.36
CA LEU OA 93 66.58 -22.88 -51.85
C LEU OA 93 65.83 -24.19 -51.75
N GLU OA 94 66.29 -25.24 -52.44
CA GLU OA 94 65.67 -26.55 -52.30
C GLU OA 94 65.67 -27.03 -50.84
N THR OA 95 66.65 -26.60 -50.06
CA THR OA 95 66.80 -27.12 -48.71
C THR OA 95 65.75 -26.56 -47.76
N LYS OA 96 65.42 -25.28 -47.88
CA LYS OA 96 64.62 -24.59 -46.89
C LYS OA 96 63.13 -24.92 -47.05
N GLU OA 97 62.34 -24.47 -46.07
CA GLU OA 97 60.88 -24.56 -46.14
C GLU OA 97 60.30 -23.16 -46.26
N PHE OA 98 59.46 -22.97 -47.28
CA PHE OA 98 58.90 -21.65 -47.59
C PHE OA 98 57.64 -21.85 -48.44
N ASN OA 99 56.88 -20.77 -48.58
CA ASN OA 99 55.59 -20.84 -49.28
C ASN OA 99 55.64 -20.29 -50.70
N TYR OA 100 56.02 -19.03 -50.89
CA TYR OA 100 56.02 -18.41 -52.21
C TYR OA 100 57.42 -17.85 -52.52
N LEU OA 101 57.78 -17.87 -53.80
CA LEU OA 101 59.08 -17.41 -54.27
C LEU OA 101 58.89 -16.33 -55.34
N CYS OA 102 59.72 -15.29 -55.29
CA CYS OA 102 59.70 -14.24 -56.30
C CYS OA 102 61.09 -13.64 -56.46
N MET OA 103 61.43 -13.30 -57.70
CA MET OA 103 62.63 -12.53 -58.03
C MET OA 103 62.20 -11.16 -58.53
N PRO OA 104 62.46 -10.09 -57.77
CA PRO OA 104 62.05 -8.75 -58.26
C PRO OA 104 62.61 -8.40 -59.62
N LYS OA 105 63.85 -8.77 -59.91
CA LYS OA 105 64.46 -8.53 -61.21
C LYS OA 105 64.81 -9.87 -61.84
N ALA OA 106 64.07 -10.23 -62.89
CA ALA OA 106 64.24 -11.53 -63.51
C ALA OA 106 64.17 -11.38 -65.02
N VAL OA 107 64.91 -12.23 -65.71
CA VAL OA 107 65.00 -12.22 -67.16
C VAL OA 107 64.23 -13.44 -67.65
N GLU OA 108 63.85 -13.43 -68.93
CA GLU OA 108 63.03 -14.50 -69.51
C GLU OA 108 63.63 -15.88 -69.23
N ALA OA 109 64.94 -16.02 -69.42
CA ALA OA 109 65.61 -17.27 -69.11
C ALA OA 109 65.50 -17.60 -67.62
N ASP OA 110 65.69 -16.59 -66.76
CA ASP OA 110 65.51 -16.81 -65.33
C ASP OA 110 64.08 -17.24 -65.01
N LYS OA 111 63.10 -16.60 -65.66
CA LYS OA 111 61.70 -16.96 -65.42
C LYS OA 111 61.42 -18.41 -65.79
N THR OA 112 61.93 -18.84 -66.95
CA THR OA 112 61.67 -20.22 -67.37
C THR OA 112 62.42 -21.21 -66.47
N ALA OA 113 63.60 -20.83 -65.98
CA ALA OA 113 64.32 -21.70 -65.05
C ALA OA 113 63.54 -21.87 -63.75
N ILE OA 114 63.04 -20.77 -63.20
CA ILE OA 114 62.24 -20.84 -61.97
C ILE OA 114 60.97 -21.66 -62.20
N LYS OA 115 60.31 -21.46 -63.34
CA LYS OA 115 59.08 -22.19 -63.63
C LYS OA 115 59.34 -23.69 -63.69
N ASN OA 116 60.38 -24.10 -64.42
CA ASN OA 116 60.71 -25.51 -64.51
C ASN OA 116 61.08 -26.08 -63.15
N TRP OA 117 61.82 -25.31 -62.36
CA TRP OA 117 62.19 -25.77 -61.02
C TRP OA 117 60.98 -25.97 -60.13
N ILE OA 118 60.02 -25.04 -60.16
CA ILE OA 118 58.83 -25.15 -59.34
C ILE OA 118 58.01 -26.37 -59.75
N ILE OA 119 57.84 -26.57 -61.07
CA ILE OA 119 57.09 -27.71 -61.55
C ILE OA 119 57.77 -29.01 -61.13
N LYS OA 120 59.09 -29.09 -61.29
CA LYS OA 120 59.81 -30.31 -60.91
C LYS OA 120 59.67 -30.56 -59.41
N LEU OA 121 59.79 -29.52 -58.59
CA LEU OA 121 59.64 -29.69 -57.16
C LEU OA 121 58.27 -30.26 -56.83
N ARG OA 122 57.20 -29.59 -57.31
CA ARG OA 122 55.84 -29.99 -56.96
C ARG OA 122 55.49 -31.37 -57.51
N ASP OA 123 56.09 -31.78 -58.63
CA ASP OA 123 55.66 -33.00 -59.28
C ASP OA 123 56.50 -34.22 -58.86
N ILE OA 124 57.82 -34.08 -58.82
CA ILE OA 124 58.71 -35.18 -58.46
C ILE OA 124 59.10 -35.13 -56.99
N ASP OA 125 59.49 -33.96 -56.48
CA ASP OA 125 59.99 -33.89 -55.12
C ASP OA 125 58.88 -33.94 -54.09
N LYS OA 126 57.62 -33.79 -54.50
CA LYS OA 126 56.46 -33.85 -53.61
C LYS OA 126 56.58 -32.84 -52.47
N VAL OA 127 57.12 -31.66 -52.78
CA VAL OA 127 57.10 -30.51 -51.88
C VAL OA 127 56.26 -29.44 -52.57
N LYS OA 128 55.23 -28.96 -51.88
CA LYS OA 128 54.26 -28.04 -52.48
C LYS OA 128 54.75 -26.60 -52.29
N VAL OA 129 55.34 -26.03 -53.33
CA VAL OA 129 55.85 -24.66 -53.30
C VAL OA 129 55.28 -23.90 -54.47
N LYS OA 130 55.28 -22.57 -54.36
CA LYS OA 130 54.68 -21.70 -55.37
C LYS OA 130 55.63 -20.57 -55.72
N ALA OA 131 55.49 -20.05 -56.93
CA ALA OA 131 56.25 -18.90 -57.40
C ALA OA 131 55.32 -17.86 -58.00
N VAL OA 132 55.53 -16.60 -57.66
CA VAL OA 132 54.79 -15.47 -58.21
C VAL OA 132 55.72 -14.77 -59.20
N LEU OA 133 55.39 -14.83 -60.49
CA LEU OA 133 56.22 -14.27 -61.54
C LEU OA 133 55.38 -13.46 -62.51
N GLY OA 134 56.02 -12.51 -63.18
CA GLY OA 134 55.33 -11.63 -64.12
C GLY OA 134 55.42 -12.13 -65.55
N LYS OA 135 54.27 -12.15 -66.22
CA LYS OA 135 54.18 -12.44 -67.66
C LYS OA 135 54.74 -13.83 -67.99
N VAL OA 136 54.41 -14.82 -67.16
CA VAL OA 136 54.83 -16.20 -67.36
C VAL OA 136 53.59 -17.06 -67.57
N VAL OA 137 53.51 -17.72 -68.74
CA VAL OA 137 52.31 -18.42 -69.17
C VAL OA 137 52.25 -19.85 -68.62
N GLY OA 138 53.07 -20.18 -67.62
CA GLY OA 138 53.05 -21.49 -66.99
C GLY OA 138 51.67 -22.03 -66.72
N ASN OA 139 51.37 -23.23 -67.24
CA ASN OA 139 50.05 -23.84 -67.14
C ASN OA 139 49.86 -24.62 -65.84
N HIS OA 140 50.54 -24.24 -64.76
CA HIS OA 140 50.52 -24.99 -63.52
C HIS OA 140 49.85 -24.23 -62.39
N GLU OA 141 49.24 -24.97 -61.46
CA GLU OA 141 48.69 -24.38 -60.25
C GLU OA 141 49.75 -23.86 -59.28
N GLY OA 142 51.00 -24.29 -59.45
CA GLY OA 142 52.06 -23.79 -58.59
C GLY OA 142 52.61 -22.45 -59.04
N ILE OA 143 52.19 -21.97 -60.20
CA ILE OA 143 52.58 -20.67 -60.73
C ILE OA 143 51.35 -19.81 -60.90
N ILE OA 144 51.44 -18.55 -60.46
CA ILE OA 144 50.40 -17.57 -60.70
C ILE OA 144 51.01 -16.43 -61.50
N ASN OA 145 50.36 -16.09 -62.62
CA ASN OA 145 50.82 -15.06 -63.53
C ASN OA 145 50.26 -13.70 -63.15
N PHE OA 146 51.16 -12.75 -62.84
CA PHE OA 146 50.79 -11.38 -62.57
C PHE OA 146 51.09 -10.55 -63.80
N THR OA 147 50.06 -9.93 -64.39
CA THR OA 147 50.18 -9.17 -65.64
C THR OA 147 49.61 -7.78 -65.44
N THR OA 148 50.49 -6.83 -65.09
CA THR OA 148 50.14 -5.42 -65.01
C THR OA 148 51.40 -4.60 -65.21
N GLU OA 149 51.27 -3.45 -65.87
CA GLU OA 149 52.40 -2.61 -66.19
C GLU OA 149 52.24 -1.26 -65.49
N ASP OA 150 53.36 -0.62 -65.21
CA ASP OA 150 53.39 0.78 -64.76
C ASP OA 150 52.53 1.03 -63.53
N VAL OA 151 52.77 0.24 -62.48
CA VAL OA 151 52.09 0.43 -61.20
C VAL OA 151 52.87 1.47 -60.39
N LEU OA 152 52.22 2.57 -60.04
CA LEU OA 152 52.93 3.72 -59.46
C LEU OA 152 52.67 3.75 -57.96
N VAL OA 153 53.74 3.67 -57.18
CA VAL OA 153 53.68 3.65 -55.72
C VAL OA 153 54.66 4.69 -55.19
N GLY OA 154 54.19 5.51 -54.25
CA GLY OA 154 55.04 6.52 -53.66
C GLY OA 154 55.61 7.44 -54.71
N GLU OA 155 54.74 7.91 -55.61
CA GLU OA 155 55.10 8.68 -56.80
C GLU OA 155 56.30 8.11 -57.55
N LYS OA 156 56.50 6.79 -57.46
CA LYS OA 156 57.58 6.10 -58.15
C LYS OA 156 56.99 5.05 -59.08
N LYS OA 157 57.51 4.98 -60.30
CA LYS OA 157 57.07 3.98 -61.25
C LYS OA 157 57.60 2.60 -60.84
N TYR OA 158 56.77 1.58 -60.98
CA TYR OA 158 57.19 0.22 -60.68
C TYR OA 158 56.81 -0.69 -61.85
N SER OA 159 57.74 -1.56 -62.24
CA SER OA 159 57.56 -2.45 -63.36
C SER OA 159 56.89 -3.73 -62.89
N VAL OA 160 56.50 -4.58 -63.85
CA VAL OA 160 55.71 -5.76 -63.51
C VAL OA 160 56.52 -6.72 -62.64
N ASP OA 161 57.78 -6.94 -62.99
CA ASP OA 161 58.61 -7.85 -62.21
C ASP OA 161 58.88 -7.32 -60.81
N GLU OA 162 59.10 -6.00 -60.68
CA GLU OA 162 59.40 -5.42 -59.38
C GLU OA 162 58.23 -5.49 -58.42
N PHE OA 163 57.00 -5.26 -58.90
CA PHE OA 163 55.84 -5.25 -58.01
C PHE OA 163 55.39 -6.66 -57.64
N THR OA 164 56.03 -7.70 -58.20
CA THR OA 164 55.68 -9.06 -57.83
C THR OA 164 56.05 -9.36 -56.38
N SER OA 165 56.98 -8.59 -55.80
CA SER OA 165 57.28 -8.74 -54.38
C SER OA 165 56.09 -8.33 -53.51
N ARG OA 166 55.44 -7.21 -53.85
CA ARG OA 166 54.26 -6.79 -53.12
C ARG OA 166 53.13 -7.81 -53.27
N VAL OA 167 52.95 -8.36 -54.48
CA VAL OA 167 51.93 -9.37 -54.70
C VAL OA 167 52.20 -10.61 -53.86
N ALA OA 168 53.46 -11.07 -53.84
CA ALA OA 168 53.80 -12.24 -53.04
C ALA OA 168 53.54 -11.99 -51.56
N GLY OA 169 53.90 -10.81 -51.07
CA GLY OA 169 53.61 -10.48 -49.68
C GLY OA 169 52.13 -10.46 -49.37
N LEU OA 170 51.34 -9.85 -50.26
CA LEU OA 170 49.90 -9.77 -50.06
C LEU OA 170 49.27 -11.15 -50.02
N ILE OA 171 49.67 -12.03 -50.94
CA ILE OA 171 49.11 -13.38 -50.96
C ILE OA 171 49.54 -14.15 -49.71
N ALA OA 172 50.81 -14.06 -49.33
CA ALA OA 172 51.29 -14.80 -48.16
C ALA OA 172 50.68 -14.25 -46.86
N GLY OA 173 50.17 -13.03 -46.87
CA GLY OA 173 49.60 -12.45 -45.67
C GLY OA 173 48.13 -12.74 -45.46
N THR OA 174 47.51 -13.43 -46.40
CA THR OA 174 46.06 -13.67 -46.32
C THR OA 174 45.77 -14.89 -45.44
N PRO OA 175 44.88 -14.76 -44.45
CA PRO OA 175 44.57 -15.90 -43.58
C PRO OA 175 43.84 -17.03 -44.29
N LEU OA 176 43.88 -18.23 -43.71
CA LEU OA 176 43.43 -19.43 -44.40
C LEU OA 176 41.94 -19.39 -44.72
N SER OA 177 41.15 -18.70 -43.91
CA SER OA 177 39.71 -18.67 -44.13
C SER OA 177 39.30 -17.83 -45.34
N GLN OA 178 40.22 -17.06 -45.92
CA GLN OA 178 39.86 -15.95 -46.81
C GLN OA 178 40.52 -16.08 -48.18
N SER OA 179 40.11 -15.18 -49.07
CA SER OA 179 40.63 -15.08 -50.43
C SER OA 179 41.12 -13.66 -50.66
N VAL OA 180 41.97 -13.49 -51.68
CA VAL OA 180 42.48 -12.15 -52.00
C VAL OA 180 41.61 -11.40 -53.00
N THR OA 181 40.46 -11.96 -53.39
CA THR OA 181 39.56 -11.27 -54.30
C THR OA 181 39.09 -9.95 -53.72
N TYR OA 182 39.15 -8.90 -54.54
CA TYR OA 182 38.79 -7.53 -54.13
C TYR OA 182 39.58 -7.01 -52.94
N THR OA 183 40.76 -7.54 -52.66
CA THR OA 183 41.60 -6.92 -51.66
C THR OA 183 42.15 -5.61 -52.22
N LYS OA 184 42.03 -4.55 -51.42
CA LYS OA 184 42.42 -3.21 -51.87
C LYS OA 184 43.85 -2.92 -51.47
N LEU OA 185 44.60 -2.29 -52.38
CA LEU OA 185 45.94 -1.82 -52.11
C LEU OA 185 45.92 -0.30 -52.02
N SER OA 186 46.09 0.21 -50.80
CA SER OA 186 45.95 1.65 -50.58
C SER OA 186 47.08 2.46 -51.18
N ASP OA 187 48.33 1.98 -51.09
CA ASP OA 187 49.47 2.81 -51.50
C ASP OA 187 49.52 2.98 -53.01
N VAL OA 188 48.89 2.09 -53.76
CA VAL OA 188 48.77 2.29 -55.20
C VAL OA 188 47.76 3.39 -55.47
N VAL OA 189 48.13 4.34 -56.32
CA VAL OA 189 47.26 5.48 -56.62
C VAL OA 189 47.02 5.67 -58.11
N ASP OA 190 47.67 4.93 -59.00
CA ASP OA 190 47.42 5.05 -60.43
C ASP OA 190 47.74 3.73 -61.13
N ILE OA 191 46.94 3.41 -62.15
CA ILE OA 191 47.04 2.17 -62.91
C ILE OA 191 46.66 2.45 -64.37
N PRO OA 192 47.29 1.81 -65.35
CA PRO OA 192 46.85 1.98 -66.74
C PRO OA 192 45.39 1.57 -66.91
N LYS OA 193 44.68 2.32 -67.75
CA LYS OA 193 43.27 2.05 -67.99
C LYS OA 193 43.11 0.75 -68.76
N MET OA 194 41.98 0.06 -68.51
CA MET OA 194 41.67 -1.18 -69.19
C MET OA 194 40.17 -1.39 -69.20
N THR OA 195 39.64 -1.81 -70.34
CA THR OA 195 38.21 -2.02 -70.51
C THR OA 195 37.76 -3.33 -69.86
N LYS OA 196 36.45 -3.45 -69.66
CA LYS OA 196 35.90 -4.57 -68.88
C LYS OA 196 36.04 -5.89 -69.62
N VAL OA 197 35.75 -5.90 -70.93
CA VAL OA 197 35.85 -7.15 -71.68
C VAL OA 197 37.29 -7.64 -71.73
N ASP OA 198 38.26 -6.71 -71.83
CA ASP OA 198 39.67 -7.10 -71.80
C ASP OA 198 40.05 -7.72 -70.47
N ALA OA 199 39.59 -7.12 -69.36
CA ALA OA 199 39.88 -7.69 -68.04
C ALA OA 199 39.25 -9.07 -67.89
N GLU OA 200 38.01 -9.23 -68.35
CA GLU OA 200 37.38 -10.55 -68.35
C GLU OA 200 38.21 -11.58 -69.10
N SER OA 201 38.66 -11.21 -70.30
CA SER OA 201 39.43 -12.16 -71.11
C SER OA 201 40.75 -12.51 -70.43
N ARG OA 202 41.42 -11.51 -69.83
CA ARG OA 202 42.67 -11.80 -69.15
C ARG OA 202 42.46 -12.72 -67.95
N VAL OA 203 41.39 -12.50 -67.18
CA VAL OA 203 41.12 -13.39 -66.04
C VAL OA 203 40.84 -14.80 -66.54
N ASN OA 204 40.05 -14.94 -67.60
CA ASN OA 204 39.79 -16.27 -68.15
C ASN OA 204 41.04 -16.88 -68.76
N LYS OA 205 42.05 -16.07 -69.10
CA LYS OA 205 43.31 -16.60 -69.61
C LYS OA 205 44.21 -17.14 -68.50
N GLY OA 206 43.98 -16.75 -67.26
CA GLY OA 206 44.77 -17.22 -66.14
C GLY OA 206 45.70 -16.20 -65.51
N GLU OA 207 45.36 -14.91 -65.55
CA GLU OA 207 46.23 -13.87 -65.02
C GLU OA 207 45.61 -13.20 -63.80
N LEU OA 208 46.46 -12.86 -62.84
CA LEU OA 208 46.10 -12.04 -61.70
C LEU OA 208 46.36 -10.58 -62.05
N ILE OA 209 45.32 -9.74 -62.03
CA ILE OA 209 45.40 -8.37 -62.51
C ILE OA 209 44.86 -7.42 -61.44
N LEU OA 210 45.25 -6.15 -61.54
CA LEU OA 210 44.66 -5.09 -60.74
C LEU OA 210 43.59 -4.38 -61.56
N ILE OA 211 42.57 -3.85 -60.88
CA ILE OA 211 41.50 -3.10 -61.54
C ILE OA 211 41.23 -1.81 -60.78
N LYS OA 212 40.59 -0.87 -61.45
CA LYS OA 212 40.32 0.45 -60.89
C LYS OA 212 38.88 0.52 -60.37
N GLU OA 213 38.70 1.20 -59.24
CA GLU OA 213 37.36 1.31 -58.66
C GLU OA 213 37.27 2.58 -57.84
N ALA OA 214 36.03 3.04 -57.64
CA ALA OA 214 35.78 4.15 -56.75
C ALA OA 214 36.37 3.86 -55.39
N GLY OA 215 37.23 4.75 -54.92
CA GLY OA 215 38.16 4.42 -53.87
C GLY OA 215 39.48 3.93 -54.45
N ALA OA 216 40.10 2.99 -53.75
CA ALA OA 216 41.44 2.58 -54.14
C ALA OA 216 41.40 1.54 -55.26
N ILE OA 217 42.58 0.99 -55.53
CA ILE OA 217 42.77 -0.08 -56.49
C ILE OA 217 42.64 -1.43 -55.78
N ARG OA 218 42.31 -2.47 -56.54
CA ARG OA 218 42.10 -3.77 -55.90
C ARG OA 218 42.41 -4.92 -56.85
N ILE OA 219 42.62 -6.09 -56.26
CA ILE OA 219 42.79 -7.33 -57.02
C ILE OA 219 41.45 -7.76 -57.60
N ALA OA 220 41.49 -8.26 -58.84
CA ALA OA 220 40.24 -8.63 -59.51
C ALA OA 220 39.70 -9.95 -59.01
N ARG OA 221 40.42 -11.05 -59.24
CA ARG OA 221 39.97 -12.39 -58.86
C ARG OA 221 41.19 -13.25 -58.55
N GLY OA 222 41.09 -14.03 -57.47
CA GLY OA 222 42.22 -14.82 -56.99
C GLY OA 222 42.44 -16.10 -57.75
N VAL OA 223 42.81 -15.97 -59.03
CA VAL OA 223 42.84 -17.11 -59.95
C VAL OA 223 44.26 -17.60 -60.14
N ASN OA 224 44.38 -18.85 -60.63
CA ASN OA 224 45.64 -19.49 -60.93
C ASN OA 224 46.01 -19.27 -62.39
N SER OA 225 47.20 -19.75 -62.77
CA SER OA 225 47.58 -19.81 -64.18
C SER OA 225 47.19 -21.13 -64.83
N LEU OA 226 46.58 -22.05 -64.10
CA LEU OA 226 46.09 -23.29 -64.70
C LEU OA 226 44.87 -23.00 -65.55
N THR OA 227 44.92 -23.41 -66.81
CA THR OA 227 43.82 -23.19 -67.74
C THR OA 227 43.32 -24.46 -68.42
N GLU OA 228 44.15 -25.49 -68.57
CA GLU OA 228 43.71 -26.74 -69.16
C GLU OA 228 43.20 -27.68 -68.08
N LEU OA 229 41.89 -27.89 -68.05
CA LEU OA 229 41.23 -28.69 -67.02
C LEU OA 229 40.90 -30.06 -67.58
N THR OA 230 41.12 -31.09 -66.78
CA THR OA 230 40.91 -32.48 -67.17
C THR OA 230 39.92 -33.16 -66.22
N ALA OA 231 39.67 -34.45 -66.49
CA ALA OA 231 38.74 -35.20 -65.66
C ALA OA 231 39.26 -35.37 -64.23
N GLU OA 232 40.58 -35.24 -64.04
CA GLU OA 232 41.15 -35.37 -62.70
C GLU OA 232 41.42 -34.02 -62.04
N LYS OA 233 41.61 -32.96 -62.82
CA LYS OA 233 41.86 -31.62 -62.31
C LYS OA 233 40.68 -30.73 -62.71
N GLY OA 234 39.85 -30.36 -61.74
CA GLY OA 234 38.67 -29.55 -61.99
C GLY OA 234 38.95 -28.07 -61.80
N GLU OA 235 37.84 -27.30 -61.77
CA GLU OA 235 37.94 -25.85 -61.67
C GLU OA 235 38.27 -25.38 -60.26
N MET OA 236 38.13 -26.26 -59.27
CA MET OA 236 38.52 -25.89 -57.91
C MET OA 236 40.02 -25.66 -57.80
N PHE OA 237 40.81 -26.28 -58.67
CA PHE OA 237 42.27 -26.17 -58.63
C PHE OA 237 42.79 -24.87 -59.24
N GLN OA 238 41.91 -24.03 -59.81
CA GLN OA 238 42.32 -22.74 -60.35
C GLN OA 238 42.30 -21.62 -59.32
N LYS OA 239 41.88 -21.90 -58.09
CA LYS OA 239 41.71 -20.85 -57.09
C LYS OA 239 42.80 -20.90 -56.03
N ILE OA 240 43.36 -19.72 -55.71
CA ILE OA 240 44.53 -19.65 -54.84
C ILE OA 240 44.22 -20.17 -53.43
N LYS OA 241 43.07 -19.77 -52.87
CA LYS OA 241 42.72 -20.18 -51.52
C LYS OA 241 42.60 -21.70 -51.40
N ILE OA 242 42.00 -22.34 -52.40
CA ILE OA 242 41.81 -23.79 -52.35
C ILE OA 242 43.16 -24.50 -52.37
N VAL OA 243 44.04 -24.09 -53.28
CA VAL OA 243 45.34 -24.75 -53.40
C VAL OA 243 46.17 -24.51 -52.14
N ASP OA 244 46.03 -23.32 -51.55
CA ASP OA 244 46.73 -23.03 -50.29
C ASP OA 244 46.28 -23.96 -49.16
N THR OA 245 44.97 -24.17 -49.03
CA THR OA 245 44.49 -25.09 -48.00
C THR OA 245 44.91 -26.53 -48.27
N LEU OA 246 44.89 -26.95 -49.54
CA LEU OA 246 45.37 -28.29 -49.86
C LEU OA 246 46.85 -28.45 -49.50
N ASP OA 247 47.65 -27.41 -49.75
CA ASP OA 247 49.07 -27.47 -49.41
C ASP OA 247 49.28 -27.57 -47.91
N ILE OA 248 48.50 -26.85 -47.11
CA ILE OA 248 48.72 -26.92 -45.66
C ILE OA 248 48.30 -28.30 -45.13
N ILE OA 249 47.23 -28.88 -45.69
CA ILE OA 249 46.86 -30.24 -45.30
C ILE OA 249 47.99 -31.22 -45.64
N HIS OA 250 48.53 -31.09 -46.85
CA HIS OA 250 49.64 -31.94 -47.27
C HIS OA 250 50.81 -31.85 -46.30
N SER OA 251 51.20 -30.63 -45.92
CA SER OA 251 52.35 -30.46 -45.03
C SER OA 251 52.07 -31.03 -43.64
N ASP OA 252 50.87 -30.82 -43.09
CA ASP OA 252 50.55 -31.37 -41.78
C ASP OA 252 50.63 -32.90 -41.77
N ILE OA 253 50.03 -33.54 -42.78
CA ILE OA 253 50.04 -35.00 -42.82
C ILE OA 253 51.45 -35.54 -43.00
N ARG OA 254 52.24 -34.90 -43.87
CA ARG OA 254 53.62 -35.32 -44.06
C ARG OA 254 54.40 -35.22 -42.75
N LYS OA 255 54.19 -34.14 -42.00
CA LYS OA 255 54.90 -33.97 -40.74
C LYS OA 255 54.55 -35.08 -39.76
N VAL OA 256 53.27 -35.39 -39.63
CA VAL OA 256 52.86 -36.45 -38.69
C VAL OA 256 53.49 -37.78 -39.10
N ILE OA 257 53.39 -38.13 -40.39
CA ILE OA 257 53.90 -39.42 -40.85
C ILE OA 257 55.40 -39.52 -40.60
N ILE OA 258 56.15 -38.46 -40.91
CA ILE OA 258 57.60 -38.50 -40.74
C ILE OA 258 57.96 -38.59 -39.26
N ASP OA 259 57.26 -37.85 -38.40
CA ASP OA 259 57.67 -37.79 -37.01
C ASP OA 259 57.30 -39.05 -36.23
N ASP OA 260 56.26 -39.77 -36.65
CA ASP OA 260 55.78 -40.85 -35.80
C ASP OA 260 55.88 -42.26 -36.40
N TYR OA 261 56.13 -42.42 -37.70
CA TYR OA 261 56.03 -43.75 -38.29
C TYR OA 261 57.19 -44.20 -39.15
N ILE OA 262 57.89 -43.30 -39.85
CA ILE OA 262 58.92 -43.71 -40.81
C ILE OA 262 60.11 -44.27 -40.04
N GLY OA 263 60.34 -45.58 -40.17
CA GLY OA 263 61.44 -46.24 -39.50
C GLY OA 263 61.19 -46.61 -38.05
N LYS OA 264 60.01 -46.32 -37.51
CA LYS OA 264 59.74 -46.55 -36.10
C LYS OA 264 58.88 -47.78 -35.83
N VAL OA 265 58.11 -48.25 -36.81
CA VAL OA 265 57.17 -49.34 -36.59
C VAL OA 265 57.34 -50.39 -37.69
N THR OA 266 56.97 -51.62 -37.36
CA THR OA 266 56.94 -52.69 -38.34
C THR OA 266 55.76 -52.50 -39.29
N ASN OA 267 55.87 -53.07 -40.48
CA ASN OA 267 54.86 -52.88 -41.52
C ASN OA 267 53.91 -54.08 -41.53
N SER OA 268 53.01 -54.13 -40.55
CA SER OA 268 51.97 -55.14 -40.48
C SER OA 268 50.62 -54.45 -40.62
N TYR OA 269 49.58 -55.25 -40.86
CA TYR OA 269 48.24 -54.70 -41.04
C TYR OA 269 47.77 -53.93 -39.81
N ASP OA 270 48.12 -54.41 -38.61
CA ASP OA 270 47.72 -53.73 -37.38
C ASP OA 270 48.31 -52.32 -37.29
N ASN OA 271 49.58 -52.16 -37.63
CA ASN OA 271 50.20 -50.85 -37.60
C ASN OA 271 49.64 -49.92 -38.66
N LYS OA 272 49.27 -50.48 -39.83
CA LYS OA 272 48.56 -49.69 -40.83
C LYS OA 272 47.23 -49.17 -40.28
N CYS OA 273 46.50 -50.01 -39.53
CA CYS OA 273 45.25 -49.55 -38.92
C CYS OA 273 45.49 -48.42 -37.93
N LEU OA 274 46.57 -48.52 -37.13
CA LEU OA 274 46.91 -47.43 -36.21
C LEU OA 274 47.19 -46.13 -36.97
N LEU OA 275 47.93 -46.22 -38.08
CA LEU OA 275 48.19 -45.03 -38.91
C LEU OA 275 46.90 -44.43 -39.46
N ILE OA 276 45.98 -45.29 -39.91
CA ILE OA 276 44.68 -44.84 -40.39
C ILE OA 276 43.94 -44.06 -39.31
N VAL OA 277 43.95 -44.58 -38.08
CA VAL OA 277 43.24 -43.89 -37.00
C VAL OA 277 43.87 -42.52 -36.73
N ALA OA 278 45.20 -42.43 -36.76
CA ALA OA 278 45.86 -41.14 -36.53
C ALA OA 278 45.48 -40.11 -37.61
N ILE OA 279 45.49 -40.54 -38.88
CA ILE OA 279 45.12 -39.62 -39.96
C ILE OA 279 43.67 -39.18 -39.84
N LYS OA 280 42.78 -40.12 -39.51
CA LYS OA 280 41.37 -39.77 -39.33
C LYS OA 280 41.18 -38.75 -38.22
N SER OA 281 41.91 -38.90 -37.11
CA SER OA 281 41.81 -37.92 -36.03
C SER OA 281 42.28 -36.55 -36.48
N TYR OA 282 43.36 -36.49 -37.28
CA TYR OA 282 43.77 -35.20 -37.83
C TYR OA 282 42.65 -34.57 -38.67
N LEU OA 283 42.01 -35.36 -39.54
CA LEU OA 283 40.94 -34.83 -40.36
C LEU OA 283 39.77 -34.34 -39.52
N GLU OA 284 39.46 -35.05 -38.42
CA GLU OA 284 38.40 -34.63 -37.52
C GLU OA 284 38.73 -33.29 -36.87
N GLU OA 285 39.98 -33.11 -36.45
CA GLU OA 285 40.39 -31.83 -35.86
C GLU OA 285 40.27 -30.70 -36.89
N LEU OA 286 40.60 -30.99 -38.16
CA LEU OA 286 40.39 -29.99 -39.20
C LEU OA 286 38.90 -29.66 -39.34
N GLU OA 287 38.05 -30.67 -39.24
CA GLU OA 287 36.62 -30.45 -39.39
C GLU OA 287 36.07 -29.58 -38.28
N LYS OA 288 36.59 -29.74 -37.06
CA LYS OA 288 36.15 -28.91 -35.94
C LYS OA 288 36.41 -27.42 -36.21
N SER OA 289 37.56 -27.11 -36.80
CA SER OA 289 37.92 -25.74 -37.10
C SER OA 289 37.22 -25.18 -38.33
N ALA OA 290 36.31 -25.94 -38.94
CA ALA OA 290 35.50 -25.51 -40.08
C ALA OA 290 36.32 -25.23 -41.33
N LEU OA 291 37.54 -25.77 -41.41
CA LEU OA 291 38.35 -25.60 -42.60
C LEU OA 291 37.89 -26.52 -43.73
N ILE OA 292 37.34 -27.68 -43.39
CA ILE OA 292 36.74 -28.60 -44.35
C ILE OA 292 35.36 -29.01 -43.84
N GLU OA 293 34.55 -29.57 -44.74
CA GLU OA 293 33.21 -30.01 -44.39
C GLU OA 293 33.26 -31.36 -43.66
N SER OA 294 32.15 -31.69 -43.00
CA SER OA 294 32.07 -32.87 -42.15
C SER OA 294 32.01 -34.16 -42.97
N ASP OA 295 32.18 -35.28 -42.27
CA ASP OA 295 32.01 -36.62 -42.81
C ASP OA 295 33.08 -37.00 -43.84
N SER OA 296 34.34 -36.74 -43.50
CA SER OA 296 35.46 -37.24 -44.29
C SER OA 296 35.86 -38.64 -43.80
N THR OA 297 36.51 -39.40 -44.69
CA THR OA 297 36.86 -40.79 -44.43
C THR OA 297 38.29 -41.09 -44.83
N VAL OA 298 38.86 -42.14 -44.21
CA VAL OA 298 40.17 -42.69 -44.55
C VAL OA 298 40.06 -44.21 -44.53
N GLU OA 299 40.72 -44.89 -45.47
CA GLU OA 299 40.65 -46.34 -45.54
C GLU OA 299 41.82 -46.87 -46.39
N ILE OA 300 41.94 -48.20 -46.41
CA ILE OA 300 42.96 -48.88 -47.21
C ILE OA 300 42.57 -48.82 -48.69
N ASP OA 301 43.54 -48.47 -49.54
CA ASP OA 301 43.33 -48.44 -50.99
C ASP OA 301 43.49 -49.87 -51.52
N PHE OA 302 42.38 -50.60 -51.56
CA PHE OA 302 42.40 -52.03 -51.90
C PHE OA 302 42.88 -52.27 -53.33
N GLU OA 303 42.46 -51.43 -54.27
CA GLU OA 303 42.86 -51.60 -55.67
C GLU OA 303 44.36 -51.40 -55.86
N ALA OA 304 44.95 -50.40 -55.20
CA ALA OA 304 46.39 -50.19 -55.31
C ALA OA 304 47.16 -51.36 -54.73
N GLN OA 305 46.69 -51.90 -53.60
CA GLN OA 305 47.33 -53.07 -53.02
C GLN OA 305 47.25 -54.26 -53.98
N LYS OA 306 46.09 -54.45 -54.62
CA LYS OA 306 45.96 -55.54 -55.59
C LYS OA 306 46.90 -55.35 -56.78
N SER OA 307 47.02 -54.13 -57.30
CA SER OA 307 47.90 -53.91 -58.44
C SER OA 307 49.36 -54.14 -58.06
N TYR OA 308 49.76 -53.71 -56.87
CA TYR OA 308 51.12 -53.97 -56.41
C TYR OA 308 51.37 -55.47 -56.25
N LEU OA 309 50.41 -56.19 -55.67
CA LEU OA 309 50.54 -57.63 -55.50
C LEU OA 309 50.63 -58.34 -56.84
N LYS OA 310 49.83 -57.92 -57.81
CA LYS OA 310 49.93 -58.46 -59.16
C LYS OA 310 51.30 -58.20 -59.76
N SER OA 311 51.82 -56.98 -59.57
CA SER OA 311 53.14 -56.63 -60.10
C SER OA 311 54.24 -57.47 -59.48
N LYS OA 312 54.07 -57.90 -58.23
CA LYS OA 312 55.08 -58.76 -57.60
C LYS OA 312 54.93 -60.23 -57.99
N GLY OA 313 53.75 -60.67 -58.41
CA GLY OA 313 53.57 -62.03 -58.90
C GLY OA 313 52.71 -62.97 -58.07
N VAL OA 314 52.04 -62.49 -57.04
CA VAL OA 314 51.18 -63.34 -56.22
C VAL OA 314 49.89 -63.64 -56.99
N ASP OA 315 49.11 -64.62 -56.52
CA ASP OA 315 47.87 -65.04 -57.16
C ASP OA 315 46.68 -64.34 -56.54
N LEU OA 316 45.76 -63.86 -57.37
CA LEU OA 316 44.54 -63.26 -56.86
C LEU OA 316 43.35 -64.22 -56.90
N SER OA 317 43.39 -65.25 -57.74
CA SER OA 317 42.35 -66.27 -57.68
C SER OA 317 42.58 -67.18 -56.49
N TYR OA 318 41.48 -67.60 -55.86
CA TYR OA 318 41.51 -68.47 -54.68
C TYR OA 318 42.17 -67.77 -53.49
N MET OA 319 42.08 -66.45 -53.46
CA MET OA 319 42.47 -65.65 -52.30
C MET OA 319 41.26 -64.89 -51.79
N THR OA 320 41.00 -65.00 -50.49
CA THR OA 320 39.92 -64.25 -49.87
C THR OA 320 40.20 -62.75 -49.95
N LEU OA 321 39.13 -61.95 -49.96
CA LEU OA 321 39.29 -60.50 -49.89
C LEU OA 321 40.01 -60.09 -48.62
N GLN OA 322 39.67 -60.70 -47.49
CA GLN OA 322 40.41 -60.45 -46.25
C GLN OA 322 41.87 -60.84 -46.41
N GLU OA 323 42.13 -61.95 -47.12
CA GLU OA 323 43.49 -62.37 -47.38
C GLU OA 323 44.27 -61.35 -48.19
N ILE OA 324 43.63 -60.75 -49.20
CA ILE OA 324 44.29 -59.72 -49.99
C ILE OA 324 44.54 -58.48 -49.14
N LYS OA 325 43.55 -58.09 -48.33
CA LYS OA 325 43.64 -56.84 -47.57
C LYS OA 325 44.80 -56.85 -46.58
N GLU OA 326 45.04 -57.99 -45.94
CA GLU OA 326 46.03 -58.09 -44.87
C GLU OA 326 47.39 -58.60 -45.36
N ALA OA 327 47.60 -58.69 -46.68
CA ALA OA 327 48.83 -59.25 -47.21
C ALA OA 327 50.02 -58.35 -46.90
N ASN OA 328 51.19 -58.96 -46.76
CA ASN OA 328 52.42 -58.22 -46.47
C ASN OA 328 52.90 -57.55 -47.75
N THR OA 329 53.36 -56.30 -47.62
CA THR OA 329 53.72 -55.46 -48.77
C THR OA 329 55.09 -54.81 -48.57
N GLY OA 330 56.03 -55.55 -48.00
CA GLY OA 330 57.40 -55.04 -47.88
C GLY OA 330 57.44 -53.80 -47.03
N SER OA 331 57.67 -52.64 -47.68
CA SER OA 331 57.76 -51.37 -46.99
C SER OA 331 56.71 -50.36 -47.45
N LYS OA 332 55.74 -50.77 -48.25
CA LYS OA 332 54.76 -49.87 -48.84
C LYS OA 332 53.45 -49.88 -48.06
N VAL OA 333 52.78 -48.73 -48.02
CA VAL OA 333 51.46 -48.57 -47.42
C VAL OA 333 50.57 -47.81 -48.41
N PHE OA 334 49.43 -48.39 -48.76
CA PHE OA 334 48.50 -47.79 -49.72
C PHE OA 334 47.23 -47.36 -49.00
N LEU OA 335 46.87 -46.08 -49.13
CA LEU OA 335 45.72 -45.51 -48.44
C LEU OA 335 44.98 -44.56 -49.37
N LYS OA 336 43.73 -44.27 -49.01
CA LYS OA 336 42.91 -43.31 -49.75
C LYS OA 336 41.95 -42.61 -48.78
N ALA OA 337 41.47 -41.43 -49.18
CA ALA OA 337 40.65 -40.58 -48.33
C ALA OA 337 39.74 -39.72 -49.20
N LYS OA 338 38.77 -39.06 -48.55
CA LYS OA 338 37.82 -38.18 -49.23
C LYS OA 338 37.50 -37.00 -48.33
N ILE OA 339 37.57 -35.79 -48.89
CA ILE OA 339 37.30 -34.55 -48.17
C ILE OA 339 36.46 -33.63 -49.06
N LYS OA 340 35.95 -32.56 -48.45
CA LYS OA 340 35.17 -31.56 -49.18
C LYS OA 340 35.55 -30.16 -48.72
N VAL OA 341 35.66 -29.24 -49.68
CA VAL OA 341 36.05 -27.85 -49.43
C VAL OA 341 35.00 -26.94 -50.06
N LEU OA 342 34.69 -25.84 -49.38
CA LEU OA 342 33.68 -24.90 -49.84
C LEU OA 342 34.33 -23.60 -50.34
N ASP OA 343 33.60 -22.89 -51.19
CA ASP OA 343 34.07 -21.64 -51.77
C ASP OA 343 33.69 -20.46 -50.90
N ALA OA 344 34.32 -19.33 -51.14
CA ALA OA 344 34.02 -18.10 -50.44
C ALA OA 344 32.96 -17.28 -51.20
N MET OA 345 32.52 -16.20 -50.56
CA MET OA 345 31.51 -15.30 -51.12
C MET OA 345 32.21 -14.23 -51.95
N GLU OA 346 31.96 -14.19 -53.27
CA GLU OA 346 32.49 -13.10 -54.10
C GLU OA 346 31.49 -12.51 -55.10
N ASP OA 347 30.41 -13.22 -55.41
CA ASP OA 347 29.40 -12.67 -56.30
C ASP OA 347 28.06 -12.52 -55.59
N ILE OA 348 27.48 -11.32 -55.69
CA ILE OA 348 26.22 -10.97 -55.01
C ILE OA 348 25.29 -10.30 -56.01
N ASP OA 349 24.02 -10.72 -56.00
CA ASP OA 349 22.96 -10.05 -56.75
C ASP OA 349 21.85 -9.64 -55.80
N LEU OA 350 21.54 -8.34 -55.77
CA LEU OA 350 20.46 -7.81 -54.94
C LEU OA 350 19.54 -6.98 -55.81
N SER OA 351 18.30 -7.43 -55.96
CA SER OA 351 17.30 -6.79 -56.81
C SER OA 351 16.32 -6.02 -55.92
N ILE OA 352 16.35 -4.69 -56.03
CA ILE OA 352 15.56 -3.81 -55.18
C ILE OA 352 14.38 -3.28 -55.98
N GLU OA 353 13.18 -3.45 -55.43
CA GLU OA 353 11.95 -2.97 -56.05
C GLU OA 353 11.50 -1.71 -55.30
N ILE OA 354 11.21 -0.65 -56.04
CA ILE OA 354 10.88 0.63 -55.44
C ILE OA 354 9.40 0.94 -55.60
N ASN PA 3 23.86 -72.46 -43.94
CA ASN PA 3 24.61 -71.20 -43.90
C ASN PA 3 24.96 -70.80 -42.47
N MET PA 4 23.99 -70.86 -41.57
CA MET PA 4 24.27 -70.62 -40.16
C MET PA 4 24.78 -71.91 -39.54
N GLU PA 5 26.05 -71.91 -39.14
CA GLU PA 5 26.69 -73.06 -38.53
C GLU PA 5 27.23 -72.67 -37.16
N ALA PA 6 27.28 -73.66 -36.26
CA ALA PA 6 27.79 -73.41 -34.91
C ALA PA 6 29.24 -72.92 -34.94
N ARG PA 7 30.04 -73.36 -35.90
CA ARG PA 7 31.43 -72.91 -36.01
C ARG PA 7 31.54 -71.41 -36.29
N ASN PA 8 30.50 -70.81 -36.87
CA ASN PA 8 30.54 -69.39 -37.22
C ASN PA 8 30.51 -68.46 -36.01
N VAL PA 9 30.08 -68.94 -34.85
CA VAL PA 9 29.94 -68.08 -33.67
C VAL PA 9 31.32 -67.64 -33.20
N MET PA 10 31.46 -66.35 -32.91
CA MET PA 10 32.76 -65.78 -32.59
C MET PA 10 33.18 -66.09 -31.16
N SER PA 11 34.34 -66.73 -31.01
CA SER PA 11 34.91 -67.03 -29.71
C SER PA 11 35.70 -65.84 -29.17
N GLY PA 12 35.52 -65.55 -27.89
CA GLY PA 12 36.22 -64.45 -27.24
C GLY PA 12 37.70 -64.66 -26.98
N THR PA 13 38.19 -65.89 -27.11
CA THR PA 13 39.63 -66.15 -27.01
C THR PA 13 40.40 -65.48 -28.14
N TRP PA 14 39.76 -65.19 -29.28
CA TRP PA 14 40.44 -64.59 -30.42
C TRP PA 14 40.31 -63.06 -30.44
N GLY PA 15 40.19 -62.43 -29.28
CA GLY PA 15 40.15 -60.97 -29.19
C GLY PA 15 41.53 -60.37 -28.91
N GLU PA 16 41.75 -59.17 -29.44
CA GLU PA 16 42.99 -58.43 -29.21
C GLU PA 16 42.65 -56.95 -28.95
N LEU PA 17 43.51 -56.28 -28.20
CA LEU PA 17 43.26 -54.90 -27.77
C LEU PA 17 44.52 -54.05 -27.83
N TRP PA 18 44.37 -52.83 -28.35
CA TRP PA 18 45.39 -51.80 -28.31
C TRP PA 18 44.88 -50.62 -27.47
N LEU PA 19 45.71 -50.11 -26.57
CA LEU PA 19 45.36 -48.98 -25.73
C LEU PA 19 46.45 -47.92 -25.83
N ASP PA 20 46.07 -46.72 -26.28
CA ASP PA 20 46.99 -45.59 -26.43
C ASP PA 20 48.17 -45.97 -27.34
N GLY PA 21 47.88 -46.76 -28.38
CA GLY PA 21 48.88 -47.19 -29.34
C GLY PA 21 49.71 -48.39 -28.96
N ASN PA 22 49.52 -48.95 -27.77
CA ASN PA 22 50.34 -50.06 -27.27
C ASN PA 22 49.46 -51.30 -27.08
N LYS PA 23 50.01 -52.47 -27.44
CA LYS PA 23 49.27 -53.71 -27.35
C LYS PA 23 49.15 -54.17 -25.90
N VAL PA 24 47.98 -54.72 -25.56
CA VAL PA 24 47.66 -55.16 -24.20
C VAL PA 24 47.53 -56.68 -24.21
N ALA PA 25 48.64 -57.38 -23.98
CA ALA PA 25 48.64 -58.83 -24.08
C ALA PA 25 47.89 -59.51 -22.93
N GLU PA 26 47.70 -58.83 -21.81
CA GLU PA 26 47.16 -59.46 -20.60
C GLU PA 26 45.67 -59.16 -20.45
N VAL PA 27 44.98 -58.98 -21.58
CA VAL PA 27 43.58 -58.56 -21.58
C VAL PA 27 42.70 -59.79 -21.37
N LYS PA 28 41.70 -59.65 -20.50
CA LYS PA 28 40.71 -60.68 -20.21
C LYS PA 28 39.37 -60.46 -20.89
N LYS PA 29 38.88 -59.21 -20.89
CA LYS PA 29 37.61 -58.91 -21.54
C LYS PA 29 37.57 -57.43 -21.91
N PHE PA 30 36.70 -57.10 -22.86
CA PHE PA 30 36.52 -55.74 -23.35
C PHE PA 30 35.07 -55.52 -23.75
N GLN PA 31 34.53 -54.36 -23.35
CA GLN PA 31 33.11 -54.05 -23.52
C GLN PA 31 32.97 -52.57 -23.88
N ALA PA 32 32.09 -52.28 -24.84
CA ALA PA 32 31.76 -50.91 -25.20
C ALA PA 32 30.35 -50.88 -25.78
N LYS PA 33 29.50 -49.99 -25.27
CA LYS PA 33 28.09 -49.95 -25.63
C LYS PA 33 27.56 -48.53 -25.56
N MET PA 34 26.70 -48.18 -26.52
CA MET PA 34 26.02 -46.89 -26.55
C MET PA 34 24.59 -47.04 -26.05
N GLU PA 35 24.26 -46.37 -24.95
CA GLU PA 35 22.93 -46.39 -24.34
C GLU PA 35 22.16 -45.16 -24.76
N PHE PA 36 21.01 -45.35 -25.41
CA PHE PA 36 20.24 -44.23 -25.96
C PHE PA 36 19.41 -43.55 -24.88
N THR PA 37 19.24 -42.24 -25.04
CA THR PA 37 18.35 -41.44 -24.19
C THR PA 37 17.03 -41.25 -24.93
N LYS PA 38 15.93 -41.68 -24.30
CA LYS PA 38 14.60 -41.65 -24.90
C LYS PA 38 13.60 -41.04 -23.94
N GLU PA 39 12.68 -40.23 -24.48
CA GLU PA 39 11.62 -39.61 -23.70
C GLU PA 39 10.26 -40.05 -24.22
N ASP PA 40 9.35 -40.38 -23.31
CA ASP PA 40 8.00 -40.80 -23.69
C ASP PA 40 7.20 -39.63 -24.24
N ILE PA 41 6.41 -39.90 -25.28
CA ILE PA 41 5.49 -38.91 -25.83
C ILE PA 41 4.13 -39.57 -26.05
N ILE PA 42 3.10 -39.06 -25.39
CA ILE PA 42 1.72 -39.52 -25.57
C ILE PA 42 1.06 -38.66 -26.65
N ILE PA 43 0.57 -39.31 -27.70
CA ILE PA 43 -0.13 -38.62 -28.79
C ILE PA 43 -1.62 -38.72 -28.57
N ALA PA 44 -2.32 -37.58 -28.68
CA ALA PA 44 -3.76 -37.55 -28.50
C ALA PA 44 -4.44 -38.48 -29.50
N GLY PA 45 -5.32 -39.33 -29.01
CA GLY PA 45 -6.02 -40.29 -29.83
C GLY PA 45 -5.34 -41.61 -30.08
N GLN PA 46 -4.16 -41.83 -29.48
CA GLN PA 46 -3.39 -43.05 -29.68
C GLN PA 46 -3.13 -43.73 -28.34
N MET PA 47 -3.46 -45.02 -28.25
CA MET PA 47 -3.28 -45.77 -27.01
C MET PA 47 -1.82 -46.13 -26.73
N GLY PA 48 -1.03 -46.47 -27.75
CA GLY PA 48 0.36 -46.83 -27.54
C GLY PA 48 1.31 -45.65 -27.41
N THR PA 49 1.95 -45.49 -26.26
CA THR PA 49 2.88 -44.39 -26.05
C THR PA 49 4.16 -44.59 -26.88
N ASP PA 50 4.57 -43.53 -27.59
CA ASP PA 50 5.74 -43.50 -28.46
C ASP PA 50 6.91 -42.82 -27.73
N THR PA 51 8.07 -42.75 -28.40
CA THR PA 51 9.26 -42.15 -27.80
C THR PA 51 10.00 -41.27 -28.81
N LYS PA 52 10.82 -40.36 -28.28
CA LYS PA 52 11.67 -39.49 -29.08
C LYS PA 52 13.13 -39.71 -28.69
N TYR PA 53 13.97 -40.03 -29.68
CA TYR PA 53 15.40 -40.22 -29.46
C TYR PA 53 16.08 -38.87 -29.24
N MET PA 54 16.87 -38.76 -28.17
CA MET PA 54 17.53 -37.50 -27.84
C MET PA 54 19.06 -37.56 -27.80
N GLY PA 55 19.67 -38.73 -27.80
CA GLY PA 55 21.12 -38.83 -27.75
C GLY PA 55 21.56 -40.15 -27.15
N TYR PA 56 22.86 -40.24 -26.86
CA TYR PA 56 23.42 -41.48 -26.34
C TYR PA 56 24.55 -41.19 -25.36
N LYS PA 57 24.77 -42.17 -24.47
CA LYS PA 57 25.86 -42.17 -23.50
C LYS PA 57 26.69 -43.42 -23.69
N GLY PA 58 27.98 -43.26 -23.99
CA GLY PA 58 28.87 -44.38 -24.23
C GLY PA 58 29.51 -44.88 -22.95
N LYS PA 59 29.39 -46.19 -22.72
CA LYS PA 59 29.89 -46.82 -21.51
C LYS PA 59 30.62 -48.11 -21.86
N GLY PA 60 31.67 -48.42 -21.09
CA GLY PA 60 32.46 -49.60 -21.36
C GLY PA 60 33.29 -50.03 -20.16
N SER PA 61 34.06 -51.10 -20.35
CA SER PA 61 34.92 -51.62 -19.30
C SER PA 61 36.00 -52.52 -19.91
N ILE PA 62 37.15 -52.56 -19.22
CA ILE PA 62 38.25 -53.46 -19.55
C ILE PA 62 38.61 -54.24 -18.29
N THR PA 63 38.97 -55.51 -18.45
CA THR PA 63 39.50 -56.33 -17.37
C THR PA 63 40.84 -56.92 -17.79
N LEU PA 64 41.81 -56.87 -16.89
CA LEU PA 64 43.17 -57.33 -17.17
C LEU PA 64 43.67 -58.26 -16.07
N TYR PA 65 44.50 -59.23 -16.46
CA TYR PA 65 45.34 -59.91 -15.49
C TYR PA 65 46.39 -58.95 -14.98
N HIS PA 66 46.67 -58.99 -13.68
CA HIS PA 66 47.60 -58.05 -13.05
C HIS PA 66 49.03 -58.56 -13.25
N VAL PA 67 49.76 -57.93 -14.18
CA VAL PA 67 51.14 -58.31 -14.46
C VAL PA 67 52.07 -57.11 -14.34
N SER PA 68 51.53 -55.89 -14.41
CA SER PA 68 52.33 -54.68 -14.37
C SER PA 68 51.48 -53.51 -13.88
N SER PA 69 52.09 -52.33 -13.81
CA SER PA 69 51.43 -51.10 -13.36
C SER PA 69 51.00 -50.23 -14.54
N ARG PA 70 50.23 -50.81 -15.46
CA ARG PA 70 49.87 -50.10 -16.69
C ARG PA 70 49.01 -48.87 -16.42
N MET PA 71 47.91 -49.05 -15.67
CA MET PA 71 46.98 -47.95 -15.45
C MET PA 71 47.59 -46.87 -14.56
N HIS PA 72 48.39 -47.28 -13.56
CA HIS PA 72 49.11 -46.31 -12.73
C HIS PA 72 49.90 -45.35 -13.61
N LYS PA 73 50.73 -45.89 -14.49
CA LYS PA 73 51.56 -45.07 -15.36
C LYS PA 73 50.72 -44.22 -16.31
N LEU PA 74 49.57 -44.75 -16.76
CA LEU PA 74 48.76 -43.98 -17.69
C LEU PA 74 48.12 -42.76 -17.04
N ILE PA 75 47.59 -42.88 -15.82
CA ILE PA 75 46.73 -41.79 -15.35
C ILE PA 75 47.04 -41.21 -13.97
N GLY PA 76 47.89 -41.87 -13.17
CA GLY PA 76 47.95 -41.54 -11.75
C GLY PA 76 48.40 -40.12 -11.46
N GLU PA 77 49.59 -39.76 -11.95
CA GLU PA 77 50.15 -38.44 -11.63
C GLU PA 77 49.31 -37.32 -12.22
N LYS PA 78 48.79 -37.52 -13.45
CA LYS PA 78 47.99 -36.47 -14.09
C LYS PA 78 46.68 -36.23 -13.36
N ILE PA 79 46.02 -37.30 -12.88
CA ILE PA 79 44.73 -37.13 -12.22
C ILE PA 79 44.87 -36.28 -10.97
N LYS PA 80 45.92 -36.49 -10.19
CA LYS PA 80 46.11 -35.73 -8.96
C LYS PA 80 46.32 -34.24 -9.22
N ARG PA 81 46.95 -33.89 -10.35
CA ARG PA 81 47.20 -32.50 -10.68
C ARG PA 81 45.99 -31.78 -11.28
N GLY PA 82 44.97 -32.50 -11.70
CA GLY PA 82 43.79 -31.90 -12.29
C GLY PA 82 43.74 -31.90 -13.80
N SER PA 83 44.67 -32.54 -14.49
CA SER PA 83 44.66 -32.66 -15.94
C SER PA 83 44.22 -34.05 -16.34
N GLU PA 84 42.99 -34.17 -16.87
CA GLU PA 84 42.41 -35.47 -17.20
C GLU PA 84 42.83 -35.90 -18.61
N PRO PA 85 43.49 -37.04 -18.76
CA PRO PA 85 43.86 -37.52 -20.10
C PRO PA 85 42.73 -38.29 -20.77
N ARG PA 86 42.79 -38.32 -22.10
CA ARG PA 86 41.84 -39.06 -22.93
C ARG PA 86 42.59 -39.99 -23.87
N PHE PA 87 41.97 -41.11 -24.24
CA PHE PA 87 42.66 -42.19 -24.92
C PHE PA 87 41.85 -42.73 -26.09
N VAL PA 88 42.50 -43.54 -26.91
CA VAL PA 88 41.90 -44.25 -28.04
C VAL PA 88 42.19 -45.73 -27.87
N ALA PA 89 41.16 -46.57 -28.02
CA ALA PA 89 41.33 -48.02 -27.94
C ALA PA 89 40.84 -48.66 -29.23
N ILE PA 90 41.52 -49.71 -29.66
CA ILE PA 90 41.16 -50.48 -30.84
C ILE PA 90 40.96 -51.94 -30.43
N SER PA 91 39.77 -52.47 -30.74
CA SER PA 91 39.45 -53.86 -30.41
C SER PA 91 39.26 -54.66 -31.69
N LYS PA 92 39.85 -55.84 -31.73
CA LYS PA 92 39.84 -56.71 -32.89
C LYS PA 92 39.38 -58.11 -32.49
N LEU PA 93 38.41 -58.65 -33.19
CA LEU PA 93 37.91 -60.00 -32.98
C LEU PA 93 38.03 -60.76 -34.29
N ASN PA 94 38.97 -61.71 -34.36
CA ASN PA 94 39.26 -62.43 -35.60
C ASN PA 94 39.30 -63.94 -35.32
N ASP PA 95 38.13 -64.57 -35.30
CA ASP PA 95 38.02 -66.01 -35.15
C ASP PA 95 38.29 -66.66 -36.51
N PRO PA 96 39.23 -67.59 -36.61
CA PRO PA 96 39.53 -68.21 -37.92
C PRO PA 96 38.35 -68.95 -38.55
N ASP PA 97 37.39 -69.42 -37.75
CA ASP PA 97 36.25 -70.15 -38.28
C ASP PA 97 35.04 -69.26 -38.58
N SER PA 98 35.15 -67.94 -38.41
CA SER PA 98 34.04 -67.04 -38.69
C SER PA 98 34.14 -66.46 -40.11
N TYR PA 99 33.16 -65.62 -40.47
CA TYR PA 99 33.15 -65.01 -41.79
C TYR PA 99 34.35 -64.09 -42.00
N GLY PA 100 34.69 -63.30 -41.00
CA GLY PA 100 35.78 -62.35 -41.12
C GLY PA 100 36.05 -61.65 -39.81
N ALA PA 101 36.79 -60.56 -39.89
CA ALA PA 101 37.21 -59.81 -38.71
C ALA PA 101 36.29 -58.63 -38.45
N GLU PA 102 36.22 -58.24 -37.18
CA GLU PA 102 35.49 -57.06 -36.72
C GLU PA 102 36.47 -56.21 -35.91
N ARG PA 103 36.83 -55.03 -36.43
CA ARG PA 103 37.79 -54.15 -35.77
C ARG PA 103 37.16 -52.78 -35.58
N ILE PA 104 37.19 -52.27 -34.34
CA ILE PA 104 36.52 -51.01 -34.01
C ILE PA 104 37.44 -50.16 -33.14
N ALA PA 105 37.48 -48.86 -33.45
CA ALA PA 105 38.19 -47.87 -32.67
C ALA PA 105 37.22 -47.11 -31.77
N VAL PA 106 37.52 -47.05 -30.49
CA VAL PA 106 36.73 -46.32 -29.49
C VAL PA 106 37.55 -45.12 -29.02
N LYS PA 107 36.99 -43.92 -29.16
CA LYS PA 107 37.75 -42.69 -29.02
C LYS PA 107 37.19 -41.80 -27.91
N ASN PA 108 38.03 -40.85 -27.48
CA ASN PA 108 37.71 -39.92 -26.38
C ASN PA 108 37.31 -40.68 -25.11
N ILE PA 109 38.14 -41.66 -24.75
CA ILE PA 109 37.91 -42.51 -23.58
C ILE PA 109 38.39 -41.80 -22.32
N ALA PA 110 37.54 -41.76 -21.30
CA ALA PA 110 37.89 -41.28 -19.98
C ALA PA 110 37.60 -42.37 -18.95
N PHE PA 111 38.62 -42.76 -18.19
CA PHE PA 111 38.47 -43.83 -17.21
C PHE PA 111 37.73 -43.33 -15.96
N ASP PA 112 37.03 -44.27 -15.33
CA ASP PA 112 36.15 -43.95 -14.20
C ASP PA 112 36.86 -43.97 -12.85
N ASP PA 113 37.96 -44.69 -12.71
CA ASP PA 113 38.65 -44.83 -11.43
C ASP PA 113 40.09 -45.25 -11.66
N LEU PA 114 40.80 -45.49 -10.56
CA LEU PA 114 42.16 -46.04 -10.59
C LEU PA 114 42.37 -46.95 -9.38
N THR PA 115 42.71 -48.20 -9.62
CA THR PA 115 42.98 -49.16 -8.55
C THR PA 115 44.46 -49.12 -8.20
N LEU PA 116 44.77 -48.72 -6.97
CA LEU PA 116 46.15 -48.72 -6.50
C LEU PA 116 46.60 -50.10 -6.02
N ALA PA 117 45.76 -50.78 -5.23
CA ALA PA 117 46.04 -52.14 -4.79
C ALA PA 117 44.73 -52.87 -4.57
N ASP PA 118 44.70 -54.15 -4.92
CA ASP PA 118 43.58 -55.02 -4.56
C ASP PA 118 44.10 -56.47 -4.55
N TRP PA 119 44.55 -56.96 -3.40
CA TRP PA 119 45.07 -58.31 -3.30
C TRP PA 119 44.52 -59.03 -2.08
N GLU PA 120 44.44 -60.35 -2.19
CA GLU PA 120 43.96 -61.25 -1.13
C GLU PA 120 44.79 -62.53 -1.17
N VAL PA 121 45.14 -63.04 0.02
CA VAL PA 121 45.96 -64.24 0.10
C VAL PA 121 45.25 -65.40 -0.56
N GLY PA 122 45.96 -66.13 -1.41
CA GLY PA 122 45.39 -67.25 -2.13
C GLY PA 122 44.53 -66.91 -3.33
N VAL PA 123 44.60 -65.68 -3.84
CA VAL PA 123 43.79 -65.24 -4.97
C VAL PA 123 44.70 -64.59 -6.01
N LYS PA 124 44.52 -64.95 -7.27
CA LYS PA 124 45.27 -64.33 -8.36
C LYS PA 124 44.75 -62.92 -8.63
N GLY PA 125 45.65 -62.03 -9.05
CA GLY PA 125 45.34 -60.62 -9.21
C GLY PA 125 44.67 -60.29 -10.54
N GLU PA 126 43.63 -59.46 -10.46
CA GLU PA 126 42.92 -58.95 -11.63
C GLU PA 126 42.53 -57.50 -11.38
N ILE PA 127 42.36 -56.74 -12.48
CA ILE PA 127 42.00 -55.33 -12.43
C ILE PA 127 40.79 -55.08 -13.33
N GLU PA 128 39.79 -54.38 -12.79
CA GLU PA 128 38.60 -53.98 -13.53
C GLU PA 128 38.55 -52.47 -13.66
N ALA PA 129 38.49 -51.97 -14.90
CA ALA PA 129 38.60 -50.55 -15.18
C ALA PA 129 37.45 -50.04 -16.06
N PRO PA 130 36.37 -49.51 -15.47
CA PRO PA 130 35.29 -48.94 -16.27
C PRO PA 130 35.67 -47.61 -16.88
N PHE PA 131 34.96 -47.23 -17.95
CA PHE PA 131 35.23 -45.98 -18.65
C PHE PA 131 33.99 -45.48 -19.38
N THR PA 132 34.09 -44.25 -19.91
CA THR PA 132 33.10 -43.65 -20.80
C THR PA 132 33.80 -43.19 -22.09
N PHE PA 133 33.00 -42.93 -23.13
CA PHE PA 133 33.54 -42.52 -24.43
C PHE PA 133 32.46 -41.80 -25.23
N THR PA 134 32.87 -41.11 -26.30
CA THR PA 134 31.88 -40.38 -27.11
C THR PA 134 31.90 -40.73 -28.60
N GLU PA 135 32.99 -41.25 -29.13
CA GLU PA 135 33.12 -41.48 -30.57
C GLU PA 135 33.62 -42.89 -30.87
N TYR PA 136 33.36 -43.32 -32.11
CA TYR PA 136 33.81 -44.63 -32.60
C TYR PA 136 33.94 -44.60 -34.12
N ASP PA 137 34.67 -45.59 -34.64
CA ASP PA 137 34.86 -45.74 -36.08
C ASP PA 137 34.94 -47.23 -36.43
N PHE PA 138 34.33 -47.58 -37.56
CA PHE PA 138 34.29 -48.96 -38.04
C PHE PA 138 35.46 -49.19 -38.99
N LEU PA 139 36.32 -50.15 -38.67
CA LEU PA 139 37.37 -50.61 -39.58
C LEU PA 139 37.20 -52.12 -39.74
N ASP PA 140 36.86 -52.59 -40.94
CA ASP PA 140 36.61 -54.03 -41.17
C ASP PA 140 35.41 -54.52 -40.35
N ILE PA 141 34.22 -54.15 -40.82
CA ILE PA 141 33.00 -54.80 -40.34
C ILE PA 141 32.68 -56.02 -41.20
N ILE PA 142 31.77 -56.86 -40.72
CA ILE PA 142 31.34 -58.04 -41.47
C ILE PA 142 30.02 -57.78 -42.17
#